data_5MG5
#
_entry.id   5MG5
#
_cell.length_a   104.793
_cell.length_b   229.775
_cell.length_c   311.129
_cell.angle_alpha   90.00
_cell.angle_beta   90.00
_cell.angle_gamma   90.00
#
_symmetry.space_group_name_H-M   'P 21 21 21'
#
loop_
_entity.id
_entity.type
_entity.pdbx_description
1 polymer 'Hydroxymethylglutaryl-CoA synthase'
2 polymer '2,4-diacetylphloroglucinol biosynthesis protein'
3 polymer '2,4-diacetylphloroglucinol biosynthesis protein PhlC'
4 non-polymer 'ZINC ION'
5 non-polymer benzene-1,3,5-triol
6 water water
#
loop_
_entity_poly.entity_id
_entity_poly.type
_entity_poly.pdbx_seq_one_letter_code
_entity_poly.pdbx_strand_id
1 'polypeptide(L)'
;MNVKKIGIVSYGAGIPVCRLKVQEVINVWKNTDLKLVEENLGVTERAVLQPDEDVITLGVLAAQRALDKVPGHQIEALYL
GTCTNPYDSRASASIILEMLGSGYDAYCADVQFAGKSGTSALQICQALVASGMTGSALAIGADTINRNTAPGDLTESYAG
AGAAALLIGSQDVIAEFDASFSCAADVADNIRPQGDRYIRSGMGLGSDKNSIGLEDQTRRAAEGLMAKLHTSPADYDYVV
FQQNLVSTPYSLAKHLGFNPKQVEPGIYAGNVGDAGSASPLLGLINVLDQARPGQKILLVSYGFGAGSDAIALTVTDAIE
QYQKHNKPLRELLESKIYVDYGTSIKYEFKYLRADYALTAYL
;
A,D,G,J,M,P,S,V
2 'polypeptide(L)'
;MSMYPEQIHRMTTASMLREWREHGGKYRLEGSQCEECNEIFFPRRTVCGACNSLSVKPYRCARSGKIEVMAPAENPILAA
MGYGETVPRIMAMVRLDDGLVIASEIVDVCDQQQLKVGAPVRMVIRKHVRESNLAWQYAYKFVLDI
;
B,E,H,K,N,Q,T,W
3 'polypeptide(L)'
;MCARRVAIVSAAYTPKPGSSRVRQTFKEMIVESAYKALKDAKMHPREIQAVAYGYHGEGISEYGGLGPTISDALGISPAP
TFMSTAN(SCY)TSSSVSFQMGHQMVASGEYDIVLCGGFEKMTDHFNYAEYIGSSTECEYDYFLGISHTDAFALATAEYF
QKFGYAGREADVLATFGRQMRIYAQNTPTATRYGQPIPSLEVLKNSEACGSMLAWGEASGCAILVAEHLAHKYTDKPVFV
RGCAYTGVSHYFGTRFHNPTLHHPGLPKDVGMAVSANSIACAEIAYKKAGITAKDIDVAQVYDLLGAGLIQMESMGICGK
GQAGDFVLEGGIALDGQLPLNTDGGNIGRGHASGCDGILHITELFRQLRGESDNQVKGARIGVSQNLGGYAAHNSVIVLS
ND
;
C,F,I,L,O,R,U,X
#
# COMPACT_ATOMS: atom_id res chain seq x y z
N LYS A 5 6.10 30.06 -67.50
CA LYS A 5 5.87 31.45 -67.13
C LYS A 5 5.00 31.52 -65.88
N ILE A 6 5.66 31.45 -64.72
CA ILE A 6 4.99 31.45 -63.43
C ILE A 6 5.42 32.70 -62.67
N GLY A 7 4.46 33.42 -62.11
CA GLY A 7 4.76 34.60 -61.33
C GLY A 7 3.59 35.12 -60.53
N ILE A 8 3.61 36.41 -60.21
CA ILE A 8 2.58 37.02 -59.40
C ILE A 8 1.34 37.28 -60.26
N VAL A 9 0.19 36.84 -59.78
CA VAL A 9 -1.07 37.10 -60.48
C VAL A 9 -1.75 38.35 -59.95
N SER A 10 -1.79 38.52 -58.63
CA SER A 10 -2.37 39.71 -58.01
C SER A 10 -1.73 39.89 -56.64
N TYR A 11 -2.03 41.03 -56.02
CA TYR A 11 -1.45 41.33 -54.72
C TYR A 11 -2.41 42.21 -53.93
N GLY A 12 -2.20 42.24 -52.61
CA GLY A 12 -2.99 43.09 -51.74
C GLY A 12 -2.18 43.43 -50.50
N ALA A 13 -2.54 44.55 -49.87
CA ALA A 13 -1.78 45.07 -48.75
C ALA A 13 -2.72 45.47 -47.61
N GLY A 14 -2.18 45.44 -46.40
CA GLY A 14 -2.93 45.83 -45.22
C GLY A 14 -2.11 46.68 -44.27
N ILE A 15 -2.60 47.88 -43.96
CA ILE A 15 -1.86 48.85 -43.14
C ILE A 15 -2.76 49.36 -42.02
N PRO A 16 -2.25 49.50 -40.79
CA PRO A 16 -3.05 50.14 -39.74
C PRO A 16 -3.21 51.63 -40.00
N VAL A 17 -4.37 52.16 -39.64
CA VAL A 17 -4.67 53.56 -39.95
C VAL A 17 -4.11 54.51 -38.90
N CYS A 18 -3.98 54.07 -37.65
CA CYS A 18 -3.52 54.96 -36.60
C CYS A 18 -2.05 55.32 -36.79
N ARG A 19 -1.73 56.59 -36.63
CA ARG A 19 -0.38 57.10 -36.81
C ARG A 19 0.09 57.83 -35.56
N LEU A 20 1.37 57.67 -35.25
CA LEU A 20 2.01 58.33 -34.12
C LEU A 20 3.20 59.12 -34.64
N LYS A 21 3.14 60.45 -34.49
CA LYS A 21 4.25 61.29 -34.95
C LYS A 21 5.51 60.98 -34.15
N VAL A 22 6.65 60.99 -34.84
CA VAL A 22 7.91 60.59 -34.23
C VAL A 22 8.27 61.53 -33.08
N GLN A 23 7.93 62.81 -33.20
CA GLN A 23 8.24 63.78 -32.15
C GLN A 23 7.61 63.39 -30.82
N GLU A 24 6.45 62.73 -30.86
CA GLU A 24 5.78 62.34 -29.62
C GLU A 24 6.62 61.37 -28.81
N VAL A 25 7.31 60.45 -29.48
CA VAL A 25 8.12 59.46 -28.77
C VAL A 25 9.37 60.11 -28.20
N ILE A 26 9.93 61.09 -28.91
CA ILE A 26 11.17 61.72 -28.44
C ILE A 26 10.91 62.55 -27.20
N ASN A 27 9.78 63.25 -27.15
CA ASN A 27 9.51 64.14 -26.03
C ASN A 27 9.33 63.38 -24.72
N VAL A 28 8.82 62.14 -24.80
CA VAL A 28 8.66 61.35 -23.58
C VAL A 28 9.98 60.74 -23.15
N TRP A 29 10.65 60.03 -24.06
CA TRP A 29 11.85 59.28 -23.70
C TRP A 29 13.13 60.10 -23.79
N LYS A 30 13.24 60.98 -24.80
CA LYS A 30 14.42 61.82 -25.00
C LYS A 30 15.68 60.96 -25.15
N ASN A 31 15.55 59.88 -25.92
CA ASN A 31 16.62 58.89 -26.07
C ASN A 31 17.33 58.95 -27.42
N THR A 32 16.90 59.81 -28.33
CA THR A 32 17.56 59.93 -29.63
C THR A 32 17.21 61.29 -30.23
N ASP A 33 17.97 61.66 -31.25
CA ASP A 33 17.84 62.98 -31.87
C ASP A 33 16.69 62.98 -32.87
N LEU A 34 15.85 64.01 -32.81
CA LEU A 34 14.72 64.10 -33.73
C LEU A 34 15.18 64.36 -35.15
N LYS A 35 16.21 65.18 -35.33
CA LYS A 35 16.73 65.44 -36.67
C LYS A 35 17.23 64.17 -37.33
N LEU A 36 17.88 63.29 -36.56
CA LEU A 36 18.40 62.05 -37.14
C LEU A 36 17.27 61.15 -37.63
N VAL A 37 16.21 61.01 -36.83
CA VAL A 37 15.15 60.07 -37.17
C VAL A 37 14.31 60.60 -38.32
N GLU A 38 14.06 61.91 -38.35
CA GLU A 38 13.22 62.49 -39.39
C GLU A 38 13.96 62.66 -40.70
N GLU A 39 15.19 63.17 -40.64
CA GLU A 39 15.95 63.52 -41.85
C GLU A 39 16.89 62.41 -42.29
N ASN A 40 17.79 61.96 -41.40
CA ASN A 40 18.71 60.91 -41.78
C ASN A 40 18.00 59.58 -42.00
N LEU A 41 17.22 59.13 -41.00
CA LEU A 41 16.52 57.87 -41.14
C LEU A 41 15.33 57.99 -42.09
N GLY A 42 14.66 59.14 -42.11
CA GLY A 42 13.60 59.39 -43.06
C GLY A 42 12.21 59.04 -42.59
N VAL A 43 12.00 58.79 -41.30
CA VAL A 43 10.70 58.44 -40.75
C VAL A 43 10.20 59.59 -39.90
N THR A 44 9.05 60.14 -40.27
CA THR A 44 8.43 61.23 -39.52
C THR A 44 7.26 60.78 -38.66
N GLU A 45 6.71 59.60 -38.93
CA GLU A 45 5.61 59.04 -38.15
C GLU A 45 5.52 57.56 -38.44
N ARG A 46 4.89 56.82 -37.51
CA ARG A 46 4.79 55.38 -37.61
C ARG A 46 3.36 54.94 -37.35
N ALA A 47 3.06 53.70 -37.76
CA ALA A 47 1.72 53.16 -37.64
C ALA A 47 1.51 52.56 -36.27
N VAL A 48 0.32 52.82 -35.70
CA VAL A 48 -0.04 52.34 -34.37
C VAL A 48 -1.05 51.21 -34.51
N LEU A 49 -0.73 50.07 -33.91
CA LEU A 49 -1.63 48.92 -33.94
C LEU A 49 -2.77 49.14 -32.96
N GLN A 50 -4.00 49.05 -33.44
CA GLN A 50 -5.17 49.19 -32.59
C GLN A 50 -5.32 47.95 -31.70
N PRO A 51 -6.16 48.03 -30.66
CA PRO A 51 -6.36 46.84 -29.81
C PRO A 51 -6.91 45.64 -30.57
N ASP A 52 -7.72 45.85 -31.61
CA ASP A 52 -8.37 44.76 -32.33
C ASP A 52 -7.61 44.36 -33.60
N GLU A 53 -6.36 44.77 -33.74
CA GLU A 53 -5.53 44.40 -34.87
C GLU A 53 -4.36 43.55 -34.41
N ASP A 54 -3.93 42.64 -35.28
CA ASP A 54 -2.72 41.86 -35.06
C ASP A 54 -2.23 41.34 -36.41
N VAL A 55 -1.37 40.32 -36.39
CA VAL A 55 -0.84 39.77 -37.64
C VAL A 55 -1.95 39.17 -38.48
N ILE A 56 -2.87 38.43 -37.85
CA ILE A 56 -3.94 37.79 -38.59
C ILE A 56 -4.92 38.81 -39.15
N THR A 57 -5.27 39.82 -38.34
CA THR A 57 -6.21 40.84 -38.79
C THR A 57 -5.68 41.56 -40.03
N LEU A 58 -4.46 42.09 -39.95
CA LEU A 58 -3.87 42.73 -41.13
C LEU A 58 -3.60 41.72 -42.24
N GLY A 59 -3.21 40.50 -41.87
CA GLY A 59 -2.85 39.52 -42.87
C GLY A 59 -4.04 39.07 -43.70
N VAL A 60 -5.17 38.78 -43.04
CA VAL A 60 -6.32 38.31 -43.78
C VAL A 60 -6.91 39.44 -44.64
N LEU A 61 -6.73 40.69 -44.21
CA LEU A 61 -7.16 41.82 -45.02
C LEU A 61 -6.37 41.89 -46.32
N ALA A 62 -5.05 41.81 -46.22
CA ALA A 62 -4.22 41.82 -47.43
C ALA A 62 -4.49 40.61 -48.30
N ALA A 63 -4.68 39.44 -47.68
CA ALA A 63 -4.99 38.24 -48.44
C ALA A 63 -6.35 38.37 -49.13
N GLN A 64 -7.34 38.87 -48.41
CA GLN A 64 -8.66 39.06 -49.01
C GLN A 64 -8.62 40.06 -50.15
N ARG A 65 -7.78 41.09 -50.03
CA ARG A 65 -7.69 42.09 -51.10
C ARG A 65 -7.01 41.52 -52.33
N ALA A 66 -6.01 40.64 -52.13
CA ALA A 66 -5.38 39.99 -53.27
C ALA A 66 -6.34 39.03 -53.95
N LEU A 67 -7.11 38.27 -53.18
CA LEU A 67 -8.02 37.29 -53.76
C LEU A 67 -9.22 37.96 -54.43
N ASP A 68 -9.61 39.15 -53.99
CA ASP A 68 -10.73 39.84 -54.62
C ASP A 68 -10.44 40.17 -56.07
N LYS A 69 -9.18 40.26 -56.47
CA LYS A 69 -8.84 40.47 -57.88
C LYS A 69 -9.11 39.23 -58.71
N VAL A 70 -9.11 38.05 -58.08
CA VAL A 70 -9.39 36.80 -58.77
C VAL A 70 -10.63 36.18 -58.16
N PRO A 71 -11.82 36.56 -58.63
CA PRO A 71 -13.04 36.07 -57.97
C PRO A 71 -13.19 34.56 -58.09
N GLY A 72 -13.69 33.95 -57.02
CA GLY A 72 -13.91 32.52 -56.99
C GLY A 72 -12.65 31.67 -56.97
N HIS A 73 -11.53 32.25 -56.56
CA HIS A 73 -10.28 31.50 -56.52
C HIS A 73 -10.34 30.41 -55.46
N GLN A 74 -9.81 29.23 -55.79
CA GLN A 74 -9.67 28.13 -54.85
C GLN A 74 -8.24 28.08 -54.37
N ILE A 75 -8.05 28.17 -53.05
CA ILE A 75 -6.73 28.24 -52.47
C ILE A 75 -6.10 26.86 -52.45
N GLU A 76 -4.91 26.73 -53.05
CA GLU A 76 -4.18 25.48 -53.06
C GLU A 76 -2.99 25.48 -52.11
N ALA A 77 -2.52 26.66 -51.71
CA ALA A 77 -1.41 26.76 -50.79
C ALA A 77 -1.43 28.15 -50.15
N LEU A 78 -1.16 28.21 -48.85
CA LEU A 78 -1.15 29.46 -48.12
C LEU A 78 -0.06 29.39 -47.06
N TYR A 79 0.96 30.24 -47.19
CA TYR A 79 2.09 30.26 -46.27
C TYR A 79 2.18 31.66 -45.66
N LEU A 80 2.10 31.72 -44.34
CA LEU A 80 2.18 32.96 -43.59
C LEU A 80 3.62 33.19 -43.13
N GLY A 81 4.23 34.28 -43.59
CA GLY A 81 5.56 34.64 -43.16
C GLY A 81 5.55 35.73 -42.12
N THR A 82 5.86 35.38 -40.87
CA THR A 82 5.83 36.35 -39.79
C THR A 82 6.79 35.92 -38.70
N CYS A 83 7.42 36.90 -38.05
CA CYS A 83 8.24 36.67 -36.86
C CYS A 83 7.58 37.17 -35.58
N THR A 84 6.47 37.92 -35.69
CA THR A 84 5.70 38.32 -34.53
C THR A 84 4.39 37.55 -34.51
N ASN A 85 4.51 36.22 -34.49
CA ASN A 85 3.35 35.34 -34.68
C ASN A 85 2.47 35.34 -33.43
N PRO A 86 1.15 35.48 -33.59
CA PRO A 86 0.25 35.38 -32.43
C PRO A 86 0.22 34.02 -31.75
N TYR A 87 0.62 32.95 -32.45
CA TYR A 87 0.70 31.61 -31.87
C TYR A 87 2.09 31.06 -32.04
N ASP A 88 2.70 30.61 -30.93
CA ASP A 88 4.01 29.99 -31.01
C ASP A 88 3.90 28.50 -31.34
N SER A 89 2.79 27.87 -30.97
CA SER A 89 2.46 26.53 -31.42
C SER A 89 1.12 26.60 -32.14
N ARG A 90 1.00 25.81 -33.22
CA ARG A 90 -0.12 25.83 -34.16
C ARG A 90 0.09 26.96 -35.15
N ALA A 91 -0.37 26.78 -36.39
CA ALA A 91 -0.12 27.76 -37.45
C ALA A 91 -1.28 28.74 -37.56
N SER A 92 -0.95 30.03 -37.59
CA SER A 92 -1.97 31.06 -37.79
C SER A 92 -2.44 31.10 -39.23
N ALA A 93 -1.61 30.63 -40.16
CA ALA A 93 -2.02 30.56 -41.57
C ALA A 93 -3.26 29.70 -41.74
N SER A 94 -3.47 28.74 -40.82
CA SER A 94 -4.69 27.96 -40.83
C SER A 94 -5.91 28.84 -40.55
N ILE A 95 -5.76 29.80 -39.63
CA ILE A 95 -6.88 30.69 -39.31
C ILE A 95 -7.19 31.60 -40.50
N ILE A 96 -6.14 32.16 -41.11
CA ILE A 96 -6.35 33.00 -42.29
C ILE A 96 -6.99 32.22 -43.42
N LEU A 97 -6.58 30.95 -43.58
CA LEU A 97 -7.20 30.09 -44.59
C LEU A 97 -8.68 29.91 -44.30
N GLU A 98 -9.03 29.74 -43.02
CA GLU A 98 -10.44 29.59 -42.66
C GLU A 98 -11.22 30.86 -42.96
N MET A 99 -10.62 32.02 -42.70
CA MET A 99 -11.34 33.28 -42.90
C MET A 99 -11.59 33.54 -44.38
N LEU A 100 -10.69 33.09 -45.25
CA LEU A 100 -10.85 33.35 -46.68
C LEU A 100 -11.96 32.49 -47.29
N GLY A 101 -12.27 31.35 -46.67
CA GLY A 101 -13.37 30.52 -47.12
C GLY A 101 -13.25 30.07 -48.56
N SER A 102 -12.01 29.90 -49.02
CA SER A 102 -11.76 29.50 -50.40
C SER A 102 -11.37 28.03 -50.50
N GLY A 103 -11.66 27.22 -49.48
CA GLY A 103 -11.34 25.81 -49.52
C GLY A 103 -10.41 25.37 -48.40
N TYR A 104 -10.53 24.11 -47.98
CA TYR A 104 -9.73 23.58 -46.88
C TYR A 104 -8.52 22.79 -47.35
N ASP A 105 -8.56 22.20 -48.56
CA ASP A 105 -7.49 21.35 -49.05
C ASP A 105 -6.39 22.23 -49.61
N ALA A 106 -5.43 22.60 -48.76
CA ALA A 106 -4.38 23.51 -49.18
C ALA A 106 -3.12 23.28 -48.34
N TYR A 107 -1.97 23.47 -48.98
CA TYR A 107 -0.70 23.49 -48.27
C TYR A 107 -0.66 24.68 -47.34
N CYS A 108 -0.41 24.43 -46.05
CA CYS A 108 -0.51 25.49 -45.05
C CYS A 108 0.60 25.33 -44.03
N ALA A 109 1.28 26.43 -43.72
CA ALA A 109 2.34 26.44 -42.72
C ALA A 109 2.73 27.88 -42.41
N ASP A 110 3.46 28.04 -41.31
CA ASP A 110 3.96 29.34 -40.88
C ASP A 110 5.47 29.37 -41.10
N VAL A 111 5.93 30.30 -41.94
CA VAL A 111 7.34 30.48 -42.24
C VAL A 111 7.84 31.68 -41.44
N GLN A 112 9.03 31.54 -40.85
CA GLN A 112 9.55 32.59 -39.98
C GLN A 112 11.06 32.72 -40.16
N PHE A 113 11.50 33.91 -40.55
CA PHE A 113 12.91 34.28 -40.54
C PHE A 113 13.02 35.81 -40.50
N ALA A 114 12.50 36.42 -39.43
CA ALA A 114 12.62 37.86 -39.18
C ALA A 114 12.05 38.60 -40.40
N GLY A 115 12.76 39.58 -40.96
CA GLY A 115 12.19 40.38 -42.04
C GLY A 115 12.12 39.68 -43.40
N LYS A 116 12.79 38.56 -43.57
CA LYS A 116 12.75 37.82 -44.82
C LYS A 116 11.68 36.73 -44.82
N SER A 117 10.86 36.66 -43.77
CA SER A 117 9.81 35.65 -43.74
C SER A 117 8.83 35.83 -44.90
N GLY A 118 8.57 37.09 -45.27
CA GLY A 118 7.67 37.35 -46.38
C GLY A 118 8.21 36.83 -47.69
N THR A 119 9.48 37.12 -47.97
CA THR A 119 10.09 36.62 -49.20
C THR A 119 10.34 35.13 -49.13
N SER A 120 10.79 34.64 -47.96
CA SER A 120 11.01 33.20 -47.81
C SER A 120 9.72 32.43 -48.10
N ALA A 121 8.58 32.95 -47.64
CA ALA A 121 7.31 32.32 -47.96
C ALA A 121 6.97 32.49 -49.43
N LEU A 122 7.42 33.59 -50.05
CA LEU A 122 7.23 33.77 -51.48
C LEU A 122 8.02 32.71 -52.27
N GLN A 123 9.21 32.35 -51.79
CA GLN A 123 9.97 31.28 -52.42
C GLN A 123 9.29 29.93 -52.26
N ILE A 124 8.63 29.70 -51.12
CA ILE A 124 7.85 28.48 -50.93
C ILE A 124 6.77 28.39 -52.01
N CYS A 125 5.92 29.42 -52.08
CA CYS A 125 4.83 29.42 -53.05
C CYS A 125 5.34 29.25 -54.46
N GLN A 126 6.43 29.93 -54.81
CA GLN A 126 7.00 29.81 -56.14
C GLN A 126 7.40 28.36 -56.44
N ALA A 127 8.05 27.71 -55.48
CA ALA A 127 8.48 26.33 -55.67
C ALA A 127 7.28 25.40 -55.87
N LEU A 128 6.22 25.59 -55.07
CA LEU A 128 5.03 24.76 -55.19
C LEU A 128 4.44 24.85 -56.60
N VAL A 129 4.30 26.07 -57.13
CA VAL A 129 3.69 26.24 -58.45
C VAL A 129 4.64 25.78 -59.55
N ALA A 130 5.92 26.13 -59.43
CA ALA A 130 6.89 25.74 -60.46
C ALA A 130 7.09 24.23 -60.50
N SER A 131 7.09 23.59 -59.33
CA SER A 131 7.19 22.13 -59.26
C SER A 131 5.90 21.42 -59.61
N GLY A 132 4.83 22.15 -59.89
CA GLY A 132 3.57 21.52 -60.22
C GLY A 132 2.85 20.86 -59.06
N MET A 133 3.34 21.04 -57.83
CA MET A 133 2.65 20.49 -56.68
C MET A 133 1.31 21.18 -56.46
N THR A 134 1.22 22.47 -56.81
CA THR A 134 -0.04 23.18 -56.87
C THR A 134 -0.08 24.00 -58.15
N GLY A 135 -1.28 24.45 -58.52
CA GLY A 135 -1.45 25.29 -59.69
C GLY A 135 -1.31 26.76 -59.35
N SER A 136 -1.59 27.09 -58.09
CA SER A 136 -1.44 28.44 -57.59
C SER A 136 -1.12 28.38 -56.11
N ALA A 137 -0.62 29.49 -55.57
CA ALA A 137 -0.22 29.55 -54.17
C ALA A 137 -0.28 30.99 -53.68
N LEU A 138 -0.61 31.14 -52.39
CA LEU A 138 -0.76 32.45 -51.77
C LEU A 138 0.35 32.63 -50.73
N ALA A 139 1.09 33.72 -50.87
CA ALA A 139 2.15 34.07 -49.93
C ALA A 139 1.74 35.32 -49.15
N ILE A 140 1.96 35.31 -47.84
CA ILE A 140 1.62 36.43 -46.99
C ILE A 140 2.83 36.76 -46.13
N GLY A 141 3.31 38.00 -46.22
CA GLY A 141 4.33 38.50 -45.32
C GLY A 141 3.76 39.61 -44.46
N ALA A 142 3.69 39.37 -43.16
CA ALA A 142 3.08 40.33 -42.24
C ALA A 142 3.87 40.33 -40.94
N ASP A 143 3.85 41.48 -40.26
CA ASP A 143 4.57 41.63 -39.00
C ASP A 143 4.01 42.80 -38.21
N THR A 144 4.00 42.65 -36.89
CA THR A 144 3.60 43.71 -35.98
C THR A 144 4.81 44.10 -35.13
N ILE A 145 5.76 44.78 -35.78
CA ILE A 145 6.99 45.17 -35.10
C ILE A 145 6.69 46.13 -33.95
N ASN A 146 5.72 47.02 -34.16
CA ASN A 146 5.37 47.97 -33.10
C ASN A 146 4.88 47.26 -31.85
N ARG A 147 4.13 46.17 -32.02
CA ARG A 147 3.68 45.40 -30.86
C ARG A 147 4.86 44.76 -30.13
N ASN A 148 5.89 44.33 -30.87
CA ASN A 148 7.02 43.63 -30.30
C ASN A 148 8.25 44.51 -30.17
N THR A 149 8.06 45.82 -29.99
CA THR A 149 9.15 46.75 -29.71
C THR A 149 8.91 47.36 -28.34
N ALA A 150 9.93 47.28 -27.48
CA ALA A 150 9.75 47.72 -26.11
C ALA A 150 9.65 49.25 -26.04
N PRO A 151 8.85 49.80 -25.13
CA PRO A 151 8.91 51.24 -24.89
C PRO A 151 10.28 51.64 -24.38
N GLY A 152 10.76 52.79 -24.82
CA GLY A 152 12.09 53.25 -24.49
C GLY A 152 13.18 52.71 -25.37
N ASP A 153 12.89 51.69 -26.18
CA ASP A 153 13.85 51.23 -27.18
C ASP A 153 14.16 52.37 -28.14
N LEU A 154 15.41 52.38 -28.62
CA LEU A 154 15.81 53.40 -29.58
C LEU A 154 14.99 53.32 -30.86
N THR A 155 14.59 52.11 -31.25
CA THR A 155 13.82 51.89 -32.47
C THR A 155 12.31 51.99 -32.24
N GLU A 156 11.87 52.47 -31.08
CA GLU A 156 10.44 52.58 -30.84
C GLU A 156 9.79 53.62 -31.74
N SER A 157 10.54 54.67 -32.10
CA SER A 157 9.93 55.77 -32.84
C SER A 157 9.53 55.35 -34.24
N TYR A 158 10.17 54.32 -34.79
CA TYR A 158 9.90 53.92 -36.16
C TYR A 158 9.53 52.44 -36.27
N ALA A 159 8.97 51.87 -35.22
CA ALA A 159 8.46 50.51 -35.27
C ALA A 159 7.00 50.55 -35.69
N GLY A 160 6.67 49.84 -36.77
CA GLY A 160 5.31 49.81 -37.26
C GLY A 160 4.77 48.41 -37.52
N ALA A 161 3.75 48.31 -38.37
CA ALA A 161 3.15 47.02 -38.70
C ALA A 161 2.54 47.09 -40.10
N GLY A 162 2.45 45.94 -40.74
CA GLY A 162 1.89 45.89 -42.08
C GLY A 162 1.82 44.47 -42.58
N ALA A 163 0.99 44.28 -43.60
CA ALA A 163 0.79 42.97 -44.20
C ALA A 163 0.73 43.12 -45.70
N ALA A 164 1.32 42.15 -46.42
CA ALA A 164 1.31 42.13 -47.88
C ALA A 164 1.10 40.70 -48.34
N ALA A 165 0.19 40.51 -49.28
CA ALA A 165 -0.13 39.20 -49.82
C ALA A 165 0.04 39.22 -51.33
N LEU A 166 0.69 38.19 -51.87
CA LEU A 166 0.89 38.06 -53.31
C LEU A 166 0.51 36.65 -53.73
N LEU A 167 -0.32 36.56 -54.77
CA LEU A 167 -0.81 35.28 -55.27
C LEU A 167 0.07 34.82 -56.42
N ILE A 168 0.65 33.63 -56.28
CA ILE A 168 1.52 33.05 -57.31
C ILE A 168 0.68 32.12 -58.17
N GLY A 169 0.83 32.25 -59.49
CA GLY A 169 0.08 31.41 -60.39
C GLY A 169 0.69 31.42 -61.77
N SER A 170 0.08 30.64 -62.67
CA SER A 170 0.52 30.56 -64.05
C SER A 170 -0.44 31.23 -65.03
N GLN A 171 -1.59 31.71 -64.55
CA GLN A 171 -2.62 32.30 -65.40
C GLN A 171 -2.71 33.78 -65.12
N ASP A 172 -2.57 34.60 -66.16
CA ASP A 172 -2.69 36.06 -66.06
C ASP A 172 -1.65 36.63 -65.11
N VAL A 173 -0.39 36.29 -65.36
CA VAL A 173 0.72 36.77 -64.53
C VAL A 173 1.01 38.22 -64.86
N ILE A 174 1.18 39.04 -63.83
CA ILE A 174 1.54 40.45 -64.01
C ILE A 174 3.03 40.72 -63.77
N ALA A 175 3.75 39.79 -63.15
CA ALA A 175 5.18 39.96 -62.88
C ALA A 175 5.81 38.57 -62.82
N GLU A 176 6.62 38.25 -63.81
CA GLU A 176 7.19 36.91 -63.91
C GLU A 176 8.24 36.69 -62.81
N PHE A 177 8.55 35.42 -62.57
CA PHE A 177 9.54 35.00 -61.59
C PHE A 177 10.69 34.36 -62.36
N ASP A 178 11.77 35.11 -62.57
CA ASP A 178 12.87 34.62 -63.38
C ASP A 178 13.72 33.62 -62.60
N ALA A 179 14.40 34.08 -61.56
CA ALA A 179 15.19 33.20 -60.71
C ALA A 179 15.37 33.84 -59.35
N SER A 180 15.92 33.07 -58.41
CA SER A 180 16.12 33.56 -57.06
C SER A 180 17.38 32.94 -56.47
N PHE A 181 17.90 33.60 -55.44
CA PHE A 181 19.11 33.17 -54.75
C PHE A 181 18.98 33.58 -53.29
N SER A 182 19.35 32.66 -52.39
CA SER A 182 19.19 32.90 -50.96
C SER A 182 20.43 32.42 -50.21
N CYS A 183 20.71 33.09 -49.10
CA CYS A 183 21.85 32.76 -48.26
C CYS A 183 21.46 32.95 -46.80
N ALA A 184 22.28 32.42 -45.90
CA ALA A 184 22.02 32.52 -44.47
C ALA A 184 23.32 32.29 -43.70
N ALA A 185 23.25 32.57 -42.41
CA ALA A 185 24.37 32.39 -41.49
C ALA A 185 23.86 32.62 -40.08
N ASP A 186 24.74 32.46 -39.09
CA ASP A 186 24.40 32.70 -37.69
C ASP A 186 25.04 34.04 -37.31
N VAL A 187 24.27 35.12 -37.48
CA VAL A 187 24.71 36.47 -37.14
C VAL A 187 23.65 37.03 -36.20
N ALA A 188 23.91 36.96 -34.89
CA ALA A 188 22.94 37.34 -33.88
C ALA A 188 22.78 38.85 -33.73
N ASP A 189 22.55 39.59 -34.83
CA ASP A 189 22.44 41.03 -34.70
C ASP A 189 21.15 41.45 -33.99
N ASN A 190 20.08 40.68 -34.18
CA ASN A 190 18.82 40.88 -33.47
C ASN A 190 18.25 39.51 -33.13
N ILE A 191 17.78 39.35 -31.89
CA ILE A 191 17.25 38.09 -31.42
C ILE A 191 16.05 38.35 -30.52
N ARG A 192 15.07 37.46 -30.60
CA ARG A 192 14.00 37.39 -29.60
C ARG A 192 13.92 35.94 -29.14
N PRO A 193 14.41 35.61 -27.95
CA PRO A 193 14.33 34.23 -27.46
C PRO A 193 12.89 33.81 -27.21
N GLN A 194 12.68 32.51 -27.07
CA GLN A 194 11.34 31.99 -26.85
C GLN A 194 10.77 32.55 -25.55
N GLY A 195 9.52 33.01 -25.61
CA GLY A 195 8.86 33.59 -24.47
C GLY A 195 9.01 35.09 -24.34
N ASP A 196 10.07 35.67 -24.88
CA ASP A 196 10.23 37.12 -24.86
C ASP A 196 9.19 37.76 -25.77
N ARG A 197 8.64 38.90 -25.33
CA ARG A 197 7.71 39.63 -26.18
C ARG A 197 8.45 40.56 -27.14
N TYR A 198 9.53 41.17 -26.69
CA TYR A 198 10.18 42.24 -27.43
C TYR A 198 11.41 41.74 -28.17
N ILE A 199 11.56 42.20 -29.42
CA ILE A 199 12.78 41.93 -30.18
C ILE A 199 13.91 42.77 -29.60
N ARG A 200 15.08 42.16 -29.45
CA ARG A 200 16.23 42.81 -28.84
C ARG A 200 17.41 42.82 -29.81
N SER A 201 18.28 43.79 -29.65
CA SER A 201 19.46 43.92 -30.48
C SER A 201 20.64 43.18 -29.85
N GLY A 202 21.48 42.59 -30.70
CA GLY A 202 22.66 41.92 -30.21
C GLY A 202 23.87 42.81 -29.97
N MET A 203 23.80 44.07 -30.39
CA MET A 203 24.91 45.01 -30.26
C MET A 203 24.36 46.41 -30.46
N GLY A 204 25.22 47.41 -30.23
CA GLY A 204 24.78 48.79 -30.35
C GLY A 204 24.39 49.12 -31.78
N LEU A 205 23.36 49.95 -31.91
CA LEU A 205 22.92 50.41 -33.23
C LEU A 205 24.01 51.27 -33.87
N GLY A 206 24.26 51.04 -35.15
CA GLY A 206 25.25 51.84 -35.86
C GLY A 206 25.66 51.18 -37.15
N SER A 207 26.63 51.83 -37.81
CA SER A 207 27.11 51.32 -39.08
C SER A 207 27.86 50.01 -38.93
N ASP A 208 28.50 49.80 -37.77
CA ASP A 208 29.19 48.53 -37.54
C ASP A 208 28.22 47.37 -37.51
N LYS A 209 27.06 47.56 -36.86
CA LYS A 209 26.04 46.52 -36.82
C LYS A 209 25.43 46.27 -38.20
N ASN A 210 25.35 47.31 -39.03
CA ASN A 210 24.78 47.15 -40.37
C ASN A 210 25.75 46.42 -41.31
N SER A 211 27.05 46.64 -41.13
CA SER A 211 28.02 46.05 -42.06
C SER A 211 28.10 44.54 -41.90
N ILE A 212 27.94 44.04 -40.67
CA ILE A 212 28.10 42.61 -40.44
C ILE A 212 26.82 41.83 -40.71
N GLY A 213 25.66 42.48 -40.70
CA GLY A 213 24.40 41.78 -40.87
C GLY A 213 23.57 42.26 -42.04
N LEU A 214 23.03 43.47 -41.94
CA LEU A 214 22.16 44.00 -42.99
C LEU A 214 22.88 44.08 -44.32
N GLU A 215 24.09 44.64 -44.33
CA GLU A 215 24.79 44.87 -45.59
C GLU A 215 25.51 43.63 -46.08
N ASP A 216 25.97 42.77 -45.18
CA ASP A 216 26.70 41.57 -45.59
C ASP A 216 25.78 40.60 -46.33
N GLN A 217 24.66 40.22 -45.70
CA GLN A 217 23.79 39.22 -46.29
C GLN A 217 23.10 39.75 -47.54
N THR A 218 22.72 41.03 -47.54
CA THR A 218 22.08 41.62 -48.71
C THR A 218 23.01 41.60 -49.92
N ARG A 219 24.27 41.98 -49.72
CA ARG A 219 25.24 41.96 -50.82
C ARG A 219 25.44 40.56 -51.35
N ARG A 220 25.54 39.57 -50.46
CA ARG A 220 25.81 38.21 -50.90
C ARG A 220 24.65 37.64 -51.69
N ALA A 221 23.42 37.90 -51.24
CA ALA A 221 22.25 37.41 -51.97
C ALA A 221 22.11 38.12 -53.32
N ALA A 222 22.25 39.45 -53.33
CA ALA A 222 22.11 40.19 -54.56
C ALA A 222 23.17 39.79 -55.58
N GLU A 223 24.43 39.70 -55.16
CA GLU A 223 25.48 39.23 -56.05
C GLU A 223 25.20 37.83 -56.53
N GLY A 224 24.76 36.96 -55.62
CA GLY A 224 24.53 35.57 -55.98
C GLY A 224 23.48 35.40 -57.07
N LEU A 225 22.41 36.19 -57.00
CA LEU A 225 21.38 36.12 -58.03
C LEU A 225 21.86 36.76 -59.33
N MET A 226 22.55 37.90 -59.24
CA MET A 226 23.03 38.57 -60.44
C MET A 226 24.05 37.72 -61.18
N ALA A 227 24.97 37.08 -60.45
CA ALA A 227 25.96 36.23 -61.09
C ALA A 227 25.30 35.03 -61.77
N LYS A 228 24.25 34.48 -61.15
CA LYS A 228 23.51 33.39 -61.76
C LYS A 228 22.83 33.82 -63.04
N LEU A 229 22.32 35.06 -63.06
CA LEU A 229 21.62 35.60 -64.23
C LEU A 229 22.53 36.39 -65.17
N HIS A 230 23.81 36.53 -64.84
CA HIS A 230 24.74 37.32 -65.63
C HIS A 230 24.21 38.73 -65.86
N THR A 231 23.80 39.37 -64.76
CA THR A 231 23.24 40.71 -64.81
C THR A 231 24.00 41.63 -63.86
N SER A 232 23.90 42.92 -64.12
CA SER A 232 24.53 43.95 -63.31
C SER A 232 23.44 44.89 -62.78
N PRO A 233 23.75 45.77 -61.83
CA PRO A 233 22.73 46.72 -61.35
C PRO A 233 22.08 47.54 -62.45
N ALA A 234 22.78 47.81 -63.55
CA ALA A 234 22.25 48.65 -64.61
C ALA A 234 21.14 47.98 -65.41
N ASP A 235 20.98 46.65 -65.30
CA ASP A 235 19.98 45.94 -66.07
C ASP A 235 18.58 46.01 -65.46
N TYR A 236 18.47 46.43 -64.20
CA TYR A 236 17.19 46.41 -63.49
C TYR A 236 16.62 47.82 -63.40
N ASP A 237 15.34 47.96 -63.76
CA ASP A 237 14.68 49.26 -63.68
C ASP A 237 14.40 49.65 -62.23
N TYR A 238 14.08 48.67 -61.38
CA TYR A 238 13.80 48.92 -59.98
C TYR A 238 14.57 47.94 -59.12
N VAL A 239 14.94 48.39 -57.91
CA VAL A 239 15.49 47.52 -56.89
C VAL A 239 14.67 47.73 -55.61
N VAL A 240 14.38 46.64 -54.91
CA VAL A 240 13.52 46.66 -53.73
C VAL A 240 14.28 45.97 -52.60
N PHE A 241 14.54 46.73 -51.53
CA PHE A 241 15.27 46.23 -50.38
C PHE A 241 14.35 46.07 -49.19
N GLN A 242 14.89 45.45 -48.13
CA GLN A 242 14.26 45.54 -46.83
C GLN A 242 14.15 47.00 -46.43
N GLN A 243 13.00 47.39 -45.88
CA GLN A 243 12.71 48.80 -45.65
C GLN A 243 12.16 48.99 -44.23
N ASN A 244 13.00 48.73 -43.24
CA ASN A 244 12.68 49.15 -41.87
C ASN A 244 12.68 50.67 -41.75
N LEU A 245 13.47 51.34 -42.59
CA LEU A 245 13.53 52.78 -42.65
C LEU A 245 13.62 53.20 -44.10
N VAL A 246 13.31 54.47 -44.36
CA VAL A 246 13.48 55.00 -45.72
C VAL A 246 14.95 55.03 -46.10
N SER A 247 15.84 55.18 -45.12
CA SER A 247 17.27 55.27 -45.40
C SER A 247 17.85 53.92 -45.82
N THR A 248 17.24 52.82 -45.39
CA THR A 248 17.84 51.50 -45.64
C THR A 248 17.96 51.17 -47.12
N PRO A 249 16.93 51.34 -47.96
CA PRO A 249 17.14 51.03 -49.39
C PRO A 249 18.12 51.96 -50.06
N TYR A 250 18.07 53.26 -49.76
CA TYR A 250 19.03 54.19 -50.34
C TYR A 250 20.45 53.87 -49.90
N SER A 251 20.65 53.57 -48.62
CA SER A 251 21.98 53.22 -48.13
C SER A 251 22.47 51.91 -48.75
N LEU A 252 21.58 50.93 -48.88
CA LEU A 252 21.97 49.66 -49.48
C LEU A 252 22.28 49.84 -50.97
N ALA A 253 21.56 50.75 -51.64
CA ALA A 253 21.79 50.97 -53.06
C ALA A 253 23.19 51.52 -53.30
N LYS A 254 23.56 52.58 -52.58
CA LYS A 254 24.89 53.16 -52.73
C LYS A 254 25.98 52.13 -52.44
N HIS A 255 25.71 51.20 -51.52
CA HIS A 255 26.67 50.15 -51.22
C HIS A 255 26.75 49.10 -52.32
N LEU A 256 25.70 48.96 -53.13
CA LEU A 256 25.63 47.89 -54.11
C LEU A 256 25.83 48.34 -55.54
N GLY A 257 25.89 49.64 -55.80
CA GLY A 257 26.05 50.14 -57.15
C GLY A 257 24.76 50.48 -57.86
N PHE A 258 23.67 50.69 -57.13
CA PHE A 258 22.40 51.12 -57.71
C PHE A 258 22.28 52.63 -57.61
N ASN A 259 21.55 53.21 -58.56
CA ASN A 259 21.33 54.65 -58.54
C ASN A 259 20.05 55.00 -57.79
N PRO A 260 19.94 56.23 -57.29
CA PRO A 260 18.73 56.60 -56.53
C PRO A 260 17.45 56.48 -57.33
N LYS A 261 17.49 56.65 -58.65
CA LYS A 261 16.28 56.49 -59.46
C LYS A 261 15.74 55.07 -59.37
N GLN A 262 16.61 54.10 -59.09
CA GLN A 262 16.20 52.71 -59.04
C GLN A 262 15.56 52.35 -57.70
N VAL A 263 15.76 53.18 -56.67
CA VAL A 263 15.24 52.91 -55.34
C VAL A 263 13.95 53.64 -55.06
N GLU A 264 13.89 54.91 -55.44
CA GLU A 264 12.77 55.78 -55.08
C GLU A 264 11.40 55.18 -55.35
N PRO A 265 11.13 54.48 -56.46
CA PRO A 265 9.78 53.92 -56.65
C PRO A 265 9.36 52.95 -55.56
N GLY A 266 10.31 52.27 -54.90
CA GLY A 266 9.96 51.34 -53.86
C GLY A 266 9.78 51.94 -52.47
N ILE A 267 10.09 53.22 -52.31
CA ILE A 267 10.04 53.87 -51.00
C ILE A 267 8.59 54.15 -50.64
N TYR A 268 8.17 53.63 -49.48
CA TYR A 268 6.80 53.82 -48.99
C TYR A 268 6.73 54.11 -47.50
N ALA A 269 7.77 53.80 -46.73
CA ALA A 269 7.69 53.73 -45.27
C ALA A 269 7.95 55.07 -44.59
N GLY A 270 7.77 56.18 -45.31
CA GLY A 270 7.96 57.48 -44.69
C GLY A 270 7.03 57.74 -43.53
N ASN A 271 5.81 57.19 -43.58
CA ASN A 271 4.80 57.40 -42.56
C ASN A 271 4.31 56.12 -41.91
N VAL A 272 5.01 55.00 -42.14
CA VAL A 272 4.60 53.71 -41.60
C VAL A 272 5.62 53.16 -40.61
N GLY A 273 6.90 53.28 -40.90
CA GLY A 273 7.94 52.72 -40.06
C GLY A 273 8.33 51.32 -40.49
N ASP A 274 8.94 50.59 -39.56
CA ASP A 274 9.37 49.23 -39.82
C ASP A 274 8.15 48.33 -39.88
N ALA A 275 7.85 47.81 -41.07
CA ALA A 275 6.72 46.92 -41.26
C ALA A 275 7.11 45.44 -41.15
N GLY A 276 8.36 45.16 -40.80
CA GLY A 276 8.78 43.79 -40.59
C GLY A 276 8.89 43.02 -41.89
N SER A 277 8.29 41.82 -41.91
CA SER A 277 8.38 40.94 -43.07
C SER A 277 7.74 41.56 -44.30
N ALA A 278 6.85 42.54 -44.13
CA ALA A 278 6.11 43.10 -45.25
C ALA A 278 6.89 44.17 -45.99
N SER A 279 7.94 44.73 -45.40
CA SER A 279 8.64 45.84 -46.04
C SER A 279 9.21 45.51 -47.41
N PRO A 280 9.85 44.37 -47.66
CA PRO A 280 10.26 44.07 -49.04
C PRO A 280 9.07 43.79 -49.94
N LEU A 281 7.99 43.24 -49.40
CA LEU A 281 6.82 42.95 -50.21
C LEU A 281 5.97 44.20 -50.45
N LEU A 282 5.85 45.05 -49.43
CA LEU A 282 5.14 46.31 -49.62
C LEU A 282 5.89 47.22 -50.59
N GLY A 283 7.23 47.17 -50.54
CA GLY A 283 8.02 47.93 -51.51
C GLY A 283 7.83 47.42 -52.92
N LEU A 284 7.71 46.10 -53.09
CA LEU A 284 7.43 45.54 -54.41
C LEU A 284 6.07 45.99 -54.91
N ILE A 285 5.09 46.09 -54.01
CA ILE A 285 3.76 46.54 -54.40
C ILE A 285 3.81 47.98 -54.90
N ASN A 286 4.54 48.85 -54.19
CA ASN A 286 4.66 50.24 -54.60
C ASN A 286 5.36 50.37 -55.94
N VAL A 287 6.23 49.41 -56.28
CA VAL A 287 6.89 49.42 -57.57
C VAL A 287 5.95 48.91 -58.66
N LEU A 288 5.29 47.78 -58.42
CA LEU A 288 4.38 47.20 -59.39
C LEU A 288 3.19 48.12 -59.69
N ASP A 289 2.91 49.09 -58.83
CA ASP A 289 1.73 49.93 -58.99
C ASP A 289 1.84 50.88 -60.16
N GLN A 290 3.05 51.24 -60.59
CA GLN A 290 3.23 52.16 -61.70
C GLN A 290 4.19 51.63 -62.75
N ALA A 291 4.56 50.34 -62.69
CA ALA A 291 5.53 49.81 -63.64
C ALA A 291 4.91 49.63 -65.02
N ARG A 292 5.74 49.79 -66.03
CA ARG A 292 5.39 49.53 -67.42
C ARG A 292 5.81 48.12 -67.79
N PRO A 293 5.18 47.53 -68.82
CA PRO A 293 5.55 46.17 -69.21
C PRO A 293 7.01 46.08 -69.62
N GLY A 294 7.63 44.93 -69.30
CA GLY A 294 8.98 44.63 -69.71
C GLY A 294 10.05 45.02 -68.70
N GLN A 295 9.76 45.93 -67.77
CA GLN A 295 10.76 46.39 -66.83
C GLN A 295 11.21 45.27 -65.90
N LYS A 296 12.49 45.30 -65.53
CA LYS A 296 13.10 44.27 -64.71
C LYS A 296 13.24 44.75 -63.28
N ILE A 297 12.86 43.90 -62.33
CA ILE A 297 12.84 44.25 -60.91
C ILE A 297 13.70 43.24 -60.15
N LEU A 298 14.56 43.74 -59.26
CA LEU A 298 15.36 42.91 -58.39
C LEU A 298 14.97 43.21 -56.95
N LEU A 299 14.54 42.18 -56.21
CA LEU A 299 14.11 42.32 -54.83
C LEU A 299 15.04 41.52 -53.94
N VAL A 300 15.64 42.19 -52.97
CA VAL A 300 16.52 41.55 -51.98
C VAL A 300 16.08 41.99 -50.59
N SER A 301 15.70 41.02 -49.76
CA SER A 301 15.23 41.28 -48.42
C SER A 301 16.25 40.77 -47.39
N TYR A 302 16.15 41.31 -46.17
CA TYR A 302 17.07 40.99 -45.10
C TYR A 302 16.30 40.63 -43.85
N GLY A 303 16.61 39.47 -43.27
CA GLY A 303 16.08 39.07 -41.97
C GLY A 303 17.23 38.77 -41.04
N PHE A 304 17.11 39.24 -39.80
CA PHE A 304 18.20 39.18 -38.83
C PHE A 304 18.38 37.77 -38.28
N GLY A 305 19.48 37.54 -37.55
CA GLY A 305 19.84 36.18 -37.17
C GLY A 305 20.16 35.59 -38.52
N ALA A 306 21.06 36.29 -39.20
CA ALA A 306 20.85 36.82 -40.54
C ALA A 306 20.86 35.79 -41.67
N GLY A 307 20.14 36.17 -42.73
CA GLY A 307 20.09 35.60 -44.06
C GLY A 307 19.45 36.62 -44.98
N SER A 308 19.42 36.30 -46.28
CA SER A 308 18.84 37.23 -47.24
C SER A 308 18.25 36.45 -48.42
N ASP A 309 17.23 37.05 -49.03
CA ASP A 309 16.54 36.47 -50.19
C ASP A 309 16.64 37.43 -51.36
N ALA A 310 17.12 36.94 -52.49
CA ALA A 310 17.21 37.72 -53.73
C ALA A 310 16.27 37.11 -54.76
N ILE A 311 15.42 37.94 -55.34
CA ILE A 311 14.44 37.49 -56.33
C ILE A 311 14.39 38.51 -57.46
N ALA A 312 14.38 38.01 -58.70
CA ALA A 312 14.37 38.86 -59.89
C ALA A 312 13.06 38.66 -60.63
N LEU A 313 12.45 39.76 -61.07
CA LEU A 313 11.14 39.71 -61.72
C LEU A 313 11.19 40.46 -63.05
N THR A 314 10.25 40.10 -63.93
CA THR A 314 9.98 40.82 -65.16
C THR A 314 8.50 41.16 -65.23
N VAL A 315 8.18 42.43 -65.44
CA VAL A 315 6.80 42.87 -65.51
C VAL A 315 6.23 42.50 -66.88
N THR A 316 5.12 41.77 -66.88
CA THR A 316 4.51 41.33 -68.12
C THR A 316 3.55 42.40 -68.65
N ASP A 317 3.10 42.20 -69.89
CA ASP A 317 2.19 43.15 -70.52
C ASP A 317 0.82 43.16 -69.87
N ALA A 318 0.50 42.14 -69.08
CA ALA A 318 -0.78 42.10 -68.37
C ALA A 318 -0.86 43.10 -67.24
N ILE A 319 0.23 43.79 -66.91
CA ILE A 319 0.20 44.78 -65.84
C ILE A 319 -0.70 45.95 -66.21
N GLU A 320 -0.84 46.25 -67.50
CA GLU A 320 -1.66 47.39 -67.92
C GLU A 320 -3.12 47.17 -67.55
N GLN A 321 -3.67 46.01 -67.91
CA GLN A 321 -5.07 45.71 -67.62
C GLN A 321 -5.32 45.56 -66.12
N TYR A 322 -4.29 45.24 -65.34
CA TYR A 322 -4.45 45.09 -63.89
C TYR A 322 -4.66 46.44 -63.22
N GLN A 323 -3.81 47.43 -63.56
CA GLN A 323 -3.84 48.72 -62.90
C GLN A 323 -5.03 49.58 -63.29
N LYS A 324 -5.80 49.19 -64.32
CA LYS A 324 -6.89 50.03 -64.79
C LYS A 324 -7.89 50.31 -63.67
N HIS A 325 -8.27 49.28 -62.94
CA HIS A 325 -9.19 49.38 -61.80
C HIS A 325 -8.54 48.70 -60.60
N ASN A 326 -7.75 49.47 -59.85
CA ASN A 326 -7.13 49.00 -58.62
C ASN A 326 -6.70 50.20 -57.80
N LYS A 327 -6.64 50.01 -56.48
CA LYS A 327 -6.22 51.07 -55.58
C LYS A 327 -4.72 50.93 -55.32
N PRO A 328 -3.92 51.96 -55.62
CA PRO A 328 -2.47 51.85 -55.38
C PRO A 328 -2.15 51.94 -53.90
N LEU A 329 -0.97 51.42 -53.55
CA LEU A 329 -0.55 51.42 -52.14
C LEU A 329 -0.40 52.85 -51.62
N ARG A 330 0.07 53.77 -52.47
CA ARG A 330 0.22 55.16 -52.04
C ARG A 330 -1.12 55.75 -51.61
N GLU A 331 -2.20 55.37 -52.29
CA GLU A 331 -3.52 55.85 -51.90
C GLU A 331 -3.97 55.21 -50.59
N LEU A 332 -3.63 53.96 -50.37
CA LEU A 332 -4.00 53.29 -49.13
C LEU A 332 -3.36 53.96 -47.92
N LEU A 333 -2.14 54.47 -48.09
CA LEU A 333 -1.39 55.12 -47.02
C LEU A 333 -1.90 56.53 -46.71
N GLU A 334 -2.87 57.03 -47.48
CA GLU A 334 -3.43 58.35 -47.24
C GLU A 334 -4.38 58.37 -46.05
N SER A 335 -5.08 57.26 -45.80
CA SER A 335 -6.05 57.19 -44.72
C SER A 335 -5.32 56.94 -43.40
N LYS A 336 -5.36 57.93 -42.51
CA LYS A 336 -4.63 57.81 -41.26
C LYS A 336 -5.36 58.56 -40.15
N ILE A 337 -5.24 58.02 -38.94
CA ILE A 337 -5.75 58.64 -37.72
C ILE A 337 -4.57 58.90 -36.81
N TYR A 338 -4.53 60.08 -36.19
CA TYR A 338 -3.42 60.46 -35.34
C TYR A 338 -3.78 60.29 -33.86
N VAL A 339 -2.83 59.78 -33.09
CA VAL A 339 -2.98 59.59 -31.65
C VAL A 339 -1.73 60.11 -30.96
N ASP A 340 -1.87 60.47 -29.68
CA ASP A 340 -0.73 60.89 -28.89
C ASP A 340 0.00 59.66 -28.35
N TYR A 341 1.12 59.90 -27.65
CA TYR A 341 1.90 58.78 -27.12
C TYR A 341 1.11 58.01 -26.07
N GLY A 342 0.34 58.72 -25.24
CA GLY A 342 -0.43 58.03 -24.22
C GLY A 342 -1.44 57.06 -24.80
N THR A 343 -2.13 57.49 -25.86
CA THR A 343 -3.09 56.61 -26.51
C THR A 343 -2.39 55.44 -27.21
N SER A 344 -1.26 55.72 -27.87
CA SER A 344 -0.55 54.67 -28.59
C SER A 344 -0.08 53.56 -27.66
N ILE A 345 0.35 53.93 -26.45
CA ILE A 345 0.77 52.92 -25.49
C ILE A 345 -0.43 52.11 -24.99
N LYS A 346 -1.60 52.77 -24.87
CA LYS A 346 -2.79 52.05 -24.44
C LYS A 346 -3.27 51.07 -25.52
N TYR A 347 -3.26 51.51 -26.79
CA TYR A 347 -3.75 50.66 -27.87
C TYR A 347 -2.89 49.42 -28.05
N GLU A 348 -1.58 49.56 -27.88
CA GLU A 348 -0.64 48.47 -28.11
C GLU A 348 -0.37 47.64 -26.86
N PHE A 349 -1.10 47.89 -25.78
CA PHE A 349 -0.99 47.12 -24.53
C PHE A 349 0.43 47.18 -23.95
N LYS A 350 0.97 48.39 -23.86
CA LYS A 350 2.32 48.58 -23.34
C LYS A 350 2.35 49.22 -21.96
N TYR A 351 1.19 49.46 -21.35
CA TYR A 351 1.13 49.81 -19.94
C TYR A 351 1.24 48.54 -19.09
N LEU A 352 2.02 48.62 -18.02
CA LEU A 352 2.14 47.51 -17.09
C LEU A 352 0.88 47.42 -16.24
N ARG A 353 -0.09 46.63 -16.68
CA ARG A 353 -1.36 46.52 -16.00
C ARG A 353 -1.42 45.23 -15.19
N ALA A 354 -2.47 45.12 -14.39
CA ALA A 354 -2.63 43.97 -13.51
C ALA A 354 -2.79 42.69 -14.31
N ASP A 355 -2.14 41.62 -13.83
CA ASP A 355 -2.26 40.32 -14.48
C ASP A 355 -3.70 39.89 -14.60
N TYR A 356 -4.46 39.99 -13.51
CA TYR A 356 -5.85 39.57 -13.45
C TYR A 356 -6.71 40.81 -13.27
N ALA A 357 -7.52 41.11 -14.28
CA ALA A 357 -8.37 42.30 -14.27
C ALA A 357 -9.76 41.92 -13.79
N LEU A 358 -10.23 42.58 -12.73
CA LEU A 358 -11.57 42.34 -12.22
C LEU A 358 -12.61 42.96 -13.14
N THR A 359 -12.47 44.23 -13.44
CA THR A 359 -13.22 44.89 -14.50
C THR A 359 -12.24 45.60 -15.43
N ALA A 360 -12.78 46.16 -16.51
CA ALA A 360 -11.93 46.76 -17.55
C ALA A 360 -11.14 47.94 -17.00
N TYR A 361 -11.75 48.77 -16.17
CA TYR A 361 -11.10 49.94 -15.60
C TYR A 361 -10.71 49.74 -14.13
N LEU A 362 -10.83 48.52 -13.61
CA LEU A 362 -10.44 48.23 -12.24
C LEU A 362 -9.51 47.02 -12.20
N SER B 2 11.86 34.62 -18.05
CA SER B 2 11.08 34.40 -16.84
C SER B 2 10.45 33.01 -16.83
N MET B 3 9.81 32.66 -17.94
CA MET B 3 9.16 31.35 -18.05
C MET B 3 10.17 30.21 -18.09
N TYR B 4 11.39 30.47 -18.54
CA TYR B 4 12.44 29.45 -18.61
C TYR B 4 13.54 29.80 -17.61
N PRO B 5 13.58 29.17 -16.43
CA PRO B 5 14.55 29.54 -15.39
C PRO B 5 15.94 28.93 -15.63
N GLU B 6 16.55 29.28 -16.75
CA GLU B 6 17.92 28.92 -17.05
C GLU B 6 18.83 30.07 -16.65
N GLN B 7 19.90 29.76 -15.93
CA GLN B 7 20.79 30.80 -15.43
C GLN B 7 21.51 31.50 -16.59
N ILE B 8 21.68 32.81 -16.45
CA ILE B 8 22.33 33.64 -17.46
C ILE B 8 23.68 34.07 -16.94
N HIS B 9 24.68 34.06 -17.82
CA HIS B 9 26.04 34.34 -17.40
C HIS B 9 26.19 35.81 -17.00
N ARG B 10 26.91 36.02 -15.90
CA ARG B 10 27.20 37.35 -15.39
C ARG B 10 28.54 37.27 -14.66
N MET B 11 29.49 38.12 -15.06
CA MET B 11 30.83 38.00 -14.53
C MET B 11 30.91 38.49 -13.09
N THR B 12 30.15 39.53 -12.75
CA THR B 12 30.28 40.21 -11.48
C THR B 12 28.95 40.20 -10.75
N THR B 13 28.95 39.69 -9.52
CA THR B 13 27.79 39.75 -8.64
C THR B 13 28.23 40.40 -7.34
N ALA B 14 27.62 41.54 -7.01
CA ALA B 14 28.06 42.32 -5.86
C ALA B 14 27.67 41.64 -4.56
N SER B 15 28.60 41.61 -3.62
CA SER B 15 28.30 41.15 -2.28
C SER B 15 27.67 42.28 -1.47
N MET B 16 26.93 41.89 -0.43
CA MET B 16 26.29 42.87 0.43
C MET B 16 27.30 43.71 1.22
N LEU B 17 28.56 43.28 1.29
CA LEU B 17 29.50 43.95 2.18
C LEU B 17 29.87 45.33 1.67
N ARG B 18 30.00 45.49 0.34
CA ARG B 18 30.45 46.74 -0.24
C ARG B 18 29.67 47.93 0.31
N GLU B 19 28.36 47.93 0.10
CA GLU B 19 27.53 49.02 0.59
C GLU B 19 27.38 49.00 2.10
N TRP B 20 27.56 47.84 2.74
CA TRP B 20 27.35 47.75 4.18
C TRP B 20 28.29 48.67 4.94
N ARG B 21 29.58 48.66 4.58
CA ARG B 21 30.54 49.50 5.27
C ARG B 21 30.55 50.93 4.77
N GLU B 22 29.89 51.21 3.64
CA GLU B 22 29.85 52.55 3.09
C GLU B 22 28.57 53.30 3.45
N HIS B 23 27.78 52.78 4.39
CA HIS B 23 26.56 53.47 4.80
C HIS B 23 26.87 54.86 5.33
N GLY B 24 27.88 54.98 6.20
CA GLY B 24 28.21 56.28 6.75
C GLY B 24 28.55 57.30 5.68
N GLY B 25 29.30 56.88 4.66
CA GLY B 25 29.67 57.81 3.60
C GLY B 25 28.52 58.16 2.69
N LYS B 26 27.66 57.19 2.37
CA LYS B 26 26.60 57.41 1.39
C LYS B 26 25.26 57.78 2.02
N TYR B 27 24.93 57.25 3.20
CA TYR B 27 23.71 57.66 3.88
C TYR B 27 23.91 58.96 4.65
N ARG B 28 24.98 59.04 5.42
CA ARG B 28 25.19 60.13 6.36
C ARG B 28 26.25 61.13 5.92
N LEU B 29 26.83 60.94 4.73
CA LEU B 29 27.82 61.87 4.18
C LEU B 29 29.02 62.01 5.12
N GLU B 30 29.53 60.88 5.59
CA GLU B 30 30.65 60.86 6.52
C GLU B 30 31.97 60.75 5.76
N GLY B 31 32.81 61.76 5.91
CA GLY B 31 34.20 61.69 5.51
C GLY B 31 35.07 61.29 6.68
N SER B 32 36.36 61.59 6.56
CA SER B 32 37.32 61.33 7.63
C SER B 32 38.03 62.62 8.01
N GLN B 33 38.29 62.77 9.30
CA GLN B 33 39.07 63.89 9.81
C GLN B 33 40.29 63.36 10.55
N CYS B 34 41.42 64.04 10.37
CA CYS B 34 42.64 63.68 11.06
C CYS B 34 42.68 64.38 12.42
N GLU B 35 43.05 63.63 13.45
CA GLU B 35 42.99 64.14 14.82
C GLU B 35 44.16 65.06 15.12
N GLU B 36 45.35 64.72 14.63
CA GLU B 36 46.55 65.43 15.05
C GLU B 36 46.71 66.77 14.32
N CYS B 37 46.31 66.84 13.06
CA CYS B 37 46.55 68.05 12.26
C CYS B 37 45.28 68.81 11.91
N ASN B 38 44.11 68.26 12.20
CA ASN B 38 42.82 68.93 11.99
C ASN B 38 42.51 69.13 10.51
N GLU B 39 42.76 68.12 9.69
CA GLU B 39 42.41 68.16 8.28
C GLU B 39 41.27 67.18 7.99
N ILE B 40 40.41 67.56 7.06
CA ILE B 40 39.21 66.79 6.74
C ILE B 40 39.27 66.34 5.29
N PHE B 41 38.74 65.14 5.03
CA PHE B 41 38.69 64.58 3.69
C PHE B 41 37.34 63.90 3.48
N PHE B 42 36.97 63.74 2.21
CA PHE B 42 35.85 62.91 1.84
C PHE B 42 36.13 62.43 0.42
N PRO B 43 35.93 61.14 0.12
CA PRO B 43 35.42 60.09 1.01
C PRO B 43 36.37 59.67 2.14
N ARG B 44 35.90 58.76 2.98
CA ARG B 44 36.67 58.30 4.13
C ARG B 44 38.00 57.68 3.69
N ARG B 45 39.00 57.78 4.55
CA ARG B 45 40.33 57.27 4.24
C ARG B 45 40.99 56.74 5.51
N THR B 46 41.95 55.84 5.32
CA THR B 46 42.62 55.22 6.45
C THR B 46 43.81 56.06 6.94
N VAL B 47 44.54 56.65 6.01
CA VAL B 47 45.75 57.41 6.30
C VAL B 47 45.47 58.88 6.04
N CYS B 48 45.85 59.75 6.97
CA CYS B 48 45.81 61.18 6.71
C CYS B 48 46.82 61.55 5.65
N GLY B 49 46.40 62.39 4.70
CA GLY B 49 47.24 62.76 3.58
C GLY B 49 48.32 63.76 3.91
N ALA B 50 47.98 64.78 4.72
CA ALA B 50 48.90 65.89 4.97
C ALA B 50 50.03 65.50 5.91
N CYS B 51 49.73 64.83 7.03
CA CYS B 51 50.74 64.48 8.00
C CYS B 51 51.09 63.00 8.03
N ASN B 52 50.35 62.15 7.31
CA ASN B 52 50.61 60.72 7.19
C ASN B 52 50.46 59.98 8.53
N SER B 53 49.52 60.41 9.35
CA SER B 53 49.25 59.76 10.63
C SER B 53 48.12 58.77 10.48
N LEU B 54 48.25 57.63 11.16
CA LEU B 54 47.22 56.60 11.09
C LEU B 54 45.98 56.97 11.89
N SER B 55 46.08 57.98 12.76
CA SER B 55 44.96 58.34 13.64
C SER B 55 44.00 59.24 12.88
N VAL B 56 42.92 58.65 12.37
CA VAL B 56 41.84 59.39 11.72
C VAL B 56 40.52 58.87 12.25
N LYS B 57 39.54 59.76 12.36
CA LYS B 57 38.23 59.43 12.89
C LYS B 57 37.16 59.86 11.90
N PRO B 58 35.98 59.23 11.96
CA PRO B 58 34.88 59.67 11.08
C PRO B 58 34.49 61.11 11.34
N TYR B 59 33.98 61.76 10.29
CA TYR B 59 33.62 63.17 10.35
C TYR B 59 32.37 63.42 9.51
N ARG B 60 31.36 64.01 10.13
CA ARG B 60 30.09 64.29 9.46
C ARG B 60 30.24 65.57 8.65
N CYS B 61 30.32 65.44 7.32
CA CYS B 61 30.47 66.60 6.46
C CYS B 61 29.27 67.53 6.58
N ALA B 62 29.52 68.82 6.39
CA ALA B 62 28.44 69.78 6.33
C ALA B 62 27.55 69.47 5.12
N ARG B 63 26.24 69.50 5.33
CA ARG B 63 25.28 69.12 4.31
C ARG B 63 24.65 70.31 3.60
N SER B 64 25.14 71.51 3.89
CA SER B 64 24.77 72.69 3.12
C SER B 64 25.98 73.15 2.30
N GLY B 65 25.70 73.87 1.22
CA GLY B 65 26.77 74.37 0.39
C GLY B 65 26.21 75.03 -0.85
N LYS B 66 27.14 75.49 -1.70
CA LYS B 66 26.79 76.16 -2.94
C LYS B 66 27.34 75.36 -4.13
N ILE B 67 26.84 75.69 -5.30
CA ILE B 67 27.28 75.03 -6.53
C ILE B 67 28.56 75.69 -7.02
N GLU B 68 29.65 74.92 -7.03
CA GLU B 68 30.90 75.41 -7.59
C GLU B 68 30.83 75.44 -9.12
N VAL B 69 30.52 74.29 -9.73
CA VAL B 69 30.29 74.21 -11.17
C VAL B 69 29.19 73.20 -11.43
N MET B 70 28.51 73.37 -12.57
CA MET B 70 27.42 72.49 -12.97
C MET B 70 27.43 72.34 -14.48
N ALA B 71 26.96 71.19 -14.95
CA ALA B 71 26.90 70.91 -16.38
C ALA B 71 25.78 69.92 -16.64
N PRO B 72 24.91 70.19 -17.60
CA PRO B 72 23.82 69.25 -17.90
C PRO B 72 24.32 68.06 -18.70
N ALA B 73 23.69 66.92 -18.44
CA ALA B 73 23.98 65.66 -19.14
C ALA B 73 22.72 65.30 -19.94
N GLU B 74 22.68 65.75 -21.20
CA GLU B 74 21.55 65.53 -22.07
C GLU B 74 21.83 64.51 -23.17
N ASN B 75 23.02 63.92 -23.19
CA ASN B 75 23.47 63.08 -24.29
C ASN B 75 22.99 61.65 -24.08
N PRO B 76 22.19 61.08 -24.99
CA PRO B 76 21.67 59.72 -24.77
C PRO B 76 22.69 58.61 -24.94
N ILE B 77 23.77 58.84 -25.69
CA ILE B 77 24.77 57.79 -25.87
C ILE B 77 25.45 57.46 -24.55
N LEU B 78 25.63 58.47 -23.69
CA LEU B 78 26.34 58.31 -22.43
C LEU B 78 25.44 57.91 -21.28
N ALA B 79 24.18 57.58 -21.56
CA ALA B 79 23.27 57.17 -20.48
C ALA B 79 23.69 55.82 -19.91
N ALA B 80 23.88 55.77 -18.60
CA ALA B 80 24.16 54.53 -17.89
C ALA B 80 22.86 53.94 -17.35
N MET B 81 22.82 52.61 -17.25
CA MET B 81 21.61 51.93 -16.83
C MET B 81 21.20 52.36 -15.43
N GLY B 82 19.89 52.49 -15.22
CA GLY B 82 19.35 52.98 -13.98
C GLY B 82 19.13 54.47 -13.94
N TYR B 83 19.68 55.22 -14.91
CA TYR B 83 19.59 56.68 -14.91
C TYR B 83 19.07 57.23 -16.24
N GLY B 84 18.52 56.39 -17.10
CA GLY B 84 18.00 56.85 -18.38
C GLY B 84 16.63 57.50 -18.34
N GLU B 85 15.90 57.36 -17.22
CA GLU B 85 14.54 57.88 -17.15
C GLU B 85 14.49 59.38 -16.95
N THR B 86 15.45 59.95 -16.23
CA THR B 86 15.50 61.39 -15.98
C THR B 86 16.47 62.04 -16.96
N VAL B 87 15.93 62.87 -17.85
CA VAL B 87 16.72 63.63 -18.80
C VAL B 87 16.20 65.06 -18.79
N PRO B 88 17.07 66.07 -18.56
CA PRO B 88 18.49 65.90 -18.32
C PRO B 88 18.86 65.83 -16.83
N ARG B 89 19.93 65.09 -16.52
CA ARG B 89 20.50 65.08 -15.19
C ARG B 89 21.48 66.23 -15.05
N ILE B 90 21.33 67.02 -13.98
CA ILE B 90 22.18 68.19 -13.76
C ILE B 90 23.32 67.74 -12.84
N MET B 91 24.48 67.52 -13.44
CA MET B 91 25.67 67.20 -12.67
C MET B 91 26.31 68.47 -12.12
N ALA B 92 26.93 68.36 -10.95
CA ALA B 92 27.48 69.54 -10.31
C ALA B 92 28.52 69.14 -9.27
N MET B 93 29.45 70.06 -9.04
CA MET B 93 30.40 69.97 -7.93
C MET B 93 29.92 70.92 -6.84
N VAL B 94 29.74 70.39 -5.64
CA VAL B 94 29.17 71.13 -4.51
C VAL B 94 30.29 71.52 -3.55
N ARG B 95 30.52 72.83 -3.41
CA ARG B 95 31.46 73.33 -2.42
C ARG B 95 30.73 73.39 -1.08
N LEU B 96 30.98 72.39 -0.22
CA LEU B 96 30.33 72.32 1.07
C LEU B 96 30.72 73.51 1.95
N ASP B 97 29.98 73.68 3.04
CA ASP B 97 30.26 74.79 3.95
C ASP B 97 31.62 74.64 4.62
N ASP B 98 32.11 73.41 4.78
CA ASP B 98 33.40 73.17 5.40
C ASP B 98 34.55 73.20 4.40
N GLY B 99 34.28 73.54 3.14
CA GLY B 99 35.30 73.65 2.13
C GLY B 99 35.46 72.42 1.26
N LEU B 100 34.97 71.26 1.70
CA LEU B 100 35.05 70.06 0.89
C LEU B 100 34.18 70.21 -0.35
N VAL B 101 34.48 69.41 -1.37
CA VAL B 101 33.75 69.41 -2.63
C VAL B 101 33.21 68.01 -2.88
N ILE B 102 31.92 67.92 -3.17
CA ILE B 102 31.24 66.65 -3.42
C ILE B 102 30.82 66.58 -4.88
N ALA B 103 30.97 65.42 -5.48
CA ALA B 103 30.51 65.17 -6.85
C ALA B 103 29.17 64.45 -6.78
N SER B 104 28.11 65.13 -7.15
CA SER B 104 26.76 64.58 -7.11
C SER B 104 25.94 65.27 -8.19
N GLU B 105 24.62 65.26 -8.03
CA GLU B 105 23.72 65.86 -9.01
C GLU B 105 22.62 66.64 -8.31
N ILE B 106 22.00 67.56 -9.06
CA ILE B 106 20.91 68.39 -8.56
C ILE B 106 19.60 67.88 -9.12
N VAL B 107 18.58 67.81 -8.27
CA VAL B 107 17.26 67.33 -8.64
C VAL B 107 16.21 68.30 -8.12
N ASP B 108 14.97 68.10 -8.57
CA ASP B 108 13.81 68.87 -8.11
C ASP B 108 14.03 70.37 -8.29
N VAL B 109 14.40 70.75 -9.51
CA VAL B 109 14.61 72.16 -9.85
C VAL B 109 13.25 72.71 -10.27
N CYS B 110 12.47 73.15 -9.28
CA CYS B 110 11.14 73.69 -9.58
C CYS B 110 11.24 75.06 -10.26
N ASP B 111 12.24 75.86 -9.91
CA ASP B 111 12.45 77.18 -10.51
C ASP B 111 13.75 77.14 -11.30
N GLN B 112 13.63 77.18 -12.63
CA GLN B 112 14.80 77.06 -13.48
C GLN B 112 15.70 78.29 -13.40
N GLN B 113 15.14 79.45 -13.04
CA GLN B 113 15.96 80.63 -12.86
C GLN B 113 16.84 80.53 -11.63
N GLN B 114 16.41 79.77 -10.62
CA GLN B 114 17.16 79.67 -9.37
C GLN B 114 18.44 78.85 -9.53
N LEU B 115 18.57 78.09 -10.61
CA LEU B 115 19.70 77.18 -10.80
C LEU B 115 20.82 77.94 -11.51
N LYS B 116 21.79 78.41 -10.73
CA LYS B 116 22.94 79.11 -11.28
C LYS B 116 24.15 78.86 -10.38
N VAL B 117 25.30 79.36 -10.83
CA VAL B 117 26.56 79.12 -10.12
C VAL B 117 26.55 79.86 -8.79
N GLY B 118 26.96 79.16 -7.74
CA GLY B 118 26.94 79.72 -6.41
C GLY B 118 25.61 79.61 -5.69
N ALA B 119 24.61 78.96 -6.29
CA ALA B 119 23.32 78.83 -5.64
C ALA B 119 23.42 77.86 -4.46
N PRO B 120 22.70 78.12 -3.37
CA PRO B 120 22.76 77.22 -2.20
C PRO B 120 22.03 75.92 -2.47
N VAL B 121 22.61 74.82 -1.99
CA VAL B 121 22.03 73.49 -2.13
C VAL B 121 22.07 72.78 -0.78
N ARG B 122 21.21 71.78 -0.65
CA ARG B 122 21.06 70.99 0.57
C ARG B 122 21.08 69.52 0.19
N MET B 123 21.78 68.71 0.99
CA MET B 123 21.89 67.29 0.67
C MET B 123 20.60 66.57 0.97
N VAL B 124 20.20 65.69 0.06
CA VAL B 124 19.04 64.83 0.23
C VAL B 124 19.45 63.40 -0.08
N ILE B 125 18.69 62.45 0.47
CA ILE B 125 18.92 61.03 0.24
C ILE B 125 17.92 60.56 -0.81
N ARG B 126 18.43 59.91 -1.86
CA ARG B 126 17.61 59.45 -2.97
C ARG B 126 17.99 58.03 -3.33
N LYS B 127 17.18 57.42 -4.21
CA LYS B 127 17.45 56.08 -4.69
C LYS B 127 18.38 56.12 -5.90
N HIS B 128 19.31 55.19 -5.94
CA HIS B 128 20.24 55.05 -7.05
C HIS B 128 20.03 53.68 -7.72
N VAL B 129 20.94 53.35 -8.64
CA VAL B 129 20.78 52.13 -9.43
C VAL B 129 20.76 50.92 -8.51
N ARG B 130 19.82 50.00 -8.78
CA ARG B 130 19.70 48.80 -7.97
C ARG B 130 21.01 48.01 -7.97
N GLU B 131 21.33 47.42 -6.83
CA GLU B 131 22.58 46.68 -6.70
C GLU B 131 22.53 45.39 -7.50
N SER B 132 23.72 44.82 -7.74
CA SER B 132 23.82 43.55 -8.43
C SER B 132 23.17 42.42 -7.63
N ASN B 133 22.97 42.62 -6.33
CA ASN B 133 22.38 41.62 -5.45
C ASN B 133 20.94 41.96 -5.06
N LEU B 134 20.23 42.67 -5.95
CA LEU B 134 18.79 42.96 -5.84
C LEU B 134 18.45 43.93 -4.72
N ALA B 135 19.42 44.33 -3.90
CA ALA B 135 19.14 45.29 -2.85
C ALA B 135 18.99 46.67 -3.46
N TRP B 136 17.97 47.41 -3.00
CA TRP B 136 17.85 48.80 -3.40
C TRP B 136 19.07 49.57 -2.91
N GLN B 137 19.57 50.47 -3.74
CA GLN B 137 20.71 51.30 -3.37
C GLN B 137 20.24 52.71 -3.08
N TYR B 138 20.63 53.24 -1.92
CA TYR B 138 20.33 54.59 -1.52
C TYR B 138 21.63 55.34 -1.25
N ALA B 139 21.64 56.62 -1.54
CA ALA B 139 22.81 57.47 -1.33
C ALA B 139 22.35 58.92 -1.40
N TYR B 140 23.31 59.84 -1.50
CA TYR B 140 23.01 61.26 -1.42
C TYR B 140 22.78 61.86 -2.80
N LYS B 141 21.93 62.89 -2.83
CA LYS B 141 21.86 63.85 -3.93
C LYS B 141 21.67 65.22 -3.31
N PHE B 142 21.54 66.24 -4.15
CA PHE B 142 21.39 67.60 -3.68
C PHE B 142 20.24 68.29 -4.40
N VAL B 143 19.53 69.16 -3.68
CA VAL B 143 18.46 69.97 -4.22
C VAL B 143 18.73 71.43 -3.85
N LEU B 144 18.09 72.33 -4.59
CA LEU B 144 18.21 73.75 -4.28
C LEU B 144 17.64 74.05 -2.90
N ASP B 145 18.37 74.84 -2.13
CA ASP B 145 17.92 75.23 -0.78
C ASP B 145 17.28 76.61 -0.90
N ILE B 146 16.02 76.61 -1.35
CA ILE B 146 15.30 77.84 -1.60
C ILE B 146 13.97 77.83 -0.85
N ARG C 4 71.64 52.77 -18.77
CA ARG C 4 71.96 53.14 -20.15
C ARG C 4 70.81 53.88 -20.82
N ARG C 5 70.94 54.14 -22.12
CA ARG C 5 69.93 54.86 -22.87
C ARG C 5 69.01 53.90 -23.62
N VAL C 6 67.79 54.35 -23.87
CA VAL C 6 66.78 53.56 -24.57
C VAL C 6 66.37 54.31 -25.82
N ALA C 7 66.24 53.58 -26.93
CA ALA C 7 65.87 54.17 -28.21
C ALA C 7 64.70 53.43 -28.81
N ILE C 8 63.84 54.17 -29.50
CA ILE C 8 62.68 53.60 -30.19
C ILE C 8 63.08 53.34 -31.64
N VAL C 9 63.17 52.06 -32.01
CA VAL C 9 63.55 51.72 -33.38
C VAL C 9 62.37 51.74 -34.34
N SER C 10 61.16 51.45 -33.85
CA SER C 10 59.98 51.47 -34.71
C SER C 10 58.73 51.55 -33.84
N ALA C 11 57.71 52.21 -34.37
CA ALA C 11 56.42 52.32 -33.70
C ALA C 11 55.33 52.35 -34.76
N ALA C 12 54.27 51.57 -34.53
CA ALA C 12 53.16 51.50 -35.48
C ALA C 12 51.89 51.15 -34.73
N TYR C 13 50.76 51.52 -35.31
CA TYR C 13 49.46 51.17 -34.75
C TYR C 13 48.48 50.93 -35.90
N THR C 14 47.43 50.17 -35.59
CA THR C 14 46.39 49.89 -36.56
C THR C 14 45.77 51.20 -37.03
N PRO C 15 45.62 51.42 -38.33
CA PRO C 15 45.14 52.71 -38.82
C PRO C 15 43.69 52.96 -38.43
N LYS C 16 43.26 54.21 -38.66
CA LYS C 16 41.90 54.65 -38.37
C LYS C 16 41.48 54.32 -36.94
N PRO C 17 42.15 54.89 -35.93
CA PRO C 17 41.83 54.53 -34.54
C PRO C 17 40.43 54.95 -34.10
N GLY C 18 39.82 55.93 -34.76
CA GLY C 18 38.47 56.33 -34.42
C GLY C 18 37.38 55.47 -35.02
N SER C 19 37.75 54.48 -35.84
CA SER C 19 36.78 53.59 -36.47
C SER C 19 36.92 52.19 -35.89
N SER C 20 35.80 51.49 -35.79
CA SER C 20 35.76 50.19 -35.14
C SER C 20 36.20 49.08 -36.09
N ARG C 21 36.78 48.04 -35.51
CA ARG C 21 37.26 46.87 -36.24
C ARG C 21 36.52 45.64 -35.72
N VAL C 22 35.25 45.51 -36.11
CA VAL C 22 34.36 44.52 -35.49
C VAL C 22 34.67 43.10 -35.96
N ARG C 23 35.40 42.94 -37.05
CA ARG C 23 35.66 41.61 -37.59
C ARG C 23 36.95 40.98 -37.05
N GLN C 24 37.90 41.80 -36.58
CA GLN C 24 39.09 41.29 -35.95
C GLN C 24 38.81 40.98 -34.48
N THR C 25 39.40 39.90 -33.98
CA THR C 25 39.48 39.73 -32.54
C THR C 25 40.59 40.64 -31.99
N PHE C 26 40.63 40.78 -30.66
CA PHE C 26 41.67 41.63 -30.09
C PHE C 26 43.04 41.00 -30.27
N LYS C 27 43.11 39.67 -30.37
CA LYS C 27 44.37 39.01 -30.68
C LYS C 27 44.86 39.38 -32.07
N GLU C 28 43.96 39.31 -33.06
CA GLU C 28 44.34 39.66 -34.43
C GLU C 28 44.74 41.12 -34.52
N MET C 29 44.03 41.99 -33.79
CA MET C 29 44.35 43.42 -33.80
C MET C 29 45.75 43.67 -33.24
N ILE C 30 46.10 42.98 -32.15
CA ILE C 30 47.41 43.19 -31.52
C ILE C 30 48.52 42.69 -32.43
N VAL C 31 48.32 41.53 -33.07
CA VAL C 31 49.33 40.98 -33.97
C VAL C 31 49.55 41.90 -35.16
N GLU C 32 48.51 42.56 -35.63
CA GLU C 32 48.62 43.41 -36.82
C GLU C 32 49.60 44.56 -36.60
N SER C 33 49.39 45.34 -35.53
CA SER C 33 50.26 46.48 -35.28
C SER C 33 51.67 46.06 -34.87
N ALA C 34 51.77 44.96 -34.12
CA ALA C 34 53.09 44.51 -33.66
C ALA C 34 53.95 44.07 -34.83
N TYR C 35 53.39 43.28 -35.73
CA TYR C 35 54.18 42.77 -36.85
C TYR C 35 54.44 43.83 -37.91
N LYS C 36 53.63 44.89 -37.96
CA LYS C 36 53.96 46.01 -38.82
C LYS C 36 55.16 46.77 -38.27
N ALA C 37 55.25 46.90 -36.95
CA ALA C 37 56.41 47.56 -36.35
C ALA C 37 57.67 46.71 -36.47
N LEU C 38 57.52 45.38 -36.49
CA LEU C 38 58.69 44.52 -36.62
C LEU C 38 59.28 44.59 -38.03
N LYS C 39 58.42 44.58 -39.06
CA LYS C 39 58.89 44.74 -40.42
C LYS C 39 59.58 46.09 -40.61
N ASP C 40 59.07 47.13 -39.96
CA ASP C 40 59.65 48.46 -40.11
C ASP C 40 61.06 48.54 -39.52
N ALA C 41 61.32 47.78 -38.45
CA ALA C 41 62.61 47.85 -37.77
C ALA C 41 63.57 46.75 -38.21
N LYS C 42 63.25 46.02 -39.28
CA LYS C 42 64.08 44.90 -39.75
C LYS C 42 64.35 43.90 -38.63
N MET C 43 63.33 43.67 -37.80
CA MET C 43 63.47 42.85 -36.60
C MET C 43 62.55 41.64 -36.67
N HIS C 44 63.07 40.49 -36.24
CA HIS C 44 62.30 39.27 -36.13
C HIS C 44 61.44 39.29 -34.87
N PRO C 45 60.23 38.72 -34.91
CA PRO C 45 59.40 38.68 -33.69
C PRO C 45 60.05 37.95 -32.52
N ARG C 46 60.89 36.96 -32.79
CA ARG C 46 61.56 36.22 -31.71
C ARG C 46 62.74 36.96 -31.12
N GLU C 47 63.10 38.12 -31.67
CA GLU C 47 64.13 38.95 -31.06
C GLU C 47 63.62 39.67 -29.82
N ILE C 48 62.31 39.65 -29.59
CA ILE C 48 61.72 40.33 -28.44
C ILE C 48 61.87 39.44 -27.20
N GLN C 49 62.40 40.02 -26.13
CA GLN C 49 62.64 39.28 -24.89
C GLN C 49 61.56 39.51 -23.84
N ALA C 50 60.83 40.62 -23.94
CA ALA C 50 59.74 40.91 -23.02
C ALA C 50 58.84 41.94 -23.69
N VAL C 51 57.59 42.00 -23.22
CA VAL C 51 56.59 42.90 -23.78
C VAL C 51 55.75 43.48 -22.64
N ALA C 52 55.34 44.74 -22.82
CA ALA C 52 54.54 45.47 -21.84
C ALA C 52 53.32 46.05 -22.53
N TYR C 53 52.16 45.48 -22.28
CA TYR C 53 50.95 45.89 -22.97
C TYR C 53 49.93 46.44 -21.97
N GLY C 54 49.02 47.25 -22.49
CA GLY C 54 48.05 47.93 -21.64
C GLY C 54 46.66 48.00 -22.23
N TYR C 55 45.65 47.89 -21.38
CA TYR C 55 44.26 48.03 -21.80
C TYR C 55 43.46 48.53 -20.61
N HIS C 56 42.21 48.92 -20.88
CA HIS C 56 41.39 49.54 -19.84
C HIS C 56 41.18 48.61 -18.66
N GLY C 57 40.70 47.40 -18.93
CA GLY C 57 40.45 46.44 -17.88
C GLY C 57 39.75 45.22 -18.43
N GLU C 58 39.72 44.17 -17.61
CA GLU C 58 39.16 42.90 -18.04
C GLU C 58 37.66 42.95 -18.28
N GLY C 59 37.00 44.06 -17.96
CA GLY C 59 35.54 44.14 -18.05
C GLY C 59 34.99 44.29 -19.46
N ILE C 60 35.82 44.59 -20.45
CA ILE C 60 35.33 44.83 -21.81
C ILE C 60 35.15 43.52 -22.56
N SER C 61 36.26 42.85 -22.84
CA SER C 61 36.24 41.57 -23.53
C SER C 61 36.10 40.38 -22.60
N GLU C 62 35.94 40.63 -21.29
CA GLU C 62 35.81 39.58 -20.29
C GLU C 62 37.02 38.65 -20.30
N TYR C 63 38.21 39.23 -20.52
CA TYR C 63 39.48 38.51 -20.52
C TYR C 63 40.37 39.10 -19.45
N GLY C 64 40.76 38.28 -18.48
CA GLY C 64 41.62 38.72 -17.40
C GLY C 64 42.98 38.03 -17.39
N GLY C 65 43.93 38.58 -16.66
CA GLY C 65 45.29 38.08 -16.61
C GLY C 65 45.86 37.87 -18.00
N LEU C 66 45.84 38.94 -18.80
CA LEU C 66 45.98 38.83 -20.24
C LEU C 66 47.43 38.66 -20.71
N GLY C 67 48.39 38.70 -19.80
CA GLY C 67 49.79 38.61 -20.14
C GLY C 67 50.12 37.47 -21.10
N PRO C 68 50.06 36.25 -20.60
CA PRO C 68 50.49 35.09 -21.42
C PRO C 68 49.71 34.95 -22.71
N THR C 69 48.44 35.33 -22.72
CA THR C 69 47.64 35.24 -23.94
C THR C 69 48.25 36.10 -25.06
N ILE C 70 48.78 37.27 -24.70
CA ILE C 70 49.42 38.12 -25.70
C ILE C 70 50.75 37.53 -26.13
N SER C 71 51.52 36.98 -25.18
CA SER C 71 52.78 36.32 -25.54
C SER C 71 52.54 35.17 -26.50
N ASP C 72 51.47 34.40 -26.28
CA ASP C 72 51.13 33.31 -27.20
C ASP C 72 50.55 33.83 -28.50
N ALA C 73 49.73 34.89 -28.42
CA ALA C 73 49.14 35.46 -29.63
C ALA C 73 50.22 35.94 -30.59
N LEU C 74 51.32 36.49 -30.06
CA LEU C 74 52.42 36.99 -30.87
C LEU C 74 53.42 35.91 -31.22
N GLY C 75 53.38 34.76 -30.56
CA GLY C 75 54.31 33.69 -30.85
C GLY C 75 55.70 33.93 -30.32
N ILE C 76 55.83 34.68 -29.21
CA ILE C 76 57.12 34.94 -28.60
C ILE C 76 57.34 34.09 -27.35
N SER C 77 56.41 33.19 -27.04
CA SER C 77 56.49 32.42 -25.80
C SER C 77 57.81 31.65 -25.75
N PRO C 78 58.43 31.52 -24.56
CA PRO C 78 57.90 31.98 -23.27
C PRO C 78 58.29 33.39 -22.84
N ALA C 79 58.50 34.30 -23.78
CA ALA C 79 58.84 35.67 -23.41
C ALA C 79 57.69 36.30 -22.62
N PRO C 80 57.97 36.90 -21.46
CA PRO C 80 56.89 37.35 -20.58
C PRO C 80 56.16 38.57 -21.12
N THR C 81 54.94 38.76 -20.63
CA THR C 81 54.12 39.92 -20.94
C THR C 81 53.72 40.57 -19.63
N PHE C 82 54.11 41.83 -19.45
CA PHE C 82 53.75 42.62 -18.29
C PHE C 82 52.54 43.47 -18.64
N MET C 83 51.43 43.26 -17.92
CA MET C 83 50.20 44.00 -18.18
C MET C 83 50.15 45.26 -17.33
N SER C 84 49.47 46.28 -17.87
CA SER C 84 49.23 47.54 -17.18
C SER C 84 47.82 47.99 -17.47
N THR C 85 47.02 48.21 -16.44
CA THR C 85 45.63 48.64 -16.55
C THR C 85 45.48 50.00 -15.87
N ALA C 86 45.37 51.05 -16.67
CA ALA C 86 45.41 52.40 -16.15
C ALA C 86 44.70 53.38 -17.08
N ASN C 87 43.44 53.09 -17.38
CA ASN C 87 42.58 53.98 -18.16
C ASN C 87 43.16 54.36 -19.53
N THR C 89 45.77 56.04 -20.04
CA THR C 89 47.23 56.04 -19.97
C THR C 89 47.82 54.63 -19.90
N SER C 90 47.00 53.62 -20.23
CA SER C 90 47.48 52.24 -20.18
C SER C 90 48.73 52.05 -21.05
N SER C 91 48.76 52.72 -22.21
CA SER C 91 49.93 52.61 -23.07
C SER C 91 51.06 53.51 -22.62
N SER C 92 50.73 54.73 -22.17
CA SER C 92 51.77 55.61 -21.64
C SER C 92 52.46 54.98 -20.43
N VAL C 93 51.70 54.27 -19.60
CA VAL C 93 52.29 53.60 -18.45
C VAL C 93 53.10 52.39 -18.90
N SER C 94 52.59 51.66 -19.90
CA SER C 94 53.34 50.53 -20.44
C SER C 94 54.64 50.98 -21.10
N PHE C 95 54.65 52.17 -21.69
CA PHE C 95 55.87 52.67 -22.31
C PHE C 95 56.95 52.92 -21.26
N GLN C 96 56.58 53.55 -20.15
CA GLN C 96 57.55 53.75 -19.07
C GLN C 96 57.99 52.43 -18.46
N MET C 97 57.11 51.43 -18.47
CA MET C 97 57.49 50.11 -17.95
C MET C 97 58.59 49.48 -18.79
N GLY C 98 58.40 49.49 -20.12
CA GLY C 98 59.43 48.95 -21.00
C GLY C 98 60.73 49.73 -20.92
N HIS C 99 60.64 51.05 -20.81
CA HIS C 99 61.83 51.88 -20.62
C HIS C 99 62.61 51.44 -19.38
N GLN C 100 61.90 51.03 -18.33
CA GLN C 100 62.57 50.58 -17.12
C GLN C 100 63.17 49.19 -17.29
N MET C 101 62.51 48.32 -18.07
CA MET C 101 63.06 47.00 -18.32
C MET C 101 64.36 47.07 -19.11
N VAL C 102 64.42 47.93 -20.13
CA VAL C 102 65.61 48.03 -20.96
C VAL C 102 66.73 48.74 -20.20
N ALA C 103 66.40 49.81 -19.48
CA ALA C 103 67.42 50.56 -18.75
C ALA C 103 67.97 49.77 -17.57
N SER C 104 67.16 48.86 -17.01
CA SER C 104 67.65 48.03 -15.91
C SER C 104 68.64 46.98 -16.38
N GLY C 105 68.68 46.69 -17.69
CA GLY C 105 69.60 45.72 -18.23
C GLY C 105 69.10 44.30 -18.23
N GLU C 106 67.90 44.04 -17.67
CA GLU C 106 67.40 42.67 -17.62
C GLU C 106 66.93 42.20 -18.99
N TYR C 107 66.41 43.10 -19.82
CA TYR C 107 66.00 42.78 -21.18
C TYR C 107 66.60 43.80 -22.14
N ASP C 108 67.09 43.31 -23.28
CA ASP C 108 67.72 44.17 -24.26
C ASP C 108 66.75 44.70 -25.30
N ILE C 109 65.75 43.92 -25.68
CA ILE C 109 64.76 44.31 -26.68
C ILE C 109 63.37 44.13 -26.07
N VAL C 110 62.55 45.18 -26.13
CA VAL C 110 61.23 45.18 -25.51
C VAL C 110 60.24 45.85 -26.45
N LEU C 111 59.10 45.22 -26.64
CA LEU C 111 57.96 45.84 -27.30
C LEU C 111 56.99 46.32 -26.23
N CYS C 112 56.40 47.49 -26.45
CA CYS C 112 55.45 48.04 -25.48
C CYS C 112 54.35 48.76 -26.24
N GLY C 113 53.10 48.46 -25.88
CA GLY C 113 51.98 49.06 -26.54
C GLY C 113 50.70 48.92 -25.74
N GLY C 114 49.58 49.12 -26.43
CA GLY C 114 48.26 49.04 -25.82
C GLY C 114 47.21 48.77 -26.87
N PHE C 115 46.00 48.47 -26.39
CA PHE C 115 44.88 48.21 -27.29
C PHE C 115 43.59 48.47 -26.54
N GLU C 116 42.53 48.72 -27.30
CA GLU C 116 41.19 48.84 -26.74
C GLU C 116 40.20 48.26 -27.72
N LYS C 117 39.48 47.23 -27.29
CA LYS C 117 38.55 46.49 -28.13
C LYS C 117 37.14 46.73 -27.63
N MET C 118 36.63 47.93 -27.87
CA MET C 118 35.42 48.38 -27.20
C MET C 118 34.15 47.72 -27.74
N THR C 119 34.18 47.17 -28.96
CA THR C 119 32.96 46.55 -29.48
C THR C 119 32.67 45.18 -28.88
N ASP C 120 33.59 44.61 -28.10
CA ASP C 120 33.28 43.39 -27.38
C ASP C 120 32.30 43.62 -26.25
N HIS C 121 32.08 44.86 -25.84
CA HIS C 121 31.09 45.21 -24.85
C HIS C 121 29.88 45.83 -25.54
N PHE C 122 28.68 45.47 -25.06
CA PHE C 122 27.45 45.95 -25.66
C PHE C 122 27.37 47.47 -25.59
N ASN C 123 27.62 48.04 -24.41
CA ASN C 123 27.65 49.49 -24.19
C ASN C 123 28.93 49.81 -23.43
N TYR C 124 30.01 50.03 -24.17
CA TYR C 124 31.30 50.32 -23.55
C TYR C 124 31.31 51.66 -22.83
N ALA C 125 30.40 52.58 -23.19
CA ALA C 125 30.42 53.91 -22.60
C ALA C 125 30.05 53.87 -21.12
N GLU C 126 29.07 53.05 -20.75
CA GLU C 126 28.66 52.97 -19.35
C GLU C 126 29.62 52.15 -18.51
N TYR C 127 30.45 51.30 -19.15
CA TYR C 127 31.46 50.56 -18.40
C TYR C 127 32.60 51.46 -17.96
N ILE C 128 32.85 52.57 -18.66
CA ILE C 128 34.07 53.36 -18.46
C ILE C 128 34.24 53.78 -17.01
N GLY C 129 33.14 54.15 -16.34
CA GLY C 129 33.18 54.53 -14.94
C GLY C 129 33.76 53.49 -14.02
N SER C 130 33.94 52.24 -14.48
CA SER C 130 34.51 51.19 -13.64
C SER C 130 35.90 51.53 -13.13
N SER C 131 36.59 52.47 -13.76
CA SER C 131 37.94 52.85 -13.38
C SER C 131 37.93 54.21 -12.72
N THR C 132 37.29 54.29 -11.55
CA THR C 132 37.24 55.53 -10.77
C THR C 132 37.10 55.15 -9.30
N GLU C 133 36.57 56.07 -8.50
CA GLU C 133 36.26 55.81 -7.09
C GLU C 133 34.83 55.24 -6.98
N CYS C 134 34.65 54.12 -7.67
CA CYS C 134 33.35 53.57 -8.06
C CYS C 134 32.24 53.72 -7.03
N GLU C 135 32.56 53.51 -5.74
CA GLU C 135 31.53 53.56 -4.72
C GLU C 135 30.85 54.92 -4.64
N TYR C 136 31.58 56.00 -4.96
CA TYR C 136 31.05 57.35 -4.76
C TYR C 136 30.90 58.12 -6.07
N ASP C 137 30.93 57.44 -7.22
CA ASP C 137 30.62 58.12 -8.48
C ASP C 137 30.11 57.14 -9.53
N TYR C 138 30.84 56.05 -9.80
CA TYR C 138 30.38 55.08 -10.78
C TYR C 138 29.06 54.46 -10.36
N PHE C 139 28.99 53.93 -9.14
CA PHE C 139 27.74 53.38 -8.63
C PHE C 139 26.72 54.46 -8.29
N LEU C 140 27.09 55.73 -8.36
CA LEU C 140 26.15 56.84 -8.18
C LEU C 140 25.70 57.43 -9.50
N GLY C 141 26.21 56.92 -10.63
CA GLY C 141 25.85 57.46 -11.93
C GLY C 141 26.69 58.63 -12.38
N ILE C 142 27.96 58.68 -12.01
CA ILE C 142 28.87 59.76 -12.39
C ILE C 142 29.91 59.18 -13.34
N SER C 143 29.96 59.71 -14.56
CA SER C 143 30.88 59.24 -15.58
C SER C 143 32.12 60.14 -15.64
N HIS C 144 33.17 59.61 -16.27
CA HIS C 144 34.35 60.42 -16.52
C HIS C 144 34.03 61.60 -17.45
N THR C 145 33.07 61.41 -18.35
CA THR C 145 32.71 62.48 -19.27
C THR C 145 32.09 63.67 -18.54
N ASP C 146 31.39 63.41 -17.43
CA ASP C 146 30.87 64.52 -16.63
C ASP C 146 31.99 65.43 -16.15
N ALA C 147 33.11 64.84 -15.75
CA ALA C 147 34.24 65.63 -15.28
C ALA C 147 34.76 66.55 -16.37
N PHE C 148 35.04 66.00 -17.55
CA PHE C 148 35.53 66.82 -18.65
C PHE C 148 34.52 67.89 -19.05
N ALA C 149 33.22 67.61 -18.88
CA ALA C 149 32.21 68.65 -19.12
C ALA C 149 32.24 69.69 -18.01
N LEU C 150 32.38 69.26 -16.75
CA LEU C 150 32.49 70.21 -15.64
C LEU C 150 33.81 70.96 -15.70
N ALA C 151 34.90 70.27 -16.05
CA ALA C 151 36.19 70.92 -16.14
C ALA C 151 36.20 72.03 -17.18
N THR C 152 35.65 71.74 -18.36
CA THR C 152 35.56 72.75 -19.41
C THR C 152 34.71 73.93 -18.95
N ALA C 153 33.62 73.65 -18.23
CA ALA C 153 32.75 74.72 -17.75
C ALA C 153 33.47 75.58 -16.72
N GLU C 154 34.25 74.97 -15.84
CA GLU C 154 34.97 75.75 -14.83
C GLU C 154 36.07 76.60 -15.45
N TYR C 155 36.78 76.03 -16.43
CA TYR C 155 37.89 76.76 -17.03
C TYR C 155 37.41 78.03 -17.71
N PHE C 156 36.31 77.94 -18.46
CA PHE C 156 35.79 79.11 -19.16
C PHE C 156 35.16 80.10 -18.20
N GLN C 157 34.53 79.60 -17.14
CA GLN C 157 33.77 80.46 -16.25
C GLN C 157 34.69 81.31 -15.37
N LYS C 158 35.80 80.73 -14.90
CA LYS C 158 36.68 81.46 -13.99
C LYS C 158 37.77 82.25 -14.70
N PHE C 159 37.95 82.06 -16.01
CA PHE C 159 39.00 82.74 -16.76
C PHE C 159 38.43 83.74 -17.77
N GLY C 160 37.21 84.20 -17.55
CA GLY C 160 36.66 85.29 -18.35
C GLY C 160 36.57 85.01 -19.84
N TYR C 161 36.26 83.78 -20.21
CA TYR C 161 36.08 83.42 -21.61
C TYR C 161 34.61 83.41 -22.03
N ALA C 162 33.74 84.02 -21.23
CA ALA C 162 32.31 84.01 -21.53
C ALA C 162 32.03 84.68 -22.88
N GLY C 163 31.15 84.07 -23.67
CA GLY C 163 30.84 84.52 -25.00
C GLY C 163 31.75 83.98 -26.09
N ARG C 164 32.93 83.47 -25.71
CA ARG C 164 33.90 82.94 -26.67
C ARG C 164 34.07 81.44 -26.54
N GLU C 165 33.28 80.78 -25.69
CA GLU C 165 33.48 79.35 -25.41
C GLU C 165 33.30 78.53 -26.69
N ALA C 166 32.19 78.74 -27.40
CA ALA C 166 31.95 77.98 -28.63
C ALA C 166 33.04 78.26 -29.66
N ASP C 167 33.47 79.52 -29.77
CA ASP C 167 34.53 79.86 -30.72
C ASP C 167 35.84 79.18 -30.35
N VAL C 168 36.16 79.14 -29.06
CA VAL C 168 37.39 78.46 -28.63
C VAL C 168 37.30 76.97 -28.90
N LEU C 169 36.16 76.37 -28.56
CA LEU C 169 35.96 74.93 -28.77
C LEU C 169 35.98 74.60 -30.26
N ALA C 170 35.30 75.40 -31.08
CA ALA C 170 35.28 75.14 -32.51
C ALA C 170 36.65 75.37 -33.14
N THR C 171 37.35 76.43 -32.73
CA THR C 171 38.68 76.69 -33.28
C THR C 171 39.64 75.56 -32.95
N PHE C 172 39.57 75.03 -31.72
CA PHE C 172 40.38 73.88 -31.38
C PHE C 172 39.94 72.65 -32.18
N GLY C 173 38.63 72.39 -32.21
CA GLY C 173 38.14 71.24 -32.94
C GLY C 173 38.39 71.34 -34.43
N ARG C 174 38.29 72.55 -34.98
CA ARG C 174 38.56 72.74 -36.40
C ARG C 174 40.03 72.47 -36.73
N GLN C 175 40.94 72.79 -35.82
CA GLN C 175 42.35 72.56 -36.07
C GLN C 175 42.67 71.07 -36.13
N MET C 176 41.99 70.26 -35.32
CA MET C 176 42.22 68.82 -35.36
C MET C 176 41.83 68.22 -36.70
N ARG C 177 40.73 68.72 -37.29
CA ARG C 177 40.32 68.24 -38.60
C ARG C 177 41.35 68.63 -39.67
N ILE C 178 41.95 69.82 -39.54
CA ILE C 178 42.94 70.25 -40.51
C ILE C 178 44.21 69.41 -40.41
N TYR C 179 44.64 69.11 -39.18
CA TYR C 179 45.81 68.25 -39.01
C TYR C 179 45.55 66.84 -39.53
N ALA C 180 44.38 66.29 -39.19
CA ALA C 180 44.06 64.91 -39.55
C ALA C 180 43.71 64.73 -41.02
N GLN C 181 43.32 65.81 -41.71
CA GLN C 181 42.80 65.67 -43.06
C GLN C 181 43.83 65.05 -44.00
N ASN C 182 45.11 65.35 -43.80
CA ASN C 182 46.16 64.84 -44.65
C ASN C 182 46.95 63.71 -44.00
N THR C 183 46.51 63.22 -42.85
CA THR C 183 47.19 62.12 -42.19
C THR C 183 46.49 60.82 -42.54
N PRO C 184 47.15 59.88 -43.22
CA PRO C 184 46.44 58.68 -43.68
C PRO C 184 45.94 57.78 -42.56
N THR C 185 46.68 57.68 -41.46
CA THR C 185 46.23 56.86 -40.33
C THR C 185 45.11 57.51 -39.54
N ALA C 186 44.87 58.81 -39.74
CA ALA C 186 43.80 59.49 -39.02
C ALA C 186 42.43 59.03 -39.54
N THR C 187 41.45 59.01 -38.63
CA THR C 187 40.11 58.58 -39.01
C THR C 187 39.41 59.60 -39.89
N ARG C 188 39.52 60.89 -39.55
CA ARG C 188 38.92 61.94 -40.37
C ARG C 188 39.85 62.32 -41.52
N TYR C 189 40.58 61.34 -42.05
CA TYR C 189 41.45 61.59 -43.19
C TYR C 189 40.61 61.83 -44.44
N GLY C 190 40.95 62.89 -45.18
CA GLY C 190 40.27 63.17 -46.43
C GLY C 190 38.89 63.76 -46.29
N GLN C 191 38.39 63.95 -45.08
CA GLN C 191 37.09 64.57 -44.91
C GLN C 191 37.18 66.07 -45.18
N PRO C 192 36.10 66.69 -45.64
CA PRO C 192 36.10 68.14 -45.84
C PRO C 192 36.21 68.88 -44.51
N ILE C 193 36.73 70.10 -44.58
CA ILE C 193 36.93 70.94 -43.40
C ILE C 193 35.64 71.73 -43.17
N PRO C 194 34.91 71.49 -42.09
CA PRO C 194 33.69 72.27 -41.84
C PRO C 194 34.03 73.73 -41.56
N SER C 195 33.06 74.59 -41.82
CA SER C 195 33.23 76.00 -41.48
C SER C 195 33.21 76.17 -39.96
N LEU C 196 33.73 77.31 -39.51
CA LEU C 196 33.80 77.56 -38.07
C LEU C 196 32.41 77.70 -37.47
N GLU C 197 31.50 78.37 -38.18
CA GLU C 197 30.13 78.49 -37.69
C GLU C 197 29.42 77.14 -37.67
N VAL C 198 29.71 76.28 -38.66
CA VAL C 198 29.11 74.95 -38.69
C VAL C 198 29.54 74.14 -37.46
N LEU C 199 30.83 74.21 -37.12
CA LEU C 199 31.32 73.44 -35.98
C LEU C 199 30.78 73.98 -34.67
N LYS C 200 30.51 75.29 -34.60
CA LYS C 200 29.89 75.84 -33.39
C LYS C 200 28.47 75.29 -33.20
N ASN C 201 27.77 75.00 -34.29
CA ASN C 201 26.44 74.39 -34.20
C ASN C 201 26.50 72.89 -33.98
N SER C 202 27.65 72.27 -34.16
CA SER C 202 27.77 70.82 -34.01
C SER C 202 27.71 70.44 -32.54
N GLU C 203 27.73 69.13 -32.29
CA GLU C 203 27.70 68.61 -30.93
C GLU C 203 29.00 68.91 -30.21
N ALA C 204 28.90 69.33 -28.95
CA ALA C 204 30.04 69.72 -28.11
C ALA C 204 30.88 70.81 -28.76
N CYS C 205 30.28 71.61 -29.64
CA CYS C 205 30.98 72.66 -30.39
C CYS C 205 32.17 72.11 -31.17
N GLY C 206 32.08 70.87 -31.62
CA GLY C 206 33.10 70.29 -32.48
C GLY C 206 34.26 69.62 -31.79
N SER C 207 34.22 69.47 -30.47
CA SER C 207 35.33 68.91 -29.71
C SER C 207 35.07 67.48 -29.25
N MET C 208 34.01 66.85 -29.73
CA MET C 208 33.76 65.47 -29.35
C MET C 208 34.77 64.56 -30.02
N LEU C 209 35.33 63.63 -29.25
CA LEU C 209 36.33 62.73 -29.80
C LEU C 209 35.68 61.64 -30.66
N ALA C 210 36.53 60.84 -31.29
CA ALA C 210 36.11 59.75 -32.16
C ALA C 210 36.32 58.43 -31.43
N TRP C 211 35.22 57.78 -31.03
CA TRP C 211 35.28 56.49 -30.37
C TRP C 211 35.58 55.40 -31.39
N GLY C 212 36.63 54.64 -31.16
CA GLY C 212 36.97 53.57 -32.06
C GLY C 212 37.77 52.48 -31.37
N GLU C 213 38.41 51.65 -32.19
CA GLU C 213 39.28 50.60 -31.70
C GLU C 213 40.63 50.68 -32.41
N ALA C 214 41.68 50.35 -31.69
CA ALA C 214 43.01 50.31 -32.27
C ALA C 214 43.95 49.55 -31.35
N SER C 215 45.00 49.00 -31.95
CA SER C 215 46.11 48.43 -31.21
C SER C 215 47.39 49.10 -31.70
N GLY C 216 48.28 49.42 -30.76
CA GLY C 216 49.53 50.06 -31.11
C GLY C 216 50.66 49.51 -30.27
N CYS C 217 51.89 49.83 -30.70
CA CYS C 217 53.07 49.37 -29.99
C CYS C 217 54.29 50.12 -30.51
N ALA C 218 55.30 50.20 -29.65
CA ALA C 218 56.60 50.74 -30.00
C ALA C 218 57.67 49.80 -29.49
N ILE C 219 58.75 49.64 -30.26
CA ILE C 219 59.82 48.71 -29.93
C ILE C 219 60.96 49.51 -29.32
N LEU C 220 61.30 49.18 -28.07
CA LEU C 220 62.42 49.81 -27.38
C LEU C 220 63.63 48.87 -27.40
N VAL C 221 64.79 49.43 -27.69
CA VAL C 221 66.05 48.68 -27.72
C VAL C 221 67.12 49.51 -27.00
N ALA C 222 68.11 48.82 -26.45
CA ALA C 222 69.25 49.50 -25.83
C ALA C 222 69.96 50.39 -26.85
N GLU C 223 70.65 51.41 -26.34
CA GLU C 223 71.26 52.41 -27.22
C GLU C 223 72.28 51.78 -28.17
N HIS C 224 73.09 50.85 -27.68
CA HIS C 224 74.14 50.28 -28.50
C HIS C 224 73.60 49.35 -29.57
N LEU C 225 72.46 48.71 -29.32
CA LEU C 225 71.88 47.78 -30.28
C LEU C 225 71.03 48.45 -31.35
N ALA C 226 70.65 49.71 -31.16
CA ALA C 226 69.68 50.36 -32.03
C ALA C 226 70.19 50.56 -33.46
N HIS C 227 71.50 50.52 -33.66
CA HIS C 227 72.04 50.81 -34.99
C HIS C 227 71.65 49.72 -36.00
N LYS C 228 71.46 48.48 -35.54
CA LYS C 228 71.12 47.40 -36.46
C LYS C 228 69.75 47.63 -37.10
N TYR C 229 68.80 48.16 -36.34
CA TYR C 229 67.40 48.12 -36.71
C TYR C 229 66.89 49.40 -37.34
N THR C 230 67.49 50.55 -37.04
CA THR C 230 67.09 51.79 -37.68
C THR C 230 68.29 52.71 -37.76
N ASP C 231 68.29 53.56 -38.79
CA ASP C 231 69.39 54.52 -38.99
C ASP C 231 69.20 55.76 -38.14
N LYS C 232 67.95 56.21 -37.98
CA LYS C 232 67.61 57.40 -37.21
C LYS C 232 66.74 57.00 -36.04
N PRO C 233 67.32 56.65 -34.89
CA PRO C 233 66.51 56.28 -33.73
C PRO C 233 66.11 57.51 -32.93
N VAL C 234 65.05 57.33 -32.14
CA VAL C 234 64.55 58.37 -31.24
C VAL C 234 64.80 57.93 -29.80
N PHE C 235 65.46 58.78 -29.03
CA PHE C 235 65.81 58.49 -27.65
C PHE C 235 64.79 59.11 -26.69
N VAL C 236 64.77 58.60 -25.46
CA VAL C 236 63.84 59.04 -24.44
C VAL C 236 64.62 59.87 -23.43
N ARG C 237 64.41 61.19 -23.45
CA ARG C 237 65.09 62.07 -22.50
C ARG C 237 64.66 61.77 -21.08
N GLY C 238 63.36 61.71 -20.84
CA GLY C 238 62.85 61.40 -19.51
C GLY C 238 61.35 61.26 -19.54
N CYS C 239 60.83 60.58 -18.51
CA CYS C 239 59.40 60.32 -18.41
C CYS C 239 58.99 60.40 -16.94
N ALA C 240 57.72 60.73 -16.72
CA ALA C 240 57.16 60.81 -15.38
C ALA C 240 55.76 60.23 -15.36
N TYR C 241 55.38 59.68 -14.22
CA TYR C 241 54.06 59.10 -14.00
C TYR C 241 53.63 59.46 -12.59
N THR C 242 52.41 59.99 -12.45
CA THR C 242 51.92 60.45 -11.16
C THR C 242 50.49 60.00 -10.96
N GLY C 243 50.15 59.71 -9.70
CA GLY C 243 48.83 59.19 -9.36
C GLY C 243 48.15 59.90 -8.20
N VAL C 244 46.91 60.33 -8.42
CA VAL C 244 46.12 61.04 -7.42
C VAL C 244 44.70 60.49 -7.44
N SER C 245 44.00 60.63 -6.31
CA SER C 245 42.68 60.05 -6.10
C SER C 245 41.76 60.25 -7.30
N HIS C 246 41.06 59.17 -7.68
CA HIS C 246 40.13 59.22 -8.79
C HIS C 246 38.95 60.14 -8.54
N TYR C 247 38.62 60.41 -7.28
CA TYR C 247 37.43 61.19 -6.97
C TYR C 247 37.58 62.62 -7.45
N PHE C 248 36.58 63.08 -8.21
CA PHE C 248 36.64 64.41 -8.81
C PHE C 248 36.58 65.53 -7.77
N GLY C 249 36.10 65.23 -6.56
CA GLY C 249 35.99 66.26 -5.55
C GLY C 249 37.31 66.65 -4.93
N THR C 250 38.27 65.71 -4.90
CA THR C 250 39.55 65.97 -4.26
C THR C 250 40.46 66.87 -5.09
N ARG C 251 40.04 67.30 -6.28
CA ARG C 251 40.88 68.20 -7.08
C ARG C 251 41.05 69.54 -6.39
N PHE C 252 39.98 70.05 -5.77
CA PHE C 252 40.01 71.36 -5.14
C PHE C 252 40.69 71.32 -3.78
N HIS C 253 40.63 70.18 -3.10
CA HIS C 253 41.15 70.02 -1.73
C HIS C 253 41.90 68.68 -1.70
N ASN C 254 43.22 68.73 -1.88
CA ASN C 254 44.03 67.53 -2.06
C ASN C 254 45.22 67.55 -1.11
N PRO C 255 44.98 67.38 0.19
CA PRO C 255 46.09 67.39 1.15
C PRO C 255 47.01 66.17 1.03
N THR C 256 46.59 65.12 0.34
CA THR C 256 47.47 63.98 0.13
C THR C 256 48.56 64.30 -0.89
N LEU C 257 48.22 65.06 -1.92
CA LEU C 257 49.20 65.43 -2.94
C LEU C 257 50.24 66.36 -2.35
N HIS C 258 51.47 65.90 -2.27
CA HIS C 258 52.59 66.67 -1.71
C HIS C 258 53.53 67.05 -2.86
N HIS C 259 53.41 68.30 -3.32
CA HIS C 259 54.29 68.82 -4.36
C HIS C 259 54.48 70.31 -4.10
N PRO C 260 55.71 70.82 -4.17
CA PRO C 260 55.94 72.24 -3.90
C PRO C 260 55.57 73.11 -5.07
N GLY C 261 55.21 74.36 -4.77
CA GLY C 261 54.92 75.32 -5.79
C GLY C 261 53.58 75.19 -6.48
N LEU C 262 52.65 74.45 -5.90
CA LEU C 262 51.34 74.30 -6.51
C LEU C 262 50.54 75.59 -6.37
N PRO C 263 49.68 75.91 -7.33
CA PRO C 263 48.92 77.15 -7.25
C PRO C 263 47.91 77.13 -6.11
N LYS C 264 47.53 78.34 -5.68
CA LYS C 264 46.60 78.49 -4.57
C LYS C 264 45.18 78.13 -4.97
N ASP C 265 44.80 78.38 -6.23
CA ASP C 265 43.43 78.23 -6.71
C ASP C 265 43.21 76.93 -7.47
N VAL C 266 43.85 75.84 -7.06
CA VAL C 266 43.74 74.58 -7.81
C VAL C 266 42.29 74.12 -7.83
N GLY C 267 41.82 73.77 -9.02
CA GLY C 267 40.52 73.17 -9.20
C GLY C 267 40.54 72.26 -10.41
N MET C 268 39.39 72.01 -11.03
CA MET C 268 39.39 71.24 -12.26
C MET C 268 40.00 72.02 -13.41
N ALA C 269 39.93 73.36 -13.37
CA ALA C 269 40.54 74.19 -14.40
C ALA C 269 42.06 74.22 -14.29
N VAL C 270 42.61 73.92 -13.12
CA VAL C 270 44.05 73.94 -12.89
C VAL C 270 44.41 72.58 -12.30
N SER C 271 44.81 71.65 -13.17
CA SER C 271 45.08 70.28 -12.74
C SER C 271 46.33 70.25 -11.86
N ALA C 272 46.13 70.03 -10.56
CA ALA C 272 47.28 70.00 -9.65
C ALA C 272 48.19 68.82 -9.96
N ASN C 273 47.62 67.70 -10.38
CA ASN C 273 48.44 66.52 -10.69
C ASN C 273 49.21 66.72 -11.99
N SER C 274 48.59 67.36 -12.98
CA SER C 274 49.25 67.53 -14.28
C SER C 274 50.40 68.52 -14.17
N ILE C 275 50.27 69.54 -13.33
CA ILE C 275 51.39 70.46 -13.10
C ILE C 275 52.56 69.72 -12.49
N ALA C 276 52.31 68.95 -11.43
CA ALA C 276 53.37 68.21 -10.77
C ALA C 276 54.04 67.23 -11.72
N CYS C 277 53.23 66.50 -12.49
CA CYS C 277 53.77 65.49 -13.39
C CYS C 277 54.64 66.12 -14.47
N ALA C 278 54.22 67.26 -15.02
CA ALA C 278 55.00 67.91 -16.06
C ALA C 278 56.34 68.40 -15.52
N GLU C 279 56.36 68.88 -14.28
CA GLU C 279 57.59 69.42 -13.72
C GLU C 279 58.58 68.32 -13.38
N ILE C 280 58.10 67.17 -12.93
CA ILE C 280 58.98 66.06 -12.59
C ILE C 280 59.66 65.53 -13.85
N ALA C 281 58.91 65.38 -14.94
CA ALA C 281 59.49 64.87 -16.18
C ALA C 281 60.50 65.85 -16.77
N TYR C 282 60.20 67.15 -16.71
CA TYR C 282 61.13 68.14 -17.23
C TYR C 282 62.47 68.10 -16.51
N LYS C 283 62.45 67.88 -15.19
CA LYS C 283 63.69 67.77 -14.45
C LYS C 283 64.40 66.45 -14.75
N LYS C 284 63.63 65.36 -14.85
CA LYS C 284 64.22 64.07 -15.24
C LYS C 284 64.83 64.15 -16.63
N ALA C 285 64.15 64.83 -17.56
CA ALA C 285 64.63 64.94 -18.93
C ALA C 285 65.65 66.03 -19.13
N GLY C 286 65.86 66.90 -18.13
CA GLY C 286 66.79 67.99 -18.27
C GLY C 286 66.38 69.03 -19.29
N ILE C 287 65.08 69.28 -19.43
CA ILE C 287 64.57 70.30 -20.34
C ILE C 287 63.55 71.16 -19.60
N THR C 288 63.35 72.37 -20.13
CA THR C 288 62.32 73.26 -19.63
C THR C 288 61.15 73.27 -20.60
N ALA C 289 60.09 74.00 -20.24
CA ALA C 289 58.89 74.05 -21.06
C ALA C 289 59.19 74.65 -22.44
N LYS C 290 60.02 75.71 -22.47
CA LYS C 290 60.31 76.39 -23.72
C LYS C 290 61.15 75.54 -24.67
N ASP C 291 61.64 74.39 -24.23
CA ASP C 291 62.42 73.50 -25.09
C ASP C 291 61.55 72.66 -26.01
N ILE C 292 60.23 72.61 -25.78
CA ILE C 292 59.36 71.75 -26.57
C ILE C 292 59.19 72.33 -27.97
N ASP C 293 59.47 71.51 -28.99
CA ASP C 293 59.25 71.90 -30.38
C ASP C 293 57.92 71.42 -30.92
N VAL C 294 57.36 70.33 -30.37
CA VAL C 294 56.05 69.84 -30.77
C VAL C 294 55.56 68.93 -29.64
N ALA C 295 54.25 68.88 -29.45
CA ALA C 295 53.68 68.18 -28.31
C ALA C 295 52.39 67.49 -28.73
N GLN C 296 51.93 66.59 -27.85
CA GLN C 296 50.73 65.77 -28.06
C GLN C 296 49.99 65.66 -26.74
N VAL C 297 48.70 66.02 -26.74
CA VAL C 297 47.90 66.06 -25.52
C VAL C 297 46.64 65.24 -25.71
N TYR C 298 46.03 64.86 -24.58
CA TYR C 298 44.72 64.21 -24.59
C TYR C 298 43.66 65.30 -24.78
N ASP C 299 43.05 65.32 -25.95
CA ASP C 299 42.07 66.34 -26.31
C ASP C 299 40.67 65.77 -26.19
N LEU C 300 39.83 66.45 -25.39
CA LEU C 300 38.41 66.10 -25.23
C LEU C 300 37.70 67.26 -24.54
N LEU C 301 36.76 67.90 -25.25
CA LEU C 301 36.09 69.16 -24.84
C LEU C 301 37.20 70.19 -24.57
N GLY C 302 37.18 70.92 -23.45
CA GLY C 302 38.25 71.84 -23.11
C GLY C 302 39.44 71.25 -22.37
N ALA C 303 39.50 69.93 -22.23
CA ALA C 303 40.62 69.31 -21.54
C ALA C 303 41.94 69.61 -22.23
N GLY C 304 41.92 69.82 -23.54
CA GLY C 304 43.13 70.18 -24.25
C GLY C 304 43.72 71.49 -23.76
N LEU C 305 42.86 72.49 -23.52
CA LEU C 305 43.33 73.79 -23.06
C LEU C 305 44.00 73.69 -21.70
N ILE C 306 43.37 72.98 -20.77
CA ILE C 306 43.92 72.87 -19.42
C ILE C 306 45.29 72.22 -19.44
N GLN C 307 45.47 71.21 -20.29
CA GLN C 307 46.74 70.50 -20.32
C GLN C 307 47.86 71.38 -20.86
N MET C 308 47.56 72.24 -21.84
CA MET C 308 48.56 73.16 -22.36
C MET C 308 49.13 74.04 -21.25
N GLU C 309 48.27 74.44 -20.30
CA GLU C 309 48.73 75.31 -19.23
C GLU C 309 49.55 74.55 -18.20
N SER C 310 49.06 73.37 -17.79
CA SER C 310 49.83 72.53 -16.87
C SER C 310 51.16 72.10 -17.47
N MET C 311 51.23 72.00 -18.79
CA MET C 311 52.45 71.64 -19.49
C MET C 311 53.45 72.78 -19.56
N GLY C 312 53.06 74.00 -19.22
CA GLY C 312 53.92 75.15 -19.33
C GLY C 312 53.91 75.84 -20.67
N ILE C 313 53.00 75.47 -21.59
CA ILE C 313 52.95 76.09 -22.90
C ILE C 313 52.38 77.50 -22.79
N CYS C 314 51.39 77.69 -21.92
CA CYS C 314 50.76 78.99 -21.74
C CYS C 314 50.60 79.28 -20.25
N GLY C 315 50.41 80.56 -19.94
CA GLY C 315 50.12 80.95 -18.59
C GLY C 315 48.74 80.51 -18.16
N LYS C 316 48.48 80.65 -16.86
CA LYS C 316 47.20 80.23 -16.29
C LYS C 316 46.06 81.06 -16.91
N GLY C 317 45.17 80.38 -17.62
CA GLY C 317 44.05 81.02 -18.28
C GLY C 317 44.29 81.45 -19.71
N GLN C 318 45.50 81.27 -20.23
CA GLN C 318 45.88 81.79 -21.53
C GLN C 318 45.64 80.82 -22.68
N ALA C 319 45.42 79.53 -22.39
CA ALA C 319 45.33 78.55 -23.45
C ALA C 319 44.16 78.83 -24.38
N GLY C 320 43.03 79.29 -23.84
CA GLY C 320 41.89 79.58 -24.68
C GLY C 320 42.16 80.68 -25.68
N ASP C 321 42.71 81.80 -25.21
CA ASP C 321 43.09 82.88 -26.11
C ASP C 321 44.26 82.47 -27.00
N PHE C 322 45.13 81.58 -26.52
CA PHE C 322 46.24 81.09 -27.32
C PHE C 322 45.73 80.35 -28.56
N VAL C 323 44.75 79.46 -28.37
CA VAL C 323 44.24 78.68 -29.50
C VAL C 323 43.48 79.57 -30.47
N LEU C 324 42.78 80.59 -29.97
CA LEU C 324 42.05 81.49 -30.85
C LEU C 324 42.99 82.29 -31.75
N GLU C 325 44.20 82.57 -31.28
CA GLU C 325 45.21 83.26 -32.08
C GLU C 325 46.02 82.31 -32.95
N GLY C 326 45.49 81.13 -33.24
CA GLY C 326 46.17 80.19 -34.11
C GLY C 326 47.53 79.74 -33.62
N GLY C 327 47.71 79.64 -32.30
CA GLY C 327 48.99 79.23 -31.77
C GLY C 327 49.33 77.77 -31.97
N ILE C 328 48.32 76.89 -32.04
CA ILE C 328 48.55 75.47 -32.22
C ILE C 328 48.58 75.07 -33.68
N ALA C 329 48.48 76.03 -34.60
CA ALA C 329 48.62 75.73 -36.01
C ALA C 329 50.03 75.24 -36.31
N LEU C 330 50.22 74.76 -37.55
CA LEU C 330 51.54 74.25 -37.93
C LEU C 330 52.57 75.37 -37.93
N ASP C 331 52.17 76.58 -38.34
CA ASP C 331 53.03 77.75 -38.26
C ASP C 331 52.91 78.48 -36.94
N GLY C 332 52.11 77.97 -36.01
CA GLY C 332 51.93 78.60 -34.72
C GLY C 332 53.14 78.44 -33.83
N GLN C 333 53.03 79.03 -32.63
CA GLN C 333 54.15 78.98 -31.69
C GLN C 333 54.46 77.56 -31.24
N LEU C 334 53.44 76.70 -31.12
CA LEU C 334 53.69 75.30 -30.82
C LEU C 334 52.61 74.41 -31.43
N PRO C 335 52.95 73.60 -32.44
CA PRO C 335 51.96 72.69 -33.03
C PRO C 335 51.56 71.60 -32.04
N LEU C 336 50.25 71.39 -31.92
CA LEU C 336 49.69 70.42 -30.98
C LEU C 336 48.92 69.35 -31.74
N ASN C 337 49.18 68.09 -31.40
CA ASN C 337 48.49 66.94 -31.99
C ASN C 337 48.49 67.03 -33.52
N THR C 338 49.70 67.04 -34.08
CA THR C 338 49.86 67.27 -35.52
C THR C 338 49.23 66.17 -36.37
N ASP C 339 48.92 65.01 -35.79
CA ASP C 339 48.22 63.95 -36.51
C ASP C 339 46.71 64.09 -36.46
N GLY C 340 46.20 64.99 -35.62
CA GLY C 340 44.76 65.20 -35.49
C GLY C 340 44.20 64.90 -34.12
N GLY C 341 44.97 64.30 -33.22
CA GLY C 341 44.51 64.03 -31.87
C GLY C 341 43.33 63.07 -31.83
N ASN C 342 42.67 63.05 -30.66
CA ASN C 342 41.52 62.17 -30.48
C ASN C 342 40.34 62.61 -31.34
N ILE C 343 40.27 63.89 -31.70
CA ILE C 343 39.14 64.41 -32.46
C ILE C 343 39.28 64.07 -33.94
N GLY C 344 40.52 64.12 -34.47
CA GLY C 344 40.74 63.87 -35.88
C GLY C 344 41.31 62.49 -36.17
N ARG C 345 42.33 62.09 -35.43
CA ARG C 345 42.93 60.77 -35.63
C ARG C 345 42.09 59.66 -35.02
N GLY C 346 41.52 59.91 -33.84
CA GLY C 346 40.75 58.92 -33.13
C GLY C 346 41.29 58.67 -31.74
N HIS C 347 40.54 57.87 -30.98
CA HIS C 347 40.89 57.61 -29.59
C HIS C 347 40.43 56.22 -29.20
N ALA C 348 41.38 55.39 -28.80
CA ALA C 348 41.13 54.13 -28.09
C ALA C 348 41.85 54.24 -26.75
N SER C 349 41.09 54.13 -25.66
CA SER C 349 41.63 54.43 -24.33
C SER C 349 42.89 53.62 -24.03
N GLY C 350 42.83 52.32 -24.29
CA GLY C 350 43.98 51.48 -24.00
C GLY C 350 45.22 51.88 -24.79
N CYS C 351 45.06 52.10 -26.10
CA CYS C 351 46.19 52.35 -26.98
C CYS C 351 46.50 53.83 -27.16
N ASP C 352 45.83 54.72 -26.43
CA ASP C 352 45.98 56.16 -26.68
C ASP C 352 47.40 56.63 -26.42
N GLY C 353 48.07 56.08 -25.41
CA GLY C 353 49.44 56.48 -25.14
C GLY C 353 50.34 56.25 -26.33
N ILE C 354 50.21 55.08 -26.97
CA ILE C 354 51.03 54.77 -28.13
C ILE C 354 50.69 55.70 -29.30
N LEU C 355 49.43 56.08 -29.43
CA LEU C 355 49.05 57.05 -30.47
C LEU C 355 49.81 58.35 -30.29
N HIS C 356 50.07 58.76 -29.04
CA HIS C 356 50.88 59.95 -28.79
C HIS C 356 52.31 59.73 -29.25
N ILE C 357 52.94 58.65 -28.77
CA ILE C 357 54.37 58.43 -29.02
C ILE C 357 54.65 58.28 -30.51
N THR C 358 53.79 57.57 -31.24
CA THR C 358 54.04 57.33 -32.66
C THR C 358 54.18 58.64 -33.41
N GLU C 359 53.20 59.54 -33.28
CA GLU C 359 53.24 60.80 -34.02
C GLU C 359 54.49 61.62 -33.66
N LEU C 360 54.80 61.72 -32.36
CA LEU C 360 56.05 62.35 -31.96
C LEU C 360 57.24 61.65 -32.58
N PHE C 361 57.24 60.31 -32.54
CA PHE C 361 58.29 59.52 -33.16
C PHE C 361 58.48 59.88 -34.63
N ARG C 362 57.40 59.85 -35.42
CA ARG C 362 57.50 60.24 -36.81
C ARG C 362 57.90 61.71 -36.97
N GLN C 363 57.48 62.57 -36.03
CA GLN C 363 57.84 63.98 -36.12
C GLN C 363 59.34 64.19 -35.91
N LEU C 364 59.92 63.45 -34.97
CA LEU C 364 61.35 63.62 -34.67
C LEU C 364 62.24 62.97 -35.72
N ARG C 365 61.71 62.09 -36.56
CA ARG C 365 62.43 61.56 -37.70
C ARG C 365 62.02 62.22 -39.01
N GLY C 366 61.25 63.31 -38.93
CA GLY C 366 60.83 64.03 -40.12
C GLY C 366 59.83 63.31 -41.00
N GLU C 367 59.14 62.32 -40.47
CA GLU C 367 58.25 61.48 -41.27
C GLU C 367 56.78 61.84 -41.16
N SER C 368 56.42 62.76 -40.27
CA SER C 368 55.01 63.09 -40.10
C SER C 368 54.48 63.86 -41.31
N ASP C 369 53.19 63.67 -41.59
CA ASP C 369 52.60 64.30 -42.77
C ASP C 369 52.50 65.80 -42.60
N ASN C 370 52.22 66.26 -41.40
CA ASN C 370 52.31 67.69 -41.04
C ASN C 370 53.59 67.85 -40.22
N GLN C 371 54.66 68.26 -40.88
CA GLN C 371 55.99 68.19 -40.29
C GLN C 371 56.36 69.50 -39.61
N VAL C 372 56.80 69.40 -38.36
CA VAL C 372 57.42 70.53 -37.66
C VAL C 372 58.88 70.60 -38.08
N LYS C 373 59.25 71.71 -38.71
CA LYS C 373 60.60 71.84 -39.25
C LYS C 373 61.61 71.98 -38.12
N GLY C 374 62.64 71.15 -38.16
CA GLY C 374 63.70 71.21 -37.16
C GLY C 374 63.27 70.80 -35.77
N ALA C 375 62.34 69.85 -35.66
CA ALA C 375 61.87 69.40 -34.37
C ALA C 375 62.94 68.54 -33.70
N ARG C 376 63.38 68.96 -32.51
CA ARG C 376 64.33 68.18 -31.73
C ARG C 376 63.75 67.61 -30.44
N ILE C 377 62.64 68.14 -29.94
CA ILE C 377 62.06 67.73 -28.66
C ILE C 377 60.56 67.50 -28.85
N GLY C 378 60.09 66.35 -28.42
CA GLY C 378 58.66 66.05 -28.44
C GLY C 378 58.19 65.53 -27.11
N VAL C 379 57.05 66.05 -26.65
CA VAL C 379 56.54 65.76 -25.31
C VAL C 379 55.09 65.28 -25.43
N SER C 380 54.77 64.19 -24.74
CA SER C 380 53.44 63.61 -24.73
C SER C 380 52.81 63.82 -23.36
N GLN C 381 51.77 64.63 -23.29
CA GLN C 381 50.98 64.81 -22.09
C GLN C 381 49.72 63.96 -22.19
N ASN C 382 49.53 63.05 -21.23
CA ASN C 382 48.40 62.11 -21.27
C ASN C 382 47.80 62.00 -19.88
N LEU C 383 46.49 61.78 -19.82
CA LEU C 383 45.79 61.66 -18.55
C LEU C 383 44.82 60.48 -18.59
N GLY C 384 44.68 59.83 -17.44
CA GLY C 384 43.75 58.72 -17.28
C GLY C 384 42.75 59.04 -16.20
N GLY C 385 41.51 58.62 -16.41
CA GLY C 385 40.47 59.18 -15.56
C GLY C 385 40.39 60.67 -15.82
N TYR C 386 40.07 61.43 -14.77
CA TYR C 386 40.25 62.88 -14.85
C TYR C 386 41.48 63.22 -14.02
N ALA C 387 42.64 63.21 -14.68
CA ALA C 387 43.93 63.53 -14.09
C ALA C 387 44.29 62.65 -12.90
N ALA C 388 43.56 61.55 -12.68
CA ALA C 388 43.97 60.59 -11.68
C ALA C 388 45.31 59.98 -12.06
N HIS C 389 45.41 59.45 -13.28
CA HIS C 389 46.70 59.20 -13.90
C HIS C 389 47.13 60.43 -14.68
N ASN C 390 48.44 60.64 -14.74
CA ASN C 390 49.00 61.67 -15.61
C ASN C 390 50.40 61.21 -16.01
N SER C 391 50.66 61.20 -17.32
CA SER C 391 51.92 60.70 -17.85
C SER C 391 52.51 61.73 -18.80
N VAL C 392 53.79 62.05 -18.59
CA VAL C 392 54.51 62.98 -19.45
C VAL C 392 55.80 62.29 -19.89
N ILE C 393 55.93 62.07 -21.19
CA ILE C 393 57.10 61.44 -21.78
C ILE C 393 57.78 62.44 -22.71
N VAL C 394 59.11 62.47 -22.67
CA VAL C 394 59.91 63.42 -23.45
C VAL C 394 60.81 62.63 -24.39
N LEU C 395 60.79 63.00 -25.67
CA LEU C 395 61.58 62.32 -26.70
C LEU C 395 62.41 63.34 -27.47
N SER C 396 63.64 62.95 -27.80
CA SER C 396 64.52 63.76 -28.63
C SER C 396 65.23 62.87 -29.63
N ASN C 397 65.60 63.45 -30.77
CA ASN C 397 66.24 62.68 -31.83
C ASN C 397 67.77 62.72 -31.77
N ASP C 398 68.34 63.58 -30.93
CA ASP C 398 69.80 63.65 -30.81
C ASP C 398 70.24 63.60 -29.35
N LYS D 4 15.11 10.95 -64.23
CA LYS D 4 15.64 11.00 -62.87
C LYS D 4 14.50 11.07 -61.85
N LYS D 5 14.67 10.37 -60.73
CA LYS D 5 13.68 10.34 -59.67
C LYS D 5 14.19 11.10 -58.46
N ILE D 6 13.30 11.88 -57.84
CA ILE D 6 13.63 12.76 -56.72
C ILE D 6 12.99 12.21 -55.47
N GLY D 7 13.78 12.07 -54.40
CA GLY D 7 13.28 11.57 -53.15
C GLY D 7 14.29 11.66 -52.02
N ILE D 8 14.11 10.82 -51.00
CA ILE D 8 14.98 10.85 -49.83
C ILE D 8 16.30 10.16 -50.18
N VAL D 9 17.41 10.84 -49.87
CA VAL D 9 18.74 10.30 -50.10
C VAL D 9 19.32 9.68 -48.84
N SER D 10 19.17 10.36 -47.69
CA SER D 10 19.64 9.81 -46.43
C SER D 10 18.85 10.45 -45.30
N TYR D 11 18.98 9.86 -44.11
CA TYR D 11 18.24 10.34 -42.95
C TYR D 11 19.06 10.14 -41.68
N GLY D 12 18.73 10.92 -40.67
CA GLY D 12 19.35 10.79 -39.36
C GLY D 12 18.41 11.26 -38.29
N ALA D 13 18.63 10.77 -37.07
CA ALA D 13 17.73 11.06 -35.96
C ALA D 13 18.53 11.40 -34.71
N GLY D 14 17.96 12.27 -33.88
CA GLY D 14 18.53 12.62 -32.59
C GLY D 14 17.51 12.54 -31.48
N ILE D 15 17.79 11.73 -30.46
CA ILE D 15 16.83 11.47 -29.39
C ILE D 15 17.54 11.57 -28.04
N PRO D 16 16.95 12.25 -27.05
CA PRO D 16 17.61 12.35 -25.74
C PRO D 16 17.77 11.00 -25.08
N VAL D 17 18.87 10.84 -24.32
CA VAL D 17 19.14 9.56 -23.68
C VAL D 17 18.39 9.42 -22.36
N CYS D 18 18.04 10.53 -21.71
CA CYS D 18 17.38 10.43 -20.42
C CYS D 18 15.95 9.94 -20.57
N ARG D 19 15.56 9.02 -19.70
CA ARG D 19 14.22 8.45 -19.69
C ARG D 19 13.60 8.60 -18.30
N LEU D 20 12.28 8.76 -18.26
CA LEU D 20 11.53 8.85 -17.02
C LEU D 20 10.36 7.89 -17.09
N LYS D 21 10.36 6.89 -16.20
CA LYS D 21 9.27 5.93 -16.18
C LYS D 21 7.94 6.63 -15.93
N VAL D 22 6.91 6.23 -16.69
CA VAL D 22 5.61 6.89 -16.59
C VAL D 22 5.07 6.83 -15.17
N GLN D 23 5.28 5.69 -14.49
CA GLN D 23 4.77 5.55 -13.13
C GLN D 23 5.30 6.65 -12.20
N GLU D 24 6.51 7.15 -12.47
CA GLU D 24 7.08 8.20 -11.64
C GLU D 24 6.21 9.46 -11.68
N VAL D 25 5.64 9.78 -12.85
CA VAL D 25 4.84 10.98 -12.98
C VAL D 25 3.48 10.80 -12.32
N ILE D 26 2.90 9.60 -12.46
CA ILE D 26 1.56 9.36 -11.94
C ILE D 26 1.55 9.41 -10.41
N ASN D 27 2.58 8.86 -9.77
CA ASN D 27 2.60 8.80 -8.32
C ASN D 27 2.58 10.19 -7.70
N VAL D 28 3.23 11.15 -8.36
CA VAL D 28 3.28 12.51 -7.80
C VAL D 28 1.91 13.18 -7.93
N TRP D 29 1.34 13.16 -9.14
CA TRP D 29 0.14 13.94 -9.41
C TRP D 29 -1.16 13.18 -9.20
N LYS D 30 -1.16 11.87 -9.43
CA LYS D 30 -2.37 11.04 -9.27
C LYS D 30 -3.52 11.61 -10.11
N ASN D 31 -3.20 12.05 -11.32
CA ASN D 31 -4.17 12.72 -12.17
C ASN D 31 -4.72 11.83 -13.29
N THR D 32 -4.26 10.58 -13.40
CA THR D 32 -4.75 9.68 -14.43
C THR D 32 -4.42 8.25 -14.03
N ASP D 33 -5.04 7.31 -14.74
CA ASP D 33 -4.87 5.89 -14.43
C ASP D 33 -3.59 5.36 -15.06
N LEU D 34 -2.78 4.65 -14.26
CA LEU D 34 -1.52 4.12 -14.77
C LEU D 34 -1.76 3.05 -15.82
N LYS D 35 -2.77 2.20 -15.60
CA LYS D 35 -3.08 1.15 -16.57
C LYS D 35 -3.48 1.74 -17.91
N LEU D 36 -4.15 2.90 -17.88
CA LEU D 36 -4.60 3.54 -19.11
C LEU D 36 -3.41 3.92 -20.00
N VAL D 37 -2.40 4.56 -19.41
CA VAL D 37 -1.27 5.04 -20.21
C VAL D 37 -0.39 3.88 -20.65
N GLU D 38 -0.11 2.94 -19.74
CA GLU D 38 0.86 1.89 -20.05
C GLU D 38 0.30 0.88 -21.05
N GLU D 39 -0.98 0.54 -20.95
CA GLU D 39 -1.56 -0.53 -21.73
C GLU D 39 -2.36 -0.02 -22.94
N ASN D 40 -3.37 0.82 -22.69
CA ASN D 40 -4.14 1.36 -23.80
C ASN D 40 -3.30 2.32 -24.65
N LEU D 41 -2.69 3.31 -24.00
CA LEU D 41 -1.95 4.33 -24.75
C LEU D 41 -0.61 3.81 -25.24
N GLY D 42 0.04 2.97 -24.44
CA GLY D 42 1.22 2.26 -24.90
C GLY D 42 2.54 2.91 -24.61
N VAL D 43 2.59 3.88 -23.70
CA VAL D 43 3.82 4.55 -23.31
C VAL D 43 4.16 4.12 -21.89
N THR D 44 5.27 3.39 -21.76
CA THR D 44 5.73 2.95 -20.45
C THR D 44 6.80 3.85 -19.85
N GLU D 45 7.42 4.70 -20.65
CA GLU D 45 8.43 5.65 -20.19
C GLU D 45 8.61 6.70 -21.26
N ARG D 46 9.06 7.88 -20.86
CA ARG D 46 9.17 9.01 -21.77
C ARG D 46 10.56 9.63 -21.68
N ALA D 47 10.94 10.34 -22.74
CA ALA D 47 12.26 10.94 -22.85
C ALA D 47 12.34 12.22 -22.02
N VAL D 48 13.51 12.45 -21.41
CA VAL D 48 13.75 13.60 -20.55
C VAL D 48 14.81 14.49 -21.19
N LEU D 49 14.53 15.78 -21.25
CA LEU D 49 15.44 16.76 -21.84
C LEU D 49 16.50 17.15 -20.82
N GLN D 50 17.77 16.91 -21.15
CA GLN D 50 18.87 17.34 -20.31
C GLN D 50 18.94 18.86 -20.30
N PRO D 51 19.59 19.46 -19.29
CA PRO D 51 19.70 20.94 -19.28
C PRO D 51 20.42 21.53 -20.48
N ASP D 52 21.30 20.78 -21.14
CA ASP D 52 22.13 21.32 -22.19
C ASP D 52 21.70 20.92 -23.60
N GLU D 53 20.49 20.39 -23.77
CA GLU D 53 20.00 20.05 -25.10
C GLU D 53 18.63 20.67 -25.33
N ASP D 54 18.34 20.95 -26.59
CA ASP D 54 17.06 21.52 -27.00
C ASP D 54 16.81 21.14 -28.46
N VAL D 55 15.96 21.91 -29.14
CA VAL D 55 15.62 21.63 -30.53
C VAL D 55 16.87 21.68 -31.41
N ILE D 56 17.65 22.75 -31.29
CA ILE D 56 18.82 22.91 -32.13
C ILE D 56 19.86 21.85 -31.82
N THR D 57 20.00 21.46 -30.55
CA THR D 57 20.90 20.39 -30.19
C THR D 57 20.53 19.09 -30.89
N LEU D 58 19.28 18.66 -30.71
CA LEU D 58 18.83 17.43 -31.33
C LEU D 58 18.77 17.56 -32.85
N GLY D 59 18.36 18.74 -33.34
CA GLY D 59 18.23 18.93 -34.77
C GLY D 59 19.55 18.79 -35.51
N VAL D 60 20.57 19.51 -35.04
CA VAL D 60 21.88 19.43 -35.70
C VAL D 60 22.46 18.03 -35.57
N LEU D 61 22.15 17.33 -34.47
CA LEU D 61 22.60 15.95 -34.33
C LEU D 61 21.92 15.06 -35.35
N ALA D 62 20.60 15.23 -35.52
CA ALA D 62 19.91 14.49 -36.57
C ALA D 62 20.34 14.95 -37.95
N ALA D 63 20.56 16.25 -38.13
CA ALA D 63 20.97 16.77 -39.43
C ALA D 63 22.37 16.29 -39.79
N GLN D 64 23.30 16.34 -38.83
CA GLN D 64 24.67 15.91 -39.11
C GLN D 64 24.72 14.43 -39.44
N ARG D 65 23.94 13.61 -38.74
CA ARG D 65 23.99 12.17 -38.95
C ARG D 65 23.55 11.78 -40.36
N ALA D 66 22.64 12.57 -40.95
CA ALA D 66 22.22 12.30 -42.32
C ALA D 66 23.25 12.79 -43.33
N LEU D 67 23.89 13.93 -43.04
CA LEU D 67 24.91 14.47 -43.93
C LEU D 67 26.19 13.64 -43.88
N ASP D 68 26.43 12.91 -42.80
CA ASP D 68 27.60 12.04 -42.73
C ASP D 68 27.50 10.87 -43.70
N LYS D 69 26.29 10.48 -44.09
CA LYS D 69 26.14 9.45 -45.12
C LYS D 69 26.51 9.95 -46.50
N VAL D 70 26.42 11.26 -46.75
CA VAL D 70 26.80 11.84 -48.03
C VAL D 70 28.03 12.71 -47.81
N PRO D 71 29.24 12.17 -47.93
CA PRO D 71 30.44 12.96 -47.65
C PRO D 71 30.62 14.10 -48.65
N GLY D 72 31.15 15.21 -48.15
CA GLY D 72 31.43 16.36 -49.00
C GLY D 72 30.23 17.06 -49.56
N HIS D 73 29.05 16.83 -49.00
CA HIS D 73 27.84 17.45 -49.53
C HIS D 73 27.83 18.95 -49.26
N GLN D 74 27.24 19.69 -50.19
CA GLN D 74 27.03 21.13 -50.04
C GLN D 74 25.53 21.39 -49.89
N ILE D 75 25.17 22.13 -48.84
CA ILE D 75 23.76 22.37 -48.53
C ILE D 75 23.23 23.45 -49.45
N GLU D 76 22.12 23.15 -50.13
CA GLU D 76 21.46 24.14 -50.98
C GLU D 76 20.21 24.73 -50.35
N ALA D 77 19.64 24.07 -49.34
CA ALA D 77 18.44 24.53 -48.67
C ALA D 77 18.25 23.73 -47.38
N LEU D 78 17.91 24.42 -46.31
CA LEU D 78 17.73 23.80 -45.00
C LEU D 78 16.51 24.42 -44.34
N TYR D 79 15.53 23.58 -44.01
CA TYR D 79 14.28 24.03 -43.39
C TYR D 79 14.06 23.28 -42.10
N LEU D 80 13.88 24.02 -41.00
CA LEU D 80 13.65 23.46 -39.69
C LEU D 80 12.16 23.57 -39.36
N GLY D 81 11.51 22.43 -39.16
CA GLY D 81 10.11 22.40 -38.81
C GLY D 81 9.89 22.07 -37.35
N THR D 82 9.41 23.05 -36.58
CA THR D 82 9.24 22.85 -35.15
C THR D 82 8.22 23.85 -34.61
N CYS D 83 7.45 23.42 -33.61
CA CYS D 83 6.51 24.28 -32.91
C CYS D 83 6.99 24.67 -31.52
N THR D 84 8.10 24.09 -31.06
CA THR D 84 8.75 24.51 -29.82
C THR D 84 10.07 25.19 -30.14
N ASN D 85 9.99 26.30 -30.87
CA ASN D 85 11.17 26.95 -31.44
C ASN D 85 11.93 27.71 -30.35
N PRO D 86 13.24 27.52 -30.24
CA PRO D 86 14.01 28.30 -29.26
C PRO D 86 14.00 29.80 -29.50
N TYR D 87 13.74 30.25 -30.72
CA TYR D 87 13.64 31.67 -31.03
C TYR D 87 12.29 31.97 -31.66
N ASP D 88 11.60 32.99 -31.14
CA ASP D 88 10.35 33.42 -31.74
C ASP D 88 10.59 34.41 -32.88
N SER D 89 11.69 35.15 -32.82
CA SER D 89 12.17 35.94 -33.95
C SER D 89 13.56 35.46 -34.31
N ARG D 90 13.88 35.55 -35.61
CA ARG D 90 15.11 34.97 -36.19
C ARG D 90 14.95 33.46 -36.38
N ALA D 91 15.58 32.91 -37.40
CA ALA D 91 15.42 31.50 -37.75
C ALA D 91 16.45 30.64 -37.01
N SER D 92 15.97 29.61 -36.33
CA SER D 92 16.87 28.64 -35.71
C SER D 92 17.57 27.78 -36.76
N ALA D 93 16.96 27.62 -37.93
CA ALA D 93 17.57 26.82 -38.99
C ALA D 93 18.88 27.43 -39.45
N SER D 94 18.96 28.77 -39.45
CA SER D 94 20.22 29.44 -39.81
C SER D 94 21.35 29.06 -38.88
N ILE D 95 21.06 28.83 -37.60
CA ILE D 95 22.08 28.38 -36.65
C ILE D 95 22.56 26.99 -37.02
N ILE D 96 21.63 26.08 -37.29
CA ILE D 96 21.98 24.71 -37.66
C ILE D 96 22.78 24.70 -38.95
N LEU D 97 22.43 25.60 -39.89
CA LEU D 97 23.21 25.72 -41.11
C LEU D 97 24.67 26.07 -40.80
N GLU D 98 24.88 27.01 -39.89
CA GLU D 98 26.23 27.39 -39.51
C GLU D 98 26.96 26.23 -38.84
N MET D 99 26.24 25.45 -38.02
CA MET D 99 26.86 24.31 -37.34
C MET D 99 27.26 23.22 -38.33
N LEU D 100 26.48 23.03 -39.39
CA LEU D 100 26.79 21.95 -40.34
C LEU D 100 28.03 22.26 -41.17
N GLY D 101 28.31 23.54 -41.40
CA GLY D 101 29.52 23.93 -42.11
C GLY D 101 29.65 23.32 -43.48
N SER D 102 28.52 23.03 -44.13
CA SER D 102 28.53 22.43 -45.46
C SER D 102 28.17 23.44 -46.56
N GLY D 103 28.09 24.72 -46.23
CA GLY D 103 27.76 25.74 -47.19
C GLY D 103 27.00 26.87 -46.54
N TYR D 104 27.11 28.05 -47.14
CA TYR D 104 26.44 29.25 -46.63
C TYR D 104 25.27 29.70 -47.49
N ASP D 105 25.28 29.39 -48.78
CA ASP D 105 24.26 29.85 -49.72
C ASP D 105 23.17 28.79 -49.80
N ALA D 106 22.11 28.98 -49.02
CA ALA D 106 21.04 27.99 -48.95
C ALA D 106 19.72 28.66 -48.62
N TYR D 107 18.65 28.13 -49.19
CA TYR D 107 17.30 28.55 -48.82
C TYR D 107 17.02 28.11 -47.39
N CYS D 108 16.74 29.07 -46.51
CA CYS D 108 16.66 28.77 -45.09
C CYS D 108 15.47 29.49 -44.48
N ALA D 109 14.74 28.79 -43.61
CA ALA D 109 13.59 29.35 -42.90
C ALA D 109 13.14 28.35 -41.84
N ASP D 110 12.23 28.80 -40.98
CA ASP D 110 11.63 27.96 -39.95
C ASP D 110 10.16 27.75 -40.28
N VAL D 111 9.75 26.49 -40.40
CA VAL D 111 8.38 26.13 -40.71
C VAL D 111 7.72 25.65 -39.42
N GLN D 112 6.49 26.10 -39.18
CA GLN D 112 5.81 25.79 -37.93
C GLN D 112 4.34 25.53 -38.19
N PHE D 113 3.89 24.31 -37.86
CA PHE D 113 2.46 23.98 -37.86
C PHE D 113 2.27 22.77 -36.96
N ALA D 114 2.56 22.94 -35.68
CA ALA D 114 2.28 21.93 -34.64
C ALA D 114 3.02 20.64 -34.99
N GLY D 115 2.39 19.47 -34.90
CA GLY D 115 3.03 18.20 -35.16
C GLY D 115 3.39 17.92 -36.60
N LYS D 116 2.80 18.66 -37.55
CA LYS D 116 3.07 18.45 -38.96
C LYS D 116 4.15 19.38 -39.49
N SER D 117 4.82 20.13 -38.61
CA SER D 117 5.92 20.99 -39.05
C SER D 117 7.01 20.18 -39.73
N GLY D 118 7.24 18.96 -39.27
CA GLY D 118 8.25 18.11 -39.89
C GLY D 118 7.92 17.79 -41.33
N THR D 119 6.71 17.28 -41.58
CA THR D 119 6.32 16.95 -42.94
C THR D 119 6.14 18.19 -43.79
N SER D 120 5.65 19.28 -43.19
CA SER D 120 5.54 20.53 -43.94
C SER D 120 6.89 20.99 -44.45
N ALA D 121 7.93 20.86 -43.62
CA ALA D 121 9.28 21.17 -44.08
C ALA D 121 9.74 20.14 -45.10
N LEU D 122 9.34 18.88 -44.95
CA LEU D 122 9.69 17.86 -45.93
C LEU D 122 9.05 18.16 -47.29
N GLN D 123 7.80 18.64 -47.28
CA GLN D 123 7.14 18.99 -48.53
C GLN D 123 7.84 20.17 -49.21
N ILE D 124 8.26 21.16 -48.43
CA ILE D 124 8.93 22.33 -48.99
C ILE D 124 10.23 21.91 -49.66
N CYS D 125 11.04 21.09 -48.98
CA CYS D 125 12.28 20.62 -49.58
C CYS D 125 12.03 19.85 -50.87
N GLN D 126 10.96 19.05 -50.90
CA GLN D 126 10.58 18.35 -52.12
C GLN D 126 10.27 19.34 -53.24
N ALA D 127 9.53 20.40 -52.93
CA ALA D 127 9.18 21.37 -53.96
C ALA D 127 10.40 22.10 -54.50
N LEU D 128 11.40 22.33 -53.65
CA LEU D 128 12.62 23.00 -54.11
C LEU D 128 13.38 22.15 -55.12
N VAL D 129 13.51 20.85 -54.83
CA VAL D 129 14.29 19.97 -55.71
C VAL D 129 13.52 19.68 -56.99
N ALA D 130 12.23 19.35 -56.86
CA ALA D 130 11.44 19.00 -58.04
C ALA D 130 11.30 20.18 -58.98
N SER D 131 11.15 21.39 -58.44
CA SER D 131 11.09 22.58 -59.27
C SER D 131 12.44 22.97 -59.85
N GLY D 132 13.51 22.29 -59.46
CA GLY D 132 14.83 22.65 -59.95
C GLY D 132 15.39 23.93 -59.38
N MET D 133 14.75 24.52 -58.37
CA MET D 133 15.31 25.69 -57.72
C MET D 133 16.57 25.34 -56.94
N THR D 134 16.65 24.12 -56.41
CA THR D 134 17.88 23.59 -55.84
C THR D 134 18.07 22.16 -56.32
N GLY D 135 19.31 21.67 -56.20
CA GLY D 135 19.62 20.31 -56.60
C GLY D 135 19.34 19.31 -55.50
N SER D 136 19.40 19.78 -54.25
CA SER D 136 19.09 18.97 -53.08
C SER D 136 18.52 19.89 -52.00
N ALA D 137 18.07 19.28 -50.91
CA ALA D 137 17.47 20.04 -49.82
C ALA D 137 17.43 19.18 -48.57
N LEU D 138 17.60 19.84 -47.42
CA LEU D 138 17.65 19.18 -46.13
C LEU D 138 16.47 19.65 -45.28
N ALA D 139 15.65 18.69 -44.84
CA ALA D 139 14.49 18.98 -44.01
C ALA D 139 14.72 18.41 -42.62
N ILE D 140 14.31 19.17 -41.60
CA ILE D 140 14.48 18.76 -40.20
C ILE D 140 13.15 18.91 -39.49
N GLY D 141 12.69 17.83 -38.86
CA GLY D 141 11.55 17.90 -37.97
C GLY D 141 11.97 17.62 -36.55
N ALA D 142 11.83 18.60 -35.67
CA ALA D 142 12.29 18.48 -34.29
C ALA D 142 11.27 19.11 -33.36
N ASP D 143 11.28 18.68 -32.10
CA ASP D 143 10.39 19.23 -31.10
C ASP D 143 10.83 18.79 -29.71
N THR D 144 10.55 19.63 -28.73
CA THR D 144 10.75 19.32 -27.32
C THR D 144 9.41 19.49 -26.61
N ILE D 145 8.51 18.54 -26.83
CA ILE D 145 7.17 18.61 -26.23
C ILE D 145 7.27 18.56 -24.72
N ASN D 146 8.17 17.72 -24.19
CA ASN D 146 8.31 17.60 -22.75
C ASN D 146 8.68 18.94 -22.11
N ARG D 147 9.54 19.72 -22.78
CA ARG D 147 9.88 21.03 -22.27
C ARG D 147 8.67 21.96 -22.23
N ASN D 148 7.77 21.83 -23.20
CA ASN D 148 6.62 22.71 -23.32
C ASN D 148 5.32 22.04 -22.86
N THR D 149 5.42 21.13 -21.91
CA THR D 149 4.25 20.53 -21.25
C THR D 149 4.33 20.80 -19.76
N ALA D 150 3.27 21.40 -19.22
CA ALA D 150 3.30 21.84 -17.84
C ALA D 150 3.26 20.65 -16.87
N PRO D 151 3.88 20.80 -15.69
CA PRO D 151 3.72 19.76 -14.67
C PRO D 151 2.28 19.70 -14.18
N GLY D 152 1.78 18.49 -13.99
CA GLY D 152 0.39 18.27 -13.66
C GLY D 152 -0.53 18.20 -14.85
N ASP D 153 -0.07 18.56 -16.04
CA ASP D 153 -0.85 18.35 -17.24
C ASP D 153 -1.13 16.87 -17.42
N LEU D 154 -2.32 16.55 -17.94
CA LEU D 154 -2.68 15.15 -18.15
C LEU D 154 -1.71 14.47 -19.11
N THR D 155 -1.20 15.22 -20.09
CA THR D 155 -0.29 14.69 -21.10
C THR D 155 1.17 14.74 -20.67
N GLU D 156 1.45 15.09 -19.41
CA GLU D 156 2.84 15.20 -18.97
C GLU D 156 3.55 13.85 -18.93
N SER D 157 2.84 12.77 -18.57
CA SER D 157 3.48 11.47 -18.41
C SER D 157 4.08 10.92 -19.71
N TYR D 158 3.59 11.33 -20.88
CA TYR D 158 4.08 10.81 -22.15
C TYR D 158 4.58 11.92 -23.08
N ALA D 159 5.04 13.03 -22.50
CA ALA D 159 5.61 14.12 -23.29
C ALA D 159 7.11 13.91 -23.43
N GLY D 160 7.60 13.94 -24.66
CA GLY D 160 9.01 13.71 -24.92
C GLY D 160 9.61 14.66 -25.93
N ALA D 161 10.73 14.26 -26.53
CA ALA D 161 11.42 15.12 -27.49
C ALA D 161 12.20 14.24 -28.48
N GLY D 162 12.50 14.84 -29.62
CA GLY D 162 13.24 14.12 -30.65
C GLY D 162 13.37 14.98 -31.89
N ALA D 163 14.34 14.59 -32.73
CA ALA D 163 14.61 15.30 -33.97
C ALA D 163 14.92 14.30 -35.07
N ALA D 164 14.54 14.66 -36.29
CA ALA D 164 14.79 13.83 -37.46
C ALA D 164 15.11 14.74 -38.64
N ALA D 165 16.01 14.27 -39.51
CA ALA D 165 16.41 15.01 -40.69
C ALA D 165 16.39 14.10 -41.91
N LEU D 166 15.90 14.64 -43.03
CA LEU D 166 15.85 13.92 -44.29
C LEU D 166 16.53 14.74 -45.37
N LEU D 167 17.33 14.08 -46.20
CA LEU D 167 18.01 14.72 -47.32
C LEU D 167 17.28 14.36 -48.61
N ILE D 168 16.75 15.36 -49.29
CA ILE D 168 16.03 15.18 -50.55
C ILE D 168 17.00 15.47 -51.69
N GLY D 169 17.05 14.56 -52.66
CA GLY D 169 17.95 14.73 -53.79
C GLY D 169 17.51 13.90 -54.97
N SER D 170 18.29 14.00 -56.04
CA SER D 170 18.02 13.27 -57.28
C SER D 170 19.07 12.22 -57.58
N GLN D 171 19.97 11.92 -56.64
CA GLN D 171 21.05 10.97 -56.85
C GLN D 171 21.12 10.03 -55.66
N ASP D 172 21.20 8.72 -55.94
CA ASP D 172 21.24 7.69 -54.91
C ASP D 172 20.04 7.79 -53.97
N VAL D 173 18.86 7.96 -54.56
CA VAL D 173 17.64 8.06 -53.77
C VAL D 173 17.29 6.69 -53.20
N ILE D 174 17.03 6.66 -51.89
CA ILE D 174 16.61 5.42 -51.26
C ILE D 174 15.10 5.33 -51.12
N ALA D 175 14.38 6.44 -51.20
CA ALA D 175 12.93 6.45 -51.07
C ALA D 175 12.38 7.53 -51.99
N GLU D 176 11.63 7.12 -53.00
CA GLU D 176 11.11 8.05 -54.00
C GLU D 176 9.89 8.79 -53.48
N PHE D 177 9.77 10.06 -53.85
CA PHE D 177 8.65 10.91 -53.46
C PHE D 177 7.65 10.91 -54.61
N ASP D 178 6.51 10.24 -54.43
CA ASP D 178 5.55 10.10 -55.51
C ASP D 178 4.61 11.30 -55.59
N ALA D 179 3.80 11.50 -54.55
CA ALA D 179 2.87 12.62 -54.54
C ALA D 179 2.51 12.97 -53.10
N SER D 180 1.85 14.11 -52.93
CA SER D 180 1.49 14.58 -51.61
C SER D 180 0.15 15.31 -51.68
N PHE D 181 -0.48 15.44 -50.50
CA PHE D 181 -1.77 16.10 -50.37
C PHE D 181 -1.87 16.69 -48.98
N SER D 182 -2.36 17.93 -48.89
CA SER D 182 -2.42 18.64 -47.63
C SER D 182 -3.76 19.36 -47.50
N CYS D 183 -4.20 19.50 -46.25
CA CYS D 183 -5.41 20.24 -45.92
C CYS D 183 -5.20 20.94 -44.57
N ALA D 184 -6.09 21.88 -44.28
CA ALA D 184 -5.98 22.65 -43.04
C ALA D 184 -7.34 23.26 -42.71
N ALA D 185 -7.49 23.70 -41.47
CA ALA D 185 -8.71 24.31 -40.97
C ALA D 185 -8.42 24.93 -39.61
N ASP D 186 -9.38 25.69 -39.09
CA ASP D 186 -9.25 26.36 -37.79
C ASP D 186 -9.97 25.51 -36.74
N VAL D 187 -9.25 24.54 -36.18
CA VAL D 187 -9.78 23.63 -35.17
C VAL D 187 -8.80 23.68 -34.01
N ALA D 188 -9.10 24.53 -33.03
CA ALA D 188 -8.16 24.86 -31.96
C ALA D 188 -8.26 23.82 -30.84
N ASP D 189 -7.96 22.57 -31.20
CA ASP D 189 -8.05 21.49 -30.23
C ASP D 189 -6.91 21.58 -29.21
N ASN D 190 -5.72 21.96 -29.67
CA ASN D 190 -4.61 22.29 -28.78
C ASN D 190 -3.95 23.55 -29.31
N ILE D 191 -3.63 24.49 -28.43
CA ILE D 191 -3.09 25.77 -28.86
C ILE D 191 -2.08 26.26 -27.82
N ARG D 192 -1.10 27.02 -28.29
CA ARG D 192 -0.20 27.74 -27.41
C ARG D 192 -0.06 29.17 -27.91
N PRO D 193 -0.64 30.15 -27.22
CA PRO D 193 -0.52 31.54 -27.67
C PRO D 193 0.91 32.04 -27.53
N GLN D 194 1.19 33.14 -28.22
CA GLN D 194 2.51 33.75 -28.13
C GLN D 194 2.80 34.17 -26.69
N GLY D 195 4.02 33.88 -26.23
CA GLY D 195 4.43 34.18 -24.88
C GLY D 195 4.22 33.04 -23.89
N ASP D 196 3.21 32.21 -24.12
CA ASP D 196 3.02 31.03 -23.27
C ASP D 196 4.14 30.03 -23.53
N ARG D 197 4.59 29.37 -22.45
CA ARG D 197 5.57 28.31 -22.59
C ARG D 197 4.92 26.96 -22.86
N TYR D 198 3.75 26.71 -22.29
CA TYR D 198 3.15 25.38 -22.30
C TYR D 198 2.06 25.27 -23.36
N ILE D 199 2.07 24.14 -24.09
CA ILE D 199 0.98 23.83 -25.00
C ILE D 199 -0.26 23.51 -24.20
N ARG D 200 -1.39 24.09 -24.60
CA ARG D 200 -2.63 23.95 -23.87
C ARG D 200 -3.68 23.26 -24.74
N SER D 201 -4.63 22.61 -24.10
CA SER D 201 -5.71 21.93 -24.80
C SER D 201 -6.91 22.84 -24.95
N GLY D 202 -7.64 22.66 -26.07
CA GLY D 202 -8.87 23.39 -26.31
C GLY D 202 -10.11 22.78 -25.71
N MET D 203 -10.02 21.55 -25.22
CA MET D 203 -11.14 20.84 -24.62
C MET D 203 -10.61 19.62 -23.89
N GLY D 204 -11.49 18.98 -23.12
CA GLY D 204 -11.08 17.80 -22.39
C GLY D 204 -10.64 16.69 -23.31
N LEU D 205 -9.62 15.93 -22.88
CA LEU D 205 -9.12 14.82 -23.67
C LEU D 205 -10.19 13.75 -23.81
N GLY D 206 -10.21 13.11 -24.97
CA GLY D 206 -11.17 12.04 -25.20
C GLY D 206 -11.38 11.80 -26.68
N SER D 207 -12.25 10.82 -26.95
CA SER D 207 -12.56 10.48 -28.33
C SER D 207 -13.35 11.58 -29.02
N ASP D 208 -14.08 12.39 -28.26
CA ASP D 208 -14.77 13.54 -28.86
C ASP D 208 -13.76 14.56 -29.38
N LYS D 209 -12.73 14.85 -28.59
CA LYS D 209 -11.67 15.76 -29.03
C LYS D 209 -10.89 15.17 -30.20
N ASN D 210 -10.75 13.85 -30.24
CA ASN D 210 -10.03 13.22 -31.35
C ASN D 210 -10.82 13.33 -32.65
N SER D 211 -12.14 13.14 -32.59
CA SER D 211 -12.95 13.07 -33.81
C SER D 211 -12.93 14.39 -34.58
N ILE D 212 -12.83 15.52 -33.88
CA ILE D 212 -12.89 16.81 -34.56
C ILE D 212 -11.56 17.23 -35.14
N GLY D 213 -10.44 16.69 -34.64
CA GLY D 213 -9.14 17.11 -35.10
C GLY D 213 -8.29 15.99 -35.68
N LEU D 214 -7.80 15.11 -34.81
CA LEU D 214 -6.87 14.06 -35.25
C LEU D 214 -7.49 13.17 -36.31
N GLU D 215 -8.69 12.64 -36.02
CA GLU D 215 -9.34 11.72 -36.96
C GLU D 215 -9.71 12.42 -38.26
N ASP D 216 -10.33 13.60 -38.17
CA ASP D 216 -10.85 14.28 -39.36
C ASP D 216 -9.73 14.66 -40.31
N GLN D 217 -8.75 15.42 -39.83
CA GLN D 217 -7.72 15.94 -40.72
C GLN D 217 -6.86 14.84 -41.29
N THR D 218 -6.58 13.79 -40.50
CA THR D 218 -5.85 12.65 -41.02
C THR D 218 -6.66 11.93 -42.10
N ARG D 219 -7.96 11.72 -41.84
CA ARG D 219 -8.80 11.05 -42.82
C ARG D 219 -8.90 11.86 -44.10
N ARG D 220 -9.16 13.16 -43.98
CA ARG D 220 -9.30 14.02 -45.16
C ARG D 220 -8.02 14.01 -45.98
N ALA D 221 -6.88 14.16 -45.33
CA ALA D 221 -5.60 14.18 -46.04
C ALA D 221 -5.29 12.83 -46.67
N ALA D 222 -5.50 11.75 -45.91
CA ALA D 222 -5.23 10.42 -46.45
C ALA D 222 -6.11 10.12 -47.66
N GLU D 223 -7.44 10.19 -47.47
CA GLU D 223 -8.36 9.90 -48.56
C GLU D 223 -8.14 10.84 -49.74
N GLY D 224 -7.79 12.11 -49.45
CA GLY D 224 -7.52 13.04 -50.52
C GLY D 224 -6.32 12.64 -51.36
N LEU D 225 -5.26 12.14 -50.71
CA LEU D 225 -4.07 11.71 -51.45
C LEU D 225 -4.36 10.41 -52.21
N MET D 226 -5.02 9.46 -51.56
CA MET D 226 -5.27 8.18 -52.20
C MET D 226 -6.20 8.32 -53.40
N ALA D 227 -7.12 9.29 -53.36
CA ALA D 227 -7.92 9.57 -54.54
C ALA D 227 -7.10 10.19 -55.65
N LYS D 228 -6.06 10.95 -55.29
CA LYS D 228 -5.20 11.55 -56.31
C LYS D 228 -4.40 10.50 -57.05
N LEU D 229 -3.92 9.48 -56.33
CA LEU D 229 -3.17 8.38 -56.94
C LEU D 229 -4.04 7.21 -57.32
N HIS D 230 -5.33 7.23 -56.97
CA HIS D 230 -6.27 6.14 -57.25
C HIS D 230 -5.81 4.83 -56.61
N THR D 231 -5.56 4.89 -55.30
CA THR D 231 -5.17 3.72 -54.54
C THR D 231 -6.04 3.60 -53.29
N SER D 232 -6.13 2.39 -52.78
CA SER D 232 -6.87 2.04 -51.57
C SER D 232 -5.89 1.64 -50.46
N PRO D 233 -6.36 1.52 -49.21
CA PRO D 233 -5.45 1.17 -48.11
C PRO D 233 -4.66 -0.11 -48.34
N ALA D 234 -5.19 -1.01 -49.17
CA ALA D 234 -4.53 -2.29 -49.40
C ALA D 234 -3.32 -2.21 -50.33
N ASP D 235 -3.13 -1.08 -51.02
CA ASP D 235 -2.00 -0.96 -51.95
C ASP D 235 -0.68 -0.69 -51.25
N TYR D 236 -0.70 -0.16 -50.02
CA TYR D 236 0.50 0.31 -49.35
C TYR D 236 1.02 -0.75 -48.38
N ASP D 237 2.34 -0.98 -48.40
CA ASP D 237 2.95 -1.98 -47.53
C ASP D 237 3.10 -1.49 -46.11
N TYR D 238 3.38 -0.20 -45.93
CA TYR D 238 3.48 0.41 -44.62
C TYR D 238 2.66 1.69 -44.57
N VAL D 239 2.15 2.02 -43.39
CA VAL D 239 1.47 3.27 -43.14
C VAL D 239 2.07 3.90 -41.89
N VAL D 240 2.24 5.22 -41.92
CA VAL D 240 2.88 5.96 -40.84
C VAL D 240 1.98 7.13 -40.48
N PHE D 241 1.53 7.17 -39.23
CA PHE D 241 0.69 8.25 -38.73
C PHE D 241 1.44 9.06 -37.69
N GLN D 242 0.77 10.09 -37.19
CA GLN D 242 1.29 10.83 -36.05
C GLN D 242 1.38 9.92 -34.84
N GLN D 243 2.48 10.00 -34.09
CA GLN D 243 2.77 9.05 -33.03
C GLN D 243 3.15 9.79 -31.74
N ASN D 244 2.21 10.59 -31.25
CA ASN D 244 2.34 11.07 -29.88
C ASN D 244 2.19 9.93 -28.88
N LEU D 245 1.37 8.94 -29.22
CA LEU D 245 1.18 7.72 -28.43
C LEU D 245 1.27 6.51 -29.35
N VAL D 246 1.64 5.37 -28.78
CA VAL D 246 1.67 4.13 -29.56
C VAL D 246 0.25 3.77 -30.02
N SER D 247 -0.76 4.18 -29.25
CA SER D 247 -2.15 3.88 -29.61
C SER D 247 -2.61 4.64 -30.84
N THR D 248 -2.03 5.82 -31.10
CA THR D 248 -2.58 6.68 -32.14
C THR D 248 -2.44 6.09 -33.54
N PRO D 249 -1.28 5.59 -33.98
CA PRO D 249 -1.22 5.01 -35.33
C PRO D 249 -2.12 3.80 -35.49
N TYR D 250 -2.27 2.99 -34.43
CA TYR D 250 -3.17 1.85 -34.50
C TYR D 250 -4.62 2.30 -34.59
N SER D 251 -5.00 3.30 -33.79
CA SER D 251 -6.39 3.78 -33.79
C SER D 251 -6.76 4.38 -35.13
N LEU D 252 -5.86 5.17 -35.73
CA LEU D 252 -6.13 5.76 -37.03
C LEU D 252 -6.26 4.69 -38.11
N ALA D 253 -5.43 3.65 -38.04
CA ALA D 253 -5.52 2.57 -39.02
C ALA D 253 -6.88 1.88 -38.96
N LYS D 254 -7.28 1.48 -37.75
CA LYS D 254 -8.62 0.92 -37.56
C LYS D 254 -9.69 1.86 -38.11
N HIS D 255 -9.51 3.16 -37.91
CA HIS D 255 -10.48 4.13 -38.44
C HIS D 255 -10.38 4.24 -39.96
N LEU D 256 -9.18 4.19 -40.50
CA LEU D 256 -8.98 4.40 -41.93
C LEU D 256 -8.96 3.10 -42.74
N GLY D 257 -8.97 1.95 -42.08
CA GLY D 257 -9.02 0.68 -42.79
C GLY D 257 -7.69 0.04 -43.09
N PHE D 258 -6.65 0.35 -42.31
CA PHE D 258 -5.36 -0.33 -42.43
C PHE D 258 -5.24 -1.37 -41.32
N ASN D 259 -4.87 -2.59 -41.69
CA ASN D 259 -4.71 -3.65 -40.70
C ASN D 259 -3.51 -3.35 -39.81
N PRO D 260 -3.48 -3.94 -38.61
CA PRO D 260 -2.37 -3.64 -37.67
C PRO D 260 -0.99 -3.99 -38.20
N LYS D 261 -0.88 -4.88 -39.19
CA LYS D 261 0.43 -5.25 -39.70
C LYS D 261 1.07 -4.13 -40.52
N GLN D 262 0.26 -3.25 -41.12
CA GLN D 262 0.82 -2.12 -41.83
C GLN D 262 1.33 -1.05 -40.88
N VAL D 263 0.90 -1.07 -39.63
CA VAL D 263 1.27 -0.03 -38.67
C VAL D 263 2.50 -0.41 -37.87
N GLU D 264 2.57 -1.67 -37.45
CA GLU D 264 3.60 -2.12 -36.52
C GLU D 264 5.03 -1.75 -36.91
N PRO D 265 5.45 -1.84 -38.17
CA PRO D 265 6.84 -1.43 -38.49
C PRO D 265 7.16 0.00 -38.11
N GLY D 266 6.18 0.90 -38.07
CA GLY D 266 6.42 2.28 -37.73
C GLY D 266 6.42 2.60 -36.25
N ILE D 267 6.16 1.63 -35.39
CA ILE D 267 6.04 1.89 -33.95
C ILE D 267 7.43 2.00 -33.34
N TYR D 268 7.63 3.01 -32.49
CA TYR D 268 8.92 3.25 -31.87
C TYR D 268 8.78 3.93 -30.51
N ALA D 269 7.68 4.67 -30.32
CA ALA D 269 7.54 5.62 -29.23
C ALA D 269 7.08 5.00 -27.93
N GLY D 270 7.22 3.68 -27.76
CA GLY D 270 6.86 3.06 -26.51
C GLY D 270 7.68 3.55 -25.33
N ASN D 271 8.93 3.93 -25.57
CA ASN D 271 9.83 4.43 -24.53
C ASN D 271 10.24 5.88 -24.75
N VAL D 272 9.58 6.59 -25.67
CA VAL D 272 9.97 7.95 -26.02
C VAL D 272 8.89 8.97 -25.69
N GLY D 273 7.63 8.61 -25.89
CA GLY D 273 6.56 9.56 -25.67
C GLY D 273 6.32 10.42 -26.90
N ASP D 274 5.55 11.48 -26.69
CA ASP D 274 5.20 12.40 -27.77
C ASP D 274 6.46 13.12 -28.24
N ALA D 275 6.89 12.84 -29.47
CA ALA D 275 8.08 13.45 -30.04
C ALA D 275 7.77 14.69 -30.88
N GLY D 276 6.50 15.11 -30.93
CA GLY D 276 6.18 16.34 -31.63
C GLY D 276 6.31 16.20 -33.14
N SER D 277 6.93 17.20 -33.76
CA SER D 277 6.99 17.26 -35.22
C SER D 277 7.82 16.12 -35.82
N ALA D 278 8.65 15.47 -35.02
CA ALA D 278 9.49 14.37 -35.49
C ALA D 278 8.80 13.02 -35.47
N SER D 279 7.63 12.92 -34.82
CA SER D 279 6.96 11.62 -34.72
C SER D 279 6.58 11.03 -36.07
N PRO D 280 6.08 11.77 -37.07
CA PRO D 280 5.83 11.11 -38.36
C PRO D 280 7.10 10.74 -39.09
N LEU D 281 8.15 11.57 -38.95
CA LEU D 281 9.41 11.26 -39.64
C LEU D 281 10.15 10.13 -38.94
N LEU D 282 10.16 10.12 -37.61
CA LEU D 282 10.79 9.02 -36.88
C LEU D 282 10.12 7.70 -37.20
N GLY D 283 8.80 7.70 -37.38
CA GLY D 283 8.12 6.49 -37.81
C GLY D 283 8.54 6.05 -39.19
N LEU D 284 8.72 7.00 -40.10
CA LEU D 284 9.21 6.69 -41.45
C LEU D 284 10.63 6.12 -41.40
N ILE D 285 11.45 6.60 -40.47
CA ILE D 285 12.82 6.11 -40.38
C ILE D 285 12.84 4.64 -39.95
N ASN D 286 12.03 4.28 -38.95
CA ASN D 286 11.97 2.90 -38.52
C ASN D 286 11.41 2.01 -39.61
N VAL D 287 10.57 2.55 -40.48
CA VAL D 287 10.11 1.80 -41.65
C VAL D 287 11.24 1.64 -42.65
N LEU D 288 11.95 2.74 -42.95
CA LEU D 288 13.00 2.71 -43.96
C LEU D 288 14.17 1.83 -43.56
N ASP D 289 14.33 1.55 -42.27
CA ASP D 289 15.46 0.73 -41.82
C ASP D 289 15.30 -0.72 -42.24
N GLN D 290 14.06 -1.19 -42.44
CA GLN D 290 13.79 -2.59 -42.70
C GLN D 290 13.08 -2.84 -44.03
N ALA D 291 12.78 -1.79 -44.79
CA ALA D 291 12.00 -1.96 -46.01
C ALA D 291 12.83 -2.62 -47.11
N ARG D 292 12.14 -3.32 -47.99
CA ARG D 292 12.71 -3.89 -49.20
C ARG D 292 12.44 -2.97 -50.39
N PRO D 293 13.15 -3.17 -51.50
CA PRO D 293 12.85 -2.37 -52.69
C PRO D 293 11.45 -2.67 -53.20
N GLY D 294 10.77 -1.62 -53.67
CA GLY D 294 9.46 -1.74 -54.27
C GLY D 294 8.30 -1.52 -53.31
N GLN D 295 8.55 -1.52 -52.01
CA GLN D 295 7.47 -1.34 -51.04
C GLN D 295 6.90 0.06 -51.13
N LYS D 296 5.59 0.17 -50.93
CA LYS D 296 4.89 1.45 -50.99
C LYS D 296 4.56 1.90 -49.57
N ILE D 297 4.89 3.15 -49.25
CA ILE D 297 4.69 3.71 -47.92
C ILE D 297 3.71 4.87 -48.03
N LEU D 298 2.74 4.90 -47.12
CA LEU D 298 1.82 6.02 -47.00
C LEU D 298 2.01 6.67 -45.65
N LEU D 299 2.42 7.95 -45.64
CA LEU D 299 2.67 8.69 -44.42
C LEU D 299 1.67 9.84 -44.33
N VAL D 300 0.99 9.94 -43.19
CA VAL D 300 0.05 11.01 -42.93
C VAL D 300 0.33 11.58 -41.55
N SER D 301 0.52 12.89 -41.47
CA SER D 301 0.84 13.56 -40.22
C SER D 301 -0.33 14.41 -39.74
N TYR D 302 -0.25 14.84 -38.48
CA TYR D 302 -1.27 15.69 -37.89
C TYR D 302 -0.66 16.80 -37.05
N GLY D 303 -1.09 18.02 -37.30
CA GLY D 303 -0.76 19.15 -36.46
C GLY D 303 -2.01 19.84 -35.99
N PHE D 304 -2.08 20.15 -34.69
CA PHE D 304 -3.27 20.74 -34.08
C PHE D 304 -3.43 22.21 -34.53
N GLY D 305 -4.58 22.79 -34.20
CA GLY D 305 -4.98 24.03 -34.84
C GLY D 305 -5.05 23.68 -36.31
N ALA D 306 -5.91 22.72 -36.60
CA ALA D 306 -5.53 21.52 -37.32
C ALA D 306 -5.27 21.70 -38.82
N GLY D 307 -4.26 20.97 -39.28
CA GLY D 307 -4.01 20.64 -40.67
C GLY D 307 -3.33 19.29 -40.70
N SER D 308 -3.29 18.70 -41.90
CA SER D 308 -2.68 17.38 -42.06
C SER D 308 -1.98 17.30 -43.40
N ASP D 309 -0.92 16.49 -43.44
CA ASP D 309 -0.09 16.30 -44.62
C ASP D 309 0.00 14.80 -44.92
N ALA D 310 -0.31 14.44 -46.17
CA ALA D 310 -0.26 13.05 -46.63
C ALA D 310 0.80 12.95 -47.71
N ILE D 311 1.72 11.99 -47.57
CA ILE D 311 2.82 11.80 -48.50
C ILE D 311 2.97 10.31 -48.79
N ALA D 312 3.17 9.97 -50.07
CA ALA D 312 3.31 8.59 -50.50
C ALA D 312 4.71 8.36 -51.06
N LEU D 313 5.35 7.26 -50.66
CA LEU D 313 6.72 6.97 -51.03
C LEU D 313 6.83 5.59 -51.65
N THR D 314 7.89 5.39 -52.44
CA THR D 314 8.27 4.09 -52.94
C THR D 314 9.74 3.86 -52.62
N VAL D 315 10.06 2.67 -52.11
CA VAL D 315 11.43 2.34 -51.73
C VAL D 315 12.18 1.87 -52.97
N THR D 316 13.36 2.47 -53.21
CA THR D 316 14.13 2.19 -54.41
C THR D 316 15.09 1.02 -54.17
N ASP D 317 15.79 0.62 -55.23
CA ASP D 317 16.81 -0.43 -55.11
C ASP D 317 18.00 0.02 -54.28
N ALA D 318 18.21 1.32 -54.13
CA ALA D 318 19.34 1.83 -53.36
C ALA D 318 19.20 1.60 -51.86
N ILE D 319 18.02 1.17 -51.39
CA ILE D 319 17.83 0.95 -49.96
C ILE D 319 18.75 -0.17 -49.47
N GLU D 320 18.99 -1.18 -50.30
CA GLU D 320 19.81 -2.31 -49.88
C GLU D 320 21.24 -1.87 -49.60
N GLN D 321 21.81 -1.06 -50.49
CA GLN D 321 23.15 -0.52 -50.25
C GLN D 321 23.16 0.41 -49.05
N TYR D 322 22.07 1.14 -48.82
CA TYR D 322 22.04 2.12 -47.73
C TYR D 322 22.15 1.45 -46.37
N GLN D 323 21.27 0.51 -46.08
CA GLN D 323 21.22 -0.13 -44.77
C GLN D 323 22.33 -1.16 -44.55
N LYS D 324 23.15 -1.44 -45.57
CA LYS D 324 24.24 -2.39 -45.39
C LYS D 324 25.20 -1.94 -44.29
N HIS D 325 25.37 -0.63 -44.13
CA HIS D 325 26.16 -0.05 -43.05
C HIS D 325 25.36 1.12 -42.47
N ASN D 326 24.41 0.81 -41.60
CA ASN D 326 23.54 1.81 -41.01
C ASN D 326 23.12 1.36 -39.61
N LYS D 327 23.08 2.31 -38.68
CA LYS D 327 22.57 2.05 -37.35
C LYS D 327 21.05 2.21 -37.35
N PRO D 328 20.27 1.17 -37.08
CA PRO D 328 18.82 1.33 -37.07
C PRO D 328 18.37 2.17 -35.90
N LEU D 329 17.25 2.88 -36.10
CA LEU D 329 16.68 3.70 -35.04
C LEU D 329 16.37 2.86 -33.81
N ARG D 330 15.89 1.63 -34.01
CA ARG D 330 15.60 0.74 -32.89
C ARG D 330 16.84 0.49 -32.05
N GLU D 331 18.00 0.40 -32.71
CA GLU D 331 19.24 0.25 -31.97
C GLU D 331 19.59 1.53 -31.21
N LEU D 332 19.33 2.69 -31.82
CA LEU D 332 19.60 3.95 -31.14
C LEU D 332 18.71 4.15 -29.93
N LEU D 333 17.51 3.56 -29.94
CA LEU D 333 16.56 3.72 -28.85
C LEU D 333 16.92 2.90 -27.62
N GLU D 334 17.94 2.04 -27.70
CA GLU D 334 18.34 1.23 -26.55
C GLU D 334 19.17 2.03 -25.55
N SER D 335 19.92 3.03 -26.01
CA SER D 335 20.76 3.83 -25.15
C SER D 335 19.88 4.79 -24.35
N LYS D 336 19.78 4.55 -23.04
CA LYS D 336 18.90 5.37 -22.21
C LYS D 336 19.45 5.48 -20.80
N ILE D 337 19.22 6.64 -20.19
CA ILE D 337 19.57 6.92 -18.80
C ILE D 337 18.28 7.21 -18.06
N TYR D 338 18.11 6.62 -16.89
CA TYR D 338 16.89 6.77 -16.11
C TYR D 338 17.08 7.78 -14.99
N VAL D 339 16.06 8.62 -14.79
CA VAL D 339 16.05 9.61 -13.73
C VAL D 339 14.75 9.48 -12.96
N ASP D 340 14.76 9.92 -11.71
CA ASP D 340 13.53 10.05 -10.95
C ASP D 340 12.79 11.31 -11.38
N TYR D 341 11.60 11.52 -10.80
CA TYR D 341 10.82 12.69 -11.17
C TYR D 341 11.46 13.98 -10.70
N GLY D 342 12.13 13.94 -9.54
CA GLY D 342 12.78 15.13 -9.03
C GLY D 342 13.87 15.64 -9.95
N THR D 343 14.72 14.72 -10.42
CA THR D 343 15.79 15.12 -11.35
C THR D 343 15.20 15.58 -12.68
N SER D 344 14.18 14.89 -13.17
CA SER D 344 13.60 15.25 -14.47
C SER D 344 13.05 16.67 -14.45
N ILE D 345 12.37 17.06 -13.37
CA ILE D 345 11.85 18.41 -13.27
C ILE D 345 12.99 19.42 -13.21
N LYS D 346 14.09 19.05 -12.54
CA LYS D 346 15.25 19.93 -12.49
C LYS D 346 15.90 20.06 -13.86
N TYR D 347 15.99 18.96 -14.61
CA TYR D 347 16.66 19.00 -15.91
C TYR D 347 15.90 19.88 -16.91
N GLU D 348 14.57 19.82 -16.89
CA GLU D 348 13.76 20.51 -17.88
C GLU D 348 13.29 21.88 -17.41
N PHE D 349 13.87 22.40 -16.33
CA PHE D 349 13.59 23.74 -15.82
C PHE D 349 12.10 23.94 -15.59
N LYS D 350 11.52 23.05 -14.79
CA LYS D 350 10.12 23.13 -14.42
C LYS D 350 9.90 23.52 -12.96
N TYR D 351 10.95 23.63 -12.15
CA TYR D 351 10.82 24.19 -10.82
C TYR D 351 10.68 25.69 -10.88
N LEU D 352 9.74 26.22 -10.11
CA LEU D 352 9.57 27.67 -10.02
C LEU D 352 10.72 28.27 -9.21
N ARG D 353 11.79 28.68 -9.89
CA ARG D 353 12.97 29.21 -9.24
C ARG D 353 13.00 30.73 -9.33
N ALA D 354 13.96 31.33 -8.62
CA ALA D 354 14.05 32.78 -8.55
C ALA D 354 14.28 33.37 -9.94
N ASP D 355 13.57 34.47 -10.22
CA ASP D 355 13.73 35.19 -11.48
C ASP D 355 15.19 35.57 -11.71
N TYR D 356 15.88 36.02 -10.66
CA TYR D 356 17.22 36.58 -10.77
C TYR D 356 18.11 35.81 -9.79
N ALA D 357 19.03 35.01 -10.32
CA ALA D 357 19.81 34.09 -9.52
C ALA D 357 21.19 34.69 -9.25
N LEU D 358 21.53 34.85 -7.97
CA LEU D 358 22.83 35.42 -7.61
C LEU D 358 23.96 34.42 -7.86
N THR D 359 23.79 33.18 -7.41
CA THR D 359 24.70 32.09 -7.76
C THR D 359 23.90 30.92 -8.30
N ALA D 360 24.58 29.77 -8.50
CA ALA D 360 23.89 28.60 -9.02
C ALA D 360 22.83 28.10 -8.05
N TYR D 361 23.19 27.96 -6.77
CA TYR D 361 22.29 27.45 -5.75
C TYR D 361 21.86 28.53 -4.76
N LEU D 362 21.94 29.80 -5.13
CA LEU D 362 21.46 30.88 -4.29
C LEU D 362 20.65 31.89 -5.09
N SER E 2 -0.13 38.36 -18.17
CA SER E 2 1.10 37.96 -18.86
C SER E 2 1.81 39.20 -19.43
N MET E 3 2.74 38.96 -20.35
CA MET E 3 3.45 40.05 -21.00
C MET E 3 2.56 40.82 -21.98
N TYR E 4 1.39 40.27 -22.32
CA TYR E 4 0.40 40.98 -23.13
C TYR E 4 -0.83 41.23 -22.27
N PRO E 5 -0.99 42.43 -21.73
CA PRO E 5 -2.11 42.69 -20.79
C PRO E 5 -3.43 42.94 -21.50
N GLU E 6 -3.87 41.97 -22.30
CA GLU E 6 -5.17 42.04 -22.94
C GLU E 6 -6.21 41.40 -22.04
N GLN E 7 -7.32 42.10 -21.82
CA GLN E 7 -8.38 41.58 -20.97
C GLN E 7 -8.90 40.26 -21.52
N ILE E 8 -9.10 39.29 -20.62
CA ILE E 8 -9.61 37.97 -20.98
C ILE E 8 -11.04 37.86 -20.46
N HIS E 9 -11.93 37.26 -21.27
CA HIS E 9 -13.34 37.24 -20.94
C HIS E 9 -13.61 36.39 -19.70
N ARG E 10 -14.47 36.89 -18.82
CA ARG E 10 -14.91 36.16 -17.64
C ARG E 10 -16.32 36.60 -17.32
N MET E 11 -17.28 35.67 -17.39
CA MET E 11 -18.68 36.04 -17.22
C MET E 11 -18.96 36.51 -15.80
N THR E 12 -18.39 35.82 -14.80
CA THR E 12 -18.70 36.06 -13.41
C THR E 12 -17.44 36.48 -12.65
N THR E 13 -17.52 37.61 -11.95
CA THR E 13 -16.49 38.05 -11.02
C THR E 13 -17.16 38.26 -9.67
N ALA E 14 -16.77 37.46 -8.68
CA ALA E 14 -17.41 37.50 -7.38
C ALA E 14 -17.13 38.83 -6.70
N SER E 15 -18.18 39.43 -6.14
CA SER E 15 -18.00 40.57 -5.25
C SER E 15 -17.51 40.09 -3.89
N MET E 16 -16.75 40.95 -3.21
CA MET E 16 -16.27 40.61 -1.87
C MET E 16 -17.42 40.54 -0.86
N LEU E 17 -18.60 41.05 -1.20
CA LEU E 17 -19.72 41.06 -0.27
C LEU E 17 -20.15 39.65 0.13
N ARG E 18 -20.10 38.71 -0.82
CA ARG E 18 -20.61 37.36 -0.56
C ARG E 18 -19.90 36.73 0.64
N GLU E 19 -18.57 36.68 0.60
CA GLU E 19 -17.82 36.09 1.70
C GLU E 19 -17.86 36.97 2.94
N TRP E 20 -18.02 38.29 2.75
CA TRP E 20 -18.06 39.20 3.88
C TRP E 20 -19.24 38.89 4.81
N ARG E 21 -20.44 38.76 4.24
CA ARG E 21 -21.61 38.44 5.06
C ARG E 21 -21.52 37.05 5.68
N GLU E 22 -20.70 36.16 5.12
CA GLU E 22 -20.65 34.78 5.53
C GLU E 22 -19.45 34.47 6.42
N HIS E 23 -18.75 35.48 6.91
CA HIS E 23 -17.62 35.25 7.79
C HIS E 23 -18.04 34.50 9.04
N GLY E 24 -19.17 34.90 9.63
CA GLY E 24 -19.64 34.19 10.82
C GLY E 24 -19.90 32.73 10.57
N GLY E 25 -20.49 32.42 9.41
CA GLY E 25 -20.78 31.03 9.09
C GLY E 25 -19.53 30.22 8.77
N LYS E 26 -18.62 30.79 7.99
CA LYS E 26 -17.46 30.03 7.52
C LYS E 26 -16.27 30.07 8.47
N TYR E 27 -16.00 31.23 9.09
CA TYR E 27 -14.89 31.32 10.03
C TYR E 27 -15.25 30.71 11.38
N ARG E 28 -16.44 31.04 11.90
CA ARG E 28 -16.81 30.70 13.26
C ARG E 28 -17.89 29.64 13.35
N LEU E 29 -18.32 29.06 12.22
CA LEU E 29 -19.33 27.99 12.20
C LEU E 29 -20.62 28.46 12.87
N GLU E 30 -21.05 29.67 12.55
CA GLU E 30 -22.26 30.26 13.13
C GLU E 30 -23.46 29.88 12.28
N GLY E 31 -24.44 29.23 12.90
CA GLY E 31 -25.69 28.93 12.23
C GLY E 31 -26.79 29.89 12.62
N SER E 32 -27.95 29.35 12.99
CA SER E 32 -29.07 30.16 13.45
C SER E 32 -29.81 29.40 14.54
N GLN E 33 -30.27 30.14 15.55
CA GLN E 33 -31.11 29.59 16.61
C GLN E 33 -32.37 30.43 16.71
N CYS E 34 -33.50 29.76 16.91
CA CYS E 34 -34.77 30.45 17.09
C CYS E 34 -35.02 30.71 18.57
N GLU E 35 -35.55 31.89 18.87
CA GLU E 35 -35.74 32.30 20.25
C GLU E 35 -36.99 31.67 20.86
N GLU E 36 -38.07 31.57 20.08
CA GLU E 36 -39.36 31.17 20.64
C GLU E 36 -39.42 29.68 20.92
N CYS E 37 -38.94 28.85 19.99
CA CYS E 37 -39.04 27.39 20.13
C CYS E 37 -37.69 26.72 20.36
N ASN E 38 -36.60 27.47 20.37
CA ASN E 38 -35.27 26.97 20.74
C ASN E 38 -34.74 25.91 19.78
N GLU E 39 -35.04 26.03 18.49
CA GLU E 39 -34.50 25.11 17.49
C GLU E 39 -33.35 25.76 16.75
N ILE E 40 -32.34 24.97 16.42
CA ILE E 40 -31.11 25.45 15.82
C ILE E 40 -30.94 24.86 14.42
N PHE E 41 -30.34 25.64 13.53
CA PHE E 41 -30.04 25.20 12.18
C PHE E 41 -28.66 25.69 11.78
N PHE E 42 -28.13 25.08 10.72
CA PHE E 42 -26.95 25.55 10.03
C PHE E 42 -27.13 25.09 8.58
N PRO E 43 -26.83 25.95 7.59
CA PRO E 43 -26.32 27.33 7.70
C PRO E 43 -27.33 28.32 8.27
N ARG E 44 -26.90 29.56 8.44
CA ARG E 44 -27.74 30.61 9.01
C ARG E 44 -28.97 30.83 8.13
N ARG E 45 -30.08 31.19 8.78
CA ARG E 45 -31.32 31.43 8.07
C ARG E 45 -32.10 32.54 8.77
N THR E 46 -32.99 33.17 8.01
CA THR E 46 -33.78 34.28 8.51
C THR E 46 -35.08 33.84 9.15
N VAL E 47 -35.72 32.82 8.57
CA VAL E 47 -37.00 32.29 9.06
C VAL E 47 -36.73 30.98 9.78
N CYS E 48 -37.26 30.84 10.99
CA CYS E 48 -37.21 29.56 11.66
C CYS E 48 -38.12 28.57 10.93
N GLY E 49 -37.65 27.35 10.74
CA GLY E 49 -38.39 26.33 10.02
C GLY E 49 -39.55 25.72 10.79
N ALA E 50 -39.35 25.46 12.08
CA ALA E 50 -40.35 24.74 12.87
C ALA E 50 -41.51 25.62 13.28
N CYS E 51 -41.23 26.81 13.82
CA CYS E 51 -42.27 27.68 14.35
C CYS E 51 -42.60 28.85 13.42
N ASN E 52 -41.80 29.09 12.38
CA ASN E 52 -42.06 30.12 11.37
C ASN E 52 -42.04 31.53 11.94
N SER E 53 -41.20 31.78 12.94
CA SER E 53 -41.07 33.10 13.54
C SER E 53 -39.87 33.83 12.96
N LEU E 54 -40.03 35.13 12.71
CA LEU E 54 -38.91 35.94 12.23
C LEU E 54 -37.90 36.23 13.33
N SER E 55 -38.27 36.05 14.59
CA SER E 55 -37.33 36.26 15.70
C SER E 55 -36.31 35.13 15.73
N VAL E 56 -35.22 35.30 14.98
CA VAL E 56 -34.14 34.33 14.91
C VAL E 56 -32.83 35.04 15.18
N LYS E 57 -31.92 34.36 15.86
CA LYS E 57 -30.63 34.93 16.24
C LYS E 57 -29.51 33.98 15.84
N PRO E 58 -28.29 34.50 15.65
CA PRO E 58 -27.15 33.63 15.33
C PRO E 58 -26.86 32.64 16.46
N TYR E 59 -26.20 31.55 16.08
CA TYR E 59 -25.95 30.44 16.99
C TYR E 59 -24.61 29.82 16.66
N ARG E 60 -23.75 29.68 17.67
CA ARG E 60 -22.43 29.08 17.50
C ARG E 60 -22.58 27.57 17.64
N CYS E 61 -22.53 26.87 16.51
CA CYS E 61 -22.62 25.42 16.52
C CYS E 61 -21.42 24.81 17.23
N ALA E 62 -21.61 23.61 17.78
CA ALA E 62 -20.51 22.91 18.42
C ALA E 62 -19.44 22.56 17.39
N ARG E 63 -18.20 22.91 17.70
CA ARG E 63 -17.10 22.69 16.78
C ARG E 63 -16.46 21.33 16.95
N SER E 64 -16.98 20.49 17.84
CA SER E 64 -16.59 19.09 17.93
C SER E 64 -17.74 18.21 17.48
N GLY E 65 -17.40 16.99 17.08
CA GLY E 65 -18.41 16.05 16.62
C GLY E 65 -17.77 14.75 16.21
N LYS E 66 -18.61 13.85 15.70
CA LYS E 66 -18.16 12.54 15.25
C LYS E 66 -18.43 12.40 13.75
N ILE E 67 -17.70 11.48 13.13
CA ILE E 67 -17.86 11.22 11.69
C ILE E 67 -19.08 10.32 11.51
N GLU E 68 -20.10 10.85 10.85
CA GLU E 68 -21.33 10.08 10.65
C GLU E 68 -21.21 9.15 9.45
N VAL E 69 -20.65 9.64 8.35
CA VAL E 69 -20.41 8.83 7.18
C VAL E 69 -19.32 9.51 6.37
N MET E 70 -18.51 8.70 5.69
CA MET E 70 -17.36 9.21 4.96
C MET E 70 -17.19 8.47 3.65
N ALA E 71 -16.60 9.14 2.67
CA ALA E 71 -16.32 8.57 1.36
C ALA E 71 -15.14 9.27 0.71
N PRO E 72 -14.08 8.54 0.36
CA PRO E 72 -12.94 9.18 -0.31
C PRO E 72 -13.30 9.64 -1.70
N ALA E 73 -12.67 10.73 -2.12
CA ALA E 73 -12.84 11.29 -3.46
C ALA E 73 -11.50 11.15 -4.17
N GLU E 74 -11.36 10.08 -4.96
CA GLU E 74 -10.10 9.75 -5.60
C GLU E 74 -10.14 9.92 -7.12
N ASN E 75 -11.27 10.36 -7.67
CA ASN E 75 -11.46 10.35 -9.11
C ASN E 75 -10.90 11.63 -9.73
N PRO E 76 -9.90 11.55 -10.62
CA PRO E 76 -9.35 12.77 -11.20
C PRO E 76 -10.29 13.47 -12.17
N ILE E 77 -11.23 12.74 -12.78
CA ILE E 77 -12.23 13.39 -13.63
C ILE E 77 -13.07 14.37 -12.83
N LEU E 78 -13.34 14.05 -11.57
CA LEU E 78 -14.17 14.88 -10.70
C LEU E 78 -13.34 15.85 -9.85
N ALA E 79 -12.06 16.02 -10.16
CA ALA E 79 -11.24 16.97 -9.42
C ALA E 79 -11.63 18.39 -9.78
N ALA E 80 -11.82 19.22 -8.77
CA ALA E 80 -12.20 20.61 -8.96
C ALA E 80 -10.97 21.52 -8.90
N MET E 81 -11.07 22.66 -9.58
CA MET E 81 -9.97 23.60 -9.61
C MET E 81 -9.66 24.13 -8.20
N GLY E 82 -8.38 24.17 -7.86
CA GLY E 82 -7.94 24.55 -6.53
C GLY E 82 -7.84 23.41 -5.55
N TYR E 83 -8.58 22.33 -5.76
CA TYR E 83 -8.57 21.17 -4.87
C TYR E 83 -7.90 19.95 -5.50
N GLY E 84 -7.29 20.11 -6.67
CA GLY E 84 -6.63 18.99 -7.33
C GLY E 84 -5.26 18.64 -6.78
N GLU E 85 -4.72 19.46 -5.88
CA GLU E 85 -3.38 19.20 -5.37
C GLU E 85 -3.37 18.09 -4.31
N THR E 86 -4.39 18.02 -3.47
CA THR E 86 -4.48 16.98 -2.45
C THR E 86 -5.34 15.84 -2.98
N VAL E 87 -4.71 14.68 -3.17
CA VAL E 87 -5.41 13.47 -3.59
C VAL E 87 -4.98 12.32 -2.69
N PRO E 88 -5.92 11.58 -2.07
CA PRO E 88 -7.35 11.85 -2.21
C PRO E 88 -7.93 12.69 -1.09
N ARG E 89 -8.93 13.50 -1.40
CA ARG E 89 -9.68 14.23 -0.39
C ARG E 89 -10.72 13.31 0.23
N ILE E 90 -10.82 13.34 1.55
CA ILE E 90 -11.71 12.46 2.30
C ILE E 90 -12.94 13.27 2.67
N MET E 91 -14.03 13.08 1.93
CA MET E 91 -15.28 13.75 2.23
C MET E 91 -15.99 13.08 3.40
N ALA E 92 -16.66 13.88 4.22
CA ALA E 92 -17.29 13.35 5.44
C ALA E 92 -18.47 14.23 5.84
N MET E 93 -19.49 13.58 6.39
CA MET E 93 -20.58 14.25 7.08
C MET E 93 -20.29 14.22 8.58
N VAL E 94 -20.19 15.40 9.19
CA VAL E 94 -19.80 15.52 10.59
C VAL E 94 -21.04 15.81 11.41
N ARG E 95 -21.39 14.87 12.30
CA ARG E 95 -22.45 15.09 13.27
C ARG E 95 -21.86 15.85 14.45
N LEU E 96 -22.14 17.15 14.52
CA LEU E 96 -21.66 17.97 15.62
C LEU E 96 -22.23 17.46 16.94
N ASP E 97 -21.58 17.86 18.04
CA ASP E 97 -21.99 17.40 19.35
C ASP E 97 -23.39 17.89 19.73
N ASP E 98 -23.86 18.96 19.12
CA ASP E 98 -25.21 19.46 19.38
C ASP E 98 -26.28 18.81 18.52
N GLY E 99 -25.89 17.88 17.63
CA GLY E 99 -26.83 17.14 16.82
C GLY E 99 -26.89 17.57 15.37
N LEU E 100 -26.39 18.75 15.04
CA LEU E 100 -26.39 19.20 13.65
C LEU E 100 -25.37 18.40 12.84
N VAL E 101 -25.56 18.40 11.52
CA VAL E 101 -24.71 17.66 10.60
C VAL E 101 -24.10 18.65 9.60
N ILE E 102 -22.78 18.63 9.49
CA ILE E 102 -22.04 19.51 8.57
C ILE E 102 -21.42 18.64 7.49
N ALA E 103 -21.41 19.15 6.27
CA ALA E 103 -20.76 18.48 5.15
C ALA E 103 -19.41 19.17 4.91
N SER E 104 -18.33 18.44 5.17
CA SER E 104 -16.98 18.99 4.98
C SER E 104 -16.04 17.82 4.65
N GLU E 105 -14.76 18.00 4.89
CA GLU E 105 -13.78 16.95 4.63
C GLU E 105 -12.81 16.82 5.81
N ILE E 106 -12.11 15.69 5.84
CA ILE E 106 -11.12 15.39 6.87
C ILE E 106 -9.74 15.62 6.30
N VAL E 107 -8.85 16.22 7.11
CA VAL E 107 -7.49 16.52 6.72
C VAL E 107 -6.56 16.14 7.87
N ASP E 108 -5.25 16.13 7.58
CA ASP E 108 -4.21 15.83 8.56
C ASP E 108 -4.44 14.46 9.20
N VAL E 109 -4.44 13.44 8.35
CA VAL E 109 -4.68 12.07 8.80
C VAL E 109 -3.33 11.48 9.19
N CYS E 110 -3.00 11.59 10.49
CA CYS E 110 -1.72 11.09 10.97
C CYS E 110 -1.73 9.56 11.02
N ASP E 111 -2.79 8.96 11.54
CA ASP E 111 -2.91 7.52 11.65
C ASP E 111 -4.13 7.08 10.86
N GLN E 112 -3.93 6.24 9.85
CA GLN E 112 -5.02 5.80 9.00
C GLN E 112 -5.98 4.87 9.74
N GLN E 113 -5.47 4.06 10.68
CA GLN E 113 -6.33 3.14 11.41
C GLN E 113 -7.36 3.86 12.26
N GLN E 114 -7.03 5.06 12.75
CA GLN E 114 -7.93 5.81 13.61
C GLN E 114 -9.10 6.41 12.85
N LEU E 115 -9.05 6.45 11.53
CA LEU E 115 -10.09 7.08 10.71
C LEU E 115 -11.16 6.05 10.39
N LYS E 116 -12.26 6.10 11.13
CA LYS E 116 -13.41 5.23 10.92
C LYS E 116 -14.67 5.97 11.34
N VAL E 117 -15.82 5.35 11.07
CA VAL E 117 -17.10 5.97 11.37
C VAL E 117 -17.27 6.11 12.87
N GLY E 118 -17.74 7.28 13.31
CA GLY E 118 -17.87 7.59 14.71
C GLY E 118 -16.63 8.14 15.37
N ALA E 119 -15.57 8.41 14.61
CA ALA E 119 -14.37 8.98 15.19
C ALA E 119 -14.60 10.43 15.58
N PRO E 120 -14.07 10.87 16.73
CA PRO E 120 -14.25 12.27 17.12
C PRO E 120 -13.35 13.20 16.32
N VAL E 121 -13.92 14.32 15.90
CA VAL E 121 -13.22 15.31 15.10
C VAL E 121 -13.49 16.70 15.67
N ARG E 122 -12.64 17.65 15.28
CA ARG E 122 -12.80 19.06 15.65
C ARG E 122 -12.66 19.92 14.40
N MET E 123 -13.33 21.07 14.42
CA MET E 123 -13.28 21.99 13.30
C MET E 123 -11.97 22.78 13.31
N VAL E 124 -11.41 22.99 12.13
CA VAL E 124 -10.22 23.82 11.96
C VAL E 124 -10.47 24.77 10.81
N ILE E 125 -9.67 25.83 10.76
CA ILE E 125 -9.70 26.80 9.67
C ILE E 125 -8.61 26.45 8.68
N ARG E 126 -8.97 26.36 7.39
CA ARG E 126 -8.04 26.01 6.33
C ARG E 126 -8.30 26.90 5.13
N LYS E 127 -7.35 26.88 4.19
CA LYS E 127 -7.49 27.66 2.96
C LYS E 127 -8.34 26.88 1.96
N HIS E 128 -9.22 27.60 1.26
CA HIS E 128 -10.06 27.01 0.23
C HIS E 128 -9.75 27.66 -1.12
N VAL E 129 -10.61 27.39 -2.11
CA VAL E 129 -10.35 27.86 -3.46
C VAL E 129 -10.29 29.39 -3.47
N ARG E 130 -9.36 29.94 -4.23
CA ARG E 130 -9.16 31.38 -4.26
C ARG E 130 -10.36 32.06 -4.91
N GLU E 131 -10.73 33.22 -4.37
CA GLU E 131 -11.90 33.93 -4.84
C GLU E 131 -11.67 34.50 -6.25
N SER E 132 -12.78 34.74 -6.96
CA SER E 132 -12.70 35.38 -8.26
C SER E 132 -12.13 36.79 -8.17
N ASN E 133 -12.18 37.40 -7.00
CA ASN E 133 -11.65 38.74 -6.76
C ASN E 133 -10.25 38.72 -6.13
N LEU E 134 -9.52 37.62 -6.32
CA LEU E 134 -8.11 37.50 -5.94
C LEU E 134 -7.89 37.39 -4.44
N ALA E 135 -8.95 37.54 -3.63
CA ALA E 135 -8.82 37.42 -2.19
C ALA E 135 -8.72 35.95 -1.81
N TRP E 136 -7.78 35.62 -0.93
CA TRP E 136 -7.70 34.25 -0.43
C TRP E 136 -8.99 33.90 0.32
N GLN E 137 -9.40 32.63 0.22
CA GLN E 137 -10.62 32.18 0.88
C GLN E 137 -10.28 31.16 1.95
N TYR E 138 -10.74 31.43 3.17
CA TYR E 138 -10.58 30.52 4.30
C TYR E 138 -11.95 30.07 4.78
N ALA E 139 -12.04 28.81 5.17
CA ALA E 139 -13.28 28.24 5.71
C ALA E 139 -12.93 26.99 6.51
N TYR E 140 -13.95 26.35 7.02
CA TYR E 140 -13.75 25.28 8.01
C TYR E 140 -13.42 23.94 7.34
N LYS E 141 -12.65 23.14 8.07
CA LYS E 141 -12.46 21.72 7.78
C LYS E 141 -12.39 21.00 9.12
N PHE E 142 -12.23 19.68 9.07
CA PHE E 142 -12.21 18.89 10.29
C PHE E 142 -11.03 17.93 10.29
N VAL E 143 -10.42 17.75 11.47
CA VAL E 143 -9.33 16.81 11.67
C VAL E 143 -9.68 15.90 12.84
N LEU E 144 -9.01 14.75 12.90
CA LEU E 144 -9.30 13.79 13.96
C LEU E 144 -8.87 14.35 15.31
N ASP E 145 -9.76 14.21 16.29
CA ASP E 145 -9.60 14.83 17.61
C ASP E 145 -9.29 13.73 18.63
N ILE E 146 -8.01 13.35 18.70
CA ILE E 146 -7.57 12.33 19.64
C ILE E 146 -6.26 12.76 20.29
N ARG F 4 -59.29 20.19 -16.48
CA ARG F 4 -59.51 19.17 -17.48
C ARG F 4 -58.30 18.24 -17.59
N ARG F 5 -58.48 17.13 -18.31
CA ARG F 5 -57.42 16.14 -18.47
C ARG F 5 -56.48 16.51 -19.61
N VAL F 6 -55.21 16.14 -19.46
CA VAL F 6 -54.21 16.36 -20.49
C VAL F 6 -53.64 15.00 -20.89
N ALA F 7 -53.25 14.90 -22.17
CA ALA F 7 -52.73 13.65 -22.70
C ALA F 7 -51.44 13.92 -23.44
N ILE F 8 -50.52 12.95 -23.37
CA ILE F 8 -49.27 13.01 -24.10
C ILE F 8 -49.47 12.30 -25.44
N VAL F 9 -49.38 13.05 -26.53
CA VAL F 9 -49.56 12.46 -27.86
C VAL F 9 -48.27 11.96 -28.48
N SER F 10 -47.12 12.49 -28.08
CA SER F 10 -45.84 12.04 -28.62
C SER F 10 -44.72 12.47 -27.68
N ALA F 11 -43.65 11.68 -27.68
CA ALA F 11 -42.46 11.97 -26.88
C ALA F 11 -41.24 11.38 -27.57
N ALA F 12 -40.20 12.18 -27.74
CA ALA F 12 -38.99 11.73 -28.42
C ALA F 12 -37.80 12.49 -27.86
N TYR F 13 -36.62 11.87 -28.00
CA TYR F 13 -35.38 12.49 -27.58
C TYR F 13 -34.26 12.03 -28.49
N THR F 14 -33.19 12.81 -28.53
CA THR F 14 -32.06 12.49 -29.39
C THR F 14 -31.43 11.17 -28.95
N PRO F 15 -31.10 10.27 -29.88
CA PRO F 15 -30.62 8.95 -29.50
C PRO F 15 -29.27 9.01 -28.79
N LYS F 16 -28.99 7.91 -28.06
CA LYS F 16 -27.78 7.73 -27.27
C LYS F 16 -27.48 8.98 -26.45
N PRO F 17 -28.31 9.29 -25.46
CA PRO F 17 -28.07 10.49 -24.64
C PRO F 17 -26.78 10.46 -23.85
N GLY F 18 -26.25 9.26 -23.56
CA GLY F 18 -24.97 9.17 -22.88
C GLY F 18 -23.76 9.42 -23.76
N SER F 19 -23.95 9.64 -25.04
CA SER F 19 -22.86 9.95 -25.96
C SER F 19 -22.97 11.39 -26.42
N SER F 20 -21.82 12.01 -26.65
CA SER F 20 -21.75 13.44 -26.94
C SER F 20 -22.06 13.73 -28.41
N ARG F 21 -22.54 14.95 -28.67
CA ARG F 21 -22.91 15.40 -30.01
C ARG F 21 -22.16 16.71 -30.28
N VAL F 22 -20.83 16.63 -30.36
CA VAL F 22 -20.00 17.82 -30.45
C VAL F 22 -20.16 18.57 -31.76
N ARG F 23 -20.78 17.97 -32.77
CA ARG F 23 -20.84 18.59 -34.08
C ARG F 23 -21.97 19.61 -34.19
N GLN F 24 -23.06 19.42 -33.44
CA GLN F 24 -24.21 20.30 -33.53
C GLN F 24 -24.29 21.20 -32.31
N THR F 25 -24.79 22.43 -32.53
CA THR F 25 -25.04 23.35 -31.44
C THR F 25 -26.26 22.88 -30.64
N PHE F 26 -26.50 23.53 -29.49
CA PHE F 26 -27.63 23.14 -28.67
C PHE F 26 -28.95 23.50 -29.34
N LYS F 27 -28.96 24.54 -30.18
CA LYS F 27 -30.15 24.84 -30.97
C LYS F 27 -30.49 23.70 -31.92
N GLU F 28 -29.50 23.26 -32.70
CA GLU F 28 -29.70 22.14 -33.61
C GLU F 28 -30.19 20.91 -32.85
N MET F 29 -29.62 20.67 -31.67
CA MET F 29 -29.99 19.50 -30.88
C MET F 29 -31.42 19.58 -30.38
N ILE F 30 -31.87 20.78 -29.97
CA ILE F 30 -33.23 20.94 -29.49
C ILE F 30 -34.22 20.73 -30.63
N VAL F 31 -33.90 21.23 -31.82
CA VAL F 31 -34.79 21.10 -32.97
C VAL F 31 -34.94 19.64 -33.38
N GLU F 32 -33.86 18.87 -33.28
CA GLU F 32 -33.90 17.47 -33.71
C GLU F 32 -34.97 16.69 -32.97
N SER F 33 -34.98 16.78 -31.63
CA SER F 33 -35.97 16.05 -30.85
C SER F 33 -37.36 16.66 -31.03
N ALA F 34 -37.44 17.98 -31.13
CA ALA F 34 -38.73 18.65 -31.22
C ALA F 34 -39.47 18.26 -32.49
N TYR F 35 -38.79 18.36 -33.64
CA TYR F 35 -39.46 18.11 -34.91
C TYR F 35 -39.65 16.62 -35.19
N LYS F 36 -38.85 15.76 -34.57
CA LYS F 36 -39.14 14.33 -34.63
C LYS F 36 -40.39 13.99 -33.83
N ALA F 37 -40.56 14.64 -32.67
CA ALA F 37 -41.76 14.41 -31.87
C ALA F 37 -43.01 14.94 -32.56
N LEU F 38 -42.88 16.02 -33.33
CA LEU F 38 -44.04 16.55 -34.05
C LEU F 38 -44.48 15.60 -35.16
N LYS F 39 -43.52 14.94 -35.81
CA LYS F 39 -43.86 13.99 -36.87
C LYS F 39 -44.60 12.78 -36.32
N ASP F 40 -44.23 12.33 -35.12
CA ASP F 40 -44.92 11.19 -34.52
C ASP F 40 -46.37 11.54 -34.20
N ALA F 41 -46.63 12.79 -33.81
CA ALA F 41 -47.95 13.22 -33.40
C ALA F 41 -48.76 13.80 -34.54
N LYS F 42 -48.25 13.75 -35.77
CA LYS F 42 -48.96 14.22 -36.96
C LYS F 42 -49.43 15.67 -36.81
N MET F 43 -48.60 16.49 -36.16
CA MET F 43 -48.98 17.87 -35.91
C MET F 43 -47.91 18.81 -36.44
N HIS F 44 -48.37 19.95 -36.97
CA HIS F 44 -47.52 20.98 -37.56
C HIS F 44 -46.88 21.81 -36.45
N PRO F 45 -45.64 22.27 -36.65
CA PRO F 45 -44.96 23.03 -35.58
C PRO F 45 -45.65 24.33 -35.21
N ARG F 46 -46.28 25.02 -36.16
CA ARG F 46 -47.01 26.24 -35.84
C ARG F 46 -48.26 25.98 -34.99
N GLU F 47 -48.64 24.72 -34.77
CA GLU F 47 -49.77 24.40 -33.91
C GLU F 47 -49.45 24.55 -32.43
N ILE F 48 -48.18 24.61 -32.06
CA ILE F 48 -47.79 24.76 -30.66
C ILE F 48 -48.06 26.18 -30.21
N GLN F 49 -48.71 26.32 -29.05
CA GLN F 49 -49.08 27.62 -28.51
C GLN F 49 -48.14 28.12 -27.42
N ALA F 50 -47.39 27.23 -26.78
CA ALA F 50 -46.43 27.60 -25.75
C ALA F 50 -45.50 26.42 -25.51
N VAL F 51 -44.34 26.71 -24.93
CA VAL F 51 -43.30 25.71 -24.69
C VAL F 51 -42.82 25.80 -23.26
N ALA F 52 -42.54 24.66 -22.65
CA ALA F 52 -41.94 24.58 -21.31
C ALA F 52 -40.66 23.73 -21.42
N TYR F 53 -39.51 24.39 -21.48
CA TYR F 53 -38.23 23.72 -21.64
C TYR F 53 -37.35 23.95 -20.42
N GLY F 54 -36.31 23.12 -20.31
CA GLY F 54 -35.44 23.18 -19.15
C GLY F 54 -33.97 22.88 -19.43
N TYR F 55 -33.09 23.64 -18.79
CA TYR F 55 -31.66 23.36 -18.85
C TYR F 55 -31.05 23.72 -17.49
N HIS F 56 -29.83 23.21 -17.27
CA HIS F 56 -29.22 23.31 -15.94
C HIS F 56 -29.07 24.75 -15.50
N GLY F 57 -28.52 25.59 -16.36
CA GLY F 57 -28.33 26.99 -16.04
C GLY F 57 -27.56 27.66 -17.14
N GLU F 58 -27.57 28.99 -17.10
CA GLU F 58 -26.90 29.78 -18.12
C GLU F 58 -25.38 29.64 -18.11
N GLY F 59 -24.80 28.91 -17.16
CA GLY F 59 -23.35 28.85 -17.05
C GLY F 59 -22.67 27.90 -18.02
N ILE F 60 -23.41 26.98 -18.64
CA ILE F 60 -22.75 25.98 -19.48
C ILE F 60 -22.36 26.59 -20.81
N SER F 61 -23.35 26.98 -21.60
CA SER F 61 -23.11 27.59 -22.90
C SER F 61 -23.02 29.11 -22.84
N GLU F 62 -23.06 29.69 -21.65
CA GLU F 62 -23.08 31.15 -21.47
C GLU F 62 -24.24 31.78 -22.23
N TYR F 63 -25.38 31.09 -22.25
CA TYR F 63 -26.59 31.56 -22.90
C TYR F 63 -27.67 31.72 -21.84
N GLY F 64 -28.06 32.97 -21.56
CA GLY F 64 -29.09 33.27 -20.59
C GLY F 64 -30.36 33.75 -21.28
N GLY F 65 -31.42 33.85 -20.46
CA GLY F 65 -32.73 34.24 -20.96
C GLY F 65 -33.11 33.45 -22.20
N LEU F 66 -33.14 32.13 -22.06
CA LEU F 66 -33.15 31.26 -23.23
C LEU F 66 -34.53 31.14 -23.88
N GLY F 67 -35.60 31.53 -23.19
CA GLY F 67 -36.95 31.37 -23.68
C GLY F 67 -37.15 31.77 -25.13
N PRO F 68 -37.02 33.07 -25.42
CA PRO F 68 -37.23 33.54 -26.80
C PRO F 68 -36.28 32.92 -27.80
N THR F 69 -35.06 32.57 -27.39
CA THR F 69 -34.14 31.87 -28.28
C THR F 69 -34.68 30.50 -28.66
N ILE F 70 -35.32 29.82 -27.70
CA ILE F 70 -35.93 28.53 -28.00
C ILE F 70 -37.07 28.69 -28.98
N SER F 71 -37.95 29.68 -28.74
CA SER F 71 -39.08 29.90 -29.63
C SER F 71 -38.62 30.23 -31.04
N ASP F 72 -37.60 31.08 -31.17
CA ASP F 72 -37.06 31.39 -32.49
C ASP F 72 -36.33 30.19 -33.08
N ALA F 73 -35.63 29.42 -32.24
CA ALA F 73 -34.93 28.23 -32.74
C ALA F 73 -35.92 27.25 -33.34
N LEU F 74 -37.01 26.96 -32.63
CA LEU F 74 -38.07 26.11 -33.16
C LEU F 74 -38.84 26.77 -34.29
N GLY F 75 -38.74 28.09 -34.41
CA GLY F 75 -39.49 28.79 -35.43
C GLY F 75 -40.96 28.76 -35.11
N ILE F 76 -41.31 29.09 -33.88
CA ILE F 76 -42.70 29.15 -33.44
C ILE F 76 -43.07 30.52 -32.91
N SER F 77 -42.19 31.51 -33.07
CA SER F 77 -42.50 32.85 -32.61
C SER F 77 -43.80 33.34 -33.25
N PRO F 78 -44.65 34.08 -32.51
CA PRO F 78 -44.40 34.61 -31.17
C PRO F 78 -44.76 33.70 -30.00
N ALA F 79 -44.82 32.38 -30.21
CA ALA F 79 -45.20 31.49 -29.11
C ALA F 79 -44.20 31.62 -27.95
N PRO F 80 -44.68 31.70 -26.71
CA PRO F 80 -43.78 31.86 -25.58
C PRO F 80 -43.12 30.54 -25.16
N THR F 81 -41.93 30.67 -24.60
CA THR F 81 -41.20 29.55 -24.03
C THR F 81 -40.90 29.87 -22.57
N PHE F 82 -41.39 29.02 -21.67
CA PHE F 82 -41.22 29.20 -20.24
C PHE F 82 -40.03 28.37 -19.77
N MET F 83 -39.05 29.02 -19.15
CA MET F 83 -37.80 28.38 -18.81
C MET F 83 -37.86 27.74 -17.44
N SER F 84 -37.16 26.62 -17.28
CA SER F 84 -37.09 25.88 -16.03
C SER F 84 -35.65 25.46 -15.78
N THR F 85 -35.06 25.96 -14.70
CA THR F 85 -33.65 25.67 -14.35
C THR F 85 -33.64 25.05 -12.95
N ALA F 86 -33.82 23.72 -12.90
CA ALA F 86 -33.95 23.01 -11.63
C ALA F 86 -33.19 21.69 -11.68
N ASN F 87 -31.87 21.78 -11.84
CA ASN F 87 -30.98 20.62 -11.78
C ASN F 87 -31.34 19.48 -12.74
N THR F 89 -33.92 17.64 -12.53
CA THR F 89 -35.36 17.60 -12.72
C THR F 89 -35.87 18.73 -13.60
N SER F 90 -34.97 19.35 -14.37
CA SER F 90 -35.36 20.47 -15.22
C SER F 90 -36.47 20.07 -16.19
N SER F 91 -36.40 18.86 -16.74
CA SER F 91 -37.47 18.38 -17.60
C SER F 91 -38.66 17.89 -16.79
N SER F 92 -38.41 17.26 -15.64
CA SER F 92 -39.51 16.85 -14.77
C SER F 92 -40.31 18.06 -14.31
N VAL F 93 -39.62 19.15 -13.95
CA VAL F 93 -40.31 20.36 -13.56
C VAL F 93 -41.01 20.99 -14.76
N SER F 94 -40.35 21.01 -15.91
CA SER F 94 -40.93 21.67 -17.08
C SER F 94 -42.16 20.93 -17.58
N PHE F 95 -42.17 19.59 -17.48
CA PHE F 95 -43.36 18.84 -17.84
C PHE F 95 -44.54 19.22 -16.95
N GLN F 96 -44.31 19.37 -15.65
CA GLN F 96 -45.36 19.80 -14.75
C GLN F 96 -45.80 21.22 -15.04
N MET F 97 -44.91 22.04 -15.60
CA MET F 97 -45.31 23.39 -15.99
C MET F 97 -46.25 23.34 -17.19
N GLY F 98 -45.96 22.50 -18.17
CA GLY F 98 -46.84 22.38 -19.32
C GLY F 98 -48.19 21.78 -18.96
N HIS F 99 -48.21 20.82 -18.04
CA HIS F 99 -49.46 20.25 -17.59
C HIS F 99 -50.40 21.33 -17.04
N GLN F 100 -49.84 22.29 -16.30
CA GLN F 100 -50.68 23.34 -15.74
C GLN F 100 -51.13 24.33 -16.80
N MET F 101 -50.31 24.57 -17.83
CA MET F 101 -50.73 25.47 -18.89
C MET F 101 -51.91 24.91 -19.68
N VAL F 102 -51.90 23.60 -19.94
CA VAL F 102 -53.00 23.00 -20.66
C VAL F 102 -54.22 22.84 -19.75
N ALA F 103 -54.01 22.40 -18.51
CA ALA F 103 -55.13 22.21 -17.59
C ALA F 103 -55.79 23.52 -17.21
N SER F 104 -55.04 24.62 -17.18
CA SER F 104 -55.64 25.92 -16.90
C SER F 104 -56.51 26.42 -18.05
N GLY F 105 -56.36 25.83 -19.23
CA GLY F 105 -57.10 26.26 -20.40
C GLY F 105 -56.51 27.44 -21.13
N GLU F 106 -55.41 28.02 -20.62
CA GLU F 106 -54.80 29.16 -21.30
C GLU F 106 -54.07 28.75 -22.57
N TYR F 107 -53.62 27.49 -22.65
CA TYR F 107 -52.99 26.96 -23.85
C TYR F 107 -53.52 25.55 -24.10
N ASP F 108 -53.86 25.26 -25.35
CA ASP F 108 -54.41 23.95 -25.69
C ASP F 108 -53.35 22.94 -26.08
N ILE F 109 -52.25 23.39 -26.70
CA ILE F 109 -51.17 22.52 -27.14
C ILE F 109 -49.86 23.09 -26.61
N VAL F 110 -49.11 22.28 -25.87
CA VAL F 110 -47.89 22.72 -25.21
C VAL F 110 -46.80 21.68 -25.41
N LEU F 111 -45.59 22.13 -25.73
CA LEU F 111 -44.43 21.27 -25.89
C LEU F 111 -43.54 21.39 -24.65
N CYS F 112 -43.19 20.26 -24.06
CA CYS F 112 -42.42 20.24 -22.83
C CYS F 112 -41.18 19.38 -23.00
N GLY F 113 -40.03 19.88 -22.57
CA GLY F 113 -38.82 19.12 -22.72
C GLY F 113 -37.66 19.71 -21.93
N GLY F 114 -36.48 19.19 -22.20
CA GLY F 114 -35.24 19.66 -21.58
C GLY F 114 -34.06 19.25 -22.43
N PHE F 115 -32.92 19.86 -22.13
CA PHE F 115 -31.71 19.56 -22.89
C PHE F 115 -30.50 19.88 -22.04
N GLU F 116 -29.37 19.26 -22.39
CA GLU F 116 -28.10 19.59 -21.76
C GLU F 116 -26.99 19.46 -22.80
N LYS F 117 -26.27 20.55 -23.03
CA LYS F 117 -25.16 20.60 -23.97
C LYS F 117 -23.88 20.78 -23.14
N MET F 118 -23.44 19.68 -22.51
CA MET F 118 -22.35 19.76 -21.55
C MET F 118 -21.00 20.03 -22.20
N THR F 119 -20.83 19.69 -23.47
CA THR F 119 -19.53 19.86 -24.12
C THR F 119 -19.19 21.32 -24.39
N ASP F 120 -20.16 22.23 -24.29
CA ASP F 120 -19.87 23.65 -24.45
C ASP F 120 -19.08 24.20 -23.28
N HIS F 121 -19.06 23.49 -22.15
CA HIS F 121 -18.24 23.84 -21.00
C HIS F 121 -16.96 23.01 -21.03
N PHE F 122 -15.83 23.65 -20.77
CA PHE F 122 -14.56 22.95 -20.81
C PHE F 122 -14.55 21.76 -19.85
N ASN F 123 -14.88 22.00 -18.58
CA ASN F 123 -15.02 20.96 -17.57
C ASN F 123 -16.39 21.11 -16.94
N TYR F 124 -17.36 20.34 -17.46
CA TYR F 124 -18.74 20.45 -17.00
C TYR F 124 -18.91 19.91 -15.60
N ALA F 125 -18.07 18.94 -15.20
CA ALA F 125 -18.24 18.29 -13.90
C ALA F 125 -18.00 19.25 -12.75
N GLU F 126 -16.97 20.09 -12.84
CA GLU F 126 -16.70 21.03 -11.76
C GLU F 126 -17.73 22.16 -11.72
N TYR F 127 -18.43 22.41 -12.82
CA TYR F 127 -19.53 23.38 -12.81
C TYR F 127 -20.78 22.83 -12.13
N ILE F 128 -20.93 21.50 -12.07
CA ILE F 128 -22.16 20.88 -11.58
C ILE F 128 -22.54 21.40 -10.21
N GLY F 129 -21.56 21.48 -9.30
CA GLY F 129 -21.81 21.92 -7.93
C GLY F 129 -22.40 23.32 -7.82
N SER F 130 -22.44 24.09 -8.90
CA SER F 130 -22.98 25.44 -8.88
C SER F 130 -24.46 25.48 -8.50
N SER F 131 -25.12 24.34 -8.38
CA SER F 131 -26.53 24.33 -8.02
C SER F 131 -26.75 23.56 -6.72
N THR F 132 -26.16 24.06 -5.63
CA THR F 132 -26.43 23.61 -4.28
C THR F 132 -26.53 24.81 -3.34
N GLU F 133 -26.08 24.64 -2.09
CA GLU F 133 -25.85 25.76 -1.19
C GLU F 133 -24.43 26.22 -1.43
N CYS F 134 -24.25 27.00 -2.51
CA CYS F 134 -22.94 27.22 -3.11
C CYS F 134 -21.92 27.72 -2.11
N GLU F 135 -22.34 28.59 -1.18
CA GLU F 135 -21.39 29.15 -0.23
C GLU F 135 -20.81 28.08 0.69
N TYR F 136 -21.56 27.02 1.00
CA TYR F 136 -21.13 26.04 1.99
C TYR F 136 -20.89 24.66 1.40
N ASP F 137 -20.70 24.55 0.08
CA ASP F 137 -20.31 23.27 -0.50
C ASP F 137 -19.66 23.44 -1.88
N TYR F 138 -20.26 24.23 -2.76
CA TYR F 138 -19.64 24.47 -4.06
C TYR F 138 -18.33 25.23 -3.91
N PHE F 139 -18.37 26.34 -3.17
CA PHE F 139 -17.16 27.12 -2.93
C PHE F 139 -16.20 26.44 -1.97
N LEU F 140 -16.61 25.34 -1.32
CA LEU F 140 -15.74 24.60 -0.42
C LEU F 140 -15.22 23.31 -1.04
N GLY F 141 -15.57 23.02 -2.30
CA GLY F 141 -15.12 21.81 -2.95
C GLY F 141 -15.98 20.60 -2.73
N ILE F 142 -17.28 20.78 -2.47
CA ILE F 142 -18.21 19.69 -2.27
C ILE F 142 -19.15 19.65 -3.47
N SER F 143 -19.10 18.58 -4.23
CA SER F 143 -19.90 18.43 -5.43
C SER F 143 -21.11 17.53 -5.17
N HIS F 144 -22.03 17.50 -6.14
CA HIS F 144 -23.13 16.55 -6.09
C HIS F 144 -22.63 15.13 -5.98
N THR F 145 -21.56 14.79 -6.71
CA THR F 145 -21.04 13.44 -6.70
C THR F 145 -20.58 13.02 -5.32
N ASP F 146 -20.09 13.96 -4.52
CA ASP F 146 -19.74 13.65 -3.13
C ASP F 146 -20.97 13.22 -2.35
N ALA F 147 -22.12 13.85 -2.60
CA ALA F 147 -23.31 13.56 -1.83
C ALA F 147 -23.80 12.13 -2.09
N PHE F 148 -23.83 11.72 -3.35
CA PHE F 148 -24.32 10.38 -3.68
C PHE F 148 -23.38 9.32 -3.14
N ALA F 149 -22.07 9.57 -3.15
CA ALA F 149 -21.12 8.61 -2.60
C ALA F 149 -21.34 8.43 -1.10
N LEU F 150 -21.56 9.54 -0.38
CA LEU F 150 -21.85 9.45 1.05
C LEU F 150 -23.19 8.77 1.31
N ALA F 151 -24.22 9.15 0.56
CA ALA F 151 -25.54 8.55 0.73
C ALA F 151 -25.49 7.05 0.51
N THR F 152 -24.78 6.62 -0.53
CA THR F 152 -24.57 5.20 -0.75
C THR F 152 -23.85 4.56 0.43
N ALA F 153 -22.85 5.24 0.98
CA ALA F 153 -22.10 4.68 2.10
C ALA F 153 -22.96 4.55 3.34
N GLU F 154 -23.80 5.56 3.61
CA GLU F 154 -24.67 5.48 4.78
C GLU F 154 -25.72 4.40 4.62
N TYR F 155 -26.30 4.27 3.42
CA TYR F 155 -27.32 3.25 3.20
C TYR F 155 -26.78 1.86 3.51
N PHE F 156 -25.70 1.46 2.84
CA PHE F 156 -25.17 0.12 3.05
C PHE F 156 -24.71 -0.08 4.49
N GLN F 157 -24.14 0.96 5.09
CA GLN F 157 -23.62 0.83 6.46
C GLN F 157 -24.76 0.84 7.48
N LYS F 158 -25.78 1.66 7.26
CA LYS F 158 -26.87 1.75 8.23
C LYS F 158 -27.75 0.50 8.21
N PHE F 159 -27.86 -0.17 7.06
CA PHE F 159 -28.77 -1.29 6.91
C PHE F 159 -28.05 -2.62 6.82
N GLY F 160 -26.82 -2.70 7.32
CA GLY F 160 -26.13 -3.97 7.45
C GLY F 160 -25.90 -4.72 6.16
N TYR F 161 -25.58 -4.01 5.08
CA TYR F 161 -25.24 -4.62 3.80
C TYR F 161 -23.76 -4.92 3.68
N ALA F 162 -23.00 -4.83 4.77
CA ALA F 162 -21.56 -5.00 4.73
C ALA F 162 -21.17 -6.33 4.08
N GLY F 163 -20.32 -6.24 3.05
CA GLY F 163 -19.87 -7.39 2.30
C GLY F 163 -20.65 -7.64 1.02
N ARG F 164 -21.83 -7.06 0.88
CA ARG F 164 -22.64 -7.19 -0.32
C ARG F 164 -22.73 -5.91 -1.13
N GLU F 165 -21.97 -4.87 -0.75
CA GLU F 165 -22.09 -3.57 -1.42
C GLU F 165 -21.68 -3.69 -2.88
N ALA F 166 -20.53 -4.29 -3.15
CA ALA F 166 -20.09 -4.45 -4.53
C ALA F 166 -21.07 -5.32 -5.32
N ASP F 167 -21.66 -6.33 -4.66
CA ASP F 167 -22.62 -7.19 -5.33
C ASP F 167 -23.91 -6.45 -5.64
N VAL F 168 -24.41 -5.65 -4.70
CA VAL F 168 -25.68 -4.94 -4.93
C VAL F 168 -25.52 -3.92 -6.05
N LEU F 169 -24.45 -3.13 -6.01
CA LEU F 169 -24.24 -2.12 -7.04
C LEU F 169 -24.00 -2.75 -8.40
N ALA F 170 -23.23 -3.85 -8.44
CA ALA F 170 -22.99 -4.53 -9.71
C ALA F 170 -24.27 -5.21 -10.22
N THR F 171 -25.07 -5.79 -9.32
CA THR F 171 -26.33 -6.38 -9.73
C THR F 171 -27.29 -5.32 -10.25
N PHE F 172 -27.33 -4.16 -9.59
CA PHE F 172 -28.13 -3.05 -10.10
C PHE F 172 -27.56 -2.51 -11.40
N GLY F 173 -26.24 -2.38 -11.47
CA GLY F 173 -25.62 -1.88 -12.70
C GLY F 173 -25.78 -2.84 -13.87
N ARG F 174 -25.60 -4.15 -13.62
CA ARG F 174 -25.70 -5.11 -14.71
C ARG F 174 -27.12 -5.23 -15.23
N GLN F 175 -28.12 -5.04 -14.37
CA GLN F 175 -29.51 -5.04 -14.83
C GLN F 175 -29.75 -3.89 -15.80
N MET F 176 -29.11 -2.75 -15.56
CA MET F 176 -29.20 -1.63 -16.50
C MET F 176 -28.54 -1.97 -17.83
N ARG F 177 -27.40 -2.67 -17.79
CA ARG F 177 -26.73 -3.07 -19.02
C ARG F 177 -27.60 -4.02 -19.84
N ILE F 178 -28.25 -4.97 -19.15
CA ILE F 178 -29.09 -5.94 -19.85
C ILE F 178 -30.29 -5.24 -20.50
N TYR F 179 -30.91 -4.31 -19.77
CA TYR F 179 -32.04 -3.57 -20.34
C TYR F 179 -31.61 -2.74 -21.55
N ALA F 180 -30.42 -2.13 -21.48
CA ALA F 180 -30.01 -1.21 -22.53
C ALA F 180 -29.60 -1.92 -23.81
N GLN F 181 -29.26 -3.22 -23.74
CA GLN F 181 -28.68 -3.88 -24.90
C GLN F 181 -29.69 -3.98 -26.04
N ASN F 182 -30.97 -4.18 -25.74
CA ASN F 182 -31.99 -4.28 -26.77
C ASN F 182 -32.78 -2.99 -26.96
N THR F 183 -32.43 -1.91 -26.27
CA THR F 183 -33.07 -0.62 -26.47
C THR F 183 -32.28 0.16 -27.50
N PRO F 184 -32.83 0.42 -28.69
CA PRO F 184 -32.01 1.00 -29.78
C PRO F 184 -31.46 2.37 -29.46
N THR F 185 -32.23 3.24 -28.79
CA THR F 185 -31.77 4.59 -28.49
C THR F 185 -30.79 4.65 -27.32
N ALA F 186 -30.55 3.54 -26.63
CA ALA F 186 -29.64 3.55 -25.50
C ALA F 186 -28.20 3.70 -25.97
N THR F 187 -27.37 4.31 -25.12
CA THR F 187 -25.95 4.45 -25.44
C THR F 187 -25.25 3.11 -25.38
N ARG F 188 -25.51 2.32 -24.33
CA ARG F 188 -24.92 1.00 -24.19
C ARG F 188 -25.70 -0.03 -24.99
N TYR F 189 -26.33 0.41 -26.08
CA TYR F 189 -27.06 -0.50 -26.95
C TYR F 189 -26.09 -1.41 -27.71
N GLY F 190 -26.41 -2.69 -27.76
CA GLY F 190 -25.66 -3.66 -28.54
C GLY F 190 -24.34 -4.09 -27.95
N GLN F 191 -23.98 -3.64 -26.76
CA GLN F 191 -22.73 -4.05 -26.16
C GLN F 191 -22.87 -5.41 -25.48
N PRO F 192 -21.80 -6.18 -25.39
CA PRO F 192 -21.87 -7.44 -24.64
C PRO F 192 -22.06 -7.17 -23.16
N ILE F 193 -22.64 -8.14 -22.47
CA ILE F 193 -22.94 -8.02 -21.04
C ILE F 193 -21.71 -8.44 -20.25
N PRO F 194 -21.10 -7.55 -19.46
CA PRO F 194 -19.97 -7.96 -18.63
C PRO F 194 -20.42 -8.84 -17.49
N SER F 195 -19.51 -9.70 -17.04
CA SER F 195 -19.82 -10.58 -15.92
C SER F 195 -20.00 -9.77 -14.65
N LEU F 196 -20.66 -10.39 -13.67
CA LEU F 196 -20.87 -9.71 -12.39
C LEU F 196 -19.55 -9.40 -11.70
N GLU F 197 -18.61 -10.36 -11.73
CA GLU F 197 -17.32 -10.15 -11.07
C GLU F 197 -16.49 -9.10 -11.81
N VAL F 198 -16.61 -9.02 -13.13
CA VAL F 198 -15.95 -7.95 -13.86
C VAL F 198 -16.49 -6.60 -13.42
N LEU F 199 -17.81 -6.51 -13.21
CA LEU F 199 -18.40 -5.23 -12.82
C LEU F 199 -18.03 -4.85 -11.39
N LYS F 200 -17.80 -5.84 -10.51
CA LYS F 200 -17.42 -5.52 -9.14
C LYS F 200 -16.03 -4.88 -9.08
N ASN F 201 -15.14 -5.26 -9.98
CA ASN F 201 -13.79 -4.68 -10.03
C ASN F 201 -13.73 -3.43 -10.91
N SER F 202 -14.77 -3.14 -11.70
CA SER F 202 -14.78 -1.95 -12.52
C SER F 202 -15.03 -0.71 -11.66
N GLU F 203 -15.02 0.45 -12.31
CA GLU F 203 -15.16 1.71 -11.59
C GLU F 203 -16.55 1.83 -10.99
N ALA F 204 -16.60 2.30 -9.74
CA ALA F 204 -17.86 2.51 -9.01
C ALA F 204 -18.68 1.22 -8.92
N CYS F 205 -18.00 0.07 -8.97
CA CYS F 205 -18.64 -1.24 -8.92
C CYS F 205 -19.72 -1.40 -9.98
N GLY F 206 -19.53 -0.74 -11.13
CA GLY F 206 -20.43 -0.85 -12.25
C GLY F 206 -21.69 -0.02 -12.17
N SER F 207 -21.87 0.77 -11.11
CA SER F 207 -23.06 1.59 -10.95
C SER F 207 -22.85 3.04 -11.40
N MET F 208 -21.74 3.34 -12.06
CA MET F 208 -21.48 4.69 -12.54
C MET F 208 -22.28 4.94 -13.81
N LEU F 209 -22.90 6.11 -13.90
CA LEU F 209 -23.73 6.45 -15.04
C LEU F 209 -22.88 6.92 -16.22
N ALA F 210 -23.54 7.14 -17.35
CA ALA F 210 -22.89 7.55 -18.60
C ALA F 210 -23.20 9.01 -18.85
N TRP F 211 -22.17 9.86 -18.81
CA TRP F 211 -22.31 11.28 -19.08
C TRP F 211 -22.44 11.52 -20.58
N GLY F 212 -23.45 12.27 -20.98
CA GLY F 212 -23.59 12.64 -22.37
C GLY F 212 -24.41 13.90 -22.52
N GLU F 213 -24.88 14.12 -23.75
CA GLU F 213 -25.73 15.27 -24.03
C GLU F 213 -26.89 14.84 -24.91
N ALA F 214 -28.05 15.44 -24.69
CA ALA F 214 -29.25 15.08 -25.43
C ALA F 214 -30.29 16.17 -25.24
N SER F 215 -31.25 16.21 -26.17
CA SER F 215 -32.44 17.04 -26.04
C SER F 215 -33.66 16.13 -26.16
N GLY F 216 -34.68 16.39 -25.35
CA GLY F 216 -35.89 15.62 -25.39
C GLY F 216 -37.09 16.51 -25.23
N CYS F 217 -38.25 15.97 -25.58
CA CYS F 217 -39.48 16.74 -25.50
C CYS F 217 -40.68 15.81 -25.63
N ALA F 218 -41.80 16.25 -25.07
CA ALA F 218 -43.07 15.54 -25.16
C ALA F 218 -44.18 16.55 -25.39
N ILE F 219 -45.17 16.16 -26.19
CA ILE F 219 -46.25 17.05 -26.56
C ILE F 219 -47.43 16.82 -25.64
N LEU F 220 -47.88 17.86 -24.96
CA LEU F 220 -49.07 17.83 -24.14
C LEU F 220 -50.22 18.53 -24.85
N VAL F 221 -51.39 17.90 -24.83
CA VAL F 221 -52.57 18.45 -25.48
C VAL F 221 -53.78 18.18 -24.59
N ALA F 222 -54.79 19.05 -24.70
CA ALA F 222 -56.02 18.85 -23.96
C ALA F 222 -56.68 17.55 -24.40
N GLU F 223 -57.45 16.95 -23.48
CA GLU F 223 -58.00 15.62 -23.71
C GLU F 223 -58.86 15.57 -24.96
N HIS F 224 -59.74 16.56 -25.14
CA HIS F 224 -60.68 16.51 -26.27
C HIS F 224 -59.98 16.66 -27.61
N LEU F 225 -58.81 17.28 -27.65
CA LEU F 225 -58.07 17.44 -28.90
C LEU F 225 -57.14 16.26 -29.19
N ALA F 226 -56.96 15.35 -28.23
CA ALA F 226 -55.94 14.31 -28.35
C ALA F 226 -56.24 13.35 -29.49
N HIS F 227 -57.52 13.11 -29.79
CA HIS F 227 -57.87 12.09 -30.77
C HIS F 227 -57.39 12.44 -32.18
N LYS F 228 -57.16 13.72 -32.47
CA LYS F 228 -56.70 14.10 -33.80
C LYS F 228 -55.26 13.67 -34.04
N TYR F 229 -54.46 13.54 -32.98
CA TYR F 229 -53.03 13.40 -33.15
C TYR F 229 -52.50 11.99 -32.89
N THR F 230 -53.11 11.23 -31.99
CA THR F 230 -52.64 9.88 -31.71
C THR F 230 -53.84 8.96 -31.49
N ASP F 231 -53.60 7.67 -31.72
CA ASP F 231 -54.63 6.66 -31.50
C ASP F 231 -54.69 6.24 -30.04
N LYS F 232 -53.53 6.08 -29.39
CA LYS F 232 -53.44 5.67 -27.99
C LYS F 232 -52.74 6.75 -27.19
N PRO F 233 -53.48 7.70 -26.63
CA PRO F 233 -52.86 8.72 -25.78
C PRO F 233 -52.62 8.23 -24.37
N VAL F 234 -51.64 8.84 -23.72
CA VAL F 234 -51.30 8.56 -22.33
C VAL F 234 -51.67 9.77 -21.49
N PHE F 235 -52.42 9.54 -20.42
CA PHE F 235 -52.94 10.59 -19.56
C PHE F 235 -52.03 10.81 -18.37
N VAL F 236 -52.24 11.94 -17.69
CA VAL F 236 -51.49 12.31 -16.50
C VAL F 236 -52.42 12.20 -15.31
N ARG F 237 -52.22 11.17 -14.48
CA ARG F 237 -53.04 11.00 -13.29
C ARG F 237 -52.74 12.07 -12.25
N GLY F 238 -51.47 12.29 -11.95
CA GLY F 238 -51.09 13.29 -10.98
C GLY F 238 -49.59 13.44 -10.92
N CYS F 239 -49.16 14.61 -10.42
CA CYS F 239 -47.75 14.93 -10.32
C CYS F 239 -47.52 15.78 -9.08
N ALA F 240 -46.34 15.63 -8.48
CA ALA F 240 -45.98 16.39 -7.29
C ALA F 240 -44.54 16.86 -7.40
N TYR F 241 -44.29 18.05 -6.85
CA TYR F 241 -42.97 18.67 -6.86
C TYR F 241 -42.75 19.27 -5.48
N THR F 242 -41.57 19.03 -4.89
CA THR F 242 -41.30 19.47 -3.53
C THR F 242 -39.90 20.05 -3.44
N GLY F 243 -39.75 21.07 -2.59
CA GLY F 243 -38.49 21.76 -2.42
C GLY F 243 -37.94 21.71 -1.02
N VAL F 244 -36.67 21.33 -0.89
CA VAL F 244 -36.01 21.19 0.39
C VAL F 244 -34.61 21.79 0.26
N SER F 245 -33.99 22.08 1.41
CA SER F 245 -32.69 22.77 1.40
C SER F 245 -31.66 22.00 0.57
N HIS F 246 -30.91 22.75 -0.25
CA HIS F 246 -29.86 22.16 -1.05
C HIS F 246 -28.75 21.56 -0.20
N TYR F 247 -28.57 22.05 1.03
CA TYR F 247 -27.44 21.64 1.84
C TYR F 247 -27.60 20.18 2.27
N PHE F 248 -26.55 19.39 2.07
CA PHE F 248 -26.63 17.96 2.32
C PHE F 248 -26.81 17.63 3.79
N GLY F 249 -26.40 18.52 4.69
CA GLY F 249 -26.52 18.24 6.10
C GLY F 249 -27.95 18.31 6.59
N THR F 250 -28.79 19.06 5.89
CA THR F 250 -30.16 19.25 6.35
C THR F 250 -31.02 18.02 6.17
N ARG F 251 -30.56 17.00 5.43
CA ARG F 251 -31.34 15.77 5.33
C ARG F 251 -31.50 15.13 6.69
N PHE F 252 -30.45 15.15 7.51
CA PHE F 252 -30.50 14.51 8.82
C PHE F 252 -31.38 15.30 9.78
N HIS F 253 -31.34 16.63 9.70
CA HIS F 253 -32.06 17.51 10.62
C HIS F 253 -32.71 18.61 9.81
N ASN F 254 -34.01 18.48 9.57
CA ASN F 254 -34.77 19.46 8.78
C ASN F 254 -36.12 19.72 9.43
N PRO F 255 -36.17 20.58 10.45
CA PRO F 255 -37.46 21.01 10.99
C PRO F 255 -38.23 21.93 10.06
N THR F 256 -37.59 22.41 8.99
CA THR F 256 -38.31 23.23 8.01
C THR F 256 -39.29 22.40 7.21
N LEU F 257 -38.93 21.16 6.88
CA LEU F 257 -39.81 20.25 6.17
C LEU F 257 -40.95 19.80 7.08
N HIS F 258 -42.17 20.20 6.76
CA HIS F 258 -43.36 19.85 7.55
C HIS F 258 -44.22 18.88 6.74
N HIS F 259 -44.19 17.60 7.16
CA HIS F 259 -44.94 16.54 6.52
C HIS F 259 -45.17 15.48 7.59
N PRO F 260 -46.42 15.05 7.79
CA PRO F 260 -46.69 14.07 8.85
C PRO F 260 -46.28 12.67 8.46
N GLY F 261 -45.98 11.86 9.48
CA GLY F 261 -45.72 10.44 9.30
C GLY F 261 -44.32 10.09 8.85
N LEU F 262 -43.39 11.04 8.83
CA LEU F 262 -42.04 10.74 8.39
C LEU F 262 -41.31 9.90 9.43
N PRO F 263 -40.45 8.98 8.99
CA PRO F 263 -39.66 8.19 9.95
C PRO F 263 -38.75 9.07 10.78
N LYS F 264 -38.46 8.61 12.01
CA LYS F 264 -37.61 9.38 12.90
C LYS F 264 -36.13 9.32 12.50
N ASP F 265 -35.74 8.33 11.70
CA ASP F 265 -34.35 8.15 11.30
C ASP F 265 -34.07 8.75 9.93
N VAL F 266 -34.55 9.97 9.66
CA VAL F 266 -34.29 10.61 8.39
C VAL F 266 -32.80 10.92 8.26
N GLY F 267 -32.27 10.70 7.07
CA GLY F 267 -30.88 10.99 6.79
C GLY F 267 -30.70 11.04 5.30
N MET F 268 -29.50 10.65 4.84
CA MET F 268 -29.28 10.52 3.40
C MET F 268 -29.74 9.17 2.90
N ALA F 269 -29.73 8.14 3.75
CA ALA F 269 -30.22 6.82 3.37
C ALA F 269 -31.73 6.74 3.35
N VAL F 270 -32.42 7.63 4.07
CA VAL F 270 -33.87 7.71 4.05
C VAL F 270 -34.21 9.14 3.68
N SER F 271 -34.63 9.35 2.43
CA SER F 271 -34.89 10.69 1.92
C SER F 271 -36.26 11.16 2.40
N ALA F 272 -36.27 12.14 3.32
CA ALA F 272 -37.54 12.65 3.84
C ALA F 272 -38.31 13.41 2.76
N ASN F 273 -37.61 14.10 1.88
CA ASN F 273 -38.29 14.85 0.82
C ASN F 273 -38.88 13.92 -0.23
N SER F 274 -38.16 12.84 -0.56
CA SER F 274 -38.67 11.92 -1.58
C SER F 274 -39.88 11.15 -1.09
N ILE F 275 -39.96 10.86 0.22
CA ILE F 275 -41.17 10.25 0.77
C ILE F 275 -42.34 11.22 0.68
N ALA F 276 -42.14 12.47 1.11
CA ALA F 276 -43.20 13.45 1.09
C ALA F 276 -43.70 13.69 -0.34
N CYS F 277 -42.77 13.82 -1.29
CA CYS F 277 -43.17 14.06 -2.67
C CYS F 277 -43.96 12.88 -3.23
N ALA F 278 -43.55 11.66 -2.88
CA ALA F 278 -44.25 10.48 -3.38
C ALA F 278 -45.67 10.41 -2.83
N GLU F 279 -45.84 10.72 -1.53
CA GLU F 279 -47.16 10.64 -0.92
C GLU F 279 -48.12 11.65 -1.53
N ILE F 280 -47.64 12.88 -1.79
CA ILE F 280 -48.49 13.90 -2.37
C ILE F 280 -48.91 13.51 -3.78
N ALA F 281 -47.99 12.94 -4.56
CA ALA F 281 -48.32 12.52 -5.91
C ALA F 281 -49.30 11.34 -5.91
N TYR F 282 -49.06 10.37 -5.03
CA TYR F 282 -49.94 9.19 -4.98
C TYR F 282 -51.37 9.58 -4.61
N LYS F 283 -51.51 10.52 -3.67
CA LYS F 283 -52.85 11.00 -3.31
C LYS F 283 -53.49 11.76 -4.46
N LYS F 284 -52.70 12.61 -5.14
CA LYS F 284 -53.25 13.40 -6.24
C LYS F 284 -53.67 12.51 -7.41
N ALA F 285 -52.93 11.43 -7.66
CA ALA F 285 -53.28 10.49 -8.71
C ALA F 285 -54.32 9.46 -8.26
N GLY F 286 -54.61 9.38 -6.97
CA GLY F 286 -55.59 8.43 -6.47
C GLY F 286 -55.15 6.98 -6.54
N ILE F 287 -53.85 6.72 -6.39
CA ILE F 287 -53.31 5.37 -6.45
C ILE F 287 -52.29 5.19 -5.34
N THR F 288 -52.10 3.95 -4.93
CA THR F 288 -51.07 3.59 -3.96
C THR F 288 -49.90 2.92 -4.67
N ALA F 289 -48.90 2.51 -3.89
CA ALA F 289 -47.69 1.95 -4.48
C ALA F 289 -47.95 0.59 -5.13
N LYS F 290 -48.95 -0.15 -4.67
CA LYS F 290 -49.27 -1.45 -5.26
C LYS F 290 -49.83 -1.33 -6.67
N ASP F 291 -50.30 -0.14 -7.05
CA ASP F 291 -50.84 0.05 -8.39
C ASP F 291 -49.75 0.15 -9.46
N ILE F 292 -48.50 0.44 -9.06
CA ILE F 292 -47.47 0.74 -10.03
C ILE F 292 -47.10 -0.52 -10.80
N ASP F 293 -47.06 -0.40 -12.13
CA ASP F 293 -46.65 -1.51 -12.99
C ASP F 293 -45.22 -1.38 -13.50
N VAL F 294 -44.74 -0.16 -13.74
CA VAL F 294 -43.35 0.06 -14.13
C VAL F 294 -42.97 1.48 -13.71
N ALA F 295 -41.69 1.66 -13.39
CA ALA F 295 -41.22 2.91 -12.81
C ALA F 295 -39.90 3.33 -13.44
N GLN F 296 -39.52 4.58 -13.19
CA GLN F 296 -38.25 5.14 -13.61
C GLN F 296 -37.63 5.88 -12.43
N VAL F 297 -36.35 5.65 -12.17
CA VAL F 297 -35.63 6.32 -11.10
C VAL F 297 -34.37 6.96 -11.66
N TYR F 298 -33.84 7.91 -10.89
CA TYR F 298 -32.52 8.47 -11.16
C TYR F 298 -31.47 7.53 -10.58
N ASP F 299 -30.79 6.78 -11.45
CA ASP F 299 -29.86 5.74 -11.03
C ASP F 299 -28.43 6.26 -11.11
N LEU F 300 -27.76 6.25 -9.95
CA LEU F 300 -26.35 6.62 -9.84
C LEU F 300 -25.83 6.13 -8.49
N LEU F 301 -24.85 5.23 -8.51
CA LEU F 301 -24.37 4.56 -7.28
C LEU F 301 -25.58 3.87 -6.64
N GLY F 302 -25.79 3.99 -5.34
CA GLY F 302 -26.93 3.38 -4.70
C GLY F 302 -28.15 4.28 -4.60
N ALA F 303 -28.14 5.42 -5.27
CA ALA F 303 -29.29 6.33 -5.18
C ALA F 303 -30.55 5.68 -5.72
N GLY F 304 -30.41 4.72 -6.62
CA GLY F 304 -31.57 3.97 -7.07
C GLY F 304 -32.23 3.19 -5.94
N LEU F 305 -31.42 2.56 -5.10
CA LEU F 305 -31.95 1.79 -3.98
C LEU F 305 -32.79 2.67 -3.05
N ILE F 306 -32.27 3.84 -2.70
CA ILE F 306 -32.99 4.74 -1.80
C ILE F 306 -34.30 5.20 -2.43
N GLN F 307 -34.29 5.41 -3.75
CA GLN F 307 -35.48 5.95 -4.41
C GLN F 307 -36.61 4.93 -4.47
N MET F 308 -36.28 3.65 -4.68
CA MET F 308 -37.31 2.61 -4.69
C MET F 308 -38.02 2.51 -3.35
N GLU F 309 -37.30 2.71 -2.25
CA GLU F 309 -37.91 2.65 -0.92
C GLU F 309 -38.75 3.90 -0.65
N SER F 310 -38.23 5.07 -1.01
CA SER F 310 -39.00 6.31 -0.84
C SER F 310 -40.23 6.30 -1.72
N MET F 311 -40.18 5.61 -2.86
CA MET F 311 -41.32 5.48 -3.74
C MET F 311 -42.38 4.53 -3.20
N GLY F 312 -42.07 3.80 -2.13
CA GLY F 312 -43.00 2.83 -1.56
C GLY F 312 -42.98 1.48 -2.22
N ILE F 313 -42.00 1.19 -3.08
CA ILE F 313 -41.96 -0.10 -3.76
C ILE F 313 -41.52 -1.20 -2.80
N CYS F 314 -40.59 -0.87 -1.90
CA CYS F 314 -40.12 -1.82 -0.90
C CYS F 314 -39.88 -1.10 0.40
N GLY F 315 -39.83 -1.86 1.49
CA GLY F 315 -39.60 -1.30 2.80
C GLY F 315 -38.21 -0.70 2.93
N LYS F 316 -37.98 -0.06 4.08
CA LYS F 316 -36.70 0.56 4.33
C LYS F 316 -35.62 -0.50 4.46
N GLY F 317 -34.63 -0.48 3.56
CA GLY F 317 -33.53 -1.41 3.58
C GLY F 317 -33.68 -2.63 2.69
N GLN F 318 -34.81 -2.77 2.01
CA GLN F 318 -35.06 -3.96 1.22
C GLN F 318 -34.57 -3.84 -0.22
N ALA F 319 -34.30 -2.63 -0.69
CA ALA F 319 -33.98 -2.42 -2.10
C ALA F 319 -32.76 -3.23 -2.52
N GLY F 320 -31.70 -3.20 -1.72
CA GLY F 320 -30.53 -4.01 -2.02
C GLY F 320 -30.86 -5.49 -2.14
N ASP F 321 -31.54 -6.03 -1.12
CA ASP F 321 -32.02 -7.41 -1.21
C ASP F 321 -33.05 -7.57 -2.32
N PHE F 322 -33.86 -6.54 -2.56
CA PHE F 322 -34.81 -6.57 -3.67
C PHE F 322 -34.08 -6.67 -5.00
N VAL F 323 -33.05 -5.84 -5.19
CA VAL F 323 -32.29 -5.88 -6.44
C VAL F 323 -31.48 -7.18 -6.52
N LEU F 324 -30.95 -7.64 -5.39
CA LEU F 324 -30.19 -8.90 -5.39
C LEU F 324 -31.06 -10.09 -5.77
N GLU F 325 -32.34 -10.07 -5.40
CA GLU F 325 -33.27 -11.13 -5.78
C GLU F 325 -33.84 -10.95 -7.17
N GLY F 326 -33.25 -10.09 -7.99
CA GLY F 326 -33.73 -9.90 -9.35
C GLY F 326 -35.13 -9.33 -9.42
N GLY F 327 -35.47 -8.40 -8.53
CA GLY F 327 -36.82 -7.87 -8.50
C GLY F 327 -37.11 -6.84 -9.56
N ILE F 328 -36.08 -6.15 -10.06
CA ILE F 328 -36.27 -5.04 -11.00
C ILE F 328 -36.11 -5.57 -12.42
N ALA F 329 -35.95 -6.88 -12.54
CA ALA F 329 -35.85 -7.50 -13.85
C ALA F 329 -37.22 -7.44 -14.54
N LEU F 330 -37.24 -7.81 -15.82
CA LEU F 330 -38.48 -7.75 -16.57
C LEU F 330 -39.52 -8.72 -16.01
N ASP F 331 -39.08 -9.91 -15.60
CA ASP F 331 -39.97 -10.87 -14.95
C ASP F 331 -40.20 -10.55 -13.48
N GLY F 332 -39.50 -9.55 -12.95
CA GLY F 332 -39.58 -9.25 -11.53
C GLY F 332 -40.89 -8.61 -11.14
N GLN F 333 -41.04 -8.43 -9.83
CA GLN F 333 -42.26 -7.83 -9.29
C GLN F 333 -42.48 -6.42 -9.83
N LEU F 334 -41.42 -5.65 -9.97
CA LEU F 334 -41.55 -4.30 -10.52
C LEU F 334 -40.32 -3.95 -11.35
N PRO F 335 -40.44 -3.92 -12.69
CA PRO F 335 -39.29 -3.56 -13.52
C PRO F 335 -38.91 -2.10 -13.33
N LEU F 336 -37.60 -1.83 -13.35
CA LEU F 336 -37.05 -0.50 -13.12
C LEU F 336 -36.13 -0.10 -14.25
N ASN F 337 -36.33 1.11 -14.77
CA ASN F 337 -35.51 1.67 -15.85
C ASN F 337 -35.35 0.67 -16.98
N THR F 338 -36.47 0.33 -17.61
CA THR F 338 -36.49 -0.71 -18.64
C THR F 338 -35.70 -0.32 -19.89
N ASP F 339 -35.40 0.97 -20.07
CA ASP F 339 -34.61 1.45 -21.20
C ASP F 339 -33.11 1.39 -20.92
N GLY F 340 -32.70 0.99 -19.72
CA GLY F 340 -31.31 0.96 -19.32
C GLY F 340 -30.95 1.98 -18.27
N GLY F 341 -31.78 3.00 -18.06
CA GLY F 341 -31.50 4.00 -17.07
C GLY F 341 -30.31 4.88 -17.44
N ASN F 342 -29.86 5.65 -16.44
CA ASN F 342 -28.70 6.51 -16.64
C ASN F 342 -27.43 5.70 -16.90
N ILE F 343 -27.39 4.46 -16.39
CA ILE F 343 -26.21 3.62 -16.59
C ILE F 343 -26.14 3.10 -18.02
N GLY F 344 -27.29 2.76 -18.60
CA GLY F 344 -27.32 2.15 -19.90
C GLY F 344 -27.80 3.07 -21.01
N ARG F 345 -28.92 3.76 -20.79
CA ARG F 345 -29.42 4.70 -21.78
C ARG F 345 -28.52 5.93 -21.87
N GLY F 346 -27.99 6.38 -20.73
CA GLY F 346 -27.28 7.64 -20.67
C GLY F 346 -28.13 8.71 -20.00
N HIS F 347 -27.50 9.88 -19.80
CA HIS F 347 -28.22 10.95 -19.11
C HIS F 347 -27.62 12.29 -19.47
N ALA F 348 -28.48 13.23 -19.85
CA ALA F 348 -28.18 14.65 -19.90
C ALA F 348 -29.03 15.33 -18.83
N SER F 349 -28.37 16.02 -17.88
CA SER F 349 -29.03 16.44 -16.65
C SER F 349 -30.33 17.19 -16.92
N GLY F 350 -30.29 18.19 -17.79
CA GLY F 350 -31.50 18.92 -18.10
C GLY F 350 -32.54 18.08 -18.82
N CYS F 351 -32.09 17.11 -19.60
CA CYS F 351 -32.97 16.30 -20.44
C CYS F 351 -33.51 15.06 -19.72
N ASP F 352 -33.16 14.87 -18.44
CA ASP F 352 -33.41 13.58 -17.79
C ASP F 352 -34.89 13.33 -17.55
N GLY F 353 -35.66 14.38 -17.24
CA GLY F 353 -37.07 14.17 -16.95
C GLY F 353 -37.85 13.60 -18.12
N ILE F 354 -37.55 14.08 -19.33
CA ILE F 354 -38.23 13.56 -20.52
C ILE F 354 -37.76 12.15 -20.81
N LEU F 355 -36.49 11.83 -20.55
CA LEU F 355 -36.00 10.48 -20.75
C LEU F 355 -36.77 9.47 -19.90
N HIS F 356 -37.22 9.88 -18.71
CA HIS F 356 -38.08 9.01 -17.90
C HIS F 356 -39.46 8.89 -18.52
N ILE F 357 -40.05 10.02 -18.92
CA ILE F 357 -41.43 10.02 -19.41
C ILE F 357 -41.53 9.26 -20.72
N THR F 358 -40.54 9.41 -21.59
CA THR F 358 -40.59 8.76 -22.90
C THR F 358 -40.69 7.24 -22.75
N GLU F 359 -39.88 6.65 -21.89
CA GLU F 359 -39.92 5.20 -21.70
C GLU F 359 -41.25 4.77 -21.09
N LEU F 360 -41.73 5.51 -20.08
CA LEU F 360 -43.06 5.22 -19.53
C LEU F 360 -44.13 5.43 -20.58
N PHE F 361 -44.03 6.51 -21.35
CA PHE F 361 -44.93 6.72 -22.48
C PHE F 361 -44.88 5.54 -23.45
N ARG F 362 -43.68 5.07 -23.78
CA ARG F 362 -43.56 3.92 -24.67
C ARG F 362 -44.08 2.64 -24.01
N GLN F 363 -43.85 2.49 -22.70
CA GLN F 363 -44.26 1.28 -22.01
C GLN F 363 -45.77 1.17 -21.92
N LEU F 364 -46.46 2.28 -21.69
CA LEU F 364 -47.92 2.24 -21.57
C LEU F 364 -48.60 1.96 -22.91
N ARG F 365 -47.91 2.18 -24.03
CA ARG F 365 -48.44 1.91 -25.36
C ARG F 365 -47.94 0.59 -25.93
N GLY F 366 -47.24 -0.21 -25.12
CA GLY F 366 -46.78 -1.50 -25.57
C GLY F 366 -45.63 -1.46 -26.55
N GLU F 367 -44.92 -0.33 -26.61
CA GLU F 367 -43.91 -0.10 -27.62
C GLU F 367 -42.48 -0.23 -27.11
N SER F 368 -42.31 -0.44 -25.81
CA SER F 368 -40.95 -0.53 -25.26
C SER F 368 -40.30 -1.87 -25.64
N ASP F 369 -38.97 -1.84 -25.78
CA ASP F 369 -38.24 -3.02 -26.22
C ASP F 369 -38.22 -4.09 -25.14
N ASN F 370 -38.20 -3.71 -23.87
CA ASN F 370 -38.42 -4.61 -22.74
C ASN F 370 -39.79 -4.24 -22.17
N GLN F 371 -40.82 -4.92 -22.64
CA GLN F 371 -42.20 -4.49 -22.44
C GLN F 371 -42.81 -5.19 -21.23
N VAL F 372 -43.31 -4.40 -20.29
CA VAL F 372 -44.13 -4.92 -19.21
C VAL F 372 -45.51 -5.22 -19.76
N LYS F 373 -45.89 -6.50 -19.74
CA LYS F 373 -47.15 -6.92 -20.35
C LYS F 373 -48.33 -6.37 -19.55
N GLY F 374 -49.20 -5.64 -20.24
CA GLY F 374 -50.40 -5.11 -19.60
C GLY F 374 -50.16 -4.00 -18.60
N ALA F 375 -49.13 -3.19 -18.81
CA ALA F 375 -48.84 -2.08 -17.89
C ALA F 375 -49.86 -0.96 -18.10
N ARG F 376 -50.68 -0.70 -17.08
CA ARG F 376 -51.67 0.36 -17.15
C ARG F 376 -51.25 1.64 -16.43
N ILE F 377 -50.19 1.61 -15.63
CA ILE F 377 -49.74 2.79 -14.92
C ILE F 377 -48.21 2.81 -14.93
N GLY F 378 -47.64 4.01 -14.99
CA GLY F 378 -46.20 4.19 -14.95
C GLY F 378 -45.85 5.39 -14.11
N VAL F 379 -44.76 5.29 -13.34
CA VAL F 379 -44.39 6.29 -12.36
C VAL F 379 -42.94 6.68 -12.57
N SER F 380 -42.67 7.99 -12.57
CA SER F 380 -41.33 8.52 -12.76
C SER F 380 -40.87 9.19 -11.48
N GLN F 381 -39.79 8.67 -10.89
CA GLN F 381 -39.14 9.29 -9.74
C GLN F 381 -37.89 10.01 -10.21
N ASN F 382 -37.81 11.31 -9.94
CA ASN F 382 -36.67 12.11 -10.37
C ASN F 382 -36.29 13.08 -9.26
N LEU F 383 -34.99 13.28 -9.09
CA LEU F 383 -34.46 14.16 -8.05
C LEU F 383 -33.46 15.14 -8.64
N GLY F 384 -33.34 16.28 -7.99
CA GLY F 384 -32.35 17.28 -8.36
C GLY F 384 -31.44 17.58 -7.18
N GLY F 385 -30.16 17.80 -7.46
CA GLY F 385 -29.22 17.82 -6.38
C GLY F 385 -29.22 16.46 -5.69
N TYR F 386 -29.04 16.48 -4.37
CA TYR F 386 -29.33 15.29 -3.58
C TYR F 386 -30.69 15.51 -2.92
N ALA F 387 -31.75 15.13 -3.62
CA ALA F 387 -33.13 15.25 -3.15
C ALA F 387 -33.52 16.68 -2.83
N ALA F 388 -32.75 17.66 -3.30
CA ALA F 388 -33.16 19.06 -3.13
C ALA F 388 -34.45 19.34 -3.89
N HIS F 389 -34.46 18.99 -5.17
CA HIS F 389 -35.71 18.79 -5.89
C HIS F 389 -36.11 17.33 -5.80
N ASN F 390 -37.42 17.09 -5.84
CA ASN F 390 -37.94 15.74 -6.04
C ASN F 390 -39.21 15.85 -6.84
N SER F 391 -39.31 15.04 -7.90
CA SER F 391 -40.44 15.09 -8.81
C SER F 391 -40.97 13.67 -9.02
N VAL F 392 -42.26 13.48 -8.76
CA VAL F 392 -42.93 12.20 -8.99
C VAL F 392 -44.12 12.48 -9.88
N ILE F 393 -44.12 11.89 -11.09
CA ILE F 393 -45.21 12.03 -12.05
C ILE F 393 -45.79 10.64 -12.30
N VAL F 394 -47.13 10.56 -12.29
CA VAL F 394 -47.86 9.32 -12.49
C VAL F 394 -48.62 9.40 -13.80
N LEU F 395 -48.42 8.41 -14.66
CA LEU F 395 -49.08 8.33 -15.95
C LEU F 395 -49.83 7.01 -16.06
N SER F 396 -51.06 7.06 -16.56
CA SER F 396 -51.87 5.88 -16.80
C SER F 396 -52.48 5.97 -18.20
N ASN F 397 -52.73 4.81 -18.79
CA ASN F 397 -53.28 4.75 -20.14
C ASN F 397 -54.81 4.65 -20.15
N ASP F 398 -55.45 4.56 -18.99
CA ASP F 398 -56.91 4.52 -18.92
C ASP F 398 -57.46 5.66 -18.07
N LYS G 4 2.03 -69.94 -30.56
CA LYS G 4 2.17 -68.65 -29.93
C LYS G 4 1.15 -68.49 -28.81
N LYS G 5 1.28 -69.31 -27.77
CA LYS G 5 0.34 -69.30 -26.66
C LYS G 5 0.88 -68.44 -25.52
N ILE G 6 -0.01 -67.65 -24.92
CA ILE G 6 0.35 -66.66 -23.91
C ILE G 6 -0.21 -67.11 -22.56
N GLY G 7 0.58 -66.96 -21.51
CA GLY G 7 0.14 -67.33 -20.19
C GLY G 7 1.16 -67.08 -19.10
N ILE G 8 1.08 -67.86 -18.02
CA ILE G 8 2.00 -67.71 -16.90
C ILE G 8 3.31 -68.42 -17.24
N VAL G 9 4.42 -67.71 -17.07
CA VAL G 9 5.74 -68.29 -17.30
C VAL G 9 6.34 -68.81 -16.00
N SER G 10 6.24 -68.03 -14.92
CA SER G 10 6.71 -68.46 -13.60
C SER G 10 5.97 -67.65 -12.56
N TYR G 11 6.08 -68.08 -11.31
CA TYR G 11 5.36 -67.44 -10.21
C TYR G 11 6.17 -67.51 -8.93
N GLY G 12 5.91 -66.55 -8.05
CA GLY G 12 6.56 -66.51 -6.75
C GLY G 12 5.60 -65.96 -5.71
N ALA G 13 5.82 -66.36 -4.46
CA ALA G 13 4.93 -66.00 -3.38
C ALA G 13 5.73 -65.45 -2.20
N GLY G 14 5.13 -64.50 -1.48
CA GLY G 14 5.71 -63.97 -0.28
C GLY G 14 4.76 -64.03 0.90
N ILE G 15 5.22 -64.57 2.03
CA ILE G 15 4.36 -64.78 3.19
C ILE G 15 5.15 -64.44 4.46
N PRO G 16 4.58 -63.66 5.37
CA PRO G 16 5.26 -63.40 6.65
C PRO G 16 5.38 -64.66 7.49
N VAL G 17 6.50 -64.79 8.19
CA VAL G 17 6.74 -66.00 8.94
C VAL G 17 5.99 -66.00 10.28
N CYS G 18 5.67 -64.84 10.82
CA CYS G 18 5.05 -64.79 12.14
C CYS G 18 3.61 -65.29 12.09
N ARG G 19 3.23 -66.06 13.11
CA ARG G 19 1.89 -66.63 13.23
C ARG G 19 1.31 -66.29 14.59
N LEU G 20 -0.02 -66.17 14.62
CA LEU G 20 -0.76 -65.90 15.85
C LEU G 20 -1.92 -66.87 15.94
N LYS G 21 -1.91 -67.71 16.98
CA LYS G 21 -3.00 -68.65 17.18
C LYS G 21 -4.32 -67.90 17.37
N VAL G 22 -5.38 -68.45 16.77
CA VAL G 22 -6.69 -67.79 16.82
C VAL G 22 -7.16 -67.61 18.26
N GLN G 23 -6.82 -68.55 19.14
CA GLN G 23 -7.28 -68.50 20.52
C GLN G 23 -6.79 -67.24 21.23
N GLU G 24 -5.65 -66.69 20.81
CA GLU G 24 -5.09 -65.53 21.50
C GLU G 24 -5.98 -64.32 21.39
N VAL G 25 -6.60 -64.11 20.23
CA VAL G 25 -7.45 -62.93 20.03
C VAL G 25 -8.76 -63.08 20.79
N ILE G 26 -9.29 -64.30 20.85
CA ILE G 26 -10.62 -64.50 21.43
C ILE G 26 -10.60 -64.29 22.93
N ASN G 27 -9.58 -64.82 23.62
CA ASN G 27 -9.51 -64.68 25.07
C ASN G 27 -9.45 -63.21 25.49
N VAL G 28 -8.81 -62.37 24.68
CA VAL G 28 -8.73 -60.95 25.01
C VAL G 28 -10.07 -60.26 24.78
N TRP G 29 -10.64 -60.43 23.58
CA TRP G 29 -11.82 -59.64 23.22
C TRP G 29 -13.12 -60.35 23.55
N LYS G 30 -13.16 -61.68 23.42
CA LYS G 30 -14.37 -62.48 23.64
C LYS G 30 -15.52 -61.95 22.78
N ASN G 31 -15.24 -61.75 21.50
CA ASN G 31 -16.20 -61.16 20.56
C ASN G 31 -16.78 -62.17 19.58
N THR G 32 -16.37 -63.44 19.65
CA THR G 32 -16.91 -64.46 18.76
C THR G 32 -16.61 -65.84 19.35
N ASP G 33 -17.30 -66.83 18.80
CA ASP G 33 -17.15 -68.21 19.25
C ASP G 33 -15.87 -68.81 18.68
N LEU G 34 -15.08 -69.47 19.53
CA LEU G 34 -13.82 -70.06 19.08
C LEU G 34 -14.06 -71.27 18.17
N LYS G 35 -15.05 -72.10 18.52
CA LYS G 35 -15.39 -73.23 17.67
C LYS G 35 -15.86 -72.79 16.29
N LEU G 36 -16.55 -71.66 16.21
CA LEU G 36 -16.98 -71.13 14.92
C LEU G 36 -15.78 -70.78 14.04
N VAL G 37 -14.79 -70.09 14.61
CA VAL G 37 -13.68 -69.60 13.81
C VAL G 37 -12.77 -70.75 13.37
N GLU G 38 -12.53 -71.71 14.27
CA GLU G 38 -11.58 -72.76 13.95
C GLU G 38 -12.20 -73.88 13.13
N GLU G 39 -13.45 -74.24 13.40
CA GLU G 39 -14.10 -75.36 12.73
C GLU G 39 -14.94 -74.93 11.54
N ASN G 40 -15.94 -74.08 11.76
CA ASN G 40 -16.81 -73.64 10.67
C ASN G 40 -16.05 -72.76 9.68
N LEU G 41 -15.28 -71.79 10.20
CA LEU G 41 -14.57 -70.88 9.32
C LEU G 41 -13.31 -71.53 8.77
N GLY G 42 -12.61 -72.32 9.57
CA GLY G 42 -11.50 -73.11 9.11
C GLY G 42 -10.13 -72.51 9.31
N VAL G 43 -10.00 -71.50 10.16
CA VAL G 43 -8.71 -70.83 10.39
C VAL G 43 -8.29 -71.11 11.84
N THR G 44 -7.16 -71.79 12.00
CA THR G 44 -6.60 -72.07 13.32
C THR G 44 -5.55 -71.05 13.75
N GLU G 45 -5.01 -70.28 12.81
CA GLU G 45 -3.99 -69.29 13.09
C GLU G 45 -3.84 -68.38 11.88
N ARG G 46 -3.36 -67.16 12.13
CA ARG G 46 -3.25 -66.14 11.10
C ARG G 46 -1.84 -65.57 11.09
N ALA G 47 -1.49 -64.94 9.97
CA ALA G 47 -0.16 -64.38 9.79
C ALA G 47 -0.07 -63.01 10.45
N VAL G 48 1.09 -62.75 11.06
CA VAL G 48 1.35 -61.49 11.76
C VAL G 48 2.41 -60.71 11.00
N LEU G 49 2.14 -59.44 10.75
CA LEU G 49 3.06 -58.57 10.02
C LEU G 49 4.12 -58.03 10.97
N GLN G 50 5.39 -58.28 10.67
CA GLN G 50 6.48 -57.76 11.46
C GLN G 50 6.61 -56.25 11.25
N PRO G 51 7.32 -55.54 12.12
CA PRO G 51 7.46 -54.09 11.94
C PRO G 51 8.13 -53.68 10.64
N ASP G 52 8.96 -54.55 10.06
CA ASP G 52 9.71 -54.22 8.85
C ASP G 52 9.11 -54.83 7.60
N GLU G 53 7.89 -55.35 7.66
CA GLU G 53 7.20 -55.90 6.51
C GLU G 53 6.01 -55.02 6.14
N ASP G 54 5.72 -54.96 4.84
CA ASP G 54 4.50 -54.32 4.36
C ASP G 54 4.19 -54.86 2.96
N VAL G 55 3.39 -54.11 2.20
CA VAL G 55 3.02 -54.54 0.86
C VAL G 55 4.26 -54.68 -0.02
N ILE G 56 5.11 -53.65 -0.01
CA ILE G 56 6.28 -53.65 -0.90
C ILE G 56 7.25 -54.75 -0.51
N THR G 57 7.49 -54.94 0.80
CA THR G 57 8.42 -55.96 1.24
C THR G 57 7.98 -57.35 0.81
N LEU G 58 6.73 -57.71 1.14
CA LEU G 58 6.19 -58.99 0.66
C LEU G 58 6.05 -58.99 -0.85
N GLY G 59 5.74 -57.84 -1.44
CA GLY G 59 5.57 -57.79 -2.89
C GLY G 59 6.85 -57.98 -3.65
N VAL G 60 7.94 -57.33 -3.21
CA VAL G 60 9.21 -57.49 -3.91
C VAL G 60 9.77 -58.89 -3.68
N LEU G 61 9.38 -59.54 -2.58
CA LEU G 61 9.81 -60.92 -2.36
C LEU G 61 9.14 -61.87 -3.34
N ALA G 62 7.83 -61.75 -3.52
CA ALA G 62 7.12 -62.61 -4.46
C ALA G 62 7.54 -62.32 -5.89
N ALA G 63 7.79 -61.04 -6.22
CA ALA G 63 8.23 -60.69 -7.57
C ALA G 63 9.65 -61.19 -7.84
N GLN G 64 10.56 -60.98 -6.90
CA GLN G 64 11.92 -61.48 -7.07
C GLN G 64 11.96 -63.00 -7.12
N ARG G 65 11.08 -63.67 -6.38
CA ARG G 65 11.04 -65.13 -6.43
C ARG G 65 10.48 -65.62 -7.75
N ALA G 66 9.61 -64.84 -8.39
CA ALA G 66 9.09 -65.23 -9.69
C ALA G 66 10.15 -65.04 -10.78
N LEU G 67 10.82 -63.89 -10.78
CA LEU G 67 11.86 -63.62 -11.77
C LEU G 67 13.05 -64.57 -11.65
N ASP G 68 13.27 -65.15 -10.46
CA ASP G 68 14.41 -66.04 -10.28
C ASP G 68 14.31 -67.26 -11.17
N LYS G 69 13.10 -67.68 -11.53
CA LYS G 69 12.94 -68.77 -12.49
C LYS G 69 13.33 -68.35 -13.90
N VAL G 70 13.31 -67.06 -14.20
CA VAL G 70 13.66 -66.56 -15.52
C VAL G 70 14.88 -65.66 -15.39
N PRO G 71 16.10 -66.21 -15.42
CA PRO G 71 17.29 -65.38 -15.28
C PRO G 71 17.48 -64.48 -16.50
N GLY G 72 18.06 -63.31 -16.24
CA GLY G 72 18.33 -62.35 -17.30
C GLY G 72 17.10 -61.65 -17.85
N HIS G 73 15.95 -61.80 -17.22
CA HIS G 73 14.72 -61.22 -17.74
C HIS G 73 14.75 -59.71 -17.67
N GLN G 74 14.28 -59.06 -18.73
CA GLN G 74 14.08 -57.61 -18.77
C GLN G 74 12.61 -57.32 -18.51
N ILE G 75 12.34 -56.51 -17.49
CA ILE G 75 10.96 -56.19 -17.13
C ILE G 75 10.39 -55.19 -18.12
N GLU G 76 9.27 -55.56 -18.75
CA GLU G 76 8.62 -54.68 -19.72
C GLU G 76 7.33 -54.05 -19.19
N ALA G 77 6.79 -54.56 -18.08
CA ALA G 77 5.60 -54.00 -17.47
C ALA G 77 5.42 -54.63 -16.09
N LEU G 78 5.13 -53.79 -15.10
CA LEU G 78 4.88 -54.25 -13.73
C LEU G 78 3.66 -53.53 -13.19
N TYR G 79 2.65 -54.30 -12.77
CA TYR G 79 1.43 -53.75 -12.19
C TYR G 79 1.23 -54.35 -10.81
N LEU G 80 1.16 -53.49 -9.79
CA LEU G 80 0.97 -53.92 -8.41
C LEU G 80 -0.51 -53.80 -8.06
N GLY G 81 -1.16 -54.93 -7.84
CA GLY G 81 -2.53 -54.93 -7.36
C GLY G 81 -2.58 -55.04 -5.85
N THR G 82 -3.03 -53.99 -5.18
CA THR G 82 -3.09 -54.00 -3.73
C THR G 82 -4.28 -53.17 -3.27
N CYS G 83 -4.83 -53.57 -2.12
CA CYS G 83 -5.91 -52.86 -1.47
C CYS G 83 -5.43 -52.04 -0.28
N THR G 84 -4.25 -52.35 0.25
CA THR G 84 -3.66 -51.60 1.37
C THR G 84 -2.37 -50.94 0.91
N ASN G 85 -2.49 -50.00 -0.01
CA ASN G 85 -1.31 -49.40 -0.64
C ASN G 85 -0.52 -48.59 0.39
N PRO G 86 0.80 -48.77 0.47
CA PRO G 86 1.60 -47.91 1.36
C PRO G 86 1.59 -46.45 0.99
N TYR G 87 1.32 -46.10 -0.26
CA TYR G 87 1.21 -44.72 -0.71
C TYR G 87 -0.16 -44.50 -1.35
N ASP G 88 -0.86 -43.45 -0.91
CA ASP G 88 -2.12 -43.10 -1.55
C ASP G 88 -1.90 -42.27 -2.81
N SER G 89 -0.86 -41.45 -2.83
CA SER G 89 -0.42 -40.76 -4.04
C SER G 89 1.02 -41.16 -4.32
N ARG G 90 1.34 -41.30 -5.62
CA ARG G 90 2.53 -41.93 -6.18
C ARG G 90 2.35 -43.45 -6.14
N ALA G 91 3.07 -44.16 -7.01
CA ALA G 91 2.85 -45.59 -7.22
C ALA G 91 3.94 -46.41 -6.51
N SER G 92 3.50 -47.33 -5.65
CA SER G 92 4.42 -48.26 -5.02
C SER G 92 5.03 -49.23 -6.03
N ALA G 93 4.29 -49.54 -7.10
CA ALA G 93 4.81 -50.43 -8.14
C ALA G 93 6.12 -49.89 -8.71
N SER G 94 6.24 -48.57 -8.79
CA SER G 94 7.49 -47.96 -9.24
C SER G 94 8.65 -48.29 -8.30
N ILE G 95 8.36 -48.44 -7.00
CA ILE G 95 9.42 -48.76 -6.05
C ILE G 95 9.88 -50.20 -6.23
N ILE G 96 8.94 -51.13 -6.40
CA ILE G 96 9.30 -52.53 -6.62
C ILE G 96 10.04 -52.68 -7.94
N LEU G 97 9.63 -51.93 -8.96
CA LEU G 97 10.32 -51.98 -10.25
C LEU G 97 11.78 -51.55 -10.11
N GLU G 98 12.04 -50.53 -9.30
CA GLU G 98 13.42 -50.12 -9.03
C GLU G 98 14.17 -51.19 -8.26
N MET G 99 13.51 -51.82 -7.27
CA MET G 99 14.17 -52.82 -6.44
C MET G 99 14.63 -54.02 -7.28
N LEU G 100 13.79 -54.46 -8.22
CA LEU G 100 14.16 -55.62 -9.04
C LEU G 100 15.33 -55.33 -9.96
N GLY G 101 15.57 -54.06 -10.29
CA GLY G 101 16.70 -53.70 -11.14
C GLY G 101 16.74 -54.39 -12.47
N SER G 102 15.58 -54.71 -13.04
CA SER G 102 15.51 -55.43 -14.31
C SER G 102 15.13 -54.55 -15.48
N GLY G 103 15.10 -53.23 -15.30
CA GLY G 103 14.80 -52.31 -16.37
C GLY G 103 13.95 -51.14 -15.91
N TYR G 104 14.21 -49.97 -16.51
CA TYR G 104 13.46 -48.76 -16.20
C TYR G 104 12.34 -48.47 -17.17
N ASP G 105 12.38 -49.03 -18.38
CA ASP G 105 11.34 -48.81 -19.39
C ASP G 105 10.29 -49.89 -19.24
N ALA G 106 9.16 -49.55 -18.62
CA ALA G 106 8.09 -50.51 -18.39
C ALA G 106 6.81 -49.77 -18.07
N TYR G 107 5.70 -50.39 -18.47
CA TYR G 107 4.39 -49.89 -18.05
C TYR G 107 4.21 -50.16 -16.57
N CYS G 108 3.89 -49.11 -15.81
CA CYS G 108 3.90 -49.18 -14.36
C CYS G 108 2.71 -48.41 -13.79
N ALA G 109 2.05 -48.99 -12.80
CA ALA G 109 0.92 -48.35 -12.13
C ALA G 109 0.48 -49.21 -10.95
N ASP G 110 -0.40 -48.65 -10.14
CA ASP G 110 -1.01 -49.34 -9.00
C ASP G 110 -2.49 -49.55 -9.27
N VAL G 111 -2.93 -50.80 -9.20
CA VAL G 111 -4.31 -51.17 -9.46
C VAL G 111 -4.96 -51.56 -8.14
N GLN G 112 -6.19 -51.10 -7.93
CA GLN G 112 -6.86 -51.35 -6.67
C GLN G 112 -8.35 -51.59 -6.90
N PHE G 113 -8.82 -52.77 -6.49
CA PHE G 113 -10.24 -53.05 -6.37
C PHE G 113 -10.42 -54.11 -5.28
N ALA G 114 -10.13 -53.73 -4.05
CA ALA G 114 -10.39 -54.55 -2.84
C ALA G 114 -9.72 -55.92 -3.01
N GLY G 115 -10.40 -57.04 -2.72
CA GLY G 115 -9.62 -58.29 -2.80
C GLY G 115 -9.35 -58.88 -4.21
N LYS G 116 -9.91 -58.28 -5.26
CA LYS G 116 -9.64 -58.72 -6.62
C LYS G 116 -8.59 -57.86 -7.32
N SER G 117 -7.82 -57.09 -6.56
CA SER G 117 -6.76 -56.28 -7.17
C SER G 117 -5.71 -57.16 -7.84
N GLY G 118 -5.44 -58.34 -7.25
CA GLY G 118 -4.46 -59.23 -7.83
C GLY G 118 -4.87 -59.75 -9.19
N THR G 119 -6.12 -60.22 -9.30
CA THR G 119 -6.61 -60.72 -10.58
C THR G 119 -6.85 -59.58 -11.57
N SER G 120 -7.28 -58.42 -11.06
CA SER G 120 -7.43 -57.26 -11.94
C SER G 120 -6.10 -56.88 -12.56
N ALA G 121 -5.02 -56.94 -11.77
CA ALA G 121 -3.69 -56.69 -12.33
C ALA G 121 -3.27 -57.79 -13.28
N LEU G 122 -3.65 -59.04 -12.98
CA LEU G 122 -3.35 -60.14 -13.88
C LEU G 122 -3.96 -59.92 -15.25
N GLN G 123 -5.19 -59.42 -15.30
CA GLN G 123 -5.86 -59.19 -16.57
C GLN G 123 -5.20 -58.07 -17.36
N ILE G 124 -4.78 -56.99 -16.67
CA ILE G 124 -4.08 -55.91 -17.35
C ILE G 124 -2.77 -56.41 -17.94
N CYS G 125 -2.04 -57.23 -17.19
CA CYS G 125 -0.78 -57.78 -17.69
C CYS G 125 -1.03 -58.72 -18.86
N GLN G 126 -2.08 -59.54 -18.77
CA GLN G 126 -2.43 -60.41 -19.89
C GLN G 126 -2.82 -59.61 -21.12
N ALA G 127 -3.54 -58.50 -20.92
CA ALA G 127 -3.93 -57.67 -22.05
C ALA G 127 -2.72 -57.04 -22.73
N LEU G 128 -1.71 -56.65 -21.95
CA LEU G 128 -0.53 -56.02 -22.54
C LEU G 128 0.24 -57.01 -23.41
N VAL G 129 0.35 -58.26 -22.97
CA VAL G 129 1.06 -59.26 -23.76
C VAL G 129 0.23 -59.69 -24.97
N ALA G 130 -1.07 -59.89 -24.77
CA ALA G 130 -1.93 -60.34 -25.87
C ALA G 130 -2.09 -59.26 -26.93
N SER G 131 -2.19 -58.00 -26.52
CA SER G 131 -2.30 -56.90 -27.47
C SER G 131 -0.98 -56.59 -28.17
N GLY G 132 0.10 -57.29 -27.83
CA GLY G 132 1.38 -57.06 -28.46
C GLY G 132 2.08 -55.79 -28.03
N MET G 133 1.54 -55.07 -27.04
CA MET G 133 2.20 -53.86 -26.57
C MET G 133 3.48 -54.18 -25.80
N THR G 134 3.51 -55.31 -25.11
CA THR G 134 4.71 -55.80 -24.45
C THR G 134 4.89 -57.28 -24.77
N GLY G 135 6.12 -57.77 -24.61
CA GLY G 135 6.41 -59.17 -24.80
C GLY G 135 6.18 -59.97 -23.54
N SER G 136 6.29 -59.32 -22.40
CA SER G 136 6.05 -59.96 -21.11
C SER G 136 5.41 -58.93 -20.18
N ALA G 137 4.93 -59.41 -19.03
CA ALA G 137 4.28 -58.54 -18.07
C ALA G 137 4.29 -59.21 -16.70
N LEU G 138 4.44 -58.40 -15.65
CA LEU G 138 4.53 -58.88 -14.28
C LEU G 138 3.36 -58.34 -13.49
N ALA G 139 2.55 -59.25 -12.93
CA ALA G 139 1.43 -58.90 -12.08
C ALA G 139 1.75 -59.30 -10.64
N ILE G 140 1.47 -58.41 -9.70
CA ILE G 140 1.72 -58.67 -8.28
C ILE G 140 0.44 -58.37 -7.51
N GLY G 141 -0.02 -59.36 -6.73
CA GLY G 141 -1.15 -59.16 -5.84
C GLY G 141 -0.74 -59.29 -4.38
N ALA G 142 -0.91 -58.22 -3.61
CA ALA G 142 -0.46 -58.21 -2.23
C ALA G 142 -1.43 -57.39 -1.38
N ASP G 143 -1.47 -57.72 -0.09
CA ASP G 143 -2.32 -57.00 0.86
C ASP G 143 -1.89 -57.34 2.28
N THR G 144 -1.94 -56.34 3.15
CA THR G 144 -1.64 -56.51 4.57
C THR G 144 -2.93 -56.29 5.36
N ILE G 145 -3.85 -57.25 5.23
CA ILE G 145 -5.18 -57.11 5.82
C ILE G 145 -5.07 -57.01 7.34
N ASN G 146 -4.14 -57.77 7.94
CA ASN G 146 -3.97 -57.71 9.38
C ASN G 146 -3.54 -56.32 9.83
N ARG G 147 -2.72 -55.64 9.02
CA ARG G 147 -2.29 -54.29 9.35
C ARG G 147 -3.44 -53.29 9.28
N ASN G 148 -4.43 -53.55 8.42
CA ASN G 148 -5.53 -52.62 8.18
C ASN G 148 -6.85 -53.13 8.75
N THR G 149 -6.79 -53.96 9.79
CA THR G 149 -7.97 -54.41 10.51
C THR G 149 -7.85 -53.94 11.97
N ALA G 150 -8.91 -53.31 12.47
CA ALA G 150 -8.88 -52.74 13.80
C ALA G 150 -8.85 -53.83 14.87
N PRO G 151 -8.17 -53.58 15.99
CA PRO G 151 -8.26 -54.51 17.12
C PRO G 151 -9.68 -54.58 17.64
N GLY G 152 -10.11 -55.80 17.97
CA GLY G 152 -11.47 -56.02 18.42
C GLY G 152 -12.49 -56.20 17.32
N ASP G 153 -12.13 -55.91 16.08
CA ASP G 153 -13.04 -56.18 14.96
C ASP G 153 -13.29 -57.68 14.88
N LEU G 154 -14.48 -58.02 14.37
CA LEU G 154 -14.87 -59.43 14.30
C LEU G 154 -13.94 -60.22 13.39
N THR G 155 -13.49 -59.60 12.29
CA THR G 155 -12.62 -60.25 11.33
C THR G 155 -11.15 -60.24 11.74
N GLU G 156 -10.84 -59.84 12.97
CA GLU G 156 -9.45 -59.73 13.39
C GLU G 156 -8.78 -61.08 13.55
N SER G 157 -9.54 -62.10 13.99
CA SER G 157 -8.95 -63.40 14.27
C SER G 157 -8.37 -64.06 13.01
N TYR G 158 -8.90 -63.72 11.83
CA TYR G 158 -8.49 -64.35 10.58
C TYR G 158 -8.04 -63.32 9.55
N ALA G 159 -7.53 -62.19 10.02
CA ALA G 159 -6.93 -61.18 9.14
C ALA G 159 -5.44 -61.47 9.00
N GLY G 160 -4.96 -61.55 7.76
CA GLY G 160 -3.56 -61.87 7.54
C GLY G 160 -2.90 -61.00 6.48
N ALA G 161 -1.83 -61.50 5.89
CA ALA G 161 -1.12 -60.78 4.85
C ALA G 161 -0.47 -61.77 3.91
N GLY G 162 -0.12 -61.30 2.72
CA GLY G 162 0.51 -62.16 1.74
C GLY G 162 0.73 -61.41 0.44
N ALA G 163 1.56 -62.00 -0.41
CA ALA G 163 1.88 -61.44 -1.71
C ALA G 163 2.16 -62.57 -2.69
N ALA G 164 1.70 -62.38 -3.93
CA ALA G 164 1.91 -63.36 -4.99
C ALA G 164 2.18 -62.63 -6.30
N ALA G 165 3.09 -63.18 -7.10
CA ALA G 165 3.48 -62.58 -8.35
C ALA G 165 3.40 -63.61 -9.46
N LEU G 166 2.85 -63.19 -10.60
CA LEU G 166 2.75 -64.03 -11.80
C LEU G 166 3.41 -63.31 -12.96
N LEU G 167 4.21 -64.05 -13.72
CA LEU G 167 4.89 -63.51 -14.90
C LEU G 167 4.15 -64.00 -16.15
N ILE G 168 3.72 -63.05 -16.98
CA ILE G 168 2.99 -63.36 -18.21
C ILE G 168 3.94 -63.23 -19.39
N GLY G 169 3.86 -64.18 -20.32
CA GLY G 169 4.71 -64.18 -21.49
C GLY G 169 4.18 -65.13 -22.53
N SER G 170 4.84 -65.11 -23.69
CA SER G 170 4.47 -65.97 -24.81
C SER G 170 5.47 -67.11 -25.03
N GLN G 171 6.34 -67.36 -24.06
CA GLN G 171 7.37 -68.38 -24.19
C GLN G 171 7.46 -69.18 -22.90
N ASP G 172 7.64 -70.50 -23.04
CA ASP G 172 7.80 -71.41 -21.90
C ASP G 172 6.61 -71.31 -20.94
N VAL G 173 5.41 -71.22 -21.51
CA VAL G 173 4.20 -71.02 -20.72
C VAL G 173 3.85 -72.30 -19.98
N ILE G 174 3.59 -72.18 -18.67
CA ILE G 174 3.15 -73.31 -17.87
C ILE G 174 1.63 -73.31 -17.65
N ALA G 175 0.95 -72.20 -17.90
CA ALA G 175 -0.51 -72.14 -17.79
C ALA G 175 -1.01 -71.09 -18.78
N GLU G 176 -1.71 -71.54 -19.82
CA GLU G 176 -2.15 -70.63 -20.88
C GLU G 176 -3.45 -69.92 -20.49
N PHE G 177 -3.55 -68.67 -20.94
CA PHE G 177 -4.74 -67.85 -20.69
C PHE G 177 -5.80 -68.19 -21.73
N ASP G 178 -6.93 -68.75 -21.29
CA ASP G 178 -8.01 -69.07 -22.21
C ASP G 178 -8.94 -67.88 -22.43
N ALA G 179 -9.64 -67.45 -21.38
CA ALA G 179 -10.53 -66.32 -21.48
C ALA G 179 -10.76 -65.74 -20.10
N SER G 180 -11.44 -64.59 -20.06
CA SER G 180 -11.77 -63.93 -18.80
C SER G 180 -13.11 -63.22 -18.94
N PHE G 181 -13.72 -62.94 -17.79
CA PHE G 181 -14.99 -62.23 -17.73
C PHE G 181 -15.04 -61.48 -16.41
N SER G 182 -15.57 -60.26 -16.43
CA SER G 182 -15.62 -59.43 -15.24
C SER G 182 -16.95 -58.68 -15.16
N CYS G 183 -17.36 -58.41 -13.93
CA CYS G 183 -18.57 -57.63 -13.66
C CYS G 183 -18.33 -56.79 -12.43
N ALA G 184 -19.09 -55.70 -12.31
CA ALA G 184 -18.93 -54.80 -11.18
C ALA G 184 -20.23 -54.08 -10.91
N ALA G 185 -20.34 -53.54 -9.70
CA ALA G 185 -21.50 -52.78 -9.24
C ALA G 185 -21.11 -52.05 -7.97
N ASP G 186 -22.04 -51.27 -7.43
CA ASP G 186 -21.81 -50.53 -6.19
C ASP G 186 -22.50 -51.27 -5.05
N VAL G 187 -21.72 -51.98 -4.25
CA VAL G 187 -22.22 -52.74 -3.11
C VAL G 187 -21.29 -52.45 -1.93
N ALA G 188 -21.68 -51.51 -1.07
CA ALA G 188 -20.84 -51.09 0.04
C ALA G 188 -20.84 -52.10 1.19
N ASP G 189 -20.58 -53.37 0.86
CA ASP G 189 -20.56 -54.40 1.91
C ASP G 189 -19.37 -54.19 2.84
N ASN G 190 -18.22 -53.79 2.28
CA ASN G 190 -17.08 -53.33 3.05
C ASN G 190 -16.47 -52.13 2.34
N ILE G 191 -16.05 -51.13 3.12
CA ILE G 191 -15.44 -49.93 2.57
C ILE G 191 -14.31 -49.50 3.51
N ARG G 192 -13.40 -48.70 2.95
CA ARG G 192 -12.42 -47.96 3.74
C ARG G 192 -12.23 -46.61 3.06
N PRO G 193 -12.87 -45.56 3.57
CA PRO G 193 -12.76 -44.24 2.95
C PRO G 193 -11.33 -43.71 3.04
N GLN G 194 -11.05 -42.70 2.24
CA GLN G 194 -9.73 -42.09 2.26
C GLN G 194 -9.45 -41.49 3.63
N GLY G 195 -8.25 -41.73 4.14
CA GLY G 195 -7.87 -41.33 5.47
C GLY G 195 -8.14 -42.35 6.56
N ASP G 196 -9.04 -43.30 6.31
CA ASP G 196 -9.27 -44.38 7.26
C ASP G 196 -8.17 -45.43 7.13
N ARG G 197 -7.64 -45.87 8.27
CA ARG G 197 -6.66 -46.95 8.25
C ARG G 197 -7.34 -48.32 8.20
N TYR G 198 -8.51 -48.45 8.82
CA TYR G 198 -9.15 -49.74 9.02
C TYR G 198 -10.29 -49.92 8.03
N ILE G 199 -10.33 -51.09 7.39
CA ILE G 199 -11.47 -51.46 6.56
C ILE G 199 -12.67 -51.73 7.45
N ARG G 200 -13.83 -51.21 7.05
CA ARG G 200 -15.06 -51.32 7.83
C ARG G 200 -16.12 -52.04 7.02
N SER G 201 -17.02 -52.72 7.74
CA SER G 201 -18.11 -53.43 7.11
C SER G 201 -19.34 -52.54 6.97
N GLY G 202 -20.07 -52.72 5.88
CA GLY G 202 -21.28 -51.95 5.66
C GLY G 202 -22.51 -52.51 6.35
N MET G 203 -22.42 -53.71 6.91
CA MET G 203 -23.54 -54.35 7.60
C MET G 203 -23.00 -55.46 8.47
N GLY G 204 -23.88 -56.02 9.29
CA GLY G 204 -23.48 -57.09 10.18
C GLY G 204 -23.05 -58.33 9.42
N LEU G 205 -22.04 -59.01 9.93
CA LEU G 205 -21.56 -60.24 9.32
C LEU G 205 -22.66 -61.30 9.34
N GLY G 206 -22.72 -62.12 8.31
CA GLY G 206 -23.69 -63.19 8.27
C GLY G 206 -23.98 -63.62 6.85
N SER G 207 -24.87 -64.61 6.76
CA SER G 207 -25.23 -65.18 5.47
C SER G 207 -26.01 -64.18 4.61
N ASP G 208 -26.72 -63.24 5.26
CA ASP G 208 -27.38 -62.18 4.50
C ASP G 208 -26.36 -61.28 3.80
N LYS G 209 -25.29 -60.93 4.50
CA LYS G 209 -24.27 -60.05 3.92
C LYS G 209 -23.57 -60.71 2.74
N ASN G 210 -23.33 -62.03 2.83
CA ASN G 210 -22.60 -62.71 1.77
C ASN G 210 -23.44 -62.87 0.50
N SER G 211 -24.77 -62.96 0.64
CA SER G 211 -25.61 -63.20 -0.52
C SER G 211 -25.59 -62.03 -1.48
N ILE G 212 -25.49 -60.80 -0.96
CA ILE G 212 -25.60 -59.62 -1.83
C ILE G 212 -24.27 -59.21 -2.44
N GLY G 213 -23.14 -59.67 -1.89
CA GLY G 213 -21.85 -59.23 -2.38
C GLY G 213 -20.96 -60.36 -2.84
N LEU G 214 -20.44 -61.13 -1.87
CA LEU G 214 -19.57 -62.26 -2.21
C LEU G 214 -20.28 -63.25 -3.13
N GLU G 215 -21.50 -63.65 -2.78
CA GLU G 215 -22.18 -64.66 -3.58
C GLU G 215 -22.67 -64.08 -4.91
N ASP G 216 -23.25 -62.88 -4.88
CA ASP G 216 -23.77 -62.27 -6.11
C ASP G 216 -22.68 -62.09 -7.15
N GLN G 217 -21.62 -61.37 -6.80
CA GLN G 217 -20.58 -61.06 -7.79
C GLN G 217 -19.82 -62.31 -8.23
N THR G 218 -19.48 -63.19 -7.29
CA THR G 218 -18.77 -64.42 -7.65
C THR G 218 -19.62 -65.29 -8.57
N ARG G 219 -20.91 -65.46 -8.22
CA ARG G 219 -21.81 -66.24 -9.08
C ARG G 219 -21.99 -65.57 -10.43
N ARG G 220 -22.15 -64.26 -10.46
CA ARG G 220 -22.39 -63.56 -11.71
C ARG G 220 -21.18 -63.66 -12.63
N ALA G 221 -19.97 -63.58 -12.09
CA ALA G 221 -18.77 -63.64 -12.93
C ALA G 221 -18.54 -65.06 -13.43
N ALA G 222 -18.68 -66.05 -12.53
CA ALA G 222 -18.44 -67.44 -12.92
C ALA G 222 -19.40 -67.87 -14.03
N GLU G 223 -20.70 -67.66 -13.83
CA GLU G 223 -21.66 -67.94 -14.88
C GLU G 223 -21.43 -67.08 -16.13
N GLY G 224 -20.97 -65.85 -15.94
CA GLY G 224 -20.70 -64.99 -17.08
C GLY G 224 -19.54 -65.49 -17.93
N LEU G 225 -18.51 -66.05 -17.29
CA LEU G 225 -17.39 -66.61 -18.03
C LEU G 225 -17.76 -67.95 -18.66
N MET G 226 -18.47 -68.80 -17.92
CA MET G 226 -18.88 -70.09 -18.44
C MET G 226 -19.83 -69.94 -19.62
N ALA G 227 -20.67 -68.91 -19.60
CA ALA G 227 -21.50 -68.62 -20.77
C ALA G 227 -20.66 -68.22 -21.96
N LYS G 228 -19.53 -67.55 -21.72
CA LYS G 228 -18.63 -67.20 -22.82
C LYS G 228 -17.95 -68.44 -23.38
N LEU G 229 -17.59 -69.40 -22.51
CA LEU G 229 -16.94 -70.63 -22.94
C LEU G 229 -17.92 -71.77 -23.17
N HIS G 230 -19.19 -71.60 -22.80
CA HIS G 230 -20.21 -72.64 -22.96
C HIS G 230 -19.77 -73.94 -22.30
N THR G 231 -19.21 -73.82 -21.10
CA THR G 231 -18.76 -74.95 -20.30
C THR G 231 -19.50 -74.96 -18.97
N SER G 232 -19.47 -76.11 -18.31
CA SER G 232 -20.13 -76.33 -17.04
C SER G 232 -19.10 -76.54 -15.92
N PRO G 233 -19.54 -76.50 -14.66
CA PRO G 233 -18.59 -76.75 -13.56
C PRO G 233 -17.89 -78.09 -13.65
N ALA G 234 -18.47 -79.08 -14.32
CA ALA G 234 -17.86 -80.40 -14.40
C ALA G 234 -16.68 -80.44 -15.36
N ASP G 235 -16.55 -79.45 -16.24
CA ASP G 235 -15.47 -79.45 -17.23
C ASP G 235 -14.13 -79.02 -16.65
N TYR G 236 -14.09 -78.50 -15.42
CA TYR G 236 -12.89 -77.94 -14.85
C TYR G 236 -12.33 -78.86 -13.77
N ASP G 237 -11.02 -79.10 -13.82
CA ASP G 237 -10.37 -79.97 -12.85
C ASP G 237 -10.18 -79.27 -11.51
N TYR G 238 -9.83 -77.98 -11.54
CA TYR G 238 -9.64 -77.19 -10.33
C TYR G 238 -10.45 -75.90 -10.42
N VAL G 239 -10.96 -75.46 -9.27
CA VAL G 239 -11.62 -74.17 -9.13
C VAL G 239 -11.01 -73.45 -7.94
N VAL G 240 -10.78 -72.15 -8.09
CA VAL G 240 -10.13 -71.35 -7.06
C VAL G 240 -10.97 -70.08 -6.87
N PHE G 241 -11.45 -69.87 -5.65
CA PHE G 241 -12.22 -68.69 -5.29
C PHE G 241 -11.38 -67.78 -4.41
N GLN G 242 -11.98 -66.65 -4.03
CA GLN G 242 -11.40 -65.82 -2.99
C GLN G 242 -11.30 -66.63 -1.71
N GLN G 243 -10.15 -66.52 -1.04
CA GLN G 243 -9.91 -67.32 0.16
C GLN G 243 -9.48 -66.40 1.31
N ASN G 244 -10.39 -65.50 1.67
CA ASN G 244 -10.28 -64.82 2.95
C ASN G 244 -10.36 -65.83 4.09
N LEU G 245 -11.13 -66.90 3.89
CA LEU G 245 -11.32 -67.97 4.85
C LEU G 245 -11.31 -69.29 4.11
N VAL G 246 -10.96 -70.37 4.82
CA VAL G 246 -10.97 -71.69 4.21
C VAL G 246 -12.38 -72.08 3.80
N SER G 247 -13.38 -71.56 4.52
CA SER G 247 -14.77 -71.93 4.24
C SER G 247 -15.30 -71.30 2.96
N THR G 248 -14.79 -70.12 2.58
CA THR G 248 -15.36 -69.39 1.45
C THR G 248 -15.27 -70.16 0.14
N PRO G 249 -14.13 -70.75 -0.24
CA PRO G 249 -14.12 -71.52 -1.50
C PRO G 249 -15.07 -72.71 -1.49
N TYR G 250 -15.17 -73.41 -0.36
CA TYR G 250 -16.10 -74.53 -0.26
C TYR G 250 -17.55 -74.05 -0.34
N SER G 251 -17.90 -73.02 0.45
CA SER G 251 -19.27 -72.53 0.45
C SER G 251 -19.67 -72.00 -0.92
N LEU G 252 -18.78 -71.24 -1.58
CA LEU G 252 -19.09 -70.74 -2.91
C LEU G 252 -19.25 -71.87 -3.91
N ALA G 253 -18.45 -72.93 -3.78
CA ALA G 253 -18.51 -74.05 -4.71
C ALA G 253 -19.82 -74.80 -4.57
N LYS G 254 -20.21 -75.15 -3.34
CA LYS G 254 -21.52 -75.76 -3.11
C LYS G 254 -22.63 -74.86 -3.62
N HIS G 255 -22.46 -73.54 -3.53
CA HIS G 255 -23.44 -72.61 -4.07
C HIS G 255 -23.42 -72.59 -5.59
N LEU G 256 -22.25 -72.84 -6.21
CA LEU G 256 -22.11 -72.80 -7.66
C LEU G 256 -22.18 -74.17 -8.31
N GLY G 257 -22.13 -75.25 -7.55
CA GLY G 257 -22.22 -76.58 -8.09
C GLY G 257 -20.92 -77.29 -8.33
N PHE G 258 -19.83 -76.88 -7.67
CA PHE G 258 -18.55 -77.56 -7.76
C PHE G 258 -18.42 -78.55 -6.62
N ASN G 259 -18.04 -79.79 -6.94
CA ASN G 259 -17.84 -80.79 -5.92
C ASN G 259 -16.54 -80.51 -5.16
N PRO G 260 -16.43 -80.97 -3.91
CA PRO G 260 -15.27 -80.58 -3.09
C PRO G 260 -13.92 -81.01 -3.66
N LYS G 261 -13.88 -82.05 -4.49
CA LYS G 261 -12.60 -82.49 -5.06
C LYS G 261 -11.98 -81.41 -5.93
N GLN G 262 -12.80 -80.58 -6.59
CA GLN G 262 -12.27 -79.51 -7.42
C GLN G 262 -11.71 -78.34 -6.60
N VAL G 263 -12.12 -78.22 -5.34
CA VAL G 263 -11.75 -77.04 -4.55
C VAL G 263 -10.52 -77.31 -3.69
N GLU G 264 -10.47 -78.48 -3.06
CA GLU G 264 -9.46 -78.75 -2.03
C GLU G 264 -8.02 -78.44 -2.44
N PRO G 265 -7.55 -78.75 -3.66
CA PRO G 265 -6.15 -78.41 -3.98
C PRO G 265 -5.81 -76.95 -3.81
N GLY G 266 -6.77 -76.05 -4.01
CA GLY G 266 -6.49 -74.62 -3.87
C GLY G 266 -6.47 -74.09 -2.46
N ILE G 267 -6.93 -74.86 -1.49
CA ILE G 267 -7.01 -74.38 -0.11
C ILE G 267 -5.61 -74.25 0.47
N TYR G 268 -5.33 -73.10 1.06
CA TYR G 268 -4.04 -72.85 1.73
C TYR G 268 -4.18 -72.08 3.03
N ALA G 269 -5.24 -71.31 3.24
CA ALA G 269 -5.31 -70.29 4.27
C ALA G 269 -5.67 -70.82 5.65
N GLY G 270 -5.45 -72.12 5.90
CA GLY G 270 -5.71 -72.65 7.23
C GLY G 270 -4.83 -72.01 8.29
N ASN G 271 -3.60 -71.65 7.93
CA ASN G 271 -2.65 -71.05 8.85
C ASN G 271 -2.23 -69.64 8.44
N VAL G 272 -2.89 -69.05 7.46
CA VAL G 272 -2.50 -67.76 6.92
C VAL G 272 -3.55 -66.69 7.21
N GLY G 273 -4.83 -67.02 7.08
CA GLY G 273 -5.88 -66.05 7.25
C GLY G 273 -6.22 -65.34 5.96
N ASP G 274 -6.98 -64.25 6.11
CA ASP G 274 -7.38 -63.44 4.96
C ASP G 274 -6.16 -62.77 4.36
N ALA G 275 -5.78 -63.20 3.15
CA ALA G 275 -4.61 -62.66 2.48
C ALA G 275 -4.95 -61.55 1.49
N GLY G 276 -6.19 -61.11 1.45
CA GLY G 276 -6.55 -59.96 0.61
C GLY G 276 -6.45 -60.29 -0.86
N SER G 277 -5.78 -59.40 -1.60
CA SER G 277 -5.70 -59.54 -3.05
C SER G 277 -4.93 -60.77 -3.49
N ALA G 278 -4.09 -61.33 -2.62
CA ALA G 278 -3.27 -62.48 -2.97
C ALA G 278 -3.99 -63.81 -2.82
N SER G 279 -5.11 -63.84 -2.09
CA SER G 279 -5.81 -65.11 -1.87
C SER G 279 -6.28 -65.80 -3.15
N PRO G 280 -6.80 -65.11 -4.17
CA PRO G 280 -7.09 -65.84 -5.42
C PRO G 280 -5.82 -66.29 -6.13
N LEU G 281 -4.76 -65.48 -6.08
CA LEU G 281 -3.51 -65.87 -6.72
C LEU G 281 -2.83 -67.00 -5.96
N LEU G 282 -2.75 -66.89 -4.63
CA LEU G 282 -2.08 -67.92 -3.84
C LEU G 282 -2.79 -69.26 -3.92
N GLY G 283 -4.12 -69.26 -4.04
CA GLY G 283 -4.84 -70.49 -4.28
C GLY G 283 -4.46 -71.13 -5.60
N LEU G 284 -4.34 -70.31 -6.66
CA LEU G 284 -3.88 -70.81 -7.95
C LEU G 284 -2.44 -71.31 -7.88
N ILE G 285 -1.61 -70.70 -7.03
CA ILE G 285 -0.24 -71.16 -6.86
C ILE G 285 -0.22 -72.59 -6.34
N ASN G 286 -0.99 -72.84 -5.27
CA ASN G 286 -1.04 -74.17 -4.70
C ASN G 286 -1.61 -75.18 -5.68
N VAL G 287 -2.51 -74.74 -6.56
CA VAL G 287 -3.04 -75.64 -7.59
C VAL G 287 -1.98 -75.93 -8.64
N LEU G 288 -1.32 -74.88 -9.15
CA LEU G 288 -0.31 -75.06 -10.18
C LEU G 288 0.90 -75.83 -9.68
N ASP G 289 1.11 -75.88 -8.37
CA ASP G 289 2.26 -76.60 -7.83
C ASP G 289 2.11 -78.11 -7.98
N GLN G 290 0.88 -78.61 -7.99
CA GLN G 290 0.62 -80.03 -8.15
C GLN G 290 -0.17 -80.34 -9.42
N ALA G 291 -0.37 -79.36 -10.30
CA ALA G 291 -1.14 -79.58 -11.51
C ALA G 291 -0.36 -80.43 -12.51
N ARG G 292 -1.10 -81.13 -13.36
CA ARG G 292 -0.55 -81.93 -14.43
C ARG G 292 -0.93 -81.34 -15.78
N PRO G 293 -0.21 -81.66 -16.86
CA PRO G 293 -0.55 -81.09 -18.17
C PRO G 293 -1.96 -81.46 -18.60
N GLY G 294 -2.64 -80.50 -19.22
CA GLY G 294 -3.97 -80.71 -19.75
C GLY G 294 -5.11 -80.35 -18.83
N GLN G 295 -4.85 -80.21 -17.53
CA GLN G 295 -5.92 -79.96 -16.57
C GLN G 295 -6.46 -78.54 -16.71
N LYS G 296 -7.74 -78.38 -16.42
CA LYS G 296 -8.44 -77.11 -16.60
C LYS G 296 -8.72 -76.48 -15.25
N ILE G 297 -8.51 -75.16 -15.17
CA ILE G 297 -8.66 -74.41 -13.93
C ILE G 297 -9.65 -73.27 -14.17
N LEU G 298 -10.52 -73.04 -13.19
CA LEU G 298 -11.40 -71.87 -13.19
C LEU G 298 -11.08 -71.04 -11.96
N LEU G 299 -10.71 -69.77 -12.18
CA LEU G 299 -10.32 -68.86 -11.12
C LEU G 299 -11.32 -67.70 -11.08
N VAL G 300 -11.99 -67.53 -9.95
CA VAL G 300 -12.94 -66.44 -9.73
C VAL G 300 -12.55 -65.73 -8.43
N SER G 301 -12.41 -64.42 -8.50
CA SER G 301 -12.03 -63.60 -7.35
C SER G 301 -13.15 -62.63 -7.00
N TYR G 302 -13.17 -62.20 -5.73
CA TYR G 302 -14.17 -61.26 -5.24
C TYR G 302 -13.51 -60.12 -4.50
N GLY G 303 -13.85 -58.89 -4.90
CA GLY G 303 -13.45 -57.70 -4.18
C GLY G 303 -14.67 -56.90 -3.77
N PHE G 304 -14.71 -56.44 -2.53
CA PHE G 304 -15.88 -55.74 -2.00
C PHE G 304 -16.00 -54.34 -2.61
N GLY G 305 -17.11 -53.65 -2.34
CA GLY G 305 -17.38 -52.40 -3.03
C GLY G 305 -17.53 -52.89 -4.45
N ALA G 306 -18.43 -53.87 -4.57
CA ALA G 306 -18.15 -55.17 -5.18
C ALA G 306 -17.91 -55.16 -6.68
N GLY G 307 -17.17 -56.19 -7.11
CA GLY G 307 -16.90 -56.64 -8.46
C GLY G 307 -16.32 -58.04 -8.36
N SER G 308 -16.16 -58.68 -9.52
CA SER G 308 -15.58 -60.02 -9.53
C SER G 308 -14.88 -60.24 -10.86
N ASP G 309 -13.90 -61.13 -10.84
CA ASP G 309 -13.10 -61.45 -12.02
C ASP G 309 -12.98 -62.96 -12.15
N ALA G 310 -13.34 -63.48 -13.33
CA ALA G 310 -13.28 -64.91 -13.61
C ALA G 310 -12.28 -65.13 -14.73
N ILE G 311 -11.43 -66.15 -14.56
CA ILE G 311 -10.38 -66.46 -15.53
C ILE G 311 -10.27 -67.98 -15.66
N ALA G 312 -10.14 -68.45 -16.90
CA ALA G 312 -10.00 -69.87 -17.19
C ALA G 312 -8.62 -70.14 -17.77
N LEU G 313 -7.96 -71.19 -17.28
CA LEU G 313 -6.59 -71.50 -17.66
C LEU G 313 -6.47 -72.96 -18.09
N THR G 314 -5.46 -73.22 -18.91
CA THR G 314 -5.09 -74.57 -19.33
C THR G 314 -3.63 -74.80 -18.98
N VAL G 315 -3.34 -75.95 -18.37
CA VAL G 315 -1.99 -76.29 -17.95
C VAL G 315 -1.27 -76.95 -19.12
N THR G 316 -0.12 -76.39 -19.49
CA THR G 316 0.64 -76.87 -20.64
C THR G 316 1.58 -78.00 -20.23
N ASP G 317 2.30 -78.54 -21.22
CA ASP G 317 3.28 -79.58 -20.96
C ASP G 317 4.50 -79.05 -20.22
N ALA G 318 4.77 -77.74 -20.33
CA ALA G 318 5.94 -77.15 -19.72
C ALA G 318 5.90 -77.11 -18.19
N ILE G 319 4.74 -77.44 -17.59
CA ILE G 319 4.65 -77.42 -16.13
C ILE G 319 5.48 -78.55 -15.52
N GLU G 320 5.67 -79.65 -16.25
CA GLU G 320 6.40 -80.79 -15.69
C GLU G 320 7.86 -80.42 -15.43
N GLN G 321 8.52 -79.81 -16.41
CA GLN G 321 9.89 -79.34 -16.20
C GLN G 321 9.93 -78.28 -15.11
N TYR G 322 8.88 -77.47 -14.99
CA TYR G 322 8.84 -76.44 -13.96
C TYR G 322 8.80 -77.04 -12.55
N GLN G 323 7.97 -78.07 -12.35
CA GLN G 323 7.81 -78.64 -11.01
C GLN G 323 9.03 -79.40 -10.54
N LYS G 324 9.91 -79.82 -11.45
CA LYS G 324 11.01 -80.69 -11.06
C LYS G 324 11.95 -80.00 -10.09
N HIS G 325 12.16 -78.69 -10.24
CA HIS G 325 13.07 -77.92 -9.41
C HIS G 325 12.38 -76.62 -8.98
N ASN G 326 11.42 -76.75 -8.06
CA ASN G 326 10.72 -75.60 -7.52
C ASN G 326 10.29 -75.89 -6.10
N LYS G 327 10.20 -74.84 -5.28
CA LYS G 327 9.75 -74.98 -3.90
C LYS G 327 8.23 -74.88 -3.86
N PRO G 328 7.53 -75.87 -3.35
CA PRO G 328 6.07 -75.78 -3.30
C PRO G 328 5.61 -74.77 -2.25
N LEU G 329 4.44 -74.19 -2.51
CA LEU G 329 3.87 -73.25 -1.55
C LEU G 329 3.63 -73.91 -0.20
N ARG G 330 3.26 -75.19 -0.21
CA ARG G 330 3.02 -75.90 1.04
C ARG G 330 4.26 -75.93 1.92
N GLU G 331 5.44 -76.09 1.31
CA GLU G 331 6.67 -76.11 2.09
C GLU G 331 7.04 -74.71 2.56
N LEU G 332 6.77 -73.69 1.74
CA LEU G 332 7.04 -72.32 2.16
C LEU G 332 6.21 -71.94 3.37
N LEU G 333 4.96 -72.41 3.45
CA LEU G 333 4.07 -72.02 4.52
C LEU G 333 4.37 -72.74 5.83
N GLU G 334 5.32 -73.67 5.83
CA GLU G 334 5.63 -74.41 7.05
C GLU G 334 6.49 -73.60 8.01
N SER G 335 7.34 -72.73 7.48
CA SER G 335 8.22 -71.90 8.33
C SER G 335 7.37 -70.85 9.03
N LYS G 336 7.24 -70.97 10.35
CA LYS G 336 6.36 -70.09 11.10
C LYS G 336 6.97 -69.78 12.46
N ILE G 337 6.74 -68.54 12.92
CA ILE G 337 7.15 -68.07 14.24
C ILE G 337 5.90 -67.61 14.98
N TYR G 338 5.75 -68.07 16.22
CA TYR G 338 4.58 -67.76 17.02
C TYR G 338 4.85 -66.60 17.96
N VAL G 339 3.84 -65.74 18.10
CA VAL G 339 3.88 -64.61 19.03
C VAL G 339 2.56 -64.55 19.77
N ASP G 340 2.60 -64.01 21.00
CA ASP G 340 1.37 -63.82 21.75
C ASP G 340 0.63 -62.58 21.23
N TYR G 341 -0.57 -62.36 21.75
CA TYR G 341 -1.40 -61.27 21.25
C TYR G 341 -0.79 -59.91 21.57
N GLY G 342 -0.08 -59.79 22.70
CA GLY G 342 0.58 -58.55 23.01
C GLY G 342 1.65 -58.19 22.00
N THR G 343 2.43 -59.20 21.57
CA THR G 343 3.51 -58.95 20.61
C THR G 343 2.94 -58.61 19.23
N SER G 344 1.88 -59.32 18.82
CA SER G 344 1.32 -59.10 17.48
C SER G 344 0.84 -57.67 17.32
N ILE G 345 0.16 -57.12 18.32
CA ILE G 345 -0.25 -55.72 18.28
C ILE G 345 0.97 -54.82 18.21
N LYS G 346 2.04 -55.20 18.92
CA LYS G 346 3.25 -54.38 18.95
C LYS G 346 3.98 -54.41 17.62
N TYR G 347 3.99 -55.56 16.94
CA TYR G 347 4.65 -55.66 15.64
C TYR G 347 3.87 -54.90 14.56
N GLU G 348 2.54 -54.92 14.64
CA GLU G 348 1.69 -54.33 13.61
C GLU G 348 1.30 -52.89 13.90
N PHE G 349 1.85 -52.29 14.96
CA PHE G 349 1.63 -50.87 15.26
C PHE G 349 0.16 -50.57 15.51
N LYS G 350 -0.46 -51.36 16.39
CA LYS G 350 -1.86 -51.14 16.76
C LYS G 350 -2.05 -50.63 18.18
N TYR G 351 -0.97 -50.37 18.91
CA TYR G 351 -1.08 -49.70 20.20
C TYR G 351 -1.24 -48.20 19.98
N LEU G 352 -2.21 -47.60 20.68
CA LEU G 352 -2.36 -46.16 20.64
C LEU G 352 -1.19 -45.51 21.36
N ARG G 353 -0.10 -45.27 20.63
CA ARG G 353 1.10 -44.70 21.19
C ARG G 353 1.15 -43.19 20.93
N ALA G 354 2.11 -42.54 21.55
CA ALA G 354 2.25 -41.10 21.43
C ALA G 354 2.51 -40.71 19.98
N ASP G 355 1.85 -39.63 19.54
CA ASP G 355 2.03 -39.13 18.17
C ASP G 355 3.49 -38.82 17.89
N TYR G 356 4.18 -38.18 18.82
CA TYR G 356 5.54 -37.73 18.66
C TYR G 356 6.41 -38.48 19.66
N ALA G 357 7.33 -39.31 19.16
CA ALA G 357 8.16 -40.15 20.02
C ALA G 357 9.48 -39.45 20.30
N LEU G 358 9.77 -39.22 21.59
CA LEU G 358 11.04 -38.60 21.96
C LEU G 358 12.18 -39.59 21.87
N THR G 359 12.03 -40.78 22.46
CA THR G 359 12.93 -41.89 22.21
C THR G 359 12.12 -43.10 21.77
N ALA G 360 12.78 -44.26 21.66
CA ALA G 360 12.08 -45.48 21.24
C ALA G 360 11.00 -45.85 22.26
N TYR G 361 11.35 -45.84 23.55
CA TYR G 361 10.43 -46.21 24.61
C TYR G 361 10.04 -45.02 25.48
N LEU G 362 10.19 -43.80 24.98
CA LEU G 362 9.76 -42.62 25.70
C LEU G 362 8.97 -41.68 24.79
N SER H 2 -12.06 -36.89 11.44
CA SER H 2 -10.91 -37.31 10.65
C SER H 2 -10.21 -36.12 10.01
N MET H 3 -9.38 -36.40 8.99
CA MET H 3 -8.69 -35.34 8.27
C MET H 3 -9.67 -34.48 7.46
N TYR H 4 -10.82 -35.04 7.11
CA TYR H 4 -11.78 -34.35 6.24
C TYR H 4 -12.99 -33.95 7.06
N PRO H 5 -13.07 -32.72 7.55
CA PRO H 5 -14.17 -32.33 8.47
C PRO H 5 -15.50 -32.14 7.75
N GLU H 6 -16.02 -33.23 7.19
CA GLU H 6 -17.35 -33.24 6.59
C GLU H 6 -18.34 -33.79 7.60
N GLN H 7 -19.43 -33.05 7.81
CA GLN H 7 -20.47 -33.52 8.72
C GLN H 7 -20.99 -34.88 8.28
N ILE H 8 -21.22 -35.76 9.26
CA ILE H 8 -21.77 -37.09 9.04
C ILE H 8 -23.18 -37.11 9.59
N HIS H 9 -24.09 -37.77 8.86
CA HIS H 9 -25.50 -37.71 9.23
C HIS H 9 -25.76 -38.48 10.51
N ARG H 10 -26.50 -37.84 11.42
CA ARG H 10 -26.90 -38.42 12.69
C ARG H 10 -28.30 -37.90 13.00
N MET H 11 -29.24 -38.82 13.25
CA MET H 11 -30.62 -38.41 13.45
C MET H 11 -30.80 -37.75 14.80
N THR H 12 -30.25 -38.35 15.86
CA THR H 12 -30.48 -37.89 17.23
C THR H 12 -29.16 -37.44 17.86
N THR H 13 -29.17 -36.23 18.41
CA THR H 13 -28.11 -35.74 19.28
C THR H 13 -28.75 -35.35 20.60
N ALA H 14 -28.28 -35.95 21.69
CA ALA H 14 -28.88 -35.71 23.00
C ALA H 14 -28.58 -34.29 23.50
N SER H 15 -29.61 -33.65 24.03
CA SER H 15 -29.43 -32.38 24.73
C SER H 15 -28.96 -32.65 26.16
N MET H 16 -28.25 -31.67 26.72
CA MET H 16 -27.76 -31.82 28.08
C MET H 16 -28.90 -31.90 29.09
N LEU H 17 -30.12 -31.54 28.69
CA LEU H 17 -31.22 -31.38 29.64
C LEU H 17 -31.67 -32.73 30.20
N ARG H 18 -31.57 -33.81 29.41
CA ARG H 18 -32.06 -35.10 29.86
C ARG H 18 -31.34 -35.57 31.11
N GLU H 19 -30.01 -35.66 31.04
CA GLU H 19 -29.24 -36.13 32.18
C GLU H 19 -29.24 -35.12 33.31
N TRP H 20 -29.34 -33.83 32.98
CA TRP H 20 -29.33 -32.80 34.03
C TRP H 20 -30.51 -32.98 34.99
N ARG H 21 -31.69 -33.28 34.45
CA ARG H 21 -32.85 -33.49 35.31
C ARG H 21 -32.74 -34.79 36.08
N GLU H 22 -32.00 -35.76 35.56
CA GLU H 22 -31.90 -37.08 36.16
C GLU H 22 -30.60 -37.28 36.93
N HIS H 23 -29.93 -36.20 37.31
CA HIS H 23 -28.73 -36.32 38.14
C HIS H 23 -29.07 -36.93 39.50
N GLY H 24 -30.14 -36.45 40.13
CA GLY H 24 -30.51 -36.98 41.43
C GLY H 24 -30.86 -38.46 41.38
N GLY H 25 -31.52 -38.88 40.31
CA GLY H 25 -31.88 -40.29 40.18
C GLY H 25 -30.68 -41.17 39.87
N LYS H 26 -29.77 -40.69 39.04
CA LYS H 26 -28.63 -41.50 38.60
C LYS H 26 -27.41 -41.36 39.50
N TYR H 27 -27.14 -40.15 40.01
CA TYR H 27 -26.00 -39.98 40.92
C TYR H 27 -26.37 -40.39 42.35
N ARG H 28 -27.54 -40.00 42.82
CA ARG H 28 -27.90 -40.13 44.22
C ARG H 28 -28.96 -41.18 44.49
N LEU H 29 -29.42 -41.90 43.46
CA LEU H 29 -30.43 -42.96 43.61
C LEU H 29 -31.69 -42.42 44.28
N GLU H 30 -32.17 -41.29 43.76
CA GLU H 30 -33.34 -40.60 44.31
C GLU H 30 -34.60 -41.05 43.59
N GLY H 31 -35.50 -41.69 44.32
CA GLY H 31 -36.83 -42.00 43.83
C GLY H 31 -37.82 -40.91 44.18
N SER H 32 -39.04 -41.32 44.49
CA SER H 32 -40.08 -40.38 44.89
C SER H 32 -40.86 -40.97 46.06
N GLN H 33 -41.27 -40.10 46.99
CA GLN H 33 -42.11 -40.48 48.11
C GLN H 33 -43.33 -39.57 48.14
N CYS H 34 -44.50 -40.16 48.38
CA CYS H 34 -45.73 -39.38 48.41
C CYS H 34 -45.90 -38.73 49.78
N GLU H 35 -46.44 -37.50 49.77
CA GLU H 35 -46.53 -36.71 50.99
C GLU H 35 -47.67 -37.18 51.89
N GLU H 36 -48.80 -37.55 51.30
CA GLU H 36 -49.97 -37.88 52.10
C GLU H 36 -49.97 -39.32 52.59
N CYS H 37 -49.60 -40.26 51.72
CA CYS H 37 -49.75 -41.68 52.00
C CYS H 37 -48.43 -42.40 52.26
N ASN H 38 -47.30 -41.74 52.07
CA ASN H 38 -45.98 -42.28 52.44
C ASN H 38 -45.61 -43.52 51.63
N GLU H 39 -46.10 -43.63 50.40
CA GLU H 39 -45.68 -44.71 49.50
C GLU H 39 -44.49 -44.24 48.66
N ILE H 40 -43.53 -45.13 48.46
CA ILE H 40 -42.27 -44.81 47.81
C ILE H 40 -42.16 -45.55 46.50
N PHE H 41 -41.59 -44.88 45.49
CA PHE H 41 -41.34 -45.50 44.20
C PHE H 41 -39.95 -45.12 43.70
N PHE H 42 -39.48 -45.87 42.71
CA PHE H 42 -38.29 -45.53 41.95
C PHE H 42 -38.49 -46.14 40.56
N PRO H 43 -38.18 -45.41 39.47
CA PRO H 43 -37.62 -44.05 39.43
C PRO H 43 -38.60 -42.98 39.89
N ARG H 44 -38.13 -41.73 39.96
CA ARG H 44 -38.95 -40.65 40.45
C ARG H 44 -40.15 -40.41 39.52
N ARG H 45 -41.21 -39.85 40.08
CA ARG H 45 -42.45 -39.67 39.36
C ARG H 45 -43.20 -38.48 39.93
N THR H 46 -44.09 -37.91 39.12
CA THR H 46 -44.83 -36.71 39.50
C THR H 46 -46.13 -37.05 40.23
N VAL H 47 -46.82 -38.11 39.82
CA VAL H 47 -48.07 -38.53 40.44
C VAL H 47 -47.80 -39.79 41.25
N CYS H 48 -48.23 -39.78 42.51
CA CYS H 48 -48.26 -41.01 43.29
C CYS H 48 -49.16 -42.02 42.60
N GLY H 49 -48.61 -43.19 42.28
CA GLY H 49 -49.39 -44.21 41.60
C GLY H 49 -50.44 -44.83 42.49
N ALA H 50 -50.14 -44.97 43.79
CA ALA H 50 -51.01 -45.69 44.70
C ALA H 50 -52.22 -44.84 45.10
N CYS H 51 -51.97 -43.71 45.77
CA CYS H 51 -53.05 -42.88 46.30
C CYS H 51 -53.46 -41.76 45.35
N ASN H 52 -52.65 -41.45 44.35
CA ASN H 52 -53.03 -40.56 43.25
C ASN H 52 -53.17 -39.11 43.72
N SER H 53 -52.18 -38.65 44.48
CA SER H 53 -52.05 -37.26 44.86
C SER H 53 -50.90 -36.62 44.12
N LEU H 54 -51.03 -35.33 43.81
CA LEU H 54 -49.99 -34.60 43.10
C LEU H 54 -48.84 -34.19 44.01
N SER H 55 -49.04 -34.20 45.33
CA SER H 55 -48.00 -33.80 46.28
C SER H 55 -47.02 -34.96 46.44
N VAL H 56 -45.84 -34.83 45.83
CA VAL H 56 -44.81 -35.85 45.88
C VAL H 56 -43.46 -35.15 46.03
N LYS H 57 -42.54 -35.80 46.71
CA LYS H 57 -41.22 -35.25 46.99
C LYS H 57 -40.15 -36.30 46.72
N PRO H 58 -38.91 -35.88 46.48
CA PRO H 58 -37.83 -36.85 46.25
C PRO H 58 -37.58 -37.71 47.50
N TYR H 59 -37.06 -38.91 47.25
CA TYR H 59 -36.79 -39.87 48.32
C TYR H 59 -35.48 -40.59 48.00
N ARG H 60 -34.58 -40.65 48.98
CA ARG H 60 -33.31 -41.34 48.81
C ARG H 60 -33.51 -42.83 49.06
N CYS H 61 -33.42 -43.62 48.00
CA CYS H 61 -33.52 -45.07 48.13
C CYS H 61 -32.35 -45.61 48.93
N ALA H 62 -32.59 -46.73 49.61
CA ALA H 62 -31.52 -47.40 50.33
C ALA H 62 -30.46 -47.88 49.34
N ARG H 63 -29.20 -47.58 49.63
CA ARG H 63 -28.11 -47.96 48.75
C ARG H 63 -27.50 -49.30 49.13
N SER H 64 -28.03 -49.96 50.15
CA SER H 64 -27.68 -51.34 50.47
C SER H 64 -28.86 -52.23 50.14
N GLY H 65 -28.57 -53.48 49.80
CA GLY H 65 -29.61 -54.41 49.45
C GLY H 65 -29.01 -55.77 49.14
N LYS H 66 -29.86 -56.66 48.65
CA LYS H 66 -29.46 -58.02 48.34
C LYS H 66 -29.92 -58.37 46.93
N ILE H 67 -29.26 -59.38 46.35
CA ILE H 67 -29.54 -59.78 44.98
C ILE H 67 -30.79 -60.66 44.96
N GLU H 68 -31.83 -60.19 44.28
CA GLU H 68 -33.02 -61.01 44.09
C GLU H 68 -32.79 -62.09 43.04
N VAL H 69 -32.36 -61.69 41.85
CA VAL H 69 -31.98 -62.61 40.79
C VAL H 69 -30.84 -62.00 39.99
N MET H 70 -30.06 -62.87 39.34
CA MET H 70 -28.93 -62.44 38.54
C MET H 70 -28.81 -63.33 37.31
N ALA H 71 -28.23 -62.76 36.25
CA ALA H 71 -28.01 -63.51 35.01
C ALA H 71 -26.87 -62.88 34.22
N PRO H 72 -25.80 -63.62 33.95
CA PRO H 72 -24.70 -63.06 33.17
C PRO H 72 -25.05 -62.97 31.69
N ALA H 73 -24.47 -61.97 31.04
CA ALA H 73 -24.66 -61.73 29.60
C ALA H 73 -23.33 -61.94 28.89
N GLU H 74 -23.10 -63.13 28.37
CA GLU H 74 -21.87 -63.48 27.68
C GLU H 74 -21.99 -63.41 26.17
N ASN H 75 -23.18 -63.18 25.64
CA ASN H 75 -23.42 -63.32 24.22
C ASN H 75 -22.87 -62.12 23.47
N PRO H 76 -21.94 -62.30 22.53
CA PRO H 76 -21.34 -61.13 21.85
C PRO H 76 -22.32 -60.44 20.90
N ILE H 77 -23.29 -61.16 20.35
CA ILE H 77 -24.22 -60.56 19.40
C ILE H 77 -25.04 -59.46 20.07
N LEU H 78 -25.26 -59.58 21.38
CA LEU H 78 -26.11 -58.66 22.12
C LEU H 78 -25.33 -57.57 22.84
N ALA H 79 -24.04 -57.42 22.54
CA ALA H 79 -23.25 -56.36 23.16
C ALA H 79 -23.65 -55.01 22.58
N ALA H 80 -23.91 -54.05 23.47
CA ALA H 80 -24.25 -52.69 23.07
C ALA H 80 -23.02 -51.81 23.13
N MET H 81 -23.00 -50.78 22.29
CA MET H 81 -21.83 -49.92 22.19
C MET H 81 -21.58 -49.21 23.51
N GLY H 82 -20.31 -49.15 23.92
CA GLY H 82 -19.92 -48.65 25.21
C GLY H 82 -19.79 -49.72 26.29
N TYR H 83 -20.38 -50.89 26.08
CA TYR H 83 -20.32 -51.98 27.05
C TYR H 83 -19.72 -53.25 26.46
N GLY H 84 -19.11 -53.19 25.29
CA GLY H 84 -18.48 -54.36 24.71
C GLY H 84 -17.12 -54.71 25.26
N GLU H 85 -16.50 -53.79 25.99
CA GLU H 85 -15.16 -54.06 26.51
C GLU H 85 -15.19 -55.04 27.67
N THR H 86 -16.24 -55.05 28.48
CA THR H 86 -16.34 -55.95 29.62
C THR H 86 -17.20 -57.15 29.25
N VAL H 87 -16.59 -58.33 29.23
CA VAL H 87 -17.32 -59.58 28.96
C VAL H 87 -16.90 -60.63 29.98
N PRO H 88 -17.84 -61.24 30.72
CA PRO H 88 -19.27 -60.94 30.62
C PRO H 88 -19.76 -59.95 31.69
N ARG H 89 -20.77 -59.18 31.35
CA ARG H 89 -21.40 -58.29 32.32
C ARG H 89 -22.42 -59.07 33.14
N ILE H 90 -22.40 -58.86 34.45
CA ILE H 90 -23.23 -59.62 35.38
C ILE H 90 -24.48 -58.78 35.65
N MET H 91 -25.58 -59.10 34.98
CA MET H 91 -26.84 -58.41 35.22
C MET H 91 -27.54 -59.01 36.43
N ALA H 92 -28.26 -58.16 37.16
CA ALA H 92 -28.92 -58.59 38.38
C ALA H 92 -30.00 -57.60 38.77
N MET H 93 -30.94 -58.07 39.58
CA MET H 93 -31.96 -57.24 40.21
C MET H 93 -31.63 -57.13 41.70
N VAL H 94 -31.48 -55.90 42.18
CA VAL H 94 -31.09 -55.65 43.56
C VAL H 94 -32.30 -55.20 44.35
N ARG H 95 -32.70 -56.00 45.34
CA ARG H 95 -33.77 -55.64 46.26
C ARG H 95 -33.17 -54.76 47.35
N LEU H 96 -33.43 -53.46 47.26
CA LEU H 96 -32.91 -52.52 48.25
C LEU H 96 -33.49 -52.83 49.63
N ASP H 97 -32.84 -52.26 50.66
CA ASP H 97 -33.26 -52.52 52.02
C ASP H 97 -34.64 -51.94 52.30
N ASP H 98 -35.05 -50.90 51.58
CA ASP H 98 -36.37 -50.33 51.75
C ASP H 98 -37.46 -51.09 50.99
N GLY H 99 -37.10 -52.12 50.23
CA GLY H 99 -38.05 -52.93 49.51
C GLY H 99 -38.07 -52.71 48.01
N LEU H 100 -37.53 -51.58 47.55
CA LEU H 100 -37.50 -51.31 46.11
C LEU H 100 -36.54 -52.27 45.42
N VAL H 101 -36.74 -52.43 44.11
CA VAL H 101 -35.92 -53.31 43.29
C VAL H 101 -35.34 -52.50 42.14
N ILE H 102 -34.01 -52.57 41.97
CA ILE H 102 -33.29 -51.83 40.95
C ILE H 102 -32.79 -52.81 39.91
N ALA H 103 -32.76 -52.38 38.65
CA ALA H 103 -32.18 -53.13 37.55
C ALA H 103 -30.82 -52.52 37.23
N SER H 104 -29.75 -53.26 37.51
CA SER H 104 -28.40 -52.76 37.30
C SER H 104 -27.50 -53.97 37.02
N GLU H 105 -26.20 -53.82 37.28
CA GLU H 105 -25.24 -54.89 37.04
C GLU H 105 -24.25 -54.94 38.18
N ILE H 106 -23.56 -56.08 38.28
CA ILE H 106 -22.56 -56.33 39.31
C ILE H 106 -21.17 -56.15 38.69
N VAL H 107 -20.30 -55.44 39.40
CA VAL H 107 -18.93 -55.20 38.95
C VAL H 107 -17.97 -55.50 40.09
N ASP H 108 -16.69 -55.55 39.76
CA ASP H 108 -15.60 -55.73 40.74
C ASP H 108 -15.85 -56.94 41.64
N VAL H 109 -16.01 -58.10 40.99
CA VAL H 109 -16.25 -59.36 41.70
C VAL H 109 -14.88 -59.94 42.05
N CYS H 110 -14.42 -59.65 43.26
CA CYS H 110 -13.12 -60.16 43.71
C CYS H 110 -13.12 -61.68 43.72
N ASP H 111 -14.15 -62.29 44.31
CA ASP H 111 -14.28 -63.74 44.39
C ASP H 111 -15.50 -64.16 43.59
N GLN H 112 -15.26 -64.88 42.49
CA GLN H 112 -16.37 -65.29 41.62
C GLN H 112 -17.30 -66.28 42.31
N GLN H 113 -16.77 -67.14 43.17
CA GLN H 113 -17.60 -68.15 43.83
C GLN H 113 -18.54 -67.53 44.86
N GLN H 114 -18.13 -66.41 45.46
CA GLN H 114 -18.96 -65.76 46.48
C GLN H 114 -20.21 -65.11 45.90
N LEU H 115 -20.33 -65.03 44.58
CA LEU H 115 -21.48 -64.41 43.93
C LEU H 115 -22.62 -65.43 43.87
N LYS H 116 -23.63 -65.23 44.72
CA LYS H 116 -24.80 -66.10 44.77
C LYS H 116 -26.03 -65.26 45.07
N VAL H 117 -27.20 -65.87 44.90
CA VAL H 117 -28.46 -65.15 45.12
C VAL H 117 -28.59 -64.81 46.60
N GLY H 118 -28.99 -63.57 46.87
CA GLY H 118 -29.15 -63.09 48.23
C GLY H 118 -27.91 -62.49 48.83
N ALA H 119 -26.81 -62.41 48.09
CA ALA H 119 -25.59 -61.83 48.63
C ALA H 119 -25.76 -60.32 48.81
N PRO H 120 -25.21 -59.75 49.88
CA PRO H 120 -25.37 -58.31 50.10
C PRO H 120 -24.50 -57.50 49.15
N VAL H 121 -25.08 -56.42 48.61
CA VAL H 121 -24.38 -55.53 47.70
C VAL H 121 -24.61 -54.08 48.13
N ARG H 122 -23.75 -53.20 47.64
CA ARG H 122 -23.87 -51.76 47.87
C ARG H 122 -23.71 -51.03 46.56
N MET H 123 -24.40 -49.90 46.45
CA MET H 123 -24.40 -49.12 45.21
C MET H 123 -23.13 -48.30 45.10
N VAL H 124 -22.62 -48.18 43.86
CA VAL H 124 -21.47 -47.36 43.56
C VAL H 124 -21.78 -46.56 42.28
N ILE H 125 -20.98 -45.52 42.05
CA ILE H 125 -21.08 -44.70 40.84
C ILE H 125 -20.01 -45.18 39.87
N ARG H 126 -20.40 -45.35 38.61
CA ARG H 126 -19.48 -45.81 37.58
C ARG H 126 -19.76 -45.08 36.28
N LYS H 127 -18.81 -45.18 35.35
CA LYS H 127 -18.97 -44.56 34.05
C LYS H 127 -19.82 -45.44 33.13
N HIS H 128 -20.73 -44.82 32.41
CA HIS H 128 -21.59 -45.50 31.46
C HIS H 128 -21.30 -44.99 30.06
N VAL H 129 -22.16 -45.36 29.11
CA VAL H 129 -21.93 -45.01 27.71
C VAL H 129 -21.88 -43.49 27.56
N ARG H 130 -20.95 -43.02 26.73
CA ARG H 130 -20.78 -41.60 26.54
C ARG H 130 -22.03 -40.99 25.90
N GLU H 131 -22.36 -39.77 26.32
CA GLU H 131 -23.54 -39.11 25.80
C GLU H 131 -23.37 -38.78 24.33
N SER H 132 -24.50 -38.58 23.65
CA SER H 132 -24.50 -38.14 22.25
C SER H 132 -23.93 -36.74 22.09
N ASN H 133 -23.74 -35.99 23.17
CA ASN H 133 -23.19 -34.64 23.13
C ASN H 133 -21.81 -34.54 23.78
N LEU H 134 -21.02 -35.61 23.68
CA LEU H 134 -19.63 -35.69 24.11
C LEU H 134 -19.44 -35.77 25.62
N ALA H 135 -20.49 -35.49 26.40
CA ALA H 135 -20.35 -35.44 27.84
C ALA H 135 -20.27 -36.86 28.41
N TRP H 136 -19.30 -37.06 29.30
CA TRP H 136 -19.23 -38.34 30.01
C TRP H 136 -20.51 -38.55 30.81
N GLN H 137 -21.00 -39.78 30.81
CA GLN H 137 -22.21 -40.13 31.54
C GLN H 137 -21.84 -40.99 32.74
N TYR H 138 -22.30 -40.58 33.92
CA TYR H 138 -22.09 -41.34 35.14
C TYR H 138 -23.43 -41.72 35.74
N ALA H 139 -23.50 -42.92 36.31
CA ALA H 139 -24.71 -43.44 36.93
C ALA H 139 -24.32 -44.59 37.85
N TYR H 140 -25.33 -45.29 38.37
CA TYR H 140 -25.11 -46.25 39.43
C TYR H 140 -24.77 -47.64 38.91
N LYS H 141 -23.98 -48.36 39.70
CA LYS H 141 -23.78 -49.80 39.56
C LYS H 141 -23.65 -50.38 40.98
N PHE H 142 -23.55 -51.70 41.08
CA PHE H 142 -23.55 -52.36 42.37
C PHE H 142 -22.38 -53.31 42.49
N VAL H 143 -21.81 -53.37 43.69
CA VAL H 143 -20.71 -54.29 44.01
C VAL H 143 -21.06 -55.04 45.29
N LEU H 144 -20.43 -56.19 45.47
CA LEU H 144 -20.69 -57.01 46.66
C LEU H 144 -20.11 -56.33 47.89
N ASP H 145 -20.85 -56.41 49.00
CA ASP H 145 -20.47 -55.78 50.26
C ASP H 145 -19.87 -56.86 51.17
N ILE H 146 -18.56 -57.06 51.05
CA ILE H 146 -17.88 -58.08 51.82
C ILE H 146 -16.65 -57.50 52.52
N ALA I 3 -72.79 -52.00 19.84
CA ALA I 3 -71.50 -52.54 19.45
C ALA I 3 -71.66 -53.67 18.43
N ARG I 4 -71.51 -53.33 17.15
CA ARG I 4 -71.61 -54.32 16.09
C ARG I 4 -70.46 -55.33 16.20
N ARG I 5 -70.67 -56.51 15.61
CA ARG I 5 -69.67 -57.56 15.65
C ARG I 5 -68.71 -57.41 14.48
N VAL I 6 -67.47 -57.86 14.71
CA VAL I 6 -66.41 -57.77 13.72
C VAL I 6 -65.92 -59.19 13.44
N ALA I 7 -65.54 -59.43 12.18
CA ALA I 7 -65.07 -60.74 11.77
C ALA I 7 -63.80 -60.59 10.93
N ILE I 8 -62.88 -61.54 11.11
CA ILE I 8 -61.68 -61.60 10.30
C ILE I 8 -62.01 -62.42 9.06
N VAL I 9 -62.05 -61.76 7.90
CA VAL I 9 -62.36 -62.49 6.67
C VAL I 9 -61.11 -63.17 6.10
N SER I 10 -59.92 -62.60 6.35
CA SER I 10 -58.69 -63.17 5.83
C SER I 10 -57.52 -62.66 6.64
N ALA I 11 -56.45 -63.45 6.66
CA ALA I 11 -55.21 -63.08 7.32
C ALA I 11 -54.07 -63.79 6.60
N ALA I 12 -53.03 -63.03 6.27
CA ALA I 12 -51.85 -63.59 5.61
C ALA I 12 -50.63 -62.79 6.01
N TYR I 13 -49.48 -63.44 6.01
CA TYR I 13 -48.22 -62.76 6.30
C TYR I 13 -47.11 -63.36 5.43
N THR I 14 -46.06 -62.59 5.25
CA THR I 14 -44.93 -63.04 4.45
C THR I 14 -44.30 -64.27 5.10
N PRO I 15 -44.02 -65.33 4.34
CA PRO I 15 -43.46 -66.54 4.95
C PRO I 15 -42.06 -66.31 5.48
N LYS I 16 -41.61 -67.29 6.25
CA LYS I 16 -40.29 -67.30 6.87
C LYS I 16 -40.05 -66.03 7.69
N PRO I 17 -40.83 -65.81 8.75
CA PRO I 17 -40.62 -64.59 9.56
C PRO I 17 -39.28 -64.57 10.26
N GLY I 18 -38.62 -65.71 10.42
CA GLY I 18 -37.30 -65.73 11.00
C GLY I 18 -36.17 -65.54 10.02
N SER I 19 -36.46 -65.56 8.73
CA SER I 19 -35.46 -65.35 7.69
C SER I 19 -35.55 -63.93 7.16
N SER I 20 -34.39 -63.31 6.94
CA SER I 20 -34.32 -61.91 6.55
C SER I 20 -34.57 -61.75 5.05
N ARG I 21 -35.09 -60.58 4.69
CA ARG I 21 -35.44 -60.25 3.31
C ARG I 21 -34.69 -58.97 2.92
N VAL I 22 -33.37 -59.10 2.74
CA VAL I 22 -32.54 -57.93 2.52
C VAL I 22 -32.78 -57.29 1.16
N ARG I 23 -33.45 -57.99 0.24
CA ARG I 23 -33.54 -57.51 -1.14
C ARG I 23 -34.66 -56.49 -1.32
N GLN I 24 -35.75 -56.62 -0.58
CA GLN I 24 -36.90 -55.73 -0.73
C GLN I 24 -36.95 -54.71 0.39
N THR I 25 -37.37 -53.50 0.07
CA THR I 25 -37.60 -52.49 1.09
C THR I 25 -38.84 -52.84 1.91
N PHE I 26 -39.04 -52.10 3.01
CA PHE I 26 -40.20 -52.36 3.84
C PHE I 26 -41.50 -52.03 3.12
N LYS I 27 -41.47 -51.04 2.22
CA LYS I 27 -42.65 -50.72 1.43
C LYS I 27 -43.03 -51.88 0.52
N GLU I 28 -42.04 -52.47 -0.15
CA GLU I 28 -42.29 -53.65 -0.97
C GLU I 28 -42.72 -54.84 -0.13
N MET I 29 -42.19 -54.96 1.09
CA MET I 29 -42.53 -56.09 1.94
C MET I 29 -43.95 -55.98 2.48
N ILE I 30 -44.40 -54.76 2.78
CA ILE I 30 -45.75 -54.57 3.31
C ILE I 30 -46.79 -54.88 2.24
N VAL I 31 -46.50 -54.51 0.99
CA VAL I 31 -47.45 -54.74 -0.10
C VAL I 31 -47.70 -56.22 -0.30
N GLU I 32 -46.65 -57.04 -0.15
CA GLU I 32 -46.78 -58.47 -0.42
C GLU I 32 -47.83 -59.12 0.46
N SER I 33 -47.73 -58.93 1.77
CA SER I 33 -48.68 -59.56 2.69
C SER I 33 -50.07 -58.96 2.53
N ALA I 34 -50.16 -57.66 2.27
CA ALA I 34 -51.46 -57.00 2.19
C ALA I 34 -52.26 -57.51 1.00
N TYR I 35 -51.67 -57.45 -0.20
CA TYR I 35 -52.40 -57.86 -1.40
C TYR I 35 -52.63 -59.37 -1.43
N LYS I 36 -51.79 -60.15 -0.76
CA LYS I 36 -52.10 -61.57 -0.59
C LYS I 36 -53.32 -61.75 0.30
N ALA I 37 -53.48 -60.90 1.31
CA ALA I 37 -54.65 -60.99 2.17
C ALA I 37 -55.92 -60.60 1.44
N LEU I 38 -55.82 -59.62 0.53
CA LEU I 38 -56.97 -59.23 -0.28
C LEU I 38 -57.37 -60.31 -1.25
N LYS I 39 -56.39 -60.96 -1.89
CA LYS I 39 -56.67 -62.03 -2.83
C LYS I 39 -57.40 -63.19 -2.15
N ASP I 40 -57.02 -63.51 -0.92
CA ASP I 40 -57.72 -64.55 -0.17
C ASP I 40 -59.15 -64.15 0.15
N ALA I 41 -59.39 -62.85 0.37
CA ALA I 41 -60.69 -62.35 0.80
C ALA I 41 -61.60 -61.98 -0.37
N LYS I 42 -61.18 -62.25 -1.61
CA LYS I 42 -61.93 -61.85 -2.80
C LYS I 42 -62.25 -60.37 -2.77
N MET I 43 -61.27 -59.55 -2.39
CA MET I 43 -61.47 -58.14 -2.12
C MET I 43 -60.51 -57.29 -2.94
N HIS I 44 -61.05 -56.24 -3.54
CA HIS I 44 -60.22 -55.26 -4.23
C HIS I 44 -59.51 -54.38 -3.20
N PRO I 45 -58.29 -53.93 -3.49
CA PRO I 45 -57.57 -53.10 -2.52
C PRO I 45 -58.28 -51.79 -2.21
N ARG I 46 -59.03 -51.23 -3.15
CA ARG I 46 -59.70 -49.97 -2.92
C ARG I 46 -60.96 -50.10 -2.06
N GLU I 47 -61.37 -51.32 -1.75
CA GLU I 47 -62.48 -51.54 -0.83
C GLU I 47 -62.11 -51.22 0.61
N ILE I 48 -60.81 -51.14 0.90
CA ILE I 48 -60.35 -50.85 2.26
C ILE I 48 -60.62 -49.38 2.56
N GLN I 49 -61.23 -49.13 3.72
CA GLN I 49 -61.56 -47.77 4.13
C GLN I 49 -60.57 -47.19 5.12
N ALA I 50 -59.78 -48.02 5.80
CA ALA I 50 -58.80 -47.54 6.76
C ALA I 50 -57.80 -48.66 7.05
N VAL I 51 -56.63 -48.27 7.55
CA VAL I 51 -55.57 -49.20 7.90
C VAL I 51 -55.05 -48.85 9.29
N ALA I 52 -54.74 -49.88 10.07
CA ALA I 52 -54.10 -49.73 11.38
C ALA I 52 -52.84 -50.59 11.37
N TYR I 53 -51.68 -49.96 11.20
CA TYR I 53 -50.42 -50.68 11.05
C TYR I 53 -49.49 -50.34 12.21
N GLY I 54 -48.53 -51.22 12.44
CA GLY I 54 -47.61 -51.07 13.55
C GLY I 54 -46.18 -51.44 13.24
N TYR I 55 -45.25 -50.70 13.83
CA TYR I 55 -43.82 -51.01 13.73
C TYR I 55 -43.17 -50.58 15.04
N HIS I 56 -41.94 -51.04 15.25
CA HIS I 56 -41.27 -50.81 16.53
C HIS I 56 -41.06 -49.32 16.80
N GLY I 57 -40.55 -48.60 15.81
CA GLY I 57 -40.28 -47.18 15.97
C GLY I 57 -39.50 -46.62 14.80
N GLU I 58 -39.53 -45.30 14.65
CA GLU I 58 -38.92 -44.64 13.50
C GLU I 58 -37.40 -44.76 13.47
N GLY I 59 -36.78 -45.39 14.47
CA GLY I 59 -35.33 -45.43 14.55
C GLY I 59 -34.66 -46.55 13.76
N ILE I 60 -35.42 -47.47 13.18
CA ILE I 60 -34.82 -48.58 12.44
C ILE I 60 -34.44 -48.14 11.03
N SER I 61 -35.45 -47.80 10.23
CA SER I 61 -35.23 -47.35 8.85
C SER I 61 -35.12 -45.85 8.74
N GLU I 62 -35.17 -45.12 9.85
CA GLU I 62 -35.21 -43.66 9.86
C GLU I 62 -36.39 -43.14 9.05
N TYR I 63 -37.55 -43.80 9.21
CA TYR I 63 -38.79 -43.44 8.54
C TYR I 63 -39.86 -43.22 9.61
N GLY I 64 -40.25 -41.96 9.82
CA GLY I 64 -41.22 -41.60 10.83
C GLY I 64 -42.50 -41.05 10.22
N GLY I 65 -43.52 -40.96 11.07
CA GLY I 65 -44.84 -40.51 10.64
C GLY I 65 -45.32 -41.32 9.45
N LEU I 66 -45.37 -42.65 9.64
CA LEU I 66 -45.41 -43.58 8.52
C LEU I 66 -46.80 -43.76 7.92
N GLY I 67 -47.84 -43.26 8.56
CA GLY I 67 -49.20 -43.48 8.14
C GLY I 67 -49.45 -43.32 6.65
N PRO I 68 -49.34 -42.08 6.16
CA PRO I 68 -49.59 -41.85 4.72
C PRO I 68 -48.63 -42.59 3.82
N THR I 69 -47.39 -42.79 4.26
CA THR I 69 -46.45 -43.60 3.49
C THR I 69 -47.01 -45.01 3.26
N ILE I 70 -47.65 -45.58 4.28
CA ILE I 70 -48.30 -46.89 4.12
C ILE I 70 -49.51 -46.77 3.21
N SER I 71 -50.32 -45.72 3.40
CA SER I 71 -51.51 -45.53 2.58
C SER I 71 -51.15 -45.41 1.11
N ASP I 72 -50.10 -44.62 0.81
CA ASP I 72 -49.68 -44.47 -0.58
C ASP I 72 -48.98 -45.73 -1.08
N ALA I 73 -48.23 -46.41 -0.22
CA ALA I 73 -47.55 -47.64 -0.63
C ALA I 73 -48.55 -48.69 -1.11
N LEU I 74 -49.68 -48.82 -0.40
CA LEU I 74 -50.71 -49.77 -0.81
C LEU I 74 -51.57 -49.25 -1.94
N GLY I 75 -51.44 -47.98 -2.31
CA GLY I 75 -52.27 -47.41 -3.35
C GLY I 75 -53.73 -47.29 -2.99
N ILE I 76 -54.04 -46.99 -1.73
CA ILE I 76 -55.42 -46.86 -1.28
C ILE I 76 -55.74 -45.43 -0.89
N SER I 77 -54.85 -44.48 -1.17
CA SER I 77 -55.09 -43.09 -0.83
C SER I 77 -56.42 -42.63 -1.39
N PRO I 78 -57.18 -41.78 -0.67
CA PRO I 78 -56.82 -41.16 0.60
C PRO I 78 -57.23 -41.94 1.85
N ALA I 79 -57.27 -43.27 1.77
CA ALA I 79 -57.61 -44.06 2.95
C ALA I 79 -56.55 -43.84 4.03
N PRO I 80 -56.95 -43.51 5.26
CA PRO I 80 -55.97 -43.23 6.31
C PRO I 80 -55.36 -44.49 6.89
N THR I 81 -54.13 -44.33 7.40
CA THR I 81 -53.43 -45.38 8.11
C THR I 81 -53.06 -44.87 9.49
N PHE I 82 -53.53 -45.56 10.52
CA PHE I 82 -53.27 -45.20 11.91
C PHE I 82 -52.08 -46.01 12.41
N MET I 83 -51.05 -45.32 12.90
CA MET I 83 -49.83 -45.98 13.34
C MET I 83 -49.90 -46.30 14.83
N SER I 84 -49.37 -47.46 15.20
CA SER I 84 -49.27 -47.88 16.59
C SER I 84 -47.87 -48.42 16.83
N THR I 85 -47.13 -47.76 17.71
CA THR I 85 -45.75 -48.13 18.03
C THR I 85 -45.71 -48.63 19.47
N ALA I 86 -45.66 -49.95 19.64
CA ALA I 86 -45.71 -50.55 20.97
C ALA I 86 -44.99 -51.89 20.96
N ASN I 87 -43.66 -51.84 20.73
CA ASN I 87 -42.78 -53.00 20.86
C ASN I 87 -43.25 -54.23 20.08
N THR I 89 -45.99 -55.93 20.62
CA THR I 89 -47.44 -56.03 20.48
C THR I 89 -47.98 -54.99 19.51
N SER I 90 -47.09 -54.39 18.71
CA SER I 90 -47.51 -53.35 17.78
C SER I 90 -48.63 -53.84 16.87
N SER I 91 -48.55 -55.09 16.42
CA SER I 91 -49.63 -55.66 15.61
C SER I 91 -50.85 -55.99 16.47
N SER I 92 -50.64 -56.51 17.69
CA SER I 92 -51.76 -56.78 18.57
C SER I 92 -52.49 -55.49 18.94
N VAL I 93 -51.75 -54.40 19.12
CA VAL I 93 -52.38 -53.12 19.43
C VAL I 93 -53.04 -52.55 18.18
N SER I 94 -52.43 -52.76 17.01
CA SER I 94 -53.03 -52.29 15.76
C SER I 94 -54.32 -53.05 15.46
N PHE I 95 -54.35 -54.35 15.79
CA PHE I 95 -55.56 -55.14 15.59
C PHE I 95 -56.70 -54.61 16.45
N GLN I 96 -56.45 -54.44 17.76
CA GLN I 96 -57.45 -53.85 18.63
C GLN I 96 -57.88 -52.47 18.15
N MET I 97 -56.96 -51.73 17.55
CA MET I 97 -57.31 -50.43 16.99
C MET I 97 -58.26 -50.59 15.80
N GLY I 98 -57.99 -51.57 14.95
CA GLY I 98 -58.89 -51.82 13.83
C GLY I 98 -60.24 -52.32 14.27
N HIS I 99 -60.26 -53.19 15.29
CA HIS I 99 -61.52 -53.66 15.87
C HIS I 99 -62.40 -52.48 16.26
N GLN I 100 -61.82 -51.48 16.91
CA GLN I 100 -62.61 -50.33 17.34
C GLN I 100 -63.10 -49.52 16.16
N MET I 101 -62.30 -49.41 15.10
CA MET I 101 -62.74 -48.67 13.92
C MET I 101 -63.94 -49.32 13.26
N VAL I 102 -63.92 -50.65 13.15
CA VAL I 102 -65.05 -51.36 12.53
C VAL I 102 -66.26 -51.36 13.46
N ALA I 103 -66.03 -51.67 14.74
CA ALA I 103 -67.14 -51.73 15.69
C ALA I 103 -67.77 -50.36 15.92
N SER I 104 -66.99 -49.28 15.81
CA SER I 104 -67.52 -47.94 16.00
C SER I 104 -68.50 -47.54 14.90
N GLY I 105 -68.45 -48.21 13.75
CA GLY I 105 -69.27 -47.82 12.62
C GLY I 105 -68.70 -46.71 11.78
N GLU I 106 -67.53 -46.17 12.15
CA GLU I 106 -66.90 -45.15 11.33
C GLU I 106 -66.23 -45.74 10.09
N TYR I 107 -65.83 -47.00 10.15
CA TYR I 107 -65.24 -47.69 9.00
C TYR I 107 -65.81 -49.09 8.92
N ASP I 108 -66.15 -49.53 7.71
CA ASP I 108 -66.79 -50.83 7.54
C ASP I 108 -65.78 -51.94 7.26
N ILE I 109 -64.73 -51.64 6.49
CA ILE I 109 -63.69 -52.61 6.15
C ILE I 109 -62.34 -52.01 6.52
N VAL I 110 -61.57 -52.73 7.34
CA VAL I 110 -60.30 -52.25 7.85
C VAL I 110 -59.25 -53.36 7.70
N LEU I 111 -58.08 -52.98 7.21
CA LEU I 111 -56.90 -53.83 7.21
C LEU I 111 -56.01 -53.42 8.37
N CYS I 112 -55.59 -54.40 9.17
CA CYS I 112 -54.71 -54.14 10.30
C CYS I 112 -53.56 -55.13 10.29
N GLY I 113 -52.35 -54.63 10.55
CA GLY I 113 -51.20 -55.49 10.57
C GLY I 113 -49.99 -54.82 11.17
N GLY I 114 -48.83 -55.42 10.88
CA GLY I 114 -47.56 -54.87 11.35
C GLY I 114 -46.43 -55.33 10.46
N PHE I 115 -45.26 -54.76 10.71
CA PHE I 115 -44.06 -55.14 9.98
C PHE I 115 -42.86 -54.77 10.82
N GLU I 116 -41.74 -55.44 10.56
CA GLU I 116 -40.47 -55.08 11.18
C GLU I 116 -39.35 -55.34 10.19
N LYS I 117 -38.65 -54.28 9.80
CA LYS I 117 -37.59 -54.33 8.81
C LYS I 117 -36.27 -54.07 9.53
N MET I 118 -35.79 -55.09 10.25
CA MET I 118 -34.65 -54.90 11.14
C MET I 118 -33.34 -54.72 10.39
N THR I 119 -33.22 -55.24 9.16
CA THR I 119 -31.96 -55.16 8.45
C THR I 119 -31.65 -53.74 7.95
N ASP I 120 -32.61 -52.82 8.03
CA ASP I 120 -32.33 -51.43 7.73
C ASP I 120 -31.48 -50.77 8.80
N HIS I 121 -31.36 -51.39 9.98
CA HIS I 121 -30.47 -50.92 11.03
C HIS I 121 -29.21 -51.78 11.03
N PHE I 122 -28.07 -51.13 11.26
CA PHE I 122 -26.79 -51.84 11.26
C PHE I 122 -26.77 -52.91 12.35
N ASN I 123 -27.03 -52.51 13.59
CA ASN I 123 -27.12 -53.44 14.72
C ASN I 123 -28.46 -53.20 15.40
N TYR I 124 -29.49 -53.92 14.95
CA TYR I 124 -30.84 -53.78 15.48
C TYR I 124 -30.96 -54.31 16.91
N ALA I 125 -30.06 -55.20 17.33
CA ALA I 125 -30.16 -55.81 18.65
C ALA I 125 -29.95 -54.78 19.77
N GLU I 126 -29.00 -53.86 19.59
CA GLU I 126 -28.77 -52.85 20.62
C GLU I 126 -29.82 -51.75 20.58
N TYR I 127 -30.44 -51.51 19.43
CA TYR I 127 -31.45 -50.49 19.32
C TYR I 127 -32.72 -50.86 20.06
N ILE I 128 -32.97 -52.17 20.24
CA ILE I 128 -34.24 -52.65 20.79
C ILE I 128 -34.54 -52.01 22.14
N GLY I 129 -33.53 -51.88 23.00
CA GLY I 129 -33.71 -51.29 24.31
C GLY I 129 -34.26 -49.88 24.31
N SER I 130 -34.30 -49.22 23.14
CA SER I 130 -34.81 -47.85 23.05
C SER I 130 -36.28 -47.73 23.41
N SER I 131 -36.99 -48.85 23.62
CA SER I 131 -38.38 -48.82 24.01
C SER I 131 -38.52 -49.34 25.44
N THR I 132 -38.01 -48.56 26.38
CA THR I 132 -38.15 -48.81 27.81
C THR I 132 -38.14 -47.50 28.59
N GLU I 133 -37.71 -47.58 29.86
CA GLU I 133 -37.31 -46.41 30.63
C GLU I 133 -35.86 -46.12 30.27
N CYS I 134 -35.67 -45.46 29.13
CA CYS I 134 -34.35 -45.34 28.53
C CYS I 134 -33.35 -44.63 29.45
N GLU I 135 -33.84 -43.73 30.30
CA GLU I 135 -32.94 -43.05 31.21
C GLU I 135 -32.34 -44.00 32.24
N TYR I 136 -33.08 -45.03 32.66
CA TYR I 136 -32.63 -45.88 33.76
C TYR I 136 -32.38 -47.34 33.36
N ASP I 137 -32.34 -47.65 32.07
CA ASP I 137 -31.91 -49.00 31.67
C ASP I 137 -31.27 -49.02 30.29
N TYR I 138 -31.91 -48.40 29.28
CA TYR I 138 -31.30 -48.37 27.95
C TYR I 138 -29.98 -47.61 27.96
N PHE I 139 -29.99 -46.37 28.47
CA PHE I 139 -28.76 -45.60 28.59
C PHE I 139 -27.83 -46.16 29.65
N LEU I 140 -28.27 -47.17 30.41
CA LEU I 140 -27.44 -47.82 31.41
C LEU I 140 -26.85 -49.14 30.93
N GLY I 141 -27.24 -49.61 29.75
CA GLY I 141 -26.75 -50.89 29.26
C GLY I 141 -27.61 -52.07 29.63
N ILE I 142 -28.92 -51.87 29.78
CA ILE I 142 -29.86 -52.95 30.11
C ILE I 142 -30.72 -53.19 28.88
N SER I 143 -30.59 -54.37 28.29
CA SER I 143 -31.38 -54.74 27.13
C SER I 143 -32.64 -55.47 27.57
N HIS I 144 -33.60 -55.56 26.64
CA HIS I 144 -34.76 -56.43 26.84
C HIS I 144 -34.32 -57.87 27.06
N THR I 145 -33.24 -58.29 26.39
CA THR I 145 -32.76 -59.66 26.54
C THR I 145 -32.39 -59.96 27.97
N ASP I 146 -31.80 -58.99 28.67
CA ASP I 146 -31.44 -59.21 30.07
C ASP I 146 -32.67 -59.44 30.91
N ALA I 147 -33.79 -58.80 30.57
CA ALA I 147 -35.01 -58.91 31.37
C ALA I 147 -35.54 -60.34 31.34
N PHE I 148 -35.64 -60.93 30.15
CA PHE I 148 -36.20 -62.26 30.04
C PHE I 148 -35.28 -63.32 30.64
N ALA I 149 -33.97 -63.09 30.61
CA ALA I 149 -33.05 -64.03 31.23
C ALA I 149 -33.23 -64.05 32.75
N LEU I 150 -33.45 -62.88 33.34
CA LEU I 150 -33.66 -62.80 34.78
C LEU I 150 -34.97 -63.46 35.19
N ALA I 151 -36.04 -63.18 34.44
CA ALA I 151 -37.33 -63.80 34.74
C ALA I 151 -37.27 -65.30 34.61
N THR I 152 -36.56 -65.80 33.59
CA THR I 152 -36.36 -67.24 33.46
C THR I 152 -35.60 -67.80 34.65
N ALA I 153 -34.54 -67.09 35.08
CA ALA I 153 -33.80 -67.52 36.26
C ALA I 153 -34.66 -67.43 37.52
N GLU I 154 -35.48 -66.38 37.64
CA GLU I 154 -36.32 -66.26 38.81
C GLU I 154 -37.37 -67.37 38.85
N TYR I 155 -38.00 -67.66 37.72
CA TYR I 155 -39.05 -68.68 37.69
C TYR I 155 -38.52 -70.02 38.17
N PHE I 156 -37.42 -70.50 37.58
CA PHE I 156 -36.89 -71.80 37.95
C PHE I 156 -36.39 -71.80 39.38
N GLN I 157 -35.74 -70.72 39.81
CA GLN I 157 -35.19 -70.67 41.16
C GLN I 157 -36.29 -70.48 42.20
N LYS I 158 -37.36 -69.76 41.85
CA LYS I 158 -38.47 -69.54 42.78
C LYS I 158 -39.38 -70.76 42.90
N PHE I 159 -39.40 -71.63 41.90
CA PHE I 159 -40.31 -72.78 41.90
C PHE I 159 -39.58 -74.12 41.92
N GLY I 160 -38.35 -74.14 42.40
CA GLY I 160 -37.66 -75.40 42.66
C GLY I 160 -37.44 -76.30 41.46
N TYR I 161 -37.19 -75.71 40.29
CA TYR I 161 -36.89 -76.48 39.09
C TYR I 161 -35.40 -76.75 38.91
N ALA I 162 -34.62 -76.65 39.99
CA ALA I 162 -33.19 -76.88 39.90
C ALA I 162 -32.90 -78.28 39.40
N GLY I 163 -31.92 -78.38 38.50
CA GLY I 163 -31.60 -79.62 37.83
C GLY I 163 -32.45 -79.93 36.62
N ARG I 164 -33.63 -79.32 36.50
CA ARG I 164 -34.53 -79.55 35.37
C ARG I 164 -34.67 -78.32 34.49
N GLU I 165 -33.90 -77.26 34.75
CA GLU I 165 -34.02 -76.04 33.96
C GLU I 165 -33.70 -76.28 32.50
N ALA I 166 -32.61 -77.02 32.23
CA ALA I 166 -32.26 -77.33 30.85
C ALA I 166 -33.29 -78.25 30.23
N ASP I 167 -33.82 -79.20 31.00
CA ASP I 167 -34.80 -80.14 30.48
C ASP I 167 -36.10 -79.42 30.09
N VAL I 168 -36.54 -78.47 30.91
CA VAL I 168 -37.78 -77.75 30.61
C VAL I 168 -37.62 -76.90 29.36
N LEU I 169 -36.50 -76.18 29.25
CA LEU I 169 -36.27 -75.33 28.08
C LEU I 169 -36.18 -76.15 26.80
N ALA I 170 -35.41 -77.24 26.82
CA ALA I 170 -35.27 -78.06 25.63
C ALA I 170 -36.60 -78.69 25.22
N THR I 171 -37.39 -79.12 26.19
CA THR I 171 -38.69 -79.72 25.88
C THR I 171 -39.62 -78.72 25.22
N PHE I 172 -39.66 -77.48 25.74
CA PHE I 172 -40.45 -76.44 25.09
C PHE I 172 -39.90 -76.13 23.71
N GLY I 173 -38.59 -75.92 23.62
CA GLY I 173 -37.97 -75.64 22.33
C GLY I 173 -38.17 -76.76 21.34
N ARG I 174 -37.99 -78.01 21.77
CA ARG I 174 -38.17 -79.15 20.87
C ARG I 174 -39.61 -79.23 20.39
N GLN I 175 -40.58 -78.91 21.26
CA GLN I 175 -41.97 -78.87 20.84
C GLN I 175 -42.19 -77.81 19.77
N MET I 176 -41.47 -76.70 19.87
CA MET I 176 -41.58 -75.66 18.86
C MET I 176 -40.98 -76.12 17.53
N ARG I 177 -39.91 -76.92 17.58
CA ARG I 177 -39.34 -77.47 16.35
C ARG I 177 -40.32 -78.46 15.71
N ILE I 178 -40.96 -79.30 16.51
CA ILE I 178 -41.91 -80.27 15.98
C ILE I 178 -43.09 -79.55 15.31
N TYR I 179 -43.62 -78.53 15.98
CA TYR I 179 -44.72 -77.75 15.41
C TYR I 179 -44.30 -77.05 14.13
N ALA I 180 -43.04 -76.61 14.06
CA ALA I 180 -42.57 -75.85 12.90
C ALA I 180 -42.19 -76.72 11.72
N GLN I 181 -41.92 -78.02 11.94
CA GLN I 181 -41.43 -78.88 10.87
C GLN I 181 -42.44 -79.03 9.75
N ASN I 182 -43.74 -79.04 10.07
CA ASN I 182 -44.79 -79.29 9.09
C ASN I 182 -45.54 -78.03 8.68
N THR I 183 -45.13 -76.86 9.16
CA THR I 183 -45.79 -75.62 8.79
C THR I 183 -45.05 -74.95 7.66
N PRO I 184 -45.68 -74.71 6.51
CA PRO I 184 -44.94 -74.17 5.35
C PRO I 184 -44.39 -72.77 5.57
N THR I 185 -45.11 -71.91 6.29
CA THR I 185 -44.66 -70.54 6.54
C THR I 185 -43.60 -70.46 7.63
N ALA I 186 -43.42 -71.50 8.43
CA ALA I 186 -42.42 -71.48 9.49
C ALA I 186 -41.02 -71.45 8.90
N THR I 187 -40.11 -70.80 9.63
CA THR I 187 -38.72 -70.72 9.17
C THR I 187 -38.02 -72.07 9.34
N ARG I 188 -38.21 -72.72 10.48
CA ARG I 188 -37.62 -74.02 10.73
C ARG I 188 -38.44 -75.14 10.08
N TYR I 189 -39.12 -74.81 8.99
CA TYR I 189 -39.88 -75.82 8.24
C TYR I 189 -38.93 -76.80 7.58
N GLY I 190 -39.28 -78.09 7.67
CA GLY I 190 -38.50 -79.15 7.05
C GLY I 190 -37.15 -79.42 7.68
N GLN I 191 -36.78 -78.72 8.74
CA GLN I 191 -35.54 -79.03 9.42
C GLN I 191 -35.69 -80.33 10.21
N PRO I 192 -34.62 -81.13 10.31
CA PRO I 192 -34.66 -82.30 11.19
C PRO I 192 -34.79 -81.89 12.64
N ILE I 193 -35.50 -82.72 13.40
CA ILE I 193 -35.80 -82.39 14.79
C ILE I 193 -34.61 -82.79 15.67
N PRO I 194 -33.93 -81.83 16.31
CA PRO I 194 -32.78 -82.20 17.14
C PRO I 194 -33.21 -83.07 18.30
N SER I 195 -32.27 -83.88 18.77
CA SER I 195 -32.55 -84.72 19.94
C SER I 195 -32.70 -83.85 21.18
N LEU I 196 -33.37 -84.41 22.19
CA LEU I 196 -33.52 -83.69 23.45
C LEU I 196 -32.17 -83.39 24.08
N GLU I 197 -31.20 -84.30 23.91
CA GLU I 197 -29.87 -84.08 24.45
C GLU I 197 -29.11 -83.01 23.65
N VAL I 198 -29.35 -82.93 22.34
CA VAL I 198 -28.66 -81.94 21.53
C VAL I 198 -29.14 -80.53 21.87
N LEU I 199 -30.43 -80.36 22.11
CA LEU I 199 -30.98 -79.03 22.36
C LEU I 199 -30.49 -78.44 23.67
N LYS I 200 -30.22 -79.27 24.68
CA LYS I 200 -29.74 -78.74 25.95
C LYS I 200 -28.33 -78.19 25.81
N ASN I 201 -27.51 -78.76 24.95
CA ASN I 201 -26.15 -78.28 24.75
C ASN I 201 -26.09 -77.04 23.87
N SER I 202 -27.12 -76.79 23.06
CA SER I 202 -27.12 -75.63 22.18
C SER I 202 -27.36 -74.35 22.98
N GLU I 203 -27.37 -73.23 22.27
CA GLU I 203 -27.45 -71.92 22.91
C GLU I 203 -28.82 -71.70 23.53
N ALA I 204 -28.83 -71.15 24.75
CA ALA I 204 -30.04 -70.87 25.51
C ALA I 204 -30.88 -72.13 25.73
N CYS I 205 -30.23 -73.29 25.78
CA CYS I 205 -30.91 -74.58 25.91
C CYS I 205 -31.92 -74.80 24.79
N GLY I 206 -31.64 -74.26 23.61
CA GLY I 206 -32.51 -74.36 22.45
C GLY I 206 -33.76 -73.50 22.52
N SER I 207 -33.88 -72.62 23.51
CA SER I 207 -35.06 -71.78 23.67
C SER I 207 -34.86 -70.37 23.12
N MET I 208 -33.73 -70.10 22.49
CA MET I 208 -33.51 -68.82 21.85
C MET I 208 -34.32 -68.73 20.56
N LEU I 209 -35.06 -67.64 20.39
CA LEU I 209 -35.85 -67.47 19.19
C LEU I 209 -34.96 -67.11 18.01
N ALA I 210 -35.49 -67.36 16.81
CA ALA I 210 -34.87 -66.91 15.57
C ALA I 210 -35.59 -65.66 15.10
N TRP I 211 -34.87 -64.54 15.00
CA TRP I 211 -35.46 -63.28 14.61
C TRP I 211 -35.14 -62.97 13.14
N GLY I 212 -36.18 -62.61 12.39
CA GLY I 212 -36.03 -62.14 11.03
C GLY I 212 -37.07 -61.07 10.76
N GLU I 213 -37.18 -60.65 9.51
CA GLU I 213 -38.11 -59.59 9.14
C GLU I 213 -39.29 -60.17 8.36
N ALA I 214 -40.46 -59.59 8.59
CA ALA I 214 -41.69 -60.05 7.96
C ALA I 214 -42.76 -58.98 8.16
N SER I 215 -43.69 -58.92 7.21
CA SER I 215 -44.87 -58.07 7.30
C SER I 215 -46.11 -58.95 7.19
N GLY I 216 -47.13 -58.60 7.96
CA GLY I 216 -48.38 -59.35 7.92
C GLY I 216 -49.54 -58.43 8.23
N CYS I 217 -50.74 -58.92 7.92
CA CYS I 217 -51.94 -58.12 8.14
C CYS I 217 -53.15 -59.02 8.12
N ALA I 218 -54.26 -58.49 8.65
CA ALA I 218 -55.53 -59.17 8.66
C ALA I 218 -56.62 -58.19 8.26
N ILE I 219 -57.69 -58.70 7.67
CA ILE I 219 -58.80 -57.88 7.19
C ILE I 219 -59.95 -58.02 8.17
N LEU I 220 -60.39 -56.91 8.73
CA LEU I 220 -61.55 -56.88 9.63
C LEU I 220 -62.72 -56.22 8.92
N VAL I 221 -63.86 -56.89 8.94
CA VAL I 221 -65.07 -56.40 8.31
C VAL I 221 -66.21 -56.49 9.32
N ALA I 222 -67.20 -55.60 9.14
CA ALA I 222 -68.41 -55.68 9.95
C ALA I 222 -69.04 -57.07 9.79
N GLU I 223 -69.75 -57.50 10.83
CA GLU I 223 -70.29 -58.86 10.86
C GLU I 223 -71.14 -59.16 9.64
N HIS I 224 -72.02 -58.23 9.26
CA HIS I 224 -72.95 -58.51 8.18
C HIS I 224 -72.26 -58.62 6.82
N LEU I 225 -71.17 -57.89 6.62
CA LEU I 225 -70.49 -57.91 5.34
C LEU I 225 -69.51 -59.07 5.17
N ALA I 226 -69.35 -59.92 6.20
CA ALA I 226 -68.37 -61.00 6.11
C ALA I 226 -68.75 -62.04 5.07
N HIS I 227 -70.05 -62.21 4.80
CA HIS I 227 -70.49 -63.24 3.87
C HIS I 227 -69.99 -62.96 2.45
N LYS I 228 -69.82 -61.69 2.10
CA LYS I 228 -69.39 -61.34 0.75
C LYS I 228 -67.97 -61.81 0.47
N TYR I 229 -67.14 -61.95 1.51
CA TYR I 229 -65.72 -62.17 1.32
C TYR I 229 -65.24 -63.55 1.75
N THR I 230 -65.89 -64.17 2.73
CA THR I 230 -65.51 -65.50 3.16
C THR I 230 -66.74 -66.29 3.56
N ASP I 231 -66.63 -67.62 3.48
CA ASP I 231 -67.68 -68.53 3.90
C ASP I 231 -67.63 -68.83 5.40
N LYS I 232 -66.42 -68.93 5.96
CA LYS I 232 -66.21 -69.23 7.37
C LYS I 232 -65.41 -68.10 8.00
N PRO I 233 -66.08 -67.09 8.57
CA PRO I 233 -65.35 -66.02 9.26
C PRO I 233 -65.12 -66.32 10.73
N VAL I 234 -64.04 -65.75 11.25
CA VAL I 234 -63.67 -65.86 12.65
C VAL I 234 -63.99 -64.55 13.34
N PHE I 235 -64.71 -64.62 14.45
CA PHE I 235 -65.18 -63.44 15.16
C PHE I 235 -64.29 -63.13 16.36
N VAL I 236 -64.39 -61.88 16.83
CA VAL I 236 -63.61 -61.40 17.96
C VAL I 236 -64.54 -61.34 19.17
N ARG I 237 -64.37 -62.30 20.09
CA ARG I 237 -65.18 -62.31 21.31
C ARG I 237 -64.84 -61.12 22.20
N GLY I 238 -63.58 -60.96 22.55
CA GLY I 238 -63.15 -59.85 23.37
C GLY I 238 -61.65 -59.74 23.37
N CYS I 239 -61.18 -58.52 23.67
CA CYS I 239 -59.76 -58.23 23.71
C CYS I 239 -59.46 -57.30 24.88
N ALA I 240 -58.25 -57.41 25.41
CA ALA I 240 -57.80 -56.56 26.50
C ALA I 240 -56.36 -56.13 26.24
N TYR I 241 -56.08 -54.87 26.58
CA TYR I 241 -54.76 -54.29 26.42
C TYR I 241 -54.47 -53.51 27.69
N THR I 242 -53.31 -53.74 28.29
CA THR I 242 -52.97 -53.12 29.57
C THR I 242 -51.52 -52.65 29.56
N GLY I 243 -51.27 -51.51 30.20
CA GLY I 243 -49.93 -50.96 30.26
C GLY I 243 -49.47 -50.56 31.65
N VAL I 244 -48.27 -51.00 32.03
CA VAL I 244 -47.63 -50.64 33.28
C VAL I 244 -46.22 -50.13 32.97
N SER I 245 -45.52 -49.69 34.01
CA SER I 245 -44.21 -49.09 33.85
C SER I 245 -43.26 -50.01 33.08
N HIS I 246 -42.55 -49.43 32.11
CA HIS I 246 -41.54 -50.18 31.37
C HIS I 246 -40.40 -50.66 32.26
N TYR I 247 -40.16 -49.98 33.39
CA TYR I 247 -39.02 -50.31 34.24
C TYR I 247 -39.15 -51.73 34.78
N PHE I 248 -38.07 -52.50 34.65
CA PHE I 248 -38.08 -53.89 35.08
C PHE I 248 -38.24 -54.01 36.58
N GLY I 249 -37.83 -52.99 37.34
CA GLY I 249 -37.91 -53.07 38.79
C GLY I 249 -39.34 -53.01 39.32
N THR I 250 -40.23 -52.32 38.62
CA THR I 250 -41.60 -52.19 39.08
C THR I 250 -42.39 -53.49 38.98
N ARG I 251 -41.83 -54.54 38.38
CA ARG I 251 -42.49 -55.84 38.41
C ARG I 251 -42.63 -56.35 39.84
N PHE I 252 -41.63 -56.07 40.68
CA PHE I 252 -41.64 -56.53 42.06
C PHE I 252 -42.41 -55.59 42.98
N HIS I 253 -42.55 -54.33 42.61
CA HIS I 253 -43.22 -53.33 43.46
C HIS I 253 -43.87 -52.30 42.54
N ASN I 254 -45.18 -52.45 42.32
CA ASN I 254 -45.94 -51.54 41.45
C ASN I 254 -47.24 -51.14 42.14
N PRO I 255 -47.19 -50.12 43.00
CA PRO I 255 -48.44 -49.56 43.54
C PRO I 255 -49.26 -48.80 42.53
N THR I 256 -48.69 -48.48 41.36
CA THR I 256 -49.44 -47.78 40.32
C THR I 256 -50.46 -48.70 39.66
N LEU I 257 -50.15 -49.98 39.52
CA LEU I 257 -51.08 -50.94 38.94
C LEU I 257 -52.21 -51.22 39.92
N HIS I 258 -53.43 -50.88 39.51
CA HIS I 258 -54.62 -51.02 40.36
C HIS I 258 -55.47 -52.16 39.84
N HIS I 259 -55.36 -53.31 40.49
CA HIS I 259 -56.12 -54.49 40.14
C HIS I 259 -56.33 -55.31 41.41
N PRO I 260 -57.56 -55.76 41.66
CA PRO I 260 -57.81 -56.57 42.85
C PRO I 260 -57.43 -58.02 42.64
N GLY I 261 -57.09 -58.69 43.74
CA GLY I 261 -56.76 -60.10 43.69
C GLY I 261 -55.41 -60.44 43.10
N LEU I 262 -54.50 -59.46 43.00
CA LEU I 262 -53.17 -59.76 42.51
C LEU I 262 -52.41 -60.61 43.53
N PRO I 263 -51.60 -61.57 43.07
CA PRO I 263 -50.82 -62.37 44.01
C PRO I 263 -49.87 -61.51 44.82
N LYS I 264 -49.65 -61.91 46.08
CA LYS I 264 -48.81 -61.12 46.97
C LYS I 264 -47.37 -61.09 46.49
N ASP I 265 -46.87 -62.19 45.93
CA ASP I 265 -45.49 -62.30 45.47
C ASP I 265 -45.35 -61.92 44.00
N VAL I 266 -45.78 -60.70 43.69
CA VAL I 266 -45.56 -60.15 42.36
C VAL I 266 -44.07 -60.16 42.06
N GLY I 267 -43.72 -60.68 40.89
CA GLY I 267 -42.33 -60.71 40.45
C GLY I 267 -42.29 -60.93 38.96
N MET I 268 -41.06 -61.07 38.45
CA MET I 268 -40.91 -61.38 37.04
C MET I 268 -41.48 -62.75 36.70
N ALA I 269 -41.41 -63.70 37.64
CA ALA I 269 -41.98 -65.02 37.42
C ALA I 269 -43.51 -65.03 37.48
N VAL I 270 -44.11 -64.05 38.15
CA VAL I 270 -45.55 -63.95 38.29
C VAL I 270 -45.93 -62.56 37.78
N SER I 271 -46.18 -62.45 36.48
CA SER I 271 -46.40 -61.15 35.85
C SER I 271 -47.74 -60.57 36.30
N ALA I 272 -47.69 -59.53 37.12
CA ALA I 272 -48.90 -58.90 37.61
C ALA I 272 -49.70 -58.29 36.47
N ASN I 273 -49.01 -57.64 35.52
CA ASN I 273 -49.72 -56.98 34.43
C ASN I 273 -50.33 -58.00 33.48
N SER I 274 -49.67 -59.14 33.27
CA SER I 274 -50.20 -60.12 32.34
C SER I 274 -51.44 -60.81 32.90
N ILE I 275 -51.48 -61.03 34.22
CA ILE I 275 -52.65 -61.63 34.83
C ILE I 275 -53.85 -60.70 34.72
N ALA I 276 -53.66 -59.44 35.13
CA ALA I 276 -54.73 -58.45 35.04
C ALA I 276 -55.23 -58.34 33.61
N CYS I 277 -54.31 -58.26 32.65
CA CYS I 277 -54.71 -58.21 31.24
C CYS I 277 -55.53 -59.42 30.84
N ALA I 278 -55.09 -60.61 31.27
CA ALA I 278 -55.83 -61.83 30.94
C ALA I 278 -57.23 -61.80 31.55
N GLU I 279 -57.35 -61.33 32.79
CA GLU I 279 -58.65 -61.30 33.44
C GLU I 279 -59.61 -60.31 32.79
N ILE I 280 -59.10 -59.19 32.27
CA ILE I 280 -59.97 -58.22 31.63
C ILE I 280 -60.55 -58.79 30.35
N ALA I 281 -59.74 -59.52 29.57
CA ALA I 281 -60.23 -60.07 28.32
C ALA I 281 -61.25 -61.18 28.57
N TYR I 282 -61.01 -62.04 29.57
CA TYR I 282 -61.92 -63.14 29.83
C TYR I 282 -63.29 -62.63 30.27
N LYS I 283 -63.31 -61.60 31.12
CA LYS I 283 -64.58 -60.98 31.50
C LYS I 283 -65.27 -60.37 30.28
N LYS I 284 -64.50 -59.71 29.41
CA LYS I 284 -65.08 -59.09 28.22
C LYS I 284 -65.57 -60.15 27.24
N ALA I 285 -64.79 -61.21 27.03
CA ALA I 285 -65.14 -62.25 26.05
C ALA I 285 -66.18 -63.23 26.57
N GLY I 286 -66.49 -63.20 27.86
CA GLY I 286 -67.48 -64.11 28.41
C GLY I 286 -67.03 -65.55 28.49
N ILE I 287 -65.74 -65.79 28.71
CA ILE I 287 -65.20 -67.13 28.82
C ILE I 287 -64.26 -67.19 30.01
N THR I 288 -64.07 -68.41 30.52
CA THR I 288 -63.08 -68.67 31.55
C THR I 288 -61.84 -69.31 30.92
N ALA I 289 -60.85 -69.60 31.76
CA ALA I 289 -59.58 -70.11 31.25
C ALA I 289 -59.74 -71.50 30.65
N LYS I 290 -60.60 -72.34 31.25
CA LYS I 290 -60.76 -73.71 30.80
C LYS I 290 -61.41 -73.81 29.42
N ASP I 291 -62.01 -72.74 28.91
CA ASP I 291 -62.67 -72.77 27.61
C ASP I 291 -61.69 -72.70 26.44
N ILE I 292 -60.43 -72.33 26.70
CA ILE I 292 -59.47 -72.16 25.62
C ILE I 292 -59.10 -73.53 25.05
N ASP I 293 -59.26 -73.69 23.74
CA ASP I 293 -58.87 -74.92 23.07
C ASP I 293 -57.51 -74.82 22.38
N VAL I 294 -57.06 -73.60 22.06
CA VAL I 294 -55.74 -73.38 21.48
C VAL I 294 -55.33 -71.95 21.80
N ALA I 295 -54.04 -71.76 22.06
CA ALA I 295 -53.54 -70.46 22.48
C ALA I 295 -52.23 -70.16 21.79
N GLN I 296 -51.82 -68.90 21.87
CA GLN I 296 -50.58 -68.42 21.27
C GLN I 296 -49.87 -67.50 22.25
N VAL I 297 -48.62 -67.82 22.59
CA VAL I 297 -47.85 -67.05 23.55
C VAL I 297 -46.56 -66.58 22.91
N TYR I 298 -46.02 -65.48 23.44
CA TYR I 298 -44.70 -65.00 23.05
C TYR I 298 -43.66 -65.90 23.71
N ASP I 299 -42.96 -66.71 22.91
CA ASP I 299 -42.00 -67.68 23.42
C ASP I 299 -40.58 -67.13 23.28
N LEU I 300 -39.89 -67.01 24.40
CA LEU I 300 -38.49 -66.59 24.43
C LEU I 300 -37.92 -66.99 25.78
N LEU I 301 -36.85 -67.79 25.78
CA LEU I 301 -36.34 -68.39 27.00
C LEU I 301 -37.48 -69.09 27.74
N GLY I 302 -37.59 -68.87 29.04
CA GLY I 302 -38.68 -69.43 29.80
C GLY I 302 -39.90 -68.54 29.90
N ALA I 303 -39.95 -67.45 29.12
CA ALA I 303 -41.04 -66.50 29.25
C ALA I 303 -42.38 -67.12 28.87
N GLY I 304 -42.38 -68.14 28.01
CA GLY I 304 -43.62 -68.80 27.67
C GLY I 304 -44.31 -69.41 28.87
N LEU I 305 -43.52 -69.96 29.81
CA LEU I 305 -44.09 -70.61 30.98
C LEU I 305 -44.85 -69.61 31.85
N ILE I 306 -44.27 -68.43 32.08
CA ILE I 306 -44.93 -67.42 32.89
C ILE I 306 -46.24 -66.99 32.25
N GLN I 307 -46.26 -66.92 30.92
CA GLN I 307 -47.48 -66.50 30.23
C GLN I 307 -48.59 -67.54 30.39
N MET I 308 -48.26 -68.82 30.35
CA MET I 308 -49.25 -69.86 30.57
C MET I 308 -49.88 -69.73 31.95
N GLU I 309 -49.08 -69.42 32.97
CA GLU I 309 -49.61 -69.27 34.31
C GLU I 309 -50.42 -67.99 34.45
N SER I 310 -49.92 -66.89 33.87
CA SER I 310 -50.66 -65.64 33.90
C SER I 310 -51.95 -65.73 33.09
N MET I 311 -51.97 -66.59 32.08
CA MET I 311 -53.17 -66.80 31.27
C MET I 311 -54.17 -67.74 31.93
N GLY I 312 -53.78 -68.46 32.97
CA GLY I 312 -54.66 -69.37 33.66
C GLY I 312 -54.67 -70.79 33.14
N ILE I 313 -53.74 -71.15 32.25
CA ILE I 313 -53.73 -72.48 31.68
C ILE I 313 -53.40 -73.52 32.75
N CYS I 314 -52.43 -73.21 33.62
CA CYS I 314 -52.07 -74.09 34.73
C CYS I 314 -51.75 -73.23 35.95
N GLY I 315 -51.62 -73.89 37.09
CA GLY I 315 -51.38 -73.18 38.34
C GLY I 315 -50.02 -72.52 38.38
N LYS I 316 -49.86 -71.66 39.40
CA LYS I 316 -48.61 -70.95 39.60
C LYS I 316 -47.48 -71.94 39.93
N GLY I 317 -46.41 -71.90 39.13
CA GLY I 317 -45.31 -72.82 39.27
C GLY I 317 -45.46 -74.14 38.52
N GLN I 318 -46.58 -74.36 37.85
CA GLN I 318 -46.89 -75.65 37.22
C GLN I 318 -46.58 -75.69 35.73
N ALA I 319 -46.16 -74.57 35.13
CA ALA I 319 -46.00 -74.53 33.68
C ALA I 319 -44.83 -75.39 33.22
N GLY I 320 -43.74 -75.43 33.99
CA GLY I 320 -42.60 -76.25 33.61
C GLY I 320 -42.93 -77.73 33.60
N ASP I 321 -43.57 -78.21 34.67
CA ASP I 321 -43.97 -79.60 34.74
C ASP I 321 -45.04 -79.93 33.70
N PHE I 322 -45.93 -78.96 33.43
CA PHE I 322 -46.92 -79.11 32.37
C PHE I 322 -46.24 -79.46 31.04
N VAL I 323 -45.22 -78.69 30.67
CA VAL I 323 -44.53 -78.92 29.40
C VAL I 323 -43.73 -80.22 29.46
N LEU I 324 -43.11 -80.52 30.61
CA LEU I 324 -42.36 -81.75 30.75
C LEU I 324 -43.22 -82.98 30.54
N GLU I 325 -44.49 -82.92 30.95
CA GLU I 325 -45.44 -84.00 30.73
C GLU I 325 -46.03 -83.99 29.32
N GLY I 326 -45.39 -83.29 28.38
CA GLY I 326 -45.89 -83.22 27.03
C GLY I 326 -47.26 -82.59 26.90
N GLY I 327 -47.60 -81.66 27.80
CA GLY I 327 -48.93 -81.08 27.80
C GLY I 327 -49.17 -80.07 26.70
N ILE I 328 -48.12 -79.38 26.25
CA ILE I 328 -48.26 -78.43 25.14
C ILE I 328 -48.19 -79.11 23.79
N ALA I 329 -48.04 -80.43 23.75
CA ALA I 329 -48.05 -81.16 22.48
C ALA I 329 -49.45 -81.11 21.87
N LEU I 330 -49.56 -81.64 20.64
CA LEU I 330 -50.86 -81.65 19.97
C LEU I 330 -51.86 -82.55 20.70
N ASP I 331 -51.39 -83.63 21.31
CA ASP I 331 -52.21 -84.54 22.09
C ASP I 331 -52.30 -84.17 23.57
N GLY I 332 -51.66 -83.09 23.97
CA GLY I 332 -51.72 -82.62 25.35
C GLY I 332 -53.01 -81.89 25.63
N GLN I 333 -53.13 -81.44 26.89
CA GLN I 333 -54.35 -80.77 27.31
C GLN I 333 -54.58 -79.47 26.55
N LEU I 334 -53.51 -78.69 26.33
CA LEU I 334 -53.65 -77.46 25.56
C LEU I 334 -52.46 -77.26 24.63
N PRO I 335 -52.67 -77.32 23.32
CA PRO I 335 -51.57 -77.05 22.38
C PRO I 335 -51.19 -75.58 22.38
N LEU I 336 -49.89 -75.33 22.39
CA LEU I 336 -49.35 -73.97 22.41
C LEU I 336 -48.47 -73.76 21.19
N ASN I 337 -48.67 -72.64 20.49
CA ASN I 337 -47.85 -72.24 19.36
C ASN I 337 -47.81 -73.34 18.30
N THR I 338 -49.00 -73.68 17.79
CA THR I 338 -49.13 -74.77 16.84
C THR I 338 -48.43 -74.50 15.51
N ASP I 339 -48.01 -73.26 15.25
CA ASP I 339 -47.22 -72.94 14.06
C ASP I 339 -45.73 -73.10 14.29
N GLY I 340 -45.30 -73.34 15.52
CA GLY I 340 -43.90 -73.41 15.87
C GLY I 340 -43.45 -72.30 16.79
N GLY I 341 -44.25 -71.25 16.95
CA GLY I 341 -43.87 -70.14 17.79
C GLY I 341 -42.70 -69.36 17.20
N ASN I 342 -42.18 -68.44 18.02
CA ASN I 342 -41.06 -67.62 17.58
C ASN I 342 -39.79 -68.44 17.41
N ILE I 343 -39.66 -69.55 18.15
CA ILE I 343 -38.49 -70.41 18.01
C ILE I 343 -38.53 -71.18 16.70
N GLY I 344 -39.71 -71.57 16.25
CA GLY I 344 -39.83 -72.34 15.02
C GLY I 344 -40.30 -71.57 13.81
N ARG I 345 -41.38 -70.79 13.97
CA ARG I 345 -41.87 -69.99 12.86
C ARG I 345 -40.97 -68.77 12.62
N GLY I 346 -40.54 -68.12 13.67
CA GLY I 346 -39.81 -66.86 13.58
C GLY I 346 -40.54 -65.75 14.31
N HIS I 347 -39.94 -64.56 14.25
CA HIS I 347 -40.47 -63.43 15.02
C HIS I 347 -39.92 -62.14 14.45
N ALA I 348 -40.81 -61.25 14.01
CA ALA I 348 -40.48 -59.86 13.70
C ALA I 348 -41.27 -58.99 14.66
N SER I 349 -40.56 -58.15 15.44
CA SER I 349 -41.14 -57.55 16.64
C SER I 349 -42.46 -56.85 16.34
N GLY I 350 -42.47 -55.96 15.33
CA GLY I 350 -43.69 -55.25 15.01
C GLY I 350 -44.77 -56.14 14.44
N CYS I 351 -44.39 -57.26 13.83
CA CYS I 351 -45.31 -58.14 13.12
C CYS I 351 -45.88 -59.24 14.00
N ASP I 352 -45.53 -59.27 15.29
CA ASP I 352 -45.82 -60.45 16.11
C ASP I 352 -47.33 -60.68 16.27
N GLY I 353 -48.09 -59.62 16.59
CA GLY I 353 -49.51 -59.80 16.85
C GLY I 353 -50.25 -60.48 15.71
N ILE I 354 -49.91 -60.15 14.47
CA ILE I 354 -50.55 -60.78 13.32
C ILE I 354 -50.13 -62.24 13.22
N LEU I 355 -48.86 -62.54 13.53
CA LEU I 355 -48.39 -63.92 13.46
C LEU I 355 -49.16 -64.81 14.43
N HIS I 356 -49.48 -64.29 15.62
CA HIS I 356 -50.30 -65.05 16.56
C HIS I 356 -51.72 -65.22 16.04
N ILE I 357 -52.30 -64.14 15.50
CA ILE I 357 -53.70 -64.19 15.08
C ILE I 357 -53.86 -65.06 13.85
N THR I 358 -52.91 -65.00 12.92
CA THR I 358 -53.03 -65.79 11.69
C THR I 358 -53.08 -67.28 11.98
N GLU I 359 -52.31 -67.74 12.97
CA GLU I 359 -52.35 -69.16 13.31
C GLU I 359 -53.64 -69.52 14.03
N LEU I 360 -54.14 -68.64 14.89
CA LEU I 360 -55.44 -68.87 15.51
C LEU I 360 -56.56 -68.80 14.48
N PHE I 361 -56.45 -67.86 13.54
CA PHE I 361 -57.39 -67.79 12.42
C PHE I 361 -57.47 -69.11 11.68
N ARG I 362 -56.31 -69.61 11.21
CA ARG I 362 -56.27 -70.89 10.52
C ARG I 362 -56.77 -72.02 11.41
N GLN I 363 -56.48 -71.95 12.71
CA GLN I 363 -56.88 -73.02 13.62
C GLN I 363 -58.40 -73.09 13.76
N LEU I 364 -59.06 -71.93 13.93
CA LEU I 364 -60.51 -71.92 14.07
C LEU I 364 -61.22 -72.34 12.80
N ARG I 365 -60.60 -72.13 11.64
CA ARG I 365 -61.18 -72.54 10.37
C ARG I 365 -60.74 -73.94 9.93
N GLY I 366 -59.95 -74.63 10.75
CA GLY I 366 -59.57 -75.99 10.43
C GLY I 366 -58.50 -76.13 9.36
N GLU I 367 -57.76 -75.06 9.08
CA GLU I 367 -56.78 -75.08 8.01
C GLU I 367 -55.35 -75.25 8.49
N SER I 368 -55.10 -75.24 9.80
CA SER I 368 -53.74 -75.30 10.30
C SER I 368 -53.11 -76.66 10.03
N ASP I 369 -51.78 -76.65 9.86
CA ASP I 369 -51.07 -77.89 9.58
C ASP I 369 -51.09 -78.83 10.78
N ASN I 370 -51.00 -78.28 11.99
CA ASN I 370 -51.17 -79.03 13.23
C ASN I 370 -52.50 -78.57 13.83
N GLN I 371 -53.54 -79.36 13.59
CA GLN I 371 -54.92 -78.92 13.76
C GLN I 371 -55.50 -79.46 15.06
N VAL I 372 -56.00 -78.56 15.90
CA VAL I 372 -56.78 -78.93 17.08
C VAL I 372 -58.19 -79.26 16.60
N LYS I 373 -58.58 -80.53 16.73
CA LYS I 373 -59.89 -80.96 16.26
C LYS I 373 -61.00 -80.30 17.06
N GLY I 374 -61.95 -79.69 16.36
CA GLY I 374 -63.07 -79.05 17.01
C GLY I 374 -62.72 -77.82 17.81
N ALA I 375 -61.76 -77.02 17.33
CA ALA I 375 -61.34 -75.82 18.06
C ALA I 375 -62.40 -74.74 17.93
N ARG I 376 -62.94 -74.30 19.08
CA ARG I 376 -63.95 -73.26 19.11
C ARG I 376 -63.46 -71.94 19.66
N ILE I 377 -62.40 -71.93 20.45
CA ILE I 377 -61.91 -70.73 21.11
C ILE I 377 -60.39 -70.65 20.93
N GLY I 378 -59.92 -69.50 20.50
CA GLY I 378 -58.50 -69.24 20.41
C GLY I 378 -58.13 -67.96 21.11
N VAL I 379 -56.95 -67.95 21.74
CA VAL I 379 -56.50 -66.85 22.58
C VAL I 379 -55.06 -66.50 22.23
N SER I 380 -54.80 -65.20 22.03
CA SER I 380 -53.47 -64.69 21.73
C SER I 380 -52.93 -63.94 22.95
N GLN I 381 -51.84 -64.45 23.52
CA GLN I 381 -51.12 -63.79 24.60
C GLN I 381 -49.87 -63.14 24.04
N ASN I 382 -49.78 -61.82 24.16
CA ASN I 382 -48.67 -61.06 23.58
C ASN I 382 -48.24 -59.97 24.54
N LEU I 383 -46.93 -59.83 24.70
CA LEU I 383 -46.35 -58.84 25.60
C LEU I 383 -45.29 -58.04 24.88
N GLY I 384 -45.10 -56.80 25.32
CA GLY I 384 -44.05 -55.93 24.80
C GLY I 384 -43.18 -55.43 25.94
N GLY I 385 -41.88 -55.32 25.66
CA GLY I 385 -40.99 -55.17 26.78
C GLY I 385 -41.05 -56.42 27.63
N TYR I 386 -40.91 -56.26 28.94
CA TYR I 386 -41.21 -57.35 29.87
C TYR I 386 -42.57 -57.04 30.50
N ALA I 387 -43.63 -57.49 29.82
CA ALA I 387 -45.01 -57.27 30.25
C ALA I 387 -45.33 -55.80 30.47
N ALA I 388 -44.54 -54.90 29.88
CA ALA I 388 -44.83 -53.47 29.96
C ALA I 388 -46.21 -53.18 29.39
N HIS I 389 -46.45 -53.55 28.15
CA HIS I 389 -47.80 -53.67 27.63
C HIS I 389 -48.10 -55.14 27.39
N ASN I 390 -49.27 -55.59 27.83
CA ASN I 390 -49.74 -56.94 27.62
C ASN I 390 -51.04 -56.89 26.84
N SER I 391 -51.19 -57.80 25.87
CA SER I 391 -52.37 -57.84 25.02
C SER I 391 -52.90 -59.27 24.97
N VAL I 392 -54.19 -59.43 25.27
CA VAL I 392 -54.86 -60.73 25.21
C VAL I 392 -56.09 -60.56 24.33
N ILE I 393 -56.15 -61.34 23.25
CA ILE I 393 -57.24 -61.28 22.29
C ILE I 393 -57.89 -62.67 22.22
N VAL I 394 -59.21 -62.70 22.17
CA VAL I 394 -59.97 -63.95 22.15
C VAL I 394 -60.74 -64.02 20.84
N LEU I 395 -60.67 -65.17 20.17
CA LEU I 395 -61.34 -65.39 18.90
C LEU I 395 -62.16 -66.67 18.97
N SER I 396 -63.40 -66.61 18.49
CA SER I 396 -64.26 -67.79 18.40
C SER I 396 -64.78 -67.91 16.98
N ASN I 397 -65.04 -69.16 16.57
CA ASN I 397 -65.53 -69.46 15.24
C ASN I 397 -67.05 -69.43 15.14
N ASP I 398 -67.72 -68.77 16.08
CA ASP I 398 -69.17 -68.67 16.07
C ASP I 398 -69.66 -67.50 16.90
N LYS J 4 1.13 43.88 40.96
CA LYS J 4 0.36 43.46 39.80
C LYS J 4 1.26 43.41 38.56
N LYS J 5 2.12 42.39 38.51
CA LYS J 5 3.09 42.28 37.43
C LYS J 5 2.44 41.77 36.15
N ILE J 6 3.05 42.13 35.02
CA ILE J 6 2.48 41.87 33.70
C ILE J 6 3.36 40.86 32.98
N GLY J 7 2.75 39.87 32.36
CA GLY J 7 3.50 38.89 31.61
C GLY J 7 2.61 37.99 30.77
N ILE J 8 3.15 36.83 30.43
CA ILE J 8 2.44 35.85 29.60
C ILE J 8 1.36 35.18 30.44
N VAL J 9 0.14 35.15 29.92
CA VAL J 9 -0.96 34.45 30.58
C VAL J 9 -1.14 33.05 30.05
N SER J 10 -1.10 32.88 28.73
CA SER J 10 -1.20 31.55 28.12
C SER J 10 -0.53 31.60 26.75
N TYR J 11 -0.28 30.42 26.20
CA TYR J 11 0.38 30.30 24.91
C TYR J 11 -0.22 29.15 24.11
N GLY J 12 -0.04 29.23 22.79
CA GLY J 12 -0.48 28.19 21.89
C GLY J 12 0.38 28.17 20.65
N ALA J 13 0.43 27.01 20.01
CA ALA J 13 1.32 26.81 18.88
C ALA J 13 0.59 26.10 17.74
N GLY J 14 0.92 26.48 16.51
CA GLY J 14 0.39 25.82 15.33
C GLY J 14 1.50 25.46 14.36
N ILE J 15 1.60 24.19 14.01
CA ILE J 15 2.70 23.68 13.19
C ILE J 15 2.16 22.74 12.12
N PRO J 16 2.64 22.82 10.87
CA PRO J 16 2.19 21.88 9.85
C PRO J 16 2.57 20.45 10.20
N VAL J 17 1.72 19.52 9.78
CA VAL J 17 1.95 18.10 10.08
C VAL J 17 2.86 17.42 9.06
N CYS J 18 2.90 17.90 7.83
CA CYS J 18 3.70 17.25 6.81
C CYS J 18 5.19 17.42 7.08
N ARG J 19 5.94 16.34 6.93
CA ARG J 19 7.39 16.36 7.11
C ARG J 19 8.09 15.83 5.85
N LEU J 20 9.19 16.48 5.50
CA LEU J 20 10.04 16.05 4.39
C LEU J 20 11.43 15.76 4.93
N LYS J 21 11.87 14.52 4.82
CA LYS J 21 13.21 14.17 5.27
C LYS J 21 14.25 15.01 4.52
N VAL J 22 15.30 15.42 5.25
CA VAL J 22 16.31 16.29 4.67
C VAL J 22 16.96 15.63 3.46
N GLN J 23 17.15 14.31 3.52
CA GLN J 23 17.83 13.61 2.44
C GLN J 23 17.07 13.67 1.13
N GLU J 24 15.74 13.88 1.15
CA GLU J 24 14.98 13.96 -0.08
C GLU J 24 15.41 15.17 -0.92
N VAL J 25 15.69 16.30 -0.27
CA VAL J 25 16.09 17.50 -1.00
C VAL J 25 17.53 17.40 -1.46
N ILE J 26 18.41 16.83 -0.64
CA ILE J 26 19.83 16.79 -0.97
C ILE J 26 20.08 15.96 -2.21
N ASN J 27 19.42 14.81 -2.31
CA ASN J 27 19.73 13.85 -3.37
C ASN J 27 19.32 14.38 -4.74
N VAL J 28 18.22 15.13 -4.79
CA VAL J 28 17.80 15.69 -6.08
C VAL J 28 18.76 16.78 -6.54
N TRP J 29 19.11 17.71 -5.65
CA TRP J 29 19.87 18.89 -6.04
C TRP J 29 21.38 18.65 -5.98
N LYS J 30 21.83 17.87 -4.99
CA LYS J 30 23.25 17.53 -4.83
C LYS J 30 24.09 18.79 -4.67
N ASN J 31 23.57 19.76 -3.92
CA ASN J 31 24.25 21.05 -3.76
C ASN J 31 24.81 21.28 -2.37
N THR J 32 24.72 20.29 -1.47
CA THR J 32 25.35 20.41 -0.16
C THR J 32 25.53 19.02 0.43
N ASP J 33 26.31 18.95 1.50
CA ASP J 33 26.69 17.70 2.13
C ASP J 33 25.61 17.25 3.11
N LEU J 34 25.14 16.02 2.95
CA LEU J 34 24.07 15.51 3.81
C LEU J 34 24.54 15.37 5.26
N LYS J 35 25.76 14.86 5.46
CA LYS J 35 26.29 14.76 6.82
C LYS J 35 26.36 16.12 7.50
N LEU J 36 26.64 17.17 6.72
CA LEU J 36 26.72 18.51 7.27
C LEU J 36 25.38 18.96 7.84
N VAL J 37 24.32 18.79 7.07
CA VAL J 37 23.01 19.31 7.49
C VAL J 37 22.43 18.47 8.62
N GLU J 38 22.58 17.14 8.54
CA GLU J 38 21.96 16.29 9.54
C GLU J 38 22.66 16.39 10.88
N GLU J 39 23.99 16.42 10.90
CA GLU J 39 24.76 16.35 12.14
C GLU J 39 25.28 17.71 12.58
N ASN J 40 26.04 18.40 11.71
CA ASN J 40 26.55 19.71 12.08
C ASN J 40 25.42 20.71 12.25
N LEU J 41 24.54 20.82 11.25
CA LEU J 41 23.43 21.76 11.33
C LEU J 41 22.36 21.27 12.29
N GLY J 42 22.08 19.97 12.27
CA GLY J 42 21.19 19.37 13.23
C GLY J 42 19.76 19.18 12.78
N VAL J 43 19.47 19.32 11.48
CA VAL J 43 18.13 19.19 10.95
C VAL J 43 18.08 17.95 10.08
N THR J 44 17.19 17.01 10.42
CA THR J 44 17.02 15.79 9.64
C THR J 44 15.70 15.74 8.88
N GLU J 45 14.71 16.52 9.28
CA GLU J 45 13.43 16.62 8.59
C GLU J 45 12.96 18.06 8.67
N ARG J 46 12.05 18.43 7.75
CA ARG J 46 11.51 19.78 7.72
C ARG J 46 10.01 19.72 7.45
N ALA J 47 9.31 20.76 7.88
CA ALA J 47 7.87 20.83 7.73
C ALA J 47 7.49 21.24 6.31
N VAL J 48 6.42 20.63 5.80
CA VAL J 48 5.94 20.90 4.46
C VAL J 48 4.58 21.58 4.55
N LEU J 49 4.41 22.67 3.80
CA LEU J 49 3.17 23.43 3.82
C LEU J 49 2.14 22.77 2.91
N GLN J 50 0.97 22.46 3.48
CA GLN J 50 -0.12 21.87 2.73
C GLN J 50 -0.73 22.92 1.79
N PRO J 51 -1.39 22.50 0.70
CA PRO J 51 -2.06 23.48 -0.16
C PRO J 51 -3.07 24.36 0.55
N ASP J 52 -3.65 23.89 1.66
CA ASP J 52 -4.65 24.64 2.40
C ASP J 52 -4.11 25.24 3.70
N GLU J 53 -2.79 25.28 3.85
CA GLU J 53 -2.14 25.89 5.01
C GLU J 53 -1.37 27.13 4.59
N ASP J 54 -1.27 28.09 5.51
CA ASP J 54 -0.43 29.27 5.31
C ASP J 54 -0.21 29.94 6.66
N VAL J 55 0.22 31.20 6.63
CA VAL J 55 0.46 31.94 7.87
C VAL J 55 -0.85 32.09 8.64
N ILE J 56 -1.92 32.49 7.94
CA ILE J 56 -3.19 32.74 8.62
C ILE J 56 -3.77 31.46 9.17
N THR J 57 -3.65 30.36 8.42
CA THR J 57 -4.13 29.07 8.89
C THR J 57 -3.39 28.65 10.15
N LEU J 58 -2.06 28.66 10.10
CA LEU J 58 -1.27 28.31 11.28
C LEU J 58 -1.45 29.34 12.38
N GLY J 59 -1.58 30.62 12.01
CA GLY J 59 -1.68 31.66 13.02
C GLY J 59 -2.94 31.57 13.84
N VAL J 60 -4.09 31.40 13.17
CA VAL J 60 -5.35 31.29 13.90
C VAL J 60 -5.39 30.00 14.71
N LEU J 61 -4.62 28.98 14.33
CA LEU J 61 -4.57 27.76 15.11
C LEU J 61 -3.88 28.00 16.44
N ALA J 62 -2.70 28.62 16.41
CA ALA J 62 -1.99 28.90 17.66
C ALA J 62 -2.79 29.87 18.52
N ALA J 63 -3.35 30.91 17.91
CA ALA J 63 -4.11 31.90 18.66
C ALA J 63 -5.33 31.28 19.33
N GLN J 64 -6.07 30.46 18.59
CA GLN J 64 -7.21 29.76 19.19
C GLN J 64 -6.77 28.81 20.29
N ARG J 65 -5.55 28.26 20.19
CA ARG J 65 -5.06 27.35 21.23
C ARG J 65 -4.67 28.10 22.50
N ALA J 66 -4.23 29.36 22.36
CA ALA J 66 -3.92 30.16 23.54
C ALA J 66 -5.18 30.68 24.22
N LEU J 67 -6.17 31.10 23.43
CA LEU J 67 -7.42 31.59 24.00
C LEU J 67 -8.27 30.47 24.59
N ASP J 68 -8.06 29.23 24.15
CA ASP J 68 -8.83 28.12 24.71
C ASP J 68 -8.50 27.91 26.19
N LYS J 69 -7.28 28.28 26.61
CA LYS J 69 -6.94 28.22 28.03
C LYS J 69 -7.63 29.31 28.83
N VAL J 70 -8.08 30.38 28.17
CA VAL J 70 -8.82 31.45 28.85
C VAL J 70 -10.21 31.52 28.25
N PRO J 71 -11.16 30.73 28.75
CA PRO J 71 -12.50 30.72 28.14
C PRO J 71 -13.23 32.05 28.33
N GLY J 72 -13.95 32.46 27.30
CA GLY J 72 -14.70 33.70 27.33
C GLY J 72 -13.87 34.97 27.30
N HIS J 73 -12.60 34.88 26.90
CA HIS J 73 -11.74 36.06 26.87
C HIS J 73 -12.17 37.02 25.76
N GLN J 74 -12.04 38.31 26.03
CA GLN J 74 -12.31 39.36 25.05
C GLN J 74 -10.98 39.94 24.59
N ILE J 75 -10.75 39.91 23.27
CA ILE J 75 -9.49 40.39 22.71
C ILE J 75 -9.48 41.91 22.72
N GLU J 76 -8.41 42.49 23.25
CA GLU J 76 -8.24 43.94 23.26
C GLU J 76 -7.20 44.42 22.28
N ALA J 77 -6.27 43.58 21.86
CA ALA J 77 -5.26 43.92 20.88
C ALA J 77 -4.65 42.64 20.33
N LEU J 78 -4.51 42.58 19.00
CA LEU J 78 -3.96 41.40 18.34
C LEU J 78 -2.96 41.87 17.31
N TYR J 79 -1.70 41.45 17.46
CA TYR J 79 -0.63 41.84 16.55
C TYR J 79 -0.02 40.60 15.91
N LEU J 80 0.03 40.58 14.59
CA LEU J 80 0.61 39.47 13.84
C LEU J 80 2.02 39.84 13.43
N GLY J 81 2.98 38.99 13.79
CA GLY J 81 4.36 39.17 13.38
C GLY J 81 4.77 38.16 12.34
N THR J 82 4.95 38.61 11.09
CA THR J 82 5.30 37.70 10.01
C THR J 82 6.03 38.47 8.92
N CYS J 83 7.01 37.81 8.31
CA CYS J 83 7.65 38.34 7.11
C CYS J 83 7.22 37.64 5.84
N THR J 84 6.41 36.57 5.97
CA THR J 84 5.85 35.87 4.83
C THR J 84 4.34 36.13 4.76
N ASN J 85 3.97 37.40 4.79
CA ASN J 85 2.56 37.78 4.94
C ASN J 85 1.76 37.39 3.70
N PRO J 86 0.59 36.76 3.87
CA PRO J 86 -0.24 36.47 2.69
C PRO J 86 -0.76 37.71 1.97
N TYR J 87 -0.83 38.86 2.64
CA TYR J 87 -1.22 40.12 2.01
C TYR J 87 -0.10 41.13 2.19
N ASP J 88 0.18 41.89 1.13
CA ASP J 88 1.22 42.91 1.19
C ASP J 88 0.67 44.28 1.57
N SER J 89 -0.59 44.58 1.20
CA SER J 89 -1.25 45.84 1.56
C SER J 89 -2.63 45.47 2.08
N ARG J 90 -2.66 44.97 3.33
CA ARG J 90 -3.84 44.56 4.06
C ARG J 90 -3.39 43.92 5.37
N ALA J 91 -4.24 43.91 6.39
CA ALA J 91 -3.87 43.35 7.68
C ALA J 91 -4.34 41.89 7.75
N SER J 92 -3.38 40.97 7.79
CA SER J 92 -3.72 39.59 8.05
C SER J 92 -4.17 39.40 9.49
N ALA J 93 -3.76 40.29 10.39
CA ALA J 93 -4.23 40.23 11.77
C ALA J 93 -5.72 40.51 11.85
N SER J 94 -6.22 41.37 10.98
CA SER J 94 -7.65 41.64 10.92
C SER J 94 -8.44 40.38 10.57
N ILE J 95 -7.88 39.53 9.69
CA ILE J 95 -8.55 38.30 9.33
C ILE J 95 -8.50 37.30 10.47
N ILE J 96 -7.34 37.17 11.12
CA ILE J 96 -7.22 36.26 12.25
C ILE J 96 -8.12 36.71 13.39
N LEU J 97 -8.28 38.02 13.58
CA LEU J 97 -9.17 38.51 14.63
C LEU J 97 -10.62 38.15 14.34
N GLU J 98 -11.04 38.25 13.08
CA GLU J 98 -12.41 37.90 12.72
C GLU J 98 -12.67 36.41 12.93
N MET J 99 -11.67 35.57 12.72
CA MET J 99 -11.87 34.13 12.91
C MET J 99 -12.00 33.77 14.38
N LEU J 100 -11.33 34.50 15.27
CA LEU J 100 -11.36 34.15 16.68
C LEU J 100 -12.67 34.54 17.33
N GLY J 101 -13.37 35.53 16.78
CA GLY J 101 -14.70 35.88 17.26
C GLY J 101 -14.74 36.31 18.70
N SER J 102 -13.66 36.91 19.20
CA SER J 102 -13.60 37.37 20.57
C SER J 102 -13.59 38.89 20.69
N GLY J 103 -14.07 39.60 19.67
CA GLY J 103 -14.13 41.04 19.71
C GLY J 103 -13.75 41.71 18.41
N TYR J 104 -14.46 42.78 18.05
CA TYR J 104 -14.18 43.53 16.84
C TYR J 104 -13.29 44.75 17.08
N ASP J 105 -13.47 45.46 18.19
CA ASP J 105 -12.64 46.64 18.46
C ASP J 105 -11.39 46.23 19.24
N ALA J 106 -10.25 46.31 18.58
CA ALA J 106 -8.97 45.95 19.16
C ALA J 106 -7.85 46.62 18.37
N TYR J 107 -6.78 47.00 19.08
CA TYR J 107 -5.59 47.48 18.41
C TYR J 107 -5.03 46.37 17.53
N CYS J 108 -4.99 46.61 16.23
CA CYS J 108 -4.71 45.56 15.27
C CYS J 108 -3.81 46.09 14.16
N ALA J 109 -2.75 45.34 13.85
CA ALA J 109 -1.81 45.69 12.79
C ALA J 109 -0.88 44.50 12.56
N ASP J 110 -0.15 44.56 11.45
CA ASP J 110 0.81 43.53 11.06
C ASP J 110 2.22 44.06 11.29
N VAL J 111 3.00 43.33 12.09
CA VAL J 111 4.38 43.68 12.39
C VAL J 111 5.29 42.79 11.56
N GLN J 112 6.34 43.38 10.98
CA GLN J 112 7.25 42.62 10.12
C GLN J 112 8.68 43.12 10.32
N PHE J 113 9.57 42.21 10.73
CA PHE J 113 11.01 42.46 10.75
C PHE J 113 11.72 41.11 10.69
N ALA J 114 11.54 40.40 9.59
CA ALA J 114 12.26 39.14 9.32
C ALA J 114 11.97 38.17 10.46
N GLY J 115 13.00 37.50 11.00
CA GLY J 115 12.81 36.49 12.02
C GLY J 115 12.48 37.02 13.39
N LYS J 116 12.62 38.33 13.61
CA LYS J 116 12.29 38.93 14.90
C LYS J 116 10.90 39.57 14.91
N SER J 117 10.11 39.34 13.87
CA SER J 117 8.77 39.93 13.82
C SER J 117 7.91 39.41 14.96
N GLY J 118 8.11 38.15 15.38
CA GLY J 118 7.29 37.58 16.42
C GLY J 118 7.53 38.21 17.77
N THR J 119 8.80 38.42 18.13
CA THR J 119 9.10 39.05 19.41
C THR J 119 8.74 40.54 19.38
N SER J 120 8.90 41.20 18.23
CA SER J 120 8.50 42.59 18.13
C SER J 120 7.02 42.76 18.41
N ALA J 121 6.20 41.85 17.90
CA ALA J 121 4.77 41.87 18.23
C ALA J 121 4.56 41.58 19.71
N LEU J 122 5.40 40.72 20.29
CA LEU J 122 5.31 40.45 21.72
C LEU J 122 5.62 41.70 22.55
N GLN J 123 6.63 42.47 22.13
CA GLN J 123 7.00 43.67 22.88
C GLN J 123 5.94 44.75 22.73
N ILE J 124 5.32 44.86 21.55
CA ILE J 124 4.23 45.81 21.37
C ILE J 124 3.05 45.44 22.25
N CYS J 125 2.71 44.16 22.30
CA CYS J 125 1.65 43.71 23.20
C CYS J 125 1.99 44.03 24.66
N GLN J 126 3.26 43.87 25.04
CA GLN J 126 3.69 44.19 26.39
C GLN J 126 3.49 45.66 26.70
N ALA J 127 3.87 46.54 25.77
CA ALA J 127 3.74 47.97 26.01
C ALA J 127 2.27 48.38 26.17
N LEU J 128 1.38 47.80 25.36
CA LEU J 128 -0.04 48.14 25.47
C LEU J 128 -0.57 47.84 26.87
N VAL J 129 -0.22 46.68 27.42
CA VAL J 129 -0.71 46.31 28.74
C VAL J 129 0.00 47.12 29.82
N ALA J 130 1.33 47.23 29.71
CA ALA J 130 2.10 47.93 30.74
C ALA J 130 1.76 49.41 30.79
N SER J 131 1.45 50.02 29.65
CA SER J 131 1.05 51.42 29.62
C SER J 131 -0.40 51.60 30.03
N GLY J 132 -1.14 50.52 30.28
CA GLY J 132 -2.52 50.64 30.67
C GLY J 132 -3.48 50.96 29.55
N MET J 133 -3.01 50.95 28.30
CA MET J 133 -3.91 51.22 27.18
C MET J 133 -4.90 50.07 27.00
N THR J 134 -4.44 48.84 27.23
CA THR J 134 -5.31 47.68 27.25
C THR J 134 -5.00 46.84 28.48
N GLY J 135 -5.96 45.99 28.85
CA GLY J 135 -5.79 45.09 29.96
C GLY J 135 -5.14 43.79 29.54
N SER J 136 -5.21 43.49 28.24
CA SER J 136 -4.60 42.28 27.69
C SER J 136 -4.25 42.54 26.23
N ALA J 137 -3.42 41.66 25.68
CA ALA J 137 -3.00 41.77 24.30
C ALA J 137 -2.49 40.41 23.82
N LEU J 138 -2.73 40.11 22.55
CA LEU J 138 -2.39 38.82 21.97
C LEU J 138 -1.31 39.01 20.91
N ALA J 139 -0.20 38.29 21.06
CA ALA J 139 0.90 38.33 20.12
C ALA J 139 0.98 37.01 19.35
N ILE J 140 1.22 37.10 18.04
CA ILE J 140 1.31 35.92 17.18
C ILE J 140 2.59 36.03 16.36
N GLY J 141 3.43 35.00 16.44
CA GLY J 141 4.57 34.88 15.56
C GLY J 141 4.41 33.68 14.65
N ALA J 142 4.29 33.92 13.35
CA ALA J 142 4.05 32.85 12.39
C ALA J 142 4.79 33.15 11.10
N ASP J 143 5.28 32.10 10.44
CA ASP J 143 6.02 32.28 9.21
C ASP J 143 5.94 31.00 8.38
N THR J 144 6.01 31.17 7.06
CA THR J 144 6.09 30.07 6.10
C THR J 144 7.37 30.24 5.30
N ILE J 145 8.51 29.98 5.94
CA ILE J 145 9.80 30.09 5.26
C ILE J 145 9.86 29.07 4.12
N ASN J 146 9.28 27.88 4.34
CA ASN J 146 9.28 26.86 3.31
C ASN J 146 8.61 27.32 2.03
N ARG J 147 7.50 28.04 2.16
CA ARG J 147 6.80 28.55 0.98
C ARG J 147 7.63 29.59 0.23
N ASN J 148 8.41 30.38 0.95
CA ASN J 148 9.15 31.50 0.38
C ASN J 148 10.65 31.19 0.25
N THR J 149 11.00 29.92 0.05
CA THR J 149 12.37 29.51 -0.21
C THR J 149 12.40 28.80 -1.56
N ALA J 150 13.27 29.26 -2.46
CA ALA J 150 13.29 28.74 -3.81
C ALA J 150 13.80 27.30 -3.83
N PRO J 151 13.37 26.50 -4.80
CA PRO J 151 13.99 25.19 -5.00
C PRO J 151 15.43 25.36 -5.47
N GLY J 152 16.28 24.43 -5.04
CA GLY J 152 17.70 24.52 -5.33
C GLY J 152 18.47 25.48 -4.46
N ASP J 153 17.78 26.28 -3.65
CA ASP J 153 18.47 27.11 -2.67
C ASP J 153 19.23 26.22 -1.69
N LEU J 154 20.35 26.74 -1.20
CA LEU J 154 21.14 25.98 -0.23
C LEU J 154 20.37 25.75 1.07
N THR J 155 19.49 26.68 1.43
CA THR J 155 18.74 26.60 2.69
C THR J 155 17.38 25.92 2.51
N GLU J 156 17.14 25.27 1.39
CA GLU J 156 15.82 24.68 1.14
C GLU J 156 15.57 23.45 2.00
N SER J 157 16.61 22.67 2.28
CA SER J 157 16.42 21.40 2.99
C SER J 157 15.99 21.60 4.43
N TYR J 158 16.22 22.79 5.02
CA TYR J 158 15.79 23.06 6.39
C TYR J 158 14.88 24.28 6.46
N ALA J 159 14.16 24.57 5.37
CA ALA J 159 13.16 25.62 5.37
C ALA J 159 11.83 25.05 5.87
N GLY J 160 11.26 25.70 6.88
CA GLY J 160 10.03 25.20 7.47
C GLY J 160 8.98 26.26 7.70
N ALA J 161 7.98 25.92 8.52
CA ALA J 161 6.90 26.85 8.85
C ALA J 161 6.42 26.55 10.25
N GLY J 162 5.70 27.51 10.83
CA GLY J 162 5.18 27.34 12.17
C GLY J 162 4.53 28.61 12.64
N ALA J 163 3.76 28.48 13.72
CA ALA J 163 3.08 29.61 14.33
C ALA J 163 3.13 29.48 15.84
N ALA J 164 3.21 30.62 16.52
CA ALA J 164 3.22 30.66 17.97
C ALA J 164 2.46 31.89 18.43
N ALA J 165 1.61 31.72 19.45
CA ALA J 165 0.77 32.80 19.95
C ALA J 165 0.94 32.91 21.45
N LEU J 166 1.09 34.14 21.94
CA LEU J 166 1.26 34.41 23.36
C LEU J 166 0.26 35.48 23.78
N LEU J 167 -0.42 35.24 24.91
CA LEU J 167 -1.39 36.17 25.46
C LEU J 167 -0.75 36.90 26.64
N ILE J 168 -0.70 38.23 26.55
CA ILE J 168 -0.15 39.07 27.60
C ILE J 168 -1.30 39.67 28.39
N GLY J 169 -1.22 39.55 29.71
CA GLY J 169 -2.25 40.09 30.58
C GLY J 169 -1.71 40.24 31.99
N SER J 170 -2.59 40.70 32.88
CA SER J 170 -2.20 40.98 34.26
C SER J 170 -2.82 40.03 35.27
N GLN J 171 -3.58 39.03 34.83
CA GLN J 171 -4.22 38.08 35.73
C GLN J 171 -3.76 36.67 35.41
N ASP J 172 -3.43 35.91 36.45
CA ASP J 172 -3.00 34.52 36.33
C ASP J 172 -1.79 34.40 35.40
N VAL J 173 -0.83 35.30 35.60
CA VAL J 173 0.36 35.31 34.75
C VAL J 173 1.22 34.09 35.06
N ILE J 174 1.65 33.40 34.00
CA ILE J 174 2.54 32.26 34.16
C ILE J 174 4.02 32.64 33.98
N ALA J 175 4.32 33.75 33.30
CA ALA J 175 5.70 34.18 33.13
C ALA J 175 5.72 35.71 33.12
N GLU J 176 6.42 36.29 34.09
CA GLU J 176 6.48 37.74 34.19
C GLU J 176 7.44 38.33 33.17
N PHE J 177 7.12 39.53 32.72
CA PHE J 177 7.93 40.26 31.74
C PHE J 177 8.82 41.23 32.52
N ASP J 178 10.10 40.90 32.62
CA ASP J 178 11.01 41.69 33.45
C ASP J 178 11.48 42.96 32.73
N ALA J 179 12.16 42.79 31.60
CA ALA J 179 12.65 43.94 30.84
C ALA J 179 12.95 43.49 29.42
N SER J 180 13.31 44.46 28.58
CA SER J 180 13.61 44.18 27.18
C SER J 180 14.60 45.22 26.66
N PHE J 181 15.27 44.85 25.57
CA PHE J 181 16.26 45.68 24.91
C PHE J 181 16.28 45.33 23.43
N SER J 182 16.38 46.35 22.58
CA SER J 182 16.29 46.16 21.14
C SER J 182 17.35 46.98 20.43
N CYS J 183 17.83 46.47 19.30
CA CYS J 183 18.81 47.15 18.49
C CYS J 183 18.58 46.80 17.03
N ALA J 184 19.09 47.65 16.14
CA ALA J 184 18.90 47.46 14.70
C ALA J 184 20.00 48.18 13.95
N ALA J 185 20.11 47.85 12.66
CA ALA J 185 21.08 48.46 11.74
C ALA J 185 20.68 48.04 10.34
N ASP J 186 21.42 48.54 9.35
CA ASP J 186 21.16 48.23 7.95
C ASP J 186 22.20 47.21 7.48
N VAL J 187 21.92 45.94 7.69
CA VAL J 187 22.82 44.85 7.35
C VAL J 187 22.01 43.91 6.44
N ALA J 188 22.25 43.99 5.14
CA ALA J 188 21.42 43.28 4.17
C ALA J 188 21.98 41.89 3.91
N ASP J 189 22.08 41.10 4.99
CA ASP J 189 22.58 39.74 4.88
C ASP J 189 21.56 38.82 4.21
N ASN J 190 20.27 39.08 4.43
CA ASN J 190 19.18 38.43 3.69
C ASN J 190 18.09 39.47 3.46
N ILE J 191 17.54 39.50 2.24
CA ILE J 191 16.53 40.48 1.87
C ILE J 191 15.50 39.82 0.97
N ARG J 192 14.28 40.35 0.99
CA ARG J 192 13.24 39.99 0.03
C ARG J 192 12.64 41.28 -0.49
N PRO J 193 12.99 41.71 -1.70
CA PRO J 193 12.42 42.94 -2.26
C PRO J 193 10.95 42.79 -2.53
N GLN J 194 10.27 43.93 -2.66
CA GLN J 194 8.83 43.92 -2.91
C GLN J 194 8.52 43.20 -4.22
N GLY J 195 7.58 42.27 -4.16
CA GLY J 195 7.22 41.48 -5.31
C GLY J 195 7.99 40.20 -5.48
N ASP J 196 9.10 40.03 -4.76
CA ASP J 196 9.83 38.77 -4.75
C ASP J 196 9.14 37.77 -3.83
N ARG J 197 9.05 36.51 -4.26
CA ARG J 197 8.48 35.48 -3.41
C ARG J 197 9.53 34.88 -2.48
N TYR J 198 10.73 34.71 -2.99
CA TYR J 198 11.76 33.93 -2.32
C TYR J 198 12.68 34.85 -1.53
N ILE J 199 13.05 34.41 -0.33
CA ILE J 199 14.04 35.12 0.47
C ILE J 199 15.41 34.86 -0.12
N ARG J 200 16.20 35.93 -0.27
CA ARG J 200 17.50 35.84 -0.93
C ARG J 200 18.60 36.24 0.03
N SER J 201 19.78 35.69 -0.20
CA SER J 201 20.94 35.98 0.62
C SER J 201 21.74 37.13 0.03
N GLY J 202 22.26 38.00 0.90
CA GLY J 202 23.12 39.07 0.45
C GLY J 202 24.55 38.66 0.21
N MET J 203 24.96 37.48 0.68
CA MET J 203 26.32 36.99 0.51
C MET J 203 26.33 35.49 0.76
N GLY J 204 27.46 34.87 0.47
CA GLY J 204 27.55 33.42 0.59
C GLY J 204 27.41 32.96 2.03
N LEU J 205 26.84 31.77 2.18
CA LEU J 205 26.65 31.19 3.50
C LEU J 205 28.00 30.83 4.13
N GLY J 206 28.11 31.00 5.43
CA GLY J 206 29.34 30.70 6.11
C GLY J 206 29.47 31.47 7.41
N SER J 207 30.59 31.22 8.09
CA SER J 207 30.82 31.85 9.38
C SER J 207 31.02 33.36 9.26
N ASP J 208 31.55 33.82 8.12
CA ASP J 208 31.72 35.26 7.93
C ASP J 208 30.36 35.96 7.87
N LYS J 209 29.40 35.38 7.16
CA LYS J 209 28.08 35.98 7.06
C LYS J 209 27.39 36.05 8.42
N ASN J 210 27.66 35.07 9.29
CA ASN J 210 27.01 35.06 10.61
C ASN J 210 27.56 36.17 11.51
N SER J 211 28.84 36.50 11.38
CA SER J 211 29.46 37.43 12.32
C SER J 211 28.92 38.84 12.15
N ILE J 212 28.57 39.24 10.93
CA ILE J 212 28.15 40.62 10.71
C ILE J 212 26.68 40.85 11.03
N GLY J 213 25.88 39.78 11.09
CA GLY J 213 24.46 39.93 11.33
C GLY J 213 23.95 39.11 12.49
N LEU J 214 23.92 37.79 12.34
CA LEU J 214 23.38 36.92 13.37
C LEU J 214 24.15 37.06 14.68
N GLU J 215 25.48 37.04 14.62
CA GLU J 215 26.27 37.09 15.84
C GLU J 215 26.35 38.49 16.42
N ASP J 216 26.49 39.51 15.57
CA ASP J 216 26.63 40.88 16.07
C ASP J 216 25.37 41.33 16.78
N GLN J 217 24.24 41.35 16.07
CA GLN J 217 23.00 41.89 16.63
C GLN J 217 22.55 41.10 17.85
N THR J 218 22.73 39.78 17.83
CA THR J 218 22.32 38.96 18.97
C THR J 218 23.17 39.27 20.19
N ARG J 219 24.49 39.38 20.00
CA ARG J 219 25.35 39.75 21.12
C ARG J 219 25.00 41.14 21.64
N ARG J 220 24.77 42.08 20.73
CA ARG J 220 24.48 43.46 21.13
C ARG J 220 23.22 43.54 21.98
N ALA J 221 22.16 42.85 21.57
CA ALA J 221 20.89 42.92 22.30
C ALA J 221 20.99 42.24 23.66
N ALA J 222 21.63 41.08 23.72
CA ALA J 222 21.76 40.36 24.97
C ALA J 222 22.60 41.14 25.97
N GLU J 223 23.79 41.59 25.53
CA GLU J 223 24.66 42.36 26.42
C GLU J 223 24.01 43.67 26.85
N GLY J 224 23.27 44.31 25.93
CA GLY J 224 22.57 45.52 26.29
C GLY J 224 21.50 45.29 27.34
N LEU J 225 20.79 44.15 27.25
CA LEU J 225 19.74 43.86 28.22
C LEU J 225 20.33 43.50 29.58
N MET J 226 21.34 42.60 29.59
CA MET J 226 21.94 42.20 30.85
C MET J 226 22.53 43.38 31.60
N ALA J 227 23.17 44.30 30.87
CA ALA J 227 23.72 45.49 31.51
C ALA J 227 22.61 46.34 32.12
N LYS J 228 21.44 46.37 31.47
CA LYS J 228 20.30 47.08 32.04
C LYS J 228 19.81 46.40 33.32
N LEU J 229 19.80 45.06 33.33
CA LEU J 229 19.34 44.29 34.47
C LEU J 229 20.45 43.96 35.46
N HIS J 230 21.70 44.29 35.13
CA HIS J 230 22.84 43.99 35.99
C HIS J 230 22.92 42.49 36.30
N THR J 231 22.82 41.69 35.24
CA THR J 231 22.91 40.24 35.35
C THR J 231 23.97 39.73 34.38
N SER J 232 24.43 38.51 34.63
CA SER J 232 25.42 37.85 33.78
C SER J 232 24.78 36.60 33.18
N PRO J 233 25.41 35.98 32.18
CA PRO J 233 24.84 34.74 31.62
C PRO J 233 24.58 33.66 32.64
N ALA J 234 25.36 33.63 33.73
CA ALA J 234 25.23 32.56 34.72
C ALA J 234 23.99 32.68 35.59
N ASP J 235 23.27 33.81 35.53
CA ASP J 235 22.10 33.98 36.38
C ASP J 235 20.84 33.36 35.80
N TYR J 236 20.83 33.04 34.51
CA TYR J 236 19.62 32.58 33.83
C TYR J 236 19.62 31.06 33.76
N ASP J 237 18.48 30.45 34.10
CA ASP J 237 18.33 29.00 33.99
C ASP J 237 18.19 28.58 32.54
N TYR J 238 17.47 29.36 31.75
CA TYR J 238 17.21 29.02 30.35
C TYR J 238 17.55 30.21 29.47
N VAL J 239 18.04 29.92 28.27
CA VAL J 239 18.29 30.93 27.25
C VAL J 239 17.64 30.47 25.95
N VAL J 240 17.08 31.42 25.19
CA VAL J 240 16.34 31.12 23.97
C VAL J 240 16.86 32.01 22.87
N PHE J 241 17.40 31.42 21.81
CA PHE J 241 17.90 32.14 20.66
C PHE J 241 17.03 31.88 19.44
N GLN J 242 17.32 32.60 18.36
CA GLN J 242 16.73 32.28 17.07
C GLN J 242 17.09 30.86 16.67
N GLN J 243 16.11 30.12 16.17
CA GLN J 243 16.29 28.71 15.87
C GLN J 243 15.87 28.42 14.43
N ASN J 244 16.56 29.05 13.49
CA ASN J 244 16.51 28.60 12.11
C ASN J 244 17.07 27.20 11.99
N LEU J 245 18.03 26.86 12.85
CA LEU J 245 18.67 25.55 12.88
C LEU J 245 18.87 25.15 14.33
N VAL J 246 19.04 23.84 14.55
CA VAL J 246 19.35 23.35 15.89
C VAL J 246 20.70 23.88 16.34
N SER J 247 21.61 24.11 15.39
CA SER J 247 22.96 24.52 15.75
C SER J 247 23.02 25.97 16.20
N THR J 248 22.13 26.82 15.69
CA THR J 248 22.25 28.25 15.93
C THR J 248 22.20 28.62 17.41
N PRO J 249 21.25 28.14 18.22
CA PRO J 249 21.27 28.53 19.65
C PRO J 249 22.52 28.05 20.38
N TYR J 250 23.01 26.86 20.06
CA TYR J 250 24.20 26.34 20.73
C TYR J 250 25.43 27.18 20.39
N SER J 251 25.62 27.49 19.10
CA SER J 251 26.77 28.29 18.69
C SER J 251 26.69 29.69 19.30
N LEU J 252 25.52 30.32 19.26
CA LEU J 252 25.36 31.61 19.90
C LEU J 252 25.62 31.52 21.40
N ALA J 253 25.16 30.44 22.03
CA ALA J 253 25.39 30.27 23.46
C ALA J 253 26.87 30.13 23.77
N LYS J 254 27.57 29.30 23.00
CA LYS J 254 29.01 29.16 23.18
C LYS J 254 29.71 30.50 23.01
N HIS J 255 29.26 31.29 22.03
CA HIS J 255 29.85 32.60 21.79
C HIS J 255 29.59 33.52 22.98
N LEU J 256 28.35 33.54 23.46
CA LEU J 256 27.98 34.48 24.51
C LEU J 256 28.27 33.96 25.91
N GLY J 257 28.74 32.73 26.05
CA GLY J 257 29.15 32.22 27.35
C GLY J 257 28.10 31.43 28.09
N PHE J 258 27.12 30.86 27.40
CA PHE J 258 26.10 30.03 28.01
C PHE J 258 26.46 28.56 27.85
N ASN J 259 26.42 27.82 28.95
CA ASN J 259 26.69 26.39 28.90
C ASN J 259 25.54 25.67 28.20
N PRO J 260 25.77 24.46 27.69
CA PRO J 260 24.74 23.80 26.88
C PRO J 260 23.44 23.54 27.62
N LYS J 261 23.50 23.25 28.93
CA LYS J 261 22.28 22.90 29.66
C LYS J 261 21.28 24.05 29.69
N GLN J 262 21.76 25.29 29.55
CA GLN J 262 20.83 26.41 29.49
C GLN J 262 20.12 26.48 28.14
N VAL J 263 20.64 25.82 27.12
CA VAL J 263 20.07 25.89 25.77
C VAL J 263 19.15 24.70 25.49
N GLU J 264 19.63 23.51 25.83
CA GLU J 264 18.97 22.28 25.41
C GLU J 264 17.46 22.24 25.67
N PRO J 265 16.92 22.74 26.79
CA PRO J 265 15.46 22.71 26.95
C PRO J 265 14.70 23.44 25.84
N GLY J 266 15.29 24.48 25.25
CA GLY J 266 14.57 25.24 24.25
C GLY J 266 14.59 24.70 22.85
N ILE J 267 15.39 23.66 22.59
CA ILE J 267 15.57 23.16 21.23
C ILE J 267 14.37 22.31 20.82
N TYR J 268 13.87 22.55 19.61
CA TYR J 268 12.73 21.83 19.07
C TYR J 268 12.82 21.58 17.57
N ALA J 269 13.65 22.31 16.83
CA ALA J 269 13.59 22.40 15.38
C ALA J 269 14.38 21.32 14.66
N GLY J 270 14.68 20.20 15.33
CA GLY J 270 15.36 19.12 14.65
C GLY J 270 14.54 18.52 13.52
N ASN J 271 13.22 18.54 13.64
CA ASN J 271 12.33 17.95 12.65
C ASN J 271 11.36 18.98 12.08
N VAL J 272 11.66 20.28 12.24
CA VAL J 272 10.78 21.35 11.78
C VAL J 272 11.47 22.22 10.74
N GLY J 273 12.73 22.56 10.95
CA GLY J 273 13.42 23.49 10.08
C GLY J 273 13.31 24.92 10.59
N ASP J 274 13.63 25.85 9.68
CA ASP J 274 13.56 27.27 10.00
C ASP J 274 12.10 27.69 10.08
N ALA J 275 11.64 27.99 11.28
CA ALA J 275 10.25 28.37 11.51
C ALA J 275 10.02 29.87 11.41
N GLY J 276 11.01 30.63 10.97
CA GLY J 276 10.80 32.05 10.75
C GLY J 276 10.57 32.81 12.05
N SER J 277 9.58 33.69 12.03
CA SER J 277 9.31 34.55 13.18
C SER J 277 8.89 33.76 14.41
N ALA J 278 8.47 32.52 14.24
CA ALA J 278 8.00 31.72 15.36
C ALA J 278 9.13 31.01 16.11
N SER J 279 10.34 30.99 15.55
CA SER J 279 11.42 30.23 16.17
C SER J 279 11.80 30.72 17.57
N PRO J 280 11.88 32.03 17.86
CA PRO J 280 12.13 32.41 19.25
C PRO J 280 10.94 32.13 20.16
N LEU J 281 9.72 32.28 19.65
CA LEU J 281 8.54 32.03 20.46
C LEU J 281 8.32 30.54 20.68
N LEU J 282 8.51 29.73 19.64
CA LEU J 282 8.37 28.29 19.79
C LEU J 282 9.44 27.73 20.73
N GLY J 283 10.61 28.36 20.77
CA GLY J 283 11.62 27.95 21.74
C GLY J 283 11.22 28.28 23.16
N LEU J 284 10.57 29.43 23.36
CA LEU J 284 10.11 29.80 24.71
C LEU J 284 9.01 28.87 25.19
N ILE J 285 8.08 28.49 24.29
CA ILE J 285 7.00 27.59 24.67
C ILE J 285 7.56 26.27 25.18
N ASN J 286 8.53 25.72 24.47
CA ASN J 286 9.13 24.46 24.89
C ASN J 286 9.86 24.61 26.22
N VAL J 287 10.38 25.80 26.52
CA VAL J 287 11.01 26.04 27.81
C VAL J 287 9.95 26.11 28.91
N LEU J 288 8.87 26.87 28.66
CA LEU J 288 7.83 27.04 29.66
C LEU J 288 7.10 25.74 29.96
N ASP J 289 7.20 24.74 29.07
CA ASP J 289 6.50 23.48 29.30
C ASP J 289 7.10 22.69 30.45
N GLN J 290 8.40 22.87 30.71
CA GLN J 290 9.07 22.15 31.77
C GLN J 290 9.59 23.07 32.88
N ALA J 291 9.41 24.37 32.76
CA ALA J 291 9.98 25.31 33.72
C ALA J 291 9.32 25.18 35.08
N ARG J 292 10.07 25.54 36.11
CA ARG J 292 9.60 25.60 37.49
C ARG J 292 9.41 27.04 37.90
N PRO J 293 8.58 27.30 38.91
CA PRO J 293 8.40 28.69 39.38
C PRO J 293 9.73 29.31 39.80
N GLY J 294 9.89 30.60 39.50
CA GLY J 294 11.05 31.35 39.90
C GLY J 294 12.22 31.30 38.92
N GLN J 295 12.22 30.37 37.98
CA GLN J 295 13.34 30.25 37.04
C GLN J 295 13.37 31.45 36.10
N LYS J 296 14.58 31.84 35.72
CA LYS J 296 14.82 33.00 34.85
C LYS J 296 15.07 32.54 33.42
N ILE J 297 14.45 33.22 32.47
CA ILE J 297 14.58 32.91 31.05
C ILE J 297 15.05 34.15 30.33
N LEU J 298 16.01 33.97 29.42
CA LEU J 298 16.53 35.04 28.59
C LEU J 298 16.31 34.67 27.13
N LEU J 299 15.53 35.48 26.43
CA LEU J 299 15.18 35.23 25.03
C LEU J 299 15.76 36.33 24.17
N VAL J 300 16.55 35.95 23.17
CA VAL J 300 17.15 36.90 22.22
C VAL J 300 16.91 36.37 20.82
N SER J 301 16.16 37.13 20.02
CA SER J 301 15.78 36.74 18.67
C SER J 301 16.51 37.59 17.65
N TYR J 302 16.69 37.04 16.44
CA TYR J 302 17.39 37.72 15.35
C TYR J 302 16.52 37.73 14.10
N GLY J 303 16.27 38.92 13.57
CA GLY J 303 15.66 39.08 12.26
C GLY J 303 16.62 39.74 11.31
N PHE J 304 16.87 39.12 10.16
CA PHE J 304 17.86 39.63 9.23
C PHE J 304 17.47 41.02 8.76
N GLY J 305 18.47 41.80 8.37
CA GLY J 305 18.20 43.05 7.70
C GLY J 305 18.49 44.40 8.38
N ALA J 306 18.96 44.45 9.63
CA ALA J 306 19.11 43.39 10.63
C ALA J 306 18.72 43.96 11.98
N GLY J 307 18.33 43.08 12.92
CA GLY J 307 17.93 43.54 14.24
C GLY J 307 17.79 42.38 15.19
N SER J 308 17.73 42.71 16.48
CA SER J 308 17.62 41.70 17.52
C SER J 308 16.79 42.24 18.67
N ASP J 309 15.91 41.38 19.19
CA ASP J 309 15.06 41.69 20.33
C ASP J 309 15.45 40.79 21.48
N ALA J 310 15.69 41.39 22.64
CA ALA J 310 16.07 40.65 23.85
C ALA J 310 14.98 40.86 24.91
N ILE J 311 14.52 39.76 25.50
CA ILE J 311 13.47 39.79 26.52
C ILE J 311 13.86 38.83 27.64
N ALA J 312 13.72 39.29 28.88
CA ALA J 312 14.03 38.47 30.06
C ALA J 312 12.76 38.18 30.84
N LEU J 313 12.59 36.93 31.26
CA LEU J 313 11.36 36.48 31.90
C LEU J 313 11.66 35.79 33.22
N THR J 314 10.69 35.85 34.13
CA THR J 314 10.70 35.09 35.37
C THR J 314 9.44 34.23 35.41
N VAL J 315 9.62 32.97 35.78
CA VAL J 315 8.51 32.02 35.85
C VAL J 315 7.78 32.20 37.18
N THR J 316 6.46 32.42 37.11
CA THR J 316 5.68 32.61 38.32
C THR J 316 5.27 31.26 38.90
N ASP J 317 4.63 31.32 40.07
CA ASP J 317 4.14 30.10 40.71
C ASP J 317 2.93 29.51 40.00
N ALA J 318 2.27 30.29 39.15
CA ALA J 318 1.08 29.82 38.45
C ALA J 318 1.38 28.80 37.37
N ILE J 319 2.64 28.62 36.99
CA ILE J 319 2.99 27.65 35.95
C ILE J 319 2.60 26.24 36.37
N GLU J 320 2.78 25.90 37.66
CA GLU J 320 2.43 24.57 38.12
C GLU J 320 0.98 24.24 37.80
N GLN J 321 0.06 25.17 38.10
CA GLN J 321 -1.35 24.94 37.77
C GLN J 321 -1.56 24.90 36.27
N TYR J 322 -0.82 25.71 35.51
CA TYR J 322 -0.99 25.76 34.07
C TYR J 322 -0.62 24.44 33.42
N GLN J 323 0.50 23.85 33.82
CA GLN J 323 0.99 22.61 33.23
C GLN J 323 0.15 21.40 33.61
N LYS J 324 -0.73 21.52 34.61
CA LYS J 324 -1.52 20.38 35.06
C LYS J 324 -2.37 19.82 33.92
N HIS J 325 -2.99 20.70 33.14
CA HIS J 325 -3.80 20.31 31.98
C HIS J 325 -3.30 21.11 30.79
N ASN J 326 -2.29 20.58 30.11
CA ASN J 326 -1.71 21.25 28.95
C ASN J 326 -1.02 20.22 28.07
N LYS J 327 -1.21 20.33 26.76
CA LYS J 327 -0.48 19.50 25.82
C LYS J 327 0.86 20.15 25.52
N PRO J 328 1.99 19.53 25.86
CA PRO J 328 3.29 20.15 25.61
C PRO J 328 3.58 20.23 24.12
N LEU J 329 4.44 21.20 23.77
CA LEU J 329 4.86 21.36 22.39
C LEU J 329 5.44 20.07 21.83
N ARG J 330 6.28 19.40 22.62
CA ARG J 330 6.98 18.20 22.15
C ARG J 330 6.00 17.11 21.73
N GLU J 331 4.91 16.92 22.49
CA GLU J 331 3.92 15.92 22.13
C GLU J 331 3.24 16.28 20.82
N LEU J 332 2.97 17.57 20.61
CA LEU J 332 2.37 18.00 19.34
C LEU J 332 3.31 17.75 18.18
N LEU J 333 4.62 17.95 18.39
CA LEU J 333 5.60 17.75 17.34
C LEU J 333 5.78 16.27 16.96
N GLU J 334 5.14 15.35 17.68
CA GLU J 334 5.25 13.94 17.34
C GLU J 334 4.35 13.57 16.17
N SER J 335 3.26 14.32 15.97
CA SER J 335 2.34 14.04 14.88
C SER J 335 2.93 14.56 13.59
N LYS J 336 3.23 13.67 12.65
CA LYS J 336 3.80 14.09 11.38
C LYS J 336 3.42 13.10 10.28
N ILE J 337 3.34 13.61 9.06
CA ILE J 337 3.04 12.84 7.86
C ILE J 337 4.18 13.05 6.87
N TYR J 338 4.73 11.95 6.36
CA TYR J 338 5.92 12.04 5.51
C TYR J 338 5.53 12.09 4.05
N VAL J 339 6.24 12.94 3.29
CA VAL J 339 6.04 13.08 1.85
C VAL J 339 7.39 13.05 1.17
N ASP J 340 7.38 12.72 -0.12
CA ASP J 340 8.59 12.77 -0.93
C ASP J 340 8.78 14.18 -1.48
N TYR J 341 9.88 14.37 -2.22
CA TYR J 341 10.19 15.71 -2.73
C TYR J 341 9.19 16.15 -3.79
N GLY J 342 8.75 15.22 -4.63
CA GLY J 342 7.79 15.58 -5.68
C GLY J 342 6.49 16.10 -5.10
N THR J 343 5.98 15.44 -4.07
CA THR J 343 4.74 15.91 -3.45
C THR J 343 4.96 17.20 -2.69
N SER J 344 6.08 17.31 -1.98
CA SER J 344 6.36 18.52 -1.21
C SER J 344 6.42 19.74 -2.11
N ILE J 345 7.14 19.63 -3.23
CA ILE J 345 7.16 20.71 -4.21
C ILE J 345 5.76 20.96 -4.75
N LYS J 346 4.98 19.90 -4.96
CA LYS J 346 3.61 20.04 -5.43
C LYS J 346 2.72 20.69 -4.37
N TYR J 347 2.86 20.28 -3.11
CA TYR J 347 2.02 20.84 -2.05
C TYR J 347 2.27 22.34 -1.86
N GLU J 348 3.52 22.76 -1.99
CA GLU J 348 3.89 24.14 -1.71
C GLU J 348 3.86 25.03 -2.94
N PHE J 349 3.33 24.54 -4.07
CA PHE J 349 3.24 25.31 -5.31
C PHE J 349 4.61 25.83 -5.74
N LYS J 350 5.54 24.90 -5.90
CA LYS J 350 6.88 25.23 -6.40
C LYS J 350 7.12 24.75 -7.83
N TYR J 351 6.14 24.10 -8.46
CA TYR J 351 6.24 23.77 -9.87
C TYR J 351 5.87 24.98 -10.73
N LEU J 352 6.59 25.16 -11.84
CA LEU J 352 6.30 26.22 -12.79
C LEU J 352 5.09 25.80 -13.62
N ARG J 353 3.91 26.22 -13.22
CA ARG J 353 2.68 25.83 -13.89
C ARG J 353 2.15 26.98 -14.74
N ALA J 354 1.08 26.67 -15.49
CA ALA J 354 0.47 27.67 -16.33
C ALA J 354 -0.11 28.79 -15.49
N ASP J 355 0.10 30.02 -15.95
CA ASP J 355 -0.47 31.19 -15.28
C ASP J 355 -1.99 31.07 -15.21
N TYR J 356 -2.62 30.67 -16.30
CA TYR J 356 -4.07 30.53 -16.39
C TYR J 356 -4.37 29.05 -16.58
N ALA J 357 -5.03 28.44 -15.59
CA ALA J 357 -5.28 27.01 -15.60
C ALA J 357 -6.72 26.75 -16.05
N LEU J 358 -6.87 26.00 -17.13
CA LEU J 358 -8.20 25.70 -17.65
C LEU J 358 -8.97 24.77 -16.72
N THR J 359 -8.35 23.65 -16.34
CA THR J 359 -8.92 22.78 -15.31
C THR J 359 -7.87 22.52 -14.24
N ALA J 360 -8.18 21.60 -13.31
CA ALA J 360 -7.22 21.24 -12.27
C ALA J 360 -5.97 20.60 -12.87
N TYR J 361 -6.15 19.71 -13.84
CA TYR J 361 -5.02 18.98 -14.45
C TYR J 361 -4.83 19.34 -15.91
N LEU J 362 -5.36 20.47 -16.36
CA LEU J 362 -5.12 20.94 -17.72
C LEU J 362 -4.79 22.44 -17.71
N SER K 2 11.12 42.44 -12.78
CA SER K 2 9.92 41.80 -13.28
C SER K 2 8.71 42.73 -13.18
N MET K 3 8.08 42.77 -12.00
CA MET K 3 6.94 43.64 -11.79
C MET K 3 7.32 45.11 -11.85
N TYR K 4 8.54 45.44 -11.45
CA TYR K 4 9.01 46.83 -11.49
C TYR K 4 10.15 46.95 -12.48
N PRO K 5 9.95 47.61 -13.64
CA PRO K 5 10.97 47.68 -14.69
C PRO K 5 12.12 48.64 -14.38
N GLU K 6 12.73 48.47 -13.21
CA GLU K 6 13.88 49.29 -12.82
C GLU K 6 15.15 48.60 -13.26
N GLN K 7 16.00 49.34 -13.99
CA GLN K 7 17.28 48.79 -14.42
C GLN K 7 18.09 48.37 -13.20
N ILE K 8 18.74 47.21 -13.30
CA ILE K 8 19.61 46.69 -12.26
C ILE K 8 21.05 46.79 -12.74
N HIS K 9 21.95 47.14 -11.84
CA HIS K 9 23.34 47.37 -12.23
C HIS K 9 23.98 46.10 -12.75
N ARG K 10 24.71 46.24 -13.86
CA ARG K 10 25.48 45.15 -14.45
C ARG K 10 26.65 45.79 -15.16
N MET K 11 27.87 45.39 -14.79
CA MET K 11 29.04 46.03 -15.38
C MET K 11 29.29 45.55 -16.82
N THR K 12 29.15 44.25 -17.06
CA THR K 12 29.53 43.66 -18.34
C THR K 12 28.30 43.08 -19.03
N THR K 13 28.00 43.60 -20.22
CA THR K 13 27.03 43.01 -21.13
C THR K 13 27.76 42.62 -22.40
N ALA K 14 27.66 41.35 -22.77
CA ALA K 14 28.41 40.86 -23.91
C ALA K 14 27.79 41.34 -25.21
N SER K 15 28.65 41.71 -26.15
CA SER K 15 28.22 42.01 -27.51
C SER K 15 28.13 40.73 -28.32
N MET K 16 27.24 40.75 -29.33
CA MET K 16 27.09 39.57 -30.17
C MET K 16 28.34 39.26 -30.98
N LEU K 17 29.27 40.22 -31.07
CA LEU K 17 30.44 40.03 -31.93
C LEU K 17 31.39 38.98 -31.36
N ARG K 18 31.39 38.78 -30.05
CA ARG K 18 32.29 37.78 -29.46
C ARG K 18 32.07 36.41 -30.05
N GLU K 19 30.83 35.90 -29.96
CA GLU K 19 30.54 34.54 -30.39
C GLU K 19 30.44 34.43 -31.90
N TRP K 20 30.11 35.53 -32.59
CA TRP K 20 29.97 35.49 -34.03
C TRP K 20 31.30 35.12 -34.70
N ARG K 21 32.41 35.70 -34.23
CA ARG K 21 33.71 35.35 -34.77
C ARG K 21 34.14 33.95 -34.38
N GLU K 22 33.62 33.42 -33.28
CA GLU K 22 34.04 32.12 -32.75
C GLU K 22 33.06 31.01 -33.11
N HIS K 23 32.22 31.20 -34.13
CA HIS K 23 31.31 30.15 -34.55
C HIS K 23 32.07 28.95 -35.08
N GLY K 24 33.04 29.18 -35.97
CA GLY K 24 33.83 28.07 -36.49
C GLY K 24 34.52 27.28 -35.39
N GLY K 25 35.13 27.98 -34.44
CA GLY K 25 35.85 27.29 -33.38
C GLY K 25 34.94 26.48 -32.47
N LYS K 26 33.82 27.07 -32.06
CA LYS K 26 32.94 26.43 -31.09
C LYS K 26 31.87 25.56 -31.72
N TYR K 27 31.32 25.93 -32.88
CA TYR K 27 30.35 25.07 -33.54
C TYR K 27 31.02 23.93 -34.28
N ARG K 28 32.01 24.25 -35.11
CA ARG K 28 32.59 23.30 -36.05
C ARG K 28 33.95 22.75 -35.63
N LEU K 29 34.43 23.11 -34.44
CA LEU K 29 35.72 22.64 -33.93
C LEU K 29 36.85 23.02 -34.88
N GLU K 30 36.83 24.27 -35.33
CA GLU K 30 37.81 24.78 -36.29
C GLU K 30 39.00 25.37 -35.55
N GLY K 31 40.18 24.80 -35.77
CA GLY K 31 41.43 25.38 -35.35
C GLY K 31 42.12 26.11 -36.49
N SER K 32 43.44 26.23 -36.37
CA SER K 32 44.26 26.81 -37.41
C SER K 32 45.44 25.89 -37.71
N GLN K 33 45.81 25.83 -38.98
CA GLN K 33 47.04 25.16 -39.38
C GLN K 33 47.84 26.09 -40.28
N CYS K 34 49.16 25.96 -40.21
CA CYS K 34 50.06 26.85 -40.93
C CYS K 34 50.35 26.29 -42.32
N GLU K 35 50.41 27.17 -43.31
CA GLU K 35 50.61 26.74 -44.69
C GLU K 35 52.05 26.33 -44.98
N GLU K 36 53.01 27.04 -44.38
CA GLU K 36 54.41 26.85 -44.75
C GLU K 36 55.05 25.66 -44.04
N CYS K 37 54.71 25.45 -42.77
CA CYS K 37 55.32 24.38 -41.99
C CYS K 37 54.35 23.26 -41.62
N ASN K 38 53.07 23.39 -41.96
CA ASN K 38 52.06 22.33 -41.77
C ASN K 38 51.90 21.97 -40.30
N GLU K 39 52.06 22.93 -39.41
CA GLU K 39 51.74 22.72 -38.00
C GLU K 39 50.29 23.14 -37.73
N ILE K 40 49.64 22.40 -36.84
CA ILE K 40 48.23 22.64 -36.51
C ILE K 40 48.13 23.10 -35.07
N PHE K 41 47.15 23.97 -34.81
CA PHE K 41 46.93 24.54 -33.49
C PHE K 41 45.43 24.67 -33.22
N PHE K 42 45.08 24.65 -31.94
CA PHE K 42 43.73 24.94 -31.50
C PHE K 42 43.85 25.55 -30.11
N PRO K 43 43.08 26.60 -29.79
CA PRO K 43 42.13 27.30 -30.68
C PRO K 43 42.80 28.10 -31.78
N ARG K 44 42.00 28.73 -32.64
CA ARG K 44 42.52 29.45 -33.79
C ARG K 44 43.52 30.53 -33.37
N ARG K 45 44.52 30.74 -34.21
CA ARG K 45 45.54 31.75 -33.96
C ARG K 45 45.97 32.37 -35.27
N THR K 46 46.56 33.56 -35.19
CA THR K 46 46.91 34.34 -36.37
C THR K 46 48.32 34.06 -36.86
N VAL K 47 49.28 33.94 -35.97
CA VAL K 47 50.68 33.71 -36.34
C VAL K 47 51.05 32.29 -35.95
N CYS K 48 51.78 31.62 -36.84
CA CYS K 48 52.26 30.27 -36.54
C CYS K 48 53.35 30.34 -35.48
N GLY K 49 53.41 29.31 -34.64
CA GLY K 49 54.35 29.29 -33.53
C GLY K 49 55.74 28.85 -33.93
N ALA K 50 55.83 27.79 -34.72
CA ALA K 50 57.12 27.17 -35.03
C ALA K 50 57.97 28.07 -35.92
N CYS K 51 57.40 28.54 -37.03
CA CYS K 51 58.15 29.33 -38.00
C CYS K 51 57.81 30.82 -37.96
N ASN K 52 56.80 31.21 -37.19
CA ASN K 52 56.41 32.61 -37.04
C ASN K 52 55.99 33.23 -38.36
N SER K 53 55.25 32.47 -39.17
CA SER K 53 54.74 32.92 -40.45
C SER K 53 53.31 33.41 -40.31
N LEU K 54 52.98 34.48 -41.03
CA LEU K 54 51.62 35.00 -41.03
C LEU K 54 50.69 34.17 -41.91
N SER K 55 51.23 33.27 -42.71
CA SER K 55 50.43 32.43 -43.59
C SER K 55 49.76 31.35 -42.75
N VAL K 56 48.51 31.58 -42.36
CA VAL K 56 47.76 30.64 -41.54
C VAL K 56 46.32 30.59 -42.06
N LYS K 57 45.81 29.38 -42.21
CA LYS K 57 44.45 29.13 -42.70
C LYS K 57 43.69 28.30 -41.67
N PRO K 58 42.35 28.35 -41.70
CA PRO K 58 41.58 27.53 -40.77
C PRO K 58 41.84 26.05 -40.97
N TYR K 59 41.69 25.28 -39.89
CA TYR K 59 41.94 23.85 -39.93
C TYR K 59 40.82 23.12 -39.20
N ARG K 60 40.29 22.07 -39.82
CA ARG K 60 39.18 21.30 -39.25
C ARG K 60 39.76 20.20 -38.38
N CYS K 61 39.68 20.39 -37.06
CA CYS K 61 40.20 19.39 -36.15
C CYS K 61 39.39 18.10 -36.25
N ALA K 62 40.00 16.99 -35.87
CA ALA K 62 39.29 15.72 -35.81
C ALA K 62 38.23 15.76 -34.72
N ARG K 63 37.03 15.27 -35.04
CA ARG K 63 35.93 15.28 -34.10
C ARG K 63 35.84 14.03 -33.24
N SER K 64 36.70 13.04 -33.47
CA SER K 64 36.81 11.87 -32.64
C SER K 64 38.14 11.88 -31.88
N GLY K 65 38.24 11.03 -30.87
CA GLY K 65 39.47 10.94 -30.10
C GLY K 65 39.26 10.09 -28.86
N LYS K 66 40.35 9.97 -28.11
CA LYS K 66 40.37 9.22 -26.86
C LYS K 66 40.50 10.17 -25.67
N ILE K 67 40.17 9.65 -24.50
CA ILE K 67 40.24 10.42 -23.26
C ILE K 67 41.65 10.30 -22.70
N GLU K 68 42.38 11.41 -22.68
CA GLU K 68 43.74 11.39 -22.15
C GLU K 68 43.73 11.36 -20.62
N VAL K 69 42.89 12.19 -20.01
CA VAL K 69 42.76 12.23 -18.56
C VAL K 69 41.42 12.86 -18.23
N MET K 70 40.81 12.40 -17.13
CA MET K 70 39.51 12.88 -16.72
C MET K 70 39.46 13.04 -15.21
N ALA K 71 38.61 13.96 -14.76
CA ALA K 71 38.42 14.23 -13.34
C ALA K 71 36.99 14.68 -13.08
N PRO K 72 36.24 13.98 -12.22
CA PRO K 72 34.87 14.40 -11.91
C PRO K 72 34.83 15.71 -11.15
N ALA K 73 33.74 16.46 -11.35
CA ALA K 73 33.53 17.75 -10.71
C ALA K 73 32.26 17.64 -9.87
N GLU K 74 32.42 17.33 -8.59
CA GLU K 74 31.30 17.12 -7.68
C GLU K 74 31.14 18.24 -6.66
N ASN K 75 32.06 19.20 -6.61
CA ASN K 75 32.08 20.16 -5.52
C ASN K 75 31.01 21.23 -5.76
N PRO K 76 30.04 21.40 -4.86
CA PRO K 76 29.01 22.42 -5.09
C PRO K 76 29.49 23.84 -4.89
N ILE K 77 30.52 24.05 -4.06
CA ILE K 77 31.07 25.40 -3.90
C ILE K 77 31.66 25.89 -5.20
N LEU K 78 32.16 24.97 -6.03
CA LEU K 78 32.80 25.31 -7.30
C LEU K 78 31.83 25.24 -8.48
N ALA K 79 30.52 25.13 -8.21
CA ALA K 79 29.55 25.08 -9.29
C ALA K 79 29.35 26.47 -9.88
N ALA K 80 29.41 26.56 -11.20
CA ALA K 80 29.23 27.81 -11.91
C ALA K 80 27.79 27.96 -12.37
N MET K 81 27.33 29.21 -12.49
CA MET K 81 25.96 29.47 -12.89
C MET K 81 25.69 28.94 -14.29
N GLY K 82 24.54 28.30 -14.46
CA GLY K 82 24.20 27.65 -15.70
C GLY K 82 24.59 26.20 -15.78
N TYR K 83 25.51 25.76 -14.91
CA TYR K 83 25.96 24.37 -14.90
C TYR K 83 25.69 23.68 -13.58
N GLY K 84 24.94 24.32 -12.67
CA GLY K 84 24.64 23.68 -11.40
C GLY K 84 23.57 22.61 -11.46
N GLU K 85 22.94 22.42 -12.61
CA GLU K 85 21.84 21.47 -12.72
C GLU K 85 22.33 20.03 -12.87
N THR K 86 23.48 19.82 -13.49
CA THR K 86 24.03 18.48 -13.70
C THR K 86 25.17 18.25 -12.71
N VAL K 87 25.00 17.24 -11.85
CA VAL K 87 26.02 16.86 -10.87
C VAL K 87 26.18 15.35 -10.92
N PRO K 88 27.40 14.83 -11.12
CA PRO K 88 28.62 15.60 -11.33
C PRO K 88 28.98 15.80 -12.80
N ARG K 89 29.63 16.93 -13.11
CA ARG K 89 30.18 17.13 -14.43
C ARG K 89 31.49 16.37 -14.56
N ILE K 90 31.66 15.67 -15.69
CA ILE K 90 32.84 14.83 -15.92
C ILE K 90 33.79 15.64 -16.78
N MET K 91 34.78 16.28 -16.15
CA MET K 91 35.79 17.03 -16.89
C MET K 91 36.85 16.09 -17.44
N ALA K 92 37.37 16.43 -18.61
CA ALA K 92 38.35 15.56 -19.25
C ALA K 92 39.16 16.34 -20.28
N MET K 93 40.35 15.81 -20.56
CA MET K 93 41.19 16.26 -21.67
C MET K 93 41.13 15.20 -22.75
N VAL K 94 40.72 15.60 -23.96
CA VAL K 94 40.47 14.67 -25.06
C VAL K 94 41.58 14.83 -26.08
N ARG K 95 42.30 13.73 -26.34
CA ARG K 95 43.32 13.69 -27.38
C ARG K 95 42.64 13.34 -28.70
N LEU K 96 42.53 14.32 -29.60
CA LEU K 96 41.89 14.11 -30.88
C LEU K 96 42.73 13.16 -31.75
N ASP K 97 42.12 12.69 -32.84
CA ASP K 97 42.80 11.74 -33.72
C ASP K 97 43.99 12.35 -34.45
N ASP K 98 44.05 13.68 -34.57
CA ASP K 98 45.19 14.32 -35.19
C ASP K 98 46.30 14.67 -34.19
N GLY K 99 46.10 14.40 -32.91
CA GLY K 99 47.10 14.64 -31.89
C GLY K 99 46.80 15.82 -30.99
N LEU K 100 45.94 16.73 -31.41
CA LEU K 100 45.60 17.87 -30.57
C LEU K 100 44.81 17.40 -29.33
N VAL K 101 44.84 18.23 -28.29
CA VAL K 101 44.16 17.94 -27.04
C VAL K 101 43.17 19.06 -26.76
N ILE K 102 41.94 18.69 -26.41
CA ILE K 102 40.87 19.64 -26.14
C ILE K 102 40.45 19.49 -24.69
N ALA K 103 40.08 20.59 -24.06
CA ALA K 103 39.54 20.60 -22.71
C ALA K 103 38.02 20.76 -22.81
N SER K 104 37.29 19.73 -22.42
CA SER K 104 35.83 19.76 -22.46
C SER K 104 35.31 18.80 -21.40
N GLU K 105 34.08 18.32 -21.57
CA GLU K 105 33.46 17.42 -20.61
C GLU K 105 32.74 16.30 -21.34
N ILE K 106 32.49 15.21 -20.61
CA ILE K 106 31.81 14.03 -21.12
C ILE K 106 30.38 14.05 -20.65
N VAL K 107 29.44 13.77 -21.57
CA VAL K 107 28.02 13.71 -21.28
C VAL K 107 27.44 12.44 -21.89
N ASP K 108 26.21 12.13 -21.51
CA ASP K 108 25.47 10.96 -22.01
C ASP K 108 26.26 9.67 -21.78
N VAL K 109 26.59 9.42 -20.53
CA VAL K 109 27.27 8.19 -20.15
C VAL K 109 26.23 7.09 -19.98
N CYS K 110 25.94 6.36 -21.06
CA CYS K 110 24.94 5.29 -20.98
C CYS K 110 25.41 4.16 -20.06
N ASP K 111 26.70 3.83 -20.13
CA ASP K 111 27.28 2.76 -19.33
C ASP K 111 28.46 3.32 -18.56
N GLN K 112 28.39 3.28 -17.24
CA GLN K 112 29.46 3.83 -16.42
C GLN K 112 30.73 3.00 -16.49
N GLN K 113 30.61 1.72 -16.82
CA GLN K 113 31.78 0.87 -16.93
C GLN K 113 32.69 1.29 -18.07
N GLN K 114 32.10 1.82 -19.15
CA GLN K 114 32.86 2.19 -20.33
C GLN K 114 33.62 3.50 -20.17
N LEU K 115 33.32 4.28 -19.13
CA LEU K 115 33.99 5.57 -18.90
C LEU K 115 35.31 5.30 -18.20
N LYS K 116 36.38 5.21 -18.98
CA LYS K 116 37.73 5.00 -18.47
C LYS K 116 38.69 5.81 -19.33
N VAL K 117 39.95 5.82 -18.93
CA VAL K 117 40.96 6.57 -19.68
C VAL K 117 41.22 5.86 -21.01
N GLY K 118 41.28 6.65 -22.08
CA GLY K 118 41.54 6.11 -23.39
C GLY K 118 40.32 5.63 -24.16
N ALA K 119 39.14 5.71 -23.56
CA ALA K 119 37.93 5.32 -24.26
C ALA K 119 37.65 6.29 -25.41
N PRO K 120 37.27 5.78 -26.58
CA PRO K 120 37.03 6.67 -27.72
C PRO K 120 35.79 7.51 -27.51
N VAL K 121 35.88 8.78 -27.91
CA VAL K 121 34.77 9.72 -27.81
C VAL K 121 34.65 10.48 -29.12
N ARG K 122 33.48 11.08 -29.33
CA ARG K 122 33.25 11.92 -30.49
C ARG K 122 32.59 13.23 -30.04
N MET K 123 32.79 14.27 -30.85
CA MET K 123 32.29 15.59 -30.51
C MET K 123 30.80 15.71 -30.79
N VAL K 124 30.10 16.43 -29.92
CA VAL K 124 28.68 16.72 -30.07
C VAL K 124 28.45 18.21 -29.80
N ILE K 125 27.36 18.73 -30.33
CA ILE K 125 26.96 20.11 -30.10
C ILE K 125 25.94 20.13 -28.97
N ARG K 126 26.17 21.00 -27.99
CA ARG K 126 25.32 21.10 -26.81
C ARG K 126 25.12 22.57 -26.46
N LYS K 127 24.16 22.82 -25.58
CA LYS K 127 23.91 24.16 -25.06
C LYS K 127 24.82 24.42 -23.87
N HIS K 128 25.33 25.64 -23.78
CA HIS K 128 26.14 26.08 -22.66
C HIS K 128 25.43 27.23 -21.95
N VAL K 129 26.17 27.91 -21.07
CA VAL K 129 25.58 28.98 -20.27
C VAL K 129 25.06 30.07 -21.20
N ARG K 130 23.90 30.62 -20.85
CA ARG K 130 23.27 31.64 -21.68
C ARG K 130 24.13 32.89 -21.76
N GLU K 131 24.15 33.52 -22.93
CA GLU K 131 24.98 34.69 -23.15
C GLU K 131 24.46 35.90 -22.38
N SER K 132 25.38 36.85 -22.13
CA SER K 132 25.01 38.07 -21.43
C SER K 132 24.04 38.93 -22.21
N ASN K 133 23.86 38.66 -23.51
CA ASN K 133 22.93 39.37 -24.36
C ASN K 133 21.70 38.53 -24.70
N LEU K 134 21.32 37.63 -23.78
CA LEU K 134 20.10 36.84 -23.87
C LEU K 134 20.14 35.75 -24.93
N ALA K 135 21.16 35.72 -25.77
CA ALA K 135 21.22 34.70 -26.82
C ALA K 135 21.66 33.36 -26.23
N TRP K 136 21.05 32.27 -26.70
CA TRP K 136 21.52 30.95 -26.30
C TRP K 136 22.93 30.72 -26.83
N GLN K 137 23.74 30.02 -26.05
CA GLN K 137 25.11 29.71 -26.43
C GLN K 137 25.25 28.22 -26.68
N TYR K 138 25.78 27.87 -27.85
CA TYR K 138 26.03 26.48 -28.21
C TYR K 138 27.53 26.30 -28.48
N ALA K 139 28.06 25.16 -28.05
CA ALA K 139 29.47 24.84 -28.26
C ALA K 139 29.63 23.32 -28.15
N TYR K 140 30.87 22.86 -28.14
CA TYR K 140 31.15 21.44 -28.23
C TYR K 140 31.19 20.78 -26.85
N LYS K 141 30.81 19.51 -26.83
CA LYS K 141 31.05 18.61 -25.72
C LYS K 141 31.39 17.25 -26.32
N PHE K 142 31.64 16.26 -25.46
CA PHE K 142 32.04 14.96 -25.94
C PHE K 142 31.24 13.85 -25.27
N VAL K 143 30.89 12.83 -26.06
CA VAL K 143 30.18 11.66 -25.58
C VAL K 143 30.97 10.43 -25.98
N LEU K 144 30.74 9.33 -25.25
CA LEU K 144 31.42 8.08 -25.56
C LEU K 144 30.94 7.52 -26.89
N ASP K 145 31.88 6.98 -27.66
CA ASP K 145 31.58 6.39 -28.97
C ASP K 145 31.38 4.89 -28.76
N ILE K 146 30.13 4.46 -28.79
CA ILE K 146 29.79 3.06 -28.51
C ILE K 146 29.06 2.45 -29.70
N ALA L 3 72.64 49.26 -14.11
CA ALA L 3 72.70 47.88 -13.62
C ALA L 3 73.35 47.82 -12.23
N ARG L 4 72.53 47.98 -11.19
CA ARG L 4 72.99 47.91 -9.81
C ARG L 4 72.17 46.87 -9.05
N ARG L 5 72.60 46.56 -7.84
CA ARG L 5 71.94 45.55 -7.03
C ARG L 5 70.76 46.15 -6.27
N VAL L 6 69.76 45.31 -6.01
CA VAL L 6 68.55 45.71 -5.31
C VAL L 6 68.41 44.82 -4.08
N ALA L 7 68.00 45.41 -2.95
CA ALA L 7 67.89 44.69 -1.70
C ALA L 7 66.49 44.85 -1.12
N ILE L 8 66.01 43.78 -0.47
CA ILE L 8 64.74 43.82 0.25
C ILE L 8 65.04 44.22 1.69
N VAL L 9 64.53 45.37 2.10
CA VAL L 9 64.78 45.83 3.47
C VAL L 9 63.70 45.37 4.44
N SER L 10 62.47 45.15 3.97
CA SER L 10 61.41 44.69 4.84
C SER L 10 60.27 44.10 4.01
N ALA L 11 59.57 43.13 4.60
CA ALA L 11 58.42 42.50 3.96
C ALA L 11 57.44 42.08 5.03
N ALA L 12 56.18 42.44 4.84
CA ALA L 12 55.13 42.13 5.81
C ALA L 12 53.82 41.96 5.07
N TYR L 13 52.92 41.17 5.67
CA TYR L 13 51.59 40.97 5.10
C TYR L 13 50.58 40.84 6.23
N THR L 14 49.32 41.09 5.89
CA THR L 14 48.24 40.97 6.87
C THR L 14 48.16 39.53 7.36
N PRO L 15 48.03 39.30 8.66
CA PRO L 15 48.09 37.93 9.18
C PRO L 15 46.87 37.11 8.78
N LYS L 16 47.02 35.79 8.91
CA LYS L 16 46.00 34.80 8.57
C LYS L 16 45.41 35.08 7.20
N PRO L 17 46.18 34.88 6.12
CA PRO L 17 45.65 35.16 4.77
C PRO L 17 44.53 34.23 4.35
N GLY L 18 44.36 33.08 5.01
CA GLY L 18 43.26 32.19 4.74
C GLY L 18 41.97 32.52 5.43
N SER L 19 41.96 33.55 6.27
CA SER L 19 40.75 34.03 6.92
C SER L 19 40.35 35.38 6.31
N SER L 20 39.06 35.53 6.03
CA SER L 20 38.57 36.72 5.34
C SER L 20 38.48 37.90 6.29
N ARG L 21 38.65 39.10 5.73
CA ARG L 21 38.58 40.34 6.48
C ARG L 21 37.38 41.15 5.99
N VAL L 22 36.19 40.67 6.36
CA VAL L 22 34.94 41.25 5.86
C VAL L 22 34.69 42.64 6.42
N ARG L 23 35.35 43.03 7.50
CA ARG L 23 35.09 44.32 8.10
C ARG L 23 35.89 45.44 7.44
N GLN L 24 37.07 45.13 6.93
CA GLN L 24 37.93 46.12 6.27
C GLN L 24 37.58 46.20 4.79
N THR L 25 37.68 47.41 4.24
CA THR L 25 37.67 47.55 2.79
C THR L 25 39.05 47.18 2.24
N PHE L 26 39.13 47.00 0.92
CA PHE L 26 40.41 46.60 0.34
C PHE L 26 41.45 47.71 0.44
N LYS L 27 41.02 48.96 0.60
CA LYS L 27 41.96 50.03 0.89
C LYS L 27 42.55 49.88 2.29
N GLU L 28 41.69 49.63 3.28
CA GLU L 28 42.15 49.48 4.65
C GLU L 28 43.13 48.31 4.79
N MET L 29 42.86 47.22 4.08
CA MET L 29 43.73 46.06 4.14
C MET L 29 45.11 46.38 3.56
N ILE L 30 45.17 47.15 2.48
CA ILE L 30 46.45 47.47 1.86
C ILE L 30 47.27 48.39 2.76
N VAL L 31 46.61 49.37 3.38
CA VAL L 31 47.32 50.33 4.22
C VAL L 31 47.93 49.64 5.43
N GLU L 32 47.23 48.63 5.97
CA GLU L 32 47.73 47.93 7.15
C GLU L 32 49.07 47.24 6.85
N SER L 33 49.13 46.48 5.76
CA SER L 33 50.35 45.75 5.44
C SER L 33 51.50 46.68 5.09
N ALA L 34 51.20 47.75 4.35
CA ALA L 34 52.25 48.67 3.94
C ALA L 34 52.85 49.41 5.13
N TYR L 35 52.00 49.98 5.99
CA TYR L 35 52.49 50.75 7.13
C TYR L 35 53.10 49.87 8.20
N LYS L 36 52.72 48.59 8.27
CA LYS L 36 53.47 47.65 9.09
C LYS L 36 54.86 47.41 8.52
N ALA L 37 54.96 47.31 7.19
CA ALA L 37 56.26 47.06 6.57
C ALA L 37 57.16 48.29 6.68
N LEU L 38 56.57 49.49 6.59
CA LEU L 38 57.37 50.71 6.70
C LEU L 38 57.97 50.86 8.10
N LYS L 39 57.20 50.52 9.13
CA LYS L 39 57.72 50.59 10.50
C LYS L 39 58.89 49.64 10.68
N ASP L 40 58.83 48.45 10.07
CA ASP L 40 59.91 47.48 10.20
C ASP L 40 61.21 48.03 9.63
N ALA L 41 61.13 48.80 8.55
CA ALA L 41 62.30 49.27 7.84
C ALA L 41 62.77 50.64 8.29
N LYS L 42 62.23 51.16 9.40
CA LYS L 42 62.63 52.46 9.93
C LYS L 42 62.44 53.54 8.88
N MET L 43 61.33 53.45 8.14
CA MET L 43 61.10 54.27 6.96
C MET L 43 59.79 55.03 7.07
N HIS L 44 59.82 56.28 6.63
CA HIS L 44 58.64 57.13 6.53
C HIS L 44 57.90 56.83 5.23
N PRO L 45 56.56 56.91 5.23
CA PRO L 45 55.82 56.63 3.98
C PRO L 45 56.16 57.57 2.84
N ARG L 46 56.49 58.83 3.12
CA ARG L 46 56.86 59.76 2.06
C ARG L 46 58.17 59.41 1.38
N GLU L 47 58.98 58.52 1.96
CA GLU L 47 60.24 58.14 1.35
C GLU L 47 60.05 57.19 0.17
N ILE L 48 58.86 56.64 0.00
CA ILE L 48 58.57 55.80 -1.16
C ILE L 48 58.42 56.67 -2.39
N GLN L 49 59.12 56.30 -3.47
CA GLN L 49 59.06 57.04 -4.71
C GLN L 49 58.12 56.43 -5.74
N ALA L 50 57.88 55.13 -5.67
CA ALA L 50 56.92 54.46 -6.56
C ALA L 50 56.51 53.15 -5.90
N VAL L 51 55.40 52.60 -6.38
CA VAL L 51 54.84 51.37 -5.82
C VAL L 51 54.24 50.54 -6.95
N ALA L 52 54.42 49.23 -6.86
CA ALA L 52 53.91 48.29 -7.85
C ALA L 52 53.05 47.25 -7.14
N TYR L 53 51.74 47.32 -7.34
CA TYR L 53 50.79 46.47 -6.63
C TYR L 53 50.06 45.58 -7.63
N GLY L 54 49.47 44.51 -7.12
CA GLY L 54 48.82 43.54 -7.97
C GLY L 54 47.53 42.95 -7.43
N TYR L 55 46.53 42.81 -8.30
CA TYR L 55 45.29 42.14 -7.95
C TYR L 55 44.79 41.38 -9.18
N HIS L 56 43.82 40.50 -8.96
CA HIS L 56 43.39 39.59 -10.02
C HIS L 56 42.80 40.34 -11.21
N GLY L 57 41.90 41.27 -10.94
CA GLY L 57 41.28 42.04 -12.00
C GLY L 57 40.16 42.90 -11.43
N GLU L 58 39.72 43.85 -12.26
CA GLU L 58 38.74 44.84 -11.85
C GLU L 58 37.37 44.20 -11.66
N GLY L 59 37.29 42.88 -11.86
CA GLY L 59 36.06 42.14 -11.76
C GLY L 59 35.68 41.62 -10.39
N ILE L 60 36.44 41.90 -9.34
CA ILE L 60 36.06 41.43 -8.01
C ILE L 60 35.32 42.54 -7.26
N SER L 61 35.99 43.67 -7.07
CA SER L 61 35.43 44.81 -6.37
C SER L 61 34.83 45.84 -7.32
N GLU L 62 34.79 45.55 -8.62
CA GLU L 62 34.35 46.51 -9.65
C GLU L 62 35.14 47.80 -9.58
N TYR L 63 36.41 47.71 -9.20
CA TYR L 63 37.32 48.84 -9.10
C TYR L 63 38.40 48.70 -10.16
N GLY L 64 38.35 49.56 -11.19
CA GLY L 64 39.30 49.54 -12.27
C GLY L 64 40.27 50.71 -12.19
N GLY L 65 41.29 50.66 -13.05
CA GLY L 65 42.33 51.66 -13.08
C GLY L 65 42.86 51.98 -11.70
N LEU L 66 43.26 50.95 -10.97
CA LEU L 66 43.44 51.03 -9.53
C LEU L 66 44.71 51.78 -9.10
N GLY L 67 45.58 52.12 -10.04
CA GLY L 67 46.84 52.77 -9.74
C GLY L 67 46.73 53.94 -8.77
N PRO L 68 46.14 55.04 -9.23
CA PRO L 68 46.09 56.24 -8.37
C PRO L 68 45.29 56.03 -7.11
N THR L 69 44.32 55.11 -7.12
CA THR L 69 43.54 54.82 -5.93
C THR L 69 44.43 54.27 -4.82
N ILE L 70 45.41 53.44 -5.17
CA ILE L 70 46.31 52.89 -4.18
C ILE L 70 47.32 53.95 -3.71
N SER L 71 47.82 54.77 -4.64
CA SER L 71 48.72 55.85 -4.25
C SER L 71 48.05 56.81 -3.28
N ASP L 72 46.79 57.15 -3.53
CA ASP L 72 46.06 58.03 -2.63
C ASP L 72 45.71 57.32 -1.33
N ALA L 73 45.37 56.03 -1.40
CA ALA L 73 45.07 55.28 -0.19
C ALA L 73 46.28 55.24 0.74
N LEU L 74 47.48 55.00 0.19
CA LEU L 74 48.69 55.00 0.98
C LEU L 74 49.13 56.39 1.40
N GLY L 75 48.56 57.43 0.80
CA GLY L 75 48.97 58.78 1.08
C GLY L 75 50.37 59.09 0.62
N ILE L 76 50.72 58.66 -0.59
CA ILE L 76 52.04 58.91 -1.16
C ILE L 76 51.96 59.77 -2.42
N SER L 77 50.77 60.28 -2.74
CA SER L 77 50.61 61.09 -3.94
C SER L 77 51.62 62.24 -3.93
N PRO L 78 52.25 62.55 -5.07
CA PRO L 78 51.98 62.00 -6.40
C PRO L 78 52.79 60.76 -6.79
N ALA L 79 53.26 59.97 -5.83
CA ALA L 79 54.05 58.79 -6.18
C ALA L 79 53.20 57.83 -7.00
N PRO L 80 53.70 57.36 -8.14
CA PRO L 80 52.88 56.54 -9.03
C PRO L 80 52.73 55.11 -8.52
N THR L 81 51.67 54.47 -9.02
CA THR L 81 51.36 53.08 -8.72
C THR L 81 51.22 52.33 -10.03
N PHE L 82 52.08 51.33 -10.24
CA PHE L 82 52.03 50.49 -11.43
C PHE L 82 51.27 49.21 -11.09
N MET L 83 50.16 48.98 -11.79
CA MET L 83 49.32 47.83 -11.53
C MET L 83 49.80 46.61 -12.32
N SER L 84 49.60 45.44 -11.73
CA SER L 84 49.97 44.17 -12.36
C SER L 84 48.84 43.16 -12.13
N THR L 85 48.23 42.70 -13.22
CA THR L 85 47.09 41.79 -13.17
C THR L 85 47.49 40.49 -13.87
N ALA L 86 47.77 39.45 -13.09
CA ALA L 86 48.27 38.21 -13.66
C ALA L 86 48.01 37.05 -12.70
N ASN L 87 46.73 36.79 -12.44
CA ASN L 87 46.29 35.66 -11.62
C ASN L 87 46.99 35.60 -10.27
N THR L 89 50.12 35.09 -9.78
CA THR L 89 51.45 35.68 -9.85
C THR L 89 51.45 37.20 -9.85
N SER L 90 50.32 37.81 -9.45
CA SER L 90 50.20 39.27 -9.53
C SER L 90 51.22 39.95 -8.63
N SER L 91 51.52 39.35 -7.47
CA SER L 91 52.54 39.91 -6.59
C SER L 91 53.94 39.58 -7.09
N SER L 92 54.14 38.38 -7.61
CA SER L 92 55.44 38.03 -8.19
C SER L 92 55.78 38.93 -9.37
N VAL L 93 54.79 39.20 -10.24
CA VAL L 93 55.02 40.10 -11.36
C VAL L 93 55.25 41.53 -10.88
N SER L 94 54.50 41.95 -9.86
CA SER L 94 54.74 43.27 -9.28
C SER L 94 56.11 43.36 -8.64
N PHE L 95 56.61 42.25 -8.09
CA PHE L 95 57.95 42.22 -7.50
C PHE L 95 59.00 42.46 -8.57
N GLN L 96 58.91 41.73 -9.69
CA GLN L 96 59.88 41.92 -10.77
C GLN L 96 59.76 43.29 -11.40
N MET L 97 58.56 43.89 -11.38
CA MET L 97 58.42 45.27 -11.82
C MET L 97 59.25 46.20 -10.94
N GLY L 98 59.08 46.11 -9.62
CA GLY L 98 59.80 47.00 -8.72
C GLY L 98 61.30 46.78 -8.76
N HIS L 99 61.74 45.52 -8.85
CA HIS L 99 63.17 45.24 -8.99
C HIS L 99 63.73 45.93 -10.22
N GLN L 100 62.96 45.95 -11.32
CA GLN L 100 63.40 46.60 -12.54
C GLN L 100 63.40 48.12 -12.38
N MET L 101 62.50 48.67 -11.57
CA MET L 101 62.46 50.11 -11.38
C MET L 101 63.71 50.61 -10.65
N VAL L 102 64.13 49.91 -9.61
CA VAL L 102 65.32 50.32 -8.87
C VAL L 102 66.58 50.03 -9.67
N ALA L 103 66.64 48.85 -10.32
CA ALA L 103 67.82 48.48 -11.09
C ALA L 103 68.06 49.45 -12.26
N SER L 104 67.00 50.02 -12.82
CA SER L 104 67.16 51.03 -13.86
C SER L 104 67.61 52.37 -13.30
N GLY L 105 67.50 52.58 -11.98
CA GLY L 105 67.87 53.84 -11.37
C GLY L 105 66.82 54.92 -11.41
N GLU L 106 65.69 54.69 -12.08
CA GLU L 106 64.64 55.70 -12.17
C GLU L 106 64.00 55.98 -10.81
N TYR L 107 63.86 54.95 -9.98
CA TYR L 107 63.32 55.09 -8.63
C TYR L 107 64.26 54.40 -7.65
N ASP L 108 64.49 55.04 -6.50
CA ASP L 108 65.45 54.53 -5.53
C ASP L 108 64.81 53.64 -4.46
N ILE L 109 63.57 53.93 -4.07
CA ILE L 109 62.85 53.12 -3.10
C ILE L 109 61.45 52.84 -3.66
N VAL L 110 61.11 51.55 -3.80
CA VAL L 110 59.80 51.16 -4.28
C VAL L 110 59.21 50.09 -3.37
N LEU L 111 57.88 50.11 -3.25
CA LEU L 111 57.13 49.10 -2.51
C LEU L 111 56.43 48.19 -3.52
N CYS L 112 56.52 46.88 -3.28
CA CYS L 112 55.92 45.88 -4.15
C CYS L 112 54.96 45.02 -3.35
N GLY L 113 53.73 44.89 -3.82
CA GLY L 113 52.75 44.14 -3.06
C GLY L 113 51.61 43.61 -3.89
N GLY L 114 50.66 42.99 -3.21
CA GLY L 114 49.47 42.44 -3.83
C GLY L 114 48.38 42.29 -2.79
N PHE L 115 47.15 42.13 -3.27
CA PHE L 115 46.02 41.98 -2.37
C PHE L 115 44.90 41.26 -3.11
N GLU L 116 44.03 40.60 -2.35
CA GLU L 116 42.83 40.01 -2.93
C GLU L 116 41.69 40.14 -1.94
N LYS L 117 40.66 40.90 -2.32
CA LYS L 117 39.49 41.13 -1.50
C LYS L 117 38.33 40.32 -2.06
N MET L 118 38.40 39.00 -1.86
CA MET L 118 37.47 38.09 -2.50
C MET L 118 36.04 38.21 -2.00
N THR L 119 35.84 38.69 -0.76
CA THR L 119 34.48 38.78 -0.23
C THR L 119 33.67 39.91 -0.84
N ASP L 120 34.31 40.84 -1.56
CA ASP L 120 33.56 41.89 -2.23
C ASP L 120 32.77 41.36 -3.42
N HIS L 121 33.12 40.17 -3.91
CA HIS L 121 32.35 39.47 -4.91
C HIS L 121 31.44 38.47 -4.23
N PHE L 122 30.18 38.39 -4.67
CA PHE L 122 29.22 37.48 -4.07
C PHE L 122 29.75 36.04 -4.10
N ASN L 123 30.09 35.56 -5.29
CA ASN L 123 30.68 34.23 -5.46
C ASN L 123 32.02 34.43 -6.19
N TYR L 124 33.09 34.55 -5.41
CA TYR L 124 34.41 34.77 -5.99
C TYR L 124 34.92 33.53 -6.71
N ALA L 125 34.42 32.36 -6.36
CA ALA L 125 34.94 31.11 -6.91
C ALA L 125 34.65 30.99 -8.40
N GLU L 126 33.43 31.36 -8.83
CA GLU L 126 33.07 31.21 -10.23
C GLU L 126 33.68 32.29 -11.12
N TYR L 127 34.01 33.45 -10.55
CA TYR L 127 34.67 34.50 -11.33
C TYR L 127 36.09 34.14 -11.71
N ILE L 128 36.70 33.19 -10.99
CA ILE L 128 38.15 32.96 -11.10
C ILE L 128 38.54 32.63 -12.53
N GLY L 129 37.80 31.73 -13.18
CA GLY L 129 38.10 31.35 -14.54
C GLY L 129 38.12 32.49 -15.55
N SER L 130 37.73 33.70 -15.14
CA SER L 130 37.71 34.84 -16.04
C SER L 130 39.10 35.24 -16.51
N SER L 131 40.15 34.65 -15.95
CA SER L 131 41.52 34.90 -16.35
C SER L 131 42.09 33.61 -16.93
N THR L 132 41.49 33.16 -18.04
CA THR L 132 42.00 32.04 -18.81
C THR L 132 41.75 32.35 -20.29
N GLU L 133 41.52 31.32 -21.10
CA GLU L 133 41.07 31.48 -22.48
C GLU L 133 39.55 31.44 -22.49
N CYS L 134 38.98 32.55 -22.03
CA CYS L 134 37.58 32.58 -21.59
C CYS L 134 36.62 32.04 -22.63
N GLU L 135 36.89 32.31 -23.91
CA GLU L 135 35.98 31.84 -24.95
C GLU L 135 35.88 30.33 -24.99
N TYR L 136 36.95 29.62 -24.65
CA TYR L 136 37.00 28.17 -24.79
C TYR L 136 37.15 27.42 -23.47
N ASP L 137 36.90 28.09 -22.34
CA ASP L 137 36.93 27.39 -21.06
C ASP L 137 36.05 28.06 -20.00
N TYR L 138 36.27 29.36 -19.77
CA TYR L 138 35.46 30.08 -18.80
C TYR L 138 33.99 30.11 -19.23
N PHE L 139 33.73 30.51 -20.47
CA PHE L 139 32.38 30.53 -20.99
C PHE L 139 31.85 29.12 -21.30
N LEU L 140 32.69 28.09 -21.22
CA LEU L 140 32.26 26.72 -21.44
C LEU L 140 32.12 25.93 -20.15
N GLY L 141 32.36 26.56 -19.01
CA GLY L 141 32.27 25.87 -17.73
C GLY L 141 33.52 25.11 -17.34
N ILE L 142 34.68 25.55 -17.81
CA ILE L 142 35.96 24.91 -17.49
C ILE L 142 36.70 25.82 -16.54
N SER L 143 36.89 25.37 -15.31
CA SER L 143 37.48 26.18 -14.25
C SER L 143 38.97 25.92 -14.12
N HIS L 144 39.65 26.82 -13.41
CA HIS L 144 41.04 26.57 -13.04
C HIS L 144 41.15 25.38 -12.11
N THR L 145 40.13 25.16 -11.27
CA THR L 145 40.16 24.02 -10.36
C THR L 145 40.16 22.70 -11.12
N ASP L 146 39.48 22.65 -12.26
CA ASP L 146 39.46 21.44 -13.06
C ASP L 146 40.84 21.12 -13.60
N ALA L 147 41.61 22.15 -13.99
CA ALA L 147 42.95 21.93 -14.52
C ALA L 147 43.84 21.26 -13.48
N PHE L 148 43.80 21.76 -12.24
CA PHE L 148 44.62 21.16 -11.18
C PHE L 148 44.13 19.76 -10.83
N ALA L 149 42.82 19.54 -10.86
CA ALA L 149 42.31 18.19 -10.66
C ALA L 149 42.78 17.26 -11.77
N LEU L 150 42.75 17.73 -13.02
CA LEU L 150 43.24 16.92 -14.12
C LEU L 150 44.75 16.74 -14.06
N ALA L 151 45.47 17.81 -13.68
CA ALA L 151 46.92 17.73 -13.56
C ALA L 151 47.33 16.70 -12.51
N THR L 152 46.68 16.74 -11.34
CA THR L 152 46.97 15.76 -10.29
C THR L 152 46.63 14.35 -10.77
N ALA L 153 45.52 14.19 -11.47
CA ALA L 153 45.14 12.88 -11.98
C ALA L 153 46.18 12.36 -12.98
N GLU L 154 46.66 13.23 -13.86
CA GLU L 154 47.63 12.79 -14.86
C GLU L 154 48.95 12.42 -14.22
N TYR L 155 49.42 13.22 -13.26
CA TYR L 155 50.68 12.92 -12.60
C TYR L 155 50.66 11.55 -11.93
N PHE L 156 49.63 11.30 -11.12
CA PHE L 156 49.57 10.05 -10.37
C PHE L 156 49.49 8.84 -11.30
N GLN L 157 48.74 8.95 -12.39
CA GLN L 157 48.57 7.82 -13.28
C GLN L 157 49.75 7.65 -14.22
N LYS L 158 50.46 8.73 -14.55
CA LYS L 158 51.57 8.67 -15.48
C LYS L 158 52.85 8.16 -14.84
N PHE L 159 52.95 8.19 -13.51
CA PHE L 159 54.19 7.85 -12.82
C PHE L 159 53.98 6.74 -11.79
N GLY L 160 53.04 5.84 -12.06
CA GLY L 160 52.88 4.64 -11.23
C GLY L 160 52.59 4.91 -9.78
N TYR L 161 51.74 5.90 -9.48
CA TYR L 161 51.35 6.20 -8.12
C TYR L 161 49.99 5.63 -7.75
N ALA L 162 49.46 4.74 -8.58
CA ALA L 162 48.17 4.10 -8.29
C ALA L 162 48.25 3.33 -6.98
N GLY L 163 47.23 3.50 -6.13
CA GLY L 163 47.23 2.93 -4.81
C GLY L 163 47.86 3.79 -3.74
N ARG L 164 48.72 4.74 -4.12
CA ARG L 164 49.39 5.62 -3.18
C ARG L 164 48.99 7.07 -3.35
N GLU L 165 47.95 7.35 -4.14
CA GLU L 165 47.59 8.74 -4.44
C GLU L 165 47.16 9.48 -3.18
N ALA L 166 46.32 8.85 -2.35
CA ALA L 166 45.78 9.54 -1.19
C ALA L 166 46.87 9.88 -0.19
N ASP L 167 47.85 9.00 -0.01
CA ASP L 167 48.88 9.22 1.01
C ASP L 167 49.82 10.34 0.62
N VAL L 168 50.18 10.42 -0.67
CA VAL L 168 51.07 11.48 -1.13
C VAL L 168 50.43 12.84 -0.89
N LEU L 169 49.14 12.98 -1.22
CA LEU L 169 48.44 14.24 -0.97
C LEU L 169 48.29 14.49 0.53
N ALA L 170 47.99 13.45 1.30
CA ALA L 170 47.76 13.61 2.73
C ALA L 170 49.05 13.94 3.46
N THR L 171 50.15 13.28 3.09
CA THR L 171 51.44 13.59 3.71
C THR L 171 51.86 15.03 3.42
N PHE L 172 51.57 15.50 2.21
CA PHE L 172 51.82 16.91 1.88
C PHE L 172 50.96 17.82 2.73
N GLY L 173 49.67 17.53 2.83
CA GLY L 173 48.77 18.38 3.59
C GLY L 173 49.05 18.35 5.08
N ARG L 174 49.39 17.18 5.62
CA ARG L 174 49.76 17.10 7.02
C ARG L 174 51.03 17.90 7.29
N GLN L 175 51.98 17.86 6.36
CA GLN L 175 53.21 18.62 6.51
C GLN L 175 52.93 20.12 6.46
N MET L 176 52.02 20.55 5.58
CA MET L 176 51.64 21.95 5.53
C MET L 176 50.99 22.40 6.83
N ARG L 177 50.20 21.52 7.45
CA ARG L 177 49.58 21.86 8.74
C ARG L 177 50.61 21.90 9.86
N ILE L 178 51.63 21.04 9.79
CA ILE L 178 52.70 21.06 10.79
C ILE L 178 53.47 22.38 10.70
N TYR L 179 53.84 22.79 9.48
CA TYR L 179 54.55 24.06 9.31
C TYR L 179 53.73 25.23 9.80
N ALA L 180 52.40 25.17 9.63
CA ALA L 180 51.53 26.28 9.97
C ALA L 180 51.25 26.36 11.48
N GLN L 181 51.30 25.23 12.19
CA GLN L 181 50.96 25.23 13.61
C GLN L 181 51.87 26.15 14.41
N ASN L 182 53.14 26.30 14.00
CA ASN L 182 54.10 27.13 14.71
C ASN L 182 54.25 28.53 14.13
N THR L 183 53.65 28.81 12.98
CA THR L 183 53.74 30.13 12.38
C THR L 183 52.55 30.96 12.86
N PRO L 184 52.77 32.02 13.64
CA PRO L 184 51.63 32.79 14.18
C PRO L 184 50.77 33.45 13.11
N THR L 185 51.35 33.79 11.96
CA THR L 185 50.60 34.45 10.89
C THR L 185 49.80 33.47 10.04
N ALA L 186 50.03 32.17 10.19
CA ALA L 186 49.28 31.18 9.42
C ALA L 186 47.84 31.12 9.86
N THR L 187 46.97 30.66 8.96
CA THR L 187 45.54 30.54 9.28
C THR L 187 45.26 29.29 10.11
N ARG L 188 45.89 28.17 9.77
CA ARG L 188 45.73 26.95 10.53
C ARG L 188 46.68 26.95 11.73
N TYR L 189 47.06 28.14 12.19
CA TYR L 189 47.99 28.27 13.30
C TYR L 189 47.34 27.78 14.59
N GLY L 190 48.08 26.97 15.34
CA GLY L 190 47.62 26.53 16.64
C GLY L 190 46.59 25.43 16.63
N GLN L 191 46.13 24.99 15.46
CA GLN L 191 45.18 23.89 15.44
C GLN L 191 45.92 22.56 15.54
N PRO L 192 45.29 21.55 16.15
CA PRO L 192 45.94 20.25 16.27
C PRO L 192 46.18 19.63 14.90
N ILE L 193 47.19 18.78 14.83
CA ILE L 193 47.57 18.10 13.59
C ILE L 193 46.70 16.87 13.43
N PRO L 194 45.83 16.81 12.42
CA PRO L 194 45.07 15.57 12.20
C PRO L 194 45.98 14.43 11.82
N SER L 195 45.58 13.21 12.21
CA SER L 195 46.33 12.04 11.80
C SER L 195 46.25 11.87 10.29
N LEU L 196 47.16 11.06 9.76
CA LEU L 196 47.17 10.81 8.32
C LEU L 196 45.87 10.16 7.87
N GLU L 197 45.35 9.22 8.67
CA GLU L 197 44.11 8.54 8.30
C GLU L 197 42.90 9.46 8.40
N VAL L 198 42.95 10.45 9.29
CA VAL L 198 41.87 11.44 9.36
C VAL L 198 41.92 12.36 8.15
N LEU L 199 43.12 12.73 7.71
CA LEU L 199 43.26 13.63 6.57
C LEU L 199 42.88 12.95 5.26
N LYS L 200 43.12 11.64 5.13
CA LYS L 200 42.70 10.95 3.91
C LYS L 200 41.19 10.94 3.76
N ASN L 201 40.45 10.90 4.87
CA ASN L 201 39.00 10.97 4.84
C ASN L 201 38.48 12.37 4.54
N SER L 202 39.31 13.39 4.65
CA SER L 202 38.88 14.76 4.45
C SER L 202 38.82 15.11 2.96
N GLU L 203 38.24 16.27 2.66
CA GLU L 203 38.08 16.72 1.28
C GLU L 203 39.45 17.00 0.66
N ALA L 204 39.60 16.59 -0.61
CA ALA L 204 40.84 16.72 -1.37
C ALA L 204 42.02 16.04 -0.68
N CYS L 205 41.75 15.03 0.16
CA CYS L 205 42.78 14.31 0.91
C CYS L 205 43.63 15.24 1.77
N GLY L 206 43.05 16.36 2.21
CA GLY L 206 43.75 17.33 3.02
C GLY L 206 44.60 18.33 2.26
N SER L 207 44.64 18.24 0.93
CA SER L 207 45.44 19.15 0.12
C SER L 207 44.65 20.34 -0.40
N MET L 208 43.47 20.59 0.17
CA MET L 208 42.67 21.74 -0.22
C MET L 208 43.20 23.00 0.45
N LEU L 209 43.38 24.06 -0.34
CA LEU L 209 43.89 25.31 0.21
C LEU L 209 42.79 26.01 1.02
N ALA L 210 43.21 27.04 1.76
CA ALA L 210 42.32 27.83 2.60
C ALA L 210 42.11 29.18 1.94
N TRP L 211 40.93 29.37 1.35
CA TRP L 211 40.57 30.63 0.72
C TRP L 211 40.44 31.74 1.78
N GLY L 212 41.00 32.90 1.48
CA GLY L 212 40.89 34.02 2.38
C GLY L 212 41.24 35.31 1.69
N GLU L 213 41.51 36.33 2.50
CA GLU L 213 41.90 37.65 2.01
C GLU L 213 43.14 38.11 2.73
N ALA L 214 44.00 38.81 2.00
CA ALA L 214 45.23 39.35 2.57
C ALA L 214 45.83 40.35 1.61
N SER L 215 46.55 41.32 2.17
CA SER L 215 47.40 42.22 1.41
C SER L 215 48.81 42.10 1.97
N GLY L 216 49.79 41.97 1.08
CA GLY L 216 51.16 41.91 1.48
C GLY L 216 52.00 42.88 0.67
N CYS L 217 53.21 43.14 1.16
CA CYS L 217 54.09 44.06 0.46
C CYS L 217 55.51 43.89 0.95
N ALA L 218 56.46 44.27 0.09
CA ALA L 218 57.87 44.29 0.42
C ALA L 218 58.47 45.59 -0.09
N ILE L 219 59.47 46.08 0.63
CA ILE L 219 60.13 47.34 0.31
C ILE L 219 61.44 47.02 -0.41
N LEU L 220 61.59 47.52 -1.63
CA LEU L 220 62.84 47.40 -2.38
C LEU L 220 63.60 48.71 -2.34
N VAL L 221 64.91 48.62 -2.14
CA VAL L 221 65.77 49.79 -2.07
C VAL L 221 67.05 49.48 -2.82
N ALA L 222 67.73 50.54 -3.26
CA ALA L 222 69.02 50.38 -3.93
C ALA L 222 70.04 49.79 -2.97
N GLU L 223 71.03 49.10 -3.55
CA GLU L 223 72.00 48.36 -2.73
C GLU L 223 72.72 49.26 -1.75
N HIS L 224 73.12 50.45 -2.18
CA HIS L 224 73.92 51.32 -1.31
C HIS L 224 73.07 52.02 -0.26
N LEU L 225 71.74 52.09 -0.46
CA LEU L 225 70.84 52.67 0.53
C LEU L 225 70.40 51.68 1.60
N ALA L 226 70.68 50.38 1.41
CA ALA L 226 70.08 49.36 2.28
C ALA L 226 70.55 49.47 3.72
N HIS L 227 71.78 49.94 3.94
CA HIS L 227 72.31 50.02 5.31
C HIS L 227 71.50 50.97 6.17
N LYS L 228 70.88 51.98 5.55
CA LYS L 228 70.14 52.98 6.31
C LYS L 228 68.90 52.38 6.97
N TYR L 229 68.32 51.34 6.38
CA TYR L 229 67.01 50.84 6.79
C TYR L 229 67.04 49.48 7.46
N THR L 230 68.06 48.66 7.19
CA THR L 230 68.13 47.34 7.81
C THR L 230 69.58 46.97 8.03
N ASP L 231 69.79 46.11 9.03
CA ASP L 231 71.13 45.61 9.36
C ASP L 231 71.49 44.38 8.54
N LYS L 232 70.49 43.55 8.24
CA LYS L 232 70.67 42.29 7.52
C LYS L 232 69.75 42.28 6.31
N PRO L 233 70.19 42.83 5.17
CA PRO L 233 69.33 42.87 4.00
C PRO L 233 69.39 41.57 3.20
N VAL L 234 68.36 41.39 2.37
CA VAL L 234 68.26 40.26 1.46
C VAL L 234 68.30 40.79 0.03
N PHE L 235 69.20 40.23 -0.78
CA PHE L 235 69.39 40.67 -2.15
C PHE L 235 68.63 39.76 -3.11
N VAL L 236 68.47 40.25 -4.34
CA VAL L 236 67.80 39.53 -5.40
C VAL L 236 68.87 39.04 -6.38
N ARG L 237 69.14 37.74 -6.38
CA ARG L 237 70.13 37.18 -7.29
C ARG L 237 69.61 37.15 -8.72
N GLY L 238 68.40 36.64 -8.92
CA GLY L 238 67.83 36.57 -10.25
C GLY L 238 66.37 36.19 -10.26
N CYS L 239 65.64 36.65 -11.27
CA CYS L 239 64.21 36.40 -11.39
C CYS L 239 63.86 36.16 -12.85
N ALA L 240 62.82 35.37 -13.07
CA ALA L 240 62.34 35.09 -14.42
C ALA L 240 60.82 34.99 -14.42
N TYR L 241 60.23 35.39 -15.53
CA TYR L 241 58.79 35.38 -15.71
C TYR L 241 58.52 34.92 -17.13
N THR L 242 57.59 33.98 -17.31
CA THR L 242 57.32 33.40 -18.62
C THR L 242 55.82 33.27 -18.85
N GLY L 243 55.42 33.36 -20.12
CA GLY L 243 54.03 33.30 -20.49
C GLY L 243 53.70 32.32 -21.60
N VAL L 244 52.66 31.51 -21.38
CA VAL L 244 52.20 30.49 -22.31
C VAL L 244 50.68 30.50 -22.33
N SER L 245 50.11 30.01 -23.44
CA SER L 245 48.66 29.91 -23.62
C SER L 245 47.94 29.55 -22.33
N HIS L 246 46.91 30.34 -22.00
CA HIS L 246 46.02 30.00 -20.90
C HIS L 246 45.24 28.72 -21.16
N TYR L 247 45.11 28.32 -22.43
CA TYR L 247 44.33 27.13 -22.76
C TYR L 247 45.02 25.88 -22.24
N PHE L 248 44.27 25.04 -21.54
CA PHE L 248 44.83 23.85 -20.91
C PHE L 248 45.28 22.81 -21.93
N GLY L 249 44.72 22.82 -23.14
CA GLY L 249 45.05 21.81 -24.11
C GLY L 249 46.44 21.96 -24.69
N THR L 250 46.92 23.20 -24.80
CA THR L 250 48.24 23.45 -25.38
C THR L 250 49.38 22.94 -24.51
N ARG L 251 49.10 22.41 -23.31
CA ARG L 251 50.16 21.85 -22.48
C ARG L 251 50.77 20.60 -23.10
N PHE L 252 49.96 19.82 -23.81
CA PHE L 252 50.44 18.57 -24.40
C PHE L 252 51.08 18.76 -25.77
N HIS L 253 50.74 19.84 -26.47
CA HIS L 253 51.27 20.10 -27.82
C HIS L 253 51.33 21.61 -27.99
N ASN L 254 52.54 22.16 -27.87
CA ASN L 254 52.73 23.62 -27.94
C ASN L 254 53.94 23.94 -28.81
N PRO L 255 53.76 24.00 -30.12
CA PRO L 255 54.86 24.43 -31.00
C PRO L 255 55.22 25.90 -30.86
N THR L 256 54.40 26.70 -30.18
CA THR L 256 54.72 28.11 -29.98
C THR L 256 55.83 28.27 -28.95
N LEU L 257 55.85 27.42 -27.93
CA LEU L 257 56.85 27.51 -26.87
C LEU L 257 58.21 27.07 -27.42
N HIS L 258 59.16 27.99 -27.48
CA HIS L 258 60.49 27.72 -28.00
C HIS L 258 61.50 27.80 -26.86
N HIS L 259 62.01 26.63 -26.45
CA HIS L 259 63.00 26.50 -25.41
C HIS L 259 63.78 25.24 -25.72
N PRO L 260 65.11 25.28 -25.66
CA PRO L 260 65.90 24.11 -26.04
C PRO L 260 65.95 23.07 -24.93
N GLY L 261 65.89 21.80 -25.33
CA GLY L 261 66.10 20.70 -24.41
C GLY L 261 64.90 20.28 -23.60
N LEU L 262 63.71 20.76 -23.93
CA LEU L 262 62.53 20.38 -23.16
C LEU L 262 62.23 18.90 -23.37
N PRO L 263 61.64 18.24 -22.38
CA PRO L 263 61.26 16.82 -22.57
C PRO L 263 60.31 16.67 -23.75
N LYS L 264 60.28 15.45 -24.30
CA LYS L 264 59.42 15.22 -25.46
C LYS L 264 58.01 14.81 -25.05
N ASP L 265 57.84 14.28 -23.84
CA ASP L 265 56.56 13.77 -23.37
C ASP L 265 55.81 14.77 -22.49
N VAL L 266 55.99 16.08 -22.73
CA VAL L 266 55.38 17.07 -21.85
C VAL L 266 53.85 16.91 -21.88
N GLY L 267 53.27 16.97 -20.69
CA GLY L 267 51.84 17.03 -20.50
C GLY L 267 51.59 17.82 -19.23
N MET L 268 50.33 17.87 -18.81
CA MET L 268 50.00 18.61 -17.60
C MET L 268 50.87 18.21 -16.41
N ALA L 269 51.21 16.92 -16.32
CA ALA L 269 52.07 16.44 -15.24
C ALA L 269 53.49 16.99 -15.33
N VAL L 270 53.95 17.36 -16.52
CA VAL L 270 55.29 17.90 -16.73
C VAL L 270 55.14 19.30 -17.30
N SER L 271 55.14 20.31 -16.43
CA SER L 271 54.90 21.68 -16.87
C SER L 271 56.10 22.18 -17.67
N ALA L 272 55.94 22.24 -19.00
CA ALA L 272 57.04 22.69 -19.85
C ALA L 272 57.39 24.15 -19.58
N ASN L 273 56.39 24.98 -19.32
CA ASN L 273 56.66 26.39 -19.02
C ASN L 273 57.40 26.53 -17.69
N SER L 274 57.08 25.68 -16.72
CA SER L 274 57.71 25.79 -15.41
C SER L 274 59.17 25.35 -15.45
N ILE L 275 59.48 24.34 -16.27
CA ILE L 275 60.86 23.96 -16.46
C ILE L 275 61.63 25.05 -17.20
N ALA L 276 61.02 25.60 -18.25
CA ALA L 276 61.67 26.66 -19.00
C ALA L 276 61.93 27.88 -18.14
N CYS L 277 60.96 28.27 -17.31
CA CYS L 277 61.12 29.46 -16.48
C CYS L 277 62.22 29.27 -15.45
N ALA L 278 62.30 28.09 -14.83
CA ALA L 278 63.31 27.85 -13.82
C ALA L 278 64.72 27.90 -14.42
N GLU L 279 64.88 27.39 -15.64
CA GLU L 279 66.19 27.41 -16.27
C GLU L 279 66.63 28.84 -16.58
N ILE L 280 65.70 29.70 -16.98
CA ILE L 280 66.03 31.10 -17.24
C ILE L 280 66.42 31.80 -15.94
N ALA L 281 65.69 31.52 -14.85
CA ALA L 281 65.98 32.18 -13.58
C ALA L 281 67.29 31.69 -12.98
N TYR L 282 67.56 30.39 -13.09
CA TYR L 282 68.80 29.85 -12.54
C TYR L 282 70.02 30.41 -13.26
N LYS L 283 69.92 30.61 -14.58
CA LYS L 283 71.05 31.14 -15.33
C LYS L 283 71.27 32.62 -15.03
N LYS L 284 70.19 33.42 -14.98
CA LYS L 284 70.35 34.83 -14.67
C LYS L 284 70.77 35.03 -13.22
N ALA L 285 70.32 34.16 -12.31
CA ALA L 285 70.76 34.24 -10.92
C ALA L 285 72.13 33.62 -10.70
N GLY L 286 72.59 32.77 -11.62
CA GLY L 286 73.91 32.19 -11.51
C GLY L 286 74.02 31.05 -10.52
N ILE L 287 72.95 30.25 -10.36
CA ILE L 287 72.98 29.09 -9.47
C ILE L 287 72.33 27.92 -10.18
N THR L 288 72.64 26.72 -9.69
CA THR L 288 72.01 25.49 -10.14
C THR L 288 70.95 25.06 -9.14
N ALA L 289 70.23 23.99 -9.51
CA ALA L 289 69.13 23.53 -8.67
C ALA L 289 69.60 23.02 -7.31
N LYS L 290 70.89 22.68 -7.18
CA LYS L 290 71.41 22.11 -5.94
C LYS L 290 71.66 23.16 -4.88
N ASP L 291 71.81 24.43 -5.26
CA ASP L 291 72.16 25.48 -4.31
C ASP L 291 70.99 25.93 -3.44
N ILE L 292 69.76 25.49 -3.75
CA ILE L 292 68.60 26.00 -3.04
C ILE L 292 68.54 25.40 -1.65
N ASP L 293 68.40 26.25 -0.64
CA ASP L 293 68.29 25.82 0.75
C ASP L 293 66.86 25.80 1.26
N VAL L 294 65.99 26.66 0.73
CA VAL L 294 64.60 26.74 1.15
C VAL L 294 63.78 27.27 -0.03
N ALA L 295 62.54 26.80 -0.15
CA ALA L 295 61.74 27.10 -1.32
C ALA L 295 60.28 27.30 -0.95
N GLN L 296 59.53 27.88 -1.89
CA GLN L 296 58.12 28.20 -1.71
C GLN L 296 57.42 27.98 -3.05
N VAL L 297 56.38 27.14 -3.06
CA VAL L 297 55.64 26.84 -4.28
C VAL L 297 54.16 27.06 -4.05
N TYR L 298 53.43 27.19 -5.15
CA TYR L 298 51.97 27.25 -5.11
C TYR L 298 51.44 25.84 -4.92
N ASP L 299 50.84 25.58 -3.76
CA ASP L 299 50.41 24.24 -3.37
C ASP L 299 48.90 24.15 -3.45
N LEU L 300 48.40 23.21 -4.25
CA LEU L 300 46.97 22.95 -4.40
C LEU L 300 46.82 21.57 -5.03
N LEU L 301 46.21 20.63 -4.30
CA LEU L 301 46.22 19.24 -4.70
C LEU L 301 47.65 18.77 -4.91
N GLY L 302 47.90 18.01 -5.98
CA GLY L 302 49.24 17.57 -6.29
C GLY L 302 50.08 18.55 -7.07
N ALA L 303 49.59 19.78 -7.31
CA ALA L 303 50.33 20.76 -8.08
C ALA L 303 51.67 21.11 -7.47
N GLY L 304 51.83 20.94 -6.15
CA GLY L 304 53.14 21.18 -5.55
C GLY L 304 54.19 20.23 -6.10
N LEU L 305 53.81 18.98 -6.33
CA LEU L 305 54.76 17.98 -6.81
C LEU L 305 55.30 18.37 -8.19
N ILE L 306 54.43 18.78 -9.10
CA ILE L 306 54.87 19.16 -10.44
C ILE L 306 55.84 20.33 -10.37
N GLN L 307 55.59 21.28 -9.48
CA GLN L 307 56.45 22.46 -9.39
C GLN L 307 57.82 22.09 -8.81
N MET L 308 57.87 21.14 -7.87
CA MET L 308 59.15 20.68 -7.35
C MET L 308 59.99 20.05 -8.45
N GLU L 309 59.37 19.29 -9.35
CA GLU L 309 60.10 18.62 -10.41
C GLU L 309 60.57 19.60 -11.48
N SER L 310 59.70 20.55 -11.85
CA SER L 310 60.10 21.58 -12.79
C SER L 310 61.19 22.47 -12.21
N MET L 311 61.21 22.63 -10.88
CA MET L 311 62.24 23.39 -10.21
C MET L 311 63.58 22.66 -10.18
N GLY L 312 63.59 21.35 -10.43
CA GLY L 312 64.81 20.59 -10.42
C GLY L 312 65.13 19.91 -9.12
N ILE L 313 64.19 19.86 -8.17
CA ILE L 313 64.48 19.30 -6.86
C ILE L 313 64.44 17.77 -6.92
N CYS L 314 63.53 17.19 -7.69
CA CYS L 314 63.41 15.75 -7.82
C CYS L 314 63.36 15.36 -9.28
N GLY L 315 63.66 14.08 -9.54
CA GLY L 315 63.49 13.56 -10.89
C GLY L 315 62.03 13.52 -11.29
N LYS L 316 61.80 13.35 -12.59
CA LYS L 316 60.43 13.36 -13.10
C LYS L 316 59.65 12.18 -12.53
N GLY L 317 58.56 12.50 -11.84
CA GLY L 317 57.75 11.49 -11.17
C GLY L 317 58.22 11.08 -9.79
N GLN L 318 59.33 11.64 -9.30
CA GLN L 318 59.88 11.25 -8.01
C GLN L 318 59.46 12.14 -6.86
N ALA L 319 58.78 13.26 -7.15
CA ALA L 319 58.40 14.20 -6.09
C ALA L 319 57.42 13.56 -5.10
N GLY L 320 56.51 12.74 -5.59
CA GLY L 320 55.58 12.07 -4.69
C GLY L 320 56.28 11.14 -3.73
N ASP L 321 57.15 10.28 -4.25
CA ASP L 321 57.97 9.44 -3.37
C ASP L 321 58.86 10.29 -2.48
N PHE L 322 59.36 11.41 -3.01
CA PHE L 322 60.13 12.35 -2.19
C PHE L 322 59.31 12.83 -0.99
N VAL L 323 58.04 13.18 -1.21
CA VAL L 323 57.21 13.67 -0.13
C VAL L 323 56.87 12.55 0.84
N LEU L 324 56.65 11.34 0.33
CA LEU L 324 56.38 10.20 1.21
C LEU L 324 57.56 9.91 2.12
N GLU L 325 58.78 10.14 1.64
CA GLU L 325 60.00 9.94 2.43
C GLU L 325 60.26 11.09 3.42
N GLY L 326 59.30 11.97 3.64
CA GLY L 326 59.49 13.08 4.55
C GLY L 326 60.63 14.00 4.17
N GLY L 327 60.82 14.21 2.86
CA GLY L 327 61.96 14.99 2.41
C GLY L 327 61.77 16.49 2.45
N ILE L 328 60.52 16.96 2.50
CA ILE L 328 60.24 18.38 2.57
C ILE L 328 60.04 18.88 4.00
N ALA L 329 60.17 17.99 4.99
CA ALA L 329 60.12 18.42 6.38
C ALA L 329 61.33 19.28 6.71
N LEU L 330 61.31 19.88 7.90
CA LEU L 330 62.41 20.75 8.31
C LEU L 330 63.72 19.97 8.42
N ASP L 331 63.66 18.70 8.82
CA ASP L 331 64.82 17.82 8.84
C ASP L 331 65.13 17.22 7.48
N GLY L 332 64.31 17.52 6.47
CA GLY L 332 64.47 16.91 5.16
C GLY L 332 65.58 17.52 4.34
N GLN L 333 65.67 17.04 3.09
CA GLN L 333 66.71 17.53 2.18
C GLN L 333 66.44 18.97 1.75
N LEU L 334 65.19 19.28 1.41
CA LEU L 334 64.84 20.65 1.05
C LEU L 334 63.49 21.02 1.65
N PRO L 335 63.47 21.85 2.70
CA PRO L 335 62.19 22.28 3.28
C PRO L 335 61.39 23.12 2.30
N LEU L 336 60.10 22.84 2.21
CA LEU L 336 59.21 23.44 1.23
C LEU L 336 58.01 24.04 1.95
N ASN L 337 57.71 25.31 1.65
CA ASN L 337 56.62 26.04 2.28
C ASN L 337 56.72 25.99 3.80
N THR L 338 57.81 26.56 4.32
CA THR L 338 58.09 26.50 5.74
C THR L 338 57.10 27.31 6.59
N ASP L 339 56.23 28.10 5.97
CA ASP L 339 55.21 28.84 6.68
C ASP L 339 53.84 28.16 6.64
N GLY L 340 53.73 27.04 5.94
CA GLY L 340 52.48 26.30 5.84
C GLY L 340 51.86 26.31 4.46
N GLY L 341 52.26 27.25 3.60
CA GLY L 341 51.73 27.30 2.25
C GLY L 341 50.27 27.73 2.21
N ASN L 342 49.67 27.52 1.04
CA ASN L 342 48.25 27.87 0.87
C ASN L 342 47.36 27.00 1.73
N ILE L 343 47.79 25.77 2.04
CA ILE L 343 46.98 24.88 2.87
C ILE L 343 47.05 25.29 4.33
N GLY L 344 48.21 25.75 4.79
CA GLY L 344 48.39 26.09 6.18
C GLY L 344 48.43 27.57 6.49
N ARG L 345 49.26 28.32 5.76
CA ARG L 345 49.31 29.76 5.97
C ARG L 345 48.05 30.44 5.45
N GLY L 346 47.62 30.07 4.25
CA GLY L 346 46.50 30.71 3.57
C GLY L 346 46.88 31.11 2.15
N HIS L 347 45.85 31.54 1.42
CA HIS L 347 46.03 31.86 0.01
C HIS L 347 45.09 32.97 -0.40
N ALA L 348 45.66 34.09 -0.83
CA ALA L 348 44.94 35.12 -1.57
C ALA L 348 45.60 35.21 -2.94
N SER L 349 44.80 35.11 -4.00
CA SER L 349 45.34 34.98 -5.35
C SER L 349 46.30 36.11 -5.68
N GLY L 350 45.83 37.36 -5.60
CA GLY L 350 46.69 38.48 -5.91
C GLY L 350 47.85 38.64 -4.93
N CYS L 351 47.67 38.20 -3.69
CA CYS L 351 48.66 38.40 -2.64
C CYS L 351 49.65 37.24 -2.53
N ASP L 352 49.50 36.20 -3.35
CA ASP L 352 50.26 34.97 -3.11
C ASP L 352 51.76 35.17 -3.34
N GLY L 353 52.13 35.94 -4.36
CA GLY L 353 53.54 36.12 -4.65
C GLY L 353 54.31 36.69 -3.47
N ILE L 354 53.74 37.71 -2.83
CA ILE L 354 54.41 38.36 -1.71
C ILE L 354 54.51 37.42 -0.53
N LEU L 355 53.47 36.60 -0.30
CA LEU L 355 53.49 35.67 0.82
C LEU L 355 54.68 34.71 0.72
N HIS L 356 55.10 34.38 -0.52
CA HIS L 356 56.28 33.55 -0.70
C HIS L 356 57.54 34.31 -0.34
N ILE L 357 57.68 35.55 -0.83
CA ILE L 357 58.88 36.34 -0.56
C ILE L 357 59.02 36.60 0.94
N THR L 358 57.92 36.95 1.61
CA THR L 358 57.98 37.28 3.03
C THR L 358 58.58 36.13 3.83
N GLU L 359 58.12 34.90 3.59
CA GLU L 359 58.66 33.77 4.31
C GLU L 359 60.10 33.47 3.89
N LEU L 360 60.39 33.56 2.59
CA LEU L 360 61.77 33.41 2.14
C LEU L 360 62.66 34.52 2.70
N PHE L 361 62.14 35.75 2.69
CA PHE L 361 62.88 36.87 3.27
C PHE L 361 63.20 36.63 4.73
N ARG L 362 62.18 36.27 5.53
CA ARG L 362 62.43 35.98 6.94
C ARG L 362 63.31 34.75 7.12
N GLN L 363 63.26 33.81 6.18
CA GLN L 363 64.09 32.60 6.31
C GLN L 363 65.56 32.95 6.13
N LEU L 364 65.88 33.74 5.12
CA LEU L 364 67.27 34.10 4.87
C LEU L 364 67.84 35.01 5.96
N ARG L 365 66.98 35.61 6.78
CA ARG L 365 67.41 36.42 7.91
C ARG L 365 67.36 35.67 9.24
N GLY L 366 67.00 34.39 9.22
CA GLY L 366 66.95 33.62 10.45
C GLY L 366 65.80 33.95 11.39
N GLU L 367 64.74 34.57 10.88
CA GLU L 367 63.64 35.02 11.72
C GLU L 367 62.38 34.18 11.60
N SER L 368 62.34 33.23 10.68
CA SER L 368 61.14 32.43 10.49
C SER L 368 61.00 31.37 11.57
N ASP L 369 59.75 30.99 11.84
CA ASP L 369 59.47 30.14 13.00
C ASP L 369 59.96 28.71 12.80
N ASN L 370 59.90 28.19 11.59
CA ASN L 370 60.55 26.94 11.21
C ASN L 370 61.74 27.30 10.34
N GLN L 371 62.90 27.45 10.95
CA GLN L 371 64.07 28.04 10.33
C GLN L 371 65.04 26.96 9.87
N VAL L 372 65.41 27.01 8.59
CA VAL L 372 66.50 26.17 8.09
C VAL L 372 67.82 26.79 8.53
N LYS L 373 68.57 26.05 9.35
CA LYS L 373 69.84 26.56 9.84
C LYS L 373 70.81 26.78 8.69
N GLY L 374 71.46 27.94 8.68
CA GLY L 374 72.45 28.25 7.67
C GLY L 374 71.89 28.35 6.26
N ALA L 375 70.67 28.84 6.09
CA ALA L 375 70.09 29.01 4.78
C ALA L 375 70.64 30.25 4.10
N ARG L 376 71.19 30.08 2.88
CA ARG L 376 71.74 31.18 2.13
C ARG L 376 71.01 31.48 0.82
N ILE L 377 70.24 30.53 0.30
CA ILE L 377 69.56 30.68 -0.99
C ILE L 377 68.11 30.25 -0.84
N GLY L 378 67.20 31.11 -1.26
CA GLY L 378 65.79 30.78 -1.29
C GLY L 378 65.19 31.07 -2.64
N VAL L 379 64.30 30.19 -3.09
CA VAL L 379 63.71 30.27 -4.42
C VAL L 379 62.19 30.19 -4.31
N SER L 380 61.51 31.09 -5.01
CA SER L 380 60.05 31.15 -5.03
C SER L 380 59.54 30.69 -6.38
N GLN L 381 58.80 29.58 -6.38
CA GLN L 381 58.12 29.09 -7.57
C GLN L 381 56.64 29.49 -7.50
N ASN L 382 56.18 30.22 -8.51
CA ASN L 382 54.81 30.70 -8.53
C ASN L 382 54.26 30.60 -9.94
N LEU L 383 53.00 30.16 -10.04
CA LEU L 383 52.31 30.03 -11.32
C LEU L 383 50.95 30.71 -11.26
N GLY L 384 50.49 31.15 -12.41
CA GLY L 384 49.16 31.75 -12.52
C GLY L 384 48.38 31.07 -13.62
N GLY L 385 47.08 30.89 -13.38
CA GLY L 385 46.34 29.96 -14.21
C GLY L 385 46.89 28.57 -13.98
N TYR L 386 46.97 27.78 -15.05
CA TYR L 386 47.75 26.53 -15.01
C TYR L 386 49.03 26.76 -15.79
N ALA L 387 50.05 27.26 -15.09
CA ALA L 387 51.37 27.53 -15.66
C ALA L 387 51.31 28.51 -16.83
N ALA L 388 50.23 29.29 -16.94
CA ALA L 388 50.19 30.36 -17.93
C ALA L 388 51.25 31.41 -17.61
N HIS L 389 51.15 32.02 -16.44
CA HIS L 389 52.28 32.73 -15.85
C HIS L 389 53.16 31.75 -15.09
N ASN L 390 54.45 32.09 -15.02
CA ASN L 390 55.33 31.41 -14.09
C ASN L 390 56.43 32.37 -13.67
N SER L 391 56.62 32.49 -12.36
CA SER L 391 57.65 33.35 -11.78
C SER L 391 58.55 32.52 -10.90
N VAL L 392 59.85 32.55 -11.20
CA VAL L 392 60.87 31.95 -10.35
C VAL L 392 61.79 33.09 -9.89
N ILE L 393 61.77 33.37 -8.60
CA ILE L 393 62.55 34.45 -8.00
C ILE L 393 63.57 33.82 -7.06
N VAL L 394 64.83 34.26 -7.17
CA VAL L 394 65.92 33.74 -6.37
C VAL L 394 66.44 34.85 -5.49
N LEU L 395 66.48 34.60 -4.18
CA LEU L 395 66.97 35.55 -3.20
C LEU L 395 68.13 34.94 -2.43
N SER L 396 69.11 35.77 -2.09
CA SER L 396 70.23 35.39 -1.25
C SER L 396 70.43 36.44 -0.16
N ASN L 397 70.92 35.99 1.00
CA ASN L 397 71.18 36.90 2.12
C ASN L 397 72.51 37.63 1.98
N ASP L 398 73.31 37.31 0.97
CA ASP L 398 74.60 37.97 0.76
C ASP L 398 74.70 38.57 -0.64
N LYS M 4 4.00 65.47 34.05
CA LYS M 4 4.68 64.99 32.86
C LYS M 4 3.73 64.20 31.96
N LYS M 5 3.04 64.92 31.06
CA LYS M 5 2.16 64.29 30.10
C LYS M 5 2.92 63.99 28.81
N ILE M 6 2.48 62.95 28.10
CA ILE M 6 3.19 62.39 26.97
C ILE M 6 2.42 62.70 25.70
N GLY M 7 3.15 63.11 24.66
CA GLY M 7 2.55 63.40 23.37
C GLY M 7 3.56 63.65 22.28
N ILE M 8 3.18 64.46 21.29
CA ILE M 8 4.05 64.78 20.17
C ILE M 8 5.01 65.89 20.59
N VAL M 9 6.29 65.71 20.30
CA VAL M 9 7.30 66.73 20.55
C VAL M 9 7.57 67.56 19.31
N SER M 10 7.71 66.91 18.15
CA SER M 10 7.93 67.60 16.89
C SER M 10 7.48 66.69 15.76
N TYR M 11 7.32 67.28 14.58
CA TYR M 11 6.88 66.53 13.41
C TYR M 11 7.56 67.04 12.16
N GLY M 12 7.57 66.19 11.13
CA GLY M 12 8.12 66.55 9.84
C GLY M 12 7.38 65.79 8.76
N ALA M 13 7.51 66.28 7.53
CA ALA M 13 6.78 65.68 6.43
C ALA M 13 7.61 65.75 5.16
N GLY M 14 7.46 64.74 4.31
CA GLY M 14 8.09 64.72 3.01
C GLY M 14 7.12 64.29 1.93
N ILE M 15 7.03 65.06 0.85
CA ILE M 15 6.09 64.80 -0.24
C ILE M 15 6.77 65.09 -1.58
N PRO M 16 6.53 64.27 -2.60
CA PRO M 16 7.20 64.49 -3.89
C PRO M 16 6.82 65.83 -4.51
N VAL M 17 7.74 66.34 -5.32
CA VAL M 17 7.52 67.65 -5.93
C VAL M 17 6.77 67.55 -7.25
N CYS M 18 6.93 66.44 -7.97
CA CYS M 18 6.33 66.31 -9.30
C CYS M 18 4.81 66.22 -9.20
N ARG M 19 4.13 66.91 -10.12
CA ARG M 19 2.68 66.96 -10.15
C ARG M 19 2.17 66.58 -11.53
N LEU M 20 1.02 65.90 -11.56
CA LEU M 20 0.35 65.54 -12.80
C LEU M 20 -1.11 65.96 -12.68
N LYS M 21 -1.57 66.81 -13.61
CA LYS M 21 -2.94 67.27 -13.60
C LYS M 21 -3.89 66.11 -13.87
N VAL M 22 -5.08 66.18 -13.25
CA VAL M 22 -6.05 65.09 -13.37
C VAL M 22 -6.53 64.96 -14.81
N GLN M 23 -6.71 66.08 -15.52
CA GLN M 23 -7.24 66.02 -16.88
C GLN M 23 -6.33 65.21 -17.80
N GLU M 24 -5.03 65.14 -17.49
CA GLU M 24 -4.09 64.39 -18.33
C GLU M 24 -4.40 62.90 -18.29
N VAL M 25 -4.78 62.37 -17.12
CA VAL M 25 -5.10 60.95 -17.01
C VAL M 25 -6.43 60.64 -17.69
N ILE M 26 -7.39 61.57 -17.59
CA ILE M 26 -8.72 61.30 -18.14
C ILE M 26 -8.66 61.25 -19.67
N ASN M 27 -7.89 62.15 -20.29
CA ASN M 27 -7.82 62.19 -21.74
C ASN M 27 -7.30 60.88 -22.33
N VAL M 28 -6.41 60.20 -21.62
CA VAL M 28 -5.84 58.96 -22.13
C VAL M 28 -6.83 57.81 -21.99
N TRP M 29 -7.38 57.62 -20.78
CA TRP M 29 -8.20 56.45 -20.51
C TRP M 29 -9.68 56.68 -20.71
N LYS M 30 -10.18 57.90 -20.48
CA LYS M 30 -11.58 58.23 -20.68
C LYS M 30 -12.49 57.30 -19.89
N ASN M 31 -12.10 57.00 -18.64
CA ASN M 31 -12.80 56.03 -17.82
C ASN M 31 -13.62 56.65 -16.69
N THR M 32 -13.65 57.98 -16.59
CA THR M 32 -14.45 58.63 -15.55
C THR M 32 -14.67 60.09 -15.94
N ASP M 33 -15.55 60.73 -15.18
CA ASP M 33 -15.92 62.12 -15.46
C ASP M 33 -14.87 63.07 -14.91
N LEU M 34 -14.47 64.04 -15.74
CA LEU M 34 -13.47 65.02 -15.30
C LEU M 34 -14.03 65.93 -14.21
N LYS M 35 -15.27 66.41 -14.40
CA LYS M 35 -15.92 67.23 -13.38
C LYS M 35 -16.05 66.47 -12.06
N LEU M 36 -16.24 65.16 -12.13
CA LEU M 36 -16.45 64.37 -10.91
C LEU M 36 -15.24 64.46 -9.99
N VAL M 37 -14.05 64.22 -10.54
CA VAL M 37 -12.84 64.18 -9.71
C VAL M 37 -12.45 65.58 -9.23
N GLU M 38 -12.53 66.58 -10.11
CA GLU M 38 -12.07 67.91 -9.74
C GLU M 38 -13.07 68.63 -8.83
N GLU M 39 -14.36 68.46 -9.07
CA GLU M 39 -15.37 69.20 -8.32
C GLU M 39 -15.95 68.42 -7.15
N ASN M 40 -16.44 67.20 -7.39
CA ASN M 40 -17.02 66.41 -6.31
C ASN M 40 -15.95 65.79 -5.43
N LEU M 41 -14.95 65.13 -6.04
CA LEU M 41 -13.92 64.48 -5.26
C LEU M 41 -12.94 65.49 -4.68
N GLY M 42 -12.65 66.57 -5.41
CA GLY M 42 -11.87 67.66 -4.87
C GLY M 42 -10.39 67.62 -5.15
N VAL M 43 -9.94 66.74 -6.05
CA VAL M 43 -8.52 66.62 -6.38
C VAL M 43 -8.32 67.15 -7.80
N THR M 44 -7.49 68.18 -7.93
CA THR M 44 -7.21 68.80 -9.22
C THR M 44 -5.82 68.48 -9.75
N GLU M 45 -5.04 67.69 -9.03
CA GLU M 45 -3.74 67.18 -9.46
C GLU M 45 -3.20 66.22 -8.41
N ARG M 46 -2.28 65.36 -8.84
CA ARG M 46 -1.73 64.31 -7.99
C ARG M 46 -0.22 64.34 -8.04
N ALA M 47 0.40 63.75 -7.01
CA ALA M 47 1.84 63.72 -6.89
C ALA M 47 2.41 62.53 -7.67
N VAL M 48 3.52 62.76 -8.35
CA VAL M 48 4.17 61.76 -9.18
C VAL M 48 5.48 61.35 -8.52
N LEU M 49 5.72 60.04 -8.42
CA LEU M 49 6.94 59.52 -7.83
C LEU M 49 8.07 59.56 -8.86
N GLN M 50 9.15 60.27 -8.54
CA GLN M 50 10.31 60.31 -9.41
C GLN M 50 11.02 58.95 -9.38
N PRO M 51 11.83 58.65 -10.39
CA PRO M 51 12.55 57.35 -10.39
C PRO M 51 13.43 57.13 -9.18
N ASP M 52 13.91 58.19 -8.53
CA ASP M 52 14.83 58.08 -7.41
C ASP M 52 14.17 58.35 -6.06
N GLU M 53 12.84 58.28 -6.00
CA GLU M 53 12.10 58.40 -4.74
C GLU M 53 11.34 57.11 -4.47
N ASP M 54 11.14 56.82 -3.18
CA ASP M 54 10.27 55.72 -2.77
C ASP M 54 9.86 55.96 -1.31
N VAL M 55 9.36 54.91 -0.67
CA VAL M 55 8.90 55.04 0.71
C VAL M 55 10.05 55.44 1.63
N ILE M 56 11.21 54.80 1.47
CA ILE M 56 12.35 55.10 2.34
C ILE M 56 12.84 56.53 2.09
N THR M 57 12.91 56.93 0.83
CA THR M 57 13.33 58.30 0.50
C THR M 57 12.44 59.32 1.19
N LEU M 58 11.13 59.22 0.98
CA LEU M 58 10.20 60.16 1.60
C LEU M 58 10.19 59.99 3.12
N GLY M 59 10.36 58.76 3.60
CA GLY M 59 10.30 58.52 5.03
C GLY M 59 11.47 59.16 5.78
N VAL M 60 12.69 58.95 5.28
CA VAL M 60 13.86 59.51 5.95
C VAL M 60 13.86 61.03 5.89
N LEU M 61 13.29 61.60 4.81
CA LEU M 61 13.16 63.05 4.74
C LEU M 61 12.23 63.57 5.82
N ALA M 62 11.07 62.93 5.98
CA ALA M 62 10.14 63.34 7.03
C ALA M 62 10.73 63.11 8.42
N ALA M 63 11.42 61.97 8.61
CA ALA M 63 11.97 61.66 9.92
C ALA M 63 13.06 62.66 10.30
N GLN M 64 14.00 62.92 9.37
CA GLN M 64 15.06 63.87 9.65
C GLN M 64 14.51 65.26 9.87
N ARG M 65 13.46 65.64 9.13
CA ARG M 65 12.84 66.95 9.33
C ARG M 65 12.22 67.05 10.71
N ALA M 66 11.62 65.97 11.19
CA ALA M 66 11.15 65.94 12.57
C ALA M 66 12.31 65.94 13.56
N LEU M 67 13.37 65.18 13.25
CA LEU M 67 14.53 65.15 14.12
C LEU M 67 15.30 66.46 14.12
N ASP M 68 15.15 67.29 13.09
CA ASP M 68 15.86 68.56 13.03
C ASP M 68 15.39 69.50 14.14
N LYS M 69 14.15 69.34 14.63
CA LYS M 69 13.65 70.19 15.70
C LYS M 69 14.23 69.80 17.06
N VAL M 70 14.72 68.59 17.22
CA VAL M 70 15.39 68.17 18.45
C VAL M 70 16.83 67.80 18.10
N PRO M 71 17.76 68.76 18.08
CA PRO M 71 19.14 68.42 17.73
C PRO M 71 19.77 67.51 18.77
N GLY M 72 20.67 66.64 18.31
CA GLY M 72 21.37 65.72 19.17
C GLY M 72 20.51 64.64 19.79
N HIS M 73 19.30 64.44 19.29
CA HIS M 73 18.42 63.41 19.85
C HIS M 73 18.94 62.01 19.54
N GLN M 74 18.81 61.12 20.51
CA GLN M 74 19.16 59.71 20.36
C GLN M 74 17.87 58.92 20.12
N ILE M 75 17.79 58.25 18.97
CA ILE M 75 16.58 57.51 18.63
C ILE M 75 16.46 56.31 19.56
N GLU M 76 15.32 56.21 20.23
CA GLU M 76 15.04 55.11 21.15
C GLU M 76 14.18 54.01 20.55
N ALA M 77 13.37 54.34 19.54
CA ALA M 77 12.49 53.40 18.87
C ALA M 77 11.96 54.04 17.60
N LEU M 78 11.91 53.26 16.52
CA LEU M 78 11.48 53.77 15.22
C LEU M 78 10.59 52.72 14.55
N TYR M 79 9.33 53.08 14.32
CA TYR M 79 8.36 52.19 13.69
C TYR M 79 7.85 52.83 12.42
N LEU M 80 8.06 52.15 11.30
CA LEU M 80 7.66 52.65 9.98
C LEU M 80 6.33 52.01 9.59
N GLY M 81 5.31 52.85 9.42
CA GLY M 81 4.00 52.37 9.02
C GLY M 81 3.75 52.57 7.54
N THR M 82 3.76 51.48 6.78
CA THR M 82 3.54 51.56 5.34
C THR M 82 2.93 50.25 4.86
N CYS M 83 2.07 50.36 3.84
CA CYS M 83 1.53 49.20 3.14
C CYS M 83 2.15 49.00 1.77
N THR M 84 2.90 49.98 1.26
CA THR M 84 3.63 49.84 0.02
C THR M 84 5.12 49.73 0.31
N ASN M 85 5.49 48.70 1.08
CA ASN M 85 6.85 48.59 1.58
C ASN M 85 7.80 48.16 0.46
N PRO M 86 8.98 48.79 0.35
CA PRO M 86 9.97 48.33 -0.64
C PRO M 86 10.54 46.96 -0.35
N TYR M 87 10.40 46.46 0.88
CA TYR M 87 10.90 45.13 1.24
C TYR M 87 9.76 44.35 1.88
N ASP M 88 9.42 43.20 1.31
CA ASP M 88 8.36 42.37 1.89
C ASP M 88 8.86 41.61 3.11
N SER M 89 10.10 41.11 3.07
CA SER M 89 10.78 40.57 4.24
C SER M 89 12.01 41.42 4.49
N ARG M 90 12.33 41.60 5.78
CA ARG M 90 13.29 42.56 6.35
C ARG M 90 12.57 43.90 6.53
N ALA M 91 13.05 44.73 7.46
CA ALA M 91 12.37 45.94 7.87
C ALA M 91 12.98 47.16 7.19
N SER M 92 12.15 47.92 6.47
CA SER M 92 12.62 49.15 5.85
C SER M 92 12.93 50.21 6.91
N ALA M 93 12.26 50.14 8.06
CA ALA M 93 12.54 51.06 9.15
C ALA M 93 14.00 50.94 9.59
N SER M 94 14.54 49.73 9.56
CA SER M 94 15.94 49.51 9.90
C SER M 94 16.86 50.38 9.05
N ILE M 95 16.51 50.56 7.77
CA ILE M 95 17.34 51.37 6.88
C ILE M 95 17.23 52.84 7.24
N ILE M 96 16.00 53.30 7.52
CA ILE M 96 15.82 54.70 7.93
C ILE M 96 16.58 54.99 9.22
N LEU M 97 16.60 54.02 10.13
CA LEU M 97 17.37 54.19 11.37
C LEU M 97 18.85 54.40 11.07
N GLU M 98 19.40 53.64 10.12
CA GLU M 98 20.81 53.78 9.78
C GLU M 98 21.07 55.13 9.11
N MET M 99 20.15 55.59 8.27
CA MET M 99 20.35 56.86 7.59
C MET M 99 20.35 58.03 8.56
N LEU M 100 19.56 57.95 9.63
CA LEU M 100 19.46 59.06 10.58
C LEU M 100 20.68 59.16 11.49
N GLY M 101 21.39 58.05 11.69
CA GLY M 101 22.63 58.04 12.44
C GLY M 101 22.48 58.58 13.84
N SER M 102 21.33 58.34 14.46
CA SER M 102 21.06 58.81 15.81
C SER M 102 21.10 57.70 16.85
N GLY M 103 21.53 56.51 16.47
CA GLY M 103 21.65 55.41 17.41
C GLY M 103 21.23 54.09 16.80
N TYR M 104 21.86 53.01 17.26
CA TYR M 104 21.54 51.67 16.81
C TYR M 104 20.65 50.91 17.79
N ASP M 105 20.70 51.25 19.08
CA ASP M 105 19.88 50.60 20.10
C ASP M 105 18.50 51.23 20.07
N ALA M 106 17.58 50.61 19.33
CA ALA M 106 16.24 51.13 19.19
C ALA M 106 15.26 50.00 18.90
N TYR M 107 14.05 50.12 19.44
CA TYR M 107 12.96 49.23 19.06
C TYR M 107 12.55 49.55 17.62
N CYS M 108 12.67 48.57 16.73
CA CYS M 108 12.47 48.83 15.31
C CYS M 108 11.64 47.72 14.70
N ALA M 109 10.66 48.10 13.87
CA ALA M 109 9.80 47.16 13.18
C ALA M 109 8.99 47.91 12.14
N ASP M 110 8.38 47.15 11.22
CA ASP M 110 7.53 47.68 10.17
C ASP M 110 6.08 47.33 10.48
N VAL M 111 5.22 48.34 10.56
CA VAL M 111 3.80 48.17 10.88
C VAL M 111 3.00 48.40 9.62
N GLN M 112 2.05 47.50 9.34
CA GLN M 112 1.29 47.57 8.08
C GLN M 112 -0.17 47.23 8.34
N PHE M 113 -1.05 48.19 8.06
CA PHE M 113 -2.49 47.98 8.02
C PHE M 113 -3.08 49.06 7.12
N ALA M 114 -2.71 49.02 5.84
CA ALA M 114 -3.31 49.82 4.77
C ALA M 114 -3.19 51.30 5.15
N GLY M 115 -4.25 52.10 5.06
CA GLY M 115 -4.15 53.53 5.30
C GLY M 115 -3.99 53.93 6.76
N LYS M 116 -4.18 53.01 7.70
CA LYS M 116 -4.03 53.32 9.11
C LYS M 116 -2.69 52.83 9.66
N SER M 117 -1.76 52.45 8.80
CA SER M 117 -0.45 52.01 9.26
C SER M 117 0.27 53.12 10.01
N GLY M 118 0.09 54.37 9.60
CA GLY M 118 0.75 55.48 10.29
C GLY M 118 0.27 55.62 11.72
N THR M 119 -1.06 55.67 11.92
CA THR M 119 -1.60 55.83 13.26
C THR M 119 -1.39 54.58 14.10
N SER M 120 -1.43 53.40 13.49
CA SER M 120 -1.11 52.18 14.23
C SER M 120 0.33 52.21 14.72
N ALA M 121 1.25 52.74 13.90
CA ALA M 121 2.62 52.93 14.37
C ALA M 121 2.69 54.03 15.41
N LEU M 122 1.86 55.06 15.26
CA LEU M 122 1.83 56.14 16.25
C LEU M 122 1.37 55.62 17.61
N GLN M 123 0.36 54.74 17.62
CA GLN M 123 -0.12 54.18 18.89
C GLN M 123 0.92 53.26 19.52
N ILE M 124 1.70 52.56 18.71
CA ILE M 124 2.80 51.76 19.24
C ILE M 124 3.83 52.66 19.92
N CYS M 125 4.21 53.75 19.25
CA CYS M 125 5.16 54.70 19.83
C CYS M 125 4.63 55.26 21.14
N GLN M 126 3.35 55.61 21.20
CA GLN M 126 2.77 56.10 22.44
C GLN M 126 2.85 55.04 23.53
N ALA M 127 2.60 53.78 23.18
CA ALA M 127 2.62 52.71 24.18
C ALA M 127 4.01 52.49 24.73
N LEU M 128 5.04 52.57 23.88
CA LEU M 128 6.41 52.41 24.35
C LEU M 128 6.80 53.50 25.34
N VAL M 129 6.49 54.77 25.02
CA VAL M 129 6.85 55.86 25.92
C VAL M 129 6.01 55.80 27.19
N ALA M 130 4.70 55.59 27.05
CA ALA M 130 3.81 55.61 28.22
C ALA M 130 4.12 54.45 29.16
N SER M 131 4.49 53.30 28.63
CA SER M 131 4.84 52.16 29.47
C SER M 131 6.19 52.31 30.12
N GLY M 132 6.94 53.36 29.80
CA GLY M 132 8.28 53.52 30.33
C GLY M 132 9.32 52.63 29.71
N MET M 133 8.98 51.89 28.66
CA MET M 133 9.96 51.03 28.00
C MET M 133 11.00 51.87 27.26
N THR M 134 10.61 53.02 26.72
CA THR M 134 11.54 53.99 26.15
C THR M 134 11.14 55.38 26.62
N GLY M 135 12.12 56.30 26.61
CA GLY M 135 11.83 57.69 26.90
C GLY M 135 11.24 58.46 25.75
N SER M 136 11.52 58.02 24.51
CA SER M 136 10.96 58.64 23.33
C SER M 136 10.75 57.57 22.26
N ALA M 137 10.03 57.93 21.21
CA ALA M 137 9.78 57.01 20.11
C ALA M 137 9.41 57.80 18.88
N LEU M 138 9.83 57.30 17.71
CA LEU M 138 9.60 57.96 16.44
C LEU M 138 8.66 57.12 15.58
N ALA M 139 7.58 57.74 15.12
CA ALA M 139 6.62 57.11 14.22
C ALA M 139 6.71 57.73 12.83
N ILE M 140 6.68 56.88 11.81
CA ILE M 140 6.71 57.33 10.42
C ILE M 140 5.55 56.71 9.66
N GLY M 141 4.73 57.54 9.03
CA GLY M 141 3.73 57.08 8.08
C GLY M 141 4.12 57.52 6.69
N ALA M 142 4.20 56.55 5.78
CA ALA M 142 4.65 56.80 4.42
C ALA M 142 3.98 55.80 3.49
N ASP M 143 3.75 56.23 2.25
CA ASP M 143 3.10 55.39 1.25
C ASP M 143 3.32 55.97 -0.12
N THR M 144 3.41 55.09 -1.11
CA THR M 144 3.52 55.47 -2.52
C THR M 144 2.38 54.82 -3.27
N ILE M 145 1.16 55.36 -3.08
CA ILE M 145 -0.03 54.78 -3.70
C ILE M 145 0.07 54.88 -5.21
N ASN M 146 0.60 55.99 -5.73
CA ASN M 146 0.73 56.17 -7.17
C ASN M 146 1.61 55.10 -7.78
N ARG M 147 2.64 54.66 -7.07
CA ARG M 147 3.47 53.56 -7.57
C ARG M 147 2.70 52.25 -7.64
N ASN M 148 1.78 52.02 -6.69
CA ASN M 148 1.05 50.77 -6.58
C ASN M 148 -0.40 50.91 -7.04
N THR M 149 -0.67 51.82 -7.97
CA THR M 149 -1.96 51.94 -8.64
C THR M 149 -1.75 51.72 -10.13
N ALA M 150 -2.48 50.77 -10.70
CA ALA M 150 -2.26 50.38 -12.07
C ALA M 150 -2.69 51.48 -13.04
N PRO M 151 -2.03 51.60 -14.19
CA PRO M 151 -2.52 52.51 -15.23
C PRO M 151 -3.89 52.06 -15.72
N GLY M 152 -4.78 53.03 -15.90
CA GLY M 152 -6.13 52.74 -16.31
C GLY M 152 -7.10 52.43 -15.18
N ASP M 153 -6.59 52.28 -13.96
CA ASP M 153 -7.48 52.09 -12.82
C ASP M 153 -8.34 53.33 -12.63
N LEU M 154 -9.52 53.12 -12.05
CA LEU M 154 -10.44 54.23 -11.84
C LEU M 154 -9.90 55.23 -10.83
N THR M 155 -9.05 54.77 -9.91
CA THR M 155 -8.48 55.63 -8.88
C THR M 155 -7.12 56.18 -9.25
N GLU M 156 -6.67 55.95 -10.50
CA GLU M 156 -5.32 56.35 -10.88
C GLU M 156 -5.16 57.87 -10.90
N SER M 157 -6.22 58.60 -11.26
CA SER M 157 -6.09 60.04 -11.41
C SER M 157 -5.81 60.75 -10.09
N TYR M 158 -6.13 60.12 -8.95
CA TYR M 158 -5.87 60.72 -7.65
C TYR M 158 -5.06 59.79 -6.75
N ALA M 159 -4.15 59.02 -7.34
CA ALA M 159 -3.22 58.19 -6.58
C ALA M 159 -1.93 58.96 -6.35
N GLY M 160 -1.51 59.05 -5.08
CA GLY M 160 -0.35 59.86 -4.74
C GLY M 160 0.60 59.22 -3.76
N ALA M 161 1.50 60.02 -3.21
CA ALA M 161 2.50 59.52 -2.28
C ALA M 161 2.84 60.63 -1.29
N GLY M 162 3.38 60.22 -0.14
CA GLY M 162 3.77 61.18 0.87
C GLY M 162 4.26 60.48 2.12
N ALA M 163 4.91 61.25 2.98
CA ALA M 163 5.43 60.73 4.24
C ALA M 163 5.26 61.78 5.33
N ALA M 164 4.98 61.31 6.54
CA ALA M 164 4.87 62.16 7.71
C ALA M 164 5.43 61.41 8.91
N ALA M 165 6.23 62.10 9.72
CA ALA M 165 6.87 61.49 10.88
C ALA M 165 6.63 62.35 12.10
N LEU M 166 6.34 61.70 13.23
CA LEU M 166 6.10 62.39 14.48
C LEU M 166 6.96 61.77 15.57
N LEU M 167 7.55 62.61 16.40
CA LEU M 167 8.40 62.17 17.49
C LEU M 167 7.60 62.23 18.79
N ILE M 168 7.48 61.09 19.47
CA ILE M 168 6.70 60.96 20.69
C ILE M 168 7.64 60.99 21.89
N GLY M 169 7.36 61.88 22.83
CA GLY M 169 8.18 62.01 24.02
C GLY M 169 7.40 62.67 25.13
N SER M 170 8.09 62.92 26.24
CA SER M 170 7.46 63.49 27.43
C SER M 170 8.03 64.86 27.80
N GLN M 171 8.85 65.46 26.94
CA GLN M 171 9.51 66.72 27.25
C GLN M 171 9.25 67.70 26.11
N ASP M 172 8.83 68.92 26.48
CA ASP M 172 8.53 69.97 25.50
C ASP M 172 7.48 69.51 24.50
N VAL M 173 6.42 68.91 25.02
CA VAL M 173 5.35 68.35 24.19
C VAL M 173 4.49 69.48 23.62
N ILE M 174 4.21 69.41 22.33
CA ILE M 174 3.36 70.40 21.68
C ILE M 174 1.91 69.96 21.56
N ALA M 175 1.64 68.65 21.63
CA ALA M 175 0.27 68.14 21.55
C ALA M 175 0.18 66.87 22.36
N GLU M 176 -0.67 66.87 23.38
CA GLU M 176 -0.78 65.73 24.28
C GLU M 176 -1.54 64.59 23.63
N PHE M 177 -1.20 63.38 24.04
CA PHE M 177 -1.89 62.15 23.61
C PHE M 177 -2.85 61.77 24.72
N ASP M 178 -4.10 62.21 24.60
CA ASP M 178 -5.07 62.04 25.68
C ASP M 178 -5.56 60.60 25.77
N ALA M 179 -6.14 60.08 24.69
CA ALA M 179 -6.66 58.72 24.70
C ALA M 179 -6.77 58.21 23.28
N SER M 180 -6.95 56.90 23.16
CA SER M 180 -7.04 56.25 21.86
C SER M 180 -7.99 55.06 21.93
N PHE M 181 -8.45 54.64 20.75
CA PHE M 181 -9.38 53.53 20.60
C PHE M 181 -9.22 52.96 19.20
N SER M 182 -9.37 51.64 19.08
CA SER M 182 -9.10 50.96 17.81
C SER M 182 -10.08 49.82 17.59
N CYS M 183 -10.35 49.56 16.31
CA CYS M 183 -11.23 48.47 15.89
C CYS M 183 -10.70 47.87 14.60
N ALA M 184 -11.20 46.68 14.28
CA ALA M 184 -10.77 45.97 13.08
C ALA M 184 -11.76 44.86 12.76
N ALA M 185 -11.74 44.42 11.50
CA ALA M 185 -12.61 43.34 11.03
C ALA M 185 -12.12 42.91 9.65
N ASP M 186 -12.72 41.83 9.14
CA ASP M 186 -12.36 41.29 7.83
C ASP M 186 -13.39 41.79 6.82
N VAL M 187 -13.15 43.00 6.31
CA VAL M 187 -13.99 43.64 5.32
C VAL M 187 -13.09 44.01 4.14
N ALA M 188 -13.05 43.14 3.14
CA ALA M 188 -12.02 43.20 2.10
C ALA M 188 -12.47 44.08 0.94
N ASP M 189 -12.75 45.35 1.27
CA ASP M 189 -13.11 46.33 0.25
C ASP M 189 -11.93 46.59 -0.68
N ASN M 190 -10.72 46.61 -0.14
CA ASN M 190 -9.50 46.70 -0.92
C ASN M 190 -8.49 45.70 -0.37
N ILE M 191 -7.79 45.01 -1.26
CA ILE M 191 -6.80 44.02 -0.88
C ILE M 191 -5.62 44.10 -1.84
N ARG M 192 -4.47 43.59 -1.38
CA ARG M 192 -3.30 43.42 -2.23
C ARG M 192 -2.65 42.08 -1.87
N PRO M 193 -2.89 41.04 -2.67
CA PRO M 193 -2.31 39.73 -2.34
C PRO M 193 -0.80 39.76 -2.39
N GLN M 194 -0.19 38.79 -1.73
CA GLN M 194 1.27 38.67 -1.73
C GLN M 194 1.77 38.44 -3.15
N GLY M 195 2.75 39.25 -3.56
CA GLY M 195 3.27 39.21 -4.90
C GLY M 195 2.62 40.17 -5.88
N ASP M 196 1.42 40.66 -5.58
CA ASP M 196 0.77 41.64 -6.43
C ASP M 196 1.41 43.00 -6.27
N ARG M 197 1.60 43.71 -7.39
CA ARG M 197 2.14 45.06 -7.30
C ARG M 197 1.06 46.08 -6.99
N TYR M 198 -0.14 45.89 -7.54
CA TYR M 198 -1.17 46.92 -7.52
C TYR M 198 -2.25 46.60 -6.50
N ILE M 199 -2.68 47.62 -5.76
CA ILE M 199 -3.83 47.49 -4.89
C ILE M 199 -5.08 47.28 -5.72
N ARG M 200 -5.92 46.33 -5.32
CA ARG M 200 -7.14 46.02 -6.03
C ARG M 200 -8.34 46.25 -5.12
N SER M 201 -9.46 46.63 -5.74
CA SER M 201 -10.70 46.85 -5.02
C SER M 201 -11.49 45.55 -4.95
N GLY M 202 -12.17 45.34 -3.82
CA GLY M 202 -13.00 44.16 -3.67
C GLY M 202 -14.38 44.28 -4.28
N MET M 203 -14.76 45.48 -4.73
CA MET M 203 -16.08 45.73 -5.29
C MET M 203 -16.04 47.06 -6.03
N GLY M 204 -17.11 47.36 -6.73
CA GLY M 204 -17.17 48.60 -7.49
C GLY M 204 -17.15 49.80 -6.57
N LEU M 205 -16.48 50.87 -7.02
CA LEU M 205 -16.39 52.09 -6.24
C LEU M 205 -17.74 52.79 -6.18
N GLY M 206 -18.02 53.40 -5.04
CA GLY M 206 -19.28 54.11 -4.86
C GLY M 206 -19.62 54.26 -3.40
N SER M 207 -20.82 54.80 -3.16
CA SER M 207 -21.30 55.02 -1.80
C SER M 207 -21.59 53.72 -1.07
N ASP M 208 -21.86 52.63 -1.80
CA ASP M 208 -22.08 51.35 -1.14
C ASP M 208 -20.79 50.78 -0.58
N LYS M 209 -19.69 50.91 -1.31
CA LYS M 209 -18.41 50.42 -0.82
C LYS M 209 -17.90 51.23 0.36
N ASN M 210 -18.19 52.55 0.39
CA ASN M 210 -17.76 53.37 1.50
C ASN M 210 -18.56 53.07 2.76
N SER M 211 -19.84 52.73 2.62
CA SER M 211 -20.71 52.60 3.78
C SER M 211 -20.29 51.42 4.67
N ILE M 212 -19.88 50.31 4.07
CA ILE M 212 -19.53 49.12 4.85
C ILE M 212 -18.05 49.05 5.18
N GLY M 213 -17.22 49.89 4.56
CA GLY M 213 -15.80 49.90 4.84
C GLY M 213 -15.33 51.18 5.51
N LEU M 214 -15.19 52.24 4.72
CA LEU M 214 -14.71 53.51 5.25
C LEU M 214 -15.62 54.02 6.37
N GLU M 215 -16.93 54.11 6.10
CA GLU M 215 -17.83 54.75 7.04
C GLU M 215 -18.09 53.90 8.27
N ASP M 216 -18.13 52.57 8.11
CA ASP M 216 -18.41 51.70 9.25
C ASP M 216 -17.29 51.76 10.28
N GLN M 217 -16.05 51.49 9.86
CA GLN M 217 -14.93 51.44 10.80
C GLN M 217 -14.63 52.81 11.37
N THR M 218 -14.70 53.86 10.54
CA THR M 218 -14.44 55.21 11.02
C THR M 218 -15.36 55.58 12.17
N ARG M 219 -16.63 55.21 12.08
CA ARG M 219 -17.58 55.57 13.13
C ARG M 219 -17.36 54.74 14.39
N ARG M 220 -17.05 53.45 14.25
CA ARG M 220 -16.81 52.60 15.41
C ARG M 220 -15.66 53.15 16.25
N ALA M 221 -14.56 53.54 15.61
CA ALA M 221 -13.42 54.08 16.33
C ALA M 221 -13.78 55.42 16.97
N ALA M 222 -14.37 56.33 16.20
CA ALA M 222 -14.74 57.63 16.72
C ALA M 222 -15.72 57.49 17.88
N GLU M 223 -16.86 56.84 17.64
CA GLU M 223 -17.84 56.64 18.70
C GLU M 223 -17.24 55.87 19.87
N GLY M 224 -16.37 54.90 19.58
CA GLY M 224 -15.76 54.12 20.64
C GLY M 224 -14.86 54.96 21.53
N LEU M 225 -14.11 55.89 20.93
CA LEU M 225 -13.22 56.73 21.72
C LEU M 225 -14.00 57.77 22.51
N MET M 226 -14.97 58.42 21.87
CA MET M 226 -15.71 59.50 22.53
C MET M 226 -16.53 58.96 23.69
N ALA M 227 -17.06 57.74 23.56
CA ALA M 227 -17.78 57.12 24.67
C ALA M 227 -16.85 56.86 25.85
N LYS M 228 -15.57 56.57 25.58
CA LYS M 228 -14.61 56.38 26.66
C LYS M 228 -14.33 57.70 27.38
N LEU M 229 -14.32 58.81 26.64
CA LEU M 229 -14.05 60.12 27.21
C LEU M 229 -15.31 60.90 27.56
N HIS M 230 -16.49 60.35 27.29
CA HIS M 230 -17.76 61.02 27.52
C HIS M 230 -17.81 62.35 26.75
N THR M 231 -17.40 62.30 25.50
CA THR M 231 -17.30 63.48 24.66
C THR M 231 -18.14 63.31 23.40
N SER M 232 -18.41 64.44 22.75
CA SER M 232 -19.25 64.52 21.56
C SER M 232 -18.57 65.41 20.54
N PRO M 233 -19.01 65.37 19.27
CA PRO M 233 -18.32 66.15 18.23
C PRO M 233 -18.11 67.63 18.56
N ALA M 234 -19.02 68.25 19.33
CA ALA M 234 -18.90 69.66 19.63
C ALA M 234 -17.76 69.97 20.60
N ASP M 235 -17.12 68.96 21.17
CA ASP M 235 -16.04 69.15 22.12
C ASP M 235 -14.68 69.30 21.48
N TYR M 236 -14.57 69.03 20.17
CA TYR M 236 -13.28 69.04 19.48
C TYR M 236 -13.25 70.15 18.44
N ASP M 237 -12.18 70.94 18.46
CA ASP M 237 -12.04 72.05 17.51
C ASP M 237 -11.70 71.54 16.12
N TYR M 238 -10.84 70.53 16.04
CA TYR M 238 -10.39 69.97 14.77
C TYR M 238 -10.70 68.48 14.72
N VAL M 239 -11.10 68.00 13.56
CA VAL M 239 -11.27 66.58 13.30
C VAL M 239 -10.46 66.22 12.07
N VAL M 240 -9.75 65.08 12.15
CA VAL M 240 -8.89 64.62 11.06
C VAL M 240 -9.32 63.21 10.70
N PHE M 241 -9.68 63.01 9.44
CA PHE M 241 -10.01 61.69 8.93
C PHE M 241 -8.97 61.25 7.90
N GLN M 242 -9.12 60.00 7.45
CA GLN M 242 -8.38 59.55 6.29
C GLN M 242 -8.69 60.47 5.11
N GLN M 243 -7.64 60.93 4.42
CA GLN M 243 -7.79 61.90 3.36
C GLN M 243 -7.17 61.37 2.08
N ASN M 244 -7.75 60.29 1.54
CA ASN M 244 -7.44 59.89 0.18
C ASN M 244 -7.96 60.92 -0.81
N LEU M 245 -9.02 61.64 -0.45
CA LEU M 245 -9.62 62.67 -1.27
C LEU M 245 -10.04 63.82 -0.38
N VAL M 246 -10.22 64.99 -0.98
CA VAL M 246 -10.72 66.14 -0.21
C VAL M 246 -12.14 65.87 0.28
N SER M 247 -12.91 65.08 -0.48
CA SER M 247 -14.30 64.83 -0.12
C SER M 247 -14.43 63.91 1.08
N THR M 248 -13.47 63.02 1.31
CA THR M 248 -13.63 61.99 2.35
C THR M 248 -13.72 62.58 3.75
N PRO M 249 -12.85 63.50 4.18
CA PRO M 249 -13.03 64.06 5.53
C PRO M 249 -14.32 64.84 5.69
N TYR M 250 -14.75 65.55 4.63
CA TYR M 250 -16.00 66.31 4.71
C TYR M 250 -17.20 65.39 4.83
N SER M 251 -17.32 64.41 3.94
CA SER M 251 -18.46 63.50 3.98
C SER M 251 -18.50 62.71 5.28
N LEU M 252 -17.34 62.23 5.75
CA LEU M 252 -17.30 61.49 7.01
C LEU M 252 -17.73 62.36 8.18
N ALA M 253 -17.45 63.66 8.12
CA ALA M 253 -17.85 64.56 9.18
C ALA M 253 -19.36 64.77 9.18
N LYS M 254 -19.93 65.11 8.02
CA LYS M 254 -21.37 65.19 7.89
C LYS M 254 -22.06 63.91 8.33
N HIS M 255 -21.38 62.76 8.14
CA HIS M 255 -21.93 61.50 8.57
C HIS M 255 -21.87 61.33 10.09
N LEU M 256 -20.86 61.90 10.74
CA LEU M 256 -20.64 61.70 12.16
C LEU M 256 -21.06 62.89 13.01
N GLY M 257 -21.55 63.97 12.40
CA GLY M 257 -22.03 65.11 13.15
C GLY M 257 -21.02 66.21 13.36
N PHE M 258 -19.97 66.27 12.56
CA PHE M 258 -18.97 67.32 12.66
C PHE M 258 -19.21 68.38 11.60
N ASN M 259 -19.11 69.65 12.00
CA ASN M 259 -19.30 70.74 11.08
C ASN M 259 -18.17 70.80 10.07
N PRO M 260 -18.41 71.37 8.89
CA PRO M 260 -17.33 71.51 7.91
C PRO M 260 -16.18 72.36 8.43
N LYS M 261 -16.46 73.30 9.34
CA LYS M 261 -15.40 74.15 9.88
C LYS M 261 -14.39 73.33 10.66
N GLN M 262 -14.85 72.28 11.35
CA GLN M 262 -13.93 71.42 12.10
C GLN M 262 -13.04 70.60 11.18
N VAL M 263 -13.40 70.48 9.90
CA VAL M 263 -12.66 69.64 8.97
C VAL M 263 -11.65 70.43 8.18
N GLU M 264 -12.03 71.63 7.75
CA GLU M 264 -11.25 72.41 6.79
C GLU M 264 -9.79 72.61 7.18
N PRO M 265 -9.41 72.82 8.45
CA PRO M 265 -7.97 73.02 8.74
C PRO M 265 -7.08 71.87 8.32
N GLY M 266 -7.59 70.64 8.32
CA GLY M 266 -6.78 69.49 7.95
C GLY M 266 -6.71 69.19 6.46
N ILE M 267 -7.50 69.88 5.63
CA ILE M 267 -7.56 69.55 4.22
C ILE M 267 -6.29 70.01 3.52
N TYR M 268 -5.66 69.10 2.78
CA TYR M 268 -4.43 69.37 2.05
C TYR M 268 -4.33 68.65 0.72
N ALA M 269 -5.00 67.52 0.54
CA ALA M 269 -4.77 66.60 -0.56
C ALA M 269 -5.40 67.05 -1.88
N GLY M 270 -5.91 68.28 -1.96
CA GLY M 270 -6.40 68.77 -3.24
C GLY M 270 -5.31 68.85 -4.28
N ASN M 271 -4.06 68.84 -3.83
CA ASN M 271 -2.91 68.96 -4.71
C ASN M 271 -2.01 67.74 -4.69
N VAL M 272 -2.39 66.70 -3.94
CA VAL M 272 -1.54 65.55 -3.70
C VAL M 272 -2.19 64.25 -4.16
N GLY M 273 -3.48 64.09 -3.91
CA GLY M 273 -4.13 62.82 -4.11
C GLY M 273 -4.06 61.95 -2.87
N ASP M 274 -4.29 60.66 -3.08
CA ASP M 274 -4.31 59.70 -1.98
C ASP M 274 -2.89 59.51 -1.47
N ALA M 275 -2.64 59.97 -0.25
CA ALA M 275 -1.32 59.87 0.37
C ALA M 275 -1.13 58.59 1.17
N GLY M 276 -2.14 57.73 1.23
CA GLY M 276 -1.95 56.42 1.84
C GLY M 276 -1.90 56.49 3.35
N SER M 277 -0.93 55.79 3.95
CA SER M 277 -0.79 55.73 5.40
C SER M 277 -0.47 57.10 6.01
N ALA M 278 0.14 58.01 5.25
CA ALA M 278 0.50 59.32 5.78
C ALA M 278 -0.64 60.32 5.76
N SER M 279 -1.76 60.01 5.12
CA SER M 279 -2.84 60.97 4.95
C SER M 279 -3.48 61.41 6.27
N PRO M 280 -3.76 60.51 7.23
CA PRO M 280 -4.29 61.02 8.50
C PRO M 280 -3.25 61.82 9.29
N LEU M 281 -1.97 61.50 9.14
CA LEU M 281 -0.93 62.22 9.87
C LEU M 281 -0.68 63.58 9.24
N LEU M 282 -0.59 63.64 7.91
CA LEU M 282 -0.37 64.91 7.22
C LEU M 282 -1.47 65.91 7.53
N GLY M 283 -2.71 65.44 7.65
CA GLY M 283 -3.78 66.33 8.05
C GLY M 283 -3.57 66.89 9.45
N LEU M 284 -3.09 66.06 10.37
CA LEU M 284 -2.77 66.54 11.71
C LEU M 284 -1.65 67.57 11.67
N ILE M 285 -0.67 67.37 10.79
CA ILE M 285 0.43 68.32 10.65
C ILE M 285 -0.11 69.67 10.18
N ASN M 286 -0.99 69.65 9.18
CA ASN M 286 -1.58 70.88 8.69
C ASN M 286 -2.43 71.56 9.77
N VAL M 287 -3.00 70.78 10.69
CA VAL M 287 -3.77 71.33 11.78
C VAL M 287 -2.85 71.91 12.86
N LEU M 288 -1.84 71.14 13.27
CA LEU M 288 -0.90 71.60 14.28
C LEU M 288 -0.14 72.85 13.85
N ASP M 289 -0.02 73.09 12.55
CA ASP M 289 0.71 74.27 12.07
C ASP M 289 -0.01 75.56 12.42
N GLN M 290 -1.33 75.53 12.54
CA GLN M 290 -2.12 76.71 12.86
C GLN M 290 -2.88 76.58 14.18
N ALA M 291 -2.71 75.50 14.92
CA ALA M 291 -3.46 75.31 16.16
C ALA M 291 -2.96 76.25 17.26
N ARG M 292 -3.86 76.60 18.16
CA ARG M 292 -3.59 77.38 19.36
C ARG M 292 -3.48 76.46 20.57
N PRO M 293 -2.89 76.93 21.67
CA PRO M 293 -2.87 76.12 22.90
C PRO M 293 -4.27 75.86 23.42
N GLY M 294 -4.49 74.64 23.92
CA GLY M 294 -5.74 74.27 24.54
C GLY M 294 -6.75 73.61 23.61
N GLN M 295 -6.56 73.70 22.30
CA GLN M 295 -7.53 73.15 21.36
C GLN M 295 -7.46 71.63 21.35
N LYS M 296 -8.60 71.01 21.09
CA LYS M 296 -8.74 69.55 21.14
C LYS M 296 -8.88 68.99 19.72
N ILE M 297 -8.22 67.87 19.48
CA ILE M 297 -8.15 67.25 18.16
C ILE M 297 -8.62 65.80 18.27
N LEU M 298 -9.52 65.40 17.39
CA LEU M 298 -9.92 64.00 17.23
C LEU M 298 -9.51 63.54 15.84
N LEU M 299 -8.59 62.58 15.78
CA LEU M 299 -8.05 62.08 14.53
C LEU M 299 -8.45 60.62 14.36
N VAL M 300 -9.14 60.31 13.26
CA VAL M 300 -9.64 58.97 12.99
C VAL M 300 -9.13 58.52 11.64
N SER M 301 -8.30 57.47 11.63
CA SER M 301 -7.74 56.92 10.41
C SER M 301 -8.46 55.63 10.02
N TYR M 302 -8.55 55.40 8.71
CA TYR M 302 -9.21 54.20 8.17
C TYR M 302 -8.24 53.44 7.27
N GLY M 303 -8.06 52.16 7.56
CA GLY M 303 -7.34 51.26 6.68
C GLY M 303 -8.26 50.16 6.18
N PHE M 304 -8.15 49.83 4.90
CA PHE M 304 -9.05 48.87 4.27
C PHE M 304 -8.70 47.44 4.69
N GLY M 305 -9.55 46.48 4.29
CA GLY M 305 -9.43 45.13 4.83
C GLY M 305 -9.54 45.31 6.33
N ALA M 306 -10.68 45.86 6.73
CA ALA M 306 -10.72 47.13 7.44
C ALA M 306 -10.45 47.07 8.94
N GLY M 307 -10.00 48.22 9.44
CA GLY M 307 -9.91 48.61 10.83
C GLY M 307 -9.79 50.12 10.88
N SER M 308 -9.89 50.68 12.09
CA SER M 308 -9.78 52.12 12.23
C SER M 308 -9.14 52.47 13.55
N ASP M 309 -8.52 53.65 13.61
CA ASP M 309 -7.80 54.13 14.77
C ASP M 309 -8.30 55.53 15.11
N ALA M 310 -8.66 55.73 16.38
CA ALA M 310 -9.11 57.03 16.88
C ALA M 310 -8.15 57.50 17.96
N ILE M 311 -7.79 58.78 17.91
CA ILE M 311 -6.82 59.36 18.83
C ILE M 311 -7.23 60.79 19.14
N ALA M 312 -7.20 61.16 20.42
CA ALA M 312 -7.61 62.48 20.88
C ALA M 312 -6.39 63.25 21.38
N LEU M 313 -6.22 64.48 20.91
CA LEU M 313 -5.08 65.30 21.27
C LEU M 313 -5.52 66.63 21.85
N THR M 314 -4.70 67.17 22.76
CA THR M 314 -4.84 68.53 23.26
C THR M 314 -3.55 69.29 22.96
N VAL M 315 -3.68 70.50 22.44
CA VAL M 315 -2.52 71.30 22.07
C VAL M 315 -2.00 72.02 23.31
N THR M 316 -0.71 71.86 23.58
CA THR M 316 -0.11 72.49 24.75
C THR M 316 0.29 73.93 24.45
N ASP M 317 0.80 74.61 25.47
CA ASP M 317 1.31 75.97 25.28
C ASP M 317 2.62 75.98 24.49
N ALA M 318 3.28 74.84 24.35
CA ALA M 318 4.55 74.77 23.64
C ALA M 318 4.39 74.92 22.14
N ILE M 319 3.16 74.85 21.61
CA ILE M 319 2.97 74.97 20.16
C ILE M 319 3.37 76.34 19.67
N GLU M 320 3.26 77.36 20.52
CA GLU M 320 3.53 78.73 20.07
C GLU M 320 5.02 78.91 19.76
N GLN M 321 5.89 78.49 20.68
CA GLN M 321 7.32 78.54 20.41
C GLN M 321 7.69 77.67 19.22
N TYR M 322 6.96 76.57 19.02
CA TYR M 322 7.25 75.69 17.89
C TYR M 322 7.00 76.39 16.57
N GLN M 323 5.86 77.10 16.46
CA GLN M 323 5.48 77.71 15.20
C GLN M 323 6.28 78.97 14.88
N LYS M 324 7.02 79.53 15.84
CA LYS M 324 7.76 80.76 15.58
C LYS M 324 8.79 80.55 14.47
N HIS M 325 9.48 79.40 14.48
CA HIS M 325 10.47 79.06 13.46
C HIS M 325 10.14 77.66 12.95
N ASN M 326 9.19 77.60 12.01
CA ASN M 326 8.74 76.35 11.42
C ASN M 326 8.06 76.66 10.10
N LYS M 327 8.40 75.92 9.07
CA LYS M 327 7.76 76.09 7.77
C LYS M 327 6.48 75.25 7.74
N PRO M 328 5.32 75.85 7.48
CA PRO M 328 4.07 75.08 7.49
C PRO M 328 4.03 74.08 6.36
N LEU M 329 3.16 73.08 6.52
CA LEU M 329 2.96 72.10 5.45
C LEU M 329 2.43 72.78 4.20
N ARG M 330 1.60 73.81 4.36
CA ARG M 330 1.08 74.55 3.21
C ARG M 330 2.20 75.10 2.35
N GLU M 331 3.27 75.61 2.98
CA GLU M 331 4.39 76.16 2.24
C GLU M 331 5.15 75.06 1.51
N LEU M 332 5.34 73.90 2.15
CA LEU M 332 6.01 72.79 1.50
C LEU M 332 5.23 72.29 0.29
N LEU M 333 3.90 72.42 0.33
CA LEU M 333 3.04 71.97 -0.76
C LEU M 333 3.15 72.83 -2.01
N GLU M 334 3.73 74.02 -1.90
CA GLU M 334 3.72 74.96 -3.02
C GLU M 334 4.72 74.60 -4.10
N SER M 335 5.84 73.98 -3.72
CA SER M 335 6.84 73.56 -4.70
C SER M 335 6.31 72.39 -5.52
N LYS M 336 6.06 72.61 -6.80
CA LYS M 336 5.55 71.56 -7.66
C LYS M 336 6.19 71.67 -9.03
N ILE M 337 6.44 70.51 -9.65
CA ILE M 337 7.00 70.41 -10.99
C ILE M 337 6.01 69.63 -11.85
N TYR M 338 5.62 70.20 -12.99
CA TYR M 338 4.57 69.62 -13.81
C TYR M 338 5.13 68.69 -14.86
N VAL M 339 4.46 67.55 -15.05
CA VAL M 339 4.82 66.55 -16.05
C VAL M 339 3.56 66.15 -16.80
N ASP M 340 3.75 65.66 -18.03
CA ASP M 340 2.65 65.10 -18.80
C ASP M 340 2.45 63.64 -18.42
N TYR M 341 1.43 63.01 -19.02
CA TYR M 341 1.12 61.63 -18.65
C TYR M 341 2.21 60.67 -19.09
N GLY M 342 2.83 60.91 -20.25
CA GLY M 342 3.88 60.03 -20.72
C GLY M 342 5.08 59.99 -19.79
N THR M 343 5.46 61.15 -19.25
CA THR M 343 6.62 61.22 -18.37
C THR M 343 6.33 60.57 -17.02
N SER M 344 5.15 60.82 -16.45
CA SER M 344 4.82 60.28 -15.14
C SER M 344 4.93 58.76 -15.12
N ILE M 345 4.42 58.11 -16.16
CA ILE M 345 4.47 56.65 -16.21
C ILE M 345 5.90 56.16 -16.37
N LYS M 346 6.72 56.88 -17.14
CA LYS M 346 8.13 56.57 -17.21
C LYS M 346 8.80 56.75 -15.85
N TYR M 347 8.44 57.81 -15.13
CA TYR M 347 9.02 58.04 -13.81
C TYR M 347 8.63 56.95 -12.83
N GLU M 348 7.37 56.52 -12.86
CA GLU M 348 6.84 55.58 -11.87
C GLU M 348 6.95 54.13 -12.31
N PHE M 349 7.69 53.86 -13.39
CA PHE M 349 7.95 52.50 -13.86
C PHE M 349 6.64 51.74 -14.09
N LYS M 350 5.76 52.31 -14.89
CA LYS M 350 4.50 51.67 -15.24
C LYS M 350 4.43 51.30 -16.72
N TYR M 351 5.51 51.48 -17.47
CA TYR M 351 5.60 50.99 -18.84
C TYR M 351 5.98 49.51 -18.83
N LEU M 352 5.40 48.75 -19.77
CA LEU M 352 5.77 47.35 -19.94
C LEU M 352 7.09 47.27 -20.68
N ARG M 353 8.18 47.13 -19.94
CA ARG M 353 9.52 47.10 -20.52
C ARG M 353 10.11 45.70 -20.38
N ALA M 354 11.27 45.52 -21.02
CA ALA M 354 11.90 44.20 -21.07
C ALA M 354 12.31 43.74 -19.68
N ASP M 355 12.15 42.45 -19.43
CA ASP M 355 12.62 41.84 -18.19
C ASP M 355 14.11 42.13 -17.98
N TYR M 356 14.92 41.92 -19.00
CA TYR M 356 16.37 42.09 -18.95
C TYR M 356 16.74 43.21 -19.89
N ALA M 357 17.36 44.25 -19.37
CA ALA M 357 17.76 45.41 -20.17
C ALA M 357 19.23 45.30 -20.53
N LEU M 358 19.52 45.24 -21.83
CA LEU M 358 20.90 45.19 -22.29
C LEU M 358 21.60 46.52 -22.02
N THR M 359 20.97 47.62 -22.43
CA THR M 359 21.41 48.95 -22.03
C THR M 359 20.23 49.75 -21.52
N ALA M 360 20.43 51.06 -21.30
CA ALA M 360 19.35 51.88 -20.75
C ALA M 360 18.18 51.98 -21.71
N TYR M 361 18.47 52.22 -22.99
CA TYR M 361 17.44 52.35 -24.02
C TYR M 361 17.38 51.14 -24.95
N LEU M 362 17.81 49.98 -24.48
CA LEU M 362 17.73 48.76 -25.28
C LEU M 362 17.33 47.57 -24.41
N SER N 2 0.41 33.81 -11.33
CA SER N 2 1.69 34.50 -11.37
C SER N 2 2.78 33.65 -10.72
N MET N 3 3.45 34.24 -9.71
CA MET N 3 4.52 33.58 -8.99
C MET N 3 4.01 32.51 -8.04
N TYR N 4 2.75 32.61 -7.60
CA TYR N 4 2.09 31.58 -6.81
C TYR N 4 1.07 30.87 -7.70
N PRO N 5 1.40 29.72 -8.28
CA PRO N 5 0.45 29.03 -9.18
C PRO N 5 -0.67 28.31 -8.43
N GLU N 6 -1.40 29.08 -7.63
CA GLU N 6 -2.61 28.59 -6.97
C GLU N 6 -3.79 28.84 -7.90
N GLN N 7 -4.50 27.76 -8.23
CA GLN N 7 -5.66 27.89 -9.11
C GLN N 7 -6.69 28.82 -8.48
N ILE N 8 -7.28 29.67 -9.32
CA ILE N 8 -8.30 30.62 -8.90
C ILE N 8 -9.65 30.11 -9.39
N HIS N 9 -10.68 30.28 -8.56
CA HIS N 9 -12.00 29.74 -8.88
C HIS N 9 -12.59 30.47 -10.07
N ARG N 10 -13.12 29.71 -11.03
CA ARG N 10 -13.83 30.24 -12.18
C ARG N 10 -14.96 29.29 -12.53
N MET N 11 -16.18 29.80 -12.60
CA MET N 11 -17.33 28.93 -12.82
C MET N 11 -17.36 28.39 -14.24
N THR N 12 -17.10 29.25 -15.24
CA THR N 12 -17.35 28.93 -16.63
C THR N 12 -16.04 29.02 -17.41
N THR N 13 -15.68 27.93 -18.08
CA THR N 13 -14.53 27.90 -18.99
C THR N 13 -15.03 27.43 -20.36
N ALA N 14 -14.87 28.28 -21.36
CA ALA N 14 -15.42 28.00 -22.68
C ALA N 14 -14.63 26.89 -23.38
N SER N 15 -15.35 25.92 -23.92
CA SER N 15 -14.73 24.91 -24.76
C SER N 15 -14.49 25.48 -26.16
N MET N 16 -13.49 24.94 -26.84
CA MET N 16 -13.19 25.36 -28.21
C MET N 16 -14.34 25.08 -29.17
N LEU N 17 -15.31 24.25 -28.79
CA LEU N 17 -16.35 23.82 -29.72
C LEU N 17 -17.25 24.98 -30.11
N ARG N 18 -17.58 25.86 -29.17
CA ARG N 18 -18.50 26.96 -29.43
C ARG N 18 -18.06 27.78 -30.65
N GLU N 19 -16.86 28.35 -30.57
CA GLU N 19 -16.36 29.15 -31.69
C GLU N 19 -16.03 28.28 -32.90
N TRP N 20 -15.70 27.01 -32.68
CA TRP N 20 -15.39 26.14 -33.79
C TRP N 20 -16.58 25.94 -34.71
N ARG N 21 -17.78 25.81 -34.13
CA ARG N 21 -18.98 25.68 -34.94
C ARG N 21 -19.40 27.01 -35.57
N GLU N 22 -18.95 28.13 -35.01
CA GLU N 22 -19.35 29.45 -35.47
C GLU N 22 -18.27 30.13 -36.29
N HIS N 23 -17.29 29.39 -36.81
CA HIS N 23 -16.29 29.98 -37.68
C HIS N 23 -16.93 30.56 -38.94
N GLY N 24 -17.89 29.84 -39.52
CA GLY N 24 -18.55 30.36 -40.71
C GLY N 24 -19.29 31.66 -40.43
N GLY N 25 -20.03 31.70 -39.33
CA GLY N 25 -20.85 32.87 -39.04
C GLY N 25 -20.03 34.12 -38.75
N LYS N 26 -18.95 33.97 -37.97
CA LYS N 26 -18.19 35.12 -37.51
C LYS N 26 -17.07 35.53 -38.47
N TYR N 27 -16.40 34.57 -39.10
CA TYR N 27 -15.28 34.92 -40.00
C TYR N 27 -15.79 35.36 -41.37
N ARG N 28 -16.75 34.63 -41.93
CA ARG N 28 -17.19 34.84 -43.30
C ARG N 28 -18.60 35.41 -43.40
N LEU N 29 -19.20 35.79 -42.28
CA LEU N 29 -20.54 36.40 -42.25
C LEU N 29 -21.56 35.47 -42.92
N GLU N 30 -21.55 34.21 -42.51
CA GLU N 30 -22.39 33.18 -43.12
C GLU N 30 -23.71 33.08 -42.35
N GLY N 31 -24.82 33.28 -43.06
CA GLY N 31 -26.14 33.08 -42.53
C GLY N 31 -26.75 31.78 -42.99
N SER N 32 -28.06 31.78 -43.18
CA SER N 32 -28.78 30.62 -43.67
C SER N 32 -29.85 31.04 -44.66
N GLN N 33 -30.04 30.21 -45.68
CA GLN N 33 -31.05 30.42 -46.70
C GLN N 33 -31.90 29.17 -46.84
N CYS N 34 -33.20 29.35 -47.04
CA CYS N 34 -34.12 28.23 -47.19
C CYS N 34 -34.21 27.83 -48.66
N GLU N 35 -34.35 26.53 -48.91
CA GLU N 35 -34.40 26.03 -50.27
C GLU N 35 -35.79 26.17 -50.89
N GLU N 36 -36.83 26.10 -50.07
CA GLU N 36 -38.19 26.15 -50.59
C GLU N 36 -38.60 27.57 -50.98
N CYS N 37 -38.38 28.53 -50.07
CA CYS N 37 -38.85 29.89 -50.26
C CYS N 37 -37.74 30.91 -50.47
N ASN N 38 -36.48 30.51 -50.34
CA ASN N 38 -35.33 31.40 -50.54
C ASN N 38 -35.33 32.58 -49.57
N GLU N 39 -35.89 32.41 -48.38
CA GLU N 39 -35.79 33.41 -47.34
C GLU N 39 -34.46 33.27 -46.62
N ILE N 40 -33.81 34.40 -46.35
CA ILE N 40 -32.48 34.43 -45.78
C ILE N 40 -32.55 34.95 -44.35
N PHE N 41 -31.69 34.41 -43.49
CA PHE N 41 -31.62 34.81 -42.09
C PHE N 41 -30.16 34.94 -41.67
N PHE N 42 -29.94 35.70 -40.60
CA PHE N 42 -28.64 35.76 -39.94
C PHE N 42 -28.94 36.11 -38.50
N PRO N 43 -28.32 35.41 -37.52
CA PRO N 43 -27.36 34.32 -37.69
C PRO N 43 -27.96 33.04 -38.25
N ARG N 44 -27.12 32.03 -38.48
CA ARG N 44 -27.57 30.76 -39.01
C ARG N 44 -28.63 30.13 -38.11
N ARG N 45 -29.56 29.42 -38.72
CA ARG N 45 -30.64 28.75 -38.00
C ARG N 45 -30.90 27.39 -38.64
N THR N 46 -31.42 26.48 -37.83
CA THR N 46 -31.66 25.12 -38.30
C THR N 46 -32.98 24.99 -39.04
N VAL N 47 -34.00 25.72 -38.61
CA VAL N 47 -35.35 25.62 -39.16
C VAL N 47 -35.70 26.93 -39.85
N CYS N 48 -36.24 26.83 -41.05
CA CYS N 48 -36.72 28.02 -41.74
C CYS N 48 -37.90 28.62 -40.99
N GLY N 49 -37.98 29.95 -41.01
CA GLY N 49 -39.02 30.64 -40.26
C GLY N 49 -40.34 30.75 -40.99
N ALA N 50 -40.28 31.10 -42.28
CA ALA N 50 -41.48 31.42 -43.05
C ALA N 50 -42.27 30.16 -43.41
N CYS N 51 -41.65 29.24 -44.14
CA CYS N 51 -42.29 28.00 -44.55
C CYS N 51 -42.07 26.85 -43.57
N ASN N 52 -41.19 27.02 -42.59
CA ASN N 52 -40.99 26.05 -41.51
C ASN N 52 -40.47 24.71 -42.05
N SER N 53 -39.55 24.78 -43.02
CA SER N 53 -38.92 23.61 -43.62
C SER N 53 -37.59 23.32 -42.94
N LEU N 54 -37.30 22.02 -42.76
CA LEU N 54 -35.99 21.62 -42.23
C LEU N 54 -34.88 21.86 -43.24
N SER N 55 -35.20 21.88 -44.53
CA SER N 55 -34.19 22.09 -45.57
C SER N 55 -33.74 23.54 -45.55
N VAL N 56 -32.57 23.78 -44.96
CA VAL N 56 -31.96 25.10 -44.93
C VAL N 56 -30.46 24.93 -45.18
N LYS N 57 -29.87 25.87 -45.91
CA LYS N 57 -28.50 25.75 -46.36
C LYS N 57 -27.71 27.02 -46.08
N PRO N 58 -26.39 26.92 -45.94
CA PRO N 58 -25.58 28.10 -45.65
C PRO N 58 -25.70 29.15 -46.75
N TYR N 59 -25.56 30.42 -46.34
CA TYR N 59 -25.74 31.55 -47.25
C TYR N 59 -24.76 32.64 -46.85
N ARG N 60 -24.01 33.13 -47.84
CA ARG N 60 -23.05 34.21 -47.61
C ARG N 60 -23.78 35.54 -47.69
N CYS N 61 -23.92 36.21 -46.55
CA CYS N 61 -24.54 37.52 -46.52
C CYS N 61 -23.67 38.54 -47.26
N ALA N 62 -24.32 39.58 -47.78
CA ALA N 62 -23.61 40.64 -48.48
C ALA N 62 -22.66 41.35 -47.52
N ARG N 63 -21.40 41.47 -47.93
CA ARG N 63 -20.37 42.10 -47.10
C ARG N 63 -20.38 43.62 -47.19
N SER N 64 -21.21 44.20 -48.05
CA SER N 64 -21.38 45.64 -48.12
C SER N 64 -22.75 46.02 -47.59
N GLY N 65 -22.86 47.26 -47.11
CA GLY N 65 -24.11 47.73 -46.55
C GLY N 65 -24.01 49.18 -46.14
N LYS N 66 -25.13 49.69 -45.64
CA LYS N 66 -25.24 51.06 -45.19
C LYS N 66 -25.76 51.09 -43.76
N ILE N 67 -25.49 52.20 -43.07
CA ILE N 67 -25.82 52.30 -41.66
C ILE N 67 -27.28 52.66 -41.51
N GLU N 68 -28.05 51.78 -40.86
CA GLU N 68 -29.46 52.05 -40.61
C GLU N 68 -29.64 52.98 -39.42
N VAL N 69 -28.92 52.73 -38.34
CA VAL N 69 -28.96 53.57 -37.15
C VAL N 69 -27.68 53.34 -36.38
N MET N 70 -27.21 54.38 -35.69
CA MET N 70 -25.95 54.33 -34.98
C MET N 70 -26.06 55.11 -33.67
N ALA N 71 -25.32 54.66 -32.66
CA ALA N 71 -25.30 55.31 -31.35
C ALA N 71 -23.94 55.11 -30.68
N PRO N 72 -23.24 56.19 -30.33
CA PRO N 72 -21.94 56.04 -29.68
C PRO N 72 -22.07 55.46 -28.28
N ALA N 73 -21.02 54.77 -27.85
CA ALA N 73 -20.94 54.18 -26.52
C ALA N 73 -19.81 54.89 -25.77
N GLU N 74 -20.16 55.91 -25.01
CA GLU N 74 -19.18 56.74 -24.31
C GLU N 74 -19.23 56.58 -22.79
N ASN N 75 -20.16 55.78 -22.27
CA ASN N 75 -20.33 55.68 -20.82
C ASN N 75 -19.34 54.66 -20.26
N PRO N 76 -18.44 55.07 -19.36
CA PRO N 76 -17.44 54.12 -18.84
C PRO N 76 -18.00 53.05 -17.93
N ILE N 77 -19.17 53.27 -17.32
CA ILE N 77 -19.77 52.25 -16.48
C ILE N 77 -20.13 51.02 -17.30
N LEU N 78 -20.52 51.22 -18.55
CA LEU N 78 -20.93 50.13 -19.44
C LEU N 78 -19.78 49.60 -20.28
N ALA N 79 -18.53 49.93 -19.93
CA ALA N 79 -17.39 49.38 -20.64
C ALA N 79 -17.20 47.91 -20.26
N ALA N 80 -17.14 47.05 -21.27
CA ALA N 80 -16.96 45.61 -21.07
C ALA N 80 -15.48 45.25 -21.14
N MET N 81 -15.12 44.19 -20.41
CA MET N 81 -13.74 43.72 -20.43
C MET N 81 -13.35 43.32 -21.85
N GLY N 82 -12.17 43.78 -22.26
CA GLY N 82 -11.68 43.57 -23.61
C GLY N 82 -12.05 44.67 -24.59
N TYR N 83 -12.99 45.53 -24.23
CA TYR N 83 -13.43 46.63 -25.09
C TYR N 83 -13.27 47.99 -24.42
N GLY N 84 -12.61 48.06 -23.27
CA GLY N 84 -12.43 49.33 -22.57
C GLY N 84 -11.28 50.18 -23.06
N GLU N 85 -10.43 49.65 -23.95
CA GLU N 85 -9.30 50.43 -24.42
C GLU N 85 -9.73 51.49 -25.42
N THR N 86 -10.74 51.20 -26.25
CA THR N 86 -11.19 52.12 -27.28
C THR N 86 -12.43 52.85 -26.78
N VAL N 87 -12.33 54.18 -26.66
CA VAL N 87 -13.44 55.03 -26.26
C VAL N 87 -13.48 56.24 -27.18
N PRO N 88 -14.61 56.51 -27.85
CA PRO N 88 -15.84 55.73 -27.76
C PRO N 88 -16.02 54.72 -28.88
N ARG N 89 -16.71 53.62 -28.59
CA ARG N 89 -17.06 52.65 -29.62
C ARG N 89 -18.35 53.09 -30.30
N ILE N 90 -18.37 53.04 -31.63
CA ILE N 90 -19.50 53.51 -32.41
C ILE N 90 -20.35 52.29 -32.77
N MET N 91 -21.44 52.08 -32.03
CA MET N 91 -22.37 50.99 -32.31
C MET N 91 -23.29 51.38 -33.44
N ALA N 92 -23.63 50.42 -34.29
CA ALA N 92 -24.46 50.71 -35.45
C ALA N 92 -25.13 49.45 -35.96
N MET N 93 -26.32 49.62 -36.52
CA MET N 93 -27.03 48.56 -37.21
C MET N 93 -26.81 48.74 -38.71
N VAL N 94 -26.23 47.73 -39.35
CA VAL N 94 -25.81 47.81 -40.74
C VAL N 94 -26.82 47.06 -41.61
N ARG N 95 -27.49 47.79 -42.50
CA ARG N 95 -28.38 47.20 -43.49
C ARG N 95 -27.53 46.74 -44.67
N LEU N 96 -27.31 45.43 -44.77
CA LEU N 96 -26.49 44.90 -45.85
C LEU N 96 -27.20 45.10 -47.19
N ASP N 97 -26.47 44.77 -48.26
CA ASP N 97 -27.03 44.94 -49.60
C ASP N 97 -28.19 43.99 -49.86
N ASP N 98 -28.19 42.82 -49.22
CA ASP N 98 -29.26 41.85 -49.42
C ASP N 98 -30.44 42.06 -48.47
N GLY N 99 -30.44 43.13 -47.68
CA GLY N 99 -31.57 43.47 -46.84
C GLY N 99 -31.42 43.10 -45.37
N LEU N 100 -30.55 42.14 -45.05
CA LEU N 100 -30.34 41.74 -43.67
C LEU N 100 -29.68 42.87 -42.88
N VAL N 101 -29.92 42.87 -41.57
CA VAL N 101 -29.37 43.88 -40.67
C VAL N 101 -28.45 43.19 -39.67
N ILE N 102 -27.22 43.70 -39.56
CA ILE N 102 -26.22 43.16 -38.67
C ILE N 102 -25.95 44.17 -37.56
N ALA N 103 -25.88 43.69 -36.33
CA ALA N 103 -25.53 44.52 -35.19
C ALA N 103 -24.03 44.39 -34.94
N SER N 104 -23.30 45.46 -35.21
CA SER N 104 -21.85 45.47 -35.04
C SER N 104 -21.42 46.90 -34.70
N GLU N 105 -20.15 47.21 -34.92
CA GLU N 105 -19.62 48.53 -34.63
C GLU N 105 -18.73 49.00 -35.76
N ILE N 106 -18.55 50.32 -35.83
CA ILE N 106 -17.76 50.96 -36.87
C ILE N 106 -16.39 51.29 -36.31
N VAL N 107 -15.34 51.01 -37.08
CA VAL N 107 -13.96 51.23 -36.65
C VAL N 107 -13.21 51.96 -37.75
N ASP N 108 -12.01 52.45 -37.40
CA ASP N 108 -11.12 53.15 -38.32
C ASP N 108 -11.83 54.33 -38.99
N VAL N 109 -12.42 55.18 -38.17
CA VAL N 109 -13.11 56.37 -38.68
C VAL N 109 -12.08 57.43 -39.03
N CYS N 110 -11.62 57.43 -40.29
CA CYS N 110 -10.63 58.40 -40.72
C CYS N 110 -11.21 59.82 -40.70
N ASP N 111 -12.40 60.00 -41.26
CA ASP N 111 -13.07 61.30 -41.30
C ASP N 111 -14.32 61.23 -40.44
N GLN N 112 -14.38 62.08 -39.42
CA GLN N 112 -15.56 62.13 -38.56
C GLN N 112 -16.77 62.66 -39.32
N GLN N 113 -16.55 63.61 -40.25
CA GLN N 113 -17.64 64.21 -40.99
C GLN N 113 -18.25 63.24 -41.99
N GLN N 114 -17.48 62.26 -42.46
CA GLN N 114 -17.98 61.34 -43.46
C GLN N 114 -19.01 60.39 -42.88
N LEU N 115 -18.87 60.05 -41.60
CA LEU N 115 -19.74 59.06 -40.95
C LEU N 115 -21.09 59.70 -40.62
N LYS N 116 -22.15 59.16 -41.20
CA LYS N 116 -23.51 59.62 -40.93
C LYS N 116 -24.46 58.47 -41.26
N VAL N 117 -25.76 58.72 -41.03
CA VAL N 117 -26.76 57.68 -41.27
C VAL N 117 -26.86 57.40 -42.76
N GLY N 118 -26.86 56.11 -43.11
CA GLY N 118 -26.92 55.68 -44.49
C GLY N 118 -25.60 55.65 -45.22
N ALA N 119 -24.50 55.95 -44.54
CA ALA N 119 -23.20 55.94 -45.19
C ALA N 119 -22.81 54.51 -45.55
N PRO N 120 -22.13 54.30 -46.68
CA PRO N 120 -21.78 52.94 -47.08
C PRO N 120 -20.61 52.40 -46.26
N VAL N 121 -20.71 51.12 -45.89
CA VAL N 121 -19.67 50.44 -45.11
C VAL N 121 -19.44 49.06 -45.71
N ARG N 122 -18.29 48.47 -45.37
CA ARG N 122 -17.93 47.13 -45.79
C ARG N 122 -17.39 46.36 -44.59
N MET N 123 -17.53 45.02 -44.66
CA MET N 123 -17.17 44.17 -43.54
C MET N 123 -15.66 43.92 -43.49
N VAL N 124 -15.11 43.93 -42.28
CA VAL N 124 -13.72 43.58 -42.04
C VAL N 124 -13.66 42.62 -40.85
N ILE N 125 -12.54 41.90 -40.77
CA ILE N 125 -12.31 40.94 -39.69
C ILE N 125 -11.37 41.57 -38.67
N ARG N 126 -11.73 41.51 -37.39
CA ARG N 126 -10.98 42.16 -36.33
C ARG N 126 -10.86 41.22 -35.14
N LYS N 127 -10.05 41.65 -34.18
CA LYS N 127 -9.87 40.91 -32.94
C LYS N 127 -10.92 41.33 -31.92
N HIS N 128 -11.44 40.37 -31.17
CA HIS N 128 -12.45 40.62 -30.16
C HIS N 128 -11.93 40.13 -28.80
N VAL N 129 -12.83 40.09 -27.81
CA VAL N 129 -12.43 39.69 -26.47
C VAL N 129 -11.85 38.29 -26.49
N ARG N 130 -10.80 38.08 -25.70
CA ARG N 130 -10.13 36.79 -25.68
C ARG N 130 -11.05 35.72 -25.08
N GLU N 131 -10.94 34.50 -25.61
CA GLU N 131 -11.75 33.40 -25.12
C GLU N 131 -11.33 33.00 -23.71
N SER N 132 -12.24 32.31 -23.03
CA SER N 132 -11.95 31.79 -21.70
C SER N 132 -10.92 30.66 -21.76
N ASN N 133 -10.64 30.12 -22.94
CA ASN N 133 -9.62 29.09 -23.13
C ASN N 133 -8.39 29.66 -23.84
N LEU N 134 -8.11 30.95 -23.63
CA LEU N 134 -6.86 31.60 -24.01
C LEU N 134 -6.69 31.77 -25.52
N ALA N 135 -7.57 31.19 -26.32
CA ALA N 135 -7.47 31.33 -27.76
C ALA N 135 -7.97 32.71 -28.20
N TRP N 136 -7.26 33.30 -29.15
CA TRP N 136 -7.69 34.60 -29.68
C TRP N 136 -9.01 34.47 -30.40
N GLN N 137 -9.90 35.42 -30.16
CA GLN N 137 -11.21 35.45 -30.81
C GLN N 137 -11.19 36.50 -31.92
N TYR N 138 -11.51 36.07 -33.14
CA TYR N 138 -11.66 36.97 -34.28
C TYR N 138 -13.09 36.92 -34.77
N ALA N 139 -13.60 38.07 -35.19
CA ALA N 139 -14.96 38.17 -35.69
C ALA N 139 -15.09 39.47 -36.49
N TYR N 140 -16.26 39.69 -37.04
CA TYR N 140 -16.46 40.77 -37.99
C TYR N 140 -16.61 42.12 -37.29
N LYS N 141 -16.20 43.17 -38.00
CA LYS N 141 -16.57 44.55 -37.72
C LYS N 141 -16.78 45.24 -39.05
N PHE N 142 -17.21 46.50 -39.00
CA PHE N 142 -17.50 47.24 -40.22
C PHE N 142 -16.74 48.56 -40.22
N VAL N 143 -16.18 48.91 -41.38
CA VAL N 143 -15.51 50.18 -41.59
C VAL N 143 -16.22 50.91 -42.72
N LEU N 144 -16.05 52.23 -42.74
CA LEU N 144 -16.65 53.03 -43.80
C LEU N 144 -16.01 52.72 -45.14
N ASP N 145 -16.85 52.43 -46.14
CA ASP N 145 -16.39 52.07 -47.49
C ASP N 145 -16.37 53.35 -48.32
N ILE N 146 -15.26 54.08 -48.22
CA ILE N 146 -15.14 55.40 -48.84
C ILE N 146 -13.79 55.54 -49.53
N ALA O 3 -60.83 26.56 -15.57
CA ALA O 3 -60.90 27.92 -16.07
C ALA O 3 -61.55 28.86 -15.05
N ARG O 4 -61.16 28.74 -13.79
CA ARG O 4 -61.70 29.57 -12.74
C ARG O 4 -60.95 30.90 -12.66
N ARG O 5 -61.54 31.84 -11.92
CA ARG O 5 -60.94 33.17 -11.80
C ARG O 5 -59.84 33.17 -10.75
N VAL O 6 -58.87 34.06 -10.94
CA VAL O 6 -57.74 34.21 -10.03
C VAL O 6 -57.69 35.68 -9.61
N ALA O 7 -57.46 35.90 -8.31
CA ALA O 7 -57.42 37.25 -7.76
C ALA O 7 -56.14 37.45 -6.95
N ILE O 8 -55.66 38.69 -6.94
CA ILE O 8 -54.46 39.06 -6.20
C ILE O 8 -54.91 39.61 -4.85
N VAL O 9 -54.58 38.91 -3.77
CA VAL O 9 -54.96 39.36 -2.44
C VAL O 9 -53.96 40.35 -1.84
N SER O 10 -52.70 40.28 -2.26
CA SER O 10 -51.66 41.12 -1.65
C SER O 10 -50.46 41.21 -2.59
N ALA O 11 -49.76 42.34 -2.51
CA ALA O 11 -48.56 42.56 -3.30
C ALA O 11 -47.67 43.53 -2.55
N ALA O 12 -46.36 43.23 -2.52
CA ALA O 12 -45.42 44.07 -1.80
C ALA O 12 -44.02 43.82 -2.35
N TYR O 13 -43.15 44.80 -2.17
CA TYR O 13 -41.76 44.68 -2.56
C TYR O 13 -40.90 45.53 -1.63
N THR O 14 -39.62 45.19 -1.56
CA THR O 14 -38.70 45.94 -0.73
C THR O 14 -38.60 47.37 -1.23
N PRO O 15 -38.73 48.37 -0.35
CA PRO O 15 -38.75 49.76 -0.82
C PRO O 15 -37.41 50.20 -1.35
N LYS O 16 -37.43 51.33 -2.07
CA LYS O 16 -36.29 51.88 -2.77
C LYS O 16 -35.60 50.80 -3.61
N PRO O 17 -36.24 50.29 -4.66
CA PRO O 17 -35.59 49.27 -5.49
C PRO O 17 -34.36 49.77 -6.22
N GLY O 18 -34.24 51.08 -6.46
CA GLY O 18 -33.04 51.65 -7.02
C GLY O 18 -31.92 51.86 -6.03
N SER O 19 -32.11 51.46 -4.78
CA SER O 19 -31.09 51.50 -3.75
C SER O 19 -30.59 50.09 -3.47
N SER O 20 -29.28 49.94 -3.32
CA SER O 20 -28.69 48.63 -3.13
C SER O 20 -28.79 48.20 -1.67
N ARG O 21 -28.91 46.88 -1.47
CA ARG O 21 -29.11 46.32 -0.15
C ARG O 21 -27.93 45.41 0.19
N VAL O 22 -26.73 46.01 0.28
CA VAL O 22 -25.50 45.23 0.42
C VAL O 22 -25.37 44.51 1.74
N ARG O 23 -26.24 44.82 2.72
CA ARG O 23 -26.10 44.23 4.03
C ARG O 23 -26.80 42.88 4.16
N GLN O 24 -27.86 42.65 3.40
CA GLN O 24 -28.62 41.41 3.47
C GLN O 24 -28.34 40.55 2.25
N THR O 25 -28.29 39.24 2.46
CA THR O 25 -28.22 38.29 1.36
C THR O 25 -29.53 38.31 0.58
N PHE O 26 -29.49 37.70 -0.61
CA PHE O 26 -30.71 37.61 -1.41
C PHE O 26 -31.76 36.76 -0.71
N LYS O 27 -31.33 35.80 0.11
CA LYS O 27 -32.28 35.01 0.88
C LYS O 27 -32.98 35.87 1.93
N GLU O 28 -32.22 36.74 2.60
CA GLU O 28 -32.84 37.69 3.53
C GLU O 28 -33.78 38.65 2.79
N MET O 29 -33.34 39.13 1.61
CA MET O 29 -34.15 40.08 0.87
C MET O 29 -35.47 39.46 0.42
N ILE O 30 -35.45 38.20 0.00
CA ILE O 30 -36.65 37.56 -0.51
C ILE O 30 -37.67 37.34 0.61
N VAL O 31 -37.19 36.91 1.77
CA VAL O 31 -38.08 36.69 2.91
C VAL O 31 -38.79 37.97 3.31
N GLU O 32 -38.08 39.10 3.23
CA GLU O 32 -38.65 40.38 3.68
C GLU O 32 -39.90 40.74 2.90
N SER O 33 -39.83 40.70 1.56
CA SER O 33 -40.97 41.10 0.75
C SER O 33 -42.12 40.10 0.87
N ALA O 34 -41.80 38.81 0.99
CA ALA O 34 -42.85 37.80 1.06
C ALA O 34 -43.60 37.88 2.37
N TYR O 35 -42.87 37.97 3.49
CA TYR O 35 -43.52 38.00 4.79
C TYR O 35 -44.25 39.31 5.06
N LYS O 36 -43.86 40.39 4.38
CA LYS O 36 -44.66 41.61 4.45
C LYS O 36 -45.95 41.47 3.65
N ALA O 37 -45.88 40.78 2.50
CA ALA O 37 -47.08 40.56 1.71
C ALA O 37 -48.04 39.60 2.41
N LEU O 38 -47.50 38.56 3.05
CA LEU O 38 -48.35 37.62 3.76
C LEU O 38 -49.08 38.29 4.92
N LYS O 39 -48.39 39.22 5.60
CA LYS O 39 -49.03 39.98 6.68
C LYS O 39 -50.19 40.82 6.14
N ASP O 40 -50.02 41.41 4.96
CA ASP O 40 -51.08 42.22 4.37
C ASP O 40 -52.31 41.38 4.03
N ALA O 41 -52.11 40.13 3.64
CA ALA O 41 -53.20 39.25 3.24
C ALA O 41 -53.80 38.46 4.39
N LYS O 42 -53.36 38.75 5.62
CA LYS O 42 -53.87 38.07 6.83
C LYS O 42 -53.76 36.55 6.70
N MET O 43 -52.64 36.07 6.17
CA MET O 43 -52.48 34.65 5.93
C MET O 43 -51.14 34.15 6.45
N HIS O 44 -51.15 32.90 6.92
CA HIS O 44 -49.96 32.25 7.42
C HIS O 44 -49.04 31.87 6.25
N PRO O 45 -47.72 31.85 6.45
CA PRO O 45 -46.83 31.42 5.38
C PRO O 45 -47.02 29.96 4.98
N ARG O 46 -47.44 29.10 5.91
CA ARG O 46 -47.72 27.72 5.56
C ARG O 46 -48.88 27.57 4.58
N GLU O 47 -49.73 28.60 4.45
CA GLU O 47 -50.88 28.50 3.56
C GLU O 47 -50.47 28.51 2.08
N ILE O 48 -49.25 28.93 1.77
CA ILE O 48 -48.77 28.89 0.40
C ILE O 48 -48.50 27.45 0.00
N GLN O 49 -49.04 27.04 -1.14
CA GLN O 49 -48.86 25.67 -1.63
C GLN O 49 -47.76 25.55 -2.66
N ALA O 50 -47.34 26.65 -3.28
CA ALA O 50 -46.26 26.64 -4.27
C ALA O 50 -45.86 28.09 -4.53
N VAL O 51 -44.72 28.26 -5.20
CA VAL O 51 -44.14 29.57 -5.45
C VAL O 51 -43.58 29.62 -6.88
N ALA O 52 -43.77 30.75 -7.55
CA ALA O 52 -43.20 31.00 -8.87
C ALA O 52 -42.35 32.26 -8.77
N TYR O 53 -41.03 32.07 -8.76
CA TYR O 53 -40.08 33.16 -8.55
C TYR O 53 -39.15 33.28 -9.75
N GLY O 54 -38.50 34.43 -9.87
CA GLY O 54 -37.67 34.70 -11.03
C GLY O 54 -36.48 35.59 -10.79
N TYR O 55 -35.36 35.27 -11.44
CA TYR O 55 -34.15 36.08 -11.39
C TYR O 55 -33.45 35.97 -12.74
N HIS O 56 -32.43 36.81 -12.93
CA HIS O 56 -31.80 36.94 -14.24
C HIS O 56 -31.14 35.63 -14.66
N GLY O 57 -30.39 35.01 -13.76
CA GLY O 57 -29.72 33.78 -14.09
C GLY O 57 -28.70 33.43 -13.02
N GLU O 58 -28.26 32.17 -13.07
CA GLU O 58 -27.34 31.64 -12.07
C GLU O 58 -25.96 32.31 -12.10
N GLY O 59 -25.70 33.20 -13.06
CA GLY O 59 -24.39 33.82 -13.20
C GLY O 59 -24.13 35.02 -12.33
N ILE O 60 -25.12 35.52 -11.59
CA ILE O 60 -24.92 36.69 -10.75
C ILE O 60 -24.36 36.27 -9.39
N SER O 61 -25.18 35.60 -8.59
CA SER O 61 -24.78 35.14 -7.27
C SER O 61 -24.06 33.80 -7.32
N GLU O 62 -23.84 33.25 -8.52
CA GLU O 62 -23.23 31.92 -8.67
C GLU O 62 -24.07 30.87 -7.95
N TYR O 63 -25.38 31.03 -8.02
CA TYR O 63 -26.34 30.17 -7.30
C TYR O 63 -27.32 29.61 -8.31
N GLY O 64 -27.24 28.31 -8.57
CA GLY O 64 -28.07 27.66 -9.56
C GLY O 64 -29.13 26.78 -8.94
N GLY O 65 -30.12 26.44 -9.77
CA GLY O 65 -31.26 25.63 -9.38
C GLY O 65 -31.90 26.16 -8.11
N LEU O 66 -32.34 27.42 -8.15
CA LEU O 66 -32.64 28.16 -6.94
C LEU O 66 -33.97 27.77 -6.29
N GLY O 67 -34.81 27.01 -6.98
CA GLY O 67 -36.13 26.65 -6.48
C GLY O 67 -36.17 26.19 -5.04
N PRO O 68 -35.52 25.06 -4.75
CA PRO O 68 -35.57 24.53 -3.38
C PRO O 68 -34.96 25.46 -2.35
N THR O 69 -33.93 26.22 -2.72
CA THR O 69 -33.35 27.18 -1.79
C THR O 69 -34.35 28.28 -1.44
N ILE O 70 -35.19 28.68 -2.39
CA ILE O 70 -36.22 29.68 -2.11
C ILE O 70 -37.26 29.12 -1.15
N SER O 71 -37.70 27.88 -1.41
CA SER O 71 -38.70 27.26 -0.54
C SER O 71 -38.18 27.13 0.88
N ASP O 72 -36.95 26.64 1.04
CA ASP O 72 -36.37 26.53 2.38
C ASP O 72 -36.15 27.91 3.00
N ALA O 73 -35.76 28.90 2.19
CA ALA O 73 -35.56 30.25 2.72
C ALA O 73 -36.85 30.80 3.30
N LEU O 74 -37.98 30.52 2.63
CA LEU O 74 -39.27 30.95 3.14
C LEU O 74 -39.84 30.03 4.20
N GLY O 75 -39.22 28.86 4.41
CA GLY O 75 -39.73 27.93 5.39
C GLY O 75 -41.07 27.33 5.04
N ILE O 76 -41.33 27.07 3.76
CA ILE O 76 -42.56 26.44 3.32
C ILE O 76 -42.33 25.01 2.84
N SER O 77 -41.15 24.46 3.07
CA SER O 77 -40.86 23.10 2.64
C SER O 77 -41.92 22.16 3.18
N PRO O 78 -42.41 21.21 2.37
CA PRO O 78 -41.94 20.90 1.01
C PRO O 78 -42.66 21.62 -0.13
N ALA O 79 -43.18 22.82 0.09
CA ALA O 79 -43.85 23.52 -1.00
C ALA O 79 -42.86 23.79 -2.13
N PRO O 80 -43.22 23.50 -3.38
CA PRO O 80 -42.28 23.68 -4.48
C PRO O 80 -42.15 25.13 -4.89
N THR O 81 -41.02 25.44 -5.53
CA THR O 81 -40.77 26.74 -6.11
C THR O 81 -40.38 26.57 -7.57
N PHE O 82 -41.10 27.24 -8.45
CA PHE O 82 -40.85 27.19 -9.88
C PHE O 82 -40.10 28.45 -10.29
N MET O 83 -38.97 28.26 -10.96
CA MET O 83 -38.08 29.36 -11.32
C MET O 83 -38.29 29.80 -12.76
N SER O 84 -38.05 31.08 -13.01
CA SER O 84 -38.10 31.65 -14.35
C SER O 84 -36.91 32.59 -14.54
N THR O 85 -36.14 32.37 -15.59
CA THR O 85 -34.98 33.19 -15.92
C THR O 85 -35.24 33.84 -17.27
N ALA O 86 -35.72 35.08 -17.27
CA ALA O 86 -36.16 35.74 -18.49
C ALA O 86 -35.95 37.25 -18.38
N ASN O 87 -34.69 37.65 -18.18
CA ASN O 87 -34.29 39.06 -18.17
C ASN O 87 -35.13 39.92 -17.23
N THR O 89 -38.30 40.52 -17.54
CA THR O 89 -39.65 39.97 -17.44
C THR O 89 -39.70 38.73 -16.56
N SER O 90 -38.64 38.50 -15.78
CA SER O 90 -38.58 37.31 -14.93
C SER O 90 -39.75 37.26 -13.96
N SER O 91 -40.13 38.41 -13.40
CA SER O 91 -41.28 38.43 -12.50
C SER O 91 -42.60 38.39 -13.26
N SER O 92 -42.68 39.06 -14.41
CA SER O 92 -43.88 39.01 -15.22
C SER O 92 -44.19 37.59 -15.67
N VAL O 93 -43.15 36.82 -16.03
CA VAL O 93 -43.35 35.43 -16.40
C VAL O 93 -43.67 34.59 -15.17
N SER O 94 -43.07 34.92 -14.02
CA SER O 94 -43.39 34.20 -12.79
C SER O 94 -44.82 34.46 -12.34
N PHE O 95 -45.33 35.67 -12.59
CA PHE O 95 -46.73 35.96 -12.30
C PHE O 95 -47.65 35.15 -13.22
N GLN O 96 -47.33 35.12 -14.52
CA GLN O 96 -48.13 34.34 -15.46
C GLN O 96 -48.07 32.87 -15.13
N MET O 97 -46.91 32.38 -14.67
CA MET O 97 -46.81 30.98 -14.28
C MET O 97 -47.72 30.69 -13.09
N GLY O 98 -47.69 31.58 -12.08
CA GLY O 98 -48.54 31.37 -10.92
C GLY O 98 -50.02 31.40 -11.25
N HIS O 99 -50.42 32.31 -12.14
CA HIS O 99 -51.81 32.37 -12.57
C HIS O 99 -52.24 31.04 -13.21
N GLN O 100 -51.36 30.43 -14.02
CA GLN O 100 -51.68 29.14 -14.62
C GLN O 100 -51.71 28.03 -13.58
N MET O 101 -50.97 28.18 -12.47
CA MET O 101 -50.98 27.16 -11.43
C MET O 101 -52.29 27.18 -10.64
N VAL O 102 -52.80 28.36 -10.36
CA VAL O 102 -54.07 28.46 -9.64
C VAL O 102 -55.24 28.16 -10.57
N ALA O 103 -55.21 28.67 -11.79
CA ALA O 103 -56.31 28.44 -12.72
C ALA O 103 -56.43 26.96 -13.08
N SER O 104 -55.32 26.23 -13.06
CA SER O 104 -55.37 24.80 -13.35
C SER O 104 -56.01 24.01 -12.22
N GLY O 105 -56.15 24.59 -11.03
CA GLY O 105 -56.70 23.90 -9.89
C GLY O 105 -55.74 22.99 -9.18
N GLU O 106 -54.47 22.93 -9.61
CA GLU O 106 -53.49 22.08 -8.93
C GLU O 106 -53.01 22.70 -7.63
N TYR O 107 -53.01 24.03 -7.54
CA TYR O 107 -52.61 24.74 -6.33
C TYR O 107 -53.61 25.86 -6.07
N ASP O 108 -54.02 26.00 -4.80
CA ASP O 108 -55.04 26.97 -4.43
C ASP O 108 -54.45 28.34 -4.12
N ILE O 109 -53.30 28.40 -3.45
CA ILE O 109 -52.65 29.65 -3.09
C ILE O 109 -51.20 29.58 -3.55
N VAL O 110 -50.78 30.57 -4.34
CA VAL O 110 -49.42 30.61 -4.88
C VAL O 110 -48.83 31.99 -4.64
N LEU O 111 -47.51 32.04 -4.51
CA LEU O 111 -46.76 33.28 -4.38
C LEU O 111 -45.89 33.46 -5.61
N CYS O 112 -45.97 34.65 -6.22
CA CYS O 112 -45.21 34.95 -7.43
C CYS O 112 -44.37 36.20 -7.20
N GLY O 113 -43.08 36.09 -7.50
CA GLY O 113 -42.19 37.21 -7.26
C GLY O 113 -40.97 37.19 -8.15
N GLY O 114 -40.14 38.22 -7.98
CA GLY O 114 -38.87 38.31 -8.68
C GLY O 114 -37.89 39.05 -7.80
N PHE O 115 -36.60 38.90 -8.11
CA PHE O 115 -35.57 39.57 -7.32
C PHE O 115 -34.31 39.73 -8.18
N GLU O 116 -33.50 40.71 -7.78
CA GLU O 116 -32.18 40.88 -8.40
C GLU O 116 -31.23 41.45 -7.36
N LYS O 117 -30.26 40.63 -6.95
CA LYS O 117 -29.19 41.04 -6.03
C LYS O 117 -27.95 41.22 -6.89
N MET O 118 -27.83 42.41 -7.49
CA MET O 118 -26.77 42.66 -8.45
C MET O 118 -25.41 42.92 -7.80
N THR O 119 -25.38 43.35 -6.55
CA THR O 119 -24.11 43.66 -5.91
C THR O 119 -23.29 42.42 -5.59
N ASP O 120 -23.87 41.22 -5.68
CA ASP O 120 -23.07 40.01 -5.53
C ASP O 120 -22.10 39.81 -6.68
N HIS O 121 -22.31 40.50 -7.80
CA HIS O 121 -21.38 40.50 -8.92
C HIS O 121 -20.52 41.76 -8.88
N PHE O 122 -19.23 41.60 -9.15
CA PHE O 122 -18.31 42.73 -9.11
C PHE O 122 -18.78 43.85 -10.03
N ASN O 123 -19.04 43.53 -11.30
CA ASN O 123 -19.59 44.49 -12.27
C ASN O 123 -20.76 43.81 -12.97
N TYR O 124 -21.97 44.06 -12.45
CA TYR O 124 -23.17 43.41 -12.95
C TYR O 124 -23.52 43.87 -14.36
N ALA O 125 -23.08 45.07 -14.76
CA ALA O 125 -23.43 45.59 -16.09
C ALA O 125 -22.81 44.75 -17.21
N GLU O 126 -21.61 44.21 -17.00
CA GLU O 126 -21.01 43.36 -18.02
C GLU O 126 -21.73 42.03 -18.15
N TYR O 127 -22.19 41.48 -17.01
CA TYR O 127 -22.85 40.18 -17.03
C TYR O 127 -24.15 40.22 -17.83
N ILE O 128 -24.84 41.36 -17.84
CA ILE O 128 -26.21 41.45 -18.37
C ILE O 128 -26.28 40.85 -19.78
N GLY O 129 -25.31 41.18 -20.63
CA GLY O 129 -25.32 40.74 -22.02
C GLY O 129 -25.36 39.24 -22.23
N SER O 130 -25.13 38.45 -21.17
CA SER O 130 -25.18 36.99 -21.26
C SER O 130 -26.56 36.43 -21.56
N SER O 131 -27.58 37.28 -21.62
CA SER O 131 -28.93 36.83 -21.96
C SER O 131 -29.36 37.47 -23.28
N THR O 132 -28.64 37.08 -24.34
CA THR O 132 -28.99 37.43 -25.72
C THR O 132 -28.53 36.33 -26.67
N GLU O 133 -28.23 36.72 -27.92
CA GLU O 133 -27.57 35.82 -28.87
C GLU O 133 -26.05 35.94 -28.67
N CYS O 134 -25.61 35.40 -27.53
CA CYS O 134 -24.31 35.75 -26.97
C CYS O 134 -23.17 35.58 -27.98
N GLU O 135 -23.27 34.56 -28.82
CA GLU O 135 -22.20 34.34 -29.80
C GLU O 135 -22.07 35.50 -30.76
N TYR O 136 -23.17 36.20 -31.05
CA TYR O 136 -23.15 37.26 -32.06
C TYR O 136 -23.41 38.65 -31.48
N ASP O 137 -23.40 38.80 -30.15
CA ASP O 137 -23.54 40.12 -29.56
C ASP O 137 -22.77 40.25 -28.25
N TYR O 138 -23.07 39.39 -27.28
CA TYR O 138 -22.35 39.42 -26.01
C TYR O 138 -20.85 39.23 -26.22
N PHE O 139 -20.48 38.14 -26.91
CA PHE O 139 -19.07 37.86 -27.17
C PHE O 139 -18.45 38.84 -28.16
N LEU O 140 -19.24 39.72 -28.76
CA LEU O 140 -18.75 40.74 -29.68
C LEU O 140 -18.65 42.11 -29.05
N GLY O 141 -19.08 42.26 -27.79
CA GLY O 141 -19.05 43.56 -27.15
C GLY O 141 -20.29 44.39 -27.36
N ILE O 142 -21.46 43.76 -27.46
CA ILE O 142 -22.73 44.46 -27.64
C ILE O 142 -23.53 44.29 -26.36
N SER O 143 -23.76 45.39 -25.65
CA SER O 143 -24.51 45.38 -24.41
C SER O 143 -25.99 45.61 -24.68
N HIS O 144 -26.82 45.32 -23.67
CA HIS O 144 -28.25 45.59 -23.78
C HIS O 144 -28.52 47.09 -23.86
N THR O 145 -27.71 47.91 -23.19
CA THR O 145 -27.91 49.35 -23.26
C THR O 145 -27.67 49.87 -24.67
N ASP O 146 -26.85 49.19 -25.47
CA ASP O 146 -26.64 49.59 -26.85
C ASP O 146 -27.95 49.54 -27.63
N ALA O 147 -28.71 48.45 -27.50
CA ALA O 147 -29.96 48.31 -28.23
C ALA O 147 -30.91 49.45 -27.93
N PHE O 148 -31.10 49.77 -26.65
CA PHE O 148 -31.99 50.88 -26.29
C PHE O 148 -31.44 52.22 -26.78
N ALA O 149 -30.12 52.36 -26.84
CA ALA O 149 -29.55 53.59 -27.40
C ALA O 149 -29.82 53.70 -28.89
N LEU O 150 -29.66 52.60 -29.62
CA LEU O 150 -29.96 52.62 -31.05
C LEU O 150 -31.47 52.72 -31.29
N ALA O 151 -32.27 52.05 -30.45
CA ALA O 151 -33.71 52.10 -30.62
C ALA O 151 -34.24 53.51 -30.41
N THR O 152 -33.70 54.23 -29.41
CA THR O 152 -34.08 55.62 -29.20
C THR O 152 -33.67 56.47 -30.39
N ALA O 153 -32.50 56.19 -30.98
CA ALA O 153 -32.03 56.96 -32.11
C ALA O 153 -32.93 56.77 -33.34
N GLU O 154 -33.32 55.52 -33.63
CA GLU O 154 -34.13 55.27 -34.81
C GLU O 154 -35.53 55.87 -34.67
N TYR O 155 -36.07 55.86 -33.45
CA TYR O 155 -37.40 56.43 -33.24
C TYR O 155 -37.41 57.93 -33.53
N PHE O 156 -36.49 58.67 -32.92
CA PHE O 156 -36.45 60.11 -33.11
C PHE O 156 -36.12 60.48 -34.55
N GLN O 157 -35.30 59.67 -35.22
CA GLN O 157 -34.80 60.03 -36.55
C GLN O 157 -35.82 59.76 -37.65
N LYS O 158 -36.63 58.70 -37.50
CA LYS O 158 -37.61 58.37 -38.53
C LYS O 158 -38.99 58.94 -38.25
N PHE O 159 -39.21 59.57 -37.08
CA PHE O 159 -40.50 60.14 -36.75
C PHE O 159 -40.44 61.66 -36.60
N GLY O 160 -39.45 62.30 -37.21
CA GLY O 160 -39.44 63.76 -37.29
C GLY O 160 -39.39 64.47 -35.96
N TYR O 161 -38.63 63.94 -35.00
CA TYR O 161 -38.44 64.61 -33.72
C TYR O 161 -37.09 65.33 -33.65
N ALA O 162 -36.50 65.64 -34.80
CA ALA O 162 -35.25 66.38 -34.83
C ALA O 162 -35.42 67.76 -34.20
N GLY O 163 -34.46 68.13 -33.35
CA GLY O 163 -34.54 69.36 -32.58
C GLY O 163 -35.33 69.25 -31.29
N ARG O 164 -36.09 68.18 -31.11
CA ARG O 164 -36.89 67.98 -29.91
C ARG O 164 -36.49 66.74 -29.13
N GLU O 165 -35.38 66.08 -29.51
CA GLU O 165 -34.99 64.84 -28.85
C GLU O 165 -34.71 65.05 -27.37
N ALA O 166 -33.93 66.09 -27.05
CA ALA O 166 -33.61 66.35 -25.64
C ALA O 166 -34.84 66.76 -24.84
N ASP O 167 -35.80 67.45 -25.45
CA ASP O 167 -36.98 67.89 -24.73
C ASP O 167 -37.91 66.73 -24.40
N VAL O 168 -38.09 65.81 -25.35
CA VAL O 168 -38.99 64.68 -25.11
C VAL O 168 -38.45 63.79 -24.00
N LEU O 169 -37.16 63.43 -24.08
CA LEU O 169 -36.56 62.59 -23.05
C LEU O 169 -36.60 63.26 -21.69
N ALA O 170 -36.31 64.57 -21.63
CA ALA O 170 -36.32 65.27 -20.36
C ALA O 170 -37.74 65.38 -19.80
N THR O 171 -38.73 65.56 -20.67
CA THR O 171 -40.11 65.65 -20.22
C THR O 171 -40.58 64.33 -19.62
N PHE O 172 -40.25 63.21 -20.28
CA PHE O 172 -40.58 61.90 -19.71
C PHE O 172 -39.85 61.68 -18.39
N GLY O 173 -38.55 61.98 -18.36
CA GLY O 173 -37.79 61.79 -17.14
C GLY O 173 -38.28 62.70 -16.01
N ARG O 174 -38.66 63.93 -16.35
CA ARG O 174 -39.17 64.85 -15.34
C ARG O 174 -40.50 64.37 -14.80
N GLN O 175 -41.37 63.84 -15.68
CA GLN O 175 -42.65 63.33 -15.23
C GLN O 175 -42.48 62.13 -14.31
N MET O 176 -41.42 61.34 -14.51
CA MET O 176 -41.14 60.23 -13.61
C MET O 176 -40.73 60.73 -12.23
N ARG O 177 -39.90 61.78 -12.18
CA ARG O 177 -39.53 62.37 -10.89
C ARG O 177 -40.74 62.90 -10.16
N ILE O 178 -41.69 63.51 -10.89
CA ILE O 178 -42.88 64.08 -10.27
C ILE O 178 -43.70 62.98 -9.62
N TYR O 179 -43.89 61.86 -10.33
CA TYR O 179 -44.63 60.74 -9.77
C TYR O 179 -43.91 60.15 -8.56
N ALA O 180 -42.58 60.07 -8.64
CA ALA O 180 -41.81 59.38 -7.60
C ALA O 180 -41.57 60.22 -6.36
N GLN O 181 -41.74 61.54 -6.45
CA GLN O 181 -41.43 62.40 -5.31
C GLN O 181 -42.34 62.11 -4.12
N ASN O 182 -43.60 61.77 -4.39
CA ASN O 182 -44.58 61.54 -3.33
C ASN O 182 -44.89 60.07 -3.10
N THR O 183 -44.23 59.16 -3.82
CA THR O 183 -44.41 57.73 -3.60
C THR O 183 -43.34 57.26 -2.62
N PRO O 184 -43.70 56.87 -1.39
CA PRO O 184 -42.67 56.57 -0.38
C PRO O 184 -41.78 55.39 -0.74
N THR O 185 -42.30 54.41 -1.49
CA THR O 185 -41.49 53.25 -1.87
C THR O 185 -40.53 53.55 -3.03
N ALA O 186 -40.69 54.69 -3.70
CA ALA O 186 -39.79 55.03 -4.80
C ALA O 186 -38.40 55.38 -4.27
N THR O 187 -37.38 55.14 -5.10
CA THR O 187 -36.02 55.45 -4.68
C THR O 187 -35.76 56.96 -4.70
N ARG O 188 -36.26 57.66 -5.71
CA ARG O 188 -36.16 59.11 -5.81
C ARG O 188 -37.22 59.82 -4.97
N TYR O 189 -37.73 59.15 -3.94
CA TYR O 189 -38.77 59.72 -3.09
C TYR O 189 -38.24 60.90 -2.29
N GLY O 190 -39.01 61.98 -2.26
CA GLY O 190 -38.66 63.14 -1.47
C GLY O 190 -37.63 64.06 -2.09
N GLN O 191 -37.02 63.68 -3.20
CA GLN O 191 -36.02 64.54 -3.82
C GLN O 191 -36.70 65.70 -4.54
N PRO O 192 -36.03 66.84 -4.68
CA PRO O 192 -36.59 67.95 -5.45
C PRO O 192 -36.66 67.61 -6.94
N ILE O 193 -37.62 68.23 -7.62
CA ILE O 193 -37.81 68.01 -9.04
C ILE O 193 -36.85 68.90 -9.81
N PRO O 194 -35.91 68.32 -10.56
CA PRO O 194 -35.00 69.16 -11.36
C PRO O 194 -35.76 69.92 -12.43
N SER O 195 -35.25 71.09 -12.79
CA SER O 195 -35.86 71.87 -13.85
C SER O 195 -35.70 71.15 -15.18
N LEU O 196 -36.53 71.53 -16.15
CA LEU O 196 -36.49 70.88 -17.45
C LEU O 196 -35.18 71.16 -18.16
N GLU O 197 -34.64 72.38 -18.04
CA GLU O 197 -33.36 72.70 -18.66
C GLU O 197 -32.20 72.01 -17.95
N VAL O 198 -32.32 71.79 -16.64
CA VAL O 198 -31.29 71.03 -15.92
C VAL O 198 -31.29 69.57 -16.38
N LEU O 199 -32.49 69.00 -16.59
CA LEU O 199 -32.57 67.60 -16.98
C LEU O 199 -32.01 67.35 -18.37
N LYS O 200 -32.17 68.32 -19.29
CA LYS O 200 -31.64 68.12 -20.63
C LYS O 200 -30.12 68.04 -20.63
N ASN O 201 -29.46 68.74 -19.71
CA ASN O 201 -28.02 68.70 -19.61
C ASN O 201 -27.50 67.50 -18.82
N SER O 202 -28.38 66.81 -18.09
CA SER O 202 -27.96 65.67 -17.29
C SER O 202 -27.66 64.47 -18.19
N GLU O 203 -27.24 63.37 -17.56
CA GLU O 203 -26.86 62.18 -18.31
C GLU O 203 -28.08 61.53 -18.94
N ALA O 204 -27.93 61.14 -20.22
CA ALA O 204 -28.99 60.51 -21.00
C ALA O 204 -30.22 61.42 -21.10
N CYS O 205 -30.02 62.72 -20.98
CA CYS O 205 -31.10 63.71 -21.00
C CYS O 205 -32.15 63.43 -19.93
N GLY O 206 -31.73 62.87 -18.79
CA GLY O 206 -32.60 62.63 -17.67
C GLY O 206 -33.41 61.35 -17.73
N SER O 207 -33.20 60.50 -18.73
CA SER O 207 -33.99 59.29 -18.91
C SER O 207 -33.22 58.04 -18.53
N MET O 208 -32.08 58.17 -17.86
CA MET O 208 -31.34 57.01 -17.39
C MET O 208 -32.01 56.44 -16.15
N LEU O 209 -32.20 55.13 -16.13
CA LEU O 209 -32.86 54.49 -15.01
C LEU O 209 -31.93 54.44 -13.80
N ALA O 210 -32.51 54.10 -12.65
CA ALA O 210 -31.76 53.94 -11.41
C ALA O 210 -31.58 52.45 -11.15
N TRP O 211 -30.34 51.98 -11.30
CA TRP O 211 -30.02 50.61 -10.94
C TRP O 211 -30.18 50.39 -9.45
N GLY O 212 -30.44 49.15 -9.06
CA GLY O 212 -30.57 48.84 -7.65
C GLY O 212 -30.91 47.38 -7.43
N GLU O 213 -31.36 47.09 -6.21
CA GLU O 213 -31.74 45.75 -5.80
C GLU O 213 -33.08 45.78 -5.09
N ALA O 214 -33.87 44.74 -5.31
CA ALA O 214 -35.17 44.61 -4.67
C ALA O 214 -35.72 43.22 -4.95
N SER O 215 -36.52 42.74 -4.01
CA SER O 215 -37.35 41.56 -4.20
C SER O 215 -38.80 41.94 -3.96
N GLY O 216 -39.69 41.41 -4.79
CA GLY O 216 -41.11 41.63 -4.62
C GLY O 216 -41.87 40.34 -4.78
N CYS O 217 -43.16 40.39 -4.45
CA CYS O 217 -44.01 39.22 -4.62
C CYS O 217 -45.47 39.65 -4.54
N ALA O 218 -46.32 38.78 -5.09
CA ALA O 218 -47.76 38.93 -5.00
C ALA O 218 -48.37 37.58 -4.69
N ILE O 219 -49.45 37.60 -3.91
CA ILE O 219 -50.13 36.38 -3.50
C ILE O 219 -51.35 36.19 -4.38
N LEU O 220 -51.39 35.10 -5.13
CA LEU O 220 -52.54 34.73 -5.94
C LEU O 220 -53.31 33.61 -5.26
N VAL O 221 -54.64 33.71 -5.29
CA VAL O 221 -55.51 32.75 -4.64
C VAL O 221 -56.71 32.51 -5.53
N ALA O 222 -57.33 31.34 -5.37
CA ALA O 222 -58.58 31.05 -6.06
C ALA O 222 -59.64 32.07 -5.69
N GLU O 223 -60.52 32.38 -6.64
CA GLU O 223 -61.49 33.44 -6.45
C GLU O 223 -62.39 33.19 -5.24
N HIS O 224 -62.87 31.95 -5.08
CA HIS O 224 -63.75 31.65 -3.97
C HIS O 224 -63.04 31.75 -2.62
N LEU O 225 -61.72 31.57 -2.60
CA LEU O 225 -60.95 31.71 -1.37
C LEU O 225 -60.54 33.14 -1.09
N ALA O 226 -60.70 34.06 -2.05
CA ALA O 226 -60.18 35.41 -1.92
C ALA O 226 -60.87 36.20 -0.82
N HIS O 227 -62.13 35.86 -0.50
CA HIS O 227 -62.88 36.66 0.46
C HIS O 227 -62.28 36.57 1.86
N LYS O 228 -61.57 35.48 2.17
CA LYS O 228 -61.02 35.32 3.50
C LYS O 228 -59.84 36.26 3.74
N TYR O 229 -59.09 36.59 2.69
CA TYR O 229 -57.80 37.25 2.88
C TYR O 229 -57.80 38.74 2.53
N THR O 230 -58.71 39.20 1.67
CA THR O 230 -58.70 40.59 1.28
C THR O 230 -60.13 41.13 1.20
N ASP O 231 -60.25 42.42 1.53
CA ASP O 231 -61.51 43.14 1.35
C ASP O 231 -61.73 43.49 -0.12
N LYS O 232 -60.69 43.97 -0.79
CA LYS O 232 -60.76 44.41 -2.18
C LYS O 232 -59.79 43.61 -3.02
N PRO O 233 -60.24 42.56 -3.71
CA PRO O 233 -59.33 41.79 -4.56
C PRO O 233 -59.21 42.36 -5.95
N VAL O 234 -58.06 42.11 -6.57
CA VAL O 234 -57.78 42.51 -7.94
C VAL O 234 -57.66 41.26 -8.80
N PHE O 235 -58.43 41.21 -9.87
CA PHE O 235 -58.52 40.04 -10.73
C PHE O 235 -57.61 40.20 -11.94
N VAL O 236 -57.37 39.08 -12.63
CA VAL O 236 -56.53 39.04 -13.82
C VAL O 236 -57.45 38.80 -15.01
N ARG O 237 -57.67 39.86 -15.81
CA ARG O 237 -58.52 39.73 -16.99
C ARG O 237 -57.86 38.84 -18.04
N GLY O 238 -56.62 39.15 -18.41
CA GLY O 238 -55.90 38.37 -19.39
C GLY O 238 -54.42 38.75 -19.46
N CYS O 239 -53.59 37.82 -19.89
CA CYS O 239 -52.16 38.04 -19.97
C CYS O 239 -51.60 37.31 -21.19
N ALA O 240 -50.54 37.87 -21.76
CA ALA O 240 -49.88 37.26 -22.91
C ALA O 240 -48.37 37.37 -22.73
N TYR O 241 -47.67 36.36 -23.23
CA TYR O 241 -46.22 36.32 -23.20
C TYR O 241 -45.76 35.87 -24.58
N THR O 242 -44.78 36.57 -25.14
CA THR O 242 -44.30 36.27 -26.49
C THR O 242 -42.78 36.31 -26.52
N GLY O 243 -42.21 35.57 -27.46
CA GLY O 243 -40.77 35.50 -27.59
C GLY O 243 -40.29 35.48 -29.03
N VAL O 244 -39.32 36.35 -29.35
CA VAL O 244 -38.66 36.37 -30.65
C VAL O 244 -37.15 36.34 -30.43
N SER O 245 -36.41 36.17 -31.53
CA SER O 245 -34.96 36.04 -31.47
C SER O 245 -34.33 37.17 -30.66
N HIS O 246 -33.39 36.81 -29.79
CA HIS O 246 -32.69 37.81 -29.00
C HIS O 246 -31.88 38.76 -29.87
N TYR O 247 -31.46 38.31 -31.05
CA TYR O 247 -30.56 39.10 -31.87
C TYR O 247 -31.22 40.40 -32.30
N PHE O 248 -30.52 41.51 -32.09
CA PHE O 248 -31.08 42.83 -32.36
C PHE O 248 -31.37 43.03 -33.85
N GLY O 249 -30.60 42.38 -34.72
CA GLY O 249 -30.80 42.57 -36.15
C GLY O 249 -32.11 42.03 -36.66
N THR O 250 -32.66 41.01 -35.99
CA THR O 250 -33.89 40.39 -36.47
C THR O 250 -35.11 41.26 -36.28
N ARG O 251 -35.00 42.41 -35.60
CA ARG O 251 -36.15 43.32 -35.49
C ARG O 251 -36.59 43.80 -36.86
N PHE O 252 -35.63 44.16 -37.71
CA PHE O 252 -35.93 44.65 -39.04
C PHE O 252 -36.35 43.54 -39.99
N HIS O 253 -35.87 42.32 -39.76
CA HIS O 253 -36.13 41.16 -40.62
C HIS O 253 -36.51 39.99 -39.71
N ASN O 254 -37.80 39.70 -39.61
CA ASN O 254 -38.31 38.66 -38.71
C ASN O 254 -39.26 37.74 -39.46
N PRO O 255 -38.74 36.87 -40.33
CA PRO O 255 -39.64 35.91 -41.00
C PRO O 255 -40.18 34.85 -40.05
N THR O 256 -39.48 34.57 -38.96
CA THR O 256 -39.95 33.58 -37.99
C THR O 256 -41.24 34.04 -37.32
N LEU O 257 -41.31 35.32 -36.97
CA LEU O 257 -42.50 35.86 -36.33
C LEU O 257 -43.67 35.88 -37.32
N HIS O 258 -44.79 35.30 -36.91
CA HIS O 258 -46.02 35.22 -37.71
C HIS O 258 -47.13 35.97 -36.99
N HIS O 259 -47.62 37.05 -37.60
CA HIS O 259 -48.72 37.81 -37.03
C HIS O 259 -49.39 38.61 -38.14
N PRO O 260 -50.69 38.88 -38.04
CA PRO O 260 -51.35 39.67 -39.07
C PRO O 260 -51.51 41.14 -38.67
N GLY O 261 -51.51 42.03 -39.66
CA GLY O 261 -51.68 43.44 -39.41
C GLY O 261 -50.45 44.17 -38.92
N LEU O 262 -49.33 43.48 -38.78
CA LEU O 262 -48.10 44.14 -38.33
C LEU O 262 -47.66 45.16 -39.38
N PRO O 263 -47.20 46.33 -38.97
CA PRO O 263 -46.76 47.34 -39.94
C PRO O 263 -45.63 46.80 -40.82
N LYS O 264 -45.62 47.23 -42.08
CA LYS O 264 -44.62 46.74 -43.03
C LYS O 264 -43.22 47.19 -42.62
N ASP O 265 -43.10 48.41 -42.10
CA ASP O 265 -41.81 49.00 -41.77
C ASP O 265 -41.39 48.71 -40.33
N VAL O 266 -41.30 47.42 -40.02
CA VAL O 266 -40.85 47.01 -38.69
C VAL O 266 -39.40 47.44 -38.50
N GLY O 267 -39.14 48.09 -37.37
CA GLY O 267 -37.80 48.48 -36.99
C GLY O 267 -37.71 48.51 -35.47
N MET O 268 -36.54 48.91 -34.96
CA MET O 268 -36.41 49.07 -33.53
C MET O 268 -37.39 50.10 -32.97
N ALA O 269 -37.75 51.10 -33.78
CA ALA O 269 -38.72 52.10 -33.36
C ALA O 269 -40.14 51.54 -33.29
N VAL O 270 -40.43 50.50 -34.08
CA VAL O 270 -41.76 49.90 -34.15
C VAL O 270 -41.58 48.43 -33.79
N SER O 271 -41.76 48.11 -32.51
CA SER O 271 -41.52 46.75 -32.02
C SER O 271 -42.62 45.82 -32.50
N ALA O 272 -42.27 44.92 -33.44
CA ALA O 272 -43.26 44.00 -33.97
C ALA O 272 -43.75 43.04 -32.90
N ASN O 273 -42.83 42.49 -32.10
CA ASN O 273 -43.21 41.57 -31.05
C ASN O 273 -44.10 42.24 -30.02
N SER O 274 -43.85 43.53 -29.73
CA SER O 274 -44.65 44.23 -28.74
C SER O 274 -46.08 44.47 -29.23
N ILE O 275 -46.26 44.64 -30.54
CA ILE O 275 -47.61 44.75 -31.09
C ILE O 275 -48.33 43.41 -30.99
N ALA O 276 -47.64 42.32 -31.34
CA ALA O 276 -48.25 41.00 -31.28
C ALA O 276 -48.68 40.67 -29.87
N CYS O 277 -47.80 40.90 -28.89
CA CYS O 277 -48.13 40.57 -27.50
C CYS O 277 -49.32 41.38 -27.01
N ALA O 278 -49.38 42.66 -27.40
CA ALA O 278 -50.50 43.50 -26.99
C ALA O 278 -51.80 43.03 -27.61
N GLU O 279 -51.77 42.64 -28.89
CA GLU O 279 -52.98 42.21 -29.57
C GLU O 279 -53.49 40.88 -29.01
N ILE O 280 -52.58 39.96 -28.68
CA ILE O 280 -52.99 38.70 -28.07
C ILE O 280 -53.59 38.95 -26.69
N ALA O 281 -52.94 39.77 -25.87
CA ALA O 281 -53.41 40.00 -24.50
C ALA O 281 -54.75 40.72 -24.49
N TYR O 282 -54.91 41.70 -25.38
CA TYR O 282 -56.15 42.47 -25.42
C TYR O 282 -57.33 41.58 -25.82
N LYS O 283 -57.17 40.78 -26.88
CA LYS O 283 -58.21 39.84 -27.26
C LYS O 283 -58.52 38.87 -26.14
N LYS O 284 -57.47 38.34 -25.50
CA LYS O 284 -57.66 37.38 -24.42
C LYS O 284 -58.33 38.04 -23.22
N ALA O 285 -58.00 39.28 -22.93
CA ALA O 285 -58.59 40.00 -21.80
C ALA O 285 -59.92 40.65 -22.13
N GLY O 286 -60.33 40.62 -23.39
CA GLY O 286 -61.61 41.20 -23.77
C GLY O 286 -61.68 42.70 -23.69
N ILE O 287 -60.58 43.40 -23.95
CA ILE O 287 -60.55 44.86 -23.94
C ILE O 287 -59.75 45.34 -25.15
N THR O 288 -60.01 46.58 -25.55
CA THR O 288 -59.19 47.29 -26.51
C THR O 288 -58.28 48.26 -25.76
N ALA O 289 -57.37 48.89 -26.52
CA ALA O 289 -56.46 49.85 -25.92
C ALA O 289 -57.20 51.06 -25.35
N LYS O 290 -58.41 51.35 -25.84
CA LYS O 290 -59.18 52.49 -25.37
C LYS O 290 -59.77 52.29 -23.97
N ASP O 291 -59.67 51.08 -23.42
CA ASP O 291 -60.23 50.78 -22.10
C ASP O 291 -59.24 51.01 -20.96
N ILE O 292 -57.96 51.20 -21.27
CA ILE O 292 -56.94 51.30 -20.22
C ILE O 292 -57.09 52.63 -19.49
N ASP O 293 -57.24 52.56 -18.17
CA ASP O 293 -57.30 53.75 -17.34
C ASP O 293 -55.94 54.16 -16.79
N VAL O 294 -55.03 53.20 -16.59
CA VAL O 294 -53.70 53.46 -16.09
C VAL O 294 -52.81 52.32 -16.54
N ALA O 295 -51.54 52.64 -16.82
CA ALA O 295 -50.63 51.68 -17.43
C ALA O 295 -49.25 51.77 -16.79
N GLN O 296 -48.43 50.76 -17.09
CA GLN O 296 -47.05 50.68 -16.61
C GLN O 296 -46.20 50.08 -17.71
N VAL O 297 -45.15 50.79 -18.11
CA VAL O 297 -44.26 50.33 -19.17
C VAL O 297 -42.82 50.37 -18.67
N TYR O 298 -41.96 49.64 -19.38
CA TYR O 298 -40.54 49.63 -19.09
C TYR O 298 -39.90 50.89 -19.65
N ASP O 299 -39.30 51.69 -18.77
CA ASP O 299 -38.76 52.99 -19.14
C ASP O 299 -37.24 52.98 -19.08
N LEU O 300 -36.61 53.34 -20.19
CA LEU O 300 -35.16 53.48 -20.30
C LEU O 300 -34.80 54.19 -21.60
N LEU O 301 -34.20 55.38 -21.50
CA LEU O 301 -33.97 56.29 -22.64
C LEU O 301 -35.33 56.54 -23.31
N GLY O 302 -35.44 56.41 -24.63
CA GLY O 302 -36.74 56.53 -25.29
C GLY O 302 -37.56 55.25 -25.43
N ALA O 303 -37.16 54.17 -24.76
CA ALA O 303 -37.87 52.90 -24.86
C ALA O 303 -39.30 53.00 -24.35
N GLY O 304 -39.60 53.94 -23.46
CA GLY O 304 -40.97 54.11 -23.02
C GLY O 304 -41.89 54.55 -24.14
N LEU O 305 -41.40 55.44 -25.01
CA LEU O 305 -42.20 55.91 -26.13
C LEU O 305 -42.58 54.77 -27.07
N ILE O 306 -41.62 53.87 -27.34
CA ILE O 306 -41.87 52.77 -28.27
C ILE O 306 -42.98 51.86 -27.73
N GLN O 307 -43.04 51.69 -26.40
CA GLN O 307 -44.00 50.77 -25.83
C GLN O 307 -45.41 51.36 -25.84
N MET O 308 -45.54 52.67 -25.62
CA MET O 308 -46.87 53.30 -25.66
C MET O 308 -47.53 53.11 -27.01
N GLU O 309 -46.75 53.22 -28.09
CA GLU O 309 -47.30 53.04 -29.43
C GLU O 309 -47.62 51.57 -29.69
N SER O 310 -46.80 50.67 -29.14
CA SER O 310 -47.06 49.24 -29.30
C SER O 310 -48.23 48.79 -28.45
N MET O 311 -48.47 49.48 -27.32
CA MET O 311 -49.62 49.19 -26.47
C MET O 311 -50.92 49.76 -27.00
N GLY O 312 -50.87 50.58 -28.04
CA GLY O 312 -52.06 51.20 -28.59
C GLY O 312 -52.50 52.48 -27.91
N ILE O 313 -51.65 53.08 -27.08
CA ILE O 313 -52.03 54.30 -26.37
C ILE O 313 -52.09 55.47 -27.34
N CYS O 314 -51.17 55.51 -28.31
CA CYS O 314 -51.14 56.58 -29.30
C CYS O 314 -50.61 56.01 -30.62
N GLY O 315 -50.82 56.77 -31.68
CA GLY O 315 -50.43 56.31 -33.00
C GLY O 315 -48.93 56.23 -33.16
N LYS O 316 -48.51 55.55 -34.24
CA LYS O 316 -47.09 55.40 -34.52
C LYS O 316 -46.45 56.76 -34.77
N GLY O 317 -45.35 57.03 -34.08
CA GLY O 317 -44.66 58.31 -34.18
C GLY O 317 -45.23 59.41 -33.32
N GLN O 318 -46.32 59.16 -32.59
CA GLN O 318 -47.00 60.19 -31.82
C GLN O 318 -46.70 60.14 -30.33
N ALA O 319 -45.95 59.13 -29.87
CA ALA O 319 -45.69 59.01 -28.44
C ALA O 319 -44.90 60.21 -27.92
N GLY O 320 -43.92 60.70 -28.69
CA GLY O 320 -43.15 61.84 -28.25
C GLY O 320 -44.01 63.07 -28.03
N ASP O 321 -44.84 63.40 -29.03
CA ASP O 321 -45.74 64.54 -28.89
C ASP O 321 -46.74 64.30 -27.76
N PHE O 322 -47.17 63.05 -27.57
CA PHE O 322 -48.06 62.73 -26.47
C PHE O 322 -47.41 63.07 -25.14
N VAL O 323 -46.17 62.64 -24.93
CA VAL O 323 -45.46 62.93 -23.69
C VAL O 323 -45.26 64.44 -23.53
N LEU O 324 -44.96 65.13 -24.64
CA LEU O 324 -44.73 66.57 -24.56
C LEU O 324 -45.99 67.32 -24.17
N GLU O 325 -47.16 66.83 -24.56
CA GLU O 325 -48.43 67.45 -24.23
C GLU O 325 -48.90 67.12 -22.81
N GLY O 326 -48.00 66.67 -21.94
CA GLY O 326 -48.40 66.32 -20.59
C GLY O 326 -49.46 65.25 -20.52
N GLY O 327 -49.52 64.37 -21.52
CA GLY O 327 -50.56 63.37 -21.57
C GLY O 327 -50.41 62.23 -20.59
N ILE O 328 -49.21 61.99 -20.07
CA ILE O 328 -49.00 60.89 -19.15
C ILE O 328 -48.98 61.44 -17.73
N ALA O 329 -49.35 62.71 -17.61
CA ALA O 329 -49.52 63.30 -16.30
C ALA O 329 -50.78 62.74 -15.63
N LEU O 330 -50.97 63.09 -14.36
CA LEU O 330 -52.08 62.53 -13.61
C LEU O 330 -53.42 63.01 -14.18
N ASP O 331 -53.48 64.26 -14.62
CA ASP O 331 -54.65 64.77 -15.34
C ASP O 331 -54.54 64.55 -16.84
N GLY O 332 -53.45 63.94 -17.31
CA GLY O 332 -53.30 63.66 -18.72
C GLY O 332 -54.19 62.53 -19.17
N GLN O 333 -54.20 62.31 -20.49
CA GLN O 333 -55.12 61.35 -21.09
C GLN O 333 -54.89 59.93 -20.57
N LEU O 334 -53.64 59.58 -20.25
CA LEU O 334 -53.39 58.28 -19.64
C LEU O 334 -52.17 58.34 -18.72
N PRO O 335 -52.37 58.27 -17.41
CA PRO O 335 -51.22 58.26 -16.49
C PRO O 335 -50.35 57.03 -16.69
N LEU O 336 -49.03 57.27 -16.70
CA LEU O 336 -48.04 56.28 -17.08
C LEU O 336 -46.96 56.21 -16.00
N ASN O 337 -46.75 55.01 -15.45
CA ASN O 337 -45.77 54.78 -14.39
C ASN O 337 -46.01 55.71 -13.20
N THR O 338 -47.19 55.57 -12.59
CA THR O 338 -47.61 56.48 -11.53
C THR O 338 -46.78 56.35 -10.26
N ASP O 339 -46.03 55.26 -10.11
CA ASP O 339 -45.15 55.11 -8.95
C ASP O 339 -43.77 55.72 -9.16
N GLY O 340 -43.47 56.21 -10.36
CA GLY O 340 -42.17 56.76 -10.69
C GLY O 340 -41.43 55.98 -11.76
N GLY O 341 -41.82 54.74 -12.03
CA GLY O 341 -41.16 53.96 -13.05
C GLY O 341 -39.73 53.61 -12.68
N ASN O 342 -39.01 53.07 -13.67
CA ASN O 342 -37.59 52.74 -13.47
C ASN O 342 -36.73 53.97 -13.24
N ILE O 343 -37.18 55.15 -13.68
CA ILE O 343 -36.40 56.37 -13.47
C ILE O 343 -36.53 56.83 -12.02
N GLY O 344 -37.74 56.79 -11.48
CA GLY O 344 -37.99 57.29 -10.14
C GLY O 344 -38.10 56.24 -9.07
N ARG O 345 -38.96 55.23 -9.29
CA ARG O 345 -39.08 54.15 -8.32
C ARG O 345 -37.79 53.36 -8.22
N GLY O 346 -37.20 53.00 -9.36
CA GLY O 346 -36.04 52.14 -9.40
C GLY O 346 -36.29 50.91 -10.24
N HIS O 347 -35.22 50.15 -10.46
CA HIS O 347 -35.27 49.00 -11.36
C HIS O 347 -34.30 47.94 -10.91
N ALA O 348 -34.83 46.77 -10.59
CA ALA O 348 -34.06 45.53 -10.48
C ALA O 348 -34.64 44.55 -11.49
N SER O 349 -33.78 44.03 -12.38
CA SER O 349 -34.27 43.28 -13.53
C SER O 349 -35.16 42.12 -13.12
N GLY O 350 -34.72 41.34 -12.13
CA GLY O 350 -35.50 40.19 -11.72
C GLY O 350 -36.84 40.58 -11.12
N CYS O 351 -36.89 41.72 -10.44
CA CYS O 351 -38.07 42.14 -9.70
C CYS O 351 -38.98 43.07 -10.50
N ASP O 352 -38.64 43.37 -11.75
CA ASP O 352 -39.34 44.41 -12.49
C ASP O 352 -40.82 44.09 -12.67
N GLY O 353 -41.15 42.84 -12.98
CA GLY O 353 -42.55 42.48 -13.24
C GLY O 353 -43.43 42.75 -12.03
N ILE O 354 -42.98 42.33 -10.85
CA ILE O 354 -43.78 42.54 -9.64
C ILE O 354 -43.93 44.02 -9.35
N LEU O 355 -42.87 44.80 -9.61
CA LEU O 355 -42.96 46.25 -9.40
C LEU O 355 -44.08 46.85 -10.24
N HIS O 356 -44.30 46.32 -11.44
CA HIS O 356 -45.39 46.81 -12.28
C HIS O 356 -46.75 46.39 -11.72
N ILE O 357 -46.91 45.12 -11.36
CA ILE O 357 -48.17 44.65 -10.81
C ILE O 357 -48.51 45.38 -9.52
N THR O 358 -47.51 45.58 -8.65
CA THR O 358 -47.78 46.18 -7.35
C THR O 358 -48.40 47.56 -7.48
N GLU O 359 -47.82 48.41 -8.33
CA GLU O 359 -48.39 49.75 -8.50
C GLU O 359 -49.75 49.68 -9.18
N LEU O 360 -49.91 48.78 -10.15
CA LEU O 360 -51.24 48.58 -10.73
C LEU O 360 -52.20 48.02 -9.70
N PHE O 361 -51.73 47.08 -8.86
CA PHE O 361 -52.55 46.54 -7.80
C PHE O 361 -53.03 47.63 -6.86
N ARG O 362 -52.12 48.49 -6.40
CA ARG O 362 -52.51 49.60 -5.53
C ARG O 362 -53.44 50.58 -6.25
N GLN O 363 -53.27 50.74 -7.56
CA GLN O 363 -54.09 51.69 -8.29
C GLN O 363 -55.55 51.24 -8.34
N LEU O 364 -55.78 49.95 -8.58
CA LEU O 364 -57.15 49.45 -8.68
C LEU O 364 -57.83 49.33 -7.33
N ARG O 365 -57.11 49.44 -6.23
CA ARG O 365 -57.68 49.49 -4.90
C ARG O 365 -57.70 50.90 -4.32
N GLY O 366 -57.36 51.91 -5.11
CA GLY O 366 -57.37 53.27 -4.63
C GLY O 366 -56.30 53.58 -3.61
N GLU O 367 -55.23 52.80 -3.55
CA GLU O 367 -54.18 52.98 -2.56
C GLU O 367 -52.95 53.69 -3.09
N SER O 368 -52.86 53.93 -4.39
CA SER O 368 -51.67 54.56 -4.95
C SER O 368 -51.55 56.02 -4.51
N ASP O 369 -50.32 56.49 -4.38
CA ASP O 369 -50.09 57.86 -3.94
C ASP O 369 -50.52 58.88 -4.99
N ASN O 370 -50.36 58.56 -6.26
CA ASN O 370 -50.91 59.33 -7.37
C ASN O 370 -52.01 58.47 -7.99
N GLN O 371 -53.25 58.68 -7.54
CA GLN O 371 -54.34 57.78 -7.83
C GLN O 371 -55.17 58.27 -9.02
N VAL O 372 -55.37 57.39 -10.00
CA VAL O 372 -56.29 57.67 -11.10
C VAL O 372 -57.71 57.50 -10.58
N LYS O 373 -58.50 58.56 -10.66
CA LYS O 373 -59.85 58.54 -10.13
C LYS O 373 -60.70 57.53 -10.88
N GLY O 374 -61.33 56.61 -10.13
CA GLY O 374 -62.24 55.63 -10.70
C GLY O 374 -61.59 54.71 -11.72
N ALA O 375 -60.42 54.18 -11.40
CA ALA O 375 -59.70 53.30 -12.31
C ALA O 375 -60.28 51.89 -12.25
N ARG O 376 -60.55 51.31 -13.43
CA ARG O 376 -61.10 49.98 -13.52
C ARG O 376 -60.20 48.99 -14.25
N ILE O 377 -59.28 49.45 -15.08
CA ILE O 377 -58.42 48.58 -15.88
C ILE O 377 -56.98 49.04 -15.73
N GLY O 378 -56.09 48.11 -15.40
CA GLY O 378 -54.67 48.39 -15.33
C GLY O 378 -53.87 47.38 -16.13
N VAL O 379 -52.90 47.88 -16.88
CA VAL O 379 -52.13 47.07 -17.83
C VAL O 379 -50.64 47.28 -17.61
N SER O 380 -49.90 46.19 -17.58
CA SER O 380 -48.45 46.21 -17.39
C SER O 380 -47.77 45.75 -18.68
N GLN O 381 -47.01 46.65 -19.30
CA GLN O 381 -46.18 46.32 -20.44
C GLN O 381 -44.76 46.14 -19.98
N ASN O 382 -44.16 44.99 -20.30
CA ASN O 382 -42.81 44.68 -19.87
C ASN O 382 -42.08 43.97 -20.99
N LEU O 383 -40.78 44.26 -21.14
CA LEU O 383 -39.97 43.63 -22.16
C LEU O 383 -38.68 43.10 -21.53
N GLY O 384 -38.21 41.98 -22.05
CA GLY O 384 -36.95 41.38 -21.64
C GLY O 384 -35.96 41.40 -22.78
N GLY O 385 -34.71 41.71 -22.46
CA GLY O 385 -33.77 42.04 -23.52
C GLY O 385 -34.27 43.26 -24.26
N TYR O 386 -34.11 43.24 -25.58
CA TYR O 386 -34.78 44.25 -26.42
C TYR O 386 -35.95 43.57 -27.14
N ALA O 387 -37.07 43.49 -26.43
CA ALA O 387 -38.33 42.92 -26.92
C ALA O 387 -38.20 41.45 -27.31
N ALA O 388 -37.07 40.81 -26.98
CA ALA O 388 -36.99 39.36 -27.14
C ALA O 388 -38.07 38.69 -26.30
N HIS O 389 -38.15 39.06 -25.02
CA HIS O 389 -39.34 38.78 -24.22
C HIS O 389 -40.29 39.96 -24.30
N ASN O 390 -41.58 39.68 -24.17
CA ASN O 390 -42.56 40.73 -24.01
C ASN O 390 -43.77 40.19 -23.29
N SER O 391 -44.17 40.86 -22.22
CA SER O 391 -45.26 40.45 -21.36
C SER O 391 -46.22 41.61 -21.17
N VAL O 392 -47.49 41.39 -21.47
CA VAL O 392 -48.55 42.35 -21.23
C VAL O 392 -49.59 41.69 -20.35
N ILE O 393 -49.88 42.31 -19.21
CA ILE O 393 -50.83 41.77 -18.23
C ILE O 393 -51.93 42.80 -18.02
N VAL O 394 -53.18 42.31 -17.93
CA VAL O 394 -54.35 43.16 -17.77
C VAL O 394 -55.03 42.80 -16.45
N LEU O 395 -55.28 43.81 -15.62
CA LEU O 395 -55.92 43.62 -14.32
C LEU O 395 -57.13 44.55 -14.21
N SER O 396 -58.20 44.03 -13.61
CA SER O 396 -59.39 44.81 -13.32
C SER O 396 -59.79 44.62 -11.87
N ASN O 397 -60.48 45.62 -11.32
CA ASN O 397 -60.82 45.61 -9.90
C ASN O 397 -62.14 44.92 -9.58
N ASP O 398 -63.03 44.79 -10.56
CA ASP O 398 -64.30 44.11 -10.33
C ASP O 398 -64.58 43.08 -11.42
N LYS P 5 -8.85 -49.68 -37.10
CA LYS P 5 -7.72 -49.45 -36.21
C LYS P 5 -8.27 -48.84 -34.89
N ILE P 6 -7.49 -48.84 -33.80
CA ILE P 6 -8.02 -48.54 -32.47
C ILE P 6 -7.66 -47.11 -32.10
N GLY P 7 -8.65 -46.38 -31.60
CA GLY P 7 -8.39 -45.04 -31.13
C GLY P 7 -9.55 -44.50 -30.33
N ILE P 8 -9.37 -43.27 -29.86
CA ILE P 8 -10.41 -42.59 -29.10
C ILE P 8 -11.64 -42.43 -29.97
N VAL P 9 -12.80 -42.77 -29.39
CA VAL P 9 -14.08 -42.58 -30.09
C VAL P 9 -14.74 -41.27 -29.71
N SER P 10 -14.84 -40.99 -28.41
CA SER P 10 -15.40 -39.73 -27.92
C SER P 10 -14.72 -39.38 -26.61
N TYR P 11 -14.92 -38.14 -26.17
CA TYR P 11 -14.29 -37.67 -24.94
C TYR P 11 -15.26 -36.76 -24.19
N GLY P 12 -15.01 -36.62 -22.89
CA GLY P 12 -15.79 -35.74 -22.05
C GLY P 12 -14.95 -35.24 -20.91
N ALA P 13 -15.30 -34.06 -20.40
CA ALA P 13 -14.53 -33.42 -19.35
C ALA P 13 -15.47 -32.85 -18.30
N GLY P 14 -15.01 -32.88 -17.04
CA GLY P 14 -15.74 -32.27 -15.94
C GLY P 14 -14.85 -31.35 -15.11
N ILE P 15 -15.27 -30.11 -14.90
CA ILE P 15 -14.44 -29.11 -14.24
C ILE P 15 -15.28 -28.30 -13.27
N PRO P 16 -14.82 -28.09 -12.04
CA PRO P 16 -15.59 -27.30 -11.08
C PRO P 16 -15.78 -25.86 -11.55
N VAL P 17 -16.93 -25.28 -11.20
CA VAL P 17 -17.24 -23.93 -11.65
C VAL P 17 -16.64 -22.87 -10.75
N CYS P 18 -16.34 -23.18 -9.49
CA CYS P 18 -15.83 -22.16 -8.59
C CYS P 18 -14.37 -21.83 -8.92
N ARG P 19 -14.04 -20.54 -8.84
CA ARG P 19 -12.69 -20.07 -9.11
C ARG P 19 -12.21 -19.19 -7.98
N LEU P 20 -10.91 -19.26 -7.69
CA LEU P 20 -10.28 -18.45 -6.67
C LEU P 20 -9.08 -17.75 -7.29
N LYS P 21 -9.10 -16.42 -7.26
CA LYS P 21 -7.99 -15.66 -7.82
C LYS P 21 -6.71 -15.92 -7.04
N VAL P 22 -5.58 -15.86 -7.75
CA VAL P 22 -4.30 -16.24 -7.16
C VAL P 22 -3.94 -15.29 -6.03
N GLN P 23 -4.27 -14.00 -6.18
CA GLN P 23 -3.88 -13.01 -5.18
C GLN P 23 -4.57 -13.22 -3.84
N GLU P 24 -5.73 -13.89 -3.82
CA GLU P 24 -6.39 -14.17 -2.55
C GLU P 24 -5.51 -15.03 -1.65
N VAL P 25 -4.83 -16.02 -2.22
CA VAL P 25 -3.96 -16.89 -1.43
C VAL P 25 -2.69 -16.16 -1.04
N ILE P 26 -2.14 -15.36 -1.97
CA ILE P 26 -0.88 -14.67 -1.69
C ILE P 26 -1.05 -13.65 -0.58
N ASN P 27 -2.16 -12.90 -0.60
CA ASN P 27 -2.34 -11.85 0.40
C ASN P 27 -2.45 -12.42 1.81
N VAL P 28 -2.97 -13.64 1.95
CA VAL P 28 -3.12 -14.24 3.27
C VAL P 28 -1.79 -14.77 3.79
N TRP P 29 -1.12 -15.60 2.99
CA TRP P 29 0.07 -16.31 3.45
C TRP P 29 1.36 -15.53 3.19
N LYS P 30 1.44 -14.82 2.06
CA LYS P 30 2.63 -14.05 1.69
C LYS P 30 3.86 -14.94 1.61
N ASN P 31 3.70 -16.11 1.00
CA ASN P 31 4.76 -17.11 0.94
C ASN P 31 5.40 -17.23 -0.43
N THR P 32 5.00 -16.42 -1.40
CA THR P 32 5.63 -16.42 -2.72
C THR P 32 5.23 -15.14 -3.45
N ASP P 33 5.92 -14.88 -4.56
CA ASP P 33 5.70 -13.67 -5.33
C ASP P 33 4.48 -13.84 -6.23
N LEU P 34 3.61 -12.82 -6.25
CA LEU P 34 2.44 -12.86 -7.12
C LEU P 34 2.85 -12.85 -8.59
N LYS P 35 3.79 -11.97 -8.95
CA LYS P 35 4.22 -11.86 -10.33
C LYS P 35 4.83 -13.16 -10.85
N LEU P 36 5.45 -13.93 -9.95
CA LEU P 36 6.01 -15.22 -10.34
C LEU P 36 4.92 -16.19 -10.77
N VAL P 37 3.84 -16.28 -9.99
CA VAL P 37 2.80 -17.26 -10.27
C VAL P 37 1.96 -16.83 -11.46
N GLU P 38 1.65 -15.55 -11.58
CA GLU P 38 0.76 -15.09 -12.64
C GLU P 38 1.48 -15.02 -13.99
N GLU P 39 2.72 -14.55 -14.01
CA GLU P 39 3.42 -14.32 -15.27
C GLU P 39 4.37 -15.48 -15.63
N ASN P 40 5.31 -15.79 -14.73
CA ASN P 40 6.25 -16.86 -15.03
C ASN P 40 5.57 -18.23 -15.06
N LEU P 41 4.76 -18.52 -14.04
CA LEU P 41 4.04 -19.79 -14.03
C LEU P 41 2.80 -19.76 -14.92
N GLY P 42 2.17 -18.59 -15.05
CA GLY P 42 1.08 -18.42 -15.99
C GLY P 42 -0.29 -18.74 -15.47
N VAL P 43 -0.51 -18.77 -14.16
CA VAL P 43 -1.79 -19.10 -13.56
C VAL P 43 -2.32 -17.85 -12.86
N THR P 44 -3.54 -17.44 -13.23
CA THR P 44 -4.19 -16.28 -12.63
C THR P 44 -5.30 -16.65 -11.66
N GLU P 45 -5.82 -17.87 -11.73
CA GLU P 45 -6.86 -18.31 -10.81
C GLU P 45 -6.92 -19.83 -10.85
N ARG P 46 -7.51 -20.41 -9.81
CA ARG P 46 -7.56 -21.86 -9.63
C ARG P 46 -8.99 -22.29 -9.34
N ALA P 47 -9.27 -23.56 -9.61
CA ALA P 47 -10.59 -24.12 -9.37
C ALA P 47 -10.77 -24.45 -7.91
N VAL P 48 -11.97 -24.20 -7.39
CA VAL P 48 -12.32 -24.47 -6.00
C VAL P 48 -13.33 -25.60 -5.97
N LEU P 49 -13.04 -26.63 -5.19
CA LEU P 49 -13.96 -27.77 -5.05
C LEU P 49 -15.15 -27.37 -4.18
N GLN P 50 -16.35 -27.55 -4.73
CA GLN P 50 -17.55 -27.31 -3.96
C GLN P 50 -17.74 -28.43 -2.94
N PRO P 51 -18.51 -28.19 -1.87
CA PRO P 51 -18.69 -29.24 -0.86
C PRO P 51 -19.32 -30.51 -1.42
N ASP P 52 -20.18 -30.39 -2.43
CA ASP P 52 -20.92 -31.53 -2.96
C ASP P 52 -20.17 -32.28 -4.04
N GLU P 53 -19.04 -31.77 -4.54
CA GLU P 53 -18.34 -32.47 -5.60
C GLU P 53 -17.02 -33.04 -5.09
N ASP P 54 -16.54 -34.06 -5.80
CA ASP P 54 -15.25 -34.69 -5.54
C ASP P 54 -14.77 -35.35 -6.84
N VAL P 55 -13.85 -36.31 -6.71
CA VAL P 55 -13.34 -37.02 -7.89
C VAL P 55 -14.47 -37.79 -8.56
N ILE P 56 -15.28 -38.49 -7.77
CA ILE P 56 -16.37 -39.29 -8.34
C ILE P 56 -17.39 -38.38 -9.03
N THR P 57 -17.71 -37.25 -8.42
CA THR P 57 -18.67 -36.33 -9.03
C THR P 57 -18.14 -35.75 -10.33
N LEU P 58 -16.91 -35.23 -10.29
CA LEU P 58 -16.28 -34.74 -11.51
C LEU P 58 -16.09 -35.87 -12.53
N GLY P 59 -15.72 -37.06 -12.04
CA GLY P 59 -15.47 -38.17 -12.95
C GLY P 59 -16.72 -38.66 -13.65
N VAL P 60 -17.83 -38.76 -12.92
CA VAL P 60 -19.05 -39.27 -13.53
C VAL P 60 -19.61 -38.25 -14.53
N LEU P 61 -19.32 -36.97 -14.35
CA LEU P 61 -19.78 -35.97 -15.30
C LEU P 61 -19.01 -36.08 -16.62
N ALA P 62 -17.69 -36.23 -16.53
CA ALA P 62 -16.89 -36.39 -17.75
C ALA P 62 -17.28 -37.66 -18.49
N ALA P 63 -17.44 -38.76 -17.77
CA ALA P 63 -17.81 -40.03 -18.40
C ALA P 63 -19.16 -39.92 -19.10
N GLN P 64 -20.17 -39.42 -18.39
CA GLN P 64 -21.49 -39.24 -18.99
C GLN P 64 -21.44 -38.28 -20.17
N ARG P 65 -20.60 -37.25 -20.09
CA ARG P 65 -20.48 -36.33 -21.22
C ARG P 65 -19.81 -37.00 -22.42
N ALA P 66 -18.90 -37.94 -22.17
CA ALA P 66 -18.33 -38.72 -23.27
C ALA P 66 -19.30 -39.76 -23.77
N LEU P 67 -20.03 -40.42 -22.85
CA LEU P 67 -20.99 -41.44 -23.24
C LEU P 67 -22.21 -40.84 -23.93
N ASP P 68 -22.55 -39.58 -23.63
CA ASP P 68 -23.68 -38.93 -24.28
C ASP P 68 -23.47 -38.78 -25.79
N LYS P 69 -22.23 -38.76 -26.26
CA LYS P 69 -21.96 -38.73 -27.69
C LYS P 69 -22.28 -40.06 -28.36
N VAL P 70 -22.32 -41.16 -27.60
CA VAL P 70 -22.63 -42.47 -28.14
C VAL P 70 -23.88 -43.01 -27.43
N PRO P 71 -25.08 -42.70 -27.92
CA PRO P 71 -26.30 -43.15 -27.23
C PRO P 71 -26.44 -44.67 -27.29
N GLY P 72 -27.00 -45.22 -26.22
CA GLY P 72 -27.24 -46.65 -26.13
C GLY P 72 -26.00 -47.50 -25.98
N HIS P 73 -24.87 -46.91 -25.63
CA HIS P 73 -23.63 -47.67 -25.52
C HIS P 73 -23.65 -48.57 -24.28
N GLN P 74 -23.09 -49.76 -24.43
CA GLN P 74 -22.95 -50.71 -23.33
C GLN P 74 -21.50 -50.70 -22.87
N ILE P 75 -21.27 -50.42 -21.60
CA ILE P 75 -19.92 -50.28 -21.06
C ILE P 75 -19.28 -51.66 -20.92
N GLU P 76 -18.13 -51.84 -21.56
CA GLU P 76 -17.39 -53.09 -21.49
C GLU P 76 -16.23 -53.05 -20.51
N ALA P 77 -15.70 -51.86 -20.23
CA ALA P 77 -14.59 -51.71 -19.29
C ALA P 77 -14.53 -50.27 -18.83
N LEU P 78 -14.23 -50.07 -17.55
CA LEU P 78 -14.12 -48.75 -16.96
C LEU P 78 -12.98 -48.75 -15.97
N TYR P 79 -11.99 -47.89 -16.19
CA TYR P 79 -10.83 -47.77 -15.33
C TYR P 79 -10.68 -46.32 -14.90
N LEU P 80 -10.74 -46.07 -13.59
CA LEU P 80 -10.61 -44.73 -13.04
C LEU P 80 -9.17 -44.49 -12.60
N GLY P 81 -8.53 -43.50 -13.20
CA GLY P 81 -7.19 -43.12 -12.81
C GLY P 81 -7.19 -41.89 -11.94
N THR P 82 -6.86 -42.06 -10.66
CA THR P 82 -6.81 -40.93 -9.74
C THR P 82 -5.84 -41.25 -8.61
N CYS P 83 -5.13 -40.21 -8.14
CA CYS P 83 -4.26 -40.33 -6.99
C CYS P 83 -4.86 -39.71 -5.73
N THR P 84 -5.98 -38.99 -5.86
CA THR P 84 -6.73 -38.50 -4.70
C THR P 84 -8.02 -39.29 -4.58
N ASN P 85 -7.91 -40.60 -4.43
CA ASN P 85 -9.07 -41.48 -4.49
C ASN P 85 -9.95 -41.29 -3.25
N PRO P 86 -11.27 -41.13 -3.42
CA PRO P 86 -12.15 -41.00 -2.25
C PRO P 86 -12.23 -42.23 -1.37
N TYR P 87 -11.85 -43.41 -1.88
CA TYR P 87 -11.81 -44.63 -1.10
C TYR P 87 -10.42 -45.25 -1.20
N ASP P 88 -9.82 -45.55 -0.06
CA ASP P 88 -8.52 -46.21 -0.06
C ASP P 88 -8.66 -47.72 -0.26
N SER P 89 -9.75 -48.31 0.23
CA SER P 89 -10.13 -49.68 -0.09
C SER P 89 -11.49 -49.66 -0.77
N ARG P 90 -11.69 -50.61 -1.68
CA ARG P 90 -12.80 -50.70 -2.63
C ARG P 90 -12.54 -49.73 -3.78
N ALA P 91 -13.15 -50.00 -4.94
CA ALA P 91 -12.87 -49.25 -6.16
C ALA P 91 -13.96 -48.22 -6.42
N SER P 92 -13.54 -46.96 -6.57
CA SER P 92 -14.49 -45.88 -6.88
C SER P 92 -15.04 -46.02 -8.30
N ALA P 93 -14.25 -46.58 -9.22
CA ALA P 93 -14.72 -46.81 -10.58
C ALA P 93 -15.97 -47.69 -10.61
N SER P 94 -16.11 -48.61 -9.64
CA SER P 94 -17.32 -49.39 -9.52
C SER P 94 -18.54 -48.52 -9.24
N ILE P 95 -18.35 -47.41 -8.51
CA ILE P 95 -19.47 -46.50 -8.25
C ILE P 95 -19.86 -45.76 -9.51
N ILE P 96 -18.87 -45.23 -10.23
CA ILE P 96 -19.13 -44.49 -11.46
C ILE P 96 -19.84 -45.38 -12.47
N LEU P 97 -19.42 -46.64 -12.57
CA LEU P 97 -20.09 -47.59 -13.45
C LEU P 97 -21.56 -47.75 -13.05
N GLU P 98 -21.85 -47.78 -11.76
CA GLU P 98 -23.23 -47.89 -11.30
C GLU P 98 -24.03 -46.64 -11.66
N MET P 99 -23.39 -45.47 -11.58
CA MET P 99 -24.09 -44.22 -11.90
C MET P 99 -24.45 -44.16 -13.38
N LEU P 100 -23.55 -44.60 -14.26
CA LEU P 100 -23.84 -44.57 -15.69
C LEU P 100 -24.92 -45.56 -16.08
N GLY P 101 -25.13 -46.62 -15.29
CA GLY P 101 -26.18 -47.58 -15.55
C GLY P 101 -26.15 -48.22 -16.92
N SER P 102 -24.99 -48.21 -17.59
CA SER P 102 -24.87 -48.74 -18.93
C SER P 102 -24.44 -50.19 -18.97
N GLY P 103 -24.17 -50.80 -17.82
CA GLY P 103 -23.80 -52.21 -17.79
C GLY P 103 -23.09 -52.60 -16.50
N TYR P 104 -23.42 -53.77 -15.97
CA TYR P 104 -22.75 -54.30 -14.80
C TYR P 104 -21.60 -55.25 -15.14
N ASP P 105 -21.64 -55.88 -16.31
CA ASP P 105 -20.58 -56.79 -16.75
C ASP P 105 -19.52 -55.96 -17.47
N ALA P 106 -18.46 -55.61 -16.75
CA ALA P 106 -17.41 -54.77 -17.32
C ALA P 106 -16.14 -54.91 -16.49
N TYR P 107 -15.00 -54.90 -17.18
CA TYR P 107 -13.72 -54.85 -16.50
C TYR P 107 -13.57 -53.53 -15.76
N CYS P 108 -13.44 -53.61 -14.43
CA CYS P 108 -13.45 -52.41 -13.61
C CYS P 108 -12.32 -52.48 -12.59
N ALA P 109 -11.60 -51.37 -12.44
CA ALA P 109 -10.50 -51.25 -11.48
C ALA P 109 -10.09 -49.80 -11.39
N ASP P 110 -9.29 -49.50 -10.35
CA ASP P 110 -8.78 -48.16 -10.10
C ASP P 110 -7.27 -48.15 -10.26
N VAL P 111 -6.78 -47.32 -11.18
CA VAL P 111 -5.36 -47.18 -11.49
C VAL P 111 -4.85 -45.91 -10.85
N GLN P 112 -3.67 -45.99 -10.23
CA GLN P 112 -3.11 -44.85 -9.51
C GLN P 112 -1.61 -44.76 -9.76
N PHE P 113 -1.17 -43.64 -10.32
CA PHE P 113 0.25 -43.31 -10.44
C PHE P 113 0.41 -41.81 -10.60
N ALA P 114 -0.04 -41.05 -9.61
CA ALA P 114 0.16 -39.60 -9.52
C ALA P 114 -0.41 -38.94 -10.79
N GLY P 115 0.31 -38.03 -11.44
CA GLY P 115 -0.23 -37.30 -12.57
C GLY P 115 -0.40 -38.10 -13.83
N LYS P 116 0.17 -39.30 -13.90
CA LYS P 116 0.04 -40.14 -15.08
C LYS P 116 -1.04 -41.21 -14.91
N SER P 117 -1.85 -41.12 -13.84
CA SER P 117 -2.92 -42.09 -13.65
C SER P 117 -3.94 -42.02 -14.77
N GLY P 118 -4.16 -40.82 -15.31
CA GLY P 118 -5.10 -40.68 -16.42
C GLY P 118 -4.62 -41.41 -17.66
N THR P 119 -3.36 -41.23 -18.03
CA THR P 119 -2.84 -41.86 -19.23
C THR P 119 -2.58 -43.34 -19.02
N SER P 120 -2.20 -43.76 -17.81
CA SER P 120 -1.98 -45.17 -17.56
C SER P 120 -3.26 -45.98 -17.74
N ALA P 121 -4.39 -45.42 -17.31
CA ALA P 121 -5.68 -46.06 -17.57
C ALA P 121 -6.01 -46.02 -19.06
N LEU P 122 -5.63 -44.92 -19.73
CA LEU P 122 -5.80 -44.85 -21.18
C LEU P 122 -5.06 -45.99 -21.87
N GLN P 123 -3.85 -46.29 -21.42
CA GLN P 123 -3.08 -47.37 -22.02
C GLN P 123 -3.68 -48.73 -21.68
N ILE P 124 -4.17 -48.89 -20.45
CA ILE P 124 -4.84 -50.14 -20.08
C ILE P 124 -6.10 -50.32 -20.91
N CYS P 125 -6.89 -49.26 -21.06
CA CYS P 125 -8.08 -49.32 -21.91
C CYS P 125 -7.69 -49.63 -23.35
N GLN P 126 -6.57 -49.08 -23.81
CA GLN P 126 -6.06 -49.42 -25.13
C GLN P 126 -5.73 -50.90 -25.23
N ALA P 127 -5.10 -51.45 -24.19
CA ALA P 127 -4.66 -52.84 -24.22
C ALA P 127 -5.85 -53.80 -24.29
N LEU P 128 -6.94 -53.47 -23.59
CA LEU P 128 -8.10 -54.36 -23.57
C LEU P 128 -8.73 -54.46 -24.96
N VAL P 129 -8.87 -53.33 -25.65
CA VAL P 129 -9.51 -53.34 -26.97
C VAL P 129 -8.57 -53.93 -28.01
N ALA P 130 -7.28 -53.55 -27.95
CA ALA P 130 -6.33 -54.06 -28.94
C ALA P 130 -6.11 -55.55 -28.81
N SER P 131 -6.20 -56.09 -27.59
CA SER P 131 -6.04 -57.52 -27.37
C SER P 131 -7.30 -58.30 -27.68
N GLY P 132 -8.40 -57.62 -28.05
CA GLY P 132 -9.66 -58.29 -28.31
C GLY P 132 -10.42 -58.74 -27.09
N MET P 133 -9.90 -58.46 -25.88
CA MET P 133 -10.65 -58.81 -24.67
C MET P 133 -11.94 -58.02 -24.56
N THR P 134 -11.96 -56.78 -25.06
CA THR P 134 -13.16 -55.97 -25.11
C THR P 134 -13.27 -55.34 -26.49
N GLY P 135 -14.48 -54.93 -26.84
CA GLY P 135 -14.70 -54.20 -28.08
C GLY P 135 -14.56 -52.70 -27.88
N SER P 136 -14.69 -52.26 -26.63
CA SER P 136 -14.54 -50.85 -26.27
C SER P 136 -13.97 -50.76 -24.86
N ALA P 137 -13.65 -49.54 -24.45
CA ALA P 137 -13.11 -49.31 -23.12
C ALA P 137 -13.21 -47.82 -22.80
N LEU P 138 -13.50 -47.51 -21.53
CA LEU P 138 -13.64 -46.14 -21.06
C LEU P 138 -12.56 -45.83 -20.05
N ALA P 139 -11.78 -44.78 -20.32
CA ALA P 139 -10.72 -44.33 -19.41
C ALA P 139 -11.09 -42.97 -18.85
N ILE P 140 -10.87 -42.79 -17.55
CA ILE P 140 -11.18 -41.54 -16.87
C ILE P 140 -9.96 -41.11 -16.06
N GLY P 141 -9.46 -39.91 -16.33
CA GLY P 141 -8.45 -39.31 -15.50
C GLY P 141 -9.04 -38.14 -14.74
N ALA P 142 -9.03 -38.23 -13.41
CA ALA P 142 -9.65 -37.22 -12.56
C ALA P 142 -8.83 -37.06 -11.30
N ASP P 143 -8.85 -35.85 -10.75
CA ASP P 143 -8.08 -35.56 -9.54
C ASP P 143 -8.62 -34.31 -8.88
N THR P 144 -8.48 -34.26 -7.56
CA THR P 144 -8.78 -33.08 -6.75
C THR P 144 -7.51 -32.68 -6.01
N ILE P 145 -6.55 -32.10 -6.75
CA ILE P 145 -5.31 -31.63 -6.15
C ILE P 145 -5.59 -30.57 -5.09
N ASN P 146 -6.53 -29.67 -5.38
CA ASN P 146 -6.85 -28.61 -4.44
C ASN P 146 -7.36 -29.18 -3.12
N ARG P 147 -8.14 -30.26 -3.18
CA ARG P 147 -8.60 -30.90 -1.95
C ARG P 147 -7.44 -31.44 -1.14
N ASN P 148 -6.41 -31.94 -1.81
CA ASN P 148 -5.28 -32.60 -1.15
C ASN P 148 -4.03 -31.73 -1.13
N THR P 149 -4.20 -30.41 -1.08
CA THR P 149 -3.09 -29.48 -0.91
C THR P 149 -3.32 -28.69 0.37
N ALA P 150 -2.31 -28.68 1.26
CA ALA P 150 -2.48 -28.04 2.54
C ALA P 150 -2.49 -26.51 2.39
N PRO P 151 -3.24 -25.82 3.23
CA PRO P 151 -3.15 -24.35 3.26
C PRO P 151 -1.74 -23.92 3.64
N GLY P 152 -1.27 -22.85 3.02
CA GLY P 152 0.08 -22.37 3.24
C GLY P 152 1.14 -23.08 2.42
N ASP P 153 0.79 -24.18 1.75
CA ASP P 153 1.74 -24.82 0.85
C ASP P 153 2.10 -23.86 -0.27
N LEU P 154 3.35 -23.98 -0.74
CA LEU P 154 3.79 -23.13 -1.84
C LEU P 154 2.97 -23.36 -3.10
N THR P 155 2.50 -24.58 -3.31
CA THR P 155 1.70 -24.93 -4.48
C THR P 155 0.21 -24.75 -4.25
N GLU P 156 -0.20 -24.18 -3.11
CA GLU P 156 -1.62 -24.02 -2.84
C GLU P 156 -2.27 -23.06 -3.83
N SER P 157 -1.54 -22.03 -4.26
CA SER P 157 -2.12 -21.00 -5.12
C SER P 157 -2.50 -21.51 -6.50
N TYR P 158 -1.91 -22.62 -6.96
CA TYR P 158 -2.23 -23.17 -8.27
C TYR P 158 -2.65 -24.64 -8.19
N ALA P 159 -3.25 -25.04 -7.08
CA ALA P 159 -3.82 -26.38 -6.96
C ALA P 159 -5.28 -26.34 -7.38
N GLY P 160 -5.67 -27.28 -8.23
CA GLY P 160 -7.05 -27.31 -8.72
C GLY P 160 -7.60 -28.71 -8.85
N ALA P 161 -8.68 -28.85 -9.61
CA ALA P 161 -9.32 -30.15 -9.81
C ALA P 161 -9.88 -30.21 -11.22
N GLY P 162 -10.12 -31.43 -11.69
CA GLY P 162 -10.66 -31.63 -13.01
C GLY P 162 -10.76 -33.11 -13.34
N ALA P 163 -11.61 -33.41 -14.31
CA ALA P 163 -11.84 -34.78 -14.75
C ALA P 163 -11.93 -34.81 -16.27
N ALA P 164 -11.38 -35.86 -16.86
CA ALA P 164 -11.42 -36.06 -18.30
C ALA P 164 -11.66 -37.53 -18.59
N ALA P 165 -12.54 -37.81 -19.55
CA ALA P 165 -12.89 -39.17 -19.91
C ALA P 165 -12.69 -39.36 -21.40
N LEU P 166 -12.05 -40.46 -21.77
CA LEU P 166 -11.84 -40.82 -23.16
C LEU P 166 -12.42 -42.20 -23.42
N LEU P 167 -13.12 -42.35 -24.54
CA LEU P 167 -13.74 -43.62 -24.92
C LEU P 167 -12.89 -44.28 -26.01
N ILE P 168 -12.46 -45.51 -25.75
CA ILE P 168 -11.59 -46.25 -26.66
C ILE P 168 -12.45 -47.29 -27.38
N GLY P 169 -12.35 -47.32 -28.70
CA GLY P 169 -13.12 -48.26 -29.48
C GLY P 169 -12.58 -48.38 -30.88
N SER P 170 -13.24 -49.23 -31.67
CA SER P 170 -12.83 -49.52 -33.04
C SER P 170 -13.76 -48.94 -34.09
N GLN P 171 -14.94 -48.46 -33.71
CA GLN P 171 -15.89 -47.87 -34.65
C GLN P 171 -15.95 -46.36 -34.46
N ASP P 172 -16.00 -45.64 -35.57
CA ASP P 172 -16.14 -44.18 -35.57
C ASP P 172 -15.02 -43.52 -34.76
N VAL P 173 -13.78 -43.92 -35.05
CA VAL P 173 -12.64 -43.46 -34.27
C VAL P 173 -12.36 -41.98 -34.58
N ILE P 174 -12.20 -41.19 -33.53
CA ILE P 174 -11.92 -39.77 -33.68
C ILE P 174 -10.41 -39.45 -33.63
N ALA P 175 -9.62 -40.29 -32.98
CA ALA P 175 -8.18 -40.05 -32.83
C ALA P 175 -7.51 -41.39 -32.63
N GLU P 176 -6.54 -41.70 -33.48
CA GLU P 176 -6.01 -43.04 -33.63
C GLU P 176 -4.78 -43.24 -32.75
N PHE P 177 -4.68 -44.43 -32.14
CA PHE P 177 -3.61 -44.76 -31.19
C PHE P 177 -2.50 -45.44 -31.98
N ASP P 178 -1.47 -44.68 -32.33
CA ASP P 178 -0.37 -45.21 -33.13
C ASP P 178 0.55 -46.12 -32.33
N ALA P 179 1.17 -45.58 -31.27
CA ALA P 179 2.05 -46.39 -30.43
C ALA P 179 2.17 -45.72 -29.07
N SER P 180 2.84 -46.42 -28.15
CA SER P 180 3.01 -45.91 -26.79
C SER P 180 4.34 -46.41 -26.23
N PHE P 181 4.86 -45.65 -25.27
CA PHE P 181 6.10 -45.98 -24.59
C PHE P 181 6.04 -45.40 -23.18
N SER P 182 6.49 -46.19 -22.20
CA SER P 182 6.40 -45.79 -20.82
C SER P 182 7.65 -46.24 -20.06
N CYS P 183 7.99 -45.47 -19.02
CA CYS P 183 9.10 -45.78 -18.14
C CYS P 183 8.74 -45.37 -16.72
N ALA P 184 9.49 -45.89 -15.75
CA ALA P 184 9.24 -45.58 -14.35
C ALA P 184 10.51 -45.84 -13.55
N ALA P 185 10.56 -45.24 -12.37
CA ALA P 185 11.68 -45.37 -11.45
C ALA P 185 11.23 -44.87 -10.09
N ASP P 186 12.11 -45.01 -9.10
CA ASP P 186 11.81 -44.60 -7.73
C ASP P 186 12.45 -43.23 -7.53
N VAL P 187 11.73 -42.18 -7.91
CA VAL P 187 12.15 -40.80 -7.71
C VAL P 187 11.08 -40.14 -6.86
N ALA P 188 11.33 -40.02 -5.56
CA ALA P 188 10.33 -39.54 -4.60
C ALA P 188 10.28 -38.02 -4.53
N ASP P 189 10.07 -37.36 -5.67
CA ASP P 189 10.02 -35.90 -5.67
C ASP P 189 8.78 -35.37 -4.96
N ASN P 190 7.64 -36.06 -5.14
CA ASN P 190 6.42 -35.78 -4.41
C ASN P 190 5.83 -37.10 -3.95
N ILE P 191 5.37 -37.15 -2.70
CA ILE P 191 4.80 -38.36 -2.13
C ILE P 191 3.65 -37.98 -1.22
N ARG P 192 2.70 -38.90 -1.09
CA ARG P 192 1.68 -38.84 -0.05
C ARG P 192 1.57 -40.22 0.58
N PRO P 193 2.10 -40.43 1.79
CA PRO P 193 2.00 -41.75 2.42
C PRO P 193 0.56 -42.10 2.74
N GLN P 194 0.34 -43.39 3.04
CA GLN P 194 -1.01 -43.83 3.36
C GLN P 194 -1.51 -43.16 4.63
N GLY P 195 -2.72 -42.60 4.54
CA GLY P 195 -3.34 -41.88 5.63
C GLY P 195 -3.16 -40.37 5.57
N ASP P 196 -2.06 -39.90 5.00
CA ASP P 196 -1.86 -38.47 4.83
C ASP P 196 -2.88 -37.92 3.84
N ARG P 197 -3.50 -36.80 4.20
CA ARG P 197 -4.44 -36.16 3.28
C ARG P 197 -3.71 -35.34 2.23
N TYR P 198 -2.62 -34.69 2.60
CA TYR P 198 -1.98 -33.68 1.77
C TYR P 198 -0.78 -34.27 1.04
N ILE P 199 -0.72 -34.04 -0.27
CA ILE P 199 0.45 -34.41 -1.05
C ILE P 199 1.62 -33.52 -0.65
N ARG P 200 2.81 -34.11 -0.58
CA ARG P 200 3.97 -33.45 -0.03
C ARG P 200 5.13 -33.49 -1.02
N SER P 201 6.02 -32.53 -0.90
CA SER P 201 7.18 -32.45 -1.77
C SER P 201 8.37 -33.15 -1.12
N GLY P 202 9.16 -33.83 -1.96
CA GLY P 202 10.36 -34.49 -1.48
C GLY P 202 11.56 -33.59 -1.31
N MET P 203 11.51 -32.38 -1.87
CA MET P 203 12.59 -31.42 -1.74
C MET P 203 12.03 -30.04 -2.07
N GLY P 204 12.86 -29.02 -1.85
CA GLY P 204 12.44 -27.67 -2.16
C GLY P 204 12.09 -27.51 -3.62
N LEU P 205 11.12 -26.65 -3.90
CA LEU P 205 10.73 -26.37 -5.27
C LEU P 205 11.83 -25.59 -5.98
N GLY P 206 12.06 -25.92 -7.24
CA GLY P 206 13.09 -25.27 -8.01
C GLY P 206 13.44 -26.05 -9.25
N SER P 207 14.36 -25.48 -10.01
CA SER P 207 14.76 -26.11 -11.28
C SER P 207 15.48 -27.43 -11.05
N ASP P 208 16.10 -27.60 -9.88
CA ASP P 208 16.77 -28.87 -9.57
C ASP P 208 15.77 -29.98 -9.35
N LYS P 209 14.66 -29.69 -8.66
CA LYS P 209 13.65 -30.72 -8.41
C LYS P 209 13.00 -31.18 -9.71
N ASN P 210 12.80 -30.25 -10.65
CA ASN P 210 12.21 -30.61 -11.94
C ASN P 210 13.17 -31.45 -12.78
N SER P 211 14.48 -31.20 -12.65
CA SER P 211 15.45 -31.88 -13.51
C SER P 211 15.53 -33.38 -13.22
N ILE P 212 15.35 -33.77 -11.96
CA ILE P 212 15.46 -35.18 -11.59
C ILE P 212 14.18 -35.95 -11.79
N GLY P 213 13.02 -35.28 -11.85
CA GLY P 213 11.76 -35.97 -12.01
C GLY P 213 11.01 -35.56 -13.26
N LEU P 214 10.49 -34.34 -13.27
CA LEU P 214 9.65 -33.89 -14.37
C LEU P 214 10.37 -33.97 -15.70
N GLU P 215 11.59 -33.43 -15.77
CA GLU P 215 12.29 -33.34 -17.05
C GLU P 215 12.89 -34.68 -17.47
N ASP P 216 13.45 -35.44 -16.52
CA ASP P 216 14.08 -36.71 -16.86
C ASP P 216 13.07 -37.70 -17.43
N GLN P 217 12.03 -38.02 -16.64
CA GLN P 217 11.10 -39.06 -17.06
C GLN P 217 10.31 -38.65 -18.29
N THR P 218 9.98 -37.36 -18.41
CA THR P 218 9.31 -36.88 -19.62
C THR P 218 10.20 -37.11 -20.85
N ARG P 219 11.50 -36.78 -20.74
CA ARG P 219 12.39 -36.99 -21.88
C ARG P 219 12.54 -38.48 -22.20
N ARG P 220 12.76 -39.32 -21.18
CA ARG P 220 13.02 -40.73 -21.42
C ARG P 220 11.86 -41.38 -22.19
N ALA P 221 10.63 -41.04 -21.82
CA ALA P 221 9.47 -41.61 -22.52
C ALA P 221 9.25 -40.94 -23.88
N ALA P 222 9.44 -39.62 -23.94
CA ALA P 222 9.28 -38.92 -25.22
C ALA P 222 10.29 -39.42 -26.24
N GLU P 223 11.57 -39.41 -25.89
CA GLU P 223 12.60 -39.88 -26.81
C GLU P 223 12.45 -41.36 -27.11
N GLY P 224 12.03 -42.14 -26.12
CA GLY P 224 11.90 -43.57 -26.32
C GLY P 224 10.87 -43.92 -27.38
N LEU P 225 9.74 -43.20 -27.40
CA LEU P 225 8.70 -43.49 -28.37
C LEU P 225 9.11 -43.05 -29.78
N MET P 226 9.71 -41.86 -29.90
CA MET P 226 10.09 -41.36 -31.22
C MET P 226 11.13 -42.24 -31.88
N ALA P 227 12.04 -42.82 -31.11
CA ALA P 227 12.95 -43.81 -31.67
C ALA P 227 12.22 -45.08 -32.07
N LYS P 228 11.15 -45.44 -31.36
CA LYS P 228 10.36 -46.60 -31.75
C LYS P 228 9.58 -46.33 -33.03
N LEU P 229 9.13 -45.09 -33.23
CA LEU P 229 8.41 -44.71 -34.44
C LEU P 229 9.31 -44.12 -35.51
N HIS P 230 10.60 -43.94 -35.21
CA HIS P 230 11.54 -43.31 -36.14
C HIS P 230 11.07 -41.92 -36.54
N THR P 231 10.77 -41.09 -35.53
CA THR P 231 10.27 -39.74 -35.74
C THR P 231 11.10 -38.75 -34.93
N SER P 232 10.98 -37.48 -35.31
CA SER P 232 11.65 -36.37 -34.63
C SER P 232 10.60 -35.38 -34.17
N PRO P 233 10.95 -34.41 -33.33
CA PRO P 233 9.93 -33.43 -32.89
C PRO P 233 9.27 -32.67 -34.04
N ALA P 234 9.97 -32.46 -35.15
CA ALA P 234 9.41 -31.72 -36.27
C ALA P 234 8.28 -32.45 -36.98
N ASP P 235 8.11 -33.75 -36.72
CA ASP P 235 7.08 -34.54 -37.40
C ASP P 235 5.71 -34.42 -36.77
N TYR P 236 5.59 -33.87 -35.57
CA TYR P 236 4.32 -33.83 -34.84
C TYR P 236 3.72 -32.44 -34.90
N ASP P 237 2.42 -32.36 -35.19
CA ASP P 237 1.72 -31.08 -35.26
C ASP P 237 1.46 -30.51 -33.88
N TYR P 238 1.13 -31.36 -32.91
CA TYR P 238 0.88 -30.94 -31.56
C TYR P 238 1.69 -31.79 -30.59
N VAL P 239 2.04 -31.19 -29.45
CA VAL P 239 2.66 -31.90 -28.34
C VAL P 239 1.90 -31.55 -27.07
N VAL P 240 1.70 -32.55 -26.22
CA VAL P 240 0.92 -32.40 -25.00
C VAL P 240 1.73 -32.95 -23.83
N PHE P 241 1.96 -32.11 -22.83
CA PHE P 241 2.68 -32.50 -21.63
C PHE P 241 1.75 -32.49 -20.43
N GLN P 242 2.28 -32.95 -19.30
CA GLN P 242 1.62 -32.69 -18.03
C GLN P 242 1.50 -31.18 -17.82
N GLN P 243 0.32 -30.72 -17.43
CA GLN P 243 0.06 -29.29 -17.31
C GLN P 243 -0.46 -29.00 -15.89
N ASN P 244 0.41 -29.20 -14.91
CA ASN P 244 0.16 -28.66 -13.59
C ASN P 244 0.17 -27.13 -13.62
N LEU P 245 0.97 -26.56 -14.51
CA LEU P 245 1.07 -25.12 -14.68
C LEU P 245 1.09 -24.81 -16.17
N VAL P 246 0.78 -23.56 -16.50
CA VAL P 246 0.87 -23.12 -17.89
C VAL P 246 2.31 -23.14 -18.38
N SER P 247 3.26 -22.93 -17.45
CA SER P 247 4.66 -22.86 -17.84
C SER P 247 5.28 -24.22 -18.13
N THR P 248 4.72 -25.29 -17.58
CA THR P 248 5.37 -26.60 -17.70
C THR P 248 5.38 -27.12 -19.12
N PRO P 249 4.27 -27.10 -19.88
CA PRO P 249 4.34 -27.59 -21.26
C PRO P 249 5.30 -26.79 -22.13
N TYR P 250 5.35 -25.47 -21.96
CA TYR P 250 6.29 -24.64 -22.71
C TYR P 250 7.73 -25.00 -22.35
N SER P 251 8.03 -25.08 -21.06
CA SER P 251 9.41 -25.33 -20.62
C SER P 251 9.88 -26.72 -21.03
N LEU P 252 8.98 -27.71 -20.95
CA LEU P 252 9.35 -29.06 -21.41
C LEU P 252 9.56 -29.09 -22.91
N ALA P 253 8.88 -28.21 -23.66
CA ALA P 253 9.03 -28.17 -25.10
C ALA P 253 10.38 -27.58 -25.50
N LYS P 254 10.68 -26.38 -24.99
CA LYS P 254 12.01 -25.78 -25.19
C LYS P 254 13.11 -26.77 -24.86
N HIS P 255 12.92 -27.55 -23.80
CA HIS P 255 13.95 -28.49 -23.37
C HIS P 255 14.02 -29.68 -24.30
N LEU P 256 12.87 -30.20 -24.74
CA LEU P 256 12.83 -31.37 -25.61
C LEU P 256 12.97 -31.04 -27.10
N GLY P 257 12.97 -29.76 -27.46
CA GLY P 257 13.13 -29.38 -28.85
C GLY P 257 11.84 -29.16 -29.62
N PHE P 258 10.76 -28.80 -28.93
CA PHE P 258 9.49 -28.49 -29.57
C PHE P 258 9.27 -26.99 -29.60
N ASN P 259 8.88 -26.46 -30.76
CA ASN P 259 8.63 -25.04 -30.88
C ASN P 259 7.31 -24.67 -30.18
N PRO P 260 7.15 -23.39 -29.80
CA PRO P 260 5.96 -23.02 -29.01
C PRO P 260 4.64 -23.29 -29.71
N LYS P 261 4.57 -23.10 -31.03
CA LYS P 261 3.31 -23.28 -31.74
C LYS P 261 2.78 -24.71 -31.65
N GLN P 262 3.64 -25.70 -31.38
CA GLN P 262 3.19 -27.06 -31.13
C GLN P 262 2.54 -27.24 -29.77
N VAL P 263 2.86 -26.37 -28.82
CA VAL P 263 2.35 -26.49 -27.45
C VAL P 263 1.08 -25.65 -27.25
N GLU P 264 1.11 -24.41 -27.76
CA GLU P 264 0.03 -23.46 -27.52
C GLU P 264 -1.39 -24.02 -27.69
N PRO P 265 -1.69 -24.89 -28.66
CA PRO P 265 -3.07 -25.42 -28.71
C PRO P 265 -3.48 -26.22 -27.49
N GLY P 266 -2.54 -26.84 -26.76
CA GLY P 266 -2.86 -27.64 -25.61
C GLY P 266 -3.00 -26.88 -24.30
N ILE P 267 -2.63 -25.59 -24.28
CA ILE P 267 -2.67 -24.82 -23.04
C ILE P 267 -4.11 -24.52 -22.67
N TYR P 268 -4.45 -24.73 -21.40
CA TYR P 268 -5.82 -24.51 -20.95
C TYR P 268 -5.87 -24.12 -19.47
N ALA P 269 -4.81 -24.40 -18.73
CA ALA P 269 -4.81 -24.33 -17.27
C ALA P 269 -4.53 -22.93 -16.73
N GLY P 270 -4.73 -21.89 -17.54
CA GLY P 270 -4.51 -20.54 -17.05
C GLY P 270 -5.47 -20.13 -15.96
N ASN P 271 -6.67 -20.73 -15.93
CA ASN P 271 -7.69 -20.39 -14.95
C ASN P 271 -8.13 -21.58 -14.12
N VAL P 272 -7.39 -22.69 -14.14
CA VAL P 272 -7.76 -23.91 -13.44
C VAL P 272 -6.73 -24.30 -12.40
N GLY P 273 -5.45 -24.22 -12.72
CA GLY P 273 -4.42 -24.75 -11.86
C GLY P 273 -4.10 -26.19 -12.19
N ASP P 274 -3.44 -26.85 -11.24
CA ASP P 274 -3.04 -28.24 -11.41
C ASP P 274 -4.27 -29.14 -11.33
N ALA P 275 -4.65 -29.74 -12.45
CA ALA P 275 -5.81 -30.62 -12.51
C ALA P 275 -5.44 -32.08 -12.28
N GLY P 276 -4.18 -32.37 -11.95
CA GLY P 276 -3.82 -33.73 -11.60
C GLY P 276 -3.75 -34.65 -12.79
N SER P 277 -4.32 -35.84 -12.63
CA SER P 277 -4.23 -36.88 -13.66
C SER P 277 -4.93 -36.49 -14.95
N ALA P 278 -5.80 -35.48 -14.91
CA ALA P 278 -6.52 -35.04 -16.10
C ALA P 278 -5.74 -34.01 -16.92
N SER P 279 -4.66 -33.45 -16.37
CA SER P 279 -3.95 -32.39 -17.08
C SER P 279 -3.40 -32.81 -18.44
N PRO P 280 -2.79 -33.98 -18.63
CA PRO P 280 -2.43 -34.38 -20.00
C PRO P 280 -3.65 -34.72 -20.84
N LEU P 281 -4.70 -35.26 -20.23
CA LEU P 281 -5.90 -35.61 -21.00
C LEU P 281 -6.70 -34.37 -21.38
N LEU P 282 -6.86 -33.44 -20.43
CA LEU P 282 -7.55 -32.19 -20.73
C LEU P 282 -6.82 -31.41 -21.81
N GLY P 283 -5.49 -31.47 -21.80
CA GLY P 283 -4.74 -30.86 -22.89
C GLY P 283 -5.01 -31.55 -24.22
N LEU P 284 -5.11 -32.88 -24.21
CA LEU P 284 -5.42 -33.61 -25.44
C LEU P 284 -6.82 -33.27 -25.92
N ILE P 285 -7.77 -33.13 -25.01
CA ILE P 285 -9.13 -32.74 -25.38
C ILE P 285 -9.11 -31.34 -26.00
N ASN P 286 -8.36 -30.42 -25.40
CA ASN P 286 -8.27 -29.07 -25.93
C ASN P 286 -7.63 -29.05 -27.32
N VAL P 287 -6.76 -30.03 -27.60
CA VAL P 287 -6.14 -30.11 -28.92
C VAL P 287 -7.10 -30.74 -29.93
N LEU P 288 -7.71 -31.87 -29.55
CA LEU P 288 -8.65 -32.53 -30.44
C LEU P 288 -9.86 -31.66 -30.79
N ASP P 289 -10.08 -30.58 -30.03
CA ASP P 289 -11.24 -29.73 -30.28
C ASP P 289 -11.11 -28.97 -31.59
N GLN P 290 -9.89 -28.56 -31.96
CA GLN P 290 -9.68 -27.81 -33.20
C GLN P 290 -8.83 -28.57 -34.21
N ALA P 291 -8.52 -29.84 -33.96
CA ALA P 291 -7.64 -30.59 -34.85
C ALA P 291 -8.30 -30.87 -36.18
N ARG P 292 -7.47 -31.03 -37.21
CA ARG P 292 -7.85 -31.39 -38.56
C ARG P 292 -7.46 -32.84 -38.85
N PRO P 293 -8.08 -33.46 -39.85
CA PRO P 293 -7.71 -34.84 -40.19
C PRO P 293 -6.26 -34.95 -40.65
N GLY P 294 -5.59 -36.01 -40.21
CA GLY P 294 -4.24 -36.32 -40.64
C GLY P 294 -3.14 -35.87 -39.70
N GLN P 295 -3.41 -34.88 -38.84
CA GLN P 295 -2.37 -34.34 -37.97
C GLN P 295 -1.95 -35.36 -36.91
N LYS P 296 -0.66 -35.32 -36.57
CA LYS P 296 -0.08 -36.25 -35.60
C LYS P 296 0.12 -35.54 -34.26
N ILE P 297 -0.19 -36.26 -33.18
CA ILE P 297 -0.13 -35.70 -31.83
C ILE P 297 0.76 -36.59 -30.97
N LEU P 298 1.66 -35.97 -30.21
CA LEU P 298 2.52 -36.67 -29.26
C LEU P 298 2.16 -36.21 -27.85
N LEU P 299 1.74 -37.14 -27.01
CA LEU P 299 1.33 -36.84 -25.64
C LEU P 299 2.32 -37.51 -24.69
N VAL P 300 2.91 -36.70 -23.80
CA VAL P 300 3.84 -37.19 -22.78
C VAL P 300 3.35 -36.69 -21.43
N SER P 301 2.96 -37.62 -20.55
CA SER P 301 2.46 -37.29 -19.23
C SER P 301 3.47 -37.72 -18.17
N TYR P 302 3.51 -36.98 -17.06
CA TYR P 302 4.45 -37.22 -15.99
C TYR P 302 3.74 -37.31 -14.65
N GLY P 303 4.03 -38.37 -13.90
CA GLY P 303 3.53 -38.52 -12.55
C GLY P 303 4.66 -38.76 -11.56
N PHE P 304 4.64 -38.07 -10.42
CA PHE P 304 5.72 -38.14 -9.44
C PHE P 304 5.78 -39.53 -8.79
N GLY P 305 6.80 -39.75 -7.97
CA GLY P 305 7.28 -41.11 -7.74
C GLY P 305 7.77 -41.70 -9.03
N ALA P 306 8.65 -40.98 -9.72
CA ALA P 306 8.44 -40.61 -11.11
C ALA P 306 8.26 -41.81 -12.05
N GLY P 307 7.35 -41.62 -12.99
CA GLY P 307 7.26 -42.40 -14.21
C GLY P 307 6.60 -41.53 -15.24
N SER P 308 6.61 -41.98 -16.49
CA SER P 308 6.04 -41.16 -17.55
C SER P 308 5.47 -42.03 -18.65
N ASP P 309 4.45 -41.50 -19.32
CA ASP P 309 3.72 -42.19 -20.38
C ASP P 309 3.79 -41.37 -21.66
N ALA P 310 4.16 -42.01 -22.77
CA ALA P 310 4.22 -41.38 -24.07
C ALA P 310 3.25 -42.07 -25.01
N ILE P 311 2.42 -41.30 -25.71
CA ILE P 311 1.42 -41.82 -26.63
C ILE P 311 1.43 -40.97 -27.89
N ALA P 312 1.39 -41.63 -29.04
CA ALA P 312 1.40 -40.97 -30.34
C ALA P 312 0.06 -41.18 -31.03
N LEU P 313 -0.52 -40.11 -31.57
CA LEU P 313 -1.85 -40.17 -32.15
C LEU P 313 -1.86 -39.63 -33.57
N THR P 314 -2.87 -40.05 -34.33
CA THR P 314 -3.18 -39.51 -35.65
C THR P 314 -4.66 -39.15 -35.67
N VAL P 315 -4.98 -37.96 -36.15
CA VAL P 315 -6.36 -37.49 -36.20
C VAL P 315 -7.00 -37.95 -37.50
N THR P 316 -8.14 -38.63 -37.38
CA THR P 316 -8.82 -39.23 -38.50
C THR P 316 -9.74 -38.22 -39.17
N ASP P 317 -10.33 -38.63 -40.30
CA ASP P 317 -11.31 -37.80 -40.98
C ASP P 317 -12.58 -37.62 -40.17
N ALA P 318 -12.87 -38.54 -39.24
CA ALA P 318 -14.08 -38.48 -38.44
C ALA P 318 -14.07 -37.34 -37.43
N ILE P 319 -12.94 -36.63 -37.29
CA ILE P 319 -12.88 -35.50 -36.36
C ILE P 319 -13.83 -34.40 -36.77
N GLU P 320 -14.08 -34.26 -38.08
CA GLU P 320 -14.80 -33.09 -38.58
C GLU P 320 -16.27 -33.12 -38.16
N GLN P 321 -16.95 -34.25 -38.39
CA GLN P 321 -18.35 -34.36 -38.01
C GLN P 321 -18.55 -34.40 -36.51
N TYR P 322 -17.50 -34.71 -35.74
CA TYR P 322 -17.59 -34.64 -34.29
C TYR P 322 -17.60 -33.20 -33.80
N GLN P 323 -16.70 -32.37 -34.35
CA GLN P 323 -16.63 -30.97 -33.96
C GLN P 323 -17.84 -30.16 -34.44
N LYS P 324 -18.60 -30.69 -35.41
CA LYS P 324 -19.74 -29.94 -35.92
C LYS P 324 -20.78 -29.68 -34.84
N HIS P 325 -21.02 -30.67 -33.97
CA HIS P 325 -21.99 -30.57 -32.87
C HIS P 325 -21.26 -30.98 -31.59
N ASN P 326 -20.42 -30.09 -31.08
CA ASN P 326 -19.67 -30.37 -29.87
C ASN P 326 -19.36 -29.05 -29.17
N LYS P 327 -19.33 -29.11 -27.84
CA LYS P 327 -18.95 -27.97 -27.02
C LYS P 327 -17.46 -28.03 -26.74
N PRO P 328 -16.67 -27.05 -27.17
CA PRO P 328 -15.24 -27.08 -26.90
C PRO P 328 -14.94 -26.87 -25.43
N LEU P 329 -13.83 -27.45 -24.97
CA LEU P 329 -13.39 -27.24 -23.59
C LEU P 329 -13.22 -25.76 -23.28
N ARG P 330 -12.77 -24.98 -24.26
CA ARG P 330 -12.62 -23.54 -24.08
C ARG P 330 -13.96 -22.90 -23.72
N GLU P 331 -15.05 -23.36 -24.34
CA GLU P 331 -16.36 -22.83 -24.00
C GLU P 331 -16.79 -23.29 -22.61
N LEU P 332 -16.48 -24.53 -22.25
CA LEU P 332 -16.82 -25.04 -20.93
C LEU P 332 -16.09 -24.28 -19.83
N LEU P 333 -14.84 -23.88 -20.09
CA LEU P 333 -14.03 -23.19 -19.10
C LEU P 333 -14.47 -21.75 -18.86
N GLU P 334 -15.44 -21.24 -19.63
CA GLU P 334 -15.91 -19.88 -19.46
C GLU P 334 -16.83 -19.75 -18.24
N SER P 335 -17.52 -20.82 -17.88
CA SER P 335 -18.45 -20.80 -16.75
C SER P 335 -17.66 -20.87 -15.45
N LYS P 336 -17.65 -19.77 -14.70
CA LYS P 336 -16.84 -19.70 -13.50
C LYS P 336 -17.51 -18.83 -12.44
N ILE P 337 -17.38 -19.26 -11.18
CA ILE P 337 -17.88 -18.53 -10.02
C ILE P 337 -16.68 -18.17 -9.15
N TYR P 338 -16.58 -16.90 -8.77
CA TYR P 338 -15.46 -16.41 -7.98
C TYR P 338 -15.84 -16.35 -6.50
N VAL P 339 -14.93 -16.82 -5.65
CA VAL P 339 -15.12 -16.83 -4.20
C VAL P 339 -13.87 -16.25 -3.54
N ASP P 340 -14.05 -15.76 -2.32
CA ASP P 340 -12.92 -15.26 -1.54
C ASP P 340 -12.16 -16.44 -0.93
N TYR P 341 -11.08 -16.11 -0.21
CA TYR P 341 -10.24 -17.17 0.35
C TYR P 341 -10.94 -17.87 1.52
N GLY P 342 -11.64 -17.10 2.36
CA GLY P 342 -12.32 -17.71 3.49
C GLY P 342 -13.37 -18.73 3.06
N THR P 343 -14.09 -18.42 1.99
CA THR P 343 -15.08 -19.36 1.47
C THR P 343 -14.42 -20.58 0.82
N SER P 344 -13.35 -20.36 0.06
CA SER P 344 -12.66 -21.47 -0.59
C SER P 344 -12.13 -22.47 0.44
N ILE P 345 -11.65 -21.97 1.58
CA ILE P 345 -11.25 -22.87 2.66
C ILE P 345 -12.47 -23.59 3.22
N LYS P 346 -13.61 -22.90 3.30
CA LYS P 346 -14.83 -23.53 3.80
C LYS P 346 -15.33 -24.60 2.85
N TYR P 347 -15.36 -24.30 1.56
CA TYR P 347 -15.88 -25.24 0.58
C TYR P 347 -15.05 -26.53 0.54
N GLU P 348 -13.73 -26.40 0.64
CA GLU P 348 -12.84 -27.54 0.51
C GLU P 348 -12.49 -28.18 1.85
N PHE P 349 -13.18 -27.80 2.93
CA PHE P 349 -12.99 -28.42 4.24
C PHE P 349 -11.54 -28.35 4.69
N LYS P 350 -10.96 -27.16 4.61
CA LYS P 350 -9.60 -26.93 5.08
C LYS P 350 -9.53 -26.20 6.42
N TYR P 351 -10.68 -25.86 7.00
CA TYR P 351 -10.69 -25.31 8.35
C TYR P 351 -10.54 -26.44 9.37
N LEU P 352 -9.75 -26.19 10.40
CA LEU P 352 -9.57 -27.16 11.48
C LEU P 352 -10.78 -27.09 12.39
N ARG P 353 -11.73 -28.00 12.17
CA ARG P 353 -13.03 -27.93 12.84
C ARG P 353 -13.17 -29.07 13.85
N ALA P 354 -14.31 -29.07 14.54
CA ALA P 354 -14.57 -30.07 15.56
C ALA P 354 -14.70 -31.46 14.94
N ASP P 355 -14.07 -32.45 15.58
CA ASP P 355 -14.16 -33.84 15.11
C ASP P 355 -15.60 -34.31 15.04
N TYR P 356 -16.36 -34.06 16.11
CA TYR P 356 -17.74 -34.52 16.25
C TYR P 356 -18.63 -33.28 16.34
N ALA P 357 -19.46 -33.05 15.33
CA ALA P 357 -20.29 -31.86 15.27
C ALA P 357 -21.67 -32.15 15.85
N LEU P 358 -22.05 -31.40 16.89
CA LEU P 358 -23.37 -31.57 17.50
C LEU P 358 -24.47 -31.09 16.55
N THR P 359 -24.32 -29.88 16.01
CA THR P 359 -25.14 -29.42 14.90
C THR P 359 -24.21 -28.91 13.79
N ALA P 360 -24.80 -28.35 12.74
CA ALA P 360 -24.01 -27.87 11.61
C ALA P 360 -23.03 -26.78 12.04
N TYR P 361 -23.47 -25.87 12.90
CA TYR P 361 -22.67 -24.73 13.32
C TYR P 361 -22.33 -24.76 14.80
N LEU P 362 -22.42 -25.94 15.43
CA LEU P 362 -22.04 -26.09 16.82
C LEU P 362 -21.24 -27.37 17.03
N SER Q 2 0.17 -40.24 14.32
CA SER Q 2 -1.04 -40.33 13.52
C SER Q 2 -1.67 -41.72 13.65
N MET Q 3 -2.30 -42.20 12.56
CA MET Q 3 -2.88 -43.53 12.57
C MET Q 3 -1.82 -44.61 12.68
N TYR Q 4 -0.66 -44.41 12.08
CA TYR Q 4 0.42 -45.40 12.15
C TYR Q 4 1.50 -44.92 13.11
N PRO Q 5 1.66 -45.54 14.28
CA PRO Q 5 2.68 -45.10 15.25
C PRO Q 5 4.07 -45.67 14.94
N GLU Q 6 4.53 -45.43 13.73
CA GLU Q 6 5.89 -45.82 13.33
C GLU Q 6 6.84 -44.70 13.69
N GLN Q 7 7.88 -45.02 14.46
CA GLN Q 7 8.87 -44.02 14.82
C GLN Q 7 9.54 -43.46 13.56
N ILE Q 8 9.68 -42.14 13.52
CA ILE Q 8 10.27 -41.45 12.39
C ILE Q 8 11.66 -40.97 12.80
N HIS Q 9 12.60 -41.01 11.86
CA HIS Q 9 13.98 -40.67 12.18
C HIS Q 9 14.12 -39.19 12.50
N ARG Q 10 14.90 -38.90 13.55
CA ARG Q 10 15.18 -37.54 13.96
C ARG Q 10 16.54 -37.56 14.64
N MET Q 11 17.50 -36.81 14.08
CA MET Q 11 18.87 -36.89 14.58
C MET Q 11 19.00 -36.23 15.96
N THR Q 12 18.41 -35.05 16.14
CA THR Q 12 18.60 -34.26 17.34
C THR Q 12 17.28 -34.05 18.05
N THR Q 13 17.24 -34.41 19.33
CA THR Q 13 16.09 -34.16 20.19
C THR Q 13 16.57 -33.38 21.41
N ALA Q 14 16.02 -32.19 21.61
CA ALA Q 14 16.51 -31.32 22.66
C ALA Q 14 16.13 -31.83 24.04
N SER Q 15 17.08 -31.76 24.96
CA SER Q 15 16.80 -32.07 26.35
C SER Q 15 16.26 -30.84 27.07
N MET Q 16 15.45 -31.09 28.10
CA MET Q 16 14.87 -30.00 28.87
C MET Q 16 15.91 -29.17 29.60
N LEU Q 17 17.14 -29.67 29.77
CA LEU Q 17 18.15 -28.94 30.51
C LEU Q 17 18.58 -27.67 29.80
N ARG Q 18 18.53 -27.66 28.46
CA ARG Q 18 19.00 -26.52 27.69
C ARG Q 18 18.25 -25.25 28.09
N GLU Q 19 16.93 -25.28 27.99
CA GLU Q 19 16.14 -24.09 28.35
C GLU Q 19 16.12 -23.86 29.85
N TRP Q 20 16.21 -24.93 30.64
CA TRP Q 20 16.15 -24.79 32.09
C TRP Q 20 17.27 -23.89 32.62
N ARG Q 21 18.48 -24.05 32.07
CA ARG Q 21 19.61 -23.23 32.51
C ARG Q 21 19.50 -21.80 32.01
N GLU Q 22 18.72 -21.56 30.96
CA GLU Q 22 18.69 -20.26 30.29
C GLU Q 22 17.40 -19.48 30.57
N HIS Q 23 16.66 -19.87 31.62
CA HIS Q 23 15.44 -19.15 31.95
C HIS Q 23 15.73 -17.71 32.34
N GLY Q 24 16.75 -17.50 33.17
CA GLY Q 24 17.07 -16.14 33.58
C GLY Q 24 17.36 -15.23 32.41
N GLY Q 25 18.09 -15.74 31.41
CA GLY Q 25 18.40 -14.92 30.26
C GLY Q 25 17.21 -14.74 29.34
N LYS Q 26 16.41 -15.79 29.14
CA LYS Q 26 15.33 -15.75 28.17
C LYS Q 26 14.01 -15.27 28.77
N TYR Q 27 13.72 -15.58 30.04
CA TYR Q 27 12.52 -15.04 30.66
C TYR Q 27 12.75 -13.63 31.19
N ARG Q 28 13.81 -13.45 31.98
CA ARG Q 28 14.00 -12.23 32.75
C ARG Q 28 15.09 -11.31 32.19
N LEU Q 29 15.64 -11.64 31.01
CA LEU Q 29 16.66 -10.81 30.36
C LEU Q 29 17.86 -10.58 31.28
N GLU Q 30 18.39 -11.67 31.82
CA GLU Q 30 19.50 -11.61 32.76
C GLU Q 30 20.81 -11.88 32.02
N GLY Q 31 21.71 -10.90 32.04
CA GLY Q 31 23.07 -11.05 31.60
C GLY Q 31 24.00 -11.33 32.77
N SER Q 32 25.20 -10.78 32.68
CA SER Q 32 26.19 -10.94 33.73
C SER Q 32 26.89 -9.62 33.98
N GLN Q 33 27.30 -9.41 35.23
CA GLN Q 33 28.01 -8.21 35.64
C GLN Q 33 29.29 -8.62 36.37
N CYS Q 34 30.36 -7.87 36.15
CA CYS Q 34 31.62 -8.12 36.83
C CYS Q 34 31.67 -7.34 38.14
N GLU Q 35 32.15 -8.01 39.20
CA GLU Q 35 32.16 -7.39 40.52
C GLU Q 35 33.38 -6.51 40.73
N GLU Q 36 34.53 -6.87 40.16
CA GLU Q 36 35.75 -6.11 40.38
C GLU Q 36 35.79 -4.81 39.58
N CYS Q 37 35.36 -4.85 38.30
CA CYS Q 37 35.46 -3.69 37.41
C CYS Q 37 34.12 -3.13 36.96
N ASN Q 38 32.99 -3.77 37.29
CA ASN Q 38 31.65 -3.23 37.06
C ASN Q 38 31.30 -3.13 35.58
N GLU Q 39 31.80 -4.04 34.76
CA GLU Q 39 31.42 -4.11 33.35
C GLU Q 39 30.35 -5.19 33.18
N ILE Q 40 29.38 -4.91 32.30
CA ILE Q 40 28.24 -5.79 32.11
C ILE Q 40 28.21 -6.28 30.67
N PHE Q 41 27.71 -7.50 30.49
CA PHE Q 41 27.53 -8.10 29.18
C PHE Q 41 26.23 -8.88 29.14
N PHE Q 42 25.80 -9.20 27.92
CA PHE Q 42 24.67 -10.08 27.68
C PHE Q 42 24.96 -10.77 26.37
N PRO Q 43 24.70 -12.07 26.24
CA PRO Q 43 24.14 -12.97 27.26
C PRO Q 43 25.11 -13.28 28.41
N ARG Q 44 24.62 -14.06 29.37
CA ARG Q 44 25.41 -14.38 30.56
C ARG Q 44 26.68 -15.11 30.18
N ARG Q 45 27.73 -14.91 30.99
CA ARG Q 45 29.03 -15.51 30.76
C ARG Q 45 29.69 -15.84 32.09
N THR Q 46 30.66 -16.75 32.03
CA THR Q 46 31.37 -17.19 33.23
C THR Q 46 32.56 -16.31 33.57
N VAL Q 47 33.31 -15.88 32.57
CA VAL Q 47 34.53 -15.09 32.76
C VAL Q 47 34.26 -13.68 32.24
N CYS Q 48 34.65 -12.68 33.04
CA CYS Q 48 34.56 -11.29 32.57
C CYS Q 48 35.54 -11.05 31.43
N GLY Q 49 35.11 -10.28 30.44
CA GLY Q 49 35.91 -10.01 29.27
C GLY Q 49 37.05 -9.04 29.48
N ALA Q 50 36.81 -7.97 30.25
CA ALA Q 50 37.80 -6.90 30.39
C ALA Q 50 38.93 -7.27 31.33
N CYS Q 51 38.60 -7.78 32.53
CA CYS Q 51 39.60 -8.08 33.54
C CYS Q 51 39.89 -9.57 33.70
N ASN Q 52 39.05 -10.44 33.12
CA ASN Q 52 39.30 -11.88 33.11
C ASN Q 52 39.30 -12.48 34.52
N SER Q 53 38.39 -11.99 35.36
CA SER Q 53 38.22 -12.51 36.71
C SER Q 53 37.02 -13.44 36.75
N LEU Q 54 37.17 -14.57 37.45
CA LEU Q 54 36.10 -15.55 37.55
C LEU Q 54 34.90 -15.04 38.33
N SER Q 55 35.07 -14.02 39.17
CA SER Q 55 34.00 -13.50 40.01
C SER Q 55 33.03 -12.70 39.15
N VAL Q 56 31.89 -13.31 38.83
CA VAL Q 56 30.86 -12.69 37.99
C VAL Q 56 29.51 -13.06 38.57
N LYS Q 57 28.60 -12.09 38.64
CA LYS Q 57 27.28 -12.29 39.22
C LYS Q 57 26.20 -11.93 38.21
N PRO Q 58 24.99 -12.47 38.36
CA PRO Q 58 23.91 -12.16 37.41
C PRO Q 58 23.53 -10.68 37.47
N TYR Q 59 23.01 -10.18 36.34
CA TYR Q 59 22.65 -8.78 36.20
C TYR Q 59 21.36 -8.68 35.40
N ARG Q 60 20.39 -7.92 35.93
CA ARG Q 60 19.11 -7.71 35.26
C ARG Q 60 19.25 -6.53 34.31
N CYS Q 61 19.29 -6.83 33.01
CA CYS Q 61 19.41 -5.78 32.00
C CYS Q 61 18.17 -4.89 32.03
N ALA Q 62 18.37 -3.62 31.66
CA ALA Q 62 17.25 -2.71 31.53
C ALA Q 62 16.33 -3.16 30.41
N ARG Q 63 15.04 -3.14 30.65
CA ARG Q 63 14.06 -3.68 29.72
C ARG Q 63 13.45 -2.63 28.80
N SER Q 64 13.89 -1.38 28.90
CA SER Q 64 13.53 -0.35 27.93
C SER Q 64 14.74 -0.03 27.05
N GLY Q 65 14.48 0.62 25.93
CA GLY Q 65 15.56 0.97 25.04
C GLY Q 65 15.03 1.57 23.75
N LYS Q 66 15.98 1.83 22.85
CA LYS Q 66 15.68 2.42 21.55
C LYS Q 66 16.17 1.50 20.43
N ILE Q 67 15.67 1.75 19.23
CA ILE Q 67 16.06 0.98 18.05
C ILE Q 67 17.36 1.59 17.51
N GLU Q 68 18.44 0.82 17.56
CA GLU Q 68 19.70 1.27 16.96
C GLU Q 68 19.68 1.08 15.44
N VAL Q 69 19.19 -0.06 14.97
CA VAL Q 69 19.05 -0.32 13.54
C VAL Q 69 17.97 -1.38 13.38
N MET Q 70 17.31 -1.36 12.22
CA MET Q 70 16.21 -2.28 11.95
C MET Q 70 16.25 -2.68 10.48
N ALA Q 71 15.71 -3.86 10.19
CA ALA Q 71 15.62 -4.37 8.83
C ALA Q 71 14.48 -5.38 8.77
N PRO Q 72 13.52 -5.19 7.87
CA PRO Q 72 12.41 -6.14 7.79
C PRO Q 72 12.85 -7.46 7.16
N ALA Q 73 12.17 -8.53 7.56
CA ALA Q 73 12.39 -9.87 7.01
C ALA Q 73 11.07 -10.31 6.38
N GLU Q 74 10.93 -10.04 5.09
CA GLU Q 74 9.72 -10.36 4.34
C GLU Q 74 9.95 -11.41 3.26
N ASN Q 75 11.14 -12.00 3.21
CA ASN Q 75 11.49 -12.95 2.16
C ASN Q 75 11.02 -14.35 2.54
N PRO Q 76 10.25 -15.02 1.68
CA PRO Q 76 9.73 -16.35 2.05
C PRO Q 76 10.74 -17.48 1.95
N ILE Q 77 11.84 -17.29 1.21
CA ILE Q 77 12.86 -18.33 1.15
C ILE Q 77 13.56 -18.46 2.51
N LEU Q 78 13.67 -17.36 3.25
CA LEU Q 78 14.39 -17.32 4.51
C LEU Q 78 13.50 -17.56 5.73
N ALA Q 79 12.25 -17.98 5.52
CA ALA Q 79 11.35 -18.21 6.63
C ALA Q 79 11.72 -19.51 7.36
N ALA Q 80 11.86 -19.43 8.68
CA ALA Q 80 12.17 -20.59 9.50
C ALA Q 80 10.90 -21.18 10.09
N MET Q 81 10.93 -22.48 10.35
CA MET Q 81 9.76 -23.18 10.87
C MET Q 81 9.38 -22.61 12.23
N GLY Q 82 8.08 -22.35 12.41
CA GLY Q 82 7.58 -21.69 13.58
C GLY Q 82 7.47 -20.18 13.47
N TYR Q 83 8.11 -19.59 12.46
CA TYR Q 83 8.07 -18.15 12.24
C TYR Q 83 7.57 -17.78 10.84
N GLY Q 84 6.94 -18.73 10.15
CA GLY Q 84 6.36 -18.47 8.84
C GLY Q 84 4.99 -17.83 8.87
N GLU Q 85 4.35 -17.77 10.03
CA GLU Q 85 3.01 -17.20 10.12
C GLU Q 85 3.00 -15.68 10.05
N THR Q 86 4.03 -15.03 10.57
CA THR Q 86 4.10 -13.56 10.60
C THR Q 86 5.01 -13.08 9.49
N VAL Q 87 4.44 -12.38 8.51
CA VAL Q 87 5.19 -11.71 7.45
C VAL Q 87 4.68 -10.28 7.33
N PRO Q 88 5.56 -9.27 7.45
CA PRO Q 88 6.98 -9.49 7.71
C PRO Q 88 7.35 -9.40 9.18
N ARG Q 89 8.36 -10.16 9.60
CA ARG Q 89 8.95 -9.96 10.91
C ARG Q 89 9.95 -8.82 10.85
N ILE Q 90 9.90 -7.95 11.85
CA ILE Q 90 10.72 -6.74 11.87
C ILE Q 90 11.91 -7.02 12.78
N MET Q 91 13.07 -7.31 12.18
CA MET Q 91 14.28 -7.54 12.94
C MET Q 91 14.92 -6.21 13.32
N ALA Q 92 15.54 -6.17 14.50
CA ALA Q 92 16.17 -4.94 14.97
C ALA Q 92 17.19 -5.25 16.06
N MET Q 93 18.18 -4.37 16.17
CA MET Q 93 19.13 -4.39 17.26
C MET Q 93 18.70 -3.36 18.29
N VAL Q 94 18.35 -3.82 19.49
CA VAL Q 94 17.78 -2.97 20.53
C VAL Q 94 18.89 -2.53 21.47
N ARG Q 95 19.15 -1.23 21.51
CA ARG Q 95 20.05 -0.66 22.51
C ARG Q 95 19.27 -0.41 23.79
N LEU Q 96 19.55 -1.23 24.80
CA LEU Q 96 18.92 -1.04 26.11
C LEU Q 96 19.38 0.28 26.73
N ASP Q 97 18.69 0.69 27.80
CA ASP Q 97 19.05 1.93 28.47
C ASP Q 97 20.39 1.85 29.18
N ASP Q 98 20.86 0.64 29.52
CA ASP Q 98 22.14 0.48 30.20
C ASP Q 98 23.32 0.38 29.25
N GLY Q 99 23.09 0.48 27.94
CA GLY Q 99 24.15 0.47 26.96
C GLY Q 99 24.35 -0.86 26.26
N LEU Q 100 23.79 -1.94 26.79
CA LEU Q 100 23.89 -3.23 26.13
C LEU Q 100 23.06 -3.22 24.86
N VAL Q 101 23.30 -4.23 24.01
CA VAL Q 101 22.60 -4.35 22.73
C VAL Q 101 22.01 -5.75 22.64
N ILE Q 102 20.71 -5.81 22.33
CA ILE Q 102 19.99 -7.07 22.18
C ILE Q 102 19.56 -7.21 20.73
N ALA Q 103 19.75 -8.40 20.17
CA ALA Q 103 19.24 -8.73 18.84
C ALA Q 103 17.91 -9.43 19.02
N SER Q 104 16.84 -8.74 18.69
CA SER Q 104 15.49 -9.28 18.84
C SER Q 104 14.63 -8.76 17.69
N GLU Q 105 13.31 -8.83 17.85
CA GLU Q 105 12.37 -8.39 16.83
C GLU Q 105 11.28 -7.54 17.45
N ILE Q 106 10.66 -6.72 16.61
CA ILE Q 106 9.64 -5.76 17.03
C ILE Q 106 8.27 -6.31 16.65
N VAL Q 107 7.32 -6.25 17.60
CA VAL Q 107 5.99 -6.79 17.43
C VAL Q 107 4.99 -5.73 17.86
N ASP Q 108 3.72 -5.95 17.49
CA ASP Q 108 2.60 -5.11 17.92
C ASP Q 108 2.80 -3.66 17.50
N VAL Q 109 3.08 -3.48 16.21
CA VAL Q 109 3.28 -2.14 15.63
C VAL Q 109 1.90 -1.61 15.26
N CYS Q 110 1.21 -1.03 16.23
CA CYS Q 110 -0.12 -0.49 15.97
C CYS Q 110 -0.06 0.73 15.05
N ASP Q 111 0.95 1.59 15.24
CA ASP Q 111 1.14 2.79 14.43
C ASP Q 111 2.40 2.59 13.61
N GLN Q 112 2.23 2.38 12.30
CA GLN Q 112 3.36 2.12 11.42
C GLN Q 112 4.24 3.36 11.27
N GLN Q 113 3.63 4.53 11.23
CA GLN Q 113 4.40 5.78 11.14
C GLN Q 113 5.28 5.99 12.36
N GLN Q 114 4.83 5.52 13.53
CA GLN Q 114 5.56 5.76 14.78
C GLN Q 114 6.89 5.01 14.80
N LEU Q 115 6.94 3.83 14.17
CA LEU Q 115 8.16 3.05 14.14
C LEU Q 115 9.23 3.77 13.31
N LYS Q 116 10.38 4.01 13.93
CA LYS Q 116 11.53 4.62 13.26
C LYS Q 116 12.77 4.26 14.05
N VAL Q 117 13.93 4.48 13.43
CA VAL Q 117 15.19 4.25 14.12
C VAL Q 117 15.30 5.19 15.30
N GLY Q 118 15.58 4.64 16.47
CA GLY Q 118 15.63 5.41 17.69
C GLY Q 118 14.33 5.52 18.44
N ALA Q 119 13.28 4.85 17.98
CA ALA Q 119 12.01 4.88 18.68
C ALA Q 119 12.12 4.08 19.98
N PRO Q 120 11.48 4.52 21.05
CA PRO Q 120 11.59 3.80 22.33
C PRO Q 120 10.78 2.52 22.30
N VAL Q 121 11.33 1.48 22.93
CA VAL Q 121 10.69 0.17 23.00
C VAL Q 121 10.79 -0.37 24.41
N ARG Q 122 9.93 -1.34 24.71
CA ARG Q 122 9.95 -2.06 25.98
C ARG Q 122 9.89 -3.56 25.71
N MET Q 123 10.48 -4.33 26.60
CA MET Q 123 10.54 -5.78 26.43
C MET Q 123 9.24 -6.42 26.91
N VAL Q 124 8.76 -7.39 26.13
CA VAL Q 124 7.65 -8.23 26.52
C VAL Q 124 8.02 -9.68 26.24
N ILE Q 125 7.34 -10.59 26.93
CA ILE Q 125 7.60 -12.02 26.80
C ILE Q 125 6.61 -12.60 25.80
N ARG Q 126 7.13 -13.39 24.84
CA ARG Q 126 6.32 -13.94 23.77
C ARG Q 126 6.67 -15.41 23.58
N LYS Q 127 5.82 -16.11 22.83
CA LYS Q 127 6.04 -17.52 22.50
C LYS Q 127 6.95 -17.63 21.28
N HIS Q 128 7.85 -18.60 21.32
CA HIS Q 128 8.78 -18.83 20.22
C HIS Q 128 8.57 -20.24 19.65
N VAL Q 129 9.49 -20.66 18.79
CA VAL Q 129 9.34 -21.94 18.12
C VAL Q 129 9.30 -23.06 19.15
N ARG Q 130 8.40 -24.01 18.93
CA ARG Q 130 8.21 -25.10 19.88
C ARG Q 130 9.49 -25.92 20.02
N GLU Q 131 9.75 -26.37 21.25
CA GLU Q 131 10.96 -27.13 21.53
C GLU Q 131 10.92 -28.50 20.87
N SER Q 132 12.11 -29.08 20.68
CA SER Q 132 12.20 -30.42 20.13
C SER Q 132 11.60 -31.47 21.05
N ASN Q 133 11.38 -31.13 22.32
CA ASN Q 133 10.76 -32.03 23.29
C ASN Q 133 9.34 -31.59 23.65
N LEU Q 134 8.64 -30.99 22.69
CA LEU Q 134 7.20 -30.67 22.71
C LEU Q 134 6.82 -29.55 23.68
N ALA Q 135 7.74 -29.03 24.48
CA ALA Q 135 7.41 -27.94 25.39
C ALA Q 135 7.38 -26.62 24.65
N TRP Q 136 6.42 -25.76 25.00
CA TRP Q 136 6.39 -24.42 24.44
C TRP Q 136 7.61 -23.64 24.88
N GLN Q 137 8.16 -22.84 23.98
CA GLN Q 137 9.33 -22.01 24.27
C GLN Q 137 8.89 -20.56 24.37
N TYR Q 138 9.21 -19.93 25.49
CA TYR Q 138 8.91 -18.53 25.74
C TYR Q 138 10.21 -17.76 25.92
N ALA Q 139 10.32 -16.61 25.25
CA ALA Q 139 11.48 -15.76 25.35
C ALA Q 139 11.05 -14.34 25.01
N TYR Q 140 12.02 -13.43 24.98
CA TYR Q 140 11.72 -12.01 24.87
C TYR Q 140 11.47 -11.58 23.43
N LYS Q 141 10.60 -10.59 23.28
CA LYS Q 141 10.53 -9.76 22.09
C LYS Q 141 10.36 -8.32 22.56
N PHE Q 142 10.28 -7.39 21.63
CA PHE Q 142 10.13 -5.99 21.98
C PHE Q 142 8.98 -5.37 21.21
N VAL Q 143 8.25 -4.48 21.88
CA VAL Q 143 7.19 -3.70 21.25
C VAL Q 143 7.50 -2.22 21.47
N LEU Q 144 6.92 -1.39 20.61
CA LEU Q 144 7.09 0.06 20.78
C LEU Q 144 6.42 0.52 22.06
N ASP Q 145 7.04 1.51 22.71
CA ASP Q 145 6.61 1.99 24.02
C ASP Q 145 5.89 3.32 23.83
N ILE Q 146 4.56 3.28 23.86
CA ILE Q 146 3.76 4.50 23.76
C ILE Q 146 2.73 4.55 24.90
N ARG R 4 59.94 -23.07 7.56
CA ARG R 4 60.18 -23.01 6.12
C ARG R 4 58.98 -22.39 5.40
N ARG R 5 59.20 -21.99 4.15
CA ARG R 5 58.12 -21.40 3.36
C ARG R 5 57.24 -22.49 2.78
N VAL R 6 55.98 -22.13 2.52
CA VAL R 6 55.00 -23.02 1.92
C VAL R 6 54.49 -22.38 0.64
N ALA R 7 54.25 -23.20 -0.37
CA ALA R 7 53.84 -22.70 -1.68
C ALA R 7 52.62 -23.47 -2.16
N ILE R 8 51.69 -22.74 -2.79
CA ILE R 8 50.52 -23.35 -3.42
C ILE R 8 50.94 -23.78 -4.83
N VAL R 9 51.03 -25.09 -5.05
CA VAL R 9 51.35 -25.61 -6.37
C VAL R 9 50.14 -25.72 -7.29
N SER R 10 48.93 -25.85 -6.74
CA SER R 10 47.73 -25.99 -7.55
C SER R 10 46.51 -25.70 -6.69
N ALA R 11 45.45 -25.21 -7.34
CA ALA R 11 44.18 -24.93 -6.69
C ALA R 11 43.08 -25.09 -7.72
N ALA R 12 42.02 -25.82 -7.34
CA ALA R 12 40.92 -26.07 -8.26
C ALA R 12 39.64 -26.30 -7.47
N TYR R 13 38.51 -26.07 -8.13
CA TYR R 13 37.22 -26.31 -7.51
C TYR R 13 36.22 -26.69 -8.58
N THR R 14 35.14 -27.35 -8.15
CA THR R 14 34.09 -27.75 -9.08
C THR R 14 33.50 -26.51 -9.76
N PRO R 15 33.32 -26.53 -11.08
CA PRO R 15 32.84 -25.33 -11.77
C PRO R 15 31.42 -24.96 -11.37
N LYS R 16 31.10 -23.69 -11.62
CA LYS R 16 29.80 -23.10 -11.30
C LYS R 16 29.42 -23.40 -9.85
N PRO R 17 30.12 -22.82 -8.87
CA PRO R 17 29.76 -23.08 -7.46
C PRO R 17 28.39 -22.55 -7.07
N GLY R 18 27.85 -21.58 -7.80
CA GLY R 18 26.51 -21.12 -7.53
C GLY R 18 25.42 -22.02 -8.08
N SER R 19 25.78 -23.01 -8.87
CA SER R 19 24.82 -23.97 -9.42
C SER R 19 24.87 -25.26 -8.61
N SER R 20 23.70 -25.86 -8.41
CA SER R 20 23.59 -27.08 -7.63
C SER R 20 23.91 -28.30 -8.49
N ARG R 21 24.55 -29.28 -7.88
CA ARG R 21 24.90 -30.55 -8.53
C ARG R 21 24.19 -31.66 -7.77
N VAL R 22 22.89 -31.81 -8.06
CA VAL R 22 22.04 -32.75 -7.32
C VAL R 22 22.33 -34.20 -7.65
N ARG R 23 23.12 -34.47 -8.69
CA ARG R 23 23.26 -35.84 -9.17
C ARG R 23 24.31 -36.62 -8.40
N GLN R 24 25.36 -35.97 -7.92
CA GLN R 24 26.46 -36.66 -7.27
C GLN R 24 26.38 -36.50 -5.75
N THR R 25 26.92 -37.50 -5.04
CA THR R 25 27.04 -37.40 -3.60
C THR R 25 28.14 -36.41 -3.23
N PHE R 26 28.20 -36.07 -1.94
CA PHE R 26 29.25 -35.17 -1.48
C PHE R 26 30.62 -35.81 -1.60
N LYS R 27 30.69 -37.14 -1.46
CA LYS R 27 31.97 -37.83 -1.61
C LYS R 27 32.43 -37.81 -3.06
N GLU R 28 31.49 -37.88 -4.01
CA GLU R 28 31.85 -37.75 -5.41
C GLU R 28 32.25 -36.31 -5.75
N MET R 29 31.64 -35.34 -5.09
CA MET R 29 31.92 -33.94 -5.39
C MET R 29 33.29 -33.52 -4.90
N ILE R 30 33.73 -34.05 -3.75
CA ILE R 30 35.03 -33.70 -3.22
C ILE R 30 36.15 -34.30 -4.06
N VAL R 31 35.92 -35.51 -4.59
CA VAL R 31 36.94 -36.19 -5.38
C VAL R 31 37.17 -35.46 -6.71
N GLU R 32 36.11 -34.92 -7.30
CA GLU R 32 36.23 -34.26 -8.60
C GLU R 32 37.21 -33.10 -8.55
N SER R 33 37.00 -32.16 -7.62
CA SER R 33 37.87 -30.99 -7.53
C SER R 33 39.27 -31.37 -7.09
N ALA R 34 39.37 -32.36 -6.19
CA ALA R 34 40.69 -32.75 -5.68
C ALA R 34 41.56 -33.33 -6.78
N TYR R 35 41.02 -34.27 -7.55
CA TYR R 35 41.81 -34.93 -8.58
C TYR R 35 42.10 -34.03 -9.76
N LYS R 36 41.30 -32.98 -9.98
CA LYS R 36 41.68 -31.97 -10.95
C LYS R 36 42.88 -31.16 -10.46
N ALA R 37 42.91 -30.84 -9.16
CA ALA R 37 44.06 -30.14 -8.58
C ALA R 37 45.32 -30.99 -8.62
N LEU R 38 45.19 -32.31 -8.45
CA LEU R 38 46.34 -33.19 -8.58
C LEU R 38 46.86 -33.21 -10.02
N LYS R 39 45.95 -33.28 -10.99
CA LYS R 39 46.36 -33.27 -12.40
C LYS R 39 47.10 -31.98 -12.73
N ASP R 40 46.62 -30.84 -12.22
CA ASP R 40 47.27 -29.57 -12.50
C ASP R 40 48.65 -29.48 -11.85
N ALA R 41 48.85 -30.18 -10.74
CA ALA R 41 50.11 -30.14 -10.00
C ALA R 41 51.08 -31.23 -10.42
N LYS R 42 50.70 -32.09 -11.37
CA LYS R 42 51.53 -33.21 -11.81
C LYS R 42 51.93 -34.09 -10.63
N MET R 43 50.94 -34.46 -9.83
CA MET R 43 51.19 -35.18 -8.59
C MET R 43 50.21 -36.34 -8.43
N HIS R 44 50.73 -37.46 -7.96
CA HIS R 44 49.94 -38.66 -7.72
C HIS R 44 49.16 -38.53 -6.42
N PRO R 45 47.96 -39.13 -6.35
CA PRO R 45 47.16 -39.04 -5.10
C PRO R 45 47.87 -39.61 -3.89
N ARG R 46 48.73 -40.61 -4.06
CA ARG R 46 49.46 -41.18 -2.92
C ARG R 46 50.54 -40.26 -2.38
N GLU R 47 50.83 -39.15 -3.06
CA GLU R 47 51.86 -38.23 -2.58
C GLU R 47 51.38 -37.35 -1.43
N ILE R 48 50.07 -37.23 -1.24
CA ILE R 48 49.51 -36.41 -0.17
C ILE R 48 49.65 -37.15 1.15
N GLN R 49 50.25 -36.49 2.14
CA GLN R 49 50.48 -37.10 3.45
C GLN R 49 49.43 -36.70 4.49
N ALA R 50 48.66 -35.64 4.24
CA ALA R 50 47.62 -35.22 5.15
C ALA R 50 46.64 -34.32 4.41
N VAL R 51 45.45 -34.16 4.98
CA VAL R 51 44.38 -33.37 4.37
C VAL R 51 43.77 -32.45 5.42
N ALA R 52 43.34 -31.28 4.97
CA ALA R 52 42.59 -30.33 5.79
C ALA R 52 41.35 -29.94 5.01
N TYR R 53 40.21 -30.51 5.37
CA TYR R 53 38.95 -30.15 4.73
C TYR R 53 38.02 -29.47 5.73
N GLY R 54 37.08 -28.72 5.19
CA GLY R 54 36.13 -27.99 6.01
C GLY R 54 34.72 -28.02 5.48
N TYR R 55 33.74 -28.17 6.37
CA TYR R 55 32.33 -28.11 5.99
C TYR R 55 31.56 -27.45 7.12
N HIS R 56 30.32 -27.06 6.81
CA HIS R 56 29.52 -26.25 7.72
C HIS R 56 29.26 -26.99 9.03
N GLY R 57 28.74 -28.21 8.93
CA GLY R 57 28.44 -28.99 10.12
C GLY R 57 27.79 -30.28 9.71
N GLU R 58 27.73 -31.20 10.67
CA GLU R 58 27.19 -32.53 10.38
C GLU R 58 25.67 -32.53 10.21
N GLY R 59 25.01 -31.38 10.34
CA GLY R 59 23.56 -31.35 10.27
C GLY R 59 22.97 -31.33 8.89
N ILE R 60 23.79 -31.19 7.85
CA ILE R 60 23.28 -31.07 6.48
C ILE R 60 23.03 -32.46 5.90
N SER R 61 24.10 -33.21 5.64
CA SER R 61 23.99 -34.56 5.12
C SER R 61 23.89 -35.62 6.22
N GLU R 62 23.82 -35.18 7.49
CA GLU R 62 23.79 -36.08 8.65
C GLU R 62 25.00 -37.03 8.64
N TYR R 63 26.18 -36.48 8.32
CA TYR R 63 27.44 -37.21 8.35
C TYR R 63 28.38 -36.51 9.32
N GLY R 64 28.72 -37.19 10.41
CA GLY R 64 29.63 -36.66 11.40
C GLY R 64 30.95 -37.42 11.42
N GLY R 65 31.93 -36.83 12.13
CA GLY R 65 33.27 -37.37 12.18
C GLY R 65 33.80 -37.68 10.80
N LEU R 66 33.80 -36.66 9.93
CA LEU R 66 33.91 -36.87 8.50
C LEU R 66 35.32 -37.15 8.02
N GLY R 67 36.34 -36.97 8.87
CA GLY R 67 37.72 -37.12 8.48
C GLY R 67 38.03 -38.41 7.72
N PRO R 68 37.93 -39.55 8.41
CA PRO R 68 38.23 -40.83 7.75
C PRO R 68 37.38 -41.11 6.54
N THR R 69 36.14 -40.61 6.52
CA THR R 69 35.31 -40.75 5.32
C THR R 69 35.96 -40.03 4.13
N ILE R 70 36.54 -38.85 4.38
CA ILE R 70 37.20 -38.11 3.31
C ILE R 70 38.47 -38.81 2.88
N SER R 71 39.30 -39.23 3.84
CA SER R 71 40.54 -39.93 3.51
C SER R 71 40.27 -41.19 2.71
N ASP R 72 39.22 -41.93 3.07
CA ASP R 72 38.86 -43.13 2.31
C ASP R 72 38.27 -42.76 0.95
N ALA R 73 37.48 -41.68 0.89
CA ALA R 73 36.87 -41.28 -0.37
C ALA R 73 37.95 -40.93 -1.40
N LEU R 74 38.94 -40.15 -0.99
CA LEU R 74 40.09 -39.87 -1.85
C LEU R 74 40.98 -41.10 -2.03
N GLY R 75 40.76 -42.14 -1.24
CA GLY R 75 41.55 -43.34 -1.42
C GLY R 75 42.98 -43.25 -0.91
N ILE R 76 43.31 -42.19 -0.18
CA ILE R 76 44.66 -41.98 0.33
C ILE R 76 44.86 -42.54 1.72
N SER R 77 43.92 -43.33 2.23
CA SER R 77 44.08 -43.95 3.53
C SER R 77 45.41 -44.71 3.57
N PRO R 78 46.14 -44.68 4.72
CA PRO R 78 45.75 -44.09 6.01
C PRO R 78 46.14 -42.64 6.22
N ALA R 79 46.32 -41.86 5.16
CA ALA R 79 46.66 -40.46 5.34
C ALA R 79 45.57 -39.75 6.13
N PRO R 80 45.93 -38.97 7.16
CA PRO R 80 44.90 -38.35 8.01
C PRO R 80 44.22 -37.17 7.34
N THR R 81 42.97 -36.94 7.75
CA THR R 81 42.19 -35.79 7.32
C THR R 81 41.71 -35.04 8.55
N PHE R 82 42.13 -33.78 8.67
CA PHE R 82 41.77 -32.93 9.80
C PHE R 82 40.55 -32.09 9.41
N MET R 83 39.51 -32.15 10.22
CA MET R 83 38.25 -31.48 9.91
C MET R 83 38.20 -30.11 10.59
N SER R 84 37.59 -29.16 9.89
CA SER R 84 37.42 -27.79 10.38
C SER R 84 36.00 -27.35 10.11
N THR R 85 35.29 -26.94 11.16
CA THR R 85 33.90 -26.50 11.06
C THR R 85 33.81 -25.06 11.50
N ALA R 86 33.72 -24.13 10.55
CA ALA R 86 33.81 -22.72 10.86
C ALA R 86 33.04 -21.89 9.83
N ASN R 87 31.76 -22.22 9.65
CA ASN R 87 30.85 -21.44 8.79
C ASN R 87 31.37 -21.26 7.36
N THR R 89 34.05 -19.74 6.64
CA THR R 89 35.50 -19.77 6.70
C THR R 89 36.05 -21.19 6.90
N SER R 90 35.19 -22.19 6.69
CA SER R 90 35.61 -23.58 6.88
C SER R 90 36.80 -23.92 5.99
N SER R 91 36.81 -23.42 4.75
CA SER R 91 37.96 -23.61 3.89
C SER R 91 39.12 -22.69 4.27
N SER R 92 38.80 -21.45 4.67
CA SER R 92 39.85 -20.50 5.06
C SER R 92 40.61 -21.00 6.28
N VAL R 93 39.92 -21.67 7.21
CA VAL R 93 40.59 -22.22 8.38
C VAL R 93 41.39 -23.46 8.00
N SER R 94 40.84 -24.30 7.11
CA SER R 94 41.55 -25.50 6.69
C SER R 94 42.83 -25.15 5.93
N PHE R 95 42.83 -24.04 5.19
CA PHE R 95 44.03 -23.61 4.49
C PHE R 95 45.13 -23.24 5.49
N GLN R 96 44.78 -22.45 6.50
CA GLN R 96 45.74 -22.13 7.56
C GLN R 96 46.14 -23.38 8.33
N MET R 97 45.24 -24.36 8.44
CA MET R 97 45.60 -25.63 9.05
C MET R 97 46.67 -26.33 8.24
N GLY R 98 46.48 -26.43 6.92
CA GLY R 98 47.46 -27.07 6.06
C GLY R 98 48.79 -26.32 6.06
N HIS R 99 48.74 -25.00 6.09
CA HIS R 99 49.97 -24.21 6.15
C HIS R 99 50.76 -24.53 7.43
N GLN R 100 50.06 -24.73 8.54
CA GLN R 100 50.73 -25.04 9.79
C GLN R 100 51.25 -26.48 9.82
N MET R 101 50.58 -27.39 9.11
CA MET R 101 51.07 -28.76 9.01
C MET R 101 52.35 -28.84 8.21
N VAL R 102 52.44 -28.07 7.13
CA VAL R 102 53.65 -28.08 6.31
C VAL R 102 54.77 -27.28 6.98
N ALA R 103 54.44 -26.13 7.56
CA ALA R 103 55.45 -25.31 8.20
C ALA R 103 56.04 -25.98 9.43
N SER R 104 55.24 -26.77 10.15
CA SER R 104 55.76 -27.50 11.31
C SER R 104 56.73 -28.60 10.92
N GLY R 105 56.76 -28.99 9.64
CA GLY R 105 57.66 -30.02 9.18
C GLY R 105 57.17 -31.44 9.34
N GLU R 106 56.01 -31.64 9.96
CA GLU R 106 55.50 -32.99 10.15
C GLU R 106 54.90 -33.56 8.87
N TYR R 107 54.45 -32.70 7.96
CA TYR R 107 53.93 -33.12 6.66
C TYR R 107 54.54 -32.23 5.59
N ASP R 108 54.99 -32.86 4.50
CA ASP R 108 55.61 -32.13 3.41
C ASP R 108 54.59 -31.67 2.37
N ILE R 109 53.60 -32.51 2.06
CA ILE R 109 52.57 -32.20 1.07
C ILE R 109 51.22 -32.36 1.74
N VAL R 110 50.40 -31.32 1.70
CA VAL R 110 49.07 -31.34 2.30
C VAL R 110 48.07 -30.80 1.29
N LEU R 111 46.84 -31.30 1.39
CA LEU R 111 45.73 -30.84 0.56
C LEU R 111 44.72 -30.13 1.47
N CYS R 112 44.34 -28.91 1.08
CA CYS R 112 43.48 -28.06 1.90
C CYS R 112 42.27 -27.63 1.08
N GLY R 113 41.08 -27.85 1.61
CA GLY R 113 39.90 -27.47 0.87
C GLY R 113 38.67 -27.41 1.75
N GLY R 114 37.51 -27.31 1.08
CA GLY R 114 36.22 -27.29 1.73
C GLY R 114 35.17 -27.70 0.75
N PHE R 115 33.95 -27.90 1.26
CA PHE R 115 32.84 -28.30 0.41
C PHE R 115 31.54 -27.98 1.13
N GLU R 116 30.48 -27.82 0.34
CA GLU R 116 29.14 -27.61 0.90
C GLU R 116 28.13 -28.30 0.00
N LYS R 117 27.49 -29.33 0.52
CA LYS R 117 26.47 -30.10 -0.20
C LYS R 117 25.11 -29.75 0.42
N MET R 118 24.59 -28.59 0.06
CA MET R 118 23.42 -28.03 0.73
C MET R 118 22.11 -28.71 0.34
N THR R 119 22.06 -29.41 -0.79
CA THR R 119 20.80 -29.98 -1.24
C THR R 119 20.42 -31.25 -0.48
N ASP R 120 21.34 -31.81 0.32
CA ASP R 120 20.99 -32.94 1.18
C ASP R 120 20.04 -32.54 2.29
N HIS R 121 19.94 -31.25 2.59
CA HIS R 121 18.99 -30.73 3.56
C HIS R 121 17.78 -30.19 2.82
N PHE R 122 16.58 -30.53 3.30
CA PHE R 122 15.34 -30.08 2.65
C PHE R 122 15.32 -28.56 2.50
N ASN R 123 15.51 -27.84 3.61
CA ASN R 123 15.62 -26.39 3.60
C ASN R 123 16.92 -26.02 4.29
N TYR R 124 17.99 -25.90 3.50
CA TYR R 124 19.31 -25.60 4.05
C TYR R 124 19.38 -24.21 4.66
N ALA R 125 18.48 -23.31 4.27
CA ALA R 125 18.56 -21.92 4.72
C ALA R 125 18.24 -21.79 6.21
N GLU R 126 17.22 -22.50 6.70
CA GLU R 126 16.89 -22.40 8.11
C GLU R 126 17.88 -23.15 8.99
N TYR R 127 18.65 -24.07 8.42
CA TYR R 127 19.71 -24.75 9.18
C TYR R 127 20.90 -23.83 9.41
N ILE R 128 21.09 -22.83 8.54
CA ILE R 128 22.29 -22.00 8.57
C ILE R 128 22.47 -21.35 9.93
N GLY R 129 21.38 -20.84 10.52
CA GLY R 129 21.47 -20.19 11.82
C GLY R 129 21.95 -21.09 12.95
N SER R 130 22.13 -22.39 12.68
CA SER R 130 22.61 -23.29 13.72
C SER R 130 24.02 -22.94 14.18
N SER R 131 24.77 -22.21 13.36
CA SER R 131 26.13 -21.82 13.74
C SER R 131 26.15 -20.37 14.23
N THR R 132 25.57 -20.21 15.43
CA THR R 132 25.52 -18.93 16.12
C THR R 132 25.40 -19.18 17.62
N GLU R 133 25.07 -18.13 18.36
CA GLU R 133 24.64 -18.26 19.74
C GLU R 133 23.22 -18.79 19.75
N CYS R 134 23.07 -20.09 19.51
CA CYS R 134 21.78 -20.66 19.13
C CYS R 134 20.69 -20.34 20.13
N GLU R 135 21.03 -20.36 21.42
CA GLU R 135 20.01 -20.17 22.45
C GLU R 135 19.43 -18.77 22.39
N TYR R 136 20.20 -17.79 21.95
CA TYR R 136 19.76 -16.39 21.99
C TYR R 136 19.57 -15.77 20.62
N ASP R 137 19.60 -16.56 19.54
CA ASP R 137 19.16 -16.04 18.26
C ASP R 137 18.60 -17.13 17.35
N TYR R 138 19.32 -18.26 17.21
CA TYR R 138 18.83 -19.31 16.32
C TYR R 138 17.51 -19.89 16.82
N PHE R 139 17.46 -20.25 18.11
CA PHE R 139 16.21 -20.72 18.70
C PHE R 139 15.19 -19.61 18.88
N LEU R 140 15.54 -18.36 18.57
CA LEU R 140 14.60 -17.25 18.59
C LEU R 140 14.16 -16.83 17.19
N GLY R 141 14.70 -17.46 16.14
CA GLY R 141 14.32 -17.14 14.79
C GLY R 141 15.13 -16.01 14.19
N ILE R 142 16.44 -15.98 14.47
CA ILE R 142 17.36 -14.98 13.93
C ILE R 142 18.36 -15.69 13.04
N SER R 143 18.34 -15.36 11.76
CA SER R 143 19.25 -15.95 10.78
C SER R 143 20.45 -15.04 10.56
N HIS R 144 21.50 -15.62 9.97
CA HIS R 144 22.68 -14.83 9.62
C HIS R 144 22.33 -13.73 8.64
N THR R 145 21.41 -14.01 7.71
CA THR R 145 21.03 -13.01 6.72
C THR R 145 20.45 -11.76 7.37
N ASP R 146 19.75 -11.92 8.49
CA ASP R 146 19.23 -10.77 9.21
C ASP R 146 20.36 -9.86 9.68
N ALA R 147 21.47 -10.44 10.16
CA ALA R 147 22.60 -9.62 10.60
C ALA R 147 23.16 -8.82 9.44
N PHE R 148 23.40 -9.47 8.30
CA PHE R 148 23.91 -8.75 7.14
C PHE R 148 22.92 -7.68 6.67
N ALA R 149 21.63 -7.98 6.72
CA ALA R 149 20.62 -6.97 6.36
C ALA R 149 20.63 -5.82 7.36
N LEU R 150 20.76 -6.14 8.65
CA LEU R 150 20.88 -5.09 9.65
C LEU R 150 22.18 -4.32 9.50
N ALA R 151 23.29 -5.05 9.31
CA ALA R 151 24.59 -4.40 9.16
C ALA R 151 24.60 -3.48 7.95
N THR R 152 24.05 -3.96 6.83
CA THR R 152 23.95 -3.12 5.64
C THR R 152 23.12 -1.88 5.92
N ALA R 153 22.03 -2.02 6.68
CA ALA R 153 21.18 -0.88 7.00
C ALA R 153 21.92 0.13 7.87
N GLU R 154 22.71 -0.35 8.84
CA GLU R 154 23.42 0.56 9.72
C GLU R 154 24.53 1.30 8.97
N TYR R 155 25.17 0.64 8.01
CA TYR R 155 26.27 1.26 7.28
C TYR R 155 25.76 2.43 6.44
N PHE R 156 24.77 2.19 5.60
CA PHE R 156 24.25 3.25 4.74
C PHE R 156 23.65 4.39 5.54
N GLN R 157 23.09 4.09 6.71
CA GLN R 157 22.35 5.09 7.46
C GLN R 157 23.27 6.03 8.23
N LYS R 158 24.37 5.51 8.78
CA LYS R 158 25.26 6.33 9.59
C LYS R 158 26.35 7.01 8.80
N PHE R 159 26.61 6.58 7.55
CA PHE R 159 27.66 7.15 6.73
C PHE R 159 27.11 8.01 5.59
N GLY R 160 25.91 8.55 5.75
CA GLY R 160 25.38 9.51 4.79
C GLY R 160 25.14 8.97 3.40
N TYR R 161 24.85 7.67 3.29
CA TYR R 161 24.55 7.06 2.00
C TYR R 161 23.05 6.92 1.75
N ALA R 162 22.23 7.61 2.54
CA ALA R 162 20.78 7.49 2.39
C ALA R 162 20.33 8.02 1.04
N GLY R 163 19.35 7.34 0.45
CA GLY R 163 18.89 7.65 -0.88
C GLY R 163 19.72 7.08 -2.00
N ARG R 164 20.99 6.75 -1.75
CA ARG R 164 21.87 6.15 -2.75
C ARG R 164 22.14 4.68 -2.46
N GLU R 165 21.38 4.05 -1.55
CA GLU R 165 21.65 2.68 -1.16
C GLU R 165 21.48 1.73 -2.33
N ALA R 166 20.40 1.90 -3.10
CA ALA R 166 20.17 1.03 -4.26
C ALA R 166 21.23 1.25 -5.32
N ASP R 167 21.65 2.49 -5.52
CA ASP R 167 22.69 2.78 -6.51
C ASP R 167 23.99 2.10 -6.16
N VAL R 168 24.39 2.14 -4.89
CA VAL R 168 25.65 1.53 -4.48
C VAL R 168 25.56 0.01 -4.57
N LEU R 169 24.45 -0.56 -4.08
CA LEU R 169 24.31 -2.01 -4.08
C LEU R 169 24.24 -2.56 -5.50
N ALA R 170 23.50 -1.87 -6.38
CA ALA R 170 23.43 -2.29 -7.78
C ALA R 170 24.79 -2.15 -8.46
N THR R 171 25.48 -1.03 -8.21
CA THR R 171 26.80 -0.82 -8.80
C THR R 171 27.78 -1.90 -8.34
N PHE R 172 27.70 -2.30 -7.06
CA PHE R 172 28.54 -3.39 -6.58
C PHE R 172 28.10 -4.71 -7.18
N GLY R 173 26.79 -4.95 -7.25
CA GLY R 173 26.30 -6.20 -7.80
C GLY R 173 26.53 -6.31 -9.29
N ARG R 174 26.41 -5.19 -10.01
CA ARG R 174 26.64 -5.20 -11.46
C ARG R 174 28.09 -5.54 -11.77
N GLN R 175 29.03 -4.92 -11.05
CA GLN R 175 30.45 -5.18 -11.28
C GLN R 175 30.77 -6.66 -11.06
N MET R 176 30.11 -7.30 -10.10
CA MET R 176 30.34 -8.71 -9.86
C MET R 176 29.91 -9.57 -11.05
N ARG R 177 28.88 -9.14 -11.77
CA ARG R 177 28.43 -9.89 -12.94
C ARG R 177 29.38 -9.70 -14.11
N ILE R 178 29.95 -8.50 -14.25
CA ILE R 178 30.91 -8.25 -15.34
C ILE R 178 32.16 -9.10 -15.15
N TYR R 179 32.67 -9.16 -13.92
CA TYR R 179 33.80 -10.04 -13.64
C TYR R 179 33.48 -11.48 -13.97
N ALA R 180 32.27 -11.92 -13.64
CA ALA R 180 31.88 -13.31 -13.82
C ALA R 180 31.45 -13.63 -15.25
N GLN R 181 31.21 -12.61 -16.07
CA GLN R 181 30.68 -12.87 -17.42
C GLN R 181 31.69 -13.61 -18.28
N ASN R 182 32.97 -13.33 -18.11
CA ASN R 182 34.01 -13.95 -18.91
C ASN R 182 34.83 -14.97 -18.13
N THR R 183 34.44 -15.28 -16.90
CA THR R 183 35.13 -16.30 -16.12
C THR R 183 34.40 -17.62 -16.27
N PRO R 184 35.00 -18.65 -16.88
CA PRO R 184 34.23 -19.87 -17.19
C PRO R 184 33.76 -20.63 -15.97
N THR R 185 34.51 -20.62 -14.87
CA THR R 185 34.09 -21.33 -13.67
C THR R 185 32.98 -20.61 -12.92
N ALA R 186 32.69 -19.35 -13.26
CA ALA R 186 31.61 -18.61 -12.61
C ALA R 186 30.26 -19.16 -13.01
N THR R 187 29.28 -19.02 -12.12
CA THR R 187 27.93 -19.47 -12.42
C THR R 187 27.23 -18.54 -13.39
N ARG R 188 27.32 -17.23 -13.15
CA ARG R 188 26.74 -16.24 -14.04
C ARG R 188 27.63 -16.00 -15.25
N TYR R 189 28.40 -17.02 -15.63
CA TYR R 189 29.28 -16.92 -16.78
C TYR R 189 28.46 -16.92 -18.07
N GLY R 190 28.88 -16.09 -19.02
CA GLY R 190 28.22 -16.04 -20.30
C GLY R 190 26.86 -15.41 -20.29
N GLN R 191 26.48 -14.70 -19.21
CA GLN R 191 25.16 -14.08 -19.20
C GLN R 191 25.27 -12.59 -19.52
N PRO R 192 24.23 -12.00 -20.10
CA PRO R 192 24.26 -10.57 -20.39
C PRO R 192 24.25 -9.74 -19.11
N ILE R 193 24.76 -8.52 -19.24
CA ILE R 193 24.90 -7.61 -18.10
C ILE R 193 23.66 -6.75 -18.03
N PRO R 194 22.85 -6.86 -16.97
CA PRO R 194 21.66 -6.02 -16.86
C PRO R 194 22.03 -4.57 -16.58
N SER R 195 21.16 -3.67 -17.02
CA SER R 195 21.39 -2.25 -16.79
C SER R 195 21.32 -1.95 -15.30
N LEU R 196 21.82 -0.76 -14.93
CA LEU R 196 21.85 -0.39 -13.52
C LEU R 196 20.43 -0.28 -12.96
N GLU R 197 19.52 0.33 -13.71
CA GLU R 197 18.15 0.50 -13.22
C GLU R 197 17.43 -0.83 -13.12
N VAL R 198 17.75 -1.79 -13.99
CA VAL R 198 17.19 -3.13 -13.85
C VAL R 198 17.62 -3.75 -12.53
N LEU R 199 18.87 -3.53 -12.14
CA LEU R 199 19.38 -4.14 -10.92
C LEU R 199 18.85 -3.45 -9.66
N LYS R 200 18.47 -2.18 -9.76
CA LYS R 200 17.81 -1.53 -8.63
C LYS R 200 16.42 -2.12 -8.39
N ASN R 201 15.78 -2.61 -9.45
CA ASN R 201 14.45 -3.19 -9.33
C ASN R 201 14.46 -4.64 -8.86
N SER R 202 15.62 -5.29 -8.93
CA SER R 202 15.71 -6.72 -8.62
C SER R 202 15.74 -6.96 -7.11
N GLU R 203 15.74 -8.23 -6.74
CA GLU R 203 15.75 -8.61 -5.34
C GLU R 203 17.08 -8.26 -4.70
N ALA R 204 17.02 -7.69 -3.49
CA ALA R 204 18.20 -7.25 -2.73
C ALA R 204 19.00 -6.22 -3.52
N CYS R 205 18.34 -5.51 -4.44
CA CYS R 205 18.97 -4.46 -5.26
C CYS R 205 20.16 -5.00 -6.05
N GLY R 206 20.12 -6.28 -6.42
CA GLY R 206 21.15 -6.88 -7.24
C GLY R 206 22.37 -7.38 -6.48
N SER R 207 22.43 -7.21 -5.17
CA SER R 207 23.56 -7.63 -4.36
C SER R 207 23.34 -8.96 -3.67
N MET R 208 22.26 -9.68 -3.99
CA MET R 208 22.06 -11.01 -3.45
C MET R 208 23.01 -11.99 -4.10
N LEU R 209 23.55 -12.90 -3.31
CA LEU R 209 24.45 -13.92 -3.85
C LEU R 209 23.64 -15.06 -4.45
N ALA R 210 24.30 -15.83 -5.31
CA ALA R 210 23.73 -17.02 -5.91
C ALA R 210 24.41 -18.23 -5.25
N TRP R 211 23.64 -18.97 -4.46
CA TRP R 211 24.17 -20.07 -3.68
C TRP R 211 23.89 -21.41 -4.36
N GLY R 212 24.86 -22.32 -4.25
CA GLY R 212 24.74 -23.66 -4.79
C GLY R 212 25.63 -24.61 -4.03
N GLU R 213 26.22 -25.57 -4.73
CA GLU R 213 27.14 -26.52 -4.13
C GLU R 213 28.46 -26.53 -4.88
N ALA R 214 29.54 -26.74 -4.13
CA ALA R 214 30.87 -26.83 -4.72
C ALA R 214 31.81 -27.45 -3.71
N SER R 215 32.82 -28.15 -4.23
CA SER R 215 33.97 -28.59 -3.46
C SER R 215 35.21 -28.03 -4.15
N GLY R 216 36.18 -27.64 -3.35
CA GLY R 216 37.43 -27.12 -3.88
C GLY R 216 38.56 -27.49 -2.95
N CYS R 217 39.78 -27.44 -3.49
CA CYS R 217 40.94 -27.73 -2.67
C CYS R 217 42.18 -27.15 -3.32
N ALA R 218 43.16 -26.84 -2.48
CA ALA R 218 44.47 -26.39 -2.92
C ALA R 218 45.54 -27.25 -2.25
N ILE R 219 46.65 -27.43 -2.95
CA ILE R 219 47.73 -28.29 -2.47
C ILE R 219 48.87 -27.41 -1.97
N LEU R 220 49.19 -27.53 -0.69
CA LEU R 220 50.34 -26.85 -0.10
C LEU R 220 51.51 -27.82 0.00
N VAL R 221 52.69 -27.34 -0.36
CA VAL R 221 53.90 -28.15 -0.34
C VAL R 221 55.03 -27.32 0.23
N ALA R 222 56.04 -28.00 0.77
CA ALA R 222 57.23 -27.32 1.29
C ALA R 222 57.93 -26.57 0.16
N GLU R 223 58.62 -25.49 0.54
CA GLU R 223 59.21 -24.60 -0.46
C GLU R 223 60.24 -25.31 -1.33
N HIS R 224 61.13 -26.08 -0.69
CA HIS R 224 62.20 -26.74 -1.44
C HIS R 224 61.65 -27.78 -2.41
N LEU R 225 60.54 -28.42 -2.05
CA LEU R 225 59.94 -29.42 -2.93
C LEU R 225 59.03 -28.82 -3.99
N ALA R 226 58.80 -27.50 -3.95
CA ALA R 226 57.79 -26.90 -4.82
C ALA R 226 58.19 -26.95 -6.29
N HIS R 227 59.49 -26.96 -6.58
CA HIS R 227 59.93 -26.89 -7.97
C HIS R 227 59.48 -28.11 -8.76
N LYS R 228 59.29 -29.25 -8.09
CA LYS R 228 58.91 -30.47 -8.82
C LYS R 228 57.52 -30.36 -9.40
N TYR R 229 56.62 -29.64 -8.74
CA TYR R 229 55.20 -29.73 -9.06
C TYR R 229 54.68 -28.56 -9.89
N THR R 230 55.31 -27.39 -9.81
CA THR R 230 54.88 -26.28 -10.64
C THR R 230 56.09 -25.43 -11.02
N ASP R 231 56.01 -24.83 -12.21
CA ASP R 231 57.05 -23.92 -12.67
C ASP R 231 56.88 -22.53 -12.05
N LYS R 232 55.65 -22.17 -11.70
CA LYS R 232 55.32 -20.85 -11.16
C LYS R 232 54.55 -21.04 -9.86
N PRO R 233 55.23 -21.07 -8.72
CA PRO R 233 54.54 -21.26 -7.45
C PRO R 233 54.12 -19.94 -6.81
N VAL R 234 53.04 -20.02 -6.04
CA VAL R 234 52.55 -18.90 -5.24
C VAL R 234 52.82 -19.23 -3.77
N PHE R 235 53.45 -18.30 -3.06
CA PHE R 235 53.85 -18.48 -1.68
C PHE R 235 52.84 -17.84 -0.74
N VAL R 236 52.89 -18.27 0.52
CA VAL R 236 52.01 -17.75 1.56
C VAL R 236 52.83 -16.78 2.42
N ARG R 237 52.55 -15.48 2.29
CA ARG R 237 53.28 -14.49 3.05
C ARG R 237 52.86 -14.48 4.51
N GLY R 238 51.56 -14.39 4.75
CA GLY R 238 51.06 -14.39 6.12
C GLY R 238 49.58 -14.61 6.17
N CYS R 239 49.10 -15.03 7.34
CA CYS R 239 47.70 -15.33 7.53
C CYS R 239 47.33 -15.07 8.99
N ALA R 240 46.07 -14.73 9.21
CA ALA R 240 45.56 -14.54 10.56
C ALA R 240 44.13 -15.06 10.65
N TYR R 241 43.76 -15.49 11.84
CA TYR R 241 42.42 -15.98 12.14
C TYR R 241 42.04 -15.45 13.51
N THR R 242 40.83 -14.88 13.62
CA THR R 242 40.38 -14.31 14.87
C THR R 242 38.93 -14.70 15.12
N GLY R 243 38.58 -14.82 16.40
CA GLY R 243 37.24 -15.22 16.77
C GLY R 243 36.62 -14.38 17.87
N VAL R 244 35.39 -13.93 17.66
CA VAL R 244 34.64 -13.15 18.64
C VAL R 244 33.25 -13.75 18.76
N SER R 245 32.52 -13.33 19.80
CA SER R 245 31.22 -13.91 20.12
C SER R 245 30.29 -13.87 18.92
N HIS R 246 29.63 -15.01 18.66
CA HIS R 246 28.68 -15.11 17.56
C HIS R 246 27.51 -14.14 17.68
N TYR R 247 27.20 -13.70 18.90
CA TYR R 247 26.01 -12.89 19.12
C TYR R 247 26.14 -11.54 18.41
N PHE R 248 25.11 -11.20 17.64
CA PHE R 248 25.14 -9.96 16.88
C PHE R 248 25.15 -8.74 17.78
N GLY R 249 24.63 -8.86 19.01
CA GLY R 249 24.59 -7.72 19.91
C GLY R 249 25.94 -7.31 20.44
N THR R 250 26.87 -8.27 20.55
CA THR R 250 28.19 -7.96 21.08
C THR R 250 29.06 -7.18 20.08
N ARG R 251 28.58 -6.96 18.85
CA ARG R 251 29.35 -6.16 17.91
C ARG R 251 29.48 -4.72 18.39
N PHE R 252 28.41 -4.18 18.97
CA PHE R 252 28.45 -2.80 19.47
C PHE R 252 29.20 -2.70 20.78
N HIS R 253 29.18 -3.76 21.59
CA HIS R 253 29.83 -3.80 22.89
C HIS R 253 30.60 -5.11 23.01
N ASN R 254 31.91 -5.08 22.78
CA ASN R 254 32.77 -6.26 22.88
C ASN R 254 33.99 -5.95 23.76
N PRO R 255 33.80 -5.84 25.08
CA PRO R 255 34.97 -5.72 25.96
C PRO R 255 35.75 -7.03 26.08
N THR R 256 35.20 -8.15 25.63
CA THR R 256 35.97 -9.40 25.60
C THR R 256 37.12 -9.30 24.61
N LEU R 257 36.91 -8.64 23.49
CA LEU R 257 37.93 -8.49 22.47
C LEU R 257 38.96 -7.46 22.92
N HIS R 258 40.22 -7.89 23.04
CA HIS R 258 41.33 -7.01 23.40
C HIS R 258 42.16 -6.72 22.17
N HIS R 259 42.09 -5.48 21.68
CA HIS R 259 42.92 -5.05 20.58
C HIS R 259 43.13 -3.54 20.70
N PRO R 260 44.35 -3.07 20.50
CA PRO R 260 44.63 -1.64 20.68
C PRO R 260 44.21 -0.81 19.48
N GLY R 261 43.86 0.44 19.76
CA GLY R 261 43.61 1.41 18.71
C GLY R 261 42.33 1.20 17.91
N LEU R 262 41.40 0.41 18.40
CA LEU R 262 40.15 0.27 17.66
C LEU R 262 39.27 1.49 17.86
N PRO R 263 38.43 1.82 16.87
CA PRO R 263 37.59 3.01 16.98
C PRO R 263 36.64 2.93 18.16
N LYS R 264 36.11 4.10 18.54
CA LYS R 264 35.14 4.18 19.63
C LYS R 264 33.71 3.93 19.16
N ASP R 265 33.44 4.06 17.86
CA ASP R 265 32.11 3.90 17.30
C ASP R 265 31.93 2.56 16.61
N VAL R 266 32.46 1.48 17.20
CA VAL R 266 32.29 0.16 16.60
C VAL R 266 30.84 -0.25 16.66
N GLY R 267 30.40 -0.97 15.64
CA GLY R 267 29.05 -1.52 15.58
C GLY R 267 29.02 -2.66 14.59
N MET R 268 27.98 -2.74 13.78
CA MET R 268 27.97 -3.70 12.69
C MET R 268 28.58 -3.12 11.43
N ALA R 269 28.45 -1.80 11.24
CA ALA R 269 29.08 -1.15 10.09
C ALA R 269 30.59 -1.05 10.25
N VAL R 270 31.09 -1.07 11.47
CA VAL R 270 32.53 -1.00 11.75
C VAL R 270 32.90 -2.29 12.46
N SER R 271 33.42 -3.25 11.70
CA SER R 271 33.73 -4.58 12.22
C SER R 271 35.05 -4.52 13.00
N ALA R 272 34.94 -4.54 14.33
CA ALA R 272 36.14 -4.48 15.17
C ALA R 272 37.01 -5.71 14.97
N ASN R 273 36.39 -6.87 14.80
CA ASN R 273 37.15 -8.10 14.61
C ASN R 273 37.89 -8.09 13.27
N SER R 274 37.22 -7.65 12.21
CA SER R 274 37.85 -7.66 10.88
C SER R 274 39.00 -6.67 10.79
N ILE R 275 38.88 -5.53 11.47
CA ILE R 275 40.03 -4.62 11.59
C ILE R 275 41.18 -5.31 12.30
N ALA R 276 40.88 -5.94 13.44
CA ALA R 276 41.93 -6.57 14.24
C ALA R 276 42.60 -7.70 13.47
N CYS R 277 41.82 -8.48 12.71
CA CYS R 277 42.39 -9.61 12.00
C CYS R 277 43.35 -9.18 10.89
N ALA R 278 43.00 -8.11 10.18
CA ALA R 278 43.85 -7.64 9.10
C ALA R 278 45.18 -7.11 9.63
N GLU R 279 45.15 -6.35 10.73
CA GLU R 279 46.37 -5.81 11.29
C GLU R 279 47.32 -6.92 11.74
N ILE R 280 46.76 -8.02 12.27
CA ILE R 280 47.59 -9.16 12.67
C ILE R 280 48.18 -9.84 11.44
N ALA R 281 47.35 -10.07 10.41
CA ALA R 281 47.84 -10.73 9.20
C ALA R 281 48.84 -9.85 8.46
N TYR R 282 48.65 -8.53 8.48
CA TYR R 282 49.57 -7.64 7.78
C TYR R 282 50.92 -7.60 8.47
N LYS R 283 50.94 -7.55 9.81
CA LYS R 283 52.21 -7.56 10.53
C LYS R 283 52.90 -8.91 10.38
N LYS R 284 52.14 -10.00 10.35
CA LYS R 284 52.74 -11.30 10.09
C LYS R 284 53.31 -11.38 8.67
N ALA R 285 52.54 -10.92 7.68
CA ALA R 285 52.96 -10.97 6.29
C ALA R 285 53.95 -9.86 5.94
N GLY R 286 54.11 -8.86 6.79
CA GLY R 286 55.05 -7.79 6.53
C GLY R 286 54.68 -6.86 5.41
N ILE R 287 53.37 -6.62 5.20
CA ILE R 287 52.89 -5.71 4.18
C ILE R 287 51.87 -4.76 4.80
N THR R 288 51.75 -3.58 4.20
CA THR R 288 50.72 -2.61 4.56
C THR R 288 49.55 -2.74 3.60
N ALA R 289 48.56 -1.87 3.78
CA ALA R 289 47.35 -1.94 2.96
C ALA R 289 47.62 -1.57 1.51
N LYS R 290 48.65 -0.75 1.27
CA LYS R 290 48.95 -0.31 -0.09
C LYS R 290 49.57 -1.42 -0.93
N ASP R 291 50.32 -2.32 -0.29
CA ASP R 291 51.01 -3.38 -1.01
C ASP R 291 50.04 -4.31 -1.74
N ILE R 292 48.76 -4.29 -1.36
CA ILE R 292 47.77 -5.16 -1.99
C ILE R 292 47.55 -4.71 -3.44
N ASP R 293 47.65 -5.66 -4.37
CA ASP R 293 47.33 -5.39 -5.76
C ASP R 293 45.97 -5.94 -6.17
N VAL R 294 45.48 -6.97 -5.49
CA VAL R 294 44.19 -7.59 -5.79
C VAL R 294 43.67 -8.25 -4.53
N ALA R 295 42.34 -8.28 -4.40
CA ALA R 295 41.71 -8.77 -3.17
C ALA R 295 40.45 -9.56 -3.50
N GLN R 296 39.98 -10.30 -2.51
CA GLN R 296 38.77 -11.12 -2.62
C GLN R 296 38.07 -11.11 -1.28
N VAL R 297 36.79 -10.72 -1.26
CA VAL R 297 36.04 -10.58 -0.02
C VAL R 297 34.72 -11.33 -0.14
N TYR R 298 34.11 -11.56 1.03
CA TYR R 298 32.78 -12.17 1.09
C TYR R 298 31.74 -11.10 0.81
N ASP R 299 31.00 -11.27 -0.29
CA ASP R 299 30.05 -10.28 -0.78
C ASP R 299 28.63 -10.80 -0.60
N LEU R 300 27.80 -10.01 0.10
CA LEU R 300 26.39 -10.28 0.31
C LEU R 300 25.75 -9.04 0.91
N LEU R 301 24.78 -8.45 0.21
CA LEU R 301 24.22 -7.14 0.57
C LEU R 301 25.38 -6.15 0.58
N GLY R 302 25.54 -5.31 1.60
CA GLY R 302 26.67 -4.40 1.65
C GLY R 302 27.82 -4.91 2.48
N ALA R 303 27.86 -6.23 2.70
CA ALA R 303 28.92 -6.80 3.53
C ALA R 303 30.28 -6.60 2.89
N GLY R 304 30.32 -6.42 1.57
CA GLY R 304 31.58 -6.11 0.92
C GLY R 304 32.11 -4.74 1.30
N LEU R 305 31.22 -3.77 1.45
CA LEU R 305 31.65 -2.40 1.78
C LEU R 305 32.29 -2.35 3.17
N ILE R 306 31.71 -3.06 4.14
CA ILE R 306 32.29 -3.09 5.48
C ILE R 306 33.65 -3.76 5.48
N GLN R 307 33.82 -4.79 4.64
CA GLN R 307 35.08 -5.54 4.62
C GLN R 307 36.20 -4.76 3.93
N MET R 308 35.87 -4.00 2.88
CA MET R 308 36.89 -3.18 2.23
C MET R 308 37.49 -2.16 3.18
N GLU R 309 36.66 -1.56 4.04
CA GLU R 309 37.17 -0.57 4.98
C GLU R 309 38.02 -1.23 6.07
N SER R 310 37.53 -2.36 6.61
CA SER R 310 38.28 -3.07 7.64
C SER R 310 39.59 -3.61 7.09
N MET R 311 39.65 -3.87 5.79
CA MET R 311 40.85 -4.39 5.14
C MET R 311 41.88 -3.30 4.85
N GLY R 312 41.52 -2.03 5.01
CA GLY R 312 42.44 -0.95 4.72
C GLY R 312 42.44 -0.47 3.29
N ILE R 313 41.49 -0.90 2.46
CA ILE R 313 41.43 -0.44 1.08
C ILE R 313 41.05 1.03 1.03
N CYS R 314 40.04 1.42 1.81
CA CYS R 314 39.54 2.79 1.84
C CYS R 314 39.17 3.16 3.26
N GLY R 315 39.02 4.46 3.51
CA GLY R 315 38.72 4.93 4.85
C GLY R 315 37.31 4.58 5.28
N LYS R 316 37.06 4.73 6.57
CA LYS R 316 35.74 4.43 7.12
C LYS R 316 34.68 5.31 6.48
N GLY R 317 33.56 4.71 6.10
CA GLY R 317 32.48 5.41 5.46
C GLY R 317 32.66 5.71 3.99
N GLN R 318 33.80 5.33 3.40
CA GLN R 318 34.11 5.70 2.02
C GLN R 318 33.99 4.55 1.04
N ALA R 319 33.74 3.32 1.49
CA ALA R 319 33.71 2.19 0.58
C ALA R 319 32.56 2.30 -0.41
N GLY R 320 31.42 2.83 0.02
CA GLY R 320 30.29 2.98 -0.89
C GLY R 320 30.60 3.93 -2.03
N ASP R 321 31.15 5.10 -1.72
CA ASP R 321 31.59 6.02 -2.76
C ASP R 321 32.76 5.44 -3.55
N PHE R 322 33.60 4.65 -2.89
CA PHE R 322 34.69 3.97 -3.60
C PHE R 322 34.14 3.09 -4.72
N VAL R 323 33.16 2.25 -4.40
CA VAL R 323 32.59 1.37 -5.41
C VAL R 323 31.88 2.17 -6.49
N LEU R 324 31.21 3.25 -6.10
CA LEU R 324 30.42 4.02 -7.05
C LEU R 324 31.29 4.61 -8.16
N GLU R 325 32.50 5.04 -7.81
CA GLU R 325 33.36 5.75 -8.75
C GLU R 325 34.21 4.77 -9.55
N GLY R 326 33.71 3.55 -9.71
CA GLY R 326 34.41 2.53 -10.48
C GLY R 326 35.75 2.14 -9.90
N GLY R 327 35.90 2.23 -8.57
CA GLY R 327 37.18 1.93 -7.96
C GLY R 327 37.53 0.46 -7.93
N ILE R 328 36.53 -0.42 -7.92
CA ILE R 328 36.77 -1.87 -7.88
C ILE R 328 36.74 -2.50 -9.26
N ALA R 329 36.64 -1.69 -10.32
CA ALA R 329 36.73 -2.18 -11.69
C ALA R 329 38.16 -2.65 -11.97
N LEU R 330 38.36 -3.25 -13.16
CA LEU R 330 39.68 -3.79 -13.49
C LEU R 330 40.71 -2.68 -13.66
N ASP R 331 40.30 -1.54 -14.23
CA ASP R 331 41.17 -0.37 -14.31
C ASP R 331 41.12 0.48 -13.04
N GLY R 332 40.40 0.03 -12.00
CA GLY R 332 40.26 0.79 -10.79
C GLY R 332 41.45 0.67 -9.86
N GLN R 333 41.33 1.32 -8.70
CA GLN R 333 42.43 1.36 -7.75
C GLN R 333 42.72 -0.02 -7.17
N LEU R 334 41.68 -0.76 -6.79
CA LEU R 334 41.90 -2.13 -6.34
C LEU R 334 40.83 -3.06 -6.89
N PRO R 335 41.20 -3.95 -7.81
CA PRO R 335 40.23 -4.93 -8.32
C PRO R 335 39.76 -5.86 -7.21
N LEU R 336 38.44 -6.04 -7.12
CA LEU R 336 37.79 -6.76 -6.04
C LEU R 336 36.94 -7.88 -6.61
N ASN R 337 37.13 -9.09 -6.11
CA ASN R 337 36.38 -10.27 -6.54
C ASN R 337 36.40 -10.42 -8.05
N THR R 338 37.62 -10.46 -8.60
CA THR R 338 37.79 -10.45 -10.05
C THR R 338 37.24 -11.70 -10.73
N ASP R 339 36.84 -12.72 -9.98
CA ASP R 339 36.16 -13.88 -10.54
C ASP R 339 34.64 -13.76 -10.42
N GLY R 340 34.14 -12.71 -9.80
CA GLY R 340 32.72 -12.47 -9.64
C GLY R 340 32.26 -12.49 -8.20
N GLY R 341 33.05 -13.03 -7.30
CA GLY R 341 32.65 -13.16 -5.91
C GLY R 341 31.51 -14.13 -5.73
N ASN R 342 30.89 -14.04 -4.55
CA ASN R 342 29.72 -14.88 -4.28
C ASN R 342 28.53 -14.48 -5.13
N ILE R 343 28.47 -13.23 -5.58
CA ILE R 343 27.34 -12.77 -6.38
C ILE R 343 27.42 -13.31 -7.79
N GLY R 344 28.62 -13.33 -8.38
CA GLY R 344 28.79 -13.74 -9.76
C GLY R 344 29.30 -15.14 -9.94
N ARG R 345 30.41 -15.47 -9.28
CA ARG R 345 30.96 -16.82 -9.40
C ARG R 345 30.06 -17.85 -8.73
N GLY R 346 29.49 -17.52 -7.58
CA GLY R 346 28.72 -18.45 -6.79
C GLY R 346 29.27 -18.55 -5.38
N HIS R 347 28.54 -19.31 -4.56
CA HIS R 347 28.89 -19.40 -3.14
C HIS R 347 28.44 -20.73 -2.57
N ALA R 348 29.40 -21.52 -2.11
CA ALA R 348 29.18 -22.66 -1.23
C ALA R 348 29.89 -22.35 0.09
N SER R 349 29.12 -22.29 1.18
CA SER R 349 29.64 -21.77 2.44
C SER R 349 30.92 -22.49 2.87
N GLY R 350 30.90 -23.81 2.87
CA GLY R 350 32.08 -24.56 3.26
C GLY R 350 33.24 -24.39 2.30
N CYS R 351 32.94 -24.17 1.01
CA CYS R 351 33.96 -24.09 -0.03
C CYS R 351 34.38 -22.66 -0.34
N ASP R 352 33.83 -21.67 0.36
CA ASP R 352 34.05 -20.27 -0.02
C ASP R 352 35.52 -19.86 0.13
N GLY R 353 36.20 -20.39 1.15
CA GLY R 353 37.59 -20.01 1.36
C GLY R 353 38.48 -20.33 0.18
N ILE R 354 38.36 -21.56 -0.34
CA ILE R 354 39.19 -21.99 -1.47
C ILE R 354 38.86 -21.15 -2.71
N LEU R 355 37.58 -20.83 -2.90
CA LEU R 355 37.19 -20.02 -4.06
C LEU R 355 37.88 -18.66 -4.05
N HIS R 356 38.18 -18.14 -2.85
CA HIS R 356 39.00 -16.94 -2.76
C HIS R 356 40.43 -17.22 -3.19
N ILE R 357 41.04 -18.26 -2.60
CA ILE R 357 42.45 -18.57 -2.88
C ILE R 357 42.65 -18.89 -4.36
N THR R 358 41.76 -19.70 -4.95
CA THR R 358 41.93 -20.10 -6.34
C THR R 358 42.07 -18.87 -7.25
N GLU R 359 41.10 -17.95 -7.19
CA GLU R 359 41.17 -16.76 -8.02
C GLU R 359 42.45 -15.98 -7.76
N LEU R 360 42.79 -15.75 -6.49
CA LEU R 360 44.02 -15.04 -6.18
C LEU R 360 45.23 -15.82 -6.66
N PHE R 361 45.18 -17.15 -6.53
CA PHE R 361 46.25 -18.00 -7.05
C PHE R 361 46.42 -17.82 -8.55
N ARG R 362 45.33 -17.92 -9.32
CA ARG R 362 45.41 -17.69 -10.76
C ARG R 362 45.80 -16.24 -11.08
N GLN R 363 45.43 -15.29 -10.22
CA GLN R 363 45.75 -13.89 -10.46
C GLN R 363 47.25 -13.65 -10.37
N LEU R 364 47.90 -14.23 -9.36
CA LEU R 364 49.33 -13.98 -9.15
C LEU R 364 50.20 -14.70 -10.18
N ARG R 365 49.67 -15.71 -10.87
CA ARG R 365 50.41 -16.39 -11.92
C ARG R 365 50.08 -15.87 -13.32
N GLY R 366 49.26 -14.81 -13.40
CA GLY R 366 48.88 -14.27 -14.69
C GLY R 366 47.84 -15.08 -15.44
N GLU R 367 47.09 -15.93 -14.75
CA GLU R 367 46.15 -16.85 -15.39
C GLU R 367 44.70 -16.41 -15.27
N SER R 368 44.42 -15.34 -14.52
CA SER R 368 43.03 -14.94 -14.31
C SER R 368 42.42 -14.38 -15.58
N ASP R 369 41.12 -14.61 -15.75
CA ASP R 369 40.42 -14.12 -16.93
C ASP R 369 40.34 -12.59 -16.93
N ASN R 370 40.11 -12.00 -15.77
CA ASN R 370 40.26 -10.56 -15.57
C ASN R 370 41.56 -10.35 -14.81
N GLN R 371 42.63 -10.05 -15.54
CA GLN R 371 43.98 -10.08 -15.00
C GLN R 371 44.43 -8.71 -14.53
N VAL R 372 44.92 -8.64 -13.29
CA VAL R 372 45.57 -7.44 -12.79
C VAL R 372 47.03 -7.48 -13.21
N LYS R 373 47.45 -6.53 -14.03
CA LYS R 373 48.79 -6.54 -14.59
C LYS R 373 49.83 -6.29 -13.51
N GLY R 374 50.86 -7.13 -13.48
CA GLY R 374 51.93 -7.00 -12.51
C GLY R 374 51.50 -7.19 -11.07
N ALA R 375 50.58 -8.10 -10.81
CA ALA R 375 50.11 -8.34 -9.45
C ALA R 375 51.19 -9.08 -8.67
N ARG R 376 51.60 -8.50 -7.53
CA ARG R 376 52.61 -9.12 -6.67
C ARG R 376 52.05 -9.64 -5.37
N ILE R 377 50.94 -9.09 -4.87
CA ILE R 377 50.39 -9.46 -3.57
C ILE R 377 48.88 -9.55 -3.68
N GLY R 378 48.30 -10.62 -3.16
CA GLY R 378 46.87 -10.78 -3.12
C GLY R 378 46.39 -11.16 -1.73
N VAL R 379 45.22 -10.64 -1.35
CA VAL R 379 44.72 -10.76 0.01
C VAL R 379 43.27 -11.22 -0.03
N SER R 380 42.93 -12.17 0.84
CA SER R 380 41.58 -12.72 0.94
C SER R 380 41.00 -12.40 2.31
N GLN R 381 39.95 -11.59 2.34
CA GLN R 381 39.19 -11.31 3.55
C GLN R 381 37.94 -12.19 3.55
N ASN R 382 37.79 -13.01 4.59
CA ASN R 382 36.67 -13.94 4.69
C ASN R 382 36.14 -13.97 6.11
N LEU R 383 34.83 -14.03 6.25
CA LEU R 383 34.18 -14.07 7.56
C LEU R 383 33.19 -15.22 7.62
N GLY R 384 33.01 -15.74 8.82
CA GLY R 384 31.99 -16.75 9.09
C GLY R 384 31.02 -16.22 10.12
N GLY R 385 29.73 -16.48 9.89
CA GLY R 385 28.77 -15.78 10.71
C GLY R 385 28.76 -14.31 10.33
N TYR R 386 28.48 -13.44 11.29
CA TYR R 386 28.73 -12.01 11.11
C TYR R 386 30.02 -11.67 11.85
N ALA R 387 31.14 -11.83 11.17
CA ALA R 387 32.47 -11.51 11.69
C ALA R 387 32.80 -12.30 12.96
N ALA R 388 32.02 -13.35 13.25
CA ALA R 388 32.38 -14.23 14.36
C ALA R 388 33.72 -14.91 14.10
N HIS R 389 33.83 -15.58 12.95
CA HIS R 389 35.14 -15.91 12.39
C HIS R 389 35.59 -14.77 11.49
N ASN R 390 36.90 -14.61 11.38
CA ASN R 390 37.45 -13.68 10.40
C ASN R 390 38.81 -14.20 9.97
N SER R 391 39.02 -14.26 8.65
CA SER R 391 40.23 -14.83 8.08
C SER R 391 40.82 -13.85 7.07
N VAL R 392 42.11 -13.56 7.22
CA VAL R 392 42.85 -12.72 6.28
C VAL R 392 44.09 -13.48 5.85
N ILE R 393 44.18 -13.80 4.57
CA ILE R 393 45.30 -14.54 4.00
C ILE R 393 45.96 -13.68 2.94
N VAL R 394 47.29 -13.62 2.97
CA VAL R 394 48.07 -12.81 2.03
C VAL R 394 48.97 -13.73 1.23
N LEU R 395 48.90 -13.61 -0.10
CA LEU R 395 49.69 -14.42 -1.00
C LEU R 395 50.51 -13.51 -1.91
N SER R 396 51.74 -13.94 -2.21
CA SER R 396 52.61 -13.21 -3.12
C SER R 396 53.25 -14.18 -4.11
N ASN R 397 53.49 -13.68 -5.33
CA ASN R 397 54.09 -14.48 -6.38
C ASN R 397 55.62 -14.44 -6.37
N ASP R 398 56.23 -13.62 -5.51
CA ASP R 398 57.68 -13.53 -5.42
C ASP R 398 58.21 -14.39 -4.27
N LYS S 5 -7.05 -4.34 57.45
CA LYS S 5 -7.94 -4.86 56.43
C LYS S 5 -7.17 -5.51 55.28
N ILE S 6 -7.82 -6.40 54.55
CA ILE S 6 -7.20 -7.19 53.50
C ILE S 6 -7.96 -6.99 52.20
N GLY S 7 -7.23 -6.81 51.11
CA GLY S 7 -7.87 -6.65 49.82
C GLY S 7 -6.85 -6.52 48.70
N ILE S 8 -7.30 -5.90 47.61
CA ILE S 8 -6.48 -5.77 46.42
C ILE S 8 -5.51 -4.61 46.60
N VAL S 9 -4.23 -4.87 46.33
CA VAL S 9 -3.21 -3.84 46.46
C VAL S 9 -2.95 -3.15 45.12
N SER S 10 -2.81 -3.93 44.05
CA SER S 10 -2.64 -3.38 42.71
C SER S 10 -3.14 -4.40 41.71
N TYR S 11 -3.26 -3.96 40.46
CA TYR S 11 -3.78 -4.83 39.41
C TYR S 11 -3.16 -4.46 38.07
N GLY S 12 -3.14 -5.43 37.16
CA GLY S 12 -2.65 -5.23 35.81
C GLY S 12 -3.39 -6.13 34.86
N ALA S 13 -3.36 -5.75 33.58
CA ALA S 13 -4.12 -6.46 32.56
C ALA S 13 -3.28 -6.63 31.30
N GLY S 14 -3.55 -7.73 30.59
CA GLY S 14 -2.91 -7.98 29.31
C GLY S 14 -3.91 -8.41 28.26
N ILE S 15 -4.03 -7.62 27.19
CA ILE S 15 -5.01 -7.88 26.13
C ILE S 15 -4.29 -7.94 24.78
N PRO S 16 -4.61 -8.90 23.92
CA PRO S 16 -3.99 -8.93 22.59
C PRO S 16 -4.34 -7.70 21.76
N VAL S 17 -3.41 -7.31 20.89
CA VAL S 17 -3.59 -6.08 20.11
C VAL S 17 -4.35 -6.30 18.81
N CYS S 18 -4.37 -7.52 18.28
CA CYS S 18 -5.03 -7.77 17.01
C CYS S 18 -6.54 -7.82 17.20
N ARG S 19 -7.26 -7.23 16.25
CA ARG S 19 -8.72 -7.16 16.29
C ARG S 19 -9.29 -7.65 14.97
N LEU S 20 -10.44 -8.30 15.03
CA LEU S 20 -11.13 -8.80 13.84
C LEU S 20 -12.57 -8.29 13.85
N LYS S 21 -12.93 -7.54 12.81
CA LYS S 21 -14.30 -7.06 12.69
C LYS S 21 -15.27 -8.23 12.65
N VAL S 22 -16.38 -8.10 13.38
CA VAL S 22 -17.34 -9.19 13.50
C VAL S 22 -17.91 -9.54 12.14
N GLN S 23 -18.15 -8.53 11.30
CA GLN S 23 -18.69 -8.77 9.96
C GLN S 23 -17.83 -9.73 9.16
N GLU S 24 -16.52 -9.74 9.40
CA GLU S 24 -15.62 -10.60 8.62
C GLU S 24 -15.93 -12.07 8.85
N VAL S 25 -16.30 -12.43 10.07
CA VAL S 25 -16.62 -13.82 10.38
C VAL S 25 -17.97 -14.20 9.78
N ILE S 26 -18.94 -13.28 9.83
CA ILE S 26 -20.28 -13.58 9.36
C ILE S 26 -20.28 -13.83 7.85
N ASN S 27 -19.59 -12.97 7.11
CA ASN S 27 -19.66 -13.03 5.65
C ASN S 27 -19.06 -14.34 5.13
N VAL S 28 -18.18 -14.96 5.89
CA VAL S 28 -17.61 -16.24 5.46
C VAL S 28 -18.58 -17.37 5.74
N TRP S 29 -19.09 -17.44 6.97
CA TRP S 29 -19.91 -18.57 7.38
C TRP S 29 -21.41 -18.36 7.16
N LYS S 30 -21.88 -17.12 7.27
CA LYS S 30 -23.31 -16.80 7.11
C LYS S 30 -24.18 -17.65 8.03
N ASN S 31 -23.75 -17.77 9.29
CA ASN S 31 -24.43 -18.63 10.26
C ASN S 31 -25.22 -17.86 11.31
N THR S 32 -25.28 -16.53 11.22
CA THR S 32 -26.08 -15.75 12.15
C THR S 32 -26.33 -14.37 11.55
N ASP S 33 -27.25 -13.64 12.17
CA ASP S 33 -27.63 -12.31 11.72
C ASP S 33 -26.66 -11.29 12.32
N LEU S 34 -26.08 -10.45 11.44
CA LEU S 34 -25.04 -9.52 11.89
C LEU S 34 -25.60 -8.48 12.86
N LYS S 35 -26.79 -7.95 12.58
CA LYS S 35 -27.39 -6.95 13.46
C LYS S 35 -27.60 -7.49 14.87
N LEU S 36 -27.88 -8.78 15.00
CA LEU S 36 -28.01 -9.40 16.31
C LEU S 36 -26.72 -9.27 17.11
N VAL S 37 -25.59 -9.66 16.50
CA VAL S 37 -24.33 -9.72 17.23
C VAL S 37 -23.81 -8.33 17.53
N GLU S 38 -23.93 -7.41 16.56
CA GLU S 38 -23.39 -6.07 16.76
C GLU S 38 -24.23 -5.25 17.74
N GLU S 39 -25.56 -5.36 17.65
CA GLU S 39 -26.45 -4.48 18.39
C GLU S 39 -27.04 -5.13 19.64
N ASN S 40 -27.69 -6.28 19.50
CA ASN S 40 -28.26 -6.94 20.67
C ASN S 40 -27.18 -7.51 21.57
N LEU S 41 -26.20 -8.21 20.97
CA LEU S 41 -25.14 -8.80 21.78
C LEU S 41 -24.14 -7.76 22.25
N GLY S 42 -23.84 -6.78 21.42
CA GLY S 42 -23.00 -5.67 21.81
C GLY S 42 -21.54 -5.80 21.45
N VAL S 43 -21.19 -6.72 20.57
CA VAL S 43 -19.79 -6.95 20.18
C VAL S 43 -19.65 -6.57 18.71
N THR S 44 -18.82 -5.57 18.44
CA THR S 44 -18.58 -5.09 17.08
C THR S 44 -17.28 -5.61 16.48
N GLU S 45 -16.39 -6.18 17.29
CA GLU S 45 -15.13 -6.75 16.84
C GLU S 45 -14.52 -7.54 17.98
N ARG S 46 -13.74 -8.56 17.64
CA ARG S 46 -13.20 -9.48 18.64
C ARG S 46 -11.69 -9.54 18.56
N ALA S 47 -11.08 -10.00 19.66
CA ALA S 47 -9.63 -10.06 19.77
C ALA S 47 -9.09 -11.29 19.07
N VAL S 48 -7.94 -11.14 18.43
CA VAL S 48 -7.29 -12.22 17.67
C VAL S 48 -6.00 -12.59 18.39
N LEU S 49 -5.77 -13.89 18.53
CA LEU S 49 -4.55 -14.37 19.16
C LEU S 49 -3.45 -14.49 18.12
N GLN S 50 -2.34 -13.78 18.34
CA GLN S 50 -1.19 -13.83 17.46
C GLN S 50 -0.54 -15.21 17.55
N PRO S 51 0.34 -15.55 16.60
CA PRO S 51 1.04 -16.84 16.70
C PRO S 51 1.89 -16.98 17.96
N ASP S 52 2.38 -15.87 18.51
CA ASP S 52 3.30 -15.91 19.64
C ASP S 52 2.65 -15.52 20.95
N GLU S 53 1.32 -15.55 21.03
CA GLU S 53 0.60 -15.24 22.26
C GLU S 53 -0.13 -16.47 22.77
N ASP S 54 -0.34 -16.52 24.08
CA ASP S 54 -1.14 -17.57 24.70
C ASP S 54 -1.52 -17.13 26.11
N VAL S 55 -1.94 -18.08 26.95
CA VAL S 55 -2.34 -17.77 28.32
C VAL S 55 -1.13 -17.28 29.11
N ILE S 56 -0.01 -17.97 28.99
CA ILE S 56 1.21 -17.57 29.71
C ILE S 56 1.68 -16.20 29.25
N THR S 57 1.69 -15.99 27.93
CA THR S 57 2.10 -14.70 27.38
C THR S 57 1.22 -13.58 27.94
N LEU S 58 -0.09 -13.74 27.85
CA LEU S 58 -1.01 -12.74 28.39
C LEU S 58 -0.95 -12.69 29.92
N GLY S 59 -0.82 -13.85 30.56
CA GLY S 59 -0.82 -13.89 32.01
C GLY S 59 0.35 -13.15 32.62
N VAL S 60 1.56 -13.43 32.13
CA VAL S 60 2.75 -12.79 32.70
C VAL S 60 2.74 -11.29 32.40
N LEU S 61 2.08 -10.87 31.33
CA LEU S 61 1.98 -9.45 31.03
C LEU S 61 1.08 -8.73 32.02
N ALA S 62 -0.04 -9.36 32.38
CA ALA S 62 -0.91 -8.76 33.40
C ALA S 62 -0.25 -8.82 34.77
N ALA S 63 0.47 -9.91 35.06
CA ALA S 63 1.10 -10.05 36.37
C ALA S 63 2.25 -9.05 36.54
N GLN S 64 3.11 -8.94 35.54
CA GLN S 64 4.23 -8.01 35.63
C GLN S 64 3.75 -6.58 35.77
N ARG S 65 2.68 -6.22 35.05
CA ARG S 65 2.12 -4.87 35.18
C ARG S 65 1.55 -4.63 36.57
N ALA S 66 0.93 -5.66 37.16
CA ALA S 66 0.40 -5.53 38.52
C ALA S 66 1.53 -5.43 39.53
N LEU S 67 2.60 -6.22 39.34
CA LEU S 67 3.74 -6.15 40.24
C LEU S 67 4.55 -4.88 40.07
N ASP S 68 4.48 -4.25 38.88
CA ASP S 68 5.23 -3.02 38.64
C ASP S 68 4.78 -1.88 39.56
N LYS S 69 3.56 -1.92 40.06
CA LYS S 69 3.12 -0.91 41.03
C LYS S 69 3.76 -1.11 42.39
N VAL S 70 4.19 -2.32 42.71
CA VAL S 70 4.83 -2.60 44.00
C VAL S 70 6.27 -3.02 43.72
N PRO S 71 7.21 -2.09 43.68
CA PRO S 71 8.60 -2.47 43.38
C PRO S 71 9.22 -3.30 44.50
N GLY S 72 10.04 -4.27 44.11
CA GLY S 72 10.76 -5.09 45.05
C GLY S 72 9.93 -6.13 45.78
N HIS S 73 8.69 -6.36 45.35
CA HIS S 73 7.82 -7.30 46.02
C HIS S 73 8.27 -8.74 45.78
N GLN S 74 8.34 -9.52 46.85
CA GLN S 74 8.63 -10.94 46.76
C GLN S 74 7.33 -11.73 46.78
N ILE S 75 7.14 -12.59 45.79
CA ILE S 75 5.88 -13.31 45.63
C ILE S 75 5.78 -14.43 46.65
N GLU S 76 4.67 -14.45 47.40
CA GLU S 76 4.43 -15.46 48.40
C GLU S 76 3.50 -16.58 47.93
N ALA S 77 2.69 -16.33 46.91
CA ALA S 77 1.76 -17.32 46.39
C ALA S 77 1.22 -16.83 45.05
N LEU S 78 1.11 -17.76 44.10
CA LEU S 78 0.68 -17.42 42.75
C LEU S 78 -0.25 -18.52 42.25
N TYR S 79 -1.48 -18.15 41.92
CA TYR S 79 -2.49 -19.08 41.41
C TYR S 79 -3.01 -18.57 40.08
N LEU S 80 -2.90 -19.37 39.04
CA LEU S 80 -3.36 -19.01 37.71
C LEU S 80 -4.71 -19.65 37.45
N GLY S 81 -5.71 -18.84 37.11
CA GLY S 81 -7.05 -19.35 36.84
C GLY S 81 -7.41 -19.31 35.38
N THR S 82 -7.45 -20.47 34.74
CA THR S 82 -7.74 -20.54 33.31
C THR S 82 -8.34 -21.90 32.98
N CYS S 83 -9.22 -21.91 31.98
CA CYS S 83 -9.75 -23.14 31.41
C CYS S 83 -9.19 -23.44 30.03
N THR S 84 -8.41 -22.52 29.44
CA THR S 84 -7.68 -22.77 28.21
C THR S 84 -6.20 -22.88 28.52
N ASN S 85 -5.86 -23.82 29.39
CA ASN S 85 -4.49 -23.94 29.90
C ASN S 85 -3.58 -24.51 28.81
N PRO S 86 -2.41 -23.91 28.58
CA PRO S 86 -1.46 -24.47 27.60
C PRO S 86 -0.91 -25.84 27.97
N TYR S 87 -0.89 -26.20 29.25
CA TYR S 87 -0.41 -27.50 29.70
C TYR S 87 -1.53 -28.19 30.46
N ASP S 88 -1.93 -29.37 29.99
CA ASP S 88 -2.99 -30.10 30.66
C ASP S 88 -2.48 -30.79 31.93
N SER S 89 -1.26 -31.34 31.88
CA SER S 89 -0.56 -31.79 33.07
C SER S 89 0.64 -30.89 33.29
N ARG S 90 0.95 -30.65 34.57
CA ARG S 90 1.90 -29.67 35.09
C ARG S 90 1.24 -28.30 35.10
N ALA S 91 1.75 -27.38 35.90
CA ALA S 91 1.12 -26.09 36.12
C ALA S 91 1.81 -24.99 35.33
N SER S 92 1.02 -24.22 34.57
CA SER S 92 1.53 -23.04 33.89
C SER S 92 1.89 -21.92 34.88
N ALA S 93 1.17 -21.83 36.01
CA ALA S 93 1.51 -20.85 37.02
C ALA S 93 2.95 -21.01 37.50
N SER S 94 3.49 -22.23 37.46
CA SER S 94 4.89 -22.44 37.76
C SER S 94 5.78 -21.72 36.76
N ILE S 95 5.37 -21.69 35.49
CA ILE S 95 6.16 -20.99 34.47
C ILE S 95 6.09 -19.49 34.69
N ILE S 96 4.90 -18.97 34.99
CA ILE S 96 4.75 -17.53 35.19
C ILE S 96 5.55 -17.08 36.40
N LEU S 97 5.64 -17.94 37.43
CA LEU S 97 6.44 -17.61 38.59
C LEU S 97 7.90 -17.43 38.24
N GLU S 98 8.43 -18.28 37.35
CA GLU S 98 9.83 -18.16 36.94
C GLU S 98 10.07 -16.87 36.17
N MET S 99 9.10 -16.46 35.33
CA MET S 99 9.29 -15.25 34.54
C MET S 99 9.29 -14.01 35.43
N LEU S 100 8.45 -13.99 36.47
CA LEU S 100 8.40 -12.83 37.34
C LEU S 100 9.67 -12.70 38.18
N GLY S 101 10.29 -13.82 38.53
CA GLY S 101 11.58 -13.80 39.22
C GLY S 101 11.54 -13.09 40.55
N SER S 102 10.38 -13.02 41.19
CA SER S 102 10.24 -12.39 42.49
C SER S 102 10.23 -13.41 43.63
N GLY S 103 10.67 -14.63 43.37
CA GLY S 103 10.72 -15.66 44.40
C GLY S 103 10.34 -17.03 43.88
N TYR S 104 11.04 -18.05 44.36
CA TYR S 104 10.75 -19.43 43.97
C TYR S 104 9.86 -20.16 44.94
N ASP S 105 9.98 -19.89 46.24
CA ASP S 105 9.17 -20.58 47.25
C ASP S 105 7.84 -19.84 47.43
N ALA S 106 6.77 -20.43 46.89
CA ALA S 106 5.44 -19.83 46.97
C ALA S 106 4.39 -20.90 46.70
N TYR S 107 3.21 -20.70 47.28
CA TYR S 107 2.09 -21.56 46.96
C TYR S 107 1.71 -21.38 45.49
N CYS S 108 1.83 -22.45 44.71
CA CYS S 108 1.62 -22.37 43.28
C CYS S 108 0.74 -23.53 42.82
N ALA S 109 -0.26 -23.24 42.00
CA ALA S 109 -1.11 -24.25 41.41
C ALA S 109 -1.95 -23.61 40.30
N ASP S 110 -2.59 -24.45 39.51
CA ASP S 110 -3.48 -24.01 38.44
C ASP S 110 -4.92 -24.33 38.84
N VAL S 111 -5.76 -23.30 38.87
CA VAL S 111 -7.16 -23.43 39.26
C VAL S 111 -8.00 -23.29 38.00
N GLN S 112 -8.98 -24.17 37.85
CA GLN S 112 -9.78 -24.21 36.64
C GLN S 112 -11.24 -24.46 36.97
N PHE S 113 -12.10 -23.52 36.59
CA PHE S 113 -13.54 -23.74 36.61
C PHE S 113 -14.18 -22.85 35.54
N ALA S 114 -13.96 -23.17 34.27
CA ALA S 114 -14.60 -22.47 33.12
C ALA S 114 -14.35 -20.96 33.28
N GLY S 115 -15.38 -20.11 33.15
CA GLY S 115 -15.19 -18.67 33.21
C GLY S 115 -15.04 -18.08 34.59
N LYS S 116 -15.32 -18.85 35.64
CA LYS S 116 -15.18 -18.37 37.01
C LYS S 116 -13.84 -18.77 37.63
N SER S 117 -12.91 -19.28 36.83
CA SER S 117 -11.59 -19.65 37.36
C SER S 117 -10.85 -18.45 37.92
N GLY S 118 -11.04 -17.27 37.34
CA GLY S 118 -10.32 -16.10 37.83
C GLY S 118 -10.70 -15.76 39.26
N THR S 119 -12.00 -15.72 39.54
CA THR S 119 -12.45 -15.38 40.89
C THR S 119 -12.19 -16.52 41.87
N SER S 120 -12.26 -17.77 41.41
CA SER S 120 -11.91 -18.89 42.27
C SER S 120 -10.46 -18.78 42.72
N ALA S 121 -9.56 -18.47 41.78
CA ALA S 121 -8.16 -18.24 42.15
C ALA S 121 -8.02 -16.98 43.01
N LEU S 122 -8.87 -15.98 42.77
CA LEU S 122 -8.84 -14.78 43.61
C LEU S 122 -9.24 -15.09 45.04
N GLN S 123 -10.22 -15.98 45.23
CA GLN S 123 -10.65 -16.35 46.58
C GLN S 123 -9.58 -17.15 47.29
N ILE S 124 -8.95 -18.09 46.59
CA ILE S 124 -7.88 -18.89 47.18
C ILE S 124 -6.76 -17.98 47.69
N CYS S 125 -6.47 -16.90 46.97
CA CYS S 125 -5.47 -15.95 47.42
C CYS S 125 -5.91 -15.24 48.69
N GLN S 126 -7.18 -14.85 48.76
CA GLN S 126 -7.69 -14.19 49.95
C GLN S 126 -7.58 -15.11 51.17
N ALA S 127 -8.00 -16.35 51.03
CA ALA S 127 -7.92 -17.30 52.14
C ALA S 127 -6.48 -17.45 52.64
N LEU S 128 -5.51 -17.42 51.72
CA LEU S 128 -4.12 -17.49 52.12
C LEU S 128 -3.71 -16.27 52.94
N VAL S 129 -4.11 -15.08 52.49
CA VAL S 129 -3.75 -13.86 53.22
C VAL S 129 -4.54 -13.76 54.52
N ALA S 130 -5.84 -14.02 54.46
CA ALA S 130 -6.69 -13.90 55.65
C ALA S 130 -6.30 -14.92 56.71
N SER S 131 -6.00 -16.15 56.30
CA SER S 131 -5.54 -17.17 57.24
C SER S 131 -4.09 -16.98 57.65
N GLY S 132 -3.43 -15.92 57.18
CA GLY S 132 -2.07 -15.66 57.57
C GLY S 132 -1.05 -16.65 57.06
N MET S 133 -1.45 -17.56 56.16
CA MET S 133 -0.49 -18.50 55.59
C MET S 133 0.53 -17.79 54.70
N THR S 134 0.12 -16.69 54.07
CA THR S 134 1.03 -15.80 53.35
C THR S 134 0.72 -14.37 53.74
N GLY S 135 1.68 -13.49 53.47
CA GLY S 135 1.49 -12.07 53.69
C GLY S 135 0.84 -11.40 52.49
N SER S 136 1.01 -12.01 51.32
CA SER S 136 0.40 -11.53 50.10
C SER S 136 0.20 -12.70 49.16
N ALA S 137 -0.56 -12.47 48.08
CA ALA S 137 -0.82 -13.51 47.11
C ALA S 137 -1.21 -12.86 45.79
N LEU S 138 -0.82 -13.51 44.69
CA LEU S 138 -1.07 -13.03 43.34
C LEU S 138 -2.06 -13.95 42.66
N ALA S 139 -3.19 -13.37 42.21
CA ALA S 139 -4.23 -14.09 41.50
C ALA S 139 -4.23 -13.64 40.04
N ILE S 140 -4.27 -14.61 39.12
CA ILE S 140 -4.27 -14.33 37.69
C ILE S 140 -5.42 -15.09 37.05
N GLY S 141 -6.33 -14.34 36.41
CA GLY S 141 -7.38 -14.94 35.61
C GLY S 141 -7.15 -14.63 34.15
N ALA S 142 -6.97 -15.65 33.33
CA ALA S 142 -6.68 -15.50 31.92
C ALA S 142 -7.39 -16.58 31.12
N ASP S 143 -7.59 -16.31 29.83
CA ASP S 143 -8.23 -17.28 28.94
C ASP S 143 -7.99 -16.85 27.49
N THR S 144 -7.89 -17.86 26.63
CA THR S 144 -7.81 -17.67 25.18
C THR S 144 -9.01 -18.37 24.55
N ILE S 145 -10.20 -17.80 24.75
CA ILE S 145 -11.42 -18.40 24.21
C ILE S 145 -11.35 -18.46 22.69
N ASN S 146 -10.83 -17.41 22.05
CA ASN S 146 -10.76 -17.38 20.60
C ASN S 146 -9.93 -18.53 20.06
N ARG S 147 -8.86 -18.90 20.76
CA ARG S 147 -8.04 -20.03 20.32
C ARG S 147 -8.81 -21.33 20.41
N ASN S 148 -9.64 -21.50 21.43
CA ASN S 148 -10.32 -22.76 21.69
C ASN S 148 -11.78 -22.73 21.27
N THR S 149 -12.12 -21.93 20.26
CA THR S 149 -13.45 -21.93 19.65
C THR S 149 -13.30 -22.37 18.20
N ALA S 150 -14.14 -23.33 17.78
CA ALA S 150 -14.00 -23.89 16.46
C ALA S 150 -14.44 -22.89 15.39
N PRO S 151 -13.82 -22.93 14.20
CA PRO S 151 -14.33 -22.13 13.09
C PRO S 151 -15.73 -22.61 12.69
N GLY S 152 -16.57 -21.64 12.32
CA GLY S 152 -17.95 -21.94 12.01
C GLY S 152 -18.85 -22.07 13.22
N ASP S 153 -18.30 -22.08 14.43
CA ASP S 153 -19.11 -22.07 15.63
C ASP S 153 -19.95 -20.80 15.67
N LEU S 154 -21.16 -20.92 16.25
CA LEU S 154 -22.04 -19.76 16.34
C LEU S 154 -21.42 -18.65 17.18
N THR S 155 -20.65 -19.00 18.19
CA THR S 155 -20.03 -18.03 19.08
C THR S 155 -18.65 -17.59 18.61
N GLU S 156 -18.25 -17.96 17.39
CA GLU S 156 -16.90 -17.65 16.93
C GLU S 156 -16.71 -16.15 16.76
N SER S 157 -17.72 -15.45 16.27
CA SER S 157 -17.56 -14.04 15.92
C SER S 157 -17.28 -13.15 17.13
N TYR S 158 -17.53 -13.62 18.36
CA TYR S 158 -17.30 -12.81 19.55
C TYR S 158 -16.45 -13.57 20.57
N ALA S 159 -15.61 -14.48 20.10
CA ALA S 159 -14.67 -15.19 20.96
C ALA S 159 -13.38 -14.38 21.06
N GLY S 160 -12.97 -14.05 22.28
CA GLY S 160 -11.77 -13.25 22.46
C GLY S 160 -10.76 -13.83 23.43
N ALA S 161 -9.86 -12.99 23.93
CA ALA S 161 -8.84 -13.44 24.87
C ALA S 161 -8.41 -12.26 25.73
N GLY S 162 -7.90 -12.56 26.91
CA GLY S 162 -7.45 -11.53 27.82
C GLY S 162 -6.96 -12.13 29.11
N ALA S 163 -6.22 -11.31 29.85
CA ALA S 163 -5.66 -11.71 31.13
C ALA S 163 -5.74 -10.56 32.12
N ALA S 164 -6.01 -10.89 33.37
CA ALA S 164 -6.07 -9.90 34.44
C ALA S 164 -5.40 -10.49 35.67
N ALA S 165 -4.71 -9.64 36.42
CA ALA S 165 -3.96 -10.05 37.61
C ALA S 165 -4.27 -9.13 38.77
N LEU S 166 -4.47 -9.73 39.94
CA LEU S 166 -4.77 -9.01 41.17
C LEU S 166 -3.78 -9.41 42.25
N LEU S 167 -3.28 -8.42 43.00
CA LEU S 167 -2.38 -8.64 44.12
C LEU S 167 -3.16 -8.43 45.41
N ILE S 168 -3.17 -9.45 46.27
CA ILE S 168 -3.91 -9.43 47.53
C ILE S 168 -2.93 -9.22 48.67
N GLY S 169 -3.23 -8.27 49.54
CA GLY S 169 -2.37 -7.97 50.66
C GLY S 169 -3.08 -7.14 51.69
N SER S 170 -2.35 -6.78 52.75
CA SER S 170 -2.90 -6.00 53.86
C SER S 170 -2.24 -4.64 54.01
N GLN S 171 -1.38 -4.25 53.07
CA GLN S 171 -0.68 -2.98 53.13
C GLN S 171 -0.99 -2.17 51.88
N ASP S 172 -1.42 -0.92 52.07
CA ASP S 172 -1.76 -0.01 50.98
C ASP S 172 -2.86 -0.61 50.09
N VAL S 173 -3.91 -1.11 50.73
CA VAL S 173 -5.02 -1.71 50.01
C VAL S 173 -5.87 -0.62 49.37
N ILE S 174 -6.24 -0.83 48.11
CA ILE S 174 -7.12 0.10 47.42
C ILE S 174 -8.59 -0.35 47.44
N ALA S 175 -8.84 -1.64 47.67
CA ALA S 175 -10.20 -2.15 47.68
C ALA S 175 -10.28 -3.29 48.69
N GLU S 176 -11.10 -3.11 49.73
CA GLU S 176 -11.25 -4.11 50.77
C GLU S 176 -12.09 -5.29 50.27
N PHE S 177 -11.75 -6.47 50.76
CA PHE S 177 -12.51 -7.69 50.48
C PHE S 177 -13.37 -7.98 51.70
N ASP S 178 -14.66 -7.64 51.61
CA ASP S 178 -15.56 -7.76 52.75
C ASP S 178 -16.01 -9.20 52.96
N ALA S 179 -16.71 -9.77 51.97
CA ALA S 179 -17.19 -11.14 52.08
C ALA S 179 -17.38 -11.72 50.69
N SER S 180 -17.57 -13.04 50.65
CA SER S 180 -17.73 -13.75 49.40
C SER S 180 -18.63 -14.96 49.60
N PHE S 181 -19.20 -15.43 48.50
CA PHE S 181 -20.11 -16.56 48.52
C PHE S 181 -20.01 -17.30 47.19
N SER S 182 -20.04 -18.63 47.24
CA SER S 182 -19.87 -19.45 46.06
C SER S 182 -20.85 -20.61 46.08
N CYS S 183 -21.24 -21.05 44.88
CA CYS S 183 -22.09 -22.22 44.71
C CYS S 183 -21.68 -22.93 43.43
N ALA S 184 -22.13 -24.17 43.30
CA ALA S 184 -21.77 -24.97 42.13
C ALA S 184 -22.83 -26.06 41.95
N ALA S 185 -22.81 -26.66 40.76
CA ALA S 185 -23.75 -27.74 40.42
C ALA S 185 -23.26 -28.40 39.13
N ASP S 186 -23.91 -29.50 38.76
CA ASP S 186 -23.60 -30.21 37.52
C ASP S 186 -24.62 -29.77 36.48
N VAL S 187 -24.31 -28.69 35.78
CA VAL S 187 -25.15 -28.14 34.72
C VAL S 187 -24.26 -28.01 33.48
N ALA S 188 -24.28 -29.03 32.63
CA ALA S 188 -23.35 -29.13 31.50
C ALA S 188 -23.84 -28.30 30.31
N ASP S 189 -23.97 -26.99 30.52
CA ASP S 189 -24.38 -26.10 29.43
C ASP S 189 -23.26 -25.91 28.42
N ASN S 190 -22.01 -25.90 28.88
CA ASN S 190 -20.84 -25.94 28.01
C ASN S 190 -19.83 -26.91 28.60
N ILE S 191 -19.23 -27.72 27.74
CA ILE S 191 -18.31 -28.77 28.15
C ILE S 191 -17.14 -28.84 27.18
N ARG S 192 -15.97 -29.20 27.69
CA ARG S 192 -14.81 -29.50 26.85
C ARG S 192 -14.14 -30.75 27.42
N PRO S 193 -14.31 -31.90 26.77
CA PRO S 193 -13.70 -33.15 27.27
C PRO S 193 -12.19 -33.09 27.16
N GLN S 194 -11.55 -34.06 27.82
CA GLN S 194 -10.10 -34.14 27.76
C GLN S 194 -9.67 -34.53 26.36
N GLY S 195 -8.66 -33.85 25.83
CA GLY S 195 -8.19 -34.08 24.49
C GLY S 195 -8.89 -33.29 23.41
N ASP S 196 -10.03 -32.67 23.71
CA ASP S 196 -10.70 -31.80 22.75
C ASP S 196 -10.10 -30.41 22.80
N ARG S 197 -9.92 -29.79 21.63
CA ARG S 197 -9.41 -28.43 21.60
C ARG S 197 -10.53 -27.41 21.78
N TYR S 198 -11.71 -27.69 21.25
CA TYR S 198 -12.76 -26.69 21.10
C TYR S 198 -13.81 -26.86 22.19
N ILE S 199 -14.15 -25.74 22.85
CA ILE S 199 -15.24 -25.74 23.83
C ILE S 199 -16.55 -25.93 23.10
N ARG S 200 -17.46 -26.69 23.71
CA ARG S 200 -18.70 -27.09 23.06
C ARG S 200 -19.89 -26.70 23.92
N SER S 201 -21.04 -26.55 23.27
CA SER S 201 -22.27 -26.22 23.96
C SER S 201 -23.06 -27.49 24.25
N GLY S 202 -23.75 -27.50 25.39
CA GLY S 202 -24.57 -28.63 25.75
C GLY S 202 -25.97 -28.62 25.17
N MET S 203 -26.36 -27.51 24.57
CA MET S 203 -27.70 -27.33 24.01
C MET S 203 -27.68 -26.08 23.14
N GLY S 204 -28.78 -25.86 22.43
CA GLY S 204 -28.84 -24.70 21.55
C GLY S 204 -28.75 -23.40 22.34
N LEU S 205 -28.07 -22.42 21.76
CA LEU S 205 -27.98 -21.11 22.37
C LEU S 205 -29.35 -20.46 22.42
N GLY S 206 -29.61 -19.72 23.48
CA GLY S 206 -30.88 -19.03 23.62
C GLY S 206 -31.16 -18.70 25.08
N SER S 207 -32.35 -18.12 25.28
CA SER S 207 -32.76 -17.72 26.63
C SER S 207 -32.94 -18.92 27.55
N ASP S 208 -33.30 -20.07 26.99
CA ASP S 208 -33.49 -21.26 27.83
C ASP S 208 -32.16 -21.76 28.40
N LYS S 209 -31.10 -21.74 27.60
CA LYS S 209 -29.79 -22.15 28.08
C LYS S 209 -29.26 -21.18 29.13
N ASN S 210 -29.59 -19.89 29.01
CA ASN S 210 -29.14 -18.91 30.00
C ASN S 210 -29.84 -19.14 31.34
N SER S 211 -31.12 -19.53 31.32
CA SER S 211 -31.89 -19.66 32.55
C SER S 211 -31.37 -20.80 33.41
N ILE S 212 -31.01 -21.93 32.80
CA ILE S 212 -30.56 -23.08 33.58
C ILE S 212 -29.13 -22.94 34.06
N GLY S 213 -28.34 -22.08 33.44
CA GLY S 213 -26.93 -21.99 33.79
C GLY S 213 -26.51 -20.62 34.26
N LEU S 214 -26.38 -19.67 33.32
CA LEU S 214 -25.89 -18.34 33.67
C LEU S 214 -26.80 -17.67 34.69
N GLU S 215 -28.11 -17.70 34.45
CA GLU S 215 -29.03 -16.98 35.33
C GLU S 215 -29.15 -17.66 36.69
N ASP S 216 -29.20 -18.99 36.70
CA ASP S 216 -29.43 -19.72 37.95
C ASP S 216 -28.27 -19.54 38.92
N GLN S 217 -27.07 -19.94 38.51
CA GLN S 217 -25.93 -19.93 39.42
C GLN S 217 -25.54 -18.52 39.81
N THR S 218 -25.59 -17.57 38.86
CA THR S 218 -25.26 -16.19 39.17
C THR S 218 -26.21 -15.60 40.21
N ARG S 219 -27.51 -15.89 40.07
CA ARG S 219 -28.48 -15.38 41.05
C ARG S 219 -28.25 -16.00 42.41
N ARG S 220 -28.00 -17.32 42.45
CA ARG S 220 -27.78 -18.00 43.72
C ARG S 220 -26.57 -17.42 44.45
N ALA S 221 -25.48 -17.15 43.73
CA ALA S 221 -24.30 -16.58 44.35
C ALA S 221 -24.56 -15.17 44.84
N ALA S 222 -25.19 -14.34 44.01
CA ALA S 222 -25.46 -12.96 44.38
C ALA S 222 -26.40 -12.89 45.58
N GLU S 223 -27.54 -13.58 45.50
CA GLU S 223 -28.51 -13.55 46.59
C GLU S 223 -27.94 -14.19 47.85
N GLY S 224 -27.14 -15.25 47.69
CA GLY S 224 -26.49 -15.86 48.85
C GLY S 224 -25.54 -14.91 49.55
N LEU S 225 -24.76 -14.15 48.77
CA LEU S 225 -23.82 -13.20 49.36
C LEU S 225 -24.55 -12.03 50.00
N MET S 226 -25.57 -11.50 49.31
CA MET S 226 -26.28 -10.34 49.84
C MET S 226 -27.05 -10.68 51.11
N ALA S 227 -27.62 -11.89 51.18
CA ALA S 227 -28.27 -12.32 52.41
C ALA S 227 -27.27 -12.43 53.55
N LYS S 228 -26.01 -12.78 53.23
CA LYS S 228 -24.98 -12.87 54.26
C LYS S 228 -24.62 -11.51 54.84
N LEU S 229 -24.75 -10.45 54.04
CA LEU S 229 -24.35 -9.11 54.44
C LEU S 229 -25.50 -8.20 54.80
N HIS S 230 -26.74 -8.70 54.76
CA HIS S 230 -27.93 -7.88 54.99
C HIS S 230 -27.98 -6.71 54.02
N THR S 231 -27.73 -6.99 52.75
CA THR S 231 -27.65 -5.96 51.72
C THR S 231 -28.59 -6.28 50.57
N SER S 232 -29.00 -5.23 49.87
CA SER S 232 -29.89 -5.32 48.71
C SER S 232 -29.18 -4.70 47.52
N PRO S 233 -29.67 -4.89 46.29
CA PRO S 233 -29.00 -4.31 45.12
C PRO S 233 -28.77 -2.80 45.21
N ALA S 234 -29.63 -2.06 45.91
CA ALA S 234 -29.50 -0.62 45.98
C ALA S 234 -28.31 -0.17 46.82
N ASP S 235 -27.70 -1.05 47.62
CA ASP S 235 -26.58 -0.66 48.46
C ASP S 235 -25.25 -0.61 47.71
N TYR S 236 -25.18 -1.19 46.52
CA TYR S 236 -23.92 -1.32 45.79
C TYR S 236 -23.85 -0.30 44.68
N ASP S 237 -22.73 0.41 44.61
CA ASP S 237 -22.55 1.47 43.62
C ASP S 237 -22.25 0.90 42.23
N TYR S 238 -21.44 -0.15 42.18
CA TYR S 238 -21.13 -0.83 40.93
C TYR S 238 -21.42 -2.30 41.09
N VAL S 239 -21.83 -2.94 40.00
CA VAL S 239 -22.00 -4.38 39.94
C VAL S 239 -21.25 -4.92 38.73
N VAL S 240 -20.51 -6.00 38.92
CA VAL S 240 -19.66 -6.58 37.89
C VAL S 240 -20.06 -8.04 37.70
N PHE S 241 -20.43 -8.40 36.47
CA PHE S 241 -20.81 -9.76 36.13
C PHE S 241 -19.80 -10.37 35.17
N GLN S 242 -20.00 -11.64 34.85
CA GLN S 242 -19.33 -12.26 33.72
C GLN S 242 -19.69 -11.48 32.46
N GLN S 243 -18.72 -11.28 31.59
CA GLN S 243 -18.89 -10.43 30.41
C GLN S 243 -18.34 -11.14 29.18
N ASN S 244 -18.98 -12.25 28.82
CA ASN S 244 -18.73 -12.85 27.51
C ASN S 244 -19.21 -11.93 26.39
N LEU S 245 -20.30 -11.20 26.66
CA LEU S 245 -20.82 -10.19 25.75
C LEU S 245 -21.14 -8.94 26.55
N VAL S 246 -21.26 -7.81 25.86
CA VAL S 246 -21.65 -6.58 26.53
C VAL S 246 -23.06 -6.72 27.10
N SER S 247 -23.89 -7.55 26.47
CA SER S 247 -25.29 -7.68 26.88
C SER S 247 -25.42 -8.48 28.18
N THR S 248 -24.48 -9.37 28.45
CA THR S 248 -24.62 -10.25 29.62
C THR S 248 -24.69 -9.48 30.94
N PRO S 249 -23.81 -8.52 31.22
CA PRO S 249 -23.97 -7.78 32.50
C PRO S 249 -25.26 -6.98 32.57
N TYR S 250 -25.73 -6.44 31.45
CA TYR S 250 -27.00 -5.72 31.46
C TYR S 250 -28.16 -6.68 31.68
N SER S 251 -28.16 -7.79 30.94
CA SER S 251 -29.25 -8.76 31.06
C SER S 251 -29.34 -9.34 32.47
N LEU S 252 -28.20 -9.66 33.06
CA LEU S 252 -28.21 -10.17 34.43
C LEU S 252 -28.67 -9.12 35.41
N ALA S 253 -28.33 -7.85 35.15
CA ALA S 253 -28.72 -6.77 36.06
C ALA S 253 -30.24 -6.59 36.07
N LYS S 254 -30.85 -6.55 34.89
CA LYS S 254 -32.30 -6.40 34.81
C LYS S 254 -33.01 -7.54 35.53
N HIS S 255 -32.41 -8.73 35.53
N HIS S 255 -32.39 -8.72 35.56
CA HIS S 255 -33.02 -9.86 36.23
CA HIS S 255 -33.02 -9.88 36.21
C HIS S 255 -32.88 -9.70 37.73
C HIS S 255 -32.75 -9.93 37.70
N LEU S 256 -31.71 -9.26 38.20
CA LEU S 256 -31.38 -9.27 39.61
C LEU S 256 -31.78 -7.98 40.34
N GLY S 257 -32.31 -6.98 39.63
CA GLY S 257 -32.75 -5.76 40.26
C GLY S 257 -31.73 -4.65 40.30
N PHE S 258 -30.70 -4.70 39.45
CA PHE S 258 -29.73 -3.62 39.35
C PHE S 258 -30.07 -2.72 38.17
N ASN S 259 -29.97 -1.41 38.38
CA ASN S 259 -30.24 -0.46 37.34
C ASN S 259 -29.08 -0.42 36.35
N PRO S 260 -29.30 0.11 35.14
CA PRO S 260 -28.21 0.10 34.14
C PRO S 260 -26.99 0.91 34.55
N LYS S 261 -27.17 1.95 35.37
CA LYS S 261 -26.02 2.79 35.74
C LYS S 261 -25.00 2.03 36.58
N GLN S 262 -25.43 1.01 37.33
CA GLN S 262 -24.51 0.22 38.12
C GLN S 262 -23.67 -0.72 37.26
N VAL S 263 -24.07 -0.95 36.02
CA VAL S 263 -23.38 -1.89 35.14
C VAL S 263 -22.42 -1.21 34.19
N GLU S 264 -22.83 -0.07 33.64
CA GLU S 264 -22.06 0.61 32.60
C GLU S 264 -20.59 0.84 32.93
N PRO S 265 -20.20 1.21 34.16
CA PRO S 265 -18.76 1.43 34.42
C PRO S 265 -17.89 0.21 34.17
N GLY S 266 -18.38 -1.00 34.41
CA GLY S 266 -17.55 -2.17 34.26
C GLY S 266 -17.45 -2.74 32.86
N ILE S 267 -18.19 -2.20 31.90
CA ILE S 267 -18.28 -2.82 30.59
C ILE S 267 -17.10 -2.39 29.72
N TYR S 268 -16.46 -3.38 29.09
CA TYR S 268 -15.27 -3.16 28.27
C TYR S 268 -15.27 -3.96 26.97
N ALA S 269 -16.08 -5.02 26.87
CA ALA S 269 -15.93 -6.05 25.85
C ALA S 269 -16.58 -5.70 24.52
N GLY S 270 -16.87 -4.43 24.27
CA GLY S 270 -17.42 -4.04 22.98
C GLY S 270 -16.51 -4.40 21.83
N ASN S 271 -15.20 -4.30 22.03
CA ASN S 271 -14.22 -4.57 20.98
C ASN S 271 -13.24 -5.68 21.37
N VAL S 272 -13.56 -6.47 22.40
CA VAL S 272 -12.71 -7.56 22.85
C VAL S 272 -13.41 -8.91 22.70
N GLY S 273 -14.68 -8.98 23.04
CA GLY S 273 -15.40 -10.24 22.99
C GLY S 273 -15.30 -11.00 24.31
N ASP S 274 -15.55 -12.31 24.21
CA ASP S 274 -15.54 -13.17 25.39
C ASP S 274 -14.10 -13.41 25.83
N ALA S 275 -13.74 -12.84 26.98
CA ALA S 275 -12.39 -12.96 27.51
C ALA S 275 -12.22 -14.14 28.47
N GLY S 276 -13.24 -14.99 28.61
CA GLY S 276 -13.10 -16.17 29.43
C GLY S 276 -13.03 -15.85 30.92
N SER S 277 -12.07 -16.47 31.61
CA SER S 277 -11.93 -16.30 33.06
C SER S 277 -11.57 -14.87 33.43
N ALA S 278 -11.03 -14.08 32.50
CA ALA S 278 -10.65 -12.70 32.76
C ALA S 278 -11.81 -11.71 32.63
N SER S 279 -12.94 -12.13 32.09
CA SER S 279 -14.05 -11.21 31.90
C SER S 279 -14.59 -10.61 33.21
N PRO S 280 -14.72 -11.35 34.32
CA PRO S 280 -15.17 -10.67 35.54
C PRO S 280 -14.11 -9.77 36.16
N LEU S 281 -12.84 -10.19 36.12
CA LEU S 281 -11.79 -9.39 36.74
C LEU S 281 -11.54 -8.12 35.94
N LEU S 282 -11.55 -8.21 34.60
CA LEU S 282 -11.33 -7.02 33.79
C LEU S 282 -12.45 -6.00 33.97
N GLY S 283 -13.67 -6.46 34.21
CA GLY S 283 -14.74 -5.54 34.54
C GLY S 283 -14.48 -4.85 35.87
N LEU S 284 -13.93 -5.57 36.85
CA LEU S 284 -13.57 -4.96 38.12
C LEU S 284 -12.43 -3.97 37.95
N ILE S 285 -11.49 -4.24 37.04
CA ILE S 285 -10.39 -3.30 36.79
C ILE S 285 -10.94 -2.00 36.21
N ASN S 286 -11.87 -2.10 35.27
CA ASN S 286 -12.46 -0.89 34.68
C ASN S 286 -13.23 -0.10 35.73
N VAL S 287 -13.84 -0.78 36.71
CA VAL S 287 -14.53 -0.08 37.79
C VAL S 287 -13.53 0.58 38.72
N LEU S 288 -12.54 -0.18 39.18
CA LEU S 288 -11.55 0.35 40.11
C LEU S 288 -10.77 1.53 39.53
N ASP S 289 -10.75 1.68 38.21
CA ASP S 289 -9.96 2.75 37.60
C ASP S 289 -10.52 4.13 37.91
N GLN S 290 -11.83 4.26 38.13
CA GLN S 290 -12.43 5.56 38.31
C GLN S 290 -13.35 5.64 39.53
N ALA S 291 -13.34 4.63 40.40
CA ALA S 291 -14.19 4.68 41.58
C ALA S 291 -13.65 5.67 42.60
N ARG S 292 -14.56 6.22 43.39
CA ARG S 292 -14.22 7.10 44.50
C ARG S 292 -14.05 6.29 45.78
N PRO S 293 -13.40 6.86 46.81
CA PRO S 293 -13.31 6.14 48.08
C PRO S 293 -14.66 5.89 48.70
N GLY S 294 -14.78 4.75 49.39
CA GLY S 294 -16.00 4.38 50.09
C GLY S 294 -17.03 3.66 49.25
N GLN S 295 -16.89 3.65 47.94
CA GLN S 295 -17.90 3.03 47.08
C GLN S 295 -17.80 1.51 47.15
N LYS S 296 -18.96 0.86 47.03
CA LYS S 296 -19.06 -0.59 47.16
C LYS S 296 -19.21 -1.25 45.80
N ILE S 297 -18.54 -2.39 45.62
CA ILE S 297 -18.55 -3.14 44.37
C ILE S 297 -19.05 -4.55 44.66
N LEU S 298 -19.94 -5.04 43.81
CA LEU S 298 -20.42 -6.41 43.88
C LEU S 298 -20.06 -7.13 42.58
N LEU S 299 -19.22 -8.15 42.69
CA LEU S 299 -18.79 -8.93 41.54
C LEU S 299 -19.30 -10.36 41.65
N VAL S 300 -19.95 -10.84 40.59
CA VAL S 300 -20.45 -12.20 40.51
C VAL S 300 -20.01 -12.78 39.16
N SER S 301 -19.14 -13.77 39.19
CA SER S 301 -18.61 -14.40 37.99
C SER S 301 -19.28 -15.75 37.75
N TYR S 302 -19.51 -16.08 36.48
CA TYR S 302 -20.18 -17.30 36.09
C TYR S 302 -19.24 -18.18 35.28
N GLY S 303 -19.04 -19.41 35.75
CA GLY S 303 -18.31 -20.41 35.00
C GLY S 303 -19.26 -21.56 34.65
N PHE S 304 -19.21 -21.99 33.40
CA PHE S 304 -20.14 -23.01 32.92
C PHE S 304 -19.79 -24.39 33.48
N GLY S 305 -20.69 -25.36 33.27
CA GLY S 305 -20.53 -26.65 33.91
C GLY S 305 -20.70 -26.29 35.37
N ALA S 306 -21.84 -25.65 35.61
CA ALA S 306 -21.90 -24.33 36.21
C ALA S 306 -21.67 -24.27 37.72
N GLY S 307 -21.10 -23.14 38.12
CA GLY S 307 -21.05 -22.56 39.45
C GLY S 307 -20.80 -21.07 39.29
N SER S 308 -21.05 -20.34 40.37
CA SER S 308 -20.83 -18.91 40.36
C SER S 308 -20.13 -18.48 41.63
N ASP S 309 -19.45 -17.34 41.54
CA ASP S 309 -18.61 -16.84 42.61
C ASP S 309 -18.94 -15.37 42.83
N ALA S 310 -19.41 -15.04 44.04
CA ALA S 310 -19.86 -13.70 44.39
C ALA S 310 -18.89 -13.07 45.39
N ILE S 311 -18.50 -11.82 45.14
CA ILE S 311 -17.55 -11.10 45.98
C ILE S 311 -18.05 -9.67 46.16
N ALA S 312 -17.98 -9.18 47.40
CA ALA S 312 -18.34 -7.81 47.75
C ALA S 312 -17.10 -7.03 48.15
N LEU S 313 -16.92 -5.86 47.56
CA LEU S 313 -15.71 -5.06 47.76
C LEU S 313 -16.07 -3.65 48.19
N THR S 314 -15.18 -3.06 49.00
CA THR S 314 -15.25 -1.65 49.38
C THR S 314 -13.93 -0.99 48.99
N VAL S 315 -14.01 0.15 48.33
CA VAL S 315 -12.83 0.87 47.87
C VAL S 315 -12.33 1.75 49.00
N THR S 316 -11.04 1.63 49.31
CA THR S 316 -10.46 2.43 50.38
C THR S 316 -10.05 3.80 49.85
N ASP S 317 -9.61 4.65 50.78
CA ASP S 317 -9.18 6.00 50.41
C ASP S 317 -7.87 6.01 49.64
N ALA S 318 -7.11 4.92 49.71
CA ALA S 318 -5.84 4.83 49.01
C ALA S 318 -6.01 4.76 47.49
N ILE S 319 -7.24 4.60 46.99
CA ILE S 319 -7.46 4.47 45.56
C ILE S 319 -7.12 5.77 44.83
N GLU S 320 -7.18 6.90 45.53
CA GLU S 320 -6.90 8.18 44.88
C GLU S 320 -5.42 8.30 44.54
N GLN S 321 -4.55 7.97 45.50
CA GLN S 321 -3.11 8.00 45.23
C GLN S 321 -2.72 6.96 44.20
N TYR S 322 -3.38 5.80 44.22
CA TYR S 322 -3.13 4.77 43.21
C TYR S 322 -3.54 5.24 41.82
N GLN S 323 -4.67 5.97 41.73
CA GLN S 323 -5.17 6.42 40.43
C GLN S 323 -4.30 7.50 39.80
N LYS S 324 -3.45 8.18 40.58
CA LYS S 324 -2.76 9.35 40.06
C LYS S 324 -1.77 8.96 38.96
N HIS S 325 -1.15 7.79 39.08
CA HIS S 325 -0.17 7.31 38.10
C HIS S 325 -0.53 5.87 37.72
N ASN S 326 -1.64 5.72 37.00
CA ASN S 326 -2.11 4.42 36.52
C ASN S 326 -2.67 4.59 35.12
N LYS S 327 -2.39 3.62 34.25
CA LYS S 327 -2.96 3.62 32.91
C LYS S 327 -4.29 2.90 32.94
N PRO S 328 -5.41 3.58 32.65
CA PRO S 328 -6.72 2.91 32.71
C PRO S 328 -6.89 1.88 31.62
N LEU S 329 -7.70 0.86 31.92
CA LEU S 329 -7.98 -0.18 30.94
C LEU S 329 -8.60 0.41 29.67
N ARG S 330 -9.39 1.47 29.83
CA ARG S 330 -9.98 2.14 28.68
C ARG S 330 -8.93 2.57 27.69
N GLU S 331 -7.79 3.06 28.18
CA GLU S 331 -6.73 3.52 27.29
C GLU S 331 -5.97 2.33 26.68
N LEU S 332 -5.82 1.24 27.42
CA LEU S 332 -5.18 0.05 26.87
C LEU S 332 -5.98 -0.53 25.71
N LEU S 333 -7.31 -0.42 25.77
CA LEU S 333 -8.17 -1.01 24.75
C LEU S 333 -8.14 -0.25 23.43
N GLU S 334 -7.48 0.91 23.38
CA GLU S 334 -7.44 1.70 22.16
C GLU S 334 -6.38 1.19 21.19
N SER S 335 -5.33 0.55 21.69
CA SER S 335 -4.26 0.04 20.85
C SER S 335 -4.74 -1.24 20.17
N LYS S 336 -4.96 -1.17 18.85
CA LYS S 336 -5.51 -2.31 18.12
C LYS S 336 -4.94 -2.36 16.71
N ILE S 337 -4.78 -3.59 16.22
CA ILE S 337 -4.36 -3.85 14.84
C ILE S 337 -5.45 -4.70 14.18
N TYR S 338 -5.88 -4.31 13.00
CA TYR S 338 -7.00 -4.96 12.32
C TYR S 338 -6.49 -6.03 11.36
N VAL S 339 -7.17 -7.17 11.36
CA VAL S 339 -6.85 -8.28 10.45
C VAL S 339 -8.13 -8.72 9.76
N ASP S 340 -7.97 -9.41 8.64
CA ASP S 340 -9.08 -10.04 7.95
C ASP S 340 -9.27 -11.47 8.47
N TYR S 341 -10.34 -12.12 8.01
CA TYR S 341 -10.66 -13.45 8.50
C TYR S 341 -9.59 -14.46 8.11
N GLY S 342 -9.04 -14.34 6.91
CA GLY S 342 -8.02 -15.28 6.48
C GLY S 342 -6.78 -15.22 7.37
N THR S 343 -6.40 -14.03 7.81
CA THR S 343 -5.23 -13.89 8.67
C THR S 343 -5.54 -14.38 10.08
N SER S 344 -6.74 -14.13 10.58
CA SER S 344 -7.08 -14.51 11.96
C SER S 344 -7.03 -16.02 12.13
N ILE S 345 -7.55 -16.77 11.16
CA ILE S 345 -7.45 -18.23 11.20
C ILE S 345 -5.99 -18.65 11.15
N LYS S 346 -5.18 -17.96 10.34
CA LYS S 346 -3.76 -18.27 10.22
C LYS S 346 -3.01 -17.96 11.51
N TYR S 347 -3.34 -16.84 12.16
CA TYR S 347 -2.68 -16.50 13.42
C TYR S 347 -3.03 -17.49 14.52
N GLU S 348 -4.29 -17.92 14.58
CA GLU S 348 -4.79 -18.75 15.67
C GLU S 348 -4.68 -20.24 15.38
N PHE S 349 -3.98 -20.62 14.32
CA PHE S 349 -3.74 -22.03 13.96
C PHE S 349 -5.06 -22.80 13.84
N LYS S 350 -5.98 -22.26 13.05
CA LYS S 350 -7.25 -22.92 12.79
C LYS S 350 -7.37 -23.45 11.37
N TYR S 351 -6.29 -23.38 10.58
CA TYR S 351 -6.26 -24.05 9.29
C TYR S 351 -5.85 -25.50 9.46
N LEU S 352 -6.49 -26.38 8.72
CA LEU S 352 -6.15 -27.81 8.76
C LEU S 352 -4.89 -28.01 7.94
N ARG S 353 -3.75 -28.05 8.63
CA ARG S 353 -2.46 -28.19 7.99
C ARG S 353 -1.91 -29.59 8.20
N ALA S 354 -0.84 -29.91 7.46
CA ALA S 354 -0.24 -31.23 7.56
C ALA S 354 0.29 -31.47 8.97
N ASP S 355 0.14 -32.72 9.42
CA ASP S 355 0.55 -33.08 10.78
C ASP S 355 2.06 -32.84 10.98
N TYR S 356 2.86 -33.14 9.95
CA TYR S 356 4.31 -33.02 9.99
C TYR S 356 4.73 -32.02 8.92
N ALA S 357 5.32 -30.91 9.34
CA ALA S 357 5.73 -29.86 8.42
C ALA S 357 7.21 -30.03 8.07
N LEU S 358 7.50 -30.26 6.80
CA LEU S 358 8.90 -30.38 6.37
C LEU S 358 9.61 -29.04 6.42
N THR S 359 8.96 -27.98 5.92
CA THR S 359 9.44 -26.62 6.16
C THR S 359 8.24 -25.75 6.53
N ALA S 360 8.43 -24.43 6.53
CA ALA S 360 7.37 -23.52 6.96
C ALA S 360 6.19 -23.57 6.00
N TYR S 361 6.45 -23.41 4.69
CA TYR S 361 5.39 -23.33 3.70
C TYR S 361 5.30 -24.59 2.83
N LEU S 362 5.76 -25.73 3.34
CA LEU S 362 5.52 -27.01 2.67
C LEU S 362 5.19 -28.09 3.71
N SER T 2 -10.51 -38.59 19.60
CA SER T 2 -9.68 -39.53 18.85
C SER T 2 -8.66 -40.22 19.75
N MET T 3 -8.07 -39.46 20.67
CA MET T 3 -7.07 -40.01 21.57
C MET T 3 -7.68 -41.05 22.51
N TYR T 4 -8.95 -40.91 22.86
CA TYR T 4 -9.63 -41.87 23.72
C TYR T 4 -10.65 -42.65 22.90
N PRO T 5 -10.33 -43.87 22.46
CA PRO T 5 -11.25 -44.63 21.60
C PRO T 5 -12.40 -45.25 22.38
N GLU T 6 -13.18 -44.40 23.05
CA GLU T 6 -14.37 -44.84 23.78
C GLU T 6 -15.58 -44.72 22.88
N GLN T 7 -16.39 -45.77 22.83
CA GLN T 7 -17.59 -45.75 22.02
C GLN T 7 -18.56 -44.69 22.54
N ILE T 8 -19.17 -43.97 21.61
CA ILE T 8 -20.13 -42.92 21.92
C ILE T 8 -21.52 -43.41 21.56
N HIS T 9 -22.50 -43.07 22.39
CA HIS T 9 -23.86 -43.55 22.16
C HIS T 9 -24.44 -42.96 20.88
N ARG T 10 -25.09 -43.82 20.09
CA ARG T 10 -25.74 -43.41 18.86
C ARG T 10 -26.87 -44.39 18.59
N MET T 11 -28.11 -43.91 18.63
CA MET T 11 -29.25 -44.82 18.53
C MET T 11 -29.32 -45.48 17.16
N THR T 12 -29.13 -44.71 16.09
CA THR T 12 -29.36 -45.18 14.73
C THR T 12 -28.05 -45.22 13.95
N THR T 13 -27.71 -46.39 13.43
CA THR T 13 -26.62 -46.56 12.48
C THR T 13 -27.20 -47.19 11.22
N ALA T 14 -27.12 -46.46 10.11
CA ALA T 14 -27.72 -46.92 8.86
C ALA T 14 -26.97 -48.12 8.31
N SER T 15 -27.73 -49.12 7.85
CA SER T 15 -27.14 -50.25 7.13
C SER T 15 -26.86 -49.86 5.69
N MET T 16 -25.85 -50.50 5.09
CA MET T 16 -25.55 -50.25 3.69
C MET T 16 -26.71 -50.62 2.77
N LEU T 17 -27.66 -51.41 3.27
CA LEU T 17 -28.71 -51.95 2.41
C LEU T 17 -29.66 -50.86 1.91
N ARG T 18 -29.91 -49.84 2.73
CA ARG T 18 -30.88 -48.81 2.34
C ARG T 18 -30.47 -48.11 1.05
N GLU T 19 -29.23 -47.61 0.99
CA GLU T 19 -28.79 -46.89 -0.20
C GLU T 19 -28.53 -47.85 -1.36
N TRP T 20 -28.17 -49.10 -1.06
CA TRP T 20 -27.89 -50.08 -2.11
C TRP T 20 -29.14 -50.34 -2.95
N ARG T 21 -30.32 -50.38 -2.30
CA ARG T 21 -31.55 -50.61 -3.04
C ARG T 21 -32.01 -49.38 -3.82
N GLU T 22 -31.54 -48.20 -3.46
CA GLU T 22 -32.04 -46.96 -4.03
C GLU T 22 -31.06 -46.35 -5.03
N HIS T 23 -30.12 -47.13 -5.55
CA HIS T 23 -29.16 -46.59 -6.52
C HIS T 23 -29.86 -46.13 -7.79
N GLY T 24 -30.81 -46.92 -8.29
CA GLY T 24 -31.52 -46.52 -9.49
C GLY T 24 -32.26 -45.20 -9.31
N GLY T 25 -32.87 -45.02 -8.14
CA GLY T 25 -33.61 -43.80 -7.90
C GLY T 25 -32.71 -42.59 -7.68
N LYS T 26 -31.63 -42.77 -6.92
CA LYS T 26 -30.79 -41.62 -6.55
C LYS T 26 -29.66 -41.37 -7.54
N TYR T 27 -29.00 -42.43 -8.02
CA TYR T 27 -27.94 -42.24 -9.02
C TYR T 27 -28.51 -41.93 -10.40
N ARG T 28 -29.54 -42.67 -10.81
CA ARG T 28 -30.02 -42.65 -12.18
C ARG T 28 -31.40 -42.02 -12.35
N LEU T 29 -32.02 -41.55 -11.26
CA LEU T 29 -33.34 -40.93 -11.31
C LEU T 29 -34.37 -41.87 -11.93
N GLU T 30 -34.40 -43.10 -11.43
CA GLU T 30 -35.32 -44.12 -11.90
C GLU T 30 -36.60 -44.11 -11.07
N GLY T 31 -37.72 -43.84 -11.71
CA GLY T 31 -39.03 -44.01 -11.12
C GLY T 31 -39.57 -45.40 -11.40
N SER T 32 -40.90 -45.48 -11.52
CA SER T 32 -41.55 -46.71 -11.91
C SER T 32 -42.66 -46.39 -12.92
N GLN T 33 -42.89 -47.34 -13.82
CA GLN T 33 -43.94 -47.22 -14.83
C GLN T 33 -44.78 -48.47 -14.80
N CYS T 34 -46.09 -48.30 -14.93
CA CYS T 34 -47.00 -49.44 -14.94
C CYS T 34 -47.26 -49.87 -16.38
N GLU T 35 -47.31 -51.19 -16.57
CA GLU T 35 -47.37 -51.75 -17.92
C GLU T 35 -48.78 -51.68 -18.48
N GLU T 36 -49.80 -51.91 -17.65
CA GLU T 36 -51.16 -52.03 -18.16
C GLU T 36 -51.81 -50.68 -18.42
N CYS T 37 -51.54 -49.68 -17.58
CA CYS T 37 -52.17 -48.37 -17.73
C CYS T 37 -51.23 -47.28 -18.21
N ASN T 38 -49.94 -47.58 -18.35
CA ASN T 38 -48.96 -46.64 -18.90
C ASN T 38 -48.82 -45.38 -18.05
N GLU T 39 -48.92 -45.52 -16.74
CA GLU T 39 -48.73 -44.39 -15.83
C GLU T 39 -47.31 -44.41 -15.28
N ILE T 40 -46.73 -43.22 -15.13
CA ILE T 40 -45.37 -43.06 -14.62
C ILE T 40 -45.40 -42.23 -13.35
N PHE T 41 -44.49 -42.55 -12.44
CA PHE T 41 -44.36 -41.87 -11.15
C PHE T 41 -42.95 -42.07 -10.62
N PHE T 42 -42.58 -41.20 -9.68
CA PHE T 42 -41.29 -41.22 -9.04
C PHE T 42 -41.52 -40.62 -7.66
N PRO T 43 -40.93 -41.19 -6.59
CA PRO T 43 -40.01 -42.34 -6.56
C PRO T 43 -40.64 -43.67 -6.93
N ARG T 44 -39.82 -44.72 -6.98
CA ARG T 44 -40.29 -46.05 -7.33
C ARG T 44 -41.32 -46.54 -6.33
N ARG T 45 -42.21 -47.41 -6.80
CA ARG T 45 -43.26 -47.99 -5.97
C ARG T 45 -43.61 -49.37 -6.53
N THR T 46 -44.23 -50.19 -5.68
CA THR T 46 -44.51 -51.57 -6.03
C THR T 46 -45.87 -51.75 -6.68
N VAL T 47 -46.85 -50.95 -6.29
CA VAL T 47 -48.21 -51.07 -6.79
C VAL T 47 -48.56 -49.79 -7.56
N CYS T 48 -49.13 -49.96 -8.75
CA CYS T 48 -49.57 -48.80 -9.53
C CYS T 48 -50.68 -48.06 -8.80
N GLY T 49 -50.66 -46.73 -8.87
CA GLY T 49 -51.65 -45.94 -8.17
C GLY T 49 -52.98 -45.86 -8.88
N ALA T 50 -52.96 -45.87 -10.21
CA ALA T 50 -54.18 -45.66 -10.99
C ALA T 50 -55.07 -46.90 -11.02
N CYS T 51 -54.47 -48.09 -11.21
CA CYS T 51 -55.25 -49.31 -11.36
C CYS T 51 -54.97 -50.35 -10.29
N ASN T 52 -54.03 -50.10 -9.38
CA ASN T 52 -53.68 -51.03 -8.31
C ASN T 52 -53.17 -52.36 -8.87
N SER T 53 -52.39 -52.30 -9.93
CA SER T 53 -51.82 -53.49 -10.55
C SER T 53 -50.42 -53.74 -10.01
N LEU T 54 -50.12 -55.01 -9.71
CA LEU T 54 -48.80 -55.37 -9.20
C LEU T 54 -47.72 -55.29 -10.27
N SER T 55 -48.10 -55.26 -11.54
CA SER T 55 -47.14 -55.28 -12.65
C SER T 55 -46.63 -53.86 -12.87
N VAL T 56 -45.48 -53.55 -12.27
CA VAL T 56 -44.79 -52.28 -12.51
C VAL T 56 -43.32 -52.58 -12.77
N LYS T 57 -42.69 -51.72 -13.55
CA LYS T 57 -41.30 -51.86 -13.94
C LYS T 57 -40.59 -50.54 -13.73
N PRO T 58 -39.26 -50.58 -13.54
CA PRO T 58 -38.51 -49.32 -13.41
C PRO T 58 -38.61 -48.46 -14.66
N TYR T 59 -38.49 -47.15 -14.46
CA TYR T 59 -38.67 -46.20 -15.55
C TYR T 59 -37.70 -45.04 -15.37
N ARG T 60 -36.91 -44.77 -16.42
CA ARG T 60 -35.93 -43.70 -16.38
C ARG T 60 -36.61 -42.37 -16.66
N CYS T 61 -36.78 -41.56 -15.62
CA CYS T 61 -37.40 -40.25 -15.79
C CYS T 61 -36.54 -39.36 -16.67
N ALA T 62 -37.19 -38.40 -17.32
CA ALA T 62 -36.45 -37.41 -18.11
C ALA T 62 -35.52 -36.62 -17.21
N ARG T 63 -34.27 -36.47 -17.64
CA ARG T 63 -33.27 -35.80 -16.83
C ARG T 63 -33.24 -34.29 -17.05
N SER T 64 -34.07 -33.77 -17.96
CA SER T 64 -34.21 -32.35 -18.19
C SER T 64 -35.57 -31.88 -17.70
N GLY T 65 -35.68 -30.57 -17.47
CA GLY T 65 -36.94 -30.02 -17.00
C GLY T 65 -36.83 -28.54 -16.74
N LYS T 66 -37.94 -27.97 -16.28
CA LYS T 66 -38.04 -26.55 -16.00
C LYS T 66 -38.31 -26.34 -14.52
N ILE T 67 -38.14 -25.09 -14.08
CA ILE T 67 -38.33 -24.73 -12.68
C ILE T 67 -39.80 -24.34 -12.48
N GLU T 68 -40.56 -25.22 -11.83
CA GLU T 68 -41.96 -24.89 -11.52
C GLU T 68 -42.04 -23.81 -10.44
N VAL T 69 -41.25 -23.95 -9.38
CA VAL T 69 -41.18 -22.95 -8.31
C VAL T 69 -39.86 -23.16 -7.59
N MET T 70 -39.34 -22.09 -6.98
CA MET T 70 -38.07 -22.16 -6.28
C MET T 70 -38.13 -21.27 -5.05
N ALA T 71 -37.32 -21.61 -4.04
CA ALA T 71 -37.27 -20.88 -2.80
C ALA T 71 -35.90 -21.02 -2.16
N PRO T 72 -35.24 -19.92 -1.81
CA PRO T 72 -33.92 -20.01 -1.18
C PRO T 72 -34.04 -20.39 0.30
N ALA T 73 -32.99 -21.05 0.79
CA ALA T 73 -32.88 -21.46 2.19
C ALA T 73 -31.75 -20.66 2.82
N GLU T 74 -32.11 -19.51 3.40
CA GLU T 74 -31.14 -18.57 3.96
C GLU T 74 -31.10 -18.59 5.49
N ASN T 75 -31.93 -19.39 6.13
CA ASN T 75 -32.07 -19.31 7.58
C ASN T 75 -31.08 -20.23 8.25
N PRO T 76 -30.27 -19.72 9.18
CA PRO T 76 -29.28 -20.58 9.84
C PRO T 76 -29.87 -21.49 10.91
N ILE T 77 -31.00 -21.12 11.50
CA ILE T 77 -31.65 -21.99 12.48
C ILE T 77 -32.06 -23.31 11.83
N LEU T 78 -32.39 -23.29 10.54
CA LEU T 78 -32.87 -24.47 9.83
C LEU T 78 -31.78 -25.19 9.06
N ALA T 79 -30.51 -24.83 9.30
CA ALA T 79 -29.41 -25.48 8.60
C ALA T 79 -29.19 -26.89 9.12
N ALA T 80 -29.12 -27.86 8.21
CA ALA T 80 -28.93 -29.25 8.57
C ALA T 80 -27.47 -29.65 8.38
N MET T 81 -27.02 -30.57 9.22
CA MET T 81 -25.64 -31.05 9.16
C MET T 81 -25.35 -31.63 7.78
N GLY T 82 -24.16 -31.34 7.26
CA GLY T 82 -23.79 -31.74 5.92
C GLY T 82 -24.16 -30.75 4.84
N TYR T 83 -25.10 -29.84 5.13
CA TYR T 83 -25.51 -28.81 4.19
C TYR T 83 -25.32 -27.40 4.75
N GLY T 84 -24.59 -27.26 5.86
CA GLY T 84 -24.36 -25.94 6.44
C GLY T 84 -23.31 -25.10 5.75
N GLU T 85 -22.53 -25.69 4.84
CA GLU T 85 -21.43 -24.96 4.24
C GLU T 85 -21.87 -24.03 3.11
N THR T 86 -22.92 -24.40 2.37
CA THR T 86 -23.41 -23.60 1.26
C THR T 86 -24.60 -22.77 1.71
N VAL T 87 -24.46 -21.44 1.64
CA VAL T 87 -25.54 -20.52 1.98
C VAL T 87 -25.65 -19.47 0.89
N PRO T 88 -26.83 -19.26 0.28
CA PRO T 88 -28.01 -20.08 0.57
C PRO T 88 -28.24 -21.19 -0.44
N ARG T 89 -28.77 -22.33 0.02
CA ARG T 89 -29.19 -23.37 -0.89
C ARG T 89 -30.46 -22.93 -1.62
N ILE T 90 -30.50 -23.14 -2.93
CA ILE T 90 -31.64 -22.76 -3.75
C ILE T 90 -32.54 -23.99 -3.89
N MET T 91 -33.58 -24.05 -3.06
CA MET T 91 -34.55 -25.13 -3.16
C MET T 91 -35.54 -24.84 -4.28
N ALA T 92 -35.98 -25.91 -4.95
CA ALA T 92 -36.87 -25.73 -6.09
C ALA T 92 -37.61 -27.03 -6.36
N MET T 93 -38.80 -26.89 -6.95
CA MET T 93 -39.54 -28.01 -7.50
C MET T 93 -39.30 -28.04 -9.00
N VAL T 94 -38.78 -29.16 -9.50
CA VAL T 94 -38.38 -29.29 -10.90
C VAL T 94 -39.41 -30.12 -11.64
N ARG T 95 -40.03 -29.51 -12.65
CA ARG T 95 -40.96 -30.22 -13.54
C ARG T 95 -40.13 -30.88 -14.64
N LEU T 96 -39.93 -32.19 -14.52
CA LEU T 96 -39.21 -32.92 -15.54
C LEU T 96 -39.99 -32.88 -16.85
N ASP T 97 -39.28 -33.17 -17.95
CA ASP T 97 -39.88 -33.04 -19.27
C ASP T 97 -40.99 -34.06 -19.51
N ASP T 98 -41.01 -35.17 -18.76
CA ASP T 98 -42.05 -36.17 -18.89
C ASP T 98 -43.27 -35.86 -18.03
N GLY T 99 -43.27 -34.76 -17.29
CA GLY T 99 -44.40 -34.34 -16.50
C GLY T 99 -44.24 -34.54 -15.01
N LEU T 100 -43.35 -35.43 -14.59
CA LEU T 100 -43.11 -35.64 -13.17
C LEU T 100 -42.40 -34.42 -12.57
N VAL T 101 -42.58 -34.26 -11.27
CA VAL T 101 -42.01 -33.13 -10.53
C VAL T 101 -41.10 -33.68 -9.44
N ILE T 102 -39.87 -33.17 -9.39
CA ILE T 102 -38.86 -33.59 -8.43
C ILE T 102 -38.66 -32.48 -7.42
N ALA T 103 -38.47 -32.87 -6.15
CA ALA T 103 -38.06 -31.94 -5.11
C ALA T 103 -36.55 -32.05 -4.96
N SER T 104 -35.84 -30.99 -5.34
CA SER T 104 -34.37 -30.99 -5.29
C SER T 104 -33.92 -29.55 -5.12
N GLU T 105 -32.67 -29.27 -5.50
CA GLU T 105 -32.11 -27.92 -5.36
C GLU T 105 -31.27 -27.59 -6.59
N ILE T 106 -31.02 -26.29 -6.76
CA ILE T 106 -30.27 -25.77 -7.89
C ILE T 106 -28.86 -25.41 -7.42
N VAL T 107 -27.87 -25.69 -8.27
CA VAL T 107 -26.47 -25.41 -7.96
C VAL T 107 -25.79 -24.87 -9.22
N ASP T 108 -24.55 -24.39 -9.03
CA ASP T 108 -23.70 -23.93 -10.11
C ASP T 108 -24.36 -22.80 -10.92
N VAL T 109 -24.85 -21.79 -10.21
CA VAL T 109 -25.51 -20.65 -10.85
C VAL T 109 -24.45 -19.67 -11.32
N CYS T 110 -23.98 -19.84 -12.55
CA CYS T 110 -22.99 -18.92 -13.11
C CYS T 110 -23.58 -17.53 -13.29
N ASP T 111 -24.79 -17.44 -13.81
CA ASP T 111 -25.44 -16.17 -14.12
C ASP T 111 -26.72 -16.09 -13.29
N GLN T 112 -26.74 -15.17 -12.32
CA GLN T 112 -27.92 -15.01 -11.47
C GLN T 112 -29.12 -14.47 -12.22
N GLN T 113 -28.90 -13.81 -13.36
CA GLN T 113 -30.03 -13.34 -14.16
C GLN T 113 -30.73 -14.49 -14.86
N GLN T 114 -30.00 -15.58 -15.15
CA GLN T 114 -30.58 -16.73 -15.82
C GLN T 114 -31.43 -17.59 -14.89
N LEU T 115 -31.34 -17.38 -13.58
CA LEU T 115 -32.08 -18.18 -12.60
C LEU T 115 -33.44 -17.54 -12.38
N LYS T 116 -34.48 -18.10 -12.99
CA LYS T 116 -35.84 -17.60 -12.85
C LYS T 116 -36.80 -18.78 -12.96
N VAL T 117 -38.06 -18.52 -12.61
CA VAL T 117 -39.07 -19.56 -12.72
C VAL T 117 -39.23 -19.97 -14.17
N GLY T 118 -39.33 -21.28 -14.41
CA GLY T 118 -39.45 -21.81 -15.75
C GLY T 118 -38.15 -21.96 -16.49
N ALA T 119 -37.02 -21.62 -15.89
CA ALA T 119 -35.74 -21.80 -16.53
C ALA T 119 -35.45 -23.30 -16.69
N PRO T 120 -34.85 -23.71 -17.81
CA PRO T 120 -34.54 -25.13 -18.01
C PRO T 120 -33.36 -25.58 -17.17
N VAL T 121 -33.44 -26.82 -16.68
CA VAL T 121 -32.40 -27.42 -15.86
C VAL T 121 -32.17 -28.86 -16.31
N ARG T 122 -31.01 -29.40 -15.94
CA ARG T 122 -30.69 -30.79 -16.18
C ARG T 122 -30.15 -31.40 -14.89
N MET T 123 -30.30 -32.71 -14.76
CA MET T 123 -29.91 -33.41 -13.56
C MET T 123 -28.42 -33.75 -13.58
N VAL T 124 -27.78 -33.63 -12.41
CA VAL T 124 -26.37 -33.96 -12.22
C VAL T 124 -26.21 -34.71 -10.91
N ILE T 125 -25.12 -35.46 -10.79
CA ILE T 125 -24.78 -36.18 -9.57
C ILE T 125 -23.90 -35.31 -8.70
N ARG T 126 -24.22 -35.26 -7.41
CA ARG T 126 -23.42 -34.54 -6.43
C ARG T 126 -23.36 -35.37 -5.15
N LYS T 127 -22.41 -35.05 -4.27
CA LYS T 127 -22.28 -35.74 -3.00
C LYS T 127 -23.16 -35.08 -1.95
N HIS T 128 -23.80 -35.91 -1.13
CA HIS T 128 -24.70 -35.47 -0.08
C HIS T 128 -24.09 -35.82 1.29
N VAL T 129 -24.93 -35.78 2.33
CA VAL T 129 -24.44 -36.03 3.68
C VAL T 129 -23.81 -37.41 3.78
N ARG T 130 -22.74 -37.50 4.56
CA ARG T 130 -22.10 -38.77 4.80
C ARG T 130 -23.07 -39.70 5.52
N GLU T 131 -23.06 -40.97 5.15
CA GLU T 131 -23.93 -41.94 5.78
C GLU T 131 -23.46 -42.24 7.19
N SER T 132 -24.38 -42.75 8.01
CA SER T 132 -24.02 -43.21 9.35
C SER T 132 -23.07 -44.38 9.30
N ASN T 133 -22.95 -45.06 8.15
CA ASN T 133 -22.02 -46.15 7.96
C ASN T 133 -20.77 -45.74 7.19
N LEU T 134 -20.43 -44.45 7.22
CA LEU T 134 -19.16 -43.87 6.74
C LEU T 134 -19.05 -43.83 5.22
N ALA T 135 -20.01 -44.34 4.47
CA ALA T 135 -19.96 -44.28 3.02
C ALA T 135 -20.44 -42.91 2.54
N TRP T 136 -19.70 -42.32 1.61
CA TRP T 136 -20.18 -41.10 0.97
C TRP T 136 -21.50 -41.38 0.26
N GLN T 137 -22.44 -40.44 0.39
CA GLN T 137 -23.74 -40.57 -0.25
C GLN T 137 -23.77 -39.69 -1.49
N TYR T 138 -24.16 -40.26 -2.63
CA TYR T 138 -24.28 -39.55 -3.88
C TYR T 138 -25.73 -39.62 -4.37
N ALA T 139 -26.22 -38.52 -4.90
CA ALA T 139 -27.60 -38.44 -5.38
C ALA T 139 -27.69 -37.25 -6.33
N TYR T 140 -28.91 -37.00 -6.80
CA TYR T 140 -29.14 -36.05 -7.88
C TYR T 140 -29.25 -34.62 -7.37
N LYS T 141 -28.87 -33.69 -8.24
CA LYS T 141 -29.16 -32.27 -8.09
C LYS T 141 -29.39 -31.71 -9.49
N PHE T 142 -29.72 -30.43 -9.58
CA PHE T 142 -30.02 -29.82 -10.86
C PHE T 142 -29.24 -28.53 -11.05
N VAL T 143 -28.80 -28.32 -12.30
CA VAL T 143 -28.08 -27.11 -12.71
C VAL T 143 -28.78 -26.54 -13.93
N LEU T 144 -28.58 -25.24 -14.15
CA LEU T 144 -29.19 -24.58 -15.30
C LEU T 144 -28.59 -25.12 -16.59
N ASP T 145 -29.46 -25.51 -17.53
CA ASP T 145 -29.02 -26.13 -18.78
C ASP T 145 -29.05 -25.09 -19.90
N ILE T 146 -28.10 -24.18 -19.83
CA ILE T 146 -27.99 -23.09 -20.81
C ILE T 146 -26.52 -22.69 -20.99
N ALA U 3 -72.13 -47.49 18.10
CA ALA U 3 -72.71 -46.39 17.35
C ALA U 3 -73.45 -45.43 18.27
N ARG U 4 -72.71 -44.74 19.12
CA ARG U 4 -73.28 -43.83 20.10
C ARG U 4 -72.53 -42.50 20.07
N ARG U 5 -73.19 -41.46 20.58
CA ARG U 5 -72.62 -40.12 20.58
C ARG U 5 -71.49 -40.02 21.62
N VAL U 6 -70.49 -39.20 21.28
CA VAL U 6 -69.34 -38.96 22.14
C VAL U 6 -69.25 -37.47 22.41
N ALA U 7 -68.95 -37.10 23.66
CA ALA U 7 -68.94 -35.72 24.09
C ALA U 7 -67.63 -35.39 24.78
N ILE U 8 -67.17 -34.15 24.58
CA ILE U 8 -65.97 -33.65 25.24
C ILE U 8 -66.41 -32.91 26.50
N VAL U 9 -66.00 -33.41 27.67
CA VAL U 9 -66.39 -32.79 28.92
C VAL U 9 -65.40 -31.70 29.36
N SER U 10 -64.13 -31.83 29.00
CA SER U 10 -63.13 -30.84 29.36
C SER U 10 -61.92 -30.98 28.45
N ALA U 11 -61.19 -29.87 28.28
CA ALA U 11 -59.99 -29.86 27.46
C ALA U 11 -59.06 -28.78 27.98
N ALA U 12 -57.79 -29.13 28.15
CA ALA U 12 -56.81 -28.18 28.67
C ALA U 12 -55.43 -28.56 28.16
N TYR U 13 -54.54 -27.58 28.15
CA TYR U 13 -53.16 -27.80 27.74
C TYR U 13 -52.26 -26.89 28.56
N THR U 14 -50.98 -27.24 28.62
CA THR U 14 -50.01 -26.44 29.35
C THR U 14 -49.92 -25.05 28.69
N PRO U 15 -49.91 -23.98 29.47
CA PRO U 15 -49.99 -22.64 28.87
C PRO U 15 -48.70 -22.24 28.16
N LYS U 16 -48.82 -21.21 27.33
CA LYS U 16 -47.75 -20.67 26.51
C LYS U 16 -47.01 -21.79 25.78
N PRO U 17 -47.66 -22.44 24.80
CA PRO U 17 -47.01 -23.57 24.12
C PRO U 17 -45.81 -23.18 23.26
N GLY U 18 -45.74 -21.95 22.77
CA GLY U 18 -44.57 -21.50 22.05
C GLY U 18 -43.36 -21.19 22.89
N SER U 19 -43.51 -21.23 24.21
CA SER U 19 -42.38 -21.05 25.13
C SER U 19 -41.93 -22.39 25.66
N SER U 20 -40.62 -22.58 25.79
CA SER U 20 -40.06 -23.86 26.16
C SER U 20 -40.19 -24.12 27.65
N ARG U 21 -40.28 -25.40 28.00
CA ARG U 21 -40.40 -25.86 29.38
C ARG U 21 -39.20 -26.75 29.69
N VAL U 22 -38.02 -26.12 29.77
CA VAL U 22 -36.77 -26.88 29.89
C VAL U 22 -36.59 -27.50 31.27
N ARG U 23 -37.34 -27.03 32.27
CA ARG U 23 -37.11 -27.50 33.63
C ARG U 23 -37.76 -28.85 33.89
N GLN U 24 -38.93 -29.12 33.30
CA GLN U 24 -39.67 -30.35 33.55
C GLN U 24 -39.42 -31.35 32.44
N THR U 25 -39.40 -32.64 32.80
CA THR U 25 -39.37 -33.70 31.80
C THR U 25 -40.71 -33.77 31.08
N PHE U 26 -40.79 -34.64 30.07
CA PHE U 26 -42.05 -34.78 29.35
C PHE U 26 -43.10 -35.47 30.20
N LYS U 27 -42.70 -36.36 31.11
CA LYS U 27 -43.65 -36.97 32.02
C LYS U 27 -44.31 -35.92 32.91
N GLU U 28 -43.52 -35.04 33.52
CA GLU U 28 -44.07 -33.97 34.33
C GLU U 28 -44.94 -33.04 33.48
N MET U 29 -44.59 -32.86 32.21
CA MET U 29 -45.37 -31.99 31.33
C MET U 29 -46.71 -32.61 30.98
N ILE U 30 -46.73 -33.90 30.67
CA ILE U 30 -47.98 -34.56 30.26
C ILE U 30 -48.97 -34.61 31.42
N VAL U 31 -48.47 -34.89 32.63
CA VAL U 31 -49.34 -34.96 33.79
C VAL U 31 -49.98 -33.61 34.08
N GLU U 32 -49.23 -32.54 33.86
CA GLU U 32 -49.71 -31.19 34.19
C GLU U 32 -51.02 -30.89 33.47
N SER U 33 -51.03 -31.04 32.15
CA SER U 33 -52.24 -30.73 31.39
C SER U 33 -53.35 -31.74 31.66
N ALA U 34 -52.99 -33.00 31.88
CA ALA U 34 -54.00 -34.05 32.07
C ALA U 34 -54.77 -33.83 33.35
N TYR U 35 -54.06 -33.60 34.46
CA TYR U 35 -54.72 -33.40 35.74
C TYR U 35 -55.41 -32.05 35.83
N LYS U 36 -54.97 -31.06 35.05
CA LYS U 36 -55.73 -29.82 34.92
C LYS U 36 -57.06 -30.07 34.22
N ALA U 37 -57.05 -30.94 33.21
CA ALA U 37 -58.28 -31.29 32.51
C ALA U 37 -59.20 -32.12 33.40
N LEU U 38 -58.63 -33.01 34.22
CA LEU U 38 -59.44 -33.84 35.10
C LEU U 38 -60.16 -32.99 36.15
N LYS U 39 -59.48 -31.99 36.70
CA LYS U 39 -60.12 -31.11 37.68
C LYS U 39 -61.25 -30.31 37.04
N ASP U 40 -61.09 -29.90 35.79
CA ASP U 40 -62.15 -29.19 35.10
C ASP U 40 -63.38 -30.07 34.90
N ALA U 41 -63.17 -31.37 34.67
CA ALA U 41 -64.26 -32.30 34.43
C ALA U 41 -64.84 -32.88 35.71
N LYS U 42 -64.31 -32.50 36.88
CA LYS U 42 -64.79 -32.99 38.18
C LYS U 42 -64.77 -34.52 38.23
N MET U 43 -63.69 -35.12 37.72
CA MET U 43 -63.59 -36.57 37.67
C MET U 43 -62.25 -37.03 38.22
N HIS U 44 -62.27 -38.20 38.85
CA HIS U 44 -61.05 -38.78 39.38
C HIS U 44 -60.20 -39.35 38.25
N PRO U 45 -58.87 -39.27 38.34
CA PRO U 45 -58.03 -39.81 37.26
C PRO U 45 -58.18 -41.31 37.05
N ARG U 46 -58.60 -42.06 38.08
CA ARG U 46 -58.84 -43.50 37.91
C ARG U 46 -60.07 -43.80 37.06
N GLU U 47 -60.92 -42.80 36.79
CA GLU U 47 -62.12 -43.02 36.02
C GLU U 47 -61.84 -43.21 34.52
N ILE U 48 -60.64 -42.88 34.06
CA ILE U 48 -60.27 -43.05 32.67
C ILE U 48 -59.97 -44.53 32.40
N GLN U 49 -60.61 -45.09 31.38
CA GLN U 49 -60.43 -46.50 31.07
C GLN U 49 -59.31 -46.75 30.07
N ALA U 50 -59.01 -45.77 29.23
CA ALA U 50 -57.92 -45.89 28.25
C ALA U 50 -57.62 -44.50 27.69
N VAL U 51 -56.45 -44.38 27.07
CA VAL U 51 -55.95 -43.10 26.60
C VAL U 51 -55.27 -43.27 25.25
N ALA U 52 -55.38 -42.25 24.41
CA ALA U 52 -54.73 -42.21 23.10
C ALA U 52 -53.90 -40.94 23.02
N TYR U 53 -52.58 -41.08 23.06
CA TYR U 53 -51.66 -39.95 23.08
C TYR U 53 -50.80 -39.97 21.82
N GLY U 54 -50.19 -38.82 21.53
CA GLY U 54 -49.43 -38.67 20.31
C GLY U 54 -48.20 -37.80 20.40
N TYR U 55 -47.10 -38.24 19.78
CA TYR U 55 -45.87 -37.46 19.68
C TYR U 55 -45.26 -37.70 18.31
N HIS U 56 -44.25 -36.88 17.98
CA HIS U 56 -43.66 -36.91 16.65
C HIS U 56 -43.04 -38.28 16.37
N GLY U 57 -42.19 -38.75 17.27
CA GLY U 57 -41.52 -40.03 17.07
C GLY U 57 -40.52 -40.26 18.19
N GLU U 58 -39.99 -41.49 18.21
CA GLU U 58 -39.05 -41.86 19.25
C GLU U 58 -37.68 -41.22 19.09
N GLY U 59 -37.47 -40.41 18.06
CA GLY U 59 -36.17 -39.83 17.79
C GLY U 59 -35.86 -38.55 18.54
N ILE U 60 -36.83 -37.97 19.23
CA ILE U 60 -36.59 -36.72 19.95
C ILE U 60 -35.96 -37.01 21.31
N SER U 61 -36.74 -37.60 22.21
CA SER U 61 -36.30 -37.90 23.56
C SER U 61 -35.69 -39.29 23.69
N GLU U 62 -35.52 -39.99 22.57
CA GLU U 62 -35.01 -41.37 22.58
C GLU U 62 -35.85 -42.29 23.46
N TYR U 63 -37.16 -42.10 23.43
CA TYR U 63 -38.11 -42.89 24.20
C TYR U 63 -39.11 -43.53 23.24
N GLY U 64 -39.04 -44.86 23.11
CA GLY U 64 -39.90 -45.60 22.21
C GLY U 64 -40.89 -46.49 22.96
N GLY U 65 -41.87 -46.98 22.21
CA GLY U 65 -42.95 -47.76 22.79
C GLY U 65 -43.59 -47.07 23.96
N LEU U 66 -43.99 -45.81 23.76
CA LEU U 66 -44.27 -44.90 24.86
C LEU U 66 -45.62 -45.14 25.52
N GLY U 67 -46.46 -46.01 24.98
CA GLY U 67 -47.76 -46.30 25.54
C GLY U 67 -47.75 -46.52 27.04
N PRO U 68 -47.16 -47.64 27.49
CA PRO U 68 -47.22 -47.95 28.93
C PRO U 68 -46.60 -46.88 29.81
N THR U 69 -45.52 -46.26 29.35
CA THR U 69 -44.88 -45.21 30.15
C THR U 69 -45.84 -44.07 30.41
N ILE U 70 -46.73 -43.75 29.46
CA ILE U 70 -47.74 -42.73 29.69
C ILE U 70 -48.76 -43.21 30.71
N SER U 71 -49.21 -44.46 30.57
CA SER U 71 -50.17 -45.02 31.51
C SER U 71 -49.63 -44.98 32.94
N ASP U 72 -48.37 -45.38 33.11
CA ASP U 72 -47.75 -45.35 34.44
C ASP U 72 -47.53 -43.92 34.91
N ALA U 73 -47.15 -43.01 33.99
CA ALA U 73 -46.92 -41.62 34.37
C ALA U 73 -48.18 -40.98 34.91
N LEU U 74 -49.32 -41.24 34.26
CA LEU U 74 -50.58 -40.71 34.76
C LEU U 74 -51.09 -41.45 35.99
N GLY U 75 -50.49 -42.57 36.34
CA GLY U 75 -51.01 -43.39 37.41
C GLY U 75 -52.40 -43.93 37.13
N ILE U 76 -52.63 -44.44 35.92
CA ILE U 76 -53.89 -45.06 35.56
C ILE U 76 -53.70 -46.53 35.19
N SER U 77 -52.53 -47.09 35.45
CA SER U 77 -52.31 -48.50 35.18
C SER U 77 -53.36 -49.34 35.89
N PRO U 78 -53.87 -50.42 35.25
CA PRO U 78 -53.42 -50.93 33.96
C PRO U 78 -54.12 -50.36 32.73
N ALA U 79 -54.70 -49.17 32.81
CA ALA U 79 -55.41 -48.62 31.67
C ALA U 79 -54.47 -48.50 30.47
N PRO U 80 -54.85 -48.98 29.29
CA PRO U 80 -53.92 -48.98 28.16
C PRO U 80 -53.76 -47.59 27.56
N THR U 81 -52.63 -47.41 26.88
CA THR U 81 -52.33 -46.19 26.15
C THR U 81 -52.11 -46.55 24.69
N PHE U 82 -52.88 -45.93 23.80
CA PHE U 82 -52.76 -46.14 22.36
C PHE U 82 -51.96 -44.99 21.77
N MET U 83 -50.81 -45.28 21.20
CA MET U 83 -49.94 -44.22 20.72
C MET U 83 -50.25 -43.90 19.27
N SER U 84 -49.93 -42.67 18.88
CA SER U 84 -50.12 -42.20 17.52
C SER U 84 -48.92 -41.36 17.11
N THR U 85 -48.28 -41.73 16.00
CA THR U 85 -47.09 -41.05 15.49
C THR U 85 -47.38 -40.57 14.07
N ALA U 86 -47.83 -39.34 13.94
CA ALA U 86 -48.23 -38.79 12.64
C ALA U 86 -47.92 -37.30 12.58
N ASN U 87 -46.65 -36.95 12.66
CA ASN U 87 -46.20 -35.56 12.54
C ASN U 87 -46.95 -34.58 13.43
N THR U 89 -50.03 -33.85 13.17
CA THR U 89 -51.39 -34.32 13.42
C THR U 89 -51.48 -35.40 14.50
N SER U 90 -50.42 -35.55 15.31
CA SER U 90 -50.38 -36.61 16.30
C SER U 90 -51.52 -36.50 17.31
N SER U 91 -51.93 -35.27 17.63
CA SER U 91 -53.06 -35.09 18.54
C SER U 91 -54.39 -35.21 17.81
N SER U 92 -54.46 -34.70 16.58
CA SER U 92 -55.68 -34.86 15.80
C SER U 92 -55.98 -36.32 15.52
N VAL U 93 -54.95 -37.10 15.21
CA VAL U 93 -55.15 -38.53 14.95
C VAL U 93 -55.50 -39.25 16.25
N SER U 94 -54.88 -38.85 17.36
CA SER U 94 -55.21 -39.46 18.65
C SER U 94 -56.62 -39.12 19.09
N PHE U 95 -57.10 -37.92 18.75
CA PHE U 95 -58.47 -37.54 19.11
C PHE U 95 -59.49 -38.42 18.40
N GLN U 96 -59.30 -38.64 17.09
CA GLN U 96 -60.21 -39.51 16.37
C GLN U 96 -60.12 -40.95 16.86
N MET U 97 -58.97 -41.35 17.40
CA MET U 97 -58.88 -42.67 18.03
C MET U 97 -59.79 -42.76 19.25
N GLY U 98 -59.70 -41.77 20.14
CA GLY U 98 -60.55 -41.78 21.32
C GLY U 98 -62.03 -41.75 20.98
N HIS U 99 -62.40 -40.93 19.98
CA HIS U 99 -63.79 -40.92 19.52
C HIS U 99 -64.23 -42.30 19.06
N GLN U 100 -63.35 -43.03 18.36
CA GLN U 100 -63.66 -44.40 17.97
C GLN U 100 -63.76 -45.32 19.17
N MET U 101 -62.87 -45.14 20.15
CA MET U 101 -62.88 -46.03 21.31
C MET U 101 -64.16 -45.87 22.12
N VAL U 102 -64.66 -44.63 22.25
CA VAL U 102 -65.90 -44.41 22.98
C VAL U 102 -67.10 -44.85 22.14
N ALA U 103 -67.09 -44.51 20.85
CA ALA U 103 -68.20 -44.89 19.98
C ALA U 103 -68.29 -46.40 19.80
N SER U 104 -67.16 -47.09 19.84
CA SER U 104 -67.17 -48.55 19.70
C SER U 104 -67.76 -49.25 20.91
N GLY U 105 -67.84 -48.56 22.05
CA GLY U 105 -68.37 -49.12 23.27
C GLY U 105 -67.37 -49.87 24.13
N GLU U 106 -66.15 -50.07 23.64
CA GLU U 106 -65.16 -50.80 24.42
C GLU U 106 -64.67 -49.98 25.61
N TYR U 107 -64.70 -48.65 25.51
CA TYR U 107 -64.30 -47.77 26.60
C TYR U 107 -65.30 -46.63 26.71
N ASP U 108 -65.70 -46.32 27.94
CA ASP U 108 -66.69 -45.27 28.18
C ASP U 108 -66.07 -43.90 28.36
N ILE U 109 -64.92 -43.83 29.04
CA ILE U 109 -64.23 -42.58 29.32
C ILE U 109 -62.80 -42.70 28.80
N VAL U 110 -62.43 -41.84 27.85
CA VAL U 110 -61.11 -41.87 27.23
C VAL U 110 -60.54 -40.46 27.24
N LEU U 111 -59.27 -40.35 27.63
CA LEU U 111 -58.51 -39.13 27.48
C LEU U 111 -57.68 -39.21 26.21
N CYS U 112 -57.60 -38.10 25.48
CA CYS U 112 -56.85 -38.08 24.24
C CYS U 112 -56.06 -36.78 24.17
N GLY U 113 -54.80 -36.87 23.77
CA GLY U 113 -53.99 -35.67 23.70
C GLY U 113 -52.70 -35.91 22.97
N GLY U 114 -51.77 -34.97 23.14
CA GLY U 114 -50.46 -35.05 22.52
C GLY U 114 -49.48 -34.18 23.28
N PHE U 115 -48.22 -34.26 22.87
CA PHE U 115 -47.17 -33.50 23.52
C PHE U 115 -45.97 -33.43 22.58
N GLU U 116 -45.10 -32.48 22.85
CA GLU U 116 -43.83 -32.41 22.14
C GLU U 116 -42.78 -31.86 23.10
N LYS U 117 -41.75 -32.66 23.38
CA LYS U 117 -40.66 -32.25 24.24
C LYS U 117 -39.41 -32.05 23.39
N MET U 118 -39.40 -30.95 22.63
CA MET U 118 -38.38 -30.75 21.60
C MET U 118 -37.02 -30.37 22.17
N THR U 119 -36.96 -29.92 23.42
CA THR U 119 -35.68 -29.53 24.00
C THR U 119 -34.84 -30.72 24.46
N ASP U 120 -35.39 -31.93 24.42
CA ASP U 120 -34.57 -33.12 24.68
C ASP U 120 -33.61 -33.41 23.54
N HIS U 121 -33.90 -32.89 22.35
CA HIS U 121 -33.03 -33.01 21.19
C HIS U 121 -32.16 -31.76 21.09
N PHE U 122 -30.87 -31.97 20.80
CA PHE U 122 -29.94 -30.84 20.71
C PHE U 122 -30.43 -29.81 19.69
N ASN U 123 -30.73 -30.27 18.48
CA ASN U 123 -31.31 -29.42 17.45
C ASN U 123 -32.52 -30.16 16.88
N TYR U 124 -33.71 -29.82 17.38
CA TYR U 124 -34.94 -30.47 16.98
C TYR U 124 -35.37 -30.11 15.57
N ALA U 125 -34.85 -28.99 15.03
CA ALA U 125 -35.28 -28.53 13.71
C ALA U 125 -34.82 -29.48 12.61
N GLU U 126 -33.61 -30.01 12.71
CA GLU U 126 -33.10 -30.90 11.66
C GLU U 126 -33.66 -32.31 11.75
N TYR U 127 -34.14 -32.72 12.93
CA TYR U 127 -34.79 -34.03 13.05
C TYR U 127 -36.17 -34.02 12.40
N ILE U 128 -36.81 -32.85 12.28
CA ILE U 128 -38.19 -32.77 11.81
C ILE U 128 -38.37 -33.50 10.49
N GLY U 129 -37.45 -33.29 9.55
CA GLY U 129 -37.51 -33.94 8.24
C GLY U 129 -37.48 -35.45 8.28
N SER U 130 -37.11 -36.06 9.41
CA SER U 130 -37.03 -37.52 9.50
C SER U 130 -38.40 -38.19 9.37
N SER U 131 -39.47 -37.43 9.24
CA SER U 131 -40.81 -37.99 9.11
C SER U 131 -41.38 -37.60 7.76
N THR U 132 -40.74 -38.09 6.69
CA THR U 132 -41.20 -37.85 5.32
C THR U 132 -40.83 -39.05 4.47
N GLU U 133 -40.57 -38.83 3.17
CA GLU U 133 -40.08 -39.89 2.29
C GLU U 133 -38.56 -39.91 2.31
N CYS U 134 -38.04 -40.04 3.54
CA CYS U 134 -36.67 -39.72 3.93
C CYS U 134 -35.59 -40.02 2.89
N GLU U 135 -35.74 -41.10 2.14
CA GLU U 135 -34.69 -41.48 1.19
C GLU U 135 -34.51 -40.45 0.09
N TYR U 136 -35.54 -39.66 -0.22
CA TYR U 136 -35.49 -38.74 -1.34
C TYR U 136 -35.74 -37.29 -0.93
N ASP U 137 -35.62 -36.96 0.36
CA ASP U 137 -35.73 -35.57 0.79
C ASP U 137 -35.00 -35.32 2.11
N TYR U 138 -35.24 -36.14 3.12
CA TYR U 138 -34.54 -35.98 4.39
C TYR U 138 -33.04 -36.25 4.22
N PHE U 139 -32.70 -37.42 3.69
CA PHE U 139 -31.30 -37.75 3.43
C PHE U 139 -30.71 -36.92 2.30
N LEU U 140 -31.51 -36.14 1.59
CA LEU U 140 -31.03 -35.23 0.56
C LEU U 140 -30.99 -33.78 1.04
N GLY U 141 -31.42 -33.51 2.27
CA GLY U 141 -31.38 -32.17 2.80
C GLY U 141 -32.59 -31.33 2.51
N ILE U 142 -33.76 -31.94 2.40
CA ILE U 142 -35.01 -31.22 2.18
C ILE U 142 -35.81 -31.25 3.48
N SER U 143 -36.03 -30.07 4.06
CA SER U 143 -36.79 -29.95 5.28
C SER U 143 -38.27 -29.75 4.98
N HIS U 144 -39.10 -29.92 6.01
CA HIS U 144 -40.52 -29.65 5.85
C HIS U 144 -40.77 -28.18 5.57
N THR U 145 -39.95 -27.30 6.16
CA THR U 145 -40.14 -25.87 5.99
C THR U 145 -39.91 -25.45 4.55
N ASP U 146 -39.05 -26.17 3.82
CA ASP U 146 -38.85 -25.88 2.41
C ASP U 146 -40.16 -25.97 1.63
N ALA U 147 -40.95 -27.02 1.90
CA ALA U 147 -42.20 -27.22 1.18
C ALA U 147 -43.17 -26.07 1.43
N PHE U 148 -43.29 -25.62 2.68
CA PHE U 148 -44.19 -24.53 2.98
C PHE U 148 -43.69 -23.21 2.40
N ALA U 149 -42.38 -23.03 2.31
CA ALA U 149 -41.85 -21.87 1.61
C ALA U 149 -42.14 -21.96 0.11
N LEU U 150 -41.98 -23.16 -0.47
CA LEU U 150 -42.29 -23.34 -1.88
C LEU U 150 -43.78 -23.25 -2.15
N ALA U 151 -44.59 -23.84 -1.26
CA ALA U 151 -46.05 -23.75 -1.42
C ALA U 151 -46.52 -22.31 -1.36
N THR U 152 -46.00 -21.54 -0.39
CA THR U 152 -46.32 -20.13 -0.32
C THR U 152 -45.87 -19.41 -1.58
N ALA U 153 -44.68 -19.73 -2.07
CA ALA U 153 -44.18 -19.12 -3.31
C ALA U 153 -45.03 -19.51 -4.50
N GLU U 154 -45.42 -20.78 -4.60
CA GLU U 154 -46.27 -21.21 -5.70
C GLU U 154 -47.66 -20.59 -5.59
N TYR U 155 -48.18 -20.46 -4.37
CA TYR U 155 -49.54 -19.97 -4.20
C TYR U 155 -49.66 -18.51 -4.63
N PHE U 156 -48.75 -17.66 -4.18
CA PHE U 156 -48.85 -16.24 -4.47
C PHE U 156 -48.61 -15.96 -5.95
N GLN U 157 -47.69 -16.70 -6.58
CA GLN U 157 -47.37 -16.46 -7.98
C GLN U 157 -48.42 -17.05 -8.91
N LYS U 158 -49.15 -18.06 -8.46
CA LYS U 158 -50.16 -18.71 -9.29
C LYS U 158 -51.45 -17.90 -9.38
N PHE U 159 -51.71 -17.02 -8.41
CA PHE U 159 -53.00 -16.35 -8.27
C PHE U 159 -52.86 -14.83 -8.33
N GLY U 160 -51.80 -14.35 -8.97
CA GLY U 160 -51.63 -12.92 -9.20
C GLY U 160 -51.58 -12.07 -7.95
N TYR U 161 -50.80 -12.51 -6.95
CA TYR U 161 -50.62 -11.75 -5.73
C TYR U 161 -49.31 -10.97 -5.70
N ALA U 162 -48.69 -10.77 -6.87
CA ALA U 162 -47.44 -10.03 -6.93
C ALA U 162 -47.63 -8.61 -6.43
N GLY U 163 -46.73 -8.18 -5.54
CA GLY U 163 -46.82 -6.89 -4.89
C GLY U 163 -47.58 -6.90 -3.58
N ARG U 164 -48.50 -7.86 -3.42
CA ARG U 164 -49.29 -8.00 -2.20
C ARG U 164 -48.84 -9.16 -1.34
N GLU U 165 -47.74 -9.83 -1.69
CA GLU U 165 -47.30 -11.00 -0.93
C GLU U 165 -46.94 -10.61 0.50
N ALA U 166 -46.15 -9.55 0.67
CA ALA U 166 -45.77 -9.12 2.02
C ALA U 166 -46.99 -8.67 2.81
N ASP U 167 -47.94 -8.00 2.14
CA ASP U 167 -49.11 -7.48 2.84
C ASP U 167 -49.95 -8.62 3.41
N VAL U 168 -50.20 -9.65 2.60
CA VAL U 168 -51.06 -10.75 3.03
C VAL U 168 -50.44 -11.48 4.22
N LEU U 169 -49.16 -11.82 4.11
CA LEU U 169 -48.48 -12.51 5.21
C LEU U 169 -48.41 -11.62 6.45
N ALA U 170 -48.18 -10.32 6.26
CA ALA U 170 -48.15 -9.42 7.40
C ALA U 170 -49.55 -9.20 7.97
N THR U 171 -50.57 -9.14 7.10
CA THR U 171 -51.94 -8.99 7.59
C THR U 171 -52.38 -10.23 8.36
N PHE U 172 -52.00 -11.42 7.88
CA PHE U 172 -52.32 -12.64 8.60
C PHE U 172 -51.55 -12.71 9.92
N GLY U 173 -50.28 -12.31 9.91
CA GLY U 173 -49.49 -12.36 11.14
C GLY U 173 -49.96 -11.35 12.17
N ARG U 174 -50.41 -10.17 11.73
CA ARG U 174 -50.89 -9.17 12.67
C ARG U 174 -52.20 -9.61 13.31
N GLN U 175 -53.08 -10.25 12.53
CA GLN U 175 -54.34 -10.73 13.08
C GLN U 175 -54.10 -11.83 14.10
N MET U 176 -53.14 -12.72 13.86
CA MET U 176 -52.78 -13.72 14.85
C MET U 176 -52.24 -13.07 16.12
N ARG U 177 -51.49 -11.98 15.98
CA ARG U 177 -51.00 -11.27 17.15
C ARG U 177 -52.16 -10.63 17.92
N ILE U 178 -53.15 -10.09 17.20
CA ILE U 178 -54.28 -9.44 17.86
C ILE U 178 -55.09 -10.46 18.66
N TYR U 179 -55.34 -11.64 18.08
CA TYR U 179 -56.09 -12.68 18.77
C TYR U 179 -55.36 -13.17 20.02
N ALA U 180 -54.03 -13.29 19.94
CA ALA U 180 -53.25 -13.82 21.05
C ALA U 180 -53.05 -12.83 22.19
N GLN U 181 -53.13 -11.53 21.92
CA GLN U 181 -52.75 -10.54 22.93
C GLN U 181 -53.66 -10.62 24.16
N ASN U 182 -54.94 -10.90 23.97
CA ASN U 182 -55.88 -11.01 25.09
C ASN U 182 -56.11 -12.45 25.52
N THR U 183 -55.39 -13.42 24.94
CA THR U 183 -55.54 -14.82 25.31
C THR U 183 -54.45 -15.18 26.31
N PRO U 184 -54.80 -15.51 27.56
CA PRO U 184 -53.75 -15.70 28.58
C PRO U 184 -52.88 -16.92 28.33
N THR U 185 -53.42 -17.98 27.72
CA THR U 185 -52.62 -19.18 27.47
C THR U 185 -51.70 -19.02 26.26
N ALA U 186 -51.80 -17.92 25.52
CA ALA U 186 -50.96 -17.71 24.36
C ALA U 186 -49.55 -17.32 24.77
N THR U 187 -48.59 -17.63 23.88
CA THR U 187 -47.20 -17.29 24.15
C THR U 187 -46.96 -15.79 24.03
N ARG U 188 -47.49 -15.19 22.97
CA ARG U 188 -47.36 -13.75 22.77
C ARG U 188 -48.44 -13.00 23.53
N TYR U 189 -48.80 -13.49 24.72
CA TYR U 189 -49.81 -12.82 25.53
C TYR U 189 -49.24 -11.53 26.11
N GLY U 190 -50.02 -10.45 26.02
CA GLY U 190 -49.63 -9.17 26.57
C GLY U 190 -48.62 -8.40 25.76
N GLN U 191 -48.10 -8.95 24.66
CA GLN U 191 -47.13 -8.23 23.86
C GLN U 191 -47.80 -7.18 23.00
N PRO U 192 -47.14 -6.05 22.76
CA PRO U 192 -47.74 -5.03 21.90
C PRO U 192 -47.86 -5.50 20.46
N ILE U 193 -48.81 -4.91 19.75
CA ILE U 193 -49.08 -5.28 18.35
C ILE U 193 -48.18 -4.44 17.46
N PRO U 194 -47.25 -5.05 16.72
CA PRO U 194 -46.42 -4.27 15.80
C PRO U 194 -47.25 -3.72 14.65
N SER U 195 -46.80 -2.58 14.13
CA SER U 195 -47.48 -1.98 12.99
C SER U 195 -47.32 -2.88 11.76
N LEU U 196 -48.17 -2.63 10.76
CA LEU U 196 -48.13 -3.45 9.56
C LEU U 196 -46.81 -3.31 8.82
N GLU U 197 -46.28 -2.09 8.72
CA GLU U 197 -45.02 -1.89 8.03
C GLU U 197 -43.85 -2.49 8.81
N VAL U 198 -43.96 -2.55 10.14
CA VAL U 198 -42.94 -3.22 10.93
C VAL U 198 -42.97 -4.73 10.67
N LEU U 199 -44.18 -5.30 10.57
CA LEU U 199 -44.31 -6.74 10.37
C LEU U 199 -43.85 -7.17 8.98
N LYS U 200 -43.98 -6.28 7.98
CA LYS U 200 -43.50 -6.62 6.65
C LYS U 200 -41.99 -6.74 6.60
N ASN U 201 -41.29 -5.98 7.45
CA ASN U 201 -39.83 -6.00 7.45
C ASN U 201 -39.26 -7.15 8.27
N SER U 202 -40.05 -7.74 9.16
CA SER U 202 -39.56 -8.79 10.04
C SER U 202 -39.38 -10.10 9.27
N GLU U 203 -38.94 -11.13 9.99
CA GLU U 203 -38.65 -12.42 9.37
C GLU U 203 -39.94 -13.12 8.95
N ALA U 204 -39.89 -13.75 7.77
CA ALA U 204 -41.04 -14.47 7.20
C ALA U 204 -42.24 -13.55 7.00
N CYS U 205 -41.98 -12.25 6.82
CA CYS U 205 -43.01 -11.23 6.69
C CYS U 205 -43.97 -11.23 7.88
N GLY U 206 -43.44 -11.52 9.08
CA GLY U 206 -44.22 -11.57 10.29
C GLY U 206 -45.05 -12.83 10.48
N SER U 207 -44.98 -13.77 9.55
CA SER U 207 -45.82 -14.96 9.60
C SER U 207 -45.08 -16.18 10.16
N MET U 208 -43.95 -15.97 10.83
CA MET U 208 -43.20 -17.08 11.40
C MET U 208 -43.86 -17.54 12.68
N LEU U 209 -43.98 -18.86 12.82
CA LEU U 209 -44.61 -19.42 14.03
C LEU U 209 -43.60 -19.48 15.17
N ALA U 210 -44.12 -19.68 16.38
CA ALA U 210 -43.30 -19.73 17.59
C ALA U 210 -43.08 -21.19 17.97
N TRP U 211 -41.82 -21.61 17.99
CA TRP U 211 -41.47 -22.97 18.37
C TRP U 211 -41.39 -23.08 19.88
N GLY U 212 -42.07 -24.08 20.43
CA GLY U 212 -42.04 -24.32 21.85
C GLY U 212 -42.36 -25.76 22.16
N GLU U 213 -42.81 -25.99 23.39
CA GLU U 213 -43.19 -27.31 23.84
C GLU U 213 -44.41 -27.21 24.75
N ALA U 214 -45.29 -28.20 24.64
CA ALA U 214 -46.51 -28.22 25.42
C ALA U 214 -47.13 -29.60 25.35
N SER U 215 -47.96 -29.91 26.34
CA SER U 215 -48.81 -31.09 26.33
C SER U 215 -50.23 -30.65 26.58
N GLY U 216 -51.18 -31.33 25.94
CA GLY U 216 -52.58 -31.02 26.11
C GLY U 216 -53.42 -32.27 25.90
N CYS U 217 -54.68 -32.19 26.30
CA CYS U 217 -55.56 -33.35 26.19
C CYS U 217 -57.00 -32.91 26.37
N ALA U 218 -57.90 -33.79 25.92
CA ALA U 218 -59.33 -33.65 26.13
C ALA U 218 -59.87 -34.98 26.62
N ILE U 219 -60.97 -34.90 27.39
CA ILE U 219 -61.57 -36.08 27.98
C ILE U 219 -62.87 -36.37 27.26
N LEU U 220 -62.96 -37.54 26.65
CA LEU U 220 -64.12 -37.97 25.88
C LEU U 220 -64.92 -38.99 26.68
N VAL U 221 -66.25 -38.81 26.70
CA VAL U 221 -67.14 -39.73 27.40
C VAL U 221 -68.36 -40.00 26.53
N ALA U 222 -69.00 -41.12 26.81
CA ALA U 222 -70.26 -41.43 26.14
C ALA U 222 -71.30 -40.37 26.48
N GLU U 223 -72.28 -40.21 25.59
CA GLU U 223 -73.21 -39.09 25.71
C GLU U 223 -74.05 -39.18 26.96
N HIS U 224 -74.38 -40.40 27.41
CA HIS U 224 -75.25 -40.52 28.59
C HIS U 224 -74.50 -40.19 29.87
N LEU U 225 -73.18 -40.39 29.91
CA LEU U 225 -72.39 -40.04 31.07
C LEU U 225 -71.97 -38.57 31.09
N ALA U 226 -72.27 -37.82 30.02
CA ALA U 226 -71.74 -36.46 29.90
C ALA U 226 -72.37 -35.51 30.92
N HIS U 227 -73.61 -35.76 31.33
CA HIS U 227 -74.27 -34.87 32.29
C HIS U 227 -73.60 -34.92 33.67
N LYS U 228 -72.90 -36.01 33.99
CA LYS U 228 -72.26 -36.12 35.28
C LYS U 228 -71.10 -35.15 35.45
N TYR U 229 -70.37 -34.86 34.36
CA TYR U 229 -69.09 -34.19 34.46
C TYR U 229 -69.10 -32.74 34.03
N THR U 230 -70.00 -32.33 33.14
CA THR U 230 -70.04 -30.95 32.70
C THR U 230 -71.48 -30.51 32.45
N ASP U 231 -71.72 -29.21 32.60
CA ASP U 231 -73.03 -28.66 32.31
C ASP U 231 -73.19 -28.32 30.84
N LYS U 232 -72.10 -27.94 30.17
CA LYS U 232 -72.11 -27.59 28.76
C LYS U 232 -71.15 -28.51 28.03
N PRO U 233 -71.62 -29.64 27.52
CA PRO U 233 -70.75 -30.54 26.75
C PRO U 233 -70.68 -30.15 25.29
N VAL U 234 -69.59 -30.57 24.65
CA VAL U 234 -69.35 -30.36 23.23
C VAL U 234 -69.29 -31.73 22.56
N PHE U 235 -70.07 -31.88 21.48
CA PHE U 235 -70.19 -33.15 20.78
C PHE U 235 -69.30 -33.17 19.54
N VAL U 236 -69.08 -34.37 19.02
CA VAL U 236 -68.25 -34.60 17.85
C VAL U 236 -69.17 -34.95 16.68
N ARG U 237 -69.32 -34.01 15.74
CA ARG U 237 -70.20 -34.26 14.60
C ARG U 237 -69.62 -35.33 13.68
N GLY U 238 -68.37 -35.15 13.24
CA GLY U 238 -67.75 -36.10 12.36
C GLY U 238 -66.26 -35.85 12.17
N CYS U 239 -65.52 -36.90 11.84
CA CYS U 239 -64.08 -36.83 11.67
C CYS U 239 -63.67 -37.42 10.34
N ALA U 240 -62.59 -36.90 9.78
CA ALA U 240 -61.96 -37.47 8.60
C ALA U 240 -60.45 -37.38 8.76
N TYR U 241 -59.75 -38.42 8.32
CA TYR U 241 -58.30 -38.48 8.32
C TYR U 241 -57.89 -39.08 6.99
N THR U 242 -56.91 -38.47 6.33
CA THR U 242 -56.49 -38.90 4.99
C THR U 242 -54.97 -38.91 4.90
N GLY U 243 -54.46 -39.83 4.10
CA GLY U 243 -53.03 -40.02 3.95
C GLY U 243 -52.57 -40.09 2.50
N VAL U 244 -51.54 -39.31 2.18
CA VAL U 244 -50.98 -39.23 0.83
C VAL U 244 -49.46 -39.22 0.94
N SER U 245 -48.80 -39.63 -0.14
CA SER U 245 -47.34 -39.75 -0.17
C SER U 245 -46.65 -38.54 0.44
N HIS U 246 -45.66 -38.81 1.29
CA HIS U 246 -44.92 -37.74 1.96
C HIS U 246 -44.14 -36.90 0.97
N TYR U 247 -43.79 -37.47 -0.18
CA TYR U 247 -42.91 -36.78 -1.13
C TYR U 247 -43.62 -35.58 -1.74
N PHE U 248 -42.91 -34.44 -1.75
CA PHE U 248 -43.52 -33.19 -2.19
C PHE U 248 -43.81 -33.16 -3.69
N GLY U 249 -43.11 -33.98 -4.47
CA GLY U 249 -43.32 -33.99 -5.91
C GLY U 249 -44.66 -34.55 -6.32
N THR U 250 -45.17 -35.54 -5.57
CA THR U 250 -46.46 -36.14 -5.89
C THR U 250 -47.63 -35.20 -5.65
N ARG U 251 -47.39 -34.03 -5.06
CA ARG U 251 -48.46 -33.05 -4.94
C ARG U 251 -48.99 -32.66 -6.32
N PHE U 252 -48.08 -32.35 -7.26
CA PHE U 252 -48.44 -31.85 -8.58
C PHE U 252 -49.03 -32.92 -9.50
N HIS U 253 -48.83 -34.21 -9.19
CA HIS U 253 -49.31 -35.27 -10.08
C HIS U 253 -49.35 -36.55 -9.25
N ASN U 254 -50.55 -36.95 -8.83
CA ASN U 254 -50.71 -38.11 -7.97
C ASN U 254 -51.86 -38.98 -8.48
N PRO U 255 -51.56 -39.94 -9.36
CA PRO U 255 -52.60 -40.90 -9.78
C PRO U 255 -53.00 -41.87 -8.70
N THR U 256 -52.27 -41.92 -7.58
CA THR U 256 -52.64 -42.81 -6.49
C THR U 256 -53.87 -42.29 -5.74
N LEU U 257 -53.97 -40.98 -5.58
CA LEU U 257 -55.12 -40.39 -4.92
C LEU U 257 -56.37 -40.55 -5.78
N HIS U 258 -57.42 -41.11 -5.18
CA HIS U 258 -58.68 -41.40 -5.87
C HIS U 258 -59.82 -40.68 -5.15
N HIS U 259 -60.25 -39.56 -5.72
CA HIS U 259 -61.34 -38.76 -5.19
C HIS U 259 -62.00 -38.03 -6.34
N PRO U 260 -63.33 -38.05 -6.42
CA PRO U 260 -64.01 -37.32 -7.49
C PRO U 260 -64.06 -35.82 -7.21
N GLY U 261 -64.06 -35.05 -8.30
CA GLY U 261 -64.16 -33.61 -8.22
C GLY U 261 -62.87 -32.87 -7.94
N LEU U 262 -61.72 -33.53 -8.06
CA LEU U 262 -60.46 -32.89 -7.73
C LEU U 262 -60.10 -31.87 -8.81
N PRO U 263 -59.42 -30.79 -8.43
CA PRO U 263 -59.10 -29.74 -9.42
C PRO U 263 -58.17 -30.26 -10.50
N LYS U 264 -58.20 -29.57 -11.65
CA LYS U 264 -57.38 -29.97 -12.79
C LYS U 264 -55.90 -29.91 -12.44
N ASP U 265 -55.47 -28.82 -11.80
CA ASP U 265 -54.09 -28.60 -11.38
C ASP U 265 -53.98 -28.85 -9.88
N VAL U 266 -53.23 -29.89 -9.52
CA VAL U 266 -53.03 -30.20 -8.11
C VAL U 266 -51.69 -29.60 -7.69
N GLY U 267 -51.54 -28.29 -7.77
CA GLY U 267 -50.32 -27.67 -7.28
C GLY U 267 -50.15 -27.83 -5.77
N MET U 268 -48.97 -27.45 -5.28
CA MET U 268 -48.82 -27.21 -3.85
C MET U 268 -49.77 -26.11 -3.39
N ALA U 269 -50.05 -25.14 -4.25
CA ALA U 269 -50.99 -24.07 -3.93
C ALA U 269 -52.41 -24.59 -3.71
N VAL U 270 -52.74 -25.76 -4.22
CA VAL U 270 -54.08 -26.34 -4.10
C VAL U 270 -53.90 -27.75 -3.55
N SER U 271 -54.03 -27.91 -2.23
CA SER U 271 -53.83 -29.20 -1.59
C SER U 271 -54.96 -30.16 -1.98
N ALA U 272 -54.63 -31.14 -2.82
CA ALA U 272 -55.64 -32.11 -3.22
C ALA U 272 -56.12 -32.95 -2.04
N ASN U 273 -55.20 -33.30 -1.13
CA ASN U 273 -55.57 -34.12 0.00
C ASN U 273 -56.48 -33.38 0.97
N SER U 274 -56.16 -32.12 1.26
CA SER U 274 -56.97 -31.35 2.20
C SER U 274 -58.37 -31.11 1.66
N ILE U 275 -58.52 -30.97 0.35
CA ILE U 275 -59.86 -30.89 -0.25
C ILE U 275 -60.59 -32.21 -0.05
N ALA U 276 -59.93 -33.32 -0.38
CA ALA U 276 -60.57 -34.63 -0.25
C ALA U 276 -60.92 -34.92 1.20
N CYS U 277 -60.07 -34.51 2.14
CA CYS U 277 -60.34 -34.75 3.56
C CYS U 277 -61.56 -33.95 4.03
N ALA U 278 -61.63 -32.68 3.61
CA ALA U 278 -62.74 -31.83 4.03
C ALA U 278 -64.07 -32.34 3.50
N GLU U 279 -64.08 -32.83 2.25
CA GLU U 279 -65.31 -33.36 1.68
C GLU U 279 -65.78 -34.60 2.43
N ILE U 280 -64.84 -35.47 2.81
CA ILE U 280 -65.21 -36.68 3.55
C ILE U 280 -65.65 -36.33 4.96
N ALA U 281 -65.00 -35.34 5.59
CA ALA U 281 -65.40 -34.92 6.92
C ALA U 281 -66.77 -34.26 6.91
N TYR U 282 -67.03 -33.40 5.93
CA TYR U 282 -68.30 -32.70 5.88
C TYR U 282 -69.46 -33.66 5.62
N LYS U 283 -69.21 -34.72 4.87
CA LYS U 283 -70.26 -35.71 4.60
C LYS U 283 -70.59 -36.50 5.85
N LYS U 284 -69.58 -36.80 6.68
CA LYS U 284 -69.84 -37.51 7.94
C LYS U 284 -70.52 -36.59 8.95
N ALA U 285 -70.13 -35.32 8.98
CA ALA U 285 -70.70 -34.37 9.93
C ALA U 285 -72.07 -33.85 9.49
N GLY U 286 -72.45 -34.08 8.24
CA GLY U 286 -73.73 -33.61 7.75
C GLY U 286 -73.84 -32.10 7.70
N ILE U 287 -72.74 -31.41 7.39
CA ILE U 287 -72.73 -29.96 7.28
C ILE U 287 -71.98 -29.56 6.02
N THR U 288 -72.31 -28.39 5.50
CA THR U 288 -71.57 -27.77 4.42
C THR U 288 -70.61 -26.72 5.00
N ALA U 289 -69.75 -26.19 4.13
CA ALA U 289 -68.73 -25.26 4.59
C ALA U 289 -69.36 -23.97 5.10
N LYS U 290 -70.55 -23.63 4.62
CA LYS U 290 -71.23 -22.41 5.04
C LYS U 290 -71.81 -22.48 6.45
N ASP U 291 -71.81 -23.67 7.06
CA ASP U 291 -72.30 -23.83 8.42
C ASP U 291 -71.26 -23.45 9.48
N ILE U 292 -70.00 -23.30 9.08
CA ILE U 292 -68.93 -23.08 10.04
C ILE U 292 -69.04 -21.67 10.63
N ASP U 293 -69.02 -21.58 11.96
CA ASP U 293 -69.04 -20.31 12.66
C ASP U 293 -67.67 -19.89 13.15
N VAL U 294 -66.79 -20.84 13.45
CA VAL U 294 -65.42 -20.54 13.87
C VAL U 294 -64.56 -21.74 13.53
N ALA U 295 -63.30 -21.49 13.18
CA ALA U 295 -62.41 -22.54 12.70
C ALA U 295 -61.01 -22.35 13.26
N GLN U 296 -60.20 -23.39 13.09
CA GLN U 296 -58.82 -23.42 13.54
C GLN U 296 -57.99 -24.19 12.51
N VAL U 297 -56.93 -23.56 11.99
CA VAL U 297 -56.11 -24.17 10.95
C VAL U 297 -54.63 -24.07 11.34
N TYR U 298 -53.83 -24.97 10.79
CA TYR U 298 -52.38 -24.93 10.95
C TYR U 298 -51.84 -23.78 10.12
N ASP U 299 -51.33 -22.74 10.78
CA ASP U 299 -50.87 -21.54 10.10
C ASP U 299 -49.35 -21.50 10.13
N LEU U 300 -48.73 -21.38 8.96
CA LEU U 300 -47.28 -21.21 8.82
C LEU U 300 -47.01 -20.68 7.43
N LEU U 301 -46.36 -19.52 7.34
CA LEU U 301 -46.16 -18.84 6.07
C LEU U 301 -47.51 -18.68 5.36
N GLY U 302 -47.55 -18.98 4.06
CA GLY U 302 -48.79 -18.94 3.31
C GLY U 302 -49.64 -20.19 3.39
N ALA U 303 -49.25 -21.16 4.21
CA ALA U 303 -49.99 -22.42 4.27
C ALA U 303 -51.38 -22.24 4.88
N GLY U 304 -51.56 -21.23 5.73
CA GLY U 304 -52.89 -20.97 6.25
C GLY U 304 -53.87 -20.60 5.16
N LEU U 305 -53.39 -19.86 4.15
CA LEU U 305 -54.26 -19.46 3.04
C LEU U 305 -54.77 -20.67 2.26
N ILE U 306 -53.88 -21.62 1.98
CA ILE U 306 -54.25 -22.81 1.21
C ILE U 306 -55.32 -23.61 1.94
N GLN U 307 -55.23 -23.68 3.27
CA GLN U 307 -56.16 -24.49 4.04
C GLN U 307 -57.55 -23.87 4.09
N MET U 308 -57.64 -22.53 4.19
CA MET U 308 -58.93 -21.88 4.11
C MET U 308 -59.64 -22.22 2.81
N GLU U 309 -58.88 -22.27 1.71
CA GLU U 309 -59.48 -22.56 0.41
C GLU U 309 -59.85 -24.03 0.28
N SER U 310 -58.95 -24.93 0.71
CA SER U 310 -59.25 -26.35 0.67
C SER U 310 -60.42 -26.70 1.59
N MET U 311 -60.63 -25.90 2.64
CA MET U 311 -61.72 -26.15 3.58
C MET U 311 -63.07 -25.72 3.02
N GLY U 312 -63.08 -24.90 1.97
CA GLY U 312 -64.32 -24.42 1.41
C GLY U 312 -64.79 -23.08 1.93
N ILE U 313 -63.98 -22.39 2.73
CA ILE U 313 -64.39 -21.10 3.26
C ILE U 313 -64.44 -20.05 2.15
N CYS U 314 -63.47 -20.07 1.24
CA CYS U 314 -63.43 -19.15 0.13
C CYS U 314 -62.92 -19.88 -1.11
N GLY U 315 -63.05 -19.21 -2.26
CA GLY U 315 -62.69 -19.83 -3.52
C GLY U 315 -61.19 -19.91 -3.72
N LYS U 316 -60.80 -20.67 -4.74
CA LYS U 316 -59.39 -20.83 -5.08
C LYS U 316 -58.77 -19.49 -5.40
N GLY U 317 -57.68 -19.16 -4.70
CA GLY U 317 -56.96 -17.93 -4.93
C GLY U 317 -57.47 -16.72 -4.19
N GLN U 318 -58.51 -16.87 -3.39
CA GLN U 318 -59.16 -15.74 -2.73
C GLN U 318 -58.74 -15.55 -1.28
N ALA U 319 -57.97 -16.48 -0.71
CA ALA U 319 -57.65 -16.41 0.71
C ALA U 319 -56.89 -15.13 1.05
N GLY U 320 -55.93 -14.75 0.21
CA GLY U 320 -55.17 -13.54 0.48
C GLY U 320 -56.04 -12.30 0.52
N ASP U 321 -56.85 -12.10 -0.53
CA ASP U 321 -57.78 -10.98 -0.53
C ASP U 321 -58.77 -11.08 0.62
N PHE U 322 -59.19 -12.30 0.95
CA PHE U 322 -60.08 -12.51 2.09
C PHE U 322 -59.45 -11.99 3.37
N VAL U 323 -58.20 -12.38 3.63
CA VAL U 323 -57.51 -11.93 4.83
C VAL U 323 -57.26 -10.42 4.76
N LEU U 324 -56.94 -9.92 3.57
CA LEU U 324 -56.64 -8.50 3.42
C LEU U 324 -57.86 -7.64 3.75
N GLU U 325 -59.05 -8.13 3.43
CA GLU U 325 -60.28 -7.41 3.74
C GLU U 325 -60.77 -7.68 5.15
N GLY U 326 -59.91 -8.15 6.05
CA GLY U 326 -60.28 -8.35 7.44
C GLY U 326 -61.35 -9.40 7.66
N GLY U 327 -61.32 -10.47 6.86
CA GLY U 327 -62.36 -11.48 6.95
C GLY U 327 -62.20 -12.44 8.11
N ILE U 328 -60.96 -12.71 8.52
CA ILE U 328 -60.68 -13.58 9.65
C ILE U 328 -60.62 -12.81 10.96
N ALA U 329 -60.90 -11.50 10.94
CA ALA U 329 -61.05 -10.75 12.18
C ALA U 329 -62.27 -11.22 12.97
N LEU U 330 -62.38 -10.74 14.22
CA LEU U 330 -63.51 -11.15 15.06
C LEU U 330 -64.83 -10.67 14.49
N ASP U 331 -64.85 -9.48 13.90
CA ASP U 331 -66.02 -8.98 13.17
C ASP U 331 -66.05 -9.45 11.73
N GLY U 332 -65.04 -10.19 11.28
CA GLY U 332 -64.99 -10.67 9.90
C GLY U 332 -65.96 -11.79 9.63
N GLN U 333 -65.93 -12.26 8.38
CA GLN U 333 -66.89 -13.29 7.95
C GLN U 333 -66.63 -14.62 8.65
N LEU U 334 -65.38 -15.03 8.75
CA LEU U 334 -65.08 -16.27 9.47
C LEU U 334 -63.82 -16.08 10.31
N PRO U 335 -63.95 -15.99 11.64
CA PRO U 335 -62.77 -15.81 12.49
C PRO U 335 -61.87 -17.02 12.48
N LEU U 336 -60.57 -16.78 12.31
CA LEU U 336 -59.56 -17.83 12.18
C LEU U 336 -58.62 -17.79 13.38
N ASN U 337 -58.43 -18.94 14.02
CA ASN U 337 -57.44 -19.10 15.10
C ASN U 337 -57.63 -18.02 16.17
N THR U 338 -58.80 -18.05 16.80
CA THR U 338 -59.17 -17.02 17.77
C THR U 338 -58.30 -17.02 19.01
N ASP U 339 -57.47 -18.04 19.21
CA ASP U 339 -56.54 -18.08 20.34
C ASP U 339 -55.18 -17.46 20.01
N GLY U 340 -54.94 -17.10 18.75
CA GLY U 340 -53.67 -16.58 18.31
C GLY U 340 -52.96 -17.48 17.31
N GLY U 341 -53.37 -18.74 17.19
CA GLY U 341 -52.76 -19.66 16.26
C GLY U 341 -51.35 -20.05 16.67
N ASN U 342 -50.66 -20.68 15.72
CA ASN U 342 -49.27 -21.06 15.95
C ASN U 342 -48.36 -19.85 16.06
N ILE U 343 -48.72 -18.76 15.38
CA ILE U 343 -47.88 -17.56 15.39
C ILE U 343 -48.06 -16.79 16.68
N GLY U 344 -49.29 -16.68 17.18
CA GLY U 344 -49.56 -15.91 18.38
C GLY U 344 -49.59 -16.71 19.65
N ARG U 345 -50.22 -17.88 19.63
CA ARG U 345 -50.33 -18.70 20.83
C ARG U 345 -49.13 -19.63 20.99
N GLY U 346 -48.61 -20.16 19.90
CA GLY U 346 -47.47 -21.06 19.93
C GLY U 346 -47.76 -22.36 19.21
N HIS U 347 -46.70 -23.15 19.05
CA HIS U 347 -46.79 -24.38 18.27
C HIS U 347 -45.90 -25.44 18.89
N ALA U 348 -46.51 -26.56 19.28
CA ALA U 348 -45.80 -27.80 19.57
C ALA U 348 -46.36 -28.85 18.62
N SER U 349 -45.48 -29.48 17.83
CA SER U 349 -45.93 -30.32 16.73
C SER U 349 -46.86 -31.43 17.20
N GLY U 350 -46.40 -32.24 18.16
CA GLY U 350 -47.21 -33.36 18.60
C GLY U 350 -48.49 -32.94 19.29
N CYS U 351 -48.51 -31.72 19.84
CA CYS U 351 -49.64 -31.24 20.63
C CYS U 351 -50.61 -30.38 19.83
N ASP U 352 -50.33 -30.15 18.54
CA ASP U 352 -51.06 -29.13 17.80
C ASP U 352 -52.53 -29.47 17.63
N GLY U 353 -52.85 -30.75 17.42
CA GLY U 353 -54.26 -31.12 17.22
C GLY U 353 -55.13 -30.75 18.41
N ILE U 354 -54.61 -30.93 19.62
CA ILE U 354 -55.37 -30.59 20.82
C ILE U 354 -55.48 -29.08 20.96
N LEU U 355 -54.42 -28.34 20.64
CA LEU U 355 -54.48 -26.89 20.67
C LEU U 355 -55.62 -26.36 19.81
N HIS U 356 -55.85 -26.99 18.65
CA HIS U 356 -56.96 -26.60 17.79
C HIS U 356 -58.29 -26.87 18.47
N ILE U 357 -58.41 -28.02 19.12
CA ILE U 357 -59.70 -28.44 19.68
C ILE U 357 -60.04 -27.63 20.92
N THR U 358 -59.04 -27.30 21.74
CA THR U 358 -59.30 -26.60 22.99
C THR U 358 -59.94 -25.23 22.74
N GLU U 359 -59.39 -24.47 21.78
CA GLU U 359 -59.95 -23.17 21.49
C GLU U 359 -61.35 -23.29 20.89
N LEU U 360 -61.55 -24.27 20.00
CA LEU U 360 -62.90 -24.55 19.52
C LEU U 360 -63.81 -24.95 20.66
N PHE U 361 -63.36 -25.87 21.51
CA PHE U 361 -64.13 -26.29 22.67
C PHE U 361 -64.52 -25.09 23.53
N ARG U 362 -63.58 -24.16 23.75
CA ARG U 362 -63.91 -22.96 24.49
C ARG U 362 -64.92 -22.10 23.74
N GLN U 363 -64.80 -22.03 22.42
CA GLN U 363 -65.74 -21.22 21.64
C GLN U 363 -67.16 -21.75 21.77
N LEU U 364 -67.33 -23.07 21.65
CA LEU U 364 -68.67 -23.64 21.70
C LEU U 364 -69.29 -23.56 23.08
N ARG U 365 -68.49 -23.36 24.12
CA ARG U 365 -69.00 -23.13 25.47
C ARG U 365 -69.13 -21.65 25.79
N GLY U 366 -68.83 -20.77 24.85
CA GLY U 366 -68.88 -19.34 25.11
C GLY U 366 -67.83 -18.83 26.07
N GLU U 367 -66.71 -19.53 26.18
CA GLU U 367 -65.68 -19.22 27.16
C GLU U 367 -64.43 -18.57 26.55
N SER U 368 -64.40 -18.37 25.24
CA SER U 368 -63.18 -17.90 24.60
C SER U 368 -62.95 -16.41 24.85
N ASP U 369 -61.68 -16.02 24.86
CA ASP U 369 -61.33 -14.62 25.06
C ASP U 369 -61.82 -13.77 23.90
N ASN U 370 -61.64 -14.25 22.67
CA ASN U 370 -62.25 -13.63 21.48
C ASN U 370 -63.43 -14.52 21.12
N GLN U 371 -64.61 -14.14 21.59
CA GLN U 371 -65.80 -14.99 21.47
C GLN U 371 -66.58 -14.65 20.20
N VAL U 372 -66.81 -15.67 19.39
CA VAL U 372 -67.77 -15.56 18.28
C VAL U 372 -69.15 -15.76 18.87
N LYS U 373 -70.00 -14.73 18.74
CA LYS U 373 -71.32 -14.76 19.36
C LYS U 373 -72.18 -15.88 18.77
N GLY U 374 -72.74 -16.71 19.64
CA GLY U 374 -73.64 -17.78 19.23
C GLY U 374 -73.03 -18.82 18.31
N ALA U 375 -71.78 -19.19 18.53
CA ALA U 375 -71.13 -20.19 17.69
C ALA U 375 -71.66 -21.58 18.02
N ARG U 376 -72.17 -22.28 17.01
CA ARG U 376 -72.65 -23.63 17.18
C ARG U 376 -71.80 -24.68 16.50
N ILE U 377 -70.96 -24.30 15.53
CA ILE U 377 -70.18 -25.23 14.75
C ILE U 377 -68.72 -24.78 14.73
N GLY U 378 -67.82 -25.69 15.06
CA GLY U 378 -66.39 -25.43 14.98
C GLY U 378 -65.68 -26.56 14.28
N VAL U 379 -64.72 -26.20 13.43
CA VAL U 379 -64.02 -27.16 12.58
C VAL U 379 -62.52 -26.92 12.70
N SER U 380 -61.76 -28.00 12.85
CA SER U 380 -60.30 -27.94 12.98
C SER U 380 -59.66 -28.58 11.74
N GLN U 381 -58.90 -27.78 11.00
CA GLN U 381 -58.14 -28.25 9.85
C GLN U 381 -56.67 -28.37 10.26
N ASN U 382 -56.10 -29.56 10.10
CA ASN U 382 -54.73 -29.82 10.52
C ASN U 382 -54.03 -30.65 9.44
N LEU U 383 -52.73 -30.42 9.30
CA LEU U 383 -51.93 -31.14 8.31
C LEU U 383 -50.62 -31.60 8.95
N GLY U 384 -50.07 -32.65 8.38
CA GLY U 384 -48.77 -33.17 8.81
C GLY U 384 -47.85 -33.35 7.62
N GLY U 385 -46.59 -33.01 7.81
CA GLY U 385 -45.74 -32.87 6.65
C GLY U 385 -46.29 -31.74 5.79
N TYR U 386 -46.18 -31.90 4.48
CA TYR U 386 -46.91 -31.01 3.57
C TYR U 386 -48.16 -31.75 3.12
N ALA U 387 -49.20 -31.67 3.96
CA ALA U 387 -50.50 -32.29 3.71
C ALA U 387 -50.41 -33.80 3.53
N ALA U 388 -49.33 -34.43 4.01
CA ALA U 388 -49.26 -35.89 4.00
C ALA U 388 -50.36 -36.48 4.86
N HIS U 389 -50.43 -36.08 6.12
CA HIS U 389 -51.63 -36.23 6.92
C HIS U 389 -52.52 -35.03 6.73
N ASN U 390 -53.83 -35.26 6.82
CA ASN U 390 -54.80 -34.18 6.90
C ASN U 390 -55.97 -34.64 7.75
N SER U 391 -56.33 -33.84 8.74
CA SER U 391 -57.38 -34.17 9.69
C SER U 391 -58.36 -33.01 9.78
N VAL U 392 -59.63 -33.29 9.52
CA VAL U 392 -60.70 -32.32 9.68
C VAL U 392 -61.70 -32.90 10.68
N ILE U 393 -61.86 -32.19 11.79
CA ILE U 393 -62.76 -32.60 12.86
C ILE U 393 -63.81 -31.51 13.06
N VAL U 394 -65.07 -31.92 13.22
CA VAL U 394 -66.19 -31.00 13.37
C VAL U 394 -66.79 -31.19 14.75
N LEU U 395 -66.95 -30.08 15.47
CA LEU U 395 -67.57 -30.08 16.80
C LEU U 395 -68.77 -29.15 16.80
N SER U 396 -69.85 -29.60 17.43
CA SER U 396 -71.05 -28.77 17.62
C SER U 396 -71.47 -28.84 19.07
N ASN U 397 -72.12 -27.77 19.54
CA ASN U 397 -72.48 -27.64 20.95
C ASN U 397 -73.86 -28.18 21.27
N ASP U 398 -74.57 -28.76 20.30
CA ASP U 398 -75.85 -29.41 20.59
C ASP U 398 -75.91 -30.81 20.00
N LYS V 4 -10.83 -25.98 68.25
CA LYS V 4 -9.60 -25.27 68.54
C LYS V 4 -8.77 -25.14 67.25
N LYS V 5 -7.80 -26.03 67.07
CA LYS V 5 -6.97 -26.01 65.88
C LYS V 5 -7.73 -26.65 64.71
N ILE V 6 -7.19 -26.44 63.51
CA ILE V 6 -7.81 -26.93 62.27
C ILE V 6 -7.00 -28.10 61.76
N GLY V 7 -7.68 -29.14 61.29
CA GLY V 7 -7.00 -30.28 60.74
C GLY V 7 -7.95 -31.23 60.06
N ILE V 8 -7.49 -32.47 59.90
CA ILE V 8 -8.27 -33.49 59.21
C ILE V 8 -9.30 -34.07 60.16
N VAL V 9 -10.55 -34.13 59.71
CA VAL V 9 -11.63 -34.71 60.50
C VAL V 9 -11.82 -36.19 60.16
N SER V 10 -11.83 -36.52 58.88
CA SER V 10 -11.92 -37.90 58.42
C SER V 10 -11.30 -37.99 57.04
N TYR V 11 -11.14 -39.22 56.55
CA TYR V 11 -10.53 -39.43 55.25
C TYR V 11 -11.10 -40.68 54.59
N GLY V 12 -10.99 -40.73 53.27
CA GLY V 12 -11.45 -41.86 52.50
C GLY V 12 -10.63 -42.00 51.24
N ALA V 13 -10.61 -43.23 50.70
CA ALA V 13 -9.79 -43.53 49.54
C ALA V 13 -10.54 -44.46 48.60
N GLY V 14 -10.20 -44.35 47.32
CA GLY V 14 -10.75 -45.24 46.30
C GLY V 14 -9.68 -45.77 45.37
N ILE V 15 -9.59 -47.09 45.26
CA ILE V 15 -8.53 -47.74 44.50
C ILE V 15 -9.14 -48.73 43.52
N PRO V 16 -8.70 -48.75 42.25
CA PRO V 16 -9.20 -49.76 41.31
C PRO V 16 -8.79 -51.16 41.72
N VAL V 17 -9.66 -52.12 41.41
CA VAL V 17 -9.43 -53.50 41.84
C VAL V 17 -8.59 -54.30 40.86
N CYS V 18 -8.54 -53.91 39.60
CA CYS V 18 -7.79 -54.69 38.61
C CYS V 18 -6.29 -54.47 38.78
N ARG V 19 -5.53 -55.57 38.75
CA ARG V 19 -4.09 -55.52 38.89
C ARG V 19 -3.45 -56.24 37.71
N LEU V 20 -2.33 -55.70 37.23
CA LEU V 20 -1.56 -56.30 36.15
C LEU V 20 -0.15 -56.53 36.67
N LYS V 21 0.30 -57.79 36.63
CA LYS V 21 1.64 -58.11 37.06
C LYS V 21 2.67 -57.41 36.16
N VAL V 22 3.75 -56.93 36.78
CA VAL V 22 4.73 -56.14 36.05
C VAL V 22 5.33 -56.94 34.90
N GLN V 23 5.52 -58.25 35.13
CA GLN V 23 6.19 -59.08 34.13
C GLN V 23 5.42 -59.14 32.82
N GLU V 24 4.10 -58.96 32.85
CA GLU V 24 3.32 -58.98 31.62
C GLU V 24 3.73 -57.84 30.69
N VAL V 25 3.98 -56.66 31.26
CA VAL V 25 4.39 -55.52 30.43
C VAL V 25 5.81 -55.71 29.92
N ILE V 26 6.70 -56.25 30.76
CA ILE V 26 8.09 -56.43 30.36
C ILE V 26 8.20 -57.45 29.23
N ASN V 27 7.45 -58.56 29.33
CA ASN V 27 7.57 -59.62 28.33
C ASN V 27 7.18 -59.14 26.95
N VAL V 28 6.22 -58.23 26.85
CA VAL V 28 5.80 -57.73 25.54
C VAL V 28 6.81 -56.74 24.99
N TRP V 29 7.20 -55.75 25.79
CA TRP V 29 8.05 -54.67 25.31
C TRP V 29 9.53 -54.94 25.48
N LYS V 30 9.93 -55.58 26.59
CA LYS V 30 11.34 -55.87 26.86
C LYS V 30 12.19 -54.61 26.76
N ASN V 31 11.67 -53.52 27.31
CA ASN V 31 12.32 -52.22 27.25
C ASN V 31 12.95 -51.81 28.57
N THR V 32 12.94 -52.68 29.58
CA THR V 32 13.58 -52.39 30.85
C THR V 32 13.81 -53.70 31.60
N ASP V 33 14.67 -53.65 32.61
CA ASP V 33 15.05 -54.84 33.35
C ASP V 33 13.97 -55.20 34.36
N LEU V 34 13.55 -56.47 34.35
CA LEU V 34 12.52 -56.92 35.28
C LEU V 34 13.01 -56.85 36.72
N LYS V 35 14.24 -57.28 36.97
CA LYS V 35 14.77 -57.25 38.32
C LYS V 35 14.92 -55.83 38.84
N LEU V 36 15.15 -54.87 37.94
CA LEU V 36 15.25 -53.48 38.35
C LEU V 36 13.92 -52.96 38.89
N VAL V 37 12.84 -53.21 38.15
CA VAL V 37 11.56 -52.65 38.52
C VAL V 37 10.99 -53.34 39.76
N GLU V 38 11.15 -54.66 39.85
CA GLU V 38 10.53 -55.40 40.94
C GLU V 38 11.32 -55.27 42.24
N GLU V 39 12.65 -55.24 42.17
CA GLU V 39 13.47 -55.26 43.38
C GLU V 39 14.05 -53.90 43.74
N ASN V 40 14.73 -53.23 42.81
CA ASN V 40 15.28 -51.91 43.10
C ASN V 40 14.17 -50.88 43.23
N LEU V 41 13.26 -50.84 42.26
CA LEU V 41 12.14 -49.89 42.35
C LEU V 41 11.13 -50.33 43.39
N GLY V 42 10.82 -51.63 43.45
CA GLY V 42 9.94 -52.17 44.46
C GLY V 42 8.50 -52.36 44.05
N VAL V 43 8.20 -52.40 42.75
CA VAL V 43 6.84 -52.59 42.25
C VAL V 43 6.77 -53.94 41.56
N THR V 44 5.91 -54.81 42.07
CA THR V 44 5.68 -56.11 41.46
C THR V 44 4.42 -56.16 40.60
N GLU V 45 3.49 -55.23 40.81
CA GLU V 45 2.27 -55.15 40.02
C GLU V 45 1.65 -53.78 40.21
N ARG V 46 0.75 -53.42 39.31
CA ARG V 46 0.17 -52.09 39.27
C ARG V 46 -1.34 -52.19 39.03
N ALA V 47 -2.02 -51.07 39.28
CA ALA V 47 -3.47 -51.02 39.15
C ALA V 47 -3.89 -50.74 37.71
N VAL V 48 -4.97 -51.40 37.28
CA VAL V 48 -5.50 -51.26 35.93
C VAL V 48 -6.85 -50.56 36.03
N LEU V 49 -7.03 -49.54 35.18
CA LEU V 49 -8.28 -48.80 35.15
C LEU V 49 -9.29 -49.53 34.28
N GLN V 50 -10.44 -49.89 34.87
CA GLN V 50 -11.50 -50.57 34.15
C GLN V 50 -12.16 -49.63 33.14
N PRO V 51 -12.96 -50.15 32.21
CA PRO V 51 -13.62 -49.26 31.25
C PRO V 51 -14.55 -48.25 31.89
N ASP V 52 -15.09 -48.54 33.08
CA ASP V 52 -16.10 -47.71 33.72
C ASP V 52 -15.55 -46.90 34.89
N GLU V 53 -14.23 -46.77 35.01
CA GLU V 53 -13.61 -46.00 36.07
C GLU V 53 -12.81 -44.84 35.49
N ASP V 54 -12.78 -43.74 36.22
CA ASP V 54 -11.94 -42.60 35.87
C ASP V 54 -11.69 -41.78 37.13
N VAL V 55 -11.24 -40.54 36.95
CA VAL V 55 -10.94 -39.68 38.10
C VAL V 55 -12.21 -39.40 38.90
N ILE V 56 -13.29 -39.03 38.21
CA ILE V 56 -14.54 -38.71 38.90
C ILE V 56 -15.10 -39.94 39.59
N THR V 57 -14.99 -41.11 38.96
CA THR V 57 -15.45 -42.34 39.58
C THR V 57 -14.67 -42.63 40.86
N LEU V 58 -13.34 -42.55 40.79
CA LEU V 58 -12.52 -42.81 41.97
C LEU V 58 -12.63 -41.68 42.99
N GLY V 59 -12.80 -40.44 42.52
CA GLY V 59 -12.89 -39.32 43.45
C GLY V 59 -14.12 -39.38 44.33
N VAL V 60 -15.28 -39.67 43.73
CA VAL V 60 -16.52 -39.69 44.50
C VAL V 60 -16.55 -40.87 45.45
N LEU V 61 -15.90 -41.98 45.08
CA LEU V 61 -15.81 -43.11 45.99
C LEU V 61 -15.02 -42.75 47.24
N ALA V 62 -13.88 -42.08 47.06
CA ALA V 62 -13.08 -41.65 48.19
C ALA V 62 -13.79 -40.57 49.00
N ALA V 63 -14.45 -39.63 48.32
CA ALA V 63 -15.13 -38.54 49.00
C ALA V 63 -16.32 -39.06 49.82
N GLN V 64 -17.13 -39.93 49.22
CA GLN V 64 -18.26 -40.49 49.95
C GLN V 64 -17.80 -41.38 51.10
N ARG V 65 -16.68 -42.09 50.92
CA ARG V 65 -16.15 -42.91 52.01
C ARG V 65 -15.66 -42.03 53.16
N ALA V 66 -15.10 -40.87 52.84
CA ALA V 66 -14.71 -39.93 53.87
C ALA V 66 -15.92 -39.25 54.50
N LEU V 67 -16.93 -38.92 53.68
CA LEU V 67 -18.11 -38.25 54.19
C LEU V 67 -19.02 -39.21 54.96
N ASP V 68 -18.91 -40.52 54.72
CA ASP V 68 -19.73 -41.47 55.45
C ASP V 68 -19.37 -41.51 56.93
N LYS V 69 -18.16 -41.08 57.30
CA LYS V 69 -17.77 -41.03 58.70
C LYS V 69 -18.46 -39.88 59.43
N VAL V 70 -18.80 -38.81 58.72
CA VAL V 70 -19.48 -37.68 59.33
C VAL V 70 -20.89 -37.61 58.74
N PRO V 71 -21.87 -38.25 59.36
CA PRO V 71 -23.22 -38.27 58.79
C PRO V 71 -23.89 -36.90 58.87
N GLY V 72 -24.73 -36.64 57.87
CA GLY V 72 -25.47 -35.39 57.80
C GLY V 72 -24.63 -34.16 57.59
N HIS V 73 -23.39 -34.29 57.14
CA HIS V 73 -22.53 -33.14 56.95
C HIS V 73 -22.93 -32.37 55.69
N GLN V 74 -22.89 -31.04 55.79
CA GLN V 74 -23.16 -30.15 54.67
C GLN V 74 -21.81 -29.67 54.11
N ILE V 75 -21.58 -29.92 52.82
CA ILE V 75 -20.30 -29.58 52.21
C ILE V 75 -20.22 -28.06 52.06
N GLU V 76 -19.12 -27.49 52.55
CA GLU V 76 -18.92 -26.05 52.44
C GLU V 76 -17.90 -25.66 51.37
N ALA V 77 -17.02 -26.58 51.00
CA ALA V 77 -16.05 -26.33 49.94
C ALA V 77 -15.49 -27.67 49.47
N LEU V 78 -15.31 -27.80 48.16
CA LEU V 78 -14.82 -29.03 47.55
C LEU V 78 -13.85 -28.67 46.43
N TYR V 79 -12.61 -29.12 46.55
CA TYR V 79 -11.56 -28.85 45.57
C TYR V 79 -10.96 -30.19 45.12
N LEU V 80 -11.03 -30.46 43.82
CA LEU V 80 -10.52 -31.70 43.26
C LEU V 80 -9.13 -31.46 42.69
N GLY V 81 -8.15 -32.18 43.23
CA GLY V 81 -6.77 -32.08 42.75
C GLY V 81 -6.38 -33.20 41.82
N THR V 82 -6.24 -32.90 40.54
CA THR V 82 -5.91 -33.91 39.54
C THR V 82 -5.21 -33.25 38.36
N CYS V 83 -4.26 -33.97 37.77
CA CYS V 83 -3.62 -33.55 36.53
C CYS V 83 -4.08 -34.36 35.33
N THR V 84 -4.88 -35.40 35.54
CA THR V 84 -5.50 -36.15 34.46
C THR V 84 -7.01 -35.89 34.46
N ASN V 85 -7.38 -34.64 34.25
CA ASN V 85 -8.77 -34.22 34.42
C ASN V 85 -9.64 -34.77 33.29
N PRO V 86 -10.78 -35.39 33.60
CA PRO V 86 -11.68 -35.82 32.52
C PRO V 86 -12.25 -34.67 31.70
N TYR V 87 -12.31 -33.46 32.23
CA TYR V 87 -12.74 -32.28 31.49
C TYR V 87 -11.64 -31.24 31.53
N ASP V 88 -11.17 -30.82 30.34
CA ASP V 88 -10.15 -29.78 30.30
C ASP V 88 -10.76 -28.40 30.56
N SER V 89 -12.02 -28.19 30.21
CA SER V 89 -12.77 -27.00 30.60
C SER V 89 -14.04 -27.45 31.31
N ARG V 90 -14.47 -26.63 32.28
CA ARG V 90 -15.49 -26.91 33.31
C ARG V 90 -14.90 -27.77 34.41
N ALA V 91 -15.59 -27.82 35.55
CA ALA V 91 -15.03 -28.36 36.78
C ALA V 91 -15.56 -29.77 37.04
N SER V 92 -14.63 -30.73 37.19
CA SER V 92 -15.02 -32.07 37.61
C SER V 92 -15.43 -32.08 39.07
N ALA V 93 -14.86 -31.19 39.88
CA ALA V 93 -15.27 -31.06 41.28
C ALA V 93 -16.74 -30.67 41.37
N SER V 94 -17.22 -29.86 40.43
CA SER V 94 -18.64 -29.53 40.38
C SER V 94 -19.49 -30.79 40.15
N ILE V 95 -18.98 -31.73 39.36
CA ILE V 95 -19.70 -32.98 39.15
C ILE V 95 -19.66 -33.85 40.40
N ILE V 96 -18.48 -33.96 41.03
CA ILE V 96 -18.35 -34.73 42.26
C ILE V 96 -19.20 -34.11 43.36
N LEU V 97 -19.32 -32.79 43.39
CA LEU V 97 -20.20 -32.14 44.35
C LEU V 97 -21.64 -32.59 44.18
N GLU V 98 -22.08 -32.77 42.93
CA GLU V 98 -23.46 -33.19 42.68
C GLU V 98 -23.70 -34.62 43.13
N MET V 99 -22.71 -35.50 42.96
CA MET V 99 -22.90 -36.91 43.31
C MET V 99 -23.01 -37.10 44.82
N LEU V 100 -22.31 -36.28 45.60
CA LEU V 100 -22.42 -36.40 47.06
C LEU V 100 -23.76 -35.87 47.55
N GLY V 101 -24.36 -34.92 46.84
CA GLY V 101 -25.66 -34.40 47.20
C GLY V 101 -25.73 -33.80 48.58
N SER V 102 -24.61 -33.28 49.08
CA SER V 102 -24.53 -32.73 50.42
C SER V 102 -24.57 -31.21 50.44
N GLY V 103 -24.98 -30.58 49.34
CA GLY V 103 -25.07 -29.13 49.29
C GLY V 103 -24.63 -28.55 47.96
N TYR V 104 -25.31 -27.49 47.53
CA TYR V 104 -24.96 -26.80 46.30
C TYR V 104 -24.15 -25.53 46.53
N ASP V 105 -24.24 -24.94 47.72
CA ASP V 105 -23.49 -23.73 48.05
C ASP V 105 -22.13 -24.14 48.57
N ALA V 106 -21.11 -24.10 47.70
CA ALA V 106 -19.79 -24.53 48.11
C ALA V 106 -18.74 -23.89 47.22
N TYR V 107 -17.63 -23.50 47.82
CA TYR V 107 -16.46 -23.09 47.06
C TYR V 107 -15.93 -24.28 46.26
N CYS V 108 -15.94 -24.16 44.95
CA CYS V 108 -15.66 -25.30 44.08
C CYS V 108 -14.75 -24.89 42.94
N ALA V 109 -13.79 -25.75 42.63
CA ALA V 109 -12.84 -25.54 41.53
C ALA V 109 -12.00 -26.80 41.37
N ASP V 110 -11.24 -26.84 40.28
CA ASP V 110 -10.29 -27.91 40.01
C ASP V 110 -8.86 -27.38 40.16
N VAL V 111 -8.06 -28.09 40.93
CA VAL V 111 -6.68 -27.71 41.21
C VAL V 111 -5.76 -28.68 40.50
N GLN V 112 -4.81 -28.16 39.74
CA GLN V 112 -3.91 -28.99 38.95
C GLN V 112 -2.49 -28.47 39.06
N PHE V 113 -1.59 -29.32 39.55
CA PHE V 113 -0.16 -29.07 39.49
C PHE V 113 0.53 -30.44 39.56
N ALA V 114 0.31 -31.27 38.55
CA ALA V 114 1.01 -32.55 38.40
C ALA V 114 0.71 -33.41 39.64
N GLY V 115 1.71 -34.05 40.25
CA GLY V 115 1.46 -34.92 41.38
C GLY V 115 1.26 -34.23 42.71
N LYS V 116 1.52 -32.92 42.77
CA LYS V 116 1.30 -32.17 44.00
C LYS V 116 -0.09 -31.53 44.05
N SER V 117 -0.96 -31.85 43.08
CA SER V 117 -2.29 -31.25 43.04
C SER V 117 -3.12 -31.64 44.26
N GLY V 118 -2.94 -32.87 44.76
CA GLY V 118 -3.71 -33.29 45.93
C GLY V 118 -3.40 -32.46 47.16
N THR V 119 -2.11 -32.25 47.43
CA THR V 119 -1.72 -31.47 48.59
C THR V 119 -2.00 -29.99 48.37
N SER V 120 -1.84 -29.51 47.14
CA SER V 120 -2.20 -28.12 46.85
C SER V 120 -3.68 -27.86 47.09
N ALA V 121 -4.53 -28.85 46.78
CA ALA V 121 -5.94 -28.74 47.11
C ALA V 121 -6.16 -28.83 48.61
N LEU V 122 -5.33 -29.60 49.32
CA LEU V 122 -5.47 -29.70 50.76
C LEU V 122 -5.25 -28.35 51.44
N GLN V 123 -4.33 -27.55 50.90
CA GLN V 123 -4.04 -26.26 51.51
C GLN V 123 -5.14 -25.25 51.23
N ILE V 124 -5.68 -25.28 50.02
CA ILE V 124 -6.82 -24.42 49.70
C ILE V 124 -7.97 -24.72 50.66
N CYS V 125 -8.19 -25.99 50.97
CA CYS V 125 -9.16 -26.35 51.99
C CYS V 125 -8.66 -25.95 53.38
N GLN V 126 -7.36 -26.08 53.63
CA GLN V 126 -6.79 -25.55 54.87
C GLN V 126 -7.03 -24.05 54.99
N ALA V 127 -6.76 -23.30 53.93
CA ALA V 127 -6.82 -21.85 54.01
C ALA V 127 -8.25 -21.36 54.26
N LEU V 128 -9.24 -22.00 53.63
CA LEU V 128 -10.62 -21.57 53.79
C LEU V 128 -11.10 -21.76 55.23
N VAL V 129 -10.77 -22.90 55.85
CA VAL V 129 -11.24 -23.16 57.20
C VAL V 129 -10.54 -22.25 58.20
N ALA V 130 -9.22 -22.13 58.09
CA ALA V 130 -8.47 -21.30 59.03
C ALA V 130 -8.85 -19.83 58.91
N SER V 131 -9.12 -19.37 57.69
CA SER V 131 -9.55 -18.00 57.46
C SER V 131 -11.00 -17.76 57.85
N GLY V 132 -11.72 -18.79 58.27
CA GLY V 132 -13.13 -18.61 58.58
C GLY V 132 -14.01 -18.37 57.38
N MET V 133 -13.48 -18.52 56.17
CA MET V 133 -14.31 -18.37 54.97
C MET V 133 -15.26 -19.55 54.82
N THR V 134 -14.85 -20.74 55.28
CA THR V 134 -15.74 -21.88 55.43
C THR V 134 -15.46 -22.53 56.78
N GLY V 135 -16.48 -23.22 57.29
CA GLY V 135 -16.34 -23.94 58.54
C GLY V 135 -15.73 -25.31 58.34
N SER V 136 -15.91 -25.86 57.15
CA SER V 136 -15.34 -27.14 56.77
C SER V 136 -14.94 -27.09 55.31
N ALA V 137 -14.20 -28.10 54.86
CA ALA V 137 -13.73 -28.14 53.48
C ALA V 137 -13.32 -29.56 53.12
N LEU V 138 -13.57 -29.92 51.87
CA LEU V 138 -13.27 -31.26 51.36
C LEU V 138 -12.23 -31.16 50.25
N ALA V 139 -11.08 -31.80 50.45
CA ALA V 139 -10.03 -31.87 49.46
C ALA V 139 -9.95 -33.26 48.89
N ILE V 140 -9.74 -33.37 47.58
CA ILE V 140 -9.63 -34.66 46.91
C ILE V 140 -8.33 -34.68 46.10
N GLY V 141 -7.53 -35.71 46.31
CA GLY V 141 -6.40 -35.99 45.46
C GLY V 141 -6.62 -37.28 44.68
N ALA V 142 -6.73 -37.19 43.37
CA ALA V 142 -7.01 -38.35 42.55
C ALA V 142 -6.29 -38.21 41.21
N ASP V 143 -5.94 -39.35 40.62
CA ASP V 143 -5.26 -39.35 39.33
C ASP V 143 -5.36 -40.74 38.71
N THR V 144 -5.40 -40.76 37.38
CA THR V 144 -5.35 -41.98 36.59
C THR V 144 -4.11 -41.89 35.70
N ILE V 145 -2.95 -42.13 36.31
CA ILE V 145 -1.70 -42.09 35.56
C ILE V 145 -1.66 -43.20 34.51
N ASN V 146 -2.16 -44.38 34.86
CA ASN V 146 -2.11 -45.50 33.94
C ASN V 146 -2.89 -45.22 32.66
N ARG V 147 -3.99 -44.47 32.77
CA ARG V 147 -4.71 -44.06 31.57
C ARG V 147 -3.85 -43.17 30.67
N ASN V 148 -3.01 -42.32 31.28
CA ASN V 148 -2.26 -41.31 30.56
C ASN V 148 -0.78 -41.65 30.43
N THR V 149 -0.46 -42.94 30.37
CA THR V 149 0.90 -43.39 30.07
C THR V 149 0.86 -44.25 28.81
N ALA V 150 1.67 -43.88 27.82
CA ALA V 150 1.63 -44.54 26.53
C ALA V 150 2.13 -45.97 26.65
N PRO V 151 1.60 -46.88 25.82
CA PRO V 151 2.14 -48.24 25.79
C PRO V 151 3.58 -48.21 25.32
N GLY V 152 4.41 -49.06 25.93
CA GLY V 152 5.83 -49.08 25.64
C GLY V 152 6.63 -48.01 26.33
N ASP V 153 5.99 -47.04 26.98
CA ASP V 153 6.71 -46.09 27.80
C ASP V 153 7.48 -46.84 28.89
N LEU V 154 8.65 -46.30 29.23
CA LEU V 154 9.49 -46.96 30.22
C LEU V 154 8.79 -47.07 31.57
N THR V 155 7.98 -46.08 31.91
CA THR V 155 7.25 -46.06 33.18
C THR V 155 5.88 -46.72 33.09
N GLU V 156 5.59 -47.44 32.00
CA GLU V 156 4.27 -48.05 31.85
C GLU V 156 4.05 -49.15 32.88
N SER V 157 5.10 -49.90 33.21
CA SER V 157 4.95 -51.07 34.08
C SER V 157 4.49 -50.70 35.48
N TYR V 158 4.77 -49.47 35.94
CA TYR V 158 4.36 -49.04 37.27
C TYR V 158 3.45 -47.82 37.22
N ALA V 159 2.67 -47.68 36.15
CA ALA V 159 1.67 -46.62 36.04
C ALA V 159 0.34 -47.13 36.56
N GLY V 160 -0.24 -46.42 37.53
CA GLY V 160 -1.48 -46.84 38.13
C GLY V 160 -2.48 -45.72 38.32
N ALA V 161 -3.42 -45.89 39.25
CA ALA V 161 -4.44 -44.90 39.51
C ALA V 161 -4.89 -45.01 40.97
N GLY V 162 -5.44 -43.92 41.48
CA GLY V 162 -5.90 -43.90 42.85
C GLY V 162 -6.53 -42.57 43.19
N ALA V 163 -7.27 -42.57 44.29
CA ALA V 163 -7.96 -41.38 44.77
C ALA V 163 -7.89 -41.32 46.29
N ALA V 164 -7.85 -40.10 46.81
CA ALA V 164 -7.84 -39.87 48.24
C ALA V 164 -8.59 -38.58 48.54
N ALA V 165 -9.41 -38.62 49.60
CA ALA V 165 -10.20 -37.47 50.00
C ALA V 165 -10.02 -37.22 51.49
N LEU V 166 -9.78 -35.96 51.85
CA LEU V 166 -9.60 -35.56 53.24
C LEU V 166 -10.60 -34.46 53.58
N LEU V 167 -11.24 -34.60 54.74
CA LEU V 167 -12.22 -33.62 55.21
C LEU V 167 -11.56 -32.72 56.25
N ILE V 168 -11.56 -31.41 55.98
CA ILE V 168 -10.93 -30.42 56.85
C ILE V 168 -12.01 -29.74 57.67
N GLY V 169 -11.78 -29.66 58.98
CA GLY V 169 -12.70 -28.99 59.87
C GLY V 169 -12.01 -28.68 61.18
N SER V 170 -12.76 -28.10 62.10
CA SER V 170 -12.24 -27.76 63.42
C SER V 170 -12.83 -28.59 64.54
N GLN V 171 -13.84 -29.42 64.27
CA GLN V 171 -14.49 -30.23 65.28
C GLN V 171 -14.09 -31.69 65.10
N ASP V 172 -13.74 -32.33 66.21
CA ASP V 172 -13.38 -33.76 66.23
C ASP V 172 -12.24 -34.05 65.24
N VAL V 173 -11.22 -33.19 65.27
CA VAL V 173 -10.08 -33.33 64.37
C VAL V 173 -9.23 -34.51 64.81
N ILE V 174 -8.85 -35.37 63.86
CA ILE V 174 -7.99 -36.50 64.16
C ILE V 174 -6.51 -36.22 63.88
N ALA V 175 -6.20 -35.16 63.15
CA ALA V 175 -4.81 -34.82 62.85
C ALA V 175 -4.71 -33.31 62.66
N GLU V 176 -4.04 -32.64 63.58
CA GLU V 176 -3.91 -31.19 63.52
C GLU V 176 -2.93 -30.77 62.44
N PHE V 177 -3.18 -29.60 61.86
CA PHE V 177 -2.29 -29.02 60.86
C PHE V 177 -1.41 -27.98 61.56
N ASP V 178 -0.12 -28.29 61.68
CA ASP V 178 0.81 -27.42 62.39
C ASP V 178 1.23 -26.24 61.50
N ALA V 179 1.85 -26.53 60.36
CA ALA V 179 2.21 -25.49 59.39
C ALA V 179 2.45 -26.15 58.04
N SER V 180 2.70 -25.32 57.03
CA SER V 180 2.95 -25.80 55.69
C SER V 180 3.90 -24.85 54.98
N PHE V 181 4.48 -25.34 53.89
CA PHE V 181 5.45 -24.59 53.11
C PHE V 181 5.43 -25.11 51.68
N SER V 182 5.46 -24.19 50.70
CA SER V 182 5.39 -24.54 49.30
C SER V 182 6.43 -23.78 48.51
N CYS V 183 6.88 -24.39 47.41
CA CYS V 183 7.83 -23.78 46.50
C CYS V 183 7.50 -24.22 45.08
N ALA V 184 8.06 -23.52 44.10
CA ALA V 184 7.81 -23.83 42.70
C ALA V 184 8.92 -23.24 41.84
N ALA V 185 8.97 -23.69 40.59
CA ALA V 185 9.96 -23.23 39.62
C ALA V 185 9.57 -23.78 38.26
N ASP V 186 10.14 -23.21 37.21
CA ASP V 186 9.89 -23.71 35.86
C ASP V 186 10.96 -24.74 35.52
N VAL V 187 10.74 -25.97 35.96
CA VAL V 187 11.48 -27.13 35.48
C VAL V 187 10.56 -27.85 34.51
N ALA V 188 11.13 -28.70 33.67
CA ALA V 188 10.31 -29.40 32.68
C ALA V 188 10.71 -30.87 32.58
N ASP V 189 10.89 -31.53 33.72
CA ASP V 189 11.29 -32.93 33.70
C ASP V 189 10.18 -33.83 33.15
N ASN V 190 8.91 -33.49 33.43
CA ASN V 190 7.77 -34.16 32.84
C ASN V 190 6.71 -33.12 32.52
N ILE V 191 6.13 -33.23 31.33
CA ILE V 191 5.17 -32.24 30.84
C ILE V 191 4.12 -32.96 30.00
N ARG V 192 2.96 -32.35 29.86
CA ARG V 192 1.96 -32.80 28.89
C ARG V 192 1.32 -31.56 28.27
N PRO V 193 1.67 -31.20 27.04
CA PRO V 193 1.06 -30.03 26.39
C PRO V 193 -0.43 -30.24 26.20
N GLN V 194 -1.15 -29.14 26.05
CA GLN V 194 -2.60 -29.22 25.93
C GLN V 194 -2.99 -30.07 24.72
N GLY V 195 -3.84 -31.06 24.96
CA GLY V 195 -4.30 -31.94 23.92
C GLY V 195 -3.57 -33.25 23.80
N ASP V 196 -2.36 -33.35 24.34
CA ASP V 196 -1.71 -34.65 24.46
C ASP V 196 -2.45 -35.49 25.49
N ARG V 197 -2.55 -36.79 25.21
CA ARG V 197 -3.17 -37.68 26.19
C ARG V 197 -2.15 -38.18 27.21
N TYR V 198 -0.94 -38.51 26.77
CA TYR V 198 0.05 -39.16 27.61
C TYR V 198 1.02 -38.13 28.20
N ILE V 199 1.35 -38.30 29.48
CA ILE V 199 2.40 -37.49 30.10
C ILE V 199 3.74 -37.90 29.52
N ARG V 200 4.61 -36.91 29.28
CA ARG V 200 5.85 -37.13 28.58
C ARG V 200 7.03 -36.65 29.43
N SER V 201 8.15 -37.34 29.30
CA SER V 201 9.35 -37.02 30.06
C SER V 201 10.19 -36.01 29.29
N GLY V 202 10.76 -35.05 30.01
CA GLY V 202 11.60 -34.02 29.41
C GLY V 202 13.03 -34.43 29.18
N MET V 203 13.46 -35.56 29.72
CA MET V 203 14.84 -36.03 29.58
C MET V 203 14.88 -37.50 29.98
N GLY V 204 16.06 -38.11 29.86
CA GLY V 204 16.20 -39.51 30.18
C GLY V 204 16.00 -39.78 31.67
N LEU V 205 15.41 -40.93 31.97
CA LEU V 205 15.19 -41.33 33.36
C LEU V 205 16.50 -41.70 34.04
N GLY V 206 16.62 -41.36 35.30
CA GLY V 206 17.83 -41.64 36.03
C GLY V 206 18.01 -40.65 37.17
N SER V 207 19.12 -40.83 37.89
CA SER V 207 19.39 -39.99 39.04
C SER V 207 19.66 -38.55 38.64
N ASP V 208 20.14 -38.33 37.40
CA ASP V 208 20.32 -36.98 36.90
C ASP V 208 18.99 -36.24 36.79
N LYS V 209 17.97 -36.92 36.24
CA LYS V 209 16.66 -36.29 36.13
C LYS V 209 16.04 -36.05 37.50
N ASN V 210 16.28 -36.96 38.45
CA ASN V 210 15.71 -36.80 39.78
C ASN V 210 16.39 -35.70 40.57
N SER V 211 17.67 -35.43 40.28
CA SER V 211 18.41 -34.45 41.06
C SER V 211 17.90 -33.04 40.84
N ILE V 212 17.44 -32.72 39.62
CA ILE V 212 17.04 -31.36 39.31
C ILE V 212 15.57 -31.09 39.65
N GLY V 213 14.75 -32.12 39.75
CA GLY V 213 13.33 -31.94 40.00
C GLY V 213 12.86 -32.55 41.30
N LEU V 214 12.77 -33.88 41.33
CA LEU V 214 12.25 -34.57 42.51
C LEU V 214 13.06 -34.23 43.75
N GLU V 215 14.39 -34.42 43.68
CA GLU V 215 15.20 -34.23 44.88
C GLU V 215 15.37 -32.75 45.22
N ASP V 216 15.43 -31.88 44.21
CA ASP V 216 15.65 -30.46 44.47
C ASP V 216 14.44 -29.83 45.16
N GLN V 217 13.25 -29.98 44.55
CA GLN V 217 12.06 -29.33 45.10
C GLN V 217 11.60 -29.97 46.41
N THR V 218 11.70 -31.31 46.50
CA THR V 218 11.35 -31.99 47.74
C THR V 218 12.23 -31.54 48.90
N ARG V 219 13.55 -31.50 48.67
CA ARG V 219 14.47 -31.11 49.72
C ARG V 219 14.23 -29.66 50.14
N ARG V 220 14.02 -28.77 49.18
CA ARG V 220 13.83 -27.37 49.51
C ARG V 220 12.56 -27.16 50.32
N ALA V 221 11.47 -27.84 49.93
CA ALA V 221 10.23 -27.72 50.69
C ALA V 221 10.37 -28.37 52.06
N ALA V 222 11.05 -29.51 52.15
CA ALA V 222 11.26 -30.17 53.44
C ALA V 222 12.09 -29.28 54.37
N GLU V 223 13.24 -28.81 53.89
CA GLU V 223 14.03 -27.88 54.68
C GLU V 223 13.25 -26.61 54.97
N GLY V 224 12.43 -26.18 54.01
CA GLY V 224 11.71 -24.92 54.19
C GLY V 224 10.72 -24.99 55.34
N LEU V 225 9.97 -26.09 55.42
CA LEU V 225 8.98 -26.22 56.48
C LEU V 225 9.64 -26.41 57.83
N MET V 226 10.62 -27.31 57.92
CA MET V 226 11.31 -27.55 59.19
C MET V 226 11.95 -26.27 59.73
N ALA V 227 12.45 -25.41 58.85
CA ALA V 227 13.02 -24.16 59.31
C ALA V 227 11.97 -23.26 59.95
N LYS V 228 10.74 -23.28 59.41
CA LYS V 228 9.67 -22.49 60.01
C LYS V 228 9.22 -23.07 61.34
N LEU V 229 9.30 -24.39 61.50
CA LEU V 229 8.93 -25.04 62.74
C LEU V 229 10.10 -25.24 63.68
N HIS V 230 11.32 -24.91 63.25
CA HIS V 230 12.53 -25.08 64.06
C HIS V 230 12.67 -26.52 64.56
N THR V 231 12.44 -27.45 63.64
CA THR V 231 12.56 -28.88 63.93
C THR V 231 13.51 -29.51 62.90
N SER V 232 14.00 -30.70 63.25
CA SER V 232 14.89 -31.47 62.40
C SER V 232 14.22 -32.79 62.02
N PRO V 233 14.78 -33.57 61.09
CA PRO V 233 14.15 -34.86 60.75
C PRO V 233 13.94 -35.80 61.93
N ALA V 234 14.73 -35.69 63.00
CA ALA V 234 14.59 -36.61 64.12
C ALA V 234 13.34 -36.33 64.95
N ASP V 235 12.72 -35.16 64.80
CA ASP V 235 11.54 -34.82 65.57
C ASP V 235 10.27 -35.47 65.06
N TYR V 236 10.28 -36.07 63.87
CA TYR V 236 9.08 -36.55 63.21
C TYR V 236 9.00 -38.07 63.26
N ASP V 237 7.84 -38.58 63.69
CA ASP V 237 7.65 -40.02 63.81
C ASP V 237 7.55 -40.67 62.43
N TYR V 238 6.87 -40.01 61.50
CA TYR V 238 6.67 -40.51 60.15
C TYR V 238 7.00 -39.43 59.14
N VAL V 239 7.46 -39.85 57.97
CA VAL V 239 7.64 -38.96 56.83
C VAL V 239 6.94 -39.56 55.63
N VAL V 240 6.29 -38.70 54.84
CA VAL V 240 5.50 -39.13 53.69
C VAL V 240 5.96 -38.34 52.48
N PHE V 241 6.44 -39.05 51.46
CA PHE V 241 6.89 -38.44 50.22
C PHE V 241 5.97 -38.83 49.08
N GLN V 242 6.23 -38.23 47.92
CA GLN V 242 5.60 -38.69 46.68
C GLN V 242 5.97 -40.14 46.44
N GLN V 243 4.97 -40.94 46.05
CA GLN V 243 5.14 -42.39 45.93
C GLN V 243 4.73 -42.85 44.54
N ASN V 244 5.44 -42.36 43.52
CA ASN V 244 5.34 -42.95 42.20
C ASN V 244 5.92 -44.36 42.20
N LEU V 245 6.91 -44.61 43.06
CA LEU V 245 7.52 -45.92 43.23
C LEU V 245 7.77 -46.13 44.71
N VAL V 246 7.92 -47.41 45.09
CA VAL V 246 8.30 -47.73 46.47
C VAL V 246 9.66 -47.15 46.78
N SER V 247 10.54 -47.05 45.77
CA SER V 247 11.91 -46.60 45.99
C SER V 247 11.99 -45.11 46.29
N THR V 248 11.03 -44.31 45.80
CA THR V 248 11.16 -42.86 45.92
C THR V 248 11.11 -42.38 47.37
N PRO V 249 10.17 -42.81 48.21
CA PRO V 249 10.21 -42.32 49.61
C PRO V 249 11.47 -42.73 50.34
N TYR V 250 11.93 -43.97 50.16
CA TYR V 250 13.20 -44.40 50.75
C TYR V 250 14.36 -43.57 50.21
N SER V 251 14.39 -43.34 48.89
CA SER V 251 15.46 -42.57 48.29
C SER V 251 15.46 -41.13 48.81
N LEU V 252 14.29 -40.50 48.83
CA LEU V 252 14.20 -39.13 49.34
C LEU V 252 14.55 -39.06 50.81
N ALA V 253 14.27 -40.12 51.58
CA ALA V 253 14.66 -40.16 52.98
C ALA V 253 16.16 -40.13 53.13
N LYS V 254 16.85 -40.99 52.37
CA LYS V 254 18.31 -41.04 52.42
C LYS V 254 18.92 -39.69 52.07
N HIS V 255 18.34 -39.01 51.08
CA HIS V 255 18.88 -37.72 50.65
C HIS V 255 18.55 -36.60 51.64
N LEU V 256 17.63 -36.83 52.57
CA LEU V 256 17.22 -35.79 53.51
C LEU V 256 17.60 -36.07 54.95
N GLY V 257 18.04 -37.27 55.27
CA GLY V 257 18.42 -37.62 56.62
C GLY V 257 17.36 -38.32 57.44
N PHE V 258 16.43 -39.03 56.79
CA PHE V 258 15.41 -39.80 57.49
C PHE V 258 15.79 -41.27 57.50
N ASN V 259 15.56 -41.93 58.62
CA ASN V 259 15.83 -43.36 58.66
C ASN V 259 14.67 -44.14 58.04
N PRO V 260 14.92 -45.34 57.52
CA PRO V 260 13.85 -46.07 56.82
C PRO V 260 12.64 -46.39 57.69
N LYS V 261 12.80 -46.47 59.01
CA LYS V 261 11.66 -46.80 59.86
C LYS V 261 10.67 -45.64 59.92
N GLN V 262 11.13 -44.41 59.72
CA GLN V 262 10.20 -43.30 59.57
C GLN V 262 9.43 -43.37 58.26
N VAL V 263 9.96 -44.07 57.26
CA VAL V 263 9.36 -44.12 55.93
C VAL V 263 8.41 -45.30 55.78
N GLU V 264 8.82 -46.47 56.28
CA GLU V 264 8.11 -47.71 56.03
C GLU V 264 6.61 -47.67 56.31
N PRO V 265 6.10 -47.01 57.37
CA PRO V 265 4.65 -46.99 57.58
C PRO V 265 3.87 -46.37 56.42
N GLY V 266 4.46 -45.43 55.69
CA GLY V 266 3.73 -44.79 54.62
C GLY V 266 3.75 -45.50 53.28
N ILE V 267 4.48 -46.60 53.17
CA ILE V 267 4.62 -47.30 51.90
C ILE V 267 3.35 -48.10 51.61
N TYR V 268 2.81 -47.94 50.41
CA TYR V 268 1.63 -48.67 49.96
C TYR V 268 1.71 -49.14 48.51
N ALA V 269 2.58 -48.57 47.68
CA ALA V 269 2.51 -48.69 46.24
C ALA V 269 3.21 -49.94 45.70
N GLY V 270 3.41 -50.95 46.55
CA GLY V 270 4.01 -52.18 46.07
C GLY V 270 3.17 -52.88 45.01
N ASN V 271 1.84 -52.86 45.18
CA ASN V 271 0.92 -53.52 44.27
C ASN V 271 -0.05 -52.57 43.60
N VAL V 272 0.18 -51.25 43.69
CA VAL V 272 -0.70 -50.26 43.10
C VAL V 272 -0.03 -49.48 42.00
N GLY V 273 1.21 -49.05 42.21
CA GLY V 273 1.91 -48.25 41.22
C GLY V 273 1.80 -46.77 41.50
N ASP V 274 2.15 -45.99 40.48
CA ASP V 274 2.12 -44.54 40.59
C ASP V 274 0.67 -44.07 40.64
N ALA V 275 0.24 -43.56 41.79
CA ALA V 275 -1.11 -43.08 41.98
C ALA V 275 -1.25 -41.58 41.67
N GLY V 276 -0.20 -40.95 41.17
CA GLY V 276 -0.33 -39.57 40.73
C GLY V 276 -0.48 -38.61 41.90
N SER V 277 -1.48 -37.73 41.78
CA SER V 277 -1.70 -36.69 42.79
C SER V 277 -2.09 -37.26 44.14
N ALA V 278 -2.50 -38.53 44.18
CA ALA V 278 -2.95 -39.15 45.41
C ALA V 278 -1.85 -39.84 46.19
N SER V 279 -0.64 -39.96 45.60
CA SER V 279 0.44 -40.69 46.25
C SER V 279 0.92 -40.07 47.58
N PRO V 280 0.97 -38.74 47.73
CA PRO V 280 1.28 -38.21 49.06
C PRO V 280 0.13 -38.40 50.04
N LEU V 281 -1.11 -38.29 49.57
CA LEU V 281 -2.25 -38.42 50.47
C LEU V 281 -2.46 -39.87 50.88
N LEU V 282 -2.31 -40.81 49.95
CA LEU V 282 -2.51 -42.22 50.28
C LEU V 282 -1.47 -42.71 51.29
N GLY V 283 -0.24 -42.18 51.20
CA GLY V 283 0.75 -42.50 52.23
C GLY V 283 0.36 -41.94 53.58
N LEU V 284 -0.22 -40.73 53.60
CA LEU V 284 -0.71 -40.15 54.84
C LEU V 284 -1.84 -41.00 55.43
N ILE V 285 -2.69 -41.55 54.57
CA ILE V 285 -3.80 -42.39 55.04
C ILE V 285 -3.27 -43.67 55.67
N ASN V 286 -2.30 -44.32 55.01
CA ASN V 286 -1.74 -45.55 55.56
C ASN V 286 -1.01 -45.29 56.87
N VAL V 287 -0.50 -44.08 57.06
CA VAL V 287 0.13 -43.72 58.32
C VAL V 287 -0.91 -43.47 59.40
N LEU V 288 -1.96 -42.70 59.06
CA LEU V 288 -3.02 -42.40 60.02
C LEU V 288 -3.77 -43.65 60.48
N ASP V 289 -3.68 -44.74 59.71
CA ASP V 289 -4.37 -45.97 60.08
C ASP V 289 -3.74 -46.63 61.30
N GLN V 290 -2.43 -46.48 61.48
CA GLN V 290 -1.73 -47.10 62.59
C GLN V 290 -1.13 -46.09 63.57
N ALA V 291 -1.35 -44.80 63.36
CA ALA V 291 -0.73 -43.81 64.22
C ALA V 291 -1.35 -43.81 65.62
N ARG V 292 -0.53 -43.50 66.61
CA ARG V 292 -0.94 -43.26 67.98
C ARG V 292 -1.05 -41.77 68.24
N PRO V 293 -1.80 -41.36 69.27
CA PRO V 293 -1.87 -39.93 69.60
C PRO V 293 -0.50 -39.38 69.97
N GLY V 294 -0.22 -38.17 69.49
CA GLY V 294 0.99 -37.45 69.79
C GLY V 294 2.09 -37.55 68.75
N GLN V 295 1.97 -38.48 67.81
CA GLN V 295 3.01 -38.69 66.81
C GLN V 295 3.00 -37.58 65.76
N LYS V 296 4.19 -37.20 65.32
CA LYS V 296 4.38 -36.13 64.36
C LYS V 296 4.58 -36.70 62.96
N ILE V 297 3.90 -36.12 61.98
CA ILE V 297 3.98 -36.55 60.59
C ILE V 297 4.46 -35.37 59.75
N LEU V 298 5.42 -35.65 58.87
CA LEU V 298 5.89 -34.66 57.89
C LEU V 298 5.58 -35.19 56.50
N LEU V 299 4.73 -34.48 55.77
CA LEU V 299 4.34 -34.86 54.41
C LEU V 299 4.92 -33.86 53.42
N VAL V 300 5.67 -34.35 52.44
CA VAL V 300 6.24 -33.53 51.38
C VAL V 300 5.90 -34.17 50.04
N SER V 301 5.10 -33.46 49.23
CA SER V 301 4.65 -33.94 47.94
C SER V 301 5.39 -33.24 46.81
N TYR V 302 5.51 -33.93 45.68
CA TYR V 302 6.25 -33.43 44.53
C TYR V 302 5.38 -33.48 43.27
N GLY V 303 5.27 -32.34 42.60
CA GLY V 303 4.65 -32.28 41.29
C GLY V 303 5.61 -31.73 40.25
N PHE V 304 5.68 -32.38 39.09
CA PHE V 304 6.68 -32.02 38.08
C PHE V 304 6.31 -30.70 37.41
N GLY V 305 7.20 -30.21 36.54
CA GLY V 305 7.06 -28.84 36.05
C GLY V 305 7.15 -28.00 37.29
N ALA V 306 8.27 -28.20 37.99
CA ALA V 306 8.27 -28.59 39.38
C ALA V 306 7.82 -27.54 40.39
N GLY V 307 7.32 -28.08 41.49
CA GLY V 307 7.06 -27.45 42.78
C GLY V 307 6.88 -28.58 43.78
N SER V 308 6.98 -28.22 45.06
CA SER V 308 6.80 -29.21 46.11
C SER V 308 5.98 -28.57 47.22
N ASP V 309 5.39 -29.44 48.04
CA ASP V 309 4.38 -29.03 49.00
C ASP V 309 4.56 -29.81 50.29
N ALA V 310 4.85 -29.10 51.38
CA ALA V 310 5.18 -29.72 52.66
C ALA V 310 4.17 -29.31 53.72
N ILE V 311 3.69 -30.29 54.50
CA ILE V 311 2.75 -30.07 55.59
C ILE V 311 3.15 -30.96 56.77
N ALA V 312 3.08 -30.40 57.97
CA ALA V 312 3.40 -31.13 59.20
C ALA V 312 2.14 -31.32 60.03
N LEU V 313 1.96 -32.54 60.56
CA LEU V 313 0.73 -32.90 61.25
C LEU V 313 1.05 -33.49 62.61
N THR V 314 0.11 -33.31 63.54
CA THR V 314 0.14 -33.95 64.85
C THR V 314 -1.16 -34.73 65.03
N VAL V 315 -1.03 -35.98 65.48
CA VAL V 315 -2.19 -36.85 65.65
C VAL V 315 -2.80 -36.60 67.02
N THR V 316 -4.12 -36.43 67.06
CA THR V 316 -4.82 -36.12 68.30
C THR V 316 -5.25 -37.40 69.01
N ASP V 317 -5.84 -37.23 70.19
CA ASP V 317 -6.41 -38.36 70.92
C ASP V 317 -7.63 -38.93 70.22
N ALA V 318 -8.30 -38.13 69.37
CA ALA V 318 -9.50 -38.58 68.68
C ALA V 318 -9.20 -39.63 67.62
N ILE V 319 -7.93 -39.91 67.33
CA ILE V 319 -7.61 -40.95 66.36
C ILE V 319 -8.02 -42.32 66.89
N GLU V 320 -8.03 -42.50 68.21
CA GLU V 320 -8.32 -43.81 68.78
C GLU V 320 -9.77 -44.19 68.53
N GLN V 321 -10.69 -43.27 68.81
CA GLN V 321 -12.10 -43.54 68.54
C GLN V 321 -12.37 -43.67 67.04
N TYR V 322 -11.60 -42.96 66.22
CA TYR V 322 -11.83 -43.00 64.78
C TYR V 322 -11.53 -44.39 64.21
N GLN V 323 -10.40 -44.98 64.63
CA GLN V 323 -10.00 -46.29 64.14
C GLN V 323 -10.79 -47.43 64.76
N LYS V 324 -11.56 -47.17 65.82
CA LYS V 324 -12.27 -48.25 66.51
C LYS V 324 -13.19 -49.01 65.56
N HIS V 325 -13.82 -48.31 64.63
CA HIS V 325 -14.63 -48.91 63.57
C HIS V 325 -14.27 -48.21 62.26
N ASN V 326 -13.19 -48.67 61.64
CA ASN V 326 -12.68 -48.10 60.40
C ASN V 326 -11.99 -49.18 59.59
N LYS V 327 -12.17 -49.12 58.26
CA LYS V 327 -11.53 -50.08 57.38
C LYS V 327 -10.21 -49.50 56.89
N PRO V 328 -9.08 -50.13 57.17
CA PRO V 328 -7.79 -49.54 56.79
C PRO V 328 -7.51 -49.69 55.30
N LEU V 329 -6.60 -48.84 54.81
CA LEU V 329 -6.20 -48.90 53.41
C LEU V 329 -5.47 -50.19 53.09
N ARG V 330 -4.73 -50.73 54.06
CA ARG V 330 -4.03 -51.99 53.84
C ARG V 330 -5.00 -53.12 53.52
N GLU V 331 -6.19 -53.10 54.14
CA GLU V 331 -7.20 -54.11 53.84
C GLU V 331 -7.86 -53.84 52.49
N LEU V 332 -8.07 -52.57 52.15
CA LEU V 332 -8.64 -52.22 50.85
C LEU V 332 -7.72 -52.64 49.71
N LEU V 333 -6.41 -52.56 49.90
CA LEU V 333 -5.44 -52.90 48.87
C LEU V 333 -5.34 -54.39 48.60
N GLU V 334 -5.93 -55.24 49.45
CA GLU V 334 -5.86 -56.68 49.23
C GLU V 334 -6.87 -57.15 48.18
N SER V 335 -7.97 -56.41 48.00
CA SER V 335 -8.97 -56.75 46.99
C SER V 335 -8.39 -56.47 45.60
N LYS V 336 -8.11 -57.52 44.84
CA LYS V 336 -7.49 -57.34 43.54
C LYS V 336 -7.96 -58.42 42.57
N ILE V 337 -8.12 -58.04 41.31
CA ILE V 337 -8.45 -58.95 40.22
C ILE V 337 -7.35 -58.84 39.18
N TYR V 338 -6.83 -59.99 38.74
CA TYR V 338 -5.72 -60.02 37.80
C TYR V 338 -6.20 -60.08 36.37
N VAL V 339 -5.55 -59.32 35.50
CA VAL V 339 -5.84 -59.29 34.06
C VAL V 339 -4.53 -59.43 33.30
N ASP V 340 -4.60 -60.03 32.11
CA ASP V 340 -3.43 -60.10 31.27
C ASP V 340 -3.19 -58.76 30.57
N TYR V 341 -2.04 -58.67 29.89
CA TYR V 341 -1.66 -57.41 29.26
C TYR V 341 -2.62 -57.02 28.14
N GLY V 342 -3.11 -58.01 27.38
CA GLY V 342 -4.07 -57.72 26.33
C GLY V 342 -5.35 -57.11 26.87
N THR V 343 -5.84 -57.63 28.00
CA THR V 343 -7.05 -57.09 28.61
C THR V 343 -6.79 -55.71 29.20
N SER V 344 -5.62 -55.52 29.80
CA SER V 344 -5.29 -54.24 30.41
C SER V 344 -5.31 -53.13 29.37
N ILE V 345 -4.62 -53.34 28.24
CA ILE V 345 -4.66 -52.38 27.14
C ILE V 345 -6.09 -52.19 26.66
N LYS V 346 -6.86 -53.27 26.61
CA LYS V 346 -8.27 -53.20 26.21
C LYS V 346 -9.10 -52.40 27.21
N TYR V 347 -8.88 -52.64 28.51
CA TYR V 347 -9.67 -51.95 29.53
C TYR V 347 -9.39 -50.45 29.54
N GLU V 348 -8.13 -50.06 29.34
CA GLU V 348 -7.71 -48.67 29.45
C GLU V 348 -7.77 -47.92 28.13
N PHE V 349 -8.44 -48.48 27.11
CA PHE V 349 -8.62 -47.84 25.81
C PHE V 349 -7.27 -47.41 25.22
N LYS V 350 -6.31 -48.34 25.22
CA LYS V 350 -5.01 -48.09 24.64
C LYS V 350 -4.82 -48.76 23.29
N TYR V 351 -5.80 -49.51 22.80
CA TYR V 351 -5.74 -50.04 21.46
C TYR V 351 -6.10 -48.96 20.45
N LEU V 352 -5.31 -48.87 19.39
CA LEU V 352 -5.59 -47.95 18.30
C LEU V 352 -6.81 -48.44 17.53
N ARG V 353 -7.99 -47.95 17.90
CA ARG V 353 -9.24 -48.40 17.30
C ARG V 353 -9.76 -47.34 16.34
N ALA V 354 -10.79 -47.73 15.58
CA ALA V 354 -11.37 -46.84 14.59
C ALA V 354 -11.95 -45.59 15.24
N ASP V 355 -11.81 -44.47 14.54
CA ASP V 355 -12.34 -43.20 15.04
C ASP V 355 -13.86 -43.26 15.22
N TYR V 356 -14.55 -43.96 14.32
CA TYR V 356 -16.01 -44.04 14.30
C TYR V 356 -16.38 -45.51 14.39
N ALA V 357 -17.02 -45.90 15.48
CA ALA V 357 -17.37 -47.29 15.74
C ALA V 357 -18.84 -47.51 15.40
N LEU V 358 -19.10 -48.32 14.36
CA LEU V 358 -20.47 -48.61 13.97
C LEU V 358 -21.17 -49.49 15.01
N THR V 359 -20.49 -50.55 15.46
CA THR V 359 -20.97 -51.38 16.55
C THR V 359 -19.86 -51.57 17.57
N ALA V 360 -20.11 -52.42 18.56
CA ALA V 360 -19.14 -52.64 19.61
C ALA V 360 -17.87 -53.28 19.07
N TYR V 361 -18.02 -54.38 18.34
CA TYR V 361 -16.89 -55.11 17.78
C TYR V 361 -16.74 -54.93 16.27
N LEU V 362 -17.38 -53.92 15.71
CA LEU V 362 -17.22 -53.65 14.28
C LEU V 362 -17.00 -52.16 14.02
N SER W 2 -0.90 -32.18 14.71
CA SER W 2 -1.71 -32.35 15.90
C SER W 2 -2.96 -31.48 15.84
N MET W 3 -3.65 -31.36 16.98
CA MET W 3 -4.77 -30.43 17.06
C MET W 3 -4.32 -29.00 16.82
N TYR W 4 -3.14 -28.64 17.29
CA TYR W 4 -2.60 -27.29 17.09
C TYR W 4 -1.50 -27.36 16.04
N PRO W 5 -1.72 -26.80 14.84
CA PRO W 5 -0.72 -26.85 13.76
C PRO W 5 0.45 -25.90 13.98
N GLU W 6 1.03 -25.92 15.18
CA GLU W 6 2.19 -25.11 15.50
C GLU W 6 3.44 -25.89 15.13
N GLN W 7 4.21 -25.35 14.18
CA GLN W 7 5.42 -26.02 13.72
C GLN W 7 6.39 -26.22 14.88
N ILE W 8 7.05 -27.37 14.89
CA ILE W 8 7.97 -27.74 15.96
C ILE W 8 9.40 -27.67 15.42
N HIS W 9 10.32 -27.24 16.27
CA HIS W 9 11.70 -27.02 15.84
C HIS W 9 12.35 -28.35 15.44
N ARG W 10 13.01 -28.34 14.28
CA ARG W 10 13.82 -29.46 13.82
C ARG W 10 14.97 -28.91 13.01
N MET W 11 16.19 -29.30 13.37
CA MET W 11 17.38 -28.77 12.72
C MET W 11 17.58 -29.37 11.34
N THR W 12 17.45 -30.69 11.21
CA THR W 12 17.76 -31.40 9.98
C THR W 12 16.50 -32.08 9.44
N THR W 13 16.14 -31.75 8.20
CA THR W 13 15.08 -32.44 7.48
C THR W 13 15.68 -33.03 6.21
N ALA W 14 15.68 -34.35 6.10
CA ALA W 14 16.37 -35.01 5.00
C ALA W 14 15.69 -34.72 3.68
N SER W 15 16.49 -34.41 2.67
CA SER W 15 15.98 -34.25 1.32
C SER W 15 15.86 -35.61 0.64
N MET W 16 14.99 -35.67 -0.37
CA MET W 16 14.75 -36.91 -1.08
C MET W 16 15.97 -37.41 -1.85
N LEU W 17 17.00 -36.58 -2.01
CA LEU W 17 18.13 -36.94 -2.87
C LEU W 17 19.04 -37.97 -2.21
N ARG W 18 19.10 -37.99 -0.88
CA ARG W 18 20.03 -38.87 -0.18
C ARG W 18 19.80 -40.33 -0.57
N GLU W 19 18.57 -40.80 -0.39
CA GLU W 19 18.25 -42.19 -0.74
C GLU W 19 18.12 -42.40 -2.23
N TRP W 20 17.85 -41.33 -3.00
CA TRP W 20 17.64 -41.47 -4.43
C TRP W 20 18.90 -41.96 -5.13
N ARG W 21 20.06 -41.43 -4.75
CA ARG W 21 21.32 -41.87 -5.34
C ARG W 21 21.72 -43.25 -4.85
N GLU W 22 21.20 -43.68 -3.71
CA GLU W 22 21.64 -44.91 -3.07
C GLU W 22 20.69 -46.08 -3.31
N HIS W 23 19.75 -45.96 -4.25
CA HIS W 23 18.82 -47.06 -4.52
C HIS W 23 19.58 -48.31 -4.94
N GLY W 24 20.54 -48.16 -5.86
CA GLY W 24 21.33 -49.30 -6.27
C GLY W 24 22.07 -49.96 -5.11
N GLY W 25 22.62 -49.15 -4.22
CA GLY W 25 23.38 -49.69 -3.11
C GLY W 25 22.51 -50.33 -2.05
N LYS W 26 21.40 -49.69 -1.70
CA LYS W 26 20.56 -50.17 -0.60
C LYS W 26 19.48 -51.13 -1.07
N TYR W 27 18.88 -50.90 -2.24
CA TYR W 27 17.88 -51.84 -2.75
C TYR W 27 18.54 -53.07 -3.35
N ARG W 28 19.48 -52.87 -4.27
CA ARG W 28 20.03 -53.92 -5.11
C ARG W 28 21.41 -54.39 -4.66
N LEU W 29 21.92 -53.89 -3.54
CA LEU W 29 23.22 -54.29 -2.99
C LEU W 29 24.34 -54.07 -4.01
N GLU W 30 24.34 -52.89 -4.61
CA GLU W 30 25.32 -52.54 -5.64
C GLU W 30 26.51 -51.85 -4.99
N GLY W 31 27.70 -52.38 -5.24
CA GLY W 31 28.95 -51.76 -4.87
C GLY W 31 29.64 -51.14 -6.06
N SER W 32 30.97 -51.04 -5.98
CA SER W 32 31.79 -50.54 -7.07
C SER W 32 32.84 -51.58 -7.44
N GLN W 33 33.16 -51.62 -8.73
CA GLN W 33 34.19 -52.50 -9.27
C GLN W 33 35.11 -51.68 -10.17
N CYS W 34 36.40 -51.83 -9.99
CA CYS W 34 37.39 -51.10 -10.77
C CYS W 34 37.81 -51.95 -11.96
N GLU W 35 37.85 -51.33 -13.13
CA GLU W 35 38.14 -52.07 -14.36
C GLU W 35 39.61 -52.43 -14.47
N GLU W 36 40.49 -51.54 -14.01
CA GLU W 36 41.91 -51.71 -14.27
C GLU W 36 42.56 -52.76 -13.36
N CYS W 37 42.23 -52.75 -12.05
CA CYS W 37 42.83 -53.70 -11.13
C CYS W 37 41.88 -54.79 -10.67
N ASN W 38 40.64 -54.79 -11.16
CA ASN W 38 39.67 -55.85 -10.89
C ASN W 38 39.44 -56.03 -9.38
N GLU W 39 39.38 -54.92 -8.65
CA GLU W 39 39.17 -54.93 -7.22
C GLU W 39 37.76 -54.43 -6.92
N ILE W 40 37.04 -55.16 -6.06
CA ILE W 40 35.66 -54.88 -5.72
C ILE W 40 35.57 -54.37 -4.28
N PHE W 41 34.67 -53.40 -4.06
CA PHE W 41 34.40 -52.87 -2.74
C PHE W 41 32.90 -52.65 -2.60
N PHE W 42 32.47 -52.42 -1.36
CA PHE W 42 31.11 -52.05 -1.07
C PHE W 42 31.17 -51.34 0.27
N PRO W 43 30.47 -50.21 0.43
CA PRO W 43 29.61 -49.55 -0.56
C PRO W 43 30.37 -48.90 -1.72
N ARG W 44 29.61 -48.34 -2.66
CA ARG W 44 30.19 -47.73 -3.85
C ARG W 44 31.17 -46.61 -3.49
N ARG W 45 32.17 -46.43 -4.35
CA ARG W 45 33.14 -45.37 -4.20
C ARG W 45 33.56 -44.85 -5.56
N THR W 46 34.05 -43.61 -5.58
CA THR W 46 34.39 -42.96 -6.84
C THR W 46 35.77 -43.37 -7.35
N VAL W 47 36.73 -43.52 -6.44
CA VAL W 47 38.10 -43.81 -6.79
C VAL W 47 38.44 -45.21 -6.30
N CYS W 48 39.10 -45.99 -7.14
CA CYS W 48 39.59 -47.30 -6.72
C CYS W 48 40.66 -47.14 -5.64
N GLY W 49 40.69 -48.10 -4.72
CA GLY W 49 41.63 -48.04 -3.62
C GLY W 49 43.00 -48.57 -3.96
N ALA W 50 43.05 -49.65 -4.75
CA ALA W 50 44.32 -50.33 -5.03
C ALA W 50 45.14 -49.57 -6.08
N CYS W 51 44.50 -49.06 -7.14
CA CYS W 51 45.21 -48.40 -8.22
C CYS W 51 44.98 -46.90 -8.29
N ASN W 52 43.98 -46.38 -7.58
CA ASN W 52 43.70 -44.94 -7.51
C ASN W 52 43.25 -44.36 -8.86
N SER W 53 42.60 -45.16 -9.70
CA SER W 53 42.17 -44.72 -11.01
C SER W 53 40.70 -44.34 -10.97
N LEU W 54 40.36 -43.28 -11.71
CA LEU W 54 39.00 -42.76 -11.67
C LEU W 54 38.01 -43.71 -12.32
N SER W 55 38.46 -44.53 -13.27
CA SER W 55 37.56 -45.41 -14.03
C SER W 55 37.05 -46.51 -13.12
N VAL W 56 35.80 -46.37 -12.68
CA VAL W 56 35.14 -47.35 -11.82
C VAL W 56 33.71 -47.52 -12.29
N LYS W 57 33.17 -48.71 -12.09
CA LYS W 57 31.82 -49.02 -12.54
C LYS W 57 31.04 -49.73 -11.44
N PRO W 58 29.70 -49.60 -11.44
CA PRO W 58 28.90 -50.28 -10.42
C PRO W 58 29.02 -51.79 -10.51
N TYR W 59 28.77 -52.45 -9.38
CA TYR W 59 28.96 -53.89 -9.28
C TYR W 59 27.91 -54.47 -8.34
N ARG W 60 27.26 -55.55 -8.77
CA ARG W 60 26.23 -56.21 -7.98
C ARG W 60 26.89 -57.27 -7.12
N CYS W 61 26.90 -57.04 -5.80
CA CYS W 61 27.53 -57.97 -4.87
C CYS W 61 26.74 -59.28 -4.81
N ALA W 62 27.40 -60.31 -4.31
CA ALA W 62 26.73 -61.59 -4.11
C ALA W 62 25.64 -61.45 -3.06
N ARG W 63 24.49 -62.05 -3.32
CA ARG W 63 23.36 -61.96 -2.41
C ARG W 63 23.31 -63.09 -1.39
N SER W 64 24.21 -64.06 -1.49
CA SER W 64 24.33 -65.14 -0.51
C SER W 64 25.65 -64.98 0.24
N GLY W 65 25.70 -65.57 1.44
CA GLY W 65 26.91 -65.46 2.24
C GLY W 65 26.75 -66.21 3.55
N LYS W 66 27.84 -66.22 4.31
CA LYS W 66 27.89 -66.89 5.60
C LYS W 66 28.13 -65.86 6.70
N ILE W 67 27.82 -66.27 7.93
CA ILE W 67 27.99 -65.41 9.10
C ILE W 67 29.45 -65.47 9.54
N GLU W 68 30.16 -64.35 9.41
CA GLU W 68 31.53 -64.27 9.90
C GLU W 68 31.55 -64.09 11.41
N VAL W 69 30.73 -63.17 11.93
CA VAL W 69 30.62 -62.96 13.36
C VAL W 69 29.24 -62.35 13.62
N MET W 70 28.70 -62.63 14.80
CA MET W 70 27.38 -62.14 15.16
C MET W 70 27.36 -61.79 16.64
N ALA W 71 26.47 -60.85 17.00
CA ALA W 71 26.31 -60.42 18.37
C ALA W 71 24.89 -59.89 18.60
N PRO W 72 24.14 -60.47 19.53
CA PRO W 72 22.78 -59.99 19.80
C PRO W 72 22.81 -58.61 20.47
N ALA W 73 21.75 -57.85 20.25
CA ALA W 73 21.58 -56.52 20.81
C ALA W 73 20.30 -56.51 21.64
N GLU W 74 20.44 -56.68 22.96
CA GLU W 74 19.29 -56.82 23.84
C GLU W 74 19.15 -55.65 24.81
N ASN W 75 20.06 -54.69 24.80
CA ASN W 75 20.08 -53.65 25.80
C ASN W 75 19.10 -52.54 25.42
N PRO W 76 18.08 -52.26 26.24
CA PRO W 76 17.08 -51.25 25.83
C PRO W 76 17.59 -49.83 25.87
N ILE W 77 18.63 -49.53 26.65
CA ILE W 77 19.18 -48.18 26.66
C ILE W 77 19.72 -47.81 25.29
N LEU W 78 20.20 -48.80 24.54
CA LEU W 78 20.88 -48.57 23.27
C LEU W 78 19.94 -48.71 22.07
N ALA W 79 18.64 -48.86 22.30
CA ALA W 79 17.69 -48.99 21.21
C ALA W 79 17.48 -47.64 20.53
N ALA W 80 17.48 -47.64 19.20
CA ALA W 80 17.29 -46.44 18.40
C ALA W 80 15.85 -46.34 17.94
N MET W 81 15.41 -45.11 17.67
CA MET W 81 14.04 -44.87 17.25
C MET W 81 13.74 -45.63 15.96
N GLY W 82 12.60 -46.31 15.95
CA GLY W 82 12.20 -47.14 14.83
C GLY W 82 12.64 -48.58 14.93
N TYR W 83 13.51 -48.90 15.88
CA TYR W 83 14.02 -50.25 16.04
C TYR W 83 13.79 -50.81 17.44
N GLY W 84 12.96 -50.14 18.24
CA GLY W 84 12.60 -50.64 19.56
C GLY W 84 11.54 -51.73 19.56
N GLU W 85 10.88 -51.97 18.43
CA GLU W 85 9.78 -52.92 18.39
C GLU W 85 10.28 -54.37 18.33
N THR W 86 11.48 -54.60 17.82
CA THR W 86 12.04 -55.94 17.74
C THR W 86 13.14 -56.08 18.78
N VAL W 87 12.91 -56.95 19.75
CA VAL W 87 13.92 -57.27 20.77
C VAL W 87 14.01 -58.78 20.93
N PRO W 88 15.20 -59.38 20.74
CA PRO W 88 16.43 -58.69 20.37
C PRO W 88 16.75 -58.74 18.88
N ARG W 89 17.46 -57.72 18.41
CA ARG W 89 17.98 -57.73 17.05
C ARG W 89 19.32 -58.45 17.02
N ILE W 90 19.51 -59.30 16.01
CA ILE W 90 20.73 -60.08 15.86
C ILE W 90 21.61 -59.40 14.82
N MET W 91 22.65 -58.72 15.28
CA MET W 91 23.61 -58.11 14.38
C MET W 91 24.60 -59.15 13.90
N ALA W 92 25.09 -58.97 12.67
CA ALA W 92 26.04 -59.92 12.11
C ALA W 92 26.83 -59.27 10.98
N MET W 93 28.07 -59.73 10.82
CA MET W 93 28.89 -59.40 9.66
C MET W 93 28.84 -60.57 8.69
N VAL W 94 28.28 -60.34 7.51
CA VAL W 94 28.01 -61.40 6.55
C VAL W 94 29.11 -61.40 5.50
N ARG W 95 29.89 -62.48 5.47
CA ARG W 95 30.88 -62.70 4.42
C ARG W 95 30.14 -63.15 3.17
N LEU W 96 29.95 -62.23 2.22
CA LEU W 96 29.34 -62.58 0.96
C LEU W 96 30.22 -63.57 0.20
N ASP W 97 29.63 -64.18 -0.84
CA ASP W 97 30.34 -65.22 -1.57
C ASP W 97 31.49 -64.65 -2.40
N ASP W 98 31.42 -63.38 -2.79
CA ASP W 98 32.48 -62.77 -3.58
C ASP W 98 33.63 -62.25 -2.74
N GLY W 99 33.58 -62.40 -1.42
CA GLY W 99 34.68 -62.02 -0.55
C GLY W 99 34.41 -60.81 0.32
N LEU W 100 33.47 -59.96 -0.06
CA LEU W 100 33.18 -58.77 0.73
C LEU W 100 32.46 -59.15 2.03
N VAL W 101 32.47 -58.23 2.98
CA VAL W 101 31.81 -58.39 4.27
C VAL W 101 30.85 -57.23 4.47
N ILE W 102 29.61 -57.56 4.84
CA ILE W 102 28.54 -56.57 4.98
C ILE W 102 28.12 -56.51 6.45
N ALA W 103 27.84 -55.30 6.92
CA ALA W 103 27.29 -55.09 8.26
C ALA W 103 25.78 -54.95 8.13
N SER W 104 25.06 -55.95 8.60
CA SER W 104 23.60 -55.94 8.56
C SER W 104 23.08 -56.75 9.75
N GLU W 105 21.84 -57.21 9.68
CA GLU W 105 21.26 -57.98 10.77
C GLU W 105 20.48 -59.16 10.21
N ILE W 106 20.26 -60.15 11.07
CA ILE W 106 19.52 -61.36 10.71
C ILE W 106 18.08 -61.22 11.20
N VAL W 107 17.13 -61.63 10.36
CA VAL W 107 15.72 -61.61 10.70
C VAL W 107 15.11 -62.96 10.36
N ASP W 108 13.89 -63.19 10.83
CA ASP W 108 13.12 -64.40 10.56
C ASP W 108 13.90 -65.65 10.94
N VAL W 109 14.37 -65.68 12.19
CA VAL W 109 15.06 -66.85 12.73
C VAL W 109 13.98 -67.78 13.27
N CYS W 110 13.40 -68.56 12.36
CA CYS W 110 12.35 -69.52 12.75
C CYS W 110 12.92 -70.61 13.65
N ASP W 111 14.14 -71.06 13.37
CA ASP W 111 14.81 -72.09 14.16
C ASP W 111 16.05 -71.47 14.78
N GLN W 112 16.08 -71.42 16.11
CA GLN W 112 17.19 -70.77 16.81
C GLN W 112 18.48 -71.57 16.70
N GLN W 113 18.40 -72.90 16.59
CA GLN W 113 19.60 -73.72 16.60
C GLN W 113 20.43 -73.53 15.32
N GLN W 114 19.75 -73.38 14.18
CA GLN W 114 20.46 -73.25 12.91
C GLN W 114 21.30 -71.98 12.82
N LEU W 115 21.09 -71.02 13.72
CA LEU W 115 21.78 -69.74 13.68
C LEU W 115 23.13 -69.88 14.38
N LYS W 116 24.21 -69.90 13.60
CA LYS W 116 25.55 -70.01 14.14
C LYS W 116 26.52 -69.35 13.17
N VAL W 117 27.79 -69.28 13.58
CA VAL W 117 28.81 -68.67 12.74
C VAL W 117 29.03 -69.54 11.50
N GLY W 118 29.07 -68.89 10.33
CA GLY W 118 29.23 -69.60 9.08
C GLY W 118 27.96 -70.13 8.48
N ALA W 119 26.81 -69.91 9.12
CA ALA W 119 25.55 -70.37 8.56
C ALA W 119 25.22 -69.62 7.28
N PRO W 120 24.65 -70.29 6.28
CA PRO W 120 24.31 -69.59 5.04
C PRO W 120 23.12 -68.67 5.24
N VAL W 121 23.20 -67.49 4.61
CA VAL W 121 22.15 -66.49 4.68
C VAL W 121 21.90 -65.92 3.29
N ARG W 122 20.74 -65.29 3.12
CA ARG W 122 20.34 -64.68 1.86
C ARG W 122 19.83 -63.27 2.12
N MET W 123 20.18 -62.35 1.23
CA MET W 123 19.72 -60.97 1.35
C MET W 123 18.24 -60.87 0.99
N VAL W 124 17.50 -60.11 1.79
CA VAL W 124 16.12 -59.76 1.51
C VAL W 124 15.94 -58.26 1.68
N ILE W 125 14.88 -57.73 1.08
CA ILE W 125 14.54 -56.32 1.19
C ILE W 125 13.50 -56.16 2.28
N ARG W 126 13.72 -55.21 3.18
CA ARG W 126 12.87 -55.00 4.34
C ARG W 126 12.68 -53.52 4.57
N LYS W 127 11.74 -53.19 5.47
CA LYS W 127 11.47 -51.80 5.82
C LYS W 127 12.39 -51.37 6.97
N HIS W 128 12.88 -50.14 6.87
CA HIS W 128 13.73 -49.54 7.89
C HIS W 128 13.05 -48.31 8.48
N VAL W 129 13.83 -47.52 9.23
CA VAL W 129 13.26 -46.37 9.92
C VAL W 129 12.72 -45.36 8.92
N ARG W 130 11.57 -44.77 9.25
CA ARG W 130 10.94 -43.81 8.35
C ARG W 130 11.82 -42.58 8.16
N GLU W 131 11.84 -42.05 6.95
CA GLU W 131 12.68 -40.92 6.61
C GLU W 131 12.20 -39.64 7.30
N SER W 132 13.11 -38.66 7.35
CA SER W 132 12.76 -37.35 7.90
C SER W 132 11.74 -36.62 7.04
N ASN W 133 11.51 -37.08 5.80
CA ASN W 133 10.56 -36.47 4.89
C ASN W 133 9.36 -37.36 4.64
N LEU W 134 8.99 -38.18 5.62
CA LEU W 134 7.85 -39.11 5.61
C LEU W 134 7.95 -40.21 4.56
N ALA W 135 9.04 -40.31 3.80
CA ALA W 135 9.17 -41.38 2.82
C ALA W 135 9.57 -42.67 3.52
N TRP W 136 8.87 -43.76 3.22
CA TRP W 136 9.27 -45.05 3.75
C TRP W 136 10.68 -45.40 3.28
N GLN W 137 11.46 -46.02 4.17
CA GLN W 137 12.81 -46.44 3.83
C GLN W 137 12.86 -47.96 3.73
N TYR W 138 13.41 -48.45 2.63
CA TYR W 138 13.63 -49.87 2.43
C TYR W 138 15.11 -50.11 2.14
N ALA W 139 15.66 -51.17 2.75
CA ALA W 139 17.06 -51.52 2.56
C ALA W 139 17.23 -53.00 2.84
N TYR W 140 18.46 -53.47 2.78
CA TYR W 140 18.75 -54.90 2.83
C TYR W 140 18.79 -55.41 4.26
N LYS W 141 18.37 -56.66 4.43
CA LYS W 141 18.62 -57.45 5.62
C LYS W 141 18.93 -58.88 5.17
N PHE W 142 19.18 -59.76 6.13
CA PHE W 142 19.54 -61.13 5.80
C PHE W 142 18.73 -62.11 6.64
N VAL W 143 18.35 -63.23 6.02
CA VAL W 143 17.62 -64.30 6.67
C VAL W 143 18.41 -65.59 6.54
N LEU W 144 18.20 -66.50 7.48
CA LEU W 144 18.84 -67.81 7.40
C LEU W 144 18.36 -68.56 6.15
N ASP W 145 19.30 -69.14 5.42
CA ASP W 145 18.99 -69.85 4.18
C ASP W 145 19.00 -71.36 4.38
N ILE W 146 18.31 -71.83 5.42
CA ILE W 146 18.26 -73.25 5.73
C ILE W 146 17.32 -73.97 4.77
N ALA X 3 60.76 -26.28 13.50
CA ALA X 3 61.58 -27.40 13.92
C ALA X 3 62.03 -27.24 15.37
N ARG X 4 61.14 -26.73 16.22
CA ARG X 4 61.42 -26.57 17.64
C ARG X 4 60.58 -27.53 18.46
N ARG X 5 61.00 -27.72 19.71
CA ARG X 5 60.35 -28.66 20.61
C ARG X 5 59.11 -28.05 21.25
N VAL X 6 58.12 -28.89 21.50
CA VAL X 6 56.86 -28.48 22.13
C VAL X 6 56.71 -29.24 23.44
N ALA X 7 56.33 -28.53 24.50
CA ALA X 7 56.22 -29.12 25.83
C ALA X 7 54.85 -28.83 26.42
N ILE X 8 54.38 -29.75 27.26
CA ILE X 8 53.12 -29.63 27.98
C ILE X 8 53.44 -29.04 29.35
N VAL X 9 52.96 -27.83 29.62
CA VAL X 9 53.24 -27.20 30.90
C VAL X 9 52.19 -27.55 31.96
N SER X 10 50.94 -27.76 31.56
CA SER X 10 49.90 -28.14 32.51
C SER X 10 48.73 -28.75 31.76
N ALA X 11 48.02 -29.64 32.45
CA ALA X 11 46.83 -30.28 31.89
C ALA X 11 45.86 -30.58 33.02
N ALA X 12 44.59 -30.26 32.80
CA ALA X 12 43.56 -30.51 33.80
C ALA X 12 42.25 -30.79 33.10
N TYR X 13 41.38 -31.53 33.77
CA TYR X 13 40.04 -31.80 33.28
C TYR X 13 39.07 -31.83 34.44
N THR X 14 37.80 -31.58 34.13
CA THR X 14 36.78 -31.55 35.16
C THR X 14 36.66 -32.93 35.80
N PRO X 15 36.59 -33.01 37.13
CA PRO X 15 36.61 -34.33 37.80
C PRO X 15 35.34 -35.11 37.51
N LYS X 16 35.40 -36.40 37.90
CA LYS X 16 34.36 -37.38 37.64
C LYS X 16 33.82 -37.25 36.21
N PRO X 17 34.64 -37.54 35.20
CA PRO X 17 34.14 -37.45 33.81
C PRO X 17 33.04 -38.43 33.49
N GLY X 18 32.96 -39.56 34.20
CA GLY X 18 31.85 -40.47 34.02
C GLY X 18 30.58 -40.04 34.71
N SER X 19 30.60 -38.94 35.45
CA SER X 19 29.42 -38.37 36.07
C SER X 19 28.93 -37.20 35.24
N SER X 20 27.62 -37.08 35.10
CA SER X 20 27.03 -36.00 34.31
C SER X 20 27.01 -34.71 35.12
N ARG X 21 27.16 -33.59 34.42
CA ARG X 21 27.26 -32.27 35.02
C ARG X 21 26.08 -31.43 34.52
N VAL X 22 24.88 -31.78 34.96
CA VAL X 22 23.66 -31.26 34.37
C VAL X 22 23.38 -29.80 34.74
N ARG X 23 24.08 -29.25 35.71
CA ARG X 23 23.81 -27.88 36.14
C ARG X 23 24.69 -26.86 35.45
N GLN X 24 25.84 -27.26 34.92
CA GLN X 24 26.67 -26.37 34.12
C GLN X 24 26.19 -26.37 32.67
N THR X 25 26.31 -25.22 32.02
CA THR X 25 26.25 -25.22 30.57
C THR X 25 27.58 -25.70 30.02
N PHE X 26 27.61 -26.03 28.73
CA PHE X 26 28.87 -26.51 28.15
C PHE X 26 29.91 -25.39 28.11
N LYS X 27 29.47 -24.13 28.09
CA LYS X 27 30.40 -23.02 28.22
C LYS X 27 31.02 -22.99 29.61
N GLU X 28 30.19 -23.17 30.65
CA GLU X 28 30.70 -23.21 32.01
C GLU X 28 31.64 -24.39 32.20
N MET X 29 31.32 -25.52 31.59
CA MET X 29 32.14 -26.72 31.76
C MET X 29 33.50 -26.57 31.11
N ILE X 30 33.57 -25.91 29.96
CA ILE X 30 34.85 -25.71 29.28
C ILE X 30 35.73 -24.77 30.09
N VAL X 31 35.15 -23.68 30.60
CA VAL X 31 35.93 -22.67 31.31
C VAL X 31 36.54 -23.25 32.57
N GLU X 32 35.82 -24.17 33.24
CA GLU X 32 36.32 -24.77 34.47
C GLU X 32 37.65 -25.48 34.25
N SER X 33 37.68 -26.42 33.30
CA SER X 33 38.91 -27.17 33.06
C SER X 33 40.03 -26.30 32.52
N ALA X 34 39.68 -25.30 31.70
CA ALA X 34 40.72 -24.47 31.10
C ALA X 34 41.42 -23.61 32.15
N TYR X 35 40.64 -22.90 32.96
CA TYR X 35 41.25 -22.02 33.96
C TYR X 35 41.93 -22.79 35.07
N LYS X 36 41.51 -24.03 35.33
CA LYS X 36 42.22 -24.87 36.29
C LYS X 36 43.62 -25.17 35.80
N ALA X 37 43.77 -25.44 34.50
CA ALA X 37 45.10 -25.66 33.95
C ALA X 37 45.91 -24.37 33.92
N LEU X 38 45.24 -23.21 33.78
CA LEU X 38 45.95 -21.94 33.82
C LEU X 38 46.51 -21.65 35.21
N LYS X 39 45.71 -21.87 36.24
CA LYS X 39 46.18 -21.66 37.60
C LYS X 39 47.36 -22.58 37.92
N ASP X 40 47.28 -23.85 37.53
CA ASP X 40 48.39 -24.77 37.74
C ASP X 40 49.62 -24.35 36.94
N ALA X 41 49.40 -23.75 35.76
CA ALA X 41 50.50 -23.30 34.91
C ALA X 41 50.99 -21.90 35.25
N LYS X 42 50.41 -21.26 36.27
CA LYS X 42 50.87 -19.95 36.74
C LYS X 42 50.82 -18.90 35.63
N MET X 43 49.79 -18.99 34.79
CA MET X 43 49.67 -18.18 33.59
C MET X 43 48.31 -17.50 33.51
N HIS X 44 48.31 -16.28 32.95
CA HIS X 44 47.13 -15.45 32.76
C HIS X 44 46.36 -15.92 31.52
N PRO X 45 45.03 -15.80 31.52
CA PRO X 45 44.26 -16.24 30.34
C PRO X 45 44.59 -15.47 29.07
N ARG X 46 44.94 -14.19 29.17
CA ARG X 46 45.26 -13.42 27.96
C ARG X 46 46.51 -13.91 27.26
N GLU X 47 47.35 -14.68 27.96
CA GLU X 47 48.60 -15.11 27.36
C GLU X 47 48.39 -16.16 26.27
N ILE X 48 47.29 -16.91 26.34
CA ILE X 48 46.98 -17.88 25.30
C ILE X 48 46.83 -17.17 23.97
N GLN X 49 47.55 -17.67 22.96
CA GLN X 49 47.51 -17.07 21.63
C GLN X 49 46.56 -17.77 20.67
N ALA X 50 46.26 -19.04 20.90
CA ALA X 50 45.30 -19.77 20.08
C ALA X 50 44.83 -21.00 20.84
N VAL X 51 43.70 -21.55 20.39
CA VAL X 51 43.10 -22.73 21.02
C VAL X 51 42.68 -23.70 19.94
N ALA X 52 42.91 -25.00 20.19
CA ALA X 52 42.39 -26.08 19.36
C ALA X 52 41.51 -26.96 20.23
N TYR X 53 40.20 -26.83 20.07
CA TYR X 53 39.23 -27.56 20.88
C TYR X 53 38.46 -28.55 20.02
N GLY X 54 37.85 -29.55 20.66
CA GLY X 54 37.18 -30.59 19.93
C GLY X 54 35.92 -31.11 20.58
N TYR X 55 34.92 -31.46 19.77
CA TYR X 55 33.67 -32.05 20.26
C TYR X 55 33.14 -33.01 19.20
N HIS X 56 32.20 -33.86 19.62
CA HIS X 56 31.71 -34.93 18.76
C HIS X 56 31.08 -34.37 17.49
N GLY X 57 30.15 -33.47 17.65
CA GLY X 57 29.50 -32.89 16.49
C GLY X 57 28.42 -31.95 16.94
N GLU X 58 27.99 -31.13 15.99
CA GLU X 58 27.06 -30.03 16.21
C GLU X 58 25.65 -30.51 16.56
N GLY X 59 25.35 -31.80 16.41
CA GLY X 59 24.01 -32.28 16.65
C GLY X 59 23.65 -32.55 18.10
N ILE X 60 24.59 -32.42 19.04
CA ILE X 60 24.31 -32.73 20.44
C ILE X 60 23.67 -31.52 21.12
N SER X 61 24.47 -30.48 21.35
CA SER X 61 23.98 -29.26 21.95
C SER X 61 23.38 -28.30 20.93
N GLU X 62 23.32 -28.70 19.66
CA GLU X 62 22.76 -27.90 18.58
C GLU X 62 23.54 -26.60 18.36
N TYR X 63 24.86 -26.65 18.57
CA TYR X 63 25.74 -25.49 18.49
C TYR X 63 26.81 -25.74 17.44
N GLY X 64 26.77 -24.98 16.35
CA GLY X 64 27.70 -25.15 15.25
C GLY X 64 28.67 -23.98 15.13
N GLY X 65 29.72 -24.21 14.34
CA GLY X 65 30.78 -23.23 14.16
C GLY X 65 31.32 -22.71 15.47
N LEU X 66 31.71 -23.64 16.35
CA LEU X 66 31.85 -23.35 17.77
C LEU X 66 33.13 -22.61 18.13
N GLY X 67 34.05 -22.44 17.19
CA GLY X 67 35.32 -21.80 17.45
C GLY X 67 35.22 -20.49 18.22
N PRO X 68 34.67 -19.45 17.57
CA PRO X 68 34.61 -18.14 18.23
C PRO X 68 33.77 -18.13 19.49
N THR X 69 32.77 -19.01 19.56
CA THR X 69 31.98 -19.13 20.78
C THR X 69 32.86 -19.57 21.96
N ILE X 70 33.82 -20.46 21.70
CA ILE X 70 34.74 -20.89 22.76
C ILE X 70 35.73 -19.78 23.09
N SER X 71 36.23 -19.07 22.07
CA SER X 71 37.17 -17.98 22.31
C SER X 71 36.55 -16.91 23.20
N ASP X 72 35.29 -16.55 22.93
CA ASP X 72 34.63 -15.53 23.74
C ASP X 72 34.25 -16.09 25.11
N ALA X 73 33.83 -17.35 25.17
CA ALA X 73 33.52 -17.98 26.46
C ALA X 73 34.76 -17.99 27.35
N LEU X 74 35.89 -18.46 26.83
CA LEU X 74 37.15 -18.36 27.57
C LEU X 74 37.57 -16.92 27.80
N GLY X 75 37.04 -15.99 27.02
CA GLY X 75 37.51 -14.63 27.06
C GLY X 75 38.99 -14.55 26.76
N ILE X 76 39.41 -15.19 25.67
CA ILE X 76 40.74 -14.98 25.10
C ILE X 76 40.66 -14.23 23.78
N SER X 77 39.47 -13.79 23.40
CA SER X 77 39.26 -13.08 22.15
C SER X 77 40.23 -11.90 22.06
N PRO X 78 40.73 -11.57 20.87
CA PRO X 78 40.38 -12.18 19.58
C PRO X 78 41.22 -13.39 19.18
N ALA X 79 41.80 -14.11 20.14
CA ALA X 79 42.58 -15.29 19.79
C ALA X 79 41.67 -16.33 19.14
N PRO X 80 42.13 -16.99 18.08
CA PRO X 80 41.27 -17.93 17.35
C PRO X 80 41.16 -19.27 18.05
N THR X 81 40.07 -19.96 17.75
CA THR X 81 39.82 -21.32 18.23
C THR X 81 39.58 -22.21 17.02
N PHE X 82 40.42 -23.23 16.87
CA PHE X 82 40.32 -24.17 15.75
C PHE X 82 39.53 -25.38 16.23
N MET X 83 38.44 -25.69 15.52
CA MET X 83 37.54 -26.75 15.96
C MET X 83 37.97 -28.10 15.41
N SER X 84 37.59 -29.15 16.14
CA SER X 84 37.91 -30.52 15.77
C SER X 84 36.70 -31.40 16.04
N THR X 85 36.20 -32.05 15.00
CA THR X 85 35.06 -32.95 15.11
C THR X 85 35.51 -34.32 14.60
N ALA X 86 35.92 -35.19 15.53
CA ALA X 86 36.48 -36.48 15.16
C ALA X 86 36.19 -37.52 16.23
N ASN X 87 34.91 -37.76 16.47
CA ASN X 87 34.46 -38.85 17.35
C ASN X 87 35.11 -38.85 18.74
N THR X 89 38.22 -39.35 19.27
CA THR X 89 39.56 -38.77 19.17
C THR X 89 39.54 -37.27 18.92
N SER X 90 38.41 -36.64 19.22
CA SER X 90 38.30 -35.20 19.00
C SER X 90 39.36 -34.43 19.77
N SER X 91 39.65 -34.85 21.01
CA SER X 91 40.69 -34.19 21.79
C SER X 91 42.07 -34.65 21.36
N SER X 92 42.22 -35.91 20.95
CA SER X 92 43.50 -36.38 20.44
C SER X 92 43.88 -35.65 19.16
N VAL X 93 42.89 -35.39 18.29
CA VAL X 93 43.16 -34.67 17.06
C VAL X 93 43.45 -33.20 17.35
N SER X 94 42.76 -32.62 18.34
CA SER X 94 42.99 -31.22 18.69
C SER X 94 44.36 -31.03 19.34
N PHE X 95 44.85 -32.04 20.05
CA PHE X 95 46.20 -31.98 20.60
C PHE X 95 47.25 -31.91 19.49
N GLN X 96 47.12 -32.79 18.49
CA GLN X 96 48.05 -32.75 17.36
C GLN X 96 47.93 -31.44 16.59
N MET X 97 46.72 -30.88 16.49
CA MET X 97 46.55 -29.58 15.86
C MET X 97 47.39 -28.51 16.56
N GLY X 98 47.26 -28.42 17.89
CA GLY X 98 48.04 -27.43 18.63
C GLY X 98 49.53 -27.70 18.56
N HIS X 99 49.91 -28.98 18.55
CA HIS X 99 51.32 -29.33 18.41
C HIS X 99 51.89 -28.78 17.11
N GLN X 100 51.11 -28.83 16.03
CA GLN X 100 51.57 -28.30 14.76
C GLN X 100 51.55 -26.77 14.75
N MET X 101 50.64 -26.16 15.51
CA MET X 101 50.61 -24.70 15.60
C MET X 101 51.85 -24.17 16.29
N VAL X 102 52.22 -24.78 17.42
CA VAL X 102 53.39 -24.31 18.18
C VAL X 102 54.68 -24.62 17.43
N ALA X 103 54.80 -25.83 16.88
CA ALA X 103 56.01 -26.19 16.16
C ALA X 103 56.19 -25.36 14.90
N SER X 104 55.10 -24.94 14.26
CA SER X 104 55.20 -24.10 13.08
C SER X 104 55.71 -22.70 13.40
N GLY X 105 55.65 -22.29 14.66
CA GLY X 105 56.09 -20.98 15.05
C GLY X 105 55.09 -19.86 14.84
N GLU X 106 53.91 -20.16 14.27
CA GLU X 106 52.89 -19.13 14.11
C GLU X 106 52.22 -18.78 15.42
N TYR X 107 52.25 -19.68 16.41
CA TYR X 107 51.73 -19.42 17.75
C TYR X 107 52.70 -19.98 18.77
N ASP X 108 52.95 -19.21 19.83
CA ASP X 108 53.88 -19.65 20.88
C ASP X 108 53.19 -20.37 22.03
N ILE X 109 51.96 -19.98 22.38
CA ILE X 109 51.21 -20.57 23.48
C ILE X 109 49.84 -20.95 22.97
N VAL X 110 49.50 -22.24 23.06
CA VAL X 110 48.25 -22.77 22.54
C VAL X 110 47.62 -23.69 23.57
N LEU X 111 46.31 -23.57 23.74
CA LEU X 111 45.53 -24.46 24.61
C LEU X 111 44.81 -25.48 23.75
N CYS X 112 44.89 -26.76 24.14
CA CYS X 112 44.29 -27.84 23.39
C CYS X 112 43.39 -28.66 24.31
N GLY X 113 42.14 -28.88 23.90
CA GLY X 113 41.25 -29.66 24.73
C GLY X 113 40.03 -30.16 23.98
N GLY X 114 39.13 -30.76 24.76
CA GLY X 114 37.87 -31.26 24.22
C GLY X 114 36.82 -31.24 25.30
N PHE X 115 35.59 -31.53 24.89
CA PHE X 115 34.48 -31.57 25.84
C PHE X 115 33.35 -32.35 25.21
N GLU X 116 32.49 -32.93 26.05
CA GLU X 116 31.29 -33.57 25.55
C GLU X 116 30.18 -33.40 26.59
N LYS X 117 29.19 -32.58 26.24
CA LYS X 117 28.03 -32.33 27.10
C LYS X 117 26.87 -33.12 26.54
N MET X 118 26.79 -34.40 26.91
CA MET X 118 25.85 -35.32 26.30
C MET X 118 24.42 -35.16 26.81
N THR X 119 24.23 -34.63 28.02
CA THR X 119 22.87 -34.48 28.54
C THR X 119 22.08 -33.41 27.81
N ASP X 120 22.73 -32.57 27.00
CA ASP X 120 21.99 -31.62 26.17
C ASP X 120 21.15 -32.32 25.11
N HIS X 121 21.48 -33.55 24.78
CA HIS X 121 20.69 -34.38 23.88
C HIS X 121 19.80 -35.29 24.70
N PHE X 122 18.52 -35.40 24.30
CA PHE X 122 17.58 -36.27 25.01
C PHE X 122 18.14 -37.68 25.15
N ASN X 123 18.52 -38.30 24.03
CA ASN X 123 19.14 -39.62 24.03
C ASN X 123 20.44 -39.52 23.24
N TYR X 124 21.54 -39.34 23.96
CA TYR X 124 22.86 -39.22 23.33
C TYR X 124 23.28 -40.51 22.62
N ALA X 125 22.64 -41.64 22.94
CA ALA X 125 23.06 -42.93 22.37
C ALA X 125 22.60 -43.09 20.92
N GLU X 126 21.41 -42.60 20.56
CA GLU X 126 20.97 -42.69 19.17
C GLU X 126 21.80 -41.81 18.26
N TYR X 127 22.31 -40.69 18.78
CA TYR X 127 22.95 -39.70 17.93
C TYR X 127 24.34 -40.13 17.49
N ILE X 128 25.08 -40.88 18.32
CA ILE X 128 26.50 -41.11 18.06
C ILE X 128 26.72 -41.85 16.75
N GLY X 129 25.81 -42.74 16.36
CA GLY X 129 25.88 -43.43 15.09
C GLY X 129 25.93 -42.51 13.88
N SER X 130 25.55 -41.23 14.03
CA SER X 130 25.67 -40.24 12.96
C SER X 130 27.10 -39.96 12.54
N SER X 131 28.10 -40.50 13.26
CA SER X 131 29.48 -40.35 12.81
C SER X 131 30.05 -41.65 12.27
N THR X 132 29.48 -42.18 11.18
CA THR X 132 29.97 -43.38 10.50
C THR X 132 29.58 -43.26 9.02
N GLU X 133 29.36 -44.38 8.34
CA GLU X 133 28.95 -44.35 6.93
C GLU X 133 27.42 -44.32 6.85
N CYS X 134 26.85 -43.26 7.44
CA CYS X 134 25.45 -43.14 7.84
C CYS X 134 24.44 -43.80 6.91
N GLU X 135 24.67 -43.72 5.60
CA GLU X 135 23.74 -44.33 4.66
C GLU X 135 23.60 -45.83 4.87
N TYR X 136 24.66 -46.51 5.30
CA TYR X 136 24.66 -47.97 5.35
C TYR X 136 24.82 -48.54 6.75
N ASP X 137 24.57 -47.73 7.79
CA ASP X 137 24.60 -48.24 9.15
C ASP X 137 23.73 -47.39 10.08
N TYR X 138 24.03 -46.09 10.16
CA TYR X 138 23.27 -45.23 11.06
C TYR X 138 21.80 -45.20 10.67
N PHE X 139 21.52 -44.88 9.39
CA PHE X 139 20.13 -44.88 8.94
C PHE X 139 19.54 -46.29 8.93
N LEU X 140 20.37 -47.32 8.87
CA LEU X 140 19.88 -48.70 8.92
C LEU X 140 19.75 -49.22 10.34
N GLY X 141 20.33 -48.54 11.32
CA GLY X 141 20.22 -48.96 12.69
C GLY X 141 21.42 -49.75 13.17
N ILE X 142 22.60 -49.44 12.67
CA ILE X 142 23.84 -50.07 13.09
C ILE X 142 24.67 -49.02 13.82
N SER X 143 24.95 -49.28 15.09
CA SER X 143 25.67 -48.35 15.95
C SER X 143 27.10 -48.80 16.18
N HIS X 144 27.89 -47.90 16.76
CA HIS X 144 29.27 -48.23 17.11
C HIS X 144 29.31 -49.35 18.14
N THR X 145 28.38 -49.34 19.10
CA THR X 145 28.38 -50.34 20.16
C THR X 145 28.22 -51.74 19.59
N ASP X 146 27.49 -51.89 18.49
CA ASP X 146 27.41 -53.18 17.83
C ASP X 146 28.78 -53.61 17.30
N ALA X 147 29.56 -52.65 16.78
CA ALA X 147 30.87 -52.99 16.22
C ALA X 147 31.82 -53.53 17.28
N PHE X 148 31.89 -52.84 18.43
CA PHE X 148 32.75 -53.32 19.51
C PHE X 148 32.27 -54.67 20.02
N ALA X 149 30.95 -54.89 20.05
CA ALA X 149 30.42 -56.19 20.44
C ALA X 149 30.78 -57.27 19.42
N LEU X 150 30.66 -56.94 18.14
CA LEU X 150 31.05 -57.90 17.10
C LEU X 150 32.55 -58.15 17.13
N ALA X 151 33.34 -57.09 17.37
CA ALA X 151 34.79 -57.26 17.50
C ALA X 151 35.14 -58.13 18.70
N THR X 152 34.44 -57.94 19.82
CA THR X 152 34.67 -58.77 20.99
C THR X 152 34.36 -60.24 20.70
N ALA X 153 33.25 -60.48 19.99
CA ALA X 153 32.87 -61.86 19.69
C ALA X 153 33.85 -62.52 18.73
N GLU X 154 34.32 -61.77 17.72
CA GLU X 154 35.26 -62.35 16.76
C GLU X 154 36.62 -62.61 17.39
N TYR X 155 37.05 -61.73 18.29
CA TYR X 155 38.37 -61.89 18.90
C TYR X 155 38.45 -63.16 19.73
N PHE X 156 37.47 -63.36 20.62
CA PHE X 156 37.52 -64.51 21.52
C PHE X 156 37.39 -65.83 20.76
N GLN X 157 36.56 -65.85 19.70
CA GLN X 157 36.36 -67.09 18.97
C GLN X 157 37.50 -67.38 18.00
N LYS X 158 38.18 -66.34 17.50
CA LYS X 158 39.29 -66.54 16.57
C LYS X 158 40.61 -66.82 17.26
N PHE X 159 40.70 -66.58 18.57
CA PHE X 159 41.95 -66.72 19.31
C PHE X 159 41.82 -67.73 20.45
N GLY X 160 40.87 -68.66 20.32
CA GLY X 160 40.75 -69.77 21.27
C GLY X 160 40.47 -69.36 22.69
N TYR X 161 39.70 -68.29 22.89
CA TYR X 161 39.34 -67.85 24.22
C TYR X 161 37.96 -68.33 24.64
N ALA X 162 37.38 -69.29 23.92
CA ALA X 162 36.08 -69.82 24.28
C ALA X 162 36.13 -70.44 25.67
N GLY X 163 35.07 -70.20 26.45
CA GLY X 163 35.03 -70.63 27.84
C GLY X 163 35.69 -69.67 28.81
N ARG X 164 36.65 -68.86 28.35
CA ARG X 164 37.31 -67.88 29.19
C ARG X 164 36.91 -66.45 28.86
N GLU X 165 35.90 -66.26 28.00
CA GLU X 165 35.51 -64.92 27.59
C GLU X 165 35.11 -64.07 28.78
N ALA X 166 34.29 -64.62 29.68
CA ALA X 166 33.85 -63.87 30.84
C ALA X 166 35.01 -63.55 31.79
N ASP X 167 35.92 -64.51 31.97
CA ASP X 167 37.05 -64.29 32.88
C ASP X 167 37.97 -63.18 32.34
N VAL X 168 38.22 -63.17 31.04
CA VAL X 168 39.10 -62.16 30.46
C VAL X 168 38.52 -60.77 30.62
N LEU X 169 37.23 -60.60 30.29
CA LEU X 169 36.59 -59.30 30.41
C LEU X 169 36.50 -58.86 31.87
N ALA X 170 36.21 -59.80 32.78
CA ALA X 170 36.04 -59.45 34.18
C ALA X 170 37.36 -59.07 34.83
N THR X 171 38.44 -59.75 34.46
CA THR X 171 39.75 -59.41 35.01
C THR X 171 40.18 -58.02 34.55
N PHE X 172 39.93 -57.69 33.29
CA PHE X 172 40.15 -56.32 32.83
C PHE X 172 39.24 -55.35 33.58
N GLY X 173 37.96 -55.69 33.70
CA GLY X 173 37.03 -54.79 34.36
C GLY X 173 37.35 -54.58 35.82
N ARG X 174 37.80 -55.63 36.50
CA ARG X 174 38.17 -55.48 37.91
C ARG X 174 39.43 -54.64 38.06
N GLN X 175 40.36 -54.76 37.11
CA GLN X 175 41.61 -54.00 37.18
C GLN X 175 41.35 -52.51 37.07
N MET X 176 40.44 -52.11 36.18
CA MET X 176 40.14 -50.69 36.02
C MET X 176 39.56 -50.11 37.31
N ARG X 177 38.77 -50.90 38.03
CA ARG X 177 38.24 -50.44 39.32
C ARG X 177 39.35 -50.26 40.34
N ILE X 178 40.37 -51.13 40.29
CA ILE X 178 41.47 -51.04 41.25
C ILE X 178 42.31 -49.79 40.99
N TYR X 179 42.59 -49.51 39.72
CA TYR X 179 43.29 -48.26 39.39
C TYR X 179 42.46 -47.04 39.77
N ALA X 180 41.14 -47.10 39.54
CA ALA X 180 40.29 -45.94 39.76
C ALA X 180 39.88 -45.75 41.21
N GLN X 181 40.03 -46.79 42.05
CA GLN X 181 39.54 -46.69 43.42
C GLN X 181 40.27 -45.61 44.21
N ASN X 182 41.57 -45.45 43.98
CA ASN X 182 42.39 -44.50 44.72
C ASN X 182 42.66 -43.21 43.97
N THR X 183 42.11 -43.04 42.76
CA THR X 183 42.29 -41.81 42.01
C THR X 183 41.13 -40.86 42.29
N PRO X 184 41.37 -39.68 42.88
CA PRO X 184 40.24 -38.82 43.28
C PRO X 184 39.42 -38.30 42.11
N THR X 185 40.04 -38.04 40.96
CA THR X 185 39.31 -37.54 39.80
C THR X 185 38.46 -38.61 39.13
N ALA X 186 38.67 -39.88 39.45
CA ALA X 186 37.90 -40.95 38.85
C ALA X 186 36.45 -40.90 39.33
N THR X 187 35.55 -41.39 38.48
CA THR X 187 34.14 -41.46 38.86
C THR X 187 33.88 -42.57 39.86
N ARG X 188 34.43 -43.76 39.59
CA ARG X 188 34.31 -44.88 40.51
C ARG X 188 35.35 -44.78 41.63
N TYR X 189 35.72 -43.56 41.98
CA TYR X 189 36.65 -43.33 43.08
C TYR X 189 35.99 -43.68 44.41
N GLY X 190 36.75 -44.34 45.28
CA GLY X 190 36.25 -44.71 46.60
C GLY X 190 35.24 -45.83 46.63
N GLN X 191 34.93 -46.45 45.49
CA GLN X 191 33.99 -47.55 45.57
C GLN X 191 34.73 -48.87 45.81
N PRO X 192 34.10 -49.81 46.51
CA PRO X 192 34.76 -51.10 46.76
C PRO X 192 34.90 -51.89 45.47
N ILE X 193 35.90 -52.77 45.47
CA ILE X 193 36.20 -53.59 44.30
C ILE X 193 35.30 -54.81 44.31
N PRO X 194 34.41 -54.96 43.33
CA PRO X 194 33.57 -56.16 43.27
C PRO X 194 34.40 -57.39 42.97
N SER X 195 33.94 -58.53 43.49
CA SER X 195 34.65 -59.78 43.25
C SER X 195 34.60 -60.14 41.77
N LEU X 196 35.51 -61.03 41.37
CA LEU X 196 35.54 -61.47 39.98
C LEU X 196 34.26 -62.20 39.60
N GLU X 197 33.73 -63.02 40.53
CA GLU X 197 32.50 -63.75 40.25
C GLU X 197 31.32 -62.81 40.12
N VAL X 198 31.29 -61.73 40.90
CA VAL X 198 30.24 -60.73 40.75
C VAL X 198 30.35 -60.03 39.41
N LEU X 199 31.58 -59.77 38.97
CA LEU X 199 31.78 -58.98 37.75
C LEU X 199 31.30 -59.74 36.51
N LYS X 200 31.45 -61.06 36.51
CA LYS X 200 30.99 -61.85 35.37
C LYS X 200 29.48 -61.71 35.18
N ASN X 201 28.74 -61.62 36.29
CA ASN X 201 27.29 -61.44 36.19
C ASN X 201 26.94 -60.04 35.72
N SER X 202 27.72 -59.04 36.12
CA SER X 202 27.40 -57.66 35.80
C SER X 202 27.36 -57.45 34.30
N GLU X 203 26.54 -56.50 33.87
CA GLU X 203 26.32 -56.23 32.45
C GLU X 203 27.64 -56.03 31.71
N ALA X 204 27.73 -56.64 30.52
CA ALA X 204 28.94 -56.66 29.70
C ALA X 204 30.12 -57.31 30.41
N CYS X 205 29.85 -58.18 31.37
CA CYS X 205 30.86 -58.89 32.13
C CYS X 205 31.81 -57.93 32.84
N GLY X 206 31.32 -56.77 33.23
CA GLY X 206 32.12 -55.78 33.95
C GLY X 206 32.93 -54.85 33.09
N SER X 207 32.88 -54.99 31.76
CA SER X 207 33.70 -54.20 30.85
C SER X 207 32.93 -53.05 30.22
N MET X 208 31.71 -52.77 30.68
CA MET X 208 30.96 -51.63 30.16
C MET X 208 31.48 -50.35 30.78
N LEU X 209 31.73 -49.34 29.93
CA LEU X 209 32.30 -48.09 30.38
C LEU X 209 31.20 -47.17 30.92
N ALA X 210 31.62 -46.11 31.60
CA ALA X 210 30.70 -45.21 32.30
C ALA X 210 30.50 -43.95 31.47
N TRP X 211 29.28 -43.77 30.95
CA TRP X 211 28.94 -42.56 30.21
C TRP X 211 28.91 -41.36 31.16
N GLY X 212 29.47 -40.25 30.69
CA GLY X 212 29.48 -39.06 31.50
C GLY X 212 29.79 -37.83 30.68
N GLU X 213 30.08 -36.74 31.38
CA GLU X 213 30.41 -35.45 30.77
C GLU X 213 31.64 -34.86 31.42
N ALA X 214 32.49 -34.26 30.59
CA ALA X 214 33.68 -33.60 31.09
C ALA X 214 34.24 -32.72 29.98
N SER X 215 34.93 -31.66 30.39
CA SER X 215 35.78 -30.88 29.51
C SER X 215 37.21 -30.98 30.03
N GLY X 216 38.16 -31.11 29.12
CA GLY X 216 39.56 -31.18 29.49
C GLY X 216 40.39 -30.32 28.57
N CYS X 217 41.63 -30.06 28.98
CA CYS X 217 42.52 -29.28 28.14
C CYS X 217 43.95 -29.45 28.65
N ALA X 218 44.90 -29.19 27.76
CA ALA X 218 46.31 -29.14 28.08
C ALA X 218 46.93 -27.92 27.40
N ILE X 219 47.97 -27.37 28.02
CA ILE X 219 48.62 -26.17 27.51
C ILE X 219 49.94 -26.56 26.87
N LEU X 220 50.11 -26.20 25.60
CA LEU X 220 51.34 -26.46 24.86
C LEU X 220 52.04 -25.13 24.62
N VAL X 221 53.36 -25.10 24.84
CA VAL X 221 54.18 -23.91 24.62
C VAL X 221 55.48 -24.34 23.97
N ALA X 222 56.15 -23.37 23.35
CA ALA X 222 57.49 -23.60 22.81
C ALA X 222 58.46 -23.86 23.96
N GLU X 223 59.56 -24.56 23.63
CA GLU X 223 60.50 -25.00 24.66
C GLU X 223 61.12 -23.82 25.41
N HIS X 224 61.45 -22.75 24.70
CA HIS X 224 62.13 -21.62 25.35
C HIS X 224 61.20 -20.87 26.30
N LEU X 225 59.89 -21.02 26.16
CA LEU X 225 58.95 -20.40 27.07
C LEU X 225 58.44 -21.36 28.14
N ALA X 226 58.75 -22.66 28.01
CA ALA X 226 58.20 -23.66 28.91
C ALA X 226 58.71 -23.47 30.34
N HIS X 227 59.90 -22.92 30.50
CA HIS X 227 60.48 -22.77 31.83
C HIS X 227 59.64 -21.85 32.71
N LYS X 228 58.96 -20.88 32.10
CA LYS X 228 58.28 -19.84 32.86
C LYS X 228 57.06 -20.37 33.61
N TYR X 229 56.49 -21.47 33.13
CA TYR X 229 55.19 -21.93 33.62
C TYR X 229 55.24 -23.22 34.43
N THR X 230 56.24 -24.07 34.21
CA THR X 230 56.35 -25.30 34.98
C THR X 230 57.81 -25.59 35.31
N ASP X 231 58.01 -26.30 36.41
CA ASP X 231 59.34 -26.76 36.78
C ASP X 231 59.75 -27.99 35.96
N LYS X 232 58.82 -28.91 35.76
CA LYS X 232 59.07 -30.16 35.04
C LYS X 232 58.10 -30.27 33.87
N PRO X 233 58.53 -29.96 32.65
CA PRO X 233 57.64 -30.12 31.49
C PRO X 233 57.71 -31.53 30.90
N VAL X 234 56.66 -31.88 30.18
CA VAL X 234 56.58 -33.13 29.44
C VAL X 234 56.58 -32.80 27.95
N PHE X 235 57.48 -33.43 27.20
CA PHE X 235 57.67 -33.15 25.79
C PHE X 235 56.94 -34.18 24.93
N VAL X 236 56.74 -33.81 23.66
CA VAL X 236 56.05 -34.65 22.69
C VAL X 236 57.10 -35.23 21.76
N ARG X 237 57.40 -36.51 21.90
CA ARG X 237 58.39 -37.16 21.04
C ARG X 237 57.85 -37.36 19.63
N GLY X 238 56.61 -37.83 19.51
CA GLY X 238 56.04 -38.08 18.21
C GLY X 238 54.56 -38.36 18.32
N CYS X 239 53.86 -38.16 17.21
CA CYS X 239 52.42 -38.38 17.15
C CYS X 239 52.05 -38.76 15.73
N ALA X 240 50.97 -39.55 15.61
CA ALA X 240 50.47 -39.96 14.31
C ALA X 240 48.95 -40.00 14.34
N TYR X 241 48.35 -39.79 13.17
CA TYR X 241 46.90 -39.81 13.00
C TYR X 241 46.60 -40.47 11.67
N THR X 242 45.69 -41.43 11.67
CA THR X 242 45.35 -42.17 10.47
C THR X 242 43.85 -42.33 10.38
N GLY X 243 43.34 -42.35 9.15
CA GLY X 243 41.91 -42.45 8.94
C GLY X 243 41.51 -43.40 7.83
N VAL X 244 40.58 -44.32 8.13
CA VAL X 244 40.08 -45.27 7.15
C VAL X 244 38.55 -45.26 7.19
N SER X 245 37.94 -45.80 6.14
CA SER X 245 36.50 -45.82 5.97
C SER X 245 35.77 -46.18 7.25
N HIS X 246 34.77 -45.37 7.59
CA HIS X 246 33.95 -45.61 8.77
C HIS X 246 33.20 -46.93 8.72
N TYR X 247 32.93 -47.45 7.52
CA TYR X 247 32.12 -48.65 7.38
C TYR X 247 32.79 -49.84 8.04
N PHE X 248 32.07 -50.50 8.93
CA PHE X 248 32.62 -51.64 9.68
C PHE X 248 32.93 -52.82 8.77
N GLY X 249 32.33 -52.90 7.59
CA GLY X 249 32.55 -54.03 6.71
C GLY X 249 33.92 -54.00 6.04
N THR X 250 34.39 -52.80 5.69
CA THR X 250 35.68 -52.65 5.03
C THR X 250 36.85 -53.04 5.93
N ARG X 251 36.60 -53.35 7.21
CA ARG X 251 37.68 -53.79 8.09
C ARG X 251 38.33 -55.07 7.56
N PHE X 252 37.52 -56.01 7.09
CA PHE X 252 38.03 -57.32 6.69
C PHE X 252 38.73 -57.27 5.34
N HIS X 253 38.31 -56.38 4.44
CA HIS X 253 38.92 -56.23 3.12
C HIS X 253 39.08 -54.74 2.87
N ASN X 254 40.31 -54.24 2.95
CA ASN X 254 40.60 -52.82 2.88
C ASN X 254 41.71 -52.55 1.87
N PRO X 255 41.43 -52.73 0.57
CA PRO X 255 42.44 -52.37 -0.44
C PRO X 255 42.65 -50.87 -0.59
N THR X 256 41.82 -50.05 0.06
CA THR X 256 42.09 -48.62 0.12
C THR X 256 43.28 -48.32 1.02
N LEU X 257 43.40 -49.06 2.13
CA LEU X 257 44.48 -48.85 3.08
C LEU X 257 45.79 -49.37 2.50
N HIS X 258 46.74 -48.48 2.26
CA HIS X 258 48.03 -48.85 1.67
C HIS X 258 49.11 -48.73 2.75
N HIS X 259 49.54 -49.88 3.27
CA HIS X 259 50.60 -49.94 4.25
C HIS X 259 51.31 -51.28 4.11
N PRO X 260 52.64 -51.30 4.08
CA PRO X 260 53.36 -52.57 3.97
C PRO X 260 53.43 -53.32 5.29
N GLY X 261 53.50 -54.64 5.17
CA GLY X 261 53.69 -55.50 6.33
C GLY X 261 52.45 -55.80 7.13
N LEU X 262 51.27 -55.51 6.59
CA LEU X 262 50.05 -55.75 7.34
C LEU X 262 49.69 -57.24 7.33
N PRO X 263 49.07 -57.75 8.39
CA PRO X 263 48.68 -59.15 8.43
C PRO X 263 47.59 -59.44 7.40
N LYS X 264 47.46 -60.72 7.05
CA LYS X 264 46.60 -61.12 5.95
C LYS X 264 45.13 -61.03 6.31
N ASP X 265 44.79 -61.36 7.55
CA ASP X 265 43.39 -61.57 7.92
C ASP X 265 42.65 -60.26 8.14
N VAL X 266 43.29 -59.29 8.80
CA VAL X 266 42.74 -57.99 9.16
C VAL X 266 41.26 -58.04 9.53
N GLY X 267 40.86 -58.95 10.41
CA GLY X 267 39.52 -58.93 10.94
C GLY X 267 39.34 -57.79 11.94
N MET X 268 38.10 -57.65 12.45
CA MET X 268 37.83 -56.66 13.48
C MET X 268 38.70 -56.88 14.73
N ALA X 269 39.12 -58.11 14.99
CA ALA X 269 40.02 -58.41 16.08
C ALA X 269 41.45 -57.95 15.82
N VAL X 270 41.84 -57.75 14.56
CA VAL X 270 43.18 -57.32 14.20
C VAL X 270 43.03 -55.99 13.47
N SER X 271 43.18 -54.88 14.18
CA SER X 271 42.91 -53.55 13.63
C SER X 271 44.03 -53.17 12.67
N ALA X 272 43.72 -53.16 11.37
CA ALA X 272 44.73 -52.81 10.38
C ALA X 272 45.14 -51.35 10.48
N ASN X 273 44.17 -50.47 10.77
CA ASN X 273 44.48 -49.05 10.91
C ASN X 273 45.32 -48.79 12.16
N SER X 274 45.05 -49.52 13.24
CA SER X 274 45.78 -49.28 14.49
C SER X 274 47.21 -49.78 14.41
N ILE X 275 47.45 -50.87 13.70
CA ILE X 275 48.83 -51.34 13.50
C ILE X 275 49.63 -50.30 12.74
N ALA X 276 49.08 -49.81 11.62
CA ALA X 276 49.77 -48.80 10.84
C ALA X 276 49.97 -47.51 11.63
N CYS X 277 48.95 -47.09 12.39
CA CYS X 277 49.07 -45.86 13.16
C CYS X 277 50.18 -45.94 14.19
N ALA X 278 50.30 -47.07 14.89
CA ALA X 278 51.36 -47.22 15.87
C ALA X 278 52.72 -47.25 15.20
N GLU X 279 52.85 -47.94 14.07
CA GLU X 279 54.12 -48.00 13.36
C GLU X 279 54.56 -46.62 12.89
N ILE X 280 53.62 -45.80 12.42
CA ILE X 280 53.95 -44.46 11.98
C ILE X 280 54.35 -43.57 13.15
N ALA X 281 53.62 -43.68 14.27
CA ALA X 281 53.92 -42.86 15.44
C ALA X 281 55.26 -43.27 16.06
N TYR X 282 55.55 -44.56 16.11
CA TYR X 282 56.78 -45.03 16.73
C TYR X 282 58.00 -44.55 15.96
N LYS X 283 57.95 -44.63 14.63
CA LYS X 283 59.09 -44.15 13.83
C LYS X 283 59.26 -42.65 13.97
N LYS X 284 58.15 -41.90 13.98
CA LYS X 284 58.25 -40.45 14.17
C LYS X 284 58.78 -40.12 15.56
N ALA X 285 58.38 -40.89 16.57
CA ALA X 285 58.81 -40.64 17.94
C ALA X 285 60.19 -41.21 18.24
N GLY X 286 60.71 -42.09 17.40
CA GLY X 286 62.02 -42.66 17.63
C GLY X 286 62.07 -43.67 18.74
N ILE X 287 60.95 -44.33 19.04
CA ILE X 287 60.90 -45.38 20.05
C ILE X 287 60.13 -46.55 19.49
N THR X 288 60.40 -47.74 20.02
CA THR X 288 59.65 -48.93 19.70
C THR X 288 58.63 -49.19 20.81
N ALA X 289 57.81 -50.22 20.61
CA ALA X 289 56.83 -50.60 21.63
C ALA X 289 57.51 -51.09 22.90
N LYS X 290 58.79 -51.42 22.84
CA LYS X 290 59.50 -51.92 24.02
C LYS X 290 59.76 -50.80 25.03
N ASP X 291 60.07 -49.59 24.54
CA ASP X 291 60.50 -48.50 25.40
C ASP X 291 59.37 -47.92 26.23
N ILE X 292 58.13 -48.35 26.01
CA ILE X 292 56.99 -47.75 26.69
C ILE X 292 56.97 -48.17 28.15
N ASP X 293 56.88 -47.19 29.05
CA ASP X 293 56.80 -47.46 30.47
C ASP X 293 55.36 -47.49 30.98
N VAL X 294 54.46 -46.74 30.36
CA VAL X 294 53.05 -46.72 30.73
C VAL X 294 52.26 -46.25 29.52
N ALA X 295 51.04 -46.76 29.38
CA ALA X 295 50.21 -46.47 28.22
C ALA X 295 48.76 -46.29 28.64
N GLN X 296 47.96 -45.77 27.71
CA GLN X 296 46.54 -45.53 27.93
C GLN X 296 45.78 -45.81 26.64
N VAL X 297 44.74 -46.64 26.72
CA VAL X 297 43.97 -47.05 25.56
C VAL X 297 42.50 -46.74 25.81
N TYR X 298 41.73 -46.75 24.71
CA TYR X 298 40.28 -46.65 24.80
C TYR X 298 39.73 -48.03 25.17
N ASP X 299 39.15 -48.14 26.36
CA ASP X 299 38.66 -49.41 26.89
C ASP X 299 37.15 -49.45 26.82
N LEU X 300 36.62 -50.50 26.17
CA LEU X 300 35.20 -50.78 26.08
C LEU X 300 35.01 -52.20 25.55
N LEU X 301 34.38 -53.07 26.35
CA LEU X 301 34.32 -54.52 26.13
C LEU X 301 35.76 -55.01 25.94
N GLY X 302 36.08 -55.78 24.88
CA GLY X 302 37.45 -56.15 24.68
C GLY X 302 38.21 -55.30 23.68
N ALA X 303 37.75 -54.06 23.51
CA ALA X 303 38.41 -53.14 22.60
C ALA X 303 39.84 -52.86 23.04
N GLY X 304 40.11 -52.96 24.35
CA GLY X 304 41.48 -52.80 24.82
C GLY X 304 42.39 -53.89 24.32
N LEU X 305 41.90 -55.13 24.31
CA LEU X 305 42.71 -56.26 23.84
C LEU X 305 43.16 -56.06 22.41
N ILE X 306 42.26 -55.57 21.55
CA ILE X 306 42.61 -55.36 20.15
C ILE X 306 43.66 -54.26 20.02
N GLN X 307 43.54 -53.21 20.84
CA GLN X 307 44.47 -52.08 20.74
C GLN X 307 45.84 -52.43 21.27
N MET X 308 45.92 -53.21 22.36
CA MET X 308 47.22 -53.61 22.90
C MET X 308 48.03 -54.39 21.87
N GLU X 309 47.38 -55.31 21.15
CA GLU X 309 48.08 -56.12 20.17
C GLU X 309 48.50 -55.29 18.96
N SER X 310 47.62 -54.40 18.49
CA SER X 310 47.97 -53.49 17.41
C SER X 310 49.07 -52.51 17.84
N MET X 311 49.07 -52.11 19.11
CA MET X 311 50.08 -51.19 19.62
C MET X 311 51.44 -51.84 19.79
N GLY X 312 51.54 -53.15 19.66
CA GLY X 312 52.80 -53.85 19.85
C GLY X 312 53.13 -54.19 21.29
N ILE X 313 52.16 -54.12 22.20
CA ILE X 313 52.43 -54.46 23.59
C ILE X 313 52.53 -55.97 23.76
N CYS X 314 51.72 -56.73 23.04
CA CYS X 314 51.79 -58.19 23.08
C CYS X 314 51.39 -58.74 21.73
N GLY X 315 51.70 -60.03 21.53
CA GLY X 315 51.45 -60.67 20.25
C GLY X 315 49.97 -60.81 19.96
N LYS X 316 49.68 -61.13 18.69
CA LYS X 316 48.30 -61.32 18.26
C LYS X 316 47.68 -62.50 19.00
N GLY X 317 46.48 -62.29 19.53
CA GLY X 317 45.79 -63.30 20.32
C GLY X 317 46.29 -63.46 21.74
N GLN X 318 47.27 -62.67 22.18
CA GLN X 318 47.88 -62.85 23.50
C GLN X 318 47.46 -61.79 24.51
N ALA X 319 46.66 -60.80 24.10
CA ALA X 319 46.25 -59.76 25.05
C ALA X 319 45.36 -60.33 26.14
N GLY X 320 44.49 -61.28 25.81
CA GLY X 320 43.61 -61.85 26.82
C GLY X 320 44.39 -62.60 27.89
N ASP X 321 45.28 -63.49 27.47
CA ASP X 321 46.14 -64.18 28.43
C ASP X 321 47.03 -63.19 29.19
N PHE X 322 47.46 -62.12 28.51
CA PHE X 322 48.27 -61.10 29.16
C PHE X 322 47.51 -60.46 30.32
N VAL X 323 46.29 -60.01 30.06
CA VAL X 323 45.48 -59.41 31.12
C VAL X 323 45.15 -60.44 32.19
N LEU X 324 44.92 -61.69 31.76
CA LEU X 324 44.62 -62.76 32.72
C LEU X 324 45.79 -62.96 33.68
N GLU X 325 47.02 -62.82 33.20
CA GLU X 325 48.21 -62.97 34.03
C GLU X 325 48.54 -61.70 34.83
N GLY X 326 47.60 -60.76 34.93
CA GLY X 326 47.84 -59.54 35.68
C GLY X 326 48.97 -58.69 35.13
N GLY X 327 49.16 -58.69 33.81
CA GLY X 327 50.24 -57.94 33.19
C GLY X 327 50.02 -56.44 33.15
N ILE X 328 48.77 -55.99 33.22
CA ILE X 328 48.45 -54.58 33.21
C ILE X 328 48.38 -54.00 34.61
N ALA X 329 48.68 -54.79 35.64
CA ALA X 329 48.72 -54.25 36.99
C ALA X 329 49.89 -53.29 37.17
N LEU X 330 49.88 -52.55 38.29
CA LEU X 330 50.97 -51.62 38.57
C LEU X 330 52.30 -52.35 38.67
N ASP X 331 52.28 -53.59 39.18
CA ASP X 331 53.45 -54.45 39.23
C ASP X 331 53.66 -55.24 37.93
N GLY X 332 52.76 -55.10 36.96
CA GLY X 332 52.86 -55.84 35.73
C GLY X 332 53.89 -55.28 34.77
N GLN X 333 54.02 -55.96 33.62
CA GLN X 333 54.97 -55.53 32.60
C GLN X 333 54.63 -54.15 32.07
N LEU X 334 53.37 -53.92 31.72
CA LEU X 334 52.96 -52.60 31.26
C LEU X 334 51.63 -52.21 31.89
N PRO X 335 51.63 -51.27 32.83
CA PRO X 335 50.35 -50.80 33.41
C PRO X 335 49.54 -50.00 32.38
N LEU X 336 48.26 -50.33 32.27
CA LEU X 336 47.36 -49.72 31.30
C LEU X 336 46.26 -48.94 32.03
N ASN X 337 46.03 -47.71 31.57
CA ASN X 337 44.96 -46.86 32.10
C ASN X 337 45.05 -46.75 33.63
N THR X 338 46.18 -46.21 34.10
CA THR X 338 46.45 -46.11 35.53
C THR X 338 45.49 -45.20 36.27
N ASP X 339 44.72 -44.36 35.56
CA ASP X 339 43.68 -43.54 36.17
C ASP X 339 42.33 -44.24 36.25
N GLY X 340 42.22 -45.45 35.68
CA GLY X 340 41.00 -46.22 35.69
C GLY X 340 40.40 -46.46 34.32
N GLY X 341 40.83 -45.70 33.31
CA GLY X 341 40.27 -45.86 31.98
C GLY X 341 38.82 -45.37 31.90
N ASN X 342 38.19 -45.72 30.77
CA ASN X 342 36.79 -45.35 30.57
C ASN X 342 35.88 -46.10 31.52
N ILE X 343 36.30 -47.27 31.99
CA ILE X 343 35.47 -48.07 32.89
C ILE X 343 35.51 -47.51 34.31
N GLY X 344 36.68 -47.04 34.74
CA GLY X 344 36.85 -46.57 36.11
C GLY X 344 36.87 -45.07 36.26
N ARG X 345 37.61 -44.38 35.41
CA ARG X 345 37.62 -42.92 35.45
C ARG X 345 36.33 -42.33 34.86
N GLY X 346 35.83 -42.93 33.80
CA GLY X 346 34.75 -42.36 33.02
C GLY X 346 35.24 -41.87 31.66
N HIS X 347 34.28 -41.45 30.84
CA HIS X 347 34.64 -41.04 29.49
C HIS X 347 33.58 -40.11 28.93
N ALA X 348 34.04 -38.98 28.39
CA ALA X 348 33.27 -38.14 27.48
C ALA X 348 33.96 -38.20 26.13
N SER X 349 33.21 -38.54 25.08
CA SER X 349 33.81 -38.87 23.79
C SER X 349 34.66 -37.72 23.27
N GLY X 350 34.13 -36.49 23.32
CA GLY X 350 34.90 -35.36 22.83
C GLY X 350 36.11 -35.04 23.67
N CYS X 351 36.08 -35.41 24.95
CA CYS X 351 37.13 -35.08 25.90
C CYS X 351 38.13 -36.22 26.11
N ASP X 352 37.91 -37.37 25.47
CA ASP X 352 38.68 -38.57 25.81
C ASP X 352 40.17 -38.40 25.52
N GLY X 353 40.51 -37.70 24.44
CA GLY X 353 41.92 -37.57 24.07
C GLY X 353 42.75 -36.88 25.13
N ILE X 354 42.18 -35.85 25.77
CA ILE X 354 42.89 -35.15 26.83
C ILE X 354 42.96 -36.02 28.08
N LEU X 355 41.91 -36.80 28.35
CA LEU X 355 41.90 -37.66 29.52
C LEU X 355 43.03 -38.67 29.49
N HIS X 356 43.33 -39.21 28.30
CA HIS X 356 44.49 -40.08 28.15
C HIS X 356 45.78 -39.31 28.46
N ILE X 357 45.90 -38.09 27.92
CA ILE X 357 47.14 -37.34 28.05
C ILE X 357 47.36 -36.87 29.48
N THR X 358 46.29 -36.46 30.15
CA THR X 358 46.44 -35.89 31.49
C THR X 358 47.02 -36.91 32.46
N GLU X 359 46.57 -38.17 32.39
CA GLU X 359 47.16 -39.20 33.23
C GLU X 359 48.59 -39.49 32.81
N LEU X 360 48.86 -39.53 31.50
CA LEU X 360 50.22 -39.68 31.02
C LEU X 360 51.07 -38.48 31.42
N PHE X 361 50.48 -37.28 31.40
CA PHE X 361 51.20 -36.09 31.84
C PHE X 361 51.62 -36.22 33.30
N ARG X 362 50.68 -36.54 34.18
CA ARG X 362 51.01 -36.70 35.59
C ARG X 362 51.97 -37.86 35.82
N GLN X 363 51.85 -38.92 35.00
CA GLN X 363 52.69 -40.10 35.21
C GLN X 363 54.17 -39.76 34.97
N LEU X 364 54.46 -39.02 33.89
CA LEU X 364 55.83 -38.67 33.60
C LEU X 364 56.38 -37.60 34.54
N ARG X 365 55.51 -36.87 35.25
CA ARG X 365 55.93 -35.94 36.27
C ARG X 365 55.91 -36.55 37.67
N GLY X 366 55.57 -37.83 37.79
CA GLY X 366 55.57 -38.49 39.08
C GLY X 366 54.41 -38.12 39.99
N GLU X 367 53.32 -37.62 39.42
CA GLU X 367 52.18 -37.18 40.22
C GLU X 367 51.01 -38.15 40.21
N SER X 368 51.09 -39.22 39.42
CA SER X 368 49.95 -40.12 39.30
C SER X 368 49.68 -40.86 40.61
N ASP X 369 48.40 -41.10 40.90
CA ASP X 369 48.04 -41.79 42.13
C ASP X 369 48.58 -43.22 42.15
N ASN X 370 48.56 -43.88 41.00
CA ASN X 370 49.24 -45.16 40.80
C ASN X 370 50.45 -44.87 39.92
N GLN X 371 51.61 -44.69 40.54
CA GLN X 371 52.79 -44.20 39.85
C GLN X 371 53.65 -45.35 39.36
N VAL X 372 53.96 -45.34 38.07
CA VAL X 372 54.96 -46.24 37.50
C VAL X 372 56.33 -45.66 37.82
N LYS X 373 57.13 -46.40 38.57
CA LYS X 373 58.40 -45.88 39.05
C LYS X 373 59.40 -45.76 37.90
N GLY X 374 60.03 -44.60 37.81
CA GLY X 374 61.04 -44.38 36.78
C GLY X 374 60.48 -44.38 35.37
N ALA X 375 59.26 -43.87 35.21
CA ALA X 375 58.60 -43.87 33.91
C ALA X 375 59.12 -42.71 33.07
N ARG X 376 59.58 -43.03 31.85
CA ARG X 376 60.12 -42.02 30.95
C ARG X 376 59.30 -41.82 29.68
N ILE X 377 58.51 -42.80 29.27
CA ILE X 377 57.78 -42.76 28.00
C ILE X 377 56.31 -43.10 28.26
N GLY X 378 55.42 -42.29 27.72
CA GLY X 378 53.99 -42.57 27.79
C GLY X 378 53.34 -42.45 26.43
N VAL X 379 52.46 -43.40 26.12
CA VAL X 379 51.84 -43.50 24.81
C VAL X 379 50.33 -43.55 24.97
N SER X 380 49.61 -42.76 24.18
CA SER X 380 48.15 -42.70 24.19
C SER X 380 47.61 -43.27 22.90
N GLN X 381 46.95 -44.43 22.97
CA GLN X 381 46.28 -45.03 21.83
C GLN X 381 44.79 -44.71 21.93
N ASN X 382 44.23 -44.11 20.87
CA ASN X 382 42.83 -43.71 20.86
C ASN X 382 42.24 -43.98 19.48
N LEU X 383 40.96 -44.34 19.45
CA LEU X 383 40.27 -44.65 18.21
C LEU X 383 38.94 -43.90 18.14
N GLY X 384 38.53 -43.57 16.93
CA GLY X 384 37.24 -42.95 16.68
C GLY X 384 36.41 -43.86 15.79
N GLY X 385 35.10 -43.92 16.06
CA GLY X 385 34.29 -44.96 15.45
C GLY X 385 34.83 -46.31 15.84
N TYR X 386 34.81 -47.25 14.91
CA TYR X 386 35.58 -48.48 15.08
C TYR X 386 36.88 -48.34 14.30
N ALA X 387 37.85 -47.71 14.93
CA ALA X 387 39.20 -47.49 14.38
C ALA X 387 39.18 -46.70 13.09
N ALA X 388 38.08 -45.98 12.80
CA ALA X 388 38.07 -45.07 11.66
C ALA X 388 39.09 -43.95 11.88
N HIS X 389 38.95 -43.21 12.97
CA HIS X 389 40.05 -42.40 13.48
C HIS X 389 40.96 -43.27 14.33
N ASN X 390 42.25 -42.93 14.32
CA ASN X 390 43.19 -43.56 15.23
C ASN X 390 44.34 -42.61 15.47
N SER X 391 44.63 -42.35 16.75
CA SER X 391 45.65 -41.41 17.17
C SER X 391 46.56 -42.10 18.18
N VAL X 392 47.87 -42.05 17.90
CA VAL X 392 48.89 -42.56 18.82
C VAL X 392 49.86 -41.42 19.09
N ILE X 393 49.92 -40.98 20.34
CA ILE X 393 50.79 -39.87 20.77
C ILE X 393 51.82 -40.43 21.75
N VAL X 394 53.07 -40.01 21.58
CA VAL X 394 54.17 -40.44 22.44
C VAL X 394 54.68 -39.24 23.21
N LEU X 395 54.73 -39.36 24.54
CA LEU X 395 55.23 -38.31 25.41
C LEU X 395 56.40 -38.85 26.22
N SER X 396 57.43 -38.03 26.38
CA SER X 396 58.58 -38.35 27.21
C SER X 396 58.93 -37.15 28.06
N ASN X 397 59.46 -37.43 29.26
CA ASN X 397 59.87 -36.39 30.18
C ASN X 397 61.34 -36.00 30.00
N ASP X 398 62.06 -36.64 29.08
CA ASP X 398 63.45 -36.28 28.80
C ASP X 398 63.62 -35.82 27.36
#